data_7K17
#
_entry.id   7K17
#
_cell.length_a   169.120
_cell.length_b   132.640
_cell.length_c   296.590
_cell.angle_alpha   90.000
_cell.angle_beta   105.530
_cell.angle_gamma   90.000
#
_symmetry.space_group_name_H-M   'P 1 21 1'
#
loop_
_entity.id
_entity.type
_entity.pdbx_description
1 polymer 'DNA-dependent protein kinase catalytic subunit'
2 polymer 'X-ray repair cross-complementing protein 5'
#
loop_
_entity_poly.entity_id
_entity_poly.type
_entity_poly.pdbx_seq_one_letter_code
_entity_poly.pdbx_strand_id
1 'polypeptide(L)'
;MAGSGAGVRCSLLRLQETLSAADRCGAALAGHQLIRGLGQECVLSSSPAVLALQTSLVFSRDFGLLVFVRKSLNSIEFRE
CREEILKFLCIFLEKMGQKIAPYSVEIKNTCTSVYTKDRAAKCKIPALDLLIKLLQTFRSSRLMDEFKIGELFSKFYGEL
ALKKKIPDTVLEKVYELLGLLGEVHPSEMINNAENLFRAFLGELKTQMTSAVREPKLPVLAGCLKGLSSLLCNFTKSMEE
DPQTSREIFNFVLKAIRPQIDLKRYAVPSAGLRLFALHASQFSTCLLDNYVSLFEVLLKWCAHTNVELKKAALSALESFL
KQVSNMVAKNAEMHKNKLQYFMEQFYGIIRNVDSNNKELSIAIRGYGLFAGPCKVINAKDVDFMYVELIQRCKQMFLTQT
DTGDDRVYQMPSFLQSVASVLLYLDTVPEVYTPVLEHLVVMQIDSFPQYSPKMQLVCCRAIVKVFLALAAKGPVLRNCIS
TVVHQGLIRICSKPVVLPKGPESESEDHRASGEVRTGKWKVPTYKDYVDLFRHLLSSDQMMDSILADEAFFSVNSSSESL
NHLLYDEFVKSVLKIVEKLDLTLEIQTVGEQENGDEAPGVWMIPTSDPAANLHPAKPKDFSAFINLVEFCREILPEKQAE
FFEPWVYSFSYELILQSTRLPLISGFYKLLSITVRNAKKIKYFEGVSPKSLKHSPEDPEKYSCFALFVKFGKEVAVKMKQ
YKDELLASCLTFLLSLPHNIIELDVRAYVPALQMAFKLGLSYTPLAEVGLNALEEWSIYIDRHVMQPYYKDILPCLDGYL
KTSALSDETKNNWEVSALSRAAQKGFNKVVLKHLKKTKNLSSNEAISLEEIRIRVVQMLGSLGGQINKNLLTVTSSDEMM
KSYVAWDREKRLSFAVPFREMKPVIFLDVFLPRVTELALTASDRQTKVAACELLHSMVMFMLGKATQMPEGGQGAPPMYQ
LYKRTFPVLLRLACDVDQVTRQLYEPLVMQLIHWFTNNKKFESQDTVALLEAILDGIVDPVDSTLRDFCGRCIREFLKWS
IKQITPQQQEKSPVNTKSLFKRLYSLALHPNAFKRLGASLAFNNIYREFREEESLVEQFVFEALVIYMESLALAHADEKS
LGTIQQCCDAIDHLCRIIEKKHVSLNKAKKRRLPRGFPPSASLCLLDLVKWLLAHCGRPQTECRHKSIELFYKFVPLLPG
NRSPNLWLKDVLKEEGVSFLINTFEGGGCGQPSGILAQPTLLYLRGPFSLQATLCWLDLLLAALECYNTFIGERTVGALQ
VLGTEAQSSLLKAVAFFLESIAMHDIIAAEKCFGTGAAGNRTSPQEGERYNYSKCTVVVRIMEFTTTLLNTSPEGWKLLK
KDLCNTHLMRVLVQTLCEPASIGFNIGDVQVMAHLPDVCVNLMKALKMSPYKDILETHLREKITAQSIEELCAVNLYGPD
AQVDRSRLAAVVSACKQLHRAGLLHNILPSQSTDLHHSVGTELLSLVYKGIAPGDERQCLPSLDLSCKQLASGLLELAFA
FGGLCERLVSLLLNPAVLSTASLGSSQGSVIHFSHGEYFYSLFSETINTELLKNLDLAVLELMQSSVDNTKMVSAVLNGM
LDQSFRERANQKHQGLKLATTILQHWKKCDSWWAKDSPLETKMAVLALLAKILQIDSSVSFNTSHGSFPEVFTTYISLLA
DTKLDLHLKGQAVTLLPFFTSLTGGSLEELRRVLEQLIVAHFPMQSREFPPGTPRFNNYVDCMKKFLDALELSQSPMLLE
LMTEVLCREQQHVMEELFQSSFRRIARRGSCVTQVGLLESVYEMFRKDDPRLSFTRQSFVDRSLLTLLWHCSLDALREFF
STIVVDAIDVLKSRFTKLNESTFDTQITKKMGYYKILDVMYSRLPKDDVHAKESKINQVFHGSCITEGNELTKTLIKLCY
DAFTENMAGENQLLERRRLYHCAAYNCAISVICCVFNELKFYQGFLFSEKPEKNLLIFENLIDLKRRYNFPVEVEVPMER
KKKYIEIRKEAREAANGDSDGPSYMSSLSYLADSTLSEEMSQFDFSTGVQSYSYSSQDPRPATGRFRRREQRDPTVHDDV
LELEMDELNRHECMAPLTALVKHMHRSLGPPQGEEDSVPRDLPSWMKFLHGKLGNPIVPLNIRLFLAKLVINTEEVFRPY
AKHWLSPLLQLAASENNGGEGIHYMVVEIVATILSWTGLATPTGVPKDEVLANRLLNFLMKHVFHPKRAVFRHNLEIIKT
LVECWKDCLSIPYRLIFEKFSGKDPNSKDNSVGIQLLGIVMANDLPPYDPQCGIQSSEYFQALVNNMSFVRYKEVYAAAA
EVLGLILRYVMERKNILEESLCELVAKQLKQHQNTMEDKFIVCLNKVTKSFPPLADRFMNAVFFLLPKFHGVLKTLCLEV
VLCRVEGMTELYFQLKSKDFVQVMRHRDDERQKVCLDIIYKMMPKLKPVELRELLNPVVEFVSHPSTTCREQMYNILMWI
HDNYRDPESETDNDSQEIFKLAKDVLIQGLIDENPGLQLIIRNFWSHETRLPSNTLDRLLALNSLYSPKIEVHFLSLATN
FLLEMTSMSPDYPNPMFEHPLSECEFQEYTIDSDWRF(UNK)(UNK)(UNK)(UNK)(UNK)(UNK)(UNK)(UNK)
(UNK)(UNK)(UNK)(UNK)(UNK)(UNK)(UNK)(UNK)(UNK)(UNK)(UNK)(UNK)(UNK)(UNK)(UNK)(UNK)
(UNK)(UNK)(UNK)(UNK)(UNK)(UNK)(UNK)(UNK)(UNK)(UNK)(UNK)(UNK)(UNK)(UNK)(UNK)DLPDI
QIKHSSLITPLQAVAQRDPIIAKQLFSSLFSGILKEMDKFKTLSEKNNITQKLLQDFNRFLNTTFSFFPPFVSCIQDISC
QHAALLSLDPAAVSAGCLASLQQPVGIRLLEEALLRLLPAELPAKRVRGKARLPPDVLRWVELAKLYRSIGEYDVLRGIF
TSEIGTKQITQSALLAEARSDYSEAAKQYDEALNKQDWVDGEPTEAEKDFWELASLDCYNHLAEWKSLEYCSTASIDSEN
PPDLNKIWSEPFYQETYLPYMIRSKLKLLLQGEADQSLLTFIDKAMHGELQKAILELHYSQELSLLYLLQDDVDRAKYYI
QNGIQSFMQNYSSIDVLLHQSRLTKLQSVQALTEIQEFISFISKQGNLSSQVPLKRLLNTWTNRYPDAKMDPMNIWDDII
TNRCFFLSKIEEKLTPLPEDNSMNVDQDGDPSDRMEVQEQEEDISSLIRSCKFSMKMKMIDSARKQNNFSLAMKLLKELH
KESKTRDDWLVSWVQSYCRLSHCRSRSQGCSEQVLTVLKTVSLLDENNVSSYLSKNILAFRDQNILLGTTYRIIANALSS
EPACLAEIEEDKARRILELSGSSSEDSEKVIAGLYQRAFQHLSEAVQAAEEEAQPPSWSCGPAAGVIDAYMTLADFCDQQ
LRKEEENASVIDSAELQAYPALVVEKMLKALKLNSNEARLKFPRLLQIIERYPEETLSLMTKEISSVPCWQFISWISHMV
ALLDKDQAVAVQHSVEEITDNYPQAIVYPFIISSESYSFKDTSTGHKNKEFVARIKSKLDQGGVIQDFINALDQLSNPEL
LFKDWSNDVRAELAKTPVNKKNIEKMYERMYAALGDPKAPGLGAFRRKFIQTFGKEFDKHFGKGGSKLLRMKLSDFNDIT
NMLLLKMNKDSKPPGNLKECSPWMSDFKVEFLRNELEIPGQYDGRGKPLPEYHVRIAGFDERVTVMASLRRPKRIIIRGH
DEREHPFLVKGGEDLRQDQRVEQLFQVMNGILAQDSACSQRALQLRTYSVVPMTSRLGLIEWLENTVTLKDLLLNTMSQE
EKAAYLSDPRAPPCEYKDWLTKMSGKHDVGAYMLMYKGANRTETVTSFRKRESKVPADLLKRAFVRMSTSPEAFLALRSH
FASSHALICISHWILGIGDRHLNNFMVAMETGGVIGIDFGHAFGSATQFLPVPELMPFRLTRQFINLMLPMKETGLMYSI
MVHALRAFRSDPGLLTNTMDVFVKEPSFDWKNFEQKMLKKGGSWIQEINVAEKNWYPRQKICYAKRKLAGANPAVITCDE
LLLGHEKAPAFRDYVAVARGSKDHNIRAQEPESGLSEETQVKCLMDQATDPNILGRTWEGWEPWM
;
A,B
2 'polypeptide(L)'
;EAKKKDQVTAQEIFQDNHEDGPTAKKLKTEQGGAHFSVSSLAEGSVTSVGSVNPAENFRVLVKQKKASFEEASNQLINHI
EQFLDTNETPYFMKSIDCIRAFREEAIKFSEEQRFNNFLKALQEKVEIKQLNHFWEIVVQDGITLITKEEASGSSVTAEE
AKKFLAPKDKPSGDTAAVFEEGGDVDDLLDMI
;
D,C
#
# COMPACT_ATOMS: atom_id res chain seq x y z
N GLY A 5 43.43 7.85 -44.32
CA GLY A 5 42.92 8.14 -43.00
C GLY A 5 41.51 8.70 -43.02
N ALA A 6 40.67 8.18 -42.13
CA ALA A 6 39.26 8.56 -42.00
C ALA A 6 38.47 8.34 -43.28
N GLY A 7 39.07 7.71 -44.28
CA GLY A 7 38.40 7.46 -45.54
C GLY A 7 37.98 6.03 -45.78
N VAL A 8 37.99 5.16 -44.77
CA VAL A 8 37.55 3.79 -45.00
C VAL A 8 36.06 3.74 -44.74
N ARG A 9 35.30 4.40 -45.62
CA ARG A 9 33.84 4.30 -45.69
C ARG A 9 33.32 4.38 -47.12
N CYS A 10 34.08 4.98 -48.03
CA CYS A 10 33.72 5.02 -49.44
C CYS A 10 33.99 3.69 -50.11
N SER A 11 35.08 3.03 -49.71
CA SER A 11 35.30 1.65 -50.14
C SER A 11 34.15 0.75 -49.68
N LEU A 12 33.56 1.04 -48.51
CA LEU A 12 32.43 0.25 -48.04
C LEU A 12 31.18 0.52 -48.87
N LEU A 13 30.89 1.80 -49.12
CA LEU A 13 29.73 2.13 -49.94
C LEU A 13 29.89 1.60 -51.37
N ARG A 14 31.10 1.60 -51.90
CA ARG A 14 31.33 1.07 -53.24
C ARG A 14 31.32 -0.45 -53.27
N LEU A 15 31.73 -1.09 -52.18
CA LEU A 15 31.54 -2.54 -52.06
C LEU A 15 30.06 -2.88 -52.02
N GLN A 16 29.24 -2.00 -51.44
CA GLN A 16 27.79 -2.23 -51.47
C GLN A 16 27.22 -1.97 -52.87
N GLU A 17 27.75 -0.98 -53.58
CA GLU A 17 27.19 -0.64 -54.89
C GLU A 17 27.62 -1.62 -55.99
N THR A 18 28.79 -2.26 -55.85
CA THR A 18 29.28 -3.16 -56.89
C THR A 18 28.43 -4.42 -57.01
N LEU A 19 27.37 -4.53 -56.21
CA LEU A 19 26.42 -5.62 -56.31
C LEU A 19 25.35 -5.29 -57.35
N SER A 20 24.66 -4.16 -57.16
CA SER A 20 23.69 -3.68 -58.13
C SER A 20 24.48 -3.06 -59.29
N ALA A 21 24.99 -3.94 -60.15
CA ALA A 21 25.75 -3.51 -61.32
C ALA A 21 25.90 -4.67 -62.29
N ALA A 22 26.14 -4.32 -63.55
CA ALA A 22 26.41 -5.30 -64.60
C ALA A 22 27.84 -5.80 -64.48
N ASP A 23 28.24 -6.69 -65.38
CA ASP A 23 29.58 -7.29 -65.36
C ASP A 23 29.84 -8.01 -64.03
N ARG A 24 29.12 -9.13 -63.85
CA ARG A 24 29.18 -9.86 -62.59
C ARG A 24 30.49 -10.61 -62.43
N CYS A 25 31.50 -10.20 -63.20
CA CYS A 25 32.89 -10.63 -63.02
C CYS A 25 33.80 -9.46 -62.70
N GLY A 26 33.75 -8.39 -63.49
CA GLY A 26 34.51 -7.19 -63.18
C GLY A 26 34.01 -6.47 -61.93
N ALA A 27 32.70 -6.53 -61.68
CA ALA A 27 32.19 -6.10 -60.39
C ALA A 27 32.65 -7.02 -59.28
N ALA A 28 32.75 -8.32 -59.57
CA ALA A 28 33.30 -9.27 -58.60
C ALA A 28 34.79 -9.06 -58.39
N LEU A 29 35.52 -8.73 -59.47
CA LEU A 29 36.93 -8.38 -59.32
C LEU A 29 37.09 -7.12 -58.47
N ALA A 30 36.20 -6.14 -58.69
CA ALA A 30 36.21 -4.94 -57.86
C ALA A 30 35.94 -5.26 -56.40
N GLY A 31 34.99 -6.17 -56.14
CA GLY A 31 34.73 -6.59 -54.78
C GLY A 31 35.92 -7.27 -54.12
N HIS A 32 36.59 -8.16 -54.86
CA HIS A 32 37.76 -8.83 -54.30
C HIS A 32 38.87 -7.83 -53.98
N GLN A 33 39.15 -6.91 -54.91
CA GLN A 33 40.19 -5.92 -54.66
C GLN A 33 39.83 -4.98 -53.52
N LEU A 34 38.56 -4.57 -53.44
CA LEU A 34 38.10 -3.71 -52.37
C LEU A 34 38.24 -4.37 -51.00
N ILE A 35 37.82 -5.64 -50.89
CA ILE A 35 37.90 -6.30 -49.59
C ILE A 35 39.34 -6.65 -49.24
N ARG A 36 40.17 -6.97 -50.23
CA ARG A 36 41.59 -7.13 -49.98
C ARG A 36 42.19 -5.85 -49.42
N GLY A 37 41.80 -4.70 -49.97
CA GLY A 37 42.29 -3.43 -49.44
C GLY A 37 41.79 -3.13 -48.04
N LEU A 38 40.50 -3.41 -47.79
CA LEU A 38 39.94 -3.19 -46.46
C LEU A 38 40.68 -4.01 -45.42
N GLY A 39 40.91 -5.29 -45.71
CA GLY A 39 41.62 -6.14 -44.79
C GLY A 39 43.09 -5.79 -44.65
N GLN A 40 43.67 -5.19 -45.71
CA GLN A 40 45.05 -4.74 -45.60
C GLN A 40 45.17 -3.53 -44.68
N GLU A 41 44.21 -2.60 -44.76
CA GLU A 41 44.33 -1.35 -43.99
C GLU A 41 43.91 -1.53 -42.55
N CYS A 42 42.75 -2.13 -42.30
CA CYS A 42 42.18 -2.06 -40.95
C CYS A 42 42.84 -3.01 -39.95
N VAL A 43 43.83 -3.79 -40.37
CA VAL A 43 44.67 -4.52 -39.43
C VAL A 43 46.06 -3.90 -39.30
N LEU A 44 46.60 -3.28 -40.36
CA LEU A 44 47.80 -2.45 -40.22
C LEU A 44 47.57 -1.33 -39.21
N SER A 45 46.41 -0.69 -39.27
CA SER A 45 46.01 0.28 -38.26
C SER A 45 45.56 -0.47 -37.02
N SER A 46 44.84 0.22 -36.13
CA SER A 46 44.34 -0.24 -34.83
C SER A 46 45.43 -0.17 -33.76
N SER A 47 46.65 0.23 -34.10
CA SER A 47 47.65 0.55 -33.08
C SER A 47 47.36 1.96 -32.56
N PRO A 48 47.02 2.93 -33.41
CA PRO A 48 46.50 4.19 -32.88
C PRO A 48 45.08 4.00 -32.33
N ALA A 49 44.80 4.70 -31.24
CA ALA A 49 43.52 4.55 -30.56
C ALA A 49 42.37 5.07 -31.42
N VAL A 50 42.60 6.17 -32.15
CA VAL A 50 41.55 6.86 -32.88
C VAL A 50 40.95 6.01 -34.00
N LEU A 51 41.61 4.92 -34.40
CA LEU A 51 41.03 4.04 -35.41
C LEU A 51 39.81 3.29 -34.90
N ALA A 52 39.64 3.18 -33.58
CA ALA A 52 38.47 2.52 -33.00
C ALA A 52 37.15 3.12 -33.49
N LEU A 53 37.19 4.23 -34.22
CA LEU A 53 36.00 4.72 -34.91
C LEU A 53 35.65 3.84 -36.10
N GLN A 54 36.67 3.35 -36.83
CA GLN A 54 36.41 2.54 -38.01
C GLN A 54 35.70 1.23 -37.65
N THR A 55 35.89 0.75 -36.41
CA THR A 55 35.23 -0.47 -35.97
C THR A 55 33.70 -0.33 -36.00
N SER A 56 33.19 0.77 -35.45
CA SER A 56 31.77 1.07 -35.56
C SER A 56 31.40 1.61 -36.94
N LEU A 57 32.39 2.01 -37.73
CA LEU A 57 32.16 2.46 -39.10
C LEU A 57 31.95 1.31 -40.08
N VAL A 58 32.39 0.10 -39.75
CA VAL A 58 32.20 -1.05 -40.63
C VAL A 58 31.09 -1.98 -40.17
N PHE A 59 30.40 -1.64 -39.08
CA PHE A 59 29.30 -2.44 -38.56
C PHE A 59 28.06 -1.57 -38.46
N SER A 60 27.66 -0.98 -39.58
CA SER A 60 26.50 -0.08 -39.64
C SER A 60 25.28 -0.83 -40.15
N ARG A 61 24.22 -0.09 -40.46
CA ARG A 61 22.94 -0.68 -40.84
C ARG A 61 22.63 -0.55 -42.32
N ASP A 62 22.99 0.57 -42.95
CA ASP A 62 22.74 0.77 -44.37
C ASP A 62 23.94 0.43 -45.25
N PHE A 63 25.17 0.59 -44.75
CA PHE A 63 26.36 0.26 -45.51
C PHE A 63 27.37 -0.42 -44.60
N GLY A 64 28.11 -1.36 -45.16
CA GLY A 64 29.08 -2.12 -44.41
C GLY A 64 29.30 -3.47 -45.05
N LEU A 65 30.09 -4.30 -44.37
CA LEU A 65 30.39 -5.63 -44.87
C LEU A 65 29.40 -6.68 -44.39
N LEU A 66 28.71 -6.44 -43.27
CA LEU A 66 27.71 -7.40 -42.80
C LEU A 66 26.51 -7.40 -43.72
N VAL A 67 25.99 -6.21 -44.06
CA VAL A 67 24.86 -6.14 -44.97
C VAL A 67 25.29 -6.49 -46.39
N PHE A 68 26.56 -6.28 -46.73
CA PHE A 68 27.04 -6.69 -48.04
C PHE A 68 27.06 -8.21 -48.18
N VAL A 69 27.39 -8.93 -47.10
CA VAL A 69 27.27 -10.37 -47.13
C VAL A 69 25.80 -10.78 -47.12
N ARG A 70 24.96 -10.03 -46.40
CA ARG A 70 23.53 -10.32 -46.37
C ARG A 70 22.89 -10.20 -47.74
N LYS A 71 23.39 -9.29 -48.58
CA LYS A 71 22.79 -9.05 -49.89
C LYS A 71 23.60 -9.62 -51.04
N SER A 72 24.81 -10.14 -50.78
CA SER A 72 25.56 -10.91 -51.78
C SER A 72 25.39 -12.41 -51.57
N LEU A 73 24.23 -12.83 -51.09
CA LEU A 73 23.95 -14.23 -50.80
C LEU A 73 23.38 -14.96 -52.01
N ASN A 74 22.67 -14.26 -52.87
CA ASN A 74 22.11 -14.85 -54.08
C ASN A 74 23.04 -14.58 -55.26
N SER A 75 24.21 -15.19 -55.18
CA SER A 75 25.20 -15.09 -56.24
C SER A 75 25.98 -16.39 -56.33
N ILE A 76 26.70 -16.56 -57.44
CA ILE A 76 27.53 -17.73 -57.68
C ILE A 76 29.01 -17.38 -57.75
N GLU A 77 29.34 -16.25 -58.39
CA GLU A 77 30.72 -15.79 -58.49
C GLU A 77 31.10 -14.83 -57.37
N PHE A 78 30.14 -14.31 -56.61
CA PHE A 78 30.43 -13.49 -55.43
C PHE A 78 30.79 -14.39 -54.25
N ARG A 79 31.85 -15.16 -54.43
CA ARG A 79 32.36 -16.10 -53.45
C ARG A 79 33.81 -15.85 -53.08
N GLU A 80 34.65 -15.48 -54.07
CA GLU A 80 36.05 -15.16 -53.85
C GLU A 80 36.24 -13.88 -53.04
N CYS A 81 35.15 -13.19 -52.71
CA CYS A 81 35.13 -12.06 -51.79
C CYS A 81 34.46 -12.40 -50.46
N ARG A 82 33.37 -13.17 -50.51
CA ARG A 82 32.71 -13.63 -49.29
C ARG A 82 33.54 -14.63 -48.51
N GLU A 83 34.60 -15.18 -49.11
CA GLU A 83 35.55 -15.96 -48.33
C GLU A 83 36.59 -15.04 -47.68
N GLU A 84 37.01 -14.01 -48.41
CA GLU A 84 37.98 -13.06 -47.88
C GLU A 84 37.42 -12.32 -46.67
N ILE A 85 36.14 -11.95 -46.73
CA ILE A 85 35.50 -11.24 -45.63
C ILE A 85 35.57 -12.05 -44.34
N LEU A 86 35.28 -13.35 -44.42
CA LEU A 86 35.25 -14.16 -43.20
C LEU A 86 36.65 -14.53 -42.72
N LYS A 87 37.58 -14.81 -43.65
CA LYS A 87 38.96 -15.05 -43.23
C LYS A 87 39.59 -13.80 -42.62
N PHE A 88 39.09 -12.61 -42.95
CA PHE A 88 39.58 -11.40 -42.30
C PHE A 88 38.90 -11.14 -40.96
N LEU A 89 37.59 -11.39 -40.88
CA LEU A 89 36.91 -11.26 -39.59
C LEU A 89 37.48 -12.22 -38.56
N CYS A 90 37.97 -13.39 -39.01
CA CYS A 90 38.57 -14.34 -38.09
C CYS A 90 39.78 -13.75 -37.36
N ILE A 91 40.53 -12.87 -38.03
CA ILE A 91 41.67 -12.23 -37.38
C ILE A 91 41.26 -10.94 -36.68
N PHE A 92 40.27 -10.23 -37.22
CA PHE A 92 39.84 -8.98 -36.60
C PHE A 92 39.22 -9.24 -35.23
N LEU A 93 38.40 -10.29 -35.12
CA LEU A 93 37.79 -10.64 -33.85
C LEU A 93 38.83 -11.03 -32.80
N GLU A 94 40.07 -11.28 -33.22
CA GLU A 94 41.16 -11.59 -32.30
C GLU A 94 42.06 -10.40 -32.02
N LYS A 95 42.15 -9.43 -32.93
CA LYS A 95 43.00 -8.27 -32.67
C LYS A 95 42.63 -7.58 -31.37
N MET A 96 41.36 -7.22 -31.21
CA MET A 96 40.92 -6.66 -29.95
C MET A 96 40.62 -7.77 -28.95
N GLY A 97 40.41 -7.39 -27.70
CA GLY A 97 40.12 -8.35 -26.66
C GLY A 97 38.65 -8.75 -26.66
N GLN A 98 38.03 -8.70 -25.48
CA GLN A 98 36.62 -9.03 -25.32
C GLN A 98 35.72 -7.86 -25.67
N LYS A 99 36.22 -6.94 -26.51
CA LYS A 99 35.59 -5.66 -26.79
C LYS A 99 35.08 -5.57 -28.23
N ILE A 100 34.48 -6.66 -28.71
CA ILE A 100 33.69 -6.65 -29.93
C ILE A 100 32.31 -7.17 -29.56
N ALA A 101 31.87 -6.84 -28.34
CA ALA A 101 30.74 -7.54 -27.72
C ALA A 101 29.42 -7.30 -28.45
N PRO A 102 28.95 -6.06 -28.66
CA PRO A 102 27.59 -5.91 -29.21
C PRO A 102 27.47 -6.37 -30.65
N TYR A 103 28.58 -6.42 -31.39
CA TYR A 103 28.57 -6.96 -32.75
C TYR A 103 28.92 -8.44 -32.75
N SER A 104 28.17 -9.19 -31.94
CA SER A 104 28.36 -10.63 -31.77
C SER A 104 27.10 -11.42 -32.10
N VAL A 105 25.93 -10.91 -31.76
CA VAL A 105 24.70 -11.57 -32.20
C VAL A 105 24.57 -11.46 -33.72
N GLU A 106 24.94 -10.30 -34.28
CA GLU A 106 24.93 -10.15 -35.73
C GLU A 106 25.97 -11.04 -36.39
N ILE A 107 27.13 -11.21 -35.76
CA ILE A 107 28.17 -12.07 -36.33
C ILE A 107 27.74 -13.53 -36.26
N LYS A 108 27.19 -13.97 -35.12
CA LYS A 108 26.73 -15.35 -35.02
C LYS A 108 25.61 -15.63 -36.01
N ASN A 109 24.71 -14.67 -36.21
CA ASN A 109 23.60 -14.90 -37.14
C ASN A 109 24.10 -14.90 -38.58
N THR A 110 25.04 -14.02 -38.93
CA THR A 110 25.60 -14.07 -40.28
C THR A 110 26.42 -15.32 -40.50
N CYS A 111 27.05 -15.87 -39.45
CA CYS A 111 27.74 -17.14 -39.60
C CYS A 111 26.75 -18.27 -39.85
N THR A 112 25.67 -18.31 -39.06
CA THR A 112 24.61 -19.29 -39.31
C THR A 112 24.10 -19.18 -40.74
N SER A 113 23.90 -17.94 -41.22
CA SER A 113 23.35 -17.74 -42.56
C SER A 113 24.31 -18.21 -43.64
N VAL A 114 25.56 -17.76 -43.60
CA VAL A 114 26.53 -18.09 -44.66
C VAL A 114 27.17 -19.47 -44.48
N TYR A 115 26.82 -20.23 -43.45
CA TYR A 115 27.16 -21.65 -43.49
C TYR A 115 25.98 -22.55 -43.83
N THR A 116 24.87 -22.43 -43.10
CA THR A 116 23.72 -23.30 -43.40
C THR A 116 23.05 -22.90 -44.70
N LYS A 117 23.36 -21.72 -45.24
CA LYS A 117 22.96 -21.26 -46.57
C LYS A 117 24.25 -20.76 -47.23
N ASP A 118 25.05 -21.69 -47.72
CA ASP A 118 26.33 -21.39 -48.36
C ASP A 118 26.32 -22.03 -49.73
N ARG A 119 26.50 -21.21 -50.76
CA ARG A 119 26.46 -21.73 -52.13
C ARG A 119 27.83 -22.23 -52.57
N ALA A 120 28.45 -23.04 -51.70
CA ALA A 120 29.71 -23.70 -51.95
C ALA A 120 30.09 -24.59 -50.77
N ALA A 121 30.78 -25.68 -51.05
CA ALA A 121 31.43 -26.48 -50.03
C ALA A 121 32.91 -26.10 -49.87
N LYS A 122 33.44 -25.29 -50.79
CA LYS A 122 34.82 -24.83 -50.70
C LYS A 122 34.97 -23.58 -49.85
N CYS A 123 33.90 -22.84 -49.61
CA CYS A 123 33.95 -21.67 -48.71
C CYS A 123 32.88 -21.89 -47.64
N LYS A 124 33.20 -22.73 -46.66
CA LYS A 124 32.41 -22.93 -45.45
C LYS A 124 33.26 -22.79 -44.19
N ILE A 125 34.58 -22.88 -44.35
CA ILE A 125 35.56 -23.00 -43.27
C ILE A 125 35.72 -21.67 -42.54
N PRO A 126 35.90 -20.53 -43.21
CA PRO A 126 35.98 -19.28 -42.46
C PRO A 126 34.66 -18.91 -41.81
N ALA A 127 33.54 -19.32 -42.40
CA ALA A 127 32.25 -19.12 -41.75
C ALA A 127 32.17 -19.90 -40.44
N LEU A 128 32.73 -21.12 -40.42
CA LEU A 128 32.78 -21.86 -39.16
C LEU A 128 33.79 -21.25 -38.18
N ASP A 129 34.95 -20.83 -38.69
CA ASP A 129 36.01 -20.29 -37.83
C ASP A 129 35.58 -19.00 -37.15
N LEU A 130 34.77 -18.17 -37.84
CA LEU A 130 34.35 -16.92 -37.22
C LEU A 130 33.44 -17.17 -36.02
N LEU A 131 32.50 -18.11 -36.14
CA LEU A 131 31.63 -18.43 -35.02
C LEU A 131 32.41 -19.13 -33.90
N ILE A 132 33.37 -19.99 -34.26
CA ILE A 132 34.20 -20.62 -33.25
C ILE A 132 34.98 -19.56 -32.47
N LYS A 133 35.58 -18.62 -33.19
CA LYS A 133 36.30 -17.53 -32.55
C LYS A 133 35.37 -16.66 -31.73
N LEU A 134 34.13 -16.47 -32.18
CA LEU A 134 33.18 -15.65 -31.45
C LEU A 134 32.82 -16.28 -30.11
N LEU A 135 32.56 -17.59 -30.11
CA LEU A 135 32.30 -18.26 -28.84
C LEU A 135 33.58 -18.48 -28.04
N GLN A 136 34.75 -18.31 -28.65
CA GLN A 136 36.01 -18.40 -27.92
C GLN A 136 36.35 -17.10 -27.20
N THR A 137 36.15 -15.96 -27.84
CA THR A 137 36.45 -14.68 -27.18
C THR A 137 35.42 -14.39 -26.10
N PHE A 138 34.15 -14.68 -26.38
CA PHE A 138 33.07 -14.53 -25.41
C PHE A 138 32.82 -15.91 -24.80
N ARG A 139 33.68 -16.24 -23.85
CA ARG A 139 33.54 -17.45 -23.04
C ARG A 139 32.49 -17.17 -21.97
N SER A 140 32.48 -17.95 -20.89
CA SER A 140 31.45 -17.75 -19.89
C SER A 140 31.47 -16.30 -19.43
N SER A 141 30.45 -15.57 -19.87
CA SER A 141 30.36 -14.12 -19.73
C SER A 141 28.88 -13.78 -19.68
N ARG A 142 28.55 -12.53 -19.95
CA ARG A 142 27.16 -12.12 -19.99
C ARG A 142 26.56 -12.19 -21.39
N LEU A 143 27.39 -12.53 -22.39
CA LEU A 143 27.03 -12.51 -23.79
C LEU A 143 26.65 -13.89 -24.30
N MET A 144 26.10 -14.75 -23.45
CA MET A 144 25.74 -16.10 -23.85
C MET A 144 24.24 -16.37 -23.92
N ASP A 145 23.41 -15.60 -23.20
CA ASP A 145 21.98 -15.77 -23.36
C ASP A 145 21.45 -15.11 -24.64
N GLU A 146 22.18 -14.14 -25.19
CA GLU A 146 21.80 -13.53 -26.46
C GLU A 146 22.15 -14.40 -27.67
N PHE A 147 22.99 -15.42 -27.49
CA PHE A 147 23.20 -16.43 -28.52
C PHE A 147 22.27 -17.60 -28.29
N LYS A 148 21.56 -18.03 -29.33
CA LYS A 148 20.68 -19.19 -29.24
C LYS A 148 21.58 -20.43 -29.27
N ILE A 149 22.08 -20.82 -28.09
CA ILE A 149 23.01 -21.94 -28.03
C ILE A 149 22.27 -23.26 -28.18
N GLY A 150 21.13 -23.40 -27.51
CA GLY A 150 20.32 -24.59 -27.72
C GLY A 150 19.87 -24.74 -29.15
N GLU A 151 19.41 -23.65 -29.77
CA GLU A 151 18.92 -23.71 -31.13
C GLU A 151 20.04 -23.98 -32.12
N LEU A 152 21.20 -23.34 -31.92
CA LEU A 152 22.33 -23.58 -32.81
C LEU A 152 22.84 -25.02 -32.66
N PHE A 153 22.88 -25.53 -31.42
CA PHE A 153 23.25 -26.92 -31.21
C PHE A 153 22.28 -27.85 -31.90
N SER A 154 20.98 -27.53 -31.85
CA SER A 154 20.00 -28.31 -32.58
C SER A 154 20.35 -28.34 -34.06
N LYS A 155 20.59 -27.16 -34.64
CA LYS A 155 20.96 -27.05 -36.05
C LYS A 155 22.14 -27.95 -36.38
N PHE A 156 23.18 -27.90 -35.56
CA PHE A 156 24.44 -28.53 -35.94
C PHE A 156 24.55 -29.99 -35.52
N TYR A 157 23.73 -30.47 -34.57
CA TYR A 157 23.61 -31.90 -34.38
C TYR A 157 22.69 -32.54 -35.41
N GLY A 158 21.70 -31.78 -35.91
CA GLY A 158 20.97 -32.29 -37.05
C GLY A 158 21.77 -32.25 -38.33
N GLU A 159 22.80 -31.40 -38.37
CA GLU A 159 23.67 -31.35 -39.54
C GLU A 159 24.52 -32.61 -39.70
N LEU A 160 24.83 -33.34 -38.61
CA LEU A 160 25.76 -34.45 -38.72
C LEU A 160 25.25 -35.85 -38.36
N ALA A 161 24.07 -36.00 -37.75
CA ALA A 161 23.74 -37.41 -37.46
C ALA A 161 23.36 -38.18 -38.71
N LEU A 162 23.34 -37.50 -39.86
CA LEU A 162 23.22 -38.09 -41.18
C LEU A 162 23.91 -37.14 -42.14
N LYS A 163 23.91 -37.51 -43.41
CA LYS A 163 24.45 -36.67 -44.49
C LYS A 163 25.85 -36.15 -44.19
N LYS A 164 26.82 -37.07 -44.18
CA LYS A 164 28.20 -36.61 -44.26
C LYS A 164 28.52 -36.38 -45.73
N LYS A 165 27.68 -35.60 -46.39
CA LYS A 165 27.95 -35.11 -47.74
C LYS A 165 28.82 -33.87 -47.73
N ILE A 166 29.15 -33.36 -46.55
CA ILE A 166 30.19 -32.34 -46.45
C ILE A 166 31.54 -33.05 -46.49
N PRO A 167 32.45 -32.65 -47.37
CA PRO A 167 33.55 -33.56 -47.71
C PRO A 167 34.44 -33.99 -46.55
N ASP A 168 35.30 -33.12 -45.99
CA ASP A 168 35.95 -33.54 -44.74
C ASP A 168 36.34 -32.44 -43.77
N THR A 169 36.53 -31.20 -44.26
CA THR A 169 37.07 -30.16 -43.40
C THR A 169 35.98 -29.50 -42.56
N VAL A 170 34.85 -29.19 -43.18
CA VAL A 170 33.72 -28.67 -42.44
C VAL A 170 33.29 -29.69 -41.39
N LEU A 171 33.51 -30.98 -41.64
CA LEU A 171 33.16 -32.03 -40.67
C LEU A 171 33.98 -31.87 -39.40
N GLU A 172 35.28 -31.67 -39.56
CA GLU A 172 36.16 -31.37 -38.44
C GLU A 172 35.69 -30.13 -37.69
N LYS A 173 35.45 -29.04 -38.43
CA LYS A 173 35.07 -27.78 -37.78
C LYS A 173 33.75 -27.91 -37.02
N VAL A 174 32.79 -28.67 -37.56
CA VAL A 174 31.50 -28.84 -36.89
C VAL A 174 31.64 -29.71 -35.65
N TYR A 175 32.46 -30.76 -35.71
CA TYR A 175 32.68 -31.53 -34.49
C TYR A 175 33.27 -30.64 -33.41
N GLU A 176 34.22 -29.79 -33.79
CA GLU A 176 34.82 -28.85 -32.83
C GLU A 176 33.76 -27.89 -32.29
N LEU A 177 32.89 -27.39 -33.18
CA LEU A 177 31.86 -26.43 -32.76
C LEU A 177 30.84 -27.09 -31.84
N LEU A 178 30.51 -28.35 -32.06
CA LEU A 178 29.57 -29.02 -31.18
C LEU A 178 30.23 -29.38 -29.85
N GLY A 179 31.56 -29.35 -29.80
CA GLY A 179 32.19 -29.42 -28.50
C GLY A 179 32.19 -28.07 -27.83
N LEU A 180 32.37 -27.03 -28.63
CA LEU A 180 32.35 -25.66 -28.12
C LEU A 180 31.01 -25.30 -27.51
N LEU A 181 29.93 -25.68 -28.19
CA LEU A 181 28.58 -25.44 -27.66
C LEU A 181 28.37 -26.16 -26.34
N GLY A 182 29.07 -27.27 -26.13
CA GLY A 182 29.02 -27.94 -24.83
C GLY A 182 29.88 -27.25 -23.80
N GLU A 183 30.95 -26.59 -24.23
CA GLU A 183 31.80 -25.90 -23.27
C GLU A 183 31.15 -24.62 -22.76
N VAL A 184 30.72 -23.74 -23.66
CA VAL A 184 30.10 -22.48 -23.28
C VAL A 184 28.58 -22.66 -23.27
N HIS A 185 27.92 -22.00 -22.32
CA HIS A 185 26.47 -22.05 -22.11
C HIS A 185 25.99 -23.48 -21.91
N PRO A 186 26.45 -24.20 -20.87
CA PRO A 186 25.91 -25.55 -20.64
C PRO A 186 24.65 -25.51 -19.81
N SER A 187 23.77 -24.56 -20.14
CA SER A 187 22.45 -24.45 -19.54
C SER A 187 21.35 -24.68 -20.56
N GLU A 188 21.68 -24.63 -21.86
CA GLU A 188 20.77 -24.96 -22.93
C GLU A 188 20.80 -26.45 -23.24
N MET A 189 22.00 -27.00 -23.39
CA MET A 189 22.19 -28.40 -23.80
C MET A 189 22.51 -29.26 -22.57
N ILE A 190 21.54 -29.37 -21.67
CA ILE A 190 21.72 -30.29 -20.55
C ILE A 190 21.12 -31.67 -20.81
N ASN A 191 20.12 -31.78 -21.69
CA ASN A 191 19.44 -33.05 -21.95
C ASN A 191 19.98 -33.77 -23.17
N ASN A 192 20.18 -33.06 -24.28
CA ASN A 192 20.54 -33.66 -25.56
C ASN A 192 22.04 -33.69 -25.82
N ALA A 193 22.85 -33.82 -24.77
CA ALA A 193 24.28 -34.00 -24.93
C ALA A 193 24.66 -35.47 -25.09
N GLU A 194 23.71 -36.39 -24.85
CA GLU A 194 23.99 -37.82 -24.95
C GLU A 194 23.99 -38.30 -26.40
N ASN A 195 23.01 -37.86 -27.21
CA ASN A 195 23.09 -38.12 -28.65
C ASN A 195 24.34 -37.51 -29.26
N LEU A 196 24.82 -36.39 -28.69
CA LEU A 196 26.03 -35.76 -29.18
C LEU A 196 27.27 -36.59 -28.85
N PHE A 197 27.36 -37.03 -27.59
CA PHE A 197 28.41 -37.98 -27.21
C PHE A 197 28.37 -39.22 -28.10
N ARG A 198 27.18 -39.74 -28.38
CA ARG A 198 27.05 -40.96 -29.17
C ARG A 198 27.54 -40.74 -30.59
N ALA A 199 27.11 -39.65 -31.22
CA ALA A 199 27.58 -39.36 -32.58
C ALA A 199 29.09 -39.16 -32.61
N PHE A 200 29.63 -38.45 -31.62
CA PHE A 200 31.07 -38.23 -31.54
C PHE A 200 31.83 -39.55 -31.46
N LEU A 201 31.51 -40.37 -30.44
CA LEU A 201 32.21 -41.64 -30.28
C LEU A 201 31.98 -42.57 -31.47
N GLY A 202 30.81 -42.48 -32.12
CA GLY A 202 30.56 -43.33 -33.27
C GLY A 202 31.42 -42.97 -34.46
N GLU A 203 31.50 -41.68 -34.78
CA GLU A 203 32.42 -41.25 -35.82
C GLU A 203 33.87 -41.55 -35.47
N LEU A 204 34.22 -41.49 -34.18
CA LEU A 204 35.56 -41.82 -33.75
C LEU A 204 35.89 -43.28 -34.04
N LYS A 205 35.02 -44.20 -33.58
CA LYS A 205 35.25 -45.63 -33.80
C LYS A 205 35.16 -46.00 -35.27
N THR A 206 34.40 -45.22 -36.06
CA THR A 206 34.32 -45.47 -37.50
C THR A 206 35.62 -45.07 -38.18
N GLN A 207 36.12 -43.87 -37.88
CA GLN A 207 37.31 -43.33 -38.53
C GLN A 207 38.62 -43.79 -37.89
N MET A 208 38.58 -44.68 -36.90
CA MET A 208 39.80 -45.24 -36.34
C MET A 208 40.09 -46.62 -36.91
N THR A 209 39.16 -47.56 -36.76
CA THR A 209 39.34 -48.93 -37.23
C THR A 209 39.33 -48.91 -38.76
N SER A 210 40.50 -49.04 -39.37
CA SER A 210 40.66 -48.80 -40.81
C SER A 210 40.80 -50.12 -41.56
N ALA A 211 39.65 -50.77 -41.84
CA ALA A 211 39.68 -51.94 -42.72
C ALA A 211 39.89 -51.54 -44.16
N VAL A 212 39.02 -50.66 -44.67
CA VAL A 212 39.16 -50.02 -45.98
C VAL A 212 39.01 -48.51 -45.76
N ARG A 213 39.35 -47.73 -46.78
CA ARG A 213 39.35 -46.26 -46.71
C ARG A 213 40.25 -45.78 -45.58
N GLU A 214 41.57 -45.85 -45.87
CA GLU A 214 42.67 -45.38 -45.03
C GLU A 214 42.23 -44.12 -44.30
N PRO A 215 42.45 -44.04 -42.98
CA PRO A 215 41.73 -43.07 -42.15
C PRO A 215 41.74 -41.64 -42.67
N LYS A 216 40.54 -41.05 -42.72
CA LYS A 216 40.42 -39.62 -42.94
C LYS A 216 41.03 -38.90 -41.74
N LEU A 217 41.94 -37.96 -42.01
CA LEU A 217 42.69 -37.29 -40.94
C LEU A 217 41.92 -36.20 -40.21
N PRO A 218 41.32 -35.21 -40.90
CA PRO A 218 40.74 -34.07 -40.16
C PRO A 218 39.56 -34.44 -39.28
N VAL A 219 38.82 -35.50 -39.61
CA VAL A 219 37.71 -35.90 -38.74
C VAL A 219 38.24 -36.31 -37.38
N LEU A 220 39.38 -36.99 -37.34
CA LEU A 220 40.01 -37.36 -36.08
C LEU A 220 40.24 -36.14 -35.20
N ALA A 221 40.91 -35.13 -35.74
CA ALA A 221 41.23 -33.95 -34.94
C ALA A 221 39.98 -33.16 -34.59
N GLY A 222 39.03 -33.04 -35.52
CA GLY A 222 37.78 -32.35 -35.22
C GLY A 222 37.01 -32.99 -34.08
N CYS A 223 36.82 -34.31 -34.16
CA CYS A 223 36.14 -35.02 -33.09
C CYS A 223 36.93 -34.93 -31.79
N LEU A 224 38.27 -34.95 -31.87
CA LEU A 224 39.09 -34.89 -30.66
C LEU A 224 38.93 -33.54 -29.95
N LYS A 225 38.99 -32.44 -30.70
CA LYS A 225 38.82 -31.13 -30.07
C LYS A 225 37.38 -30.91 -29.61
N GLY A 226 36.40 -31.42 -30.36
CA GLY A 226 35.02 -31.36 -29.89
C GLY A 226 34.83 -32.11 -28.59
N LEU A 227 35.35 -33.33 -28.50
CA LEU A 227 35.24 -34.11 -27.28
C LEU A 227 36.05 -33.49 -26.16
N SER A 228 37.15 -32.81 -26.48
CA SER A 228 37.90 -32.08 -25.46
C SER A 228 37.06 -30.97 -24.86
N SER A 229 36.45 -30.14 -25.72
CA SER A 229 35.59 -29.06 -25.23
C SER A 229 34.36 -29.61 -24.52
N LEU A 230 33.89 -30.80 -24.91
CA LEU A 230 32.72 -31.39 -24.30
C LEU A 230 33.03 -32.11 -22.98
N LEU A 231 34.27 -32.55 -22.80
CA LEU A 231 34.70 -33.29 -21.61
C LEU A 231 35.28 -32.36 -20.55
N CYS A 232 34.57 -31.27 -20.29
CA CYS A 232 34.89 -30.36 -19.19
C CYS A 232 33.76 -30.26 -18.18
N ASN A 233 32.53 -30.07 -18.65
CA ASN A 233 31.34 -29.95 -17.80
C ASN A 233 30.51 -31.22 -17.79
N PHE A 234 30.94 -32.26 -18.51
CA PHE A 234 30.19 -33.51 -18.66
C PHE A 234 31.05 -34.67 -18.16
N THR A 235 30.97 -34.93 -16.85
CA THR A 235 31.75 -36.01 -16.26
C THR A 235 31.32 -37.37 -16.80
N ASP A 241 31.98 -42.27 -13.57
CA ASP A 241 31.56 -43.24 -14.59
C ASP A 241 32.71 -43.50 -15.56
N PRO A 242 33.58 -44.43 -15.21
CA PRO A 242 34.65 -44.88 -16.12
C PRO A 242 34.26 -46.09 -16.96
N GLN A 243 33.16 -45.99 -17.73
CA GLN A 243 32.80 -47.07 -18.65
C GLN A 243 32.99 -46.70 -20.11
N THR A 244 32.31 -45.68 -20.63
CA THR A 244 32.69 -45.17 -21.94
C THR A 244 33.98 -44.36 -21.85
N SER A 245 34.32 -43.93 -20.63
CA SER A 245 35.61 -43.30 -20.38
C SER A 245 36.75 -44.22 -20.81
N ARG A 246 36.63 -45.53 -20.57
CA ARG A 246 37.67 -46.45 -20.99
C ARG A 246 37.70 -46.59 -22.51
N GLU A 247 36.55 -46.50 -23.17
CA GLU A 247 36.54 -46.49 -24.62
C GLU A 247 37.29 -45.28 -25.15
N ILE A 248 37.07 -44.11 -24.52
CA ILE A 248 37.80 -42.91 -24.90
C ILE A 248 39.29 -43.03 -24.57
N PHE A 249 39.63 -43.71 -23.47
CA PHE A 249 41.04 -43.92 -23.13
C PHE A 249 41.74 -44.76 -24.18
N ASN A 250 41.12 -45.87 -24.59
CA ASN A 250 41.70 -46.68 -25.65
C ASN A 250 41.78 -45.89 -26.96
N PHE A 251 40.75 -45.07 -27.25
CA PHE A 251 40.77 -44.26 -28.46
C PHE A 251 41.91 -43.26 -28.44
N VAL A 252 42.15 -42.61 -27.30
CA VAL A 252 43.22 -41.62 -27.23
C VAL A 252 44.58 -42.31 -27.22
N LEU A 253 44.68 -43.52 -26.68
CA LEU A 253 45.92 -44.27 -26.79
C LEU A 253 46.23 -44.61 -28.25
N LYS A 254 45.21 -45.01 -29.02
CA LYS A 254 45.40 -45.24 -30.45
C LYS A 254 45.70 -43.93 -31.20
N ALA A 255 45.18 -42.81 -30.73
CA ALA A 255 45.46 -41.52 -31.36
C ALA A 255 46.84 -40.99 -31.00
N ILE A 256 47.41 -41.47 -29.90
CA ILE A 256 48.75 -41.10 -29.49
C ILE A 256 49.76 -42.22 -29.74
N ARG A 257 49.33 -43.26 -30.46
CA ARG A 257 50.19 -44.33 -30.95
C ARG A 257 50.95 -44.06 -32.25
N PRO A 258 50.41 -43.28 -33.25
CA PRO A 258 50.98 -43.34 -34.60
C PRO A 258 52.36 -42.71 -34.77
N GLN A 259 52.82 -42.70 -36.02
CA GLN A 259 54.18 -42.30 -36.35
C GLN A 259 54.46 -40.82 -36.11
N ILE A 260 55.60 -40.55 -35.47
CA ILE A 260 55.98 -39.17 -35.15
C ILE A 260 56.38 -38.43 -36.42
N ASP A 261 57.01 -39.15 -37.37
CA ASP A 261 57.44 -38.58 -38.64
C ASP A 261 56.23 -38.48 -39.55
N LEU A 262 55.60 -37.32 -39.53
CA LEU A 262 54.44 -37.02 -40.35
C LEU A 262 54.25 -35.52 -40.33
N LYS A 263 53.91 -34.96 -41.48
CA LYS A 263 53.61 -33.54 -41.53
C LYS A 263 52.26 -33.30 -40.87
N ARG A 264 52.15 -32.16 -40.20
CA ARG A 264 50.96 -31.78 -39.41
C ARG A 264 50.55 -32.91 -38.45
N TYR A 265 51.52 -33.40 -37.68
CA TYR A 265 51.26 -34.51 -36.75
C TYR A 265 50.38 -33.95 -35.63
N ALA A 266 49.09 -33.79 -35.97
CA ALA A 266 48.15 -33.07 -35.11
C ALA A 266 47.24 -33.95 -34.28
N VAL A 267 47.15 -35.26 -34.58
CA VAL A 267 46.38 -36.14 -33.69
C VAL A 267 46.90 -36.13 -32.25
N PRO A 268 48.22 -36.04 -31.99
CA PRO A 268 48.61 -35.85 -30.58
C PRO A 268 48.21 -34.49 -30.04
N SER A 269 48.39 -33.43 -30.84
CA SER A 269 48.10 -32.06 -30.44
C SER A 269 46.68 -31.89 -29.93
N ALA A 270 45.82 -32.87 -30.21
CA ALA A 270 44.46 -32.90 -29.68
C ALA A 270 44.26 -33.97 -28.61
N GLY A 271 44.77 -35.19 -28.83
CA GLY A 271 44.57 -36.23 -27.83
C GLY A 271 45.22 -35.90 -26.50
N LEU A 272 46.46 -35.42 -26.55
CA LEU A 272 47.18 -35.11 -25.32
C LEU A 272 46.50 -33.98 -24.57
N ARG A 273 46.06 -32.94 -25.28
CA ARG A 273 45.37 -31.83 -24.62
C ARG A 273 44.05 -32.29 -24.03
N LEU A 274 43.33 -33.17 -24.75
CA LEU A 274 42.09 -33.73 -24.20
C LEU A 274 42.36 -34.50 -22.91
N PHE A 275 43.41 -35.31 -22.90
CA PHE A 275 43.77 -36.03 -21.67
C PHE A 275 44.11 -35.05 -20.54
N ALA A 276 44.95 -34.06 -20.82
CA ALA A 276 45.33 -33.08 -19.82
C ALA A 276 44.11 -32.40 -19.23
N LEU A 277 43.17 -32.00 -20.08
CA LEU A 277 41.94 -31.36 -19.60
C LEU A 277 41.12 -32.32 -18.75
N HIS A 278 40.63 -33.40 -19.35
CA HIS A 278 39.76 -34.34 -18.64
C HIS A 278 40.56 -35.55 -18.15
N ALA A 279 41.50 -35.29 -17.24
CA ALA A 279 42.35 -36.34 -16.71
C ALA A 279 41.73 -37.12 -15.56
N SER A 280 40.64 -36.63 -14.97
CA SER A 280 40.10 -37.19 -13.75
C SER A 280 38.89 -38.10 -13.96
N GLN A 281 38.38 -38.22 -15.19
CA GLN A 281 37.22 -39.08 -15.42
C GLN A 281 37.59 -40.55 -15.30
N PHE A 282 38.78 -40.92 -15.77
CA PHE A 282 39.30 -42.28 -15.68
C PHE A 282 40.41 -42.35 -14.64
N SER A 283 40.29 -43.31 -13.71
CA SER A 283 41.36 -43.56 -12.75
C SER A 283 41.97 -44.94 -12.89
N THR A 284 41.15 -46.01 -12.86
CA THR A 284 41.68 -47.36 -12.98
C THR A 284 42.25 -47.63 -14.38
N CYS A 285 41.74 -46.92 -15.39
CA CYS A 285 42.20 -47.08 -16.77
C CYS A 285 43.60 -46.57 -16.98
N LEU A 286 44.24 -46.04 -15.94
CA LEU A 286 45.54 -45.38 -16.02
C LEU A 286 46.65 -46.24 -15.43
N LEU A 287 46.32 -47.39 -14.83
CA LEU A 287 47.28 -48.21 -14.11
C LEU A 287 47.84 -49.36 -14.93
N ASP A 288 47.09 -49.87 -15.90
CA ASP A 288 47.53 -51.07 -16.61
C ASP A 288 48.53 -50.74 -17.70
N ASN A 289 48.30 -49.67 -18.45
CA ASN A 289 49.19 -49.29 -19.55
C ASN A 289 50.18 -48.21 -19.09
N TYR A 290 50.84 -48.35 -17.95
CA TYR A 290 51.66 -47.24 -17.49
C TYR A 290 52.99 -47.16 -18.23
N VAL A 291 53.57 -48.30 -18.57
CA VAL A 291 54.87 -48.30 -19.25
C VAL A 291 54.76 -47.66 -20.62
N SER A 292 53.80 -48.10 -21.43
CA SER A 292 53.69 -47.59 -22.80
C SER A 292 53.28 -46.12 -22.82
N LEU A 293 52.38 -45.71 -21.93
CA LEU A 293 51.99 -44.31 -21.83
C LEU A 293 53.18 -43.43 -21.47
N PHE A 294 53.94 -43.85 -20.44
CA PHE A 294 55.15 -43.12 -20.08
C PHE A 294 56.08 -43.01 -21.29
N GLU A 295 56.30 -44.13 -22.00
CA GLU A 295 57.21 -44.15 -23.13
C GLU A 295 56.77 -43.16 -24.20
N VAL A 296 55.49 -43.18 -24.57
CA VAL A 296 55.05 -42.31 -25.66
C VAL A 296 55.04 -40.86 -25.23
N LEU A 297 54.71 -40.58 -23.95
CA LEU A 297 54.80 -39.22 -23.45
C LEU A 297 56.23 -38.70 -23.53
N LEU A 298 57.19 -39.50 -23.06
CA LEU A 298 58.59 -39.12 -23.17
C LEU A 298 58.96 -38.85 -24.62
N LYS A 299 58.59 -39.77 -25.53
CA LYS A 299 58.98 -39.64 -26.93
C LYS A 299 58.37 -38.39 -27.57
N TRP A 300 57.16 -38.00 -27.16
CA TRP A 300 56.55 -36.81 -27.73
C TRP A 300 56.92 -35.51 -27.02
N CYS A 301 57.60 -35.57 -25.88
CA CYS A 301 58.08 -34.33 -25.28
C CYS A 301 59.38 -33.86 -25.90
N ALA A 302 59.88 -34.53 -26.93
CA ALA A 302 61.10 -34.16 -27.65
C ALA A 302 60.86 -34.09 -29.16
N HIS A 303 59.74 -33.52 -29.58
CA HIS A 303 59.42 -33.38 -31.00
C HIS A 303 59.38 -31.94 -31.47
N THR A 304 59.25 -30.99 -30.56
CA THR A 304 59.08 -29.56 -30.82
C THR A 304 58.19 -29.26 -32.03
N ASN A 305 57.01 -29.88 -32.05
CA ASN A 305 55.90 -29.24 -32.73
C ASN A 305 55.43 -28.10 -31.86
N VAL A 306 54.79 -27.10 -32.49
CA VAL A 306 54.58 -25.80 -31.84
C VAL A 306 54.00 -25.98 -30.44
N GLU A 307 52.80 -26.56 -30.37
CA GLU A 307 52.15 -26.81 -29.10
C GLU A 307 52.35 -28.22 -28.58
N LEU A 308 52.82 -29.14 -29.42
CA LEU A 308 52.92 -30.55 -29.01
C LEU A 308 53.83 -30.73 -27.80
N LYS A 309 54.94 -30.01 -27.74
CA LYS A 309 55.84 -30.15 -26.61
C LYS A 309 55.15 -29.74 -25.31
N LYS A 310 54.64 -28.50 -25.27
CA LYS A 310 53.96 -27.99 -24.09
C LYS A 310 52.59 -28.63 -23.87
N ALA A 311 52.11 -29.46 -24.79
CA ALA A 311 50.89 -30.22 -24.59
C ALA A 311 51.18 -31.57 -23.95
N ALA A 312 52.19 -32.27 -24.48
CA ALA A 312 52.67 -33.48 -23.84
C ALA A 312 53.14 -33.21 -22.42
N LEU A 313 53.70 -32.03 -22.17
CA LEU A 313 54.09 -31.69 -20.80
C LEU A 313 52.89 -31.69 -19.86
N SER A 314 51.84 -30.95 -20.21
CA SER A 314 50.67 -30.85 -19.35
C SER A 314 49.97 -32.20 -19.22
N ALA A 315 49.93 -32.97 -20.31
CA ALA A 315 49.34 -34.32 -20.25
C ALA A 315 50.13 -35.21 -19.28
N LEU A 316 51.46 -35.20 -19.40
CA LEU A 316 52.28 -36.04 -18.52
C LEU A 316 52.12 -35.62 -17.08
N GLU A 317 52.02 -34.32 -16.81
CA GLU A 317 51.84 -33.88 -15.43
C GLU A 317 50.49 -34.33 -14.89
N SER A 318 49.43 -34.20 -15.70
CA SER A 318 48.13 -34.69 -15.26
C SER A 318 48.19 -36.18 -14.95
N PHE A 319 48.88 -36.94 -15.81
CA PHE A 319 49.03 -38.37 -15.60
C PHE A 319 49.77 -38.66 -14.30
N LEU A 320 50.89 -37.99 -14.08
CA LEU A 320 51.71 -38.25 -12.89
C LEU A 320 50.95 -37.89 -11.62
N LYS A 321 50.27 -36.74 -11.62
CA LYS A 321 49.53 -36.33 -10.43
C LYS A 321 48.39 -37.31 -10.14
N GLN A 322 47.64 -37.69 -11.17
CA GLN A 322 46.53 -38.61 -10.97
C GLN A 322 47.02 -39.96 -10.45
N VAL A 323 48.10 -40.47 -11.03
CA VAL A 323 48.58 -41.80 -10.64
C VAL A 323 49.22 -41.76 -9.26
N SER A 324 49.79 -40.61 -8.84
CA SER A 324 50.33 -40.55 -7.49
C SER A 324 49.21 -40.49 -6.46
N ASN A 325 48.18 -39.67 -6.71
CA ASN A 325 47.02 -39.65 -5.84
C ASN A 325 46.30 -40.99 -5.85
N MET A 326 46.58 -41.83 -6.85
CA MET A 326 46.05 -43.20 -6.85
C MET A 326 46.94 -44.14 -6.06
N VAL A 327 48.27 -43.95 -6.14
CA VAL A 327 49.22 -44.85 -5.49
C VAL A 327 49.19 -44.68 -3.98
N ALA A 328 48.82 -43.50 -3.50
CA ALA A 328 48.87 -43.25 -2.06
C ALA A 328 48.07 -44.27 -1.26
N LYS A 329 47.02 -44.86 -1.84
CA LYS A 329 46.13 -45.74 -1.09
C LYS A 329 46.79 -47.02 -0.59
N ASN A 330 47.20 -47.91 -1.49
CA ASN A 330 47.84 -49.19 -1.12
C ASN A 330 49.35 -49.05 -1.26
N ALA A 331 49.98 -48.45 -0.25
CA ALA A 331 51.41 -48.22 -0.30
C ALA A 331 52.20 -49.39 0.28
N GLU A 332 51.64 -50.60 0.17
CA GLU A 332 52.33 -51.84 0.45
C GLU A 332 52.01 -52.79 -0.70
N MET A 333 50.86 -52.59 -1.34
CA MET A 333 50.34 -53.52 -2.35
C MET A 333 50.56 -53.05 -3.79
N HIS A 334 51.15 -51.88 -4.01
CA HIS A 334 51.54 -51.43 -5.34
C HIS A 334 53.04 -51.17 -5.39
N LYS A 335 53.80 -52.03 -4.71
CA LYS A 335 55.23 -51.78 -4.49
C LYS A 335 56.04 -51.73 -5.80
N ASN A 336 55.84 -52.69 -6.70
CA ASN A 336 56.71 -52.78 -7.86
C ASN A 336 56.47 -51.67 -8.89
N LYS A 337 55.23 -51.19 -9.05
CA LYS A 337 54.99 -50.07 -9.95
C LYS A 337 55.74 -48.84 -9.47
N LEU A 338 55.62 -48.54 -8.17
CA LEU A 338 56.28 -47.41 -7.57
C LEU A 338 57.80 -47.54 -7.66
N GLN A 339 58.31 -48.77 -7.50
CA GLN A 339 59.74 -48.97 -7.63
C GLN A 339 60.22 -48.77 -9.06
N TYR A 340 59.42 -49.17 -10.05
CA TYR A 340 59.77 -48.90 -11.43
C TYR A 340 59.86 -47.40 -11.71
N PHE A 341 58.90 -46.63 -11.19
CA PHE A 341 58.94 -45.20 -11.43
C PHE A 341 60.08 -44.53 -10.69
N MET A 342 60.39 -44.98 -9.47
CA MET A 342 61.56 -44.46 -8.77
C MET A 342 62.84 -44.79 -9.55
N GLU A 343 62.90 -45.97 -10.17
CA GLU A 343 64.09 -46.36 -10.92
C GLU A 343 64.24 -45.50 -12.17
N GLN A 344 63.14 -45.21 -12.87
CA GLN A 344 63.19 -44.30 -14.01
C GLN A 344 63.58 -42.88 -13.58
N PHE A 345 63.03 -42.39 -12.46
CA PHE A 345 63.40 -41.05 -12.02
C PHE A 345 64.88 -40.95 -11.66
N TYR A 346 65.42 -41.96 -10.98
CA TYR A 346 66.84 -41.91 -10.64
C TYR A 346 67.70 -41.99 -11.89
N GLY A 347 67.33 -42.86 -12.84
CA GLY A 347 68.07 -42.95 -14.09
C GLY A 347 67.98 -41.72 -14.96
N ILE A 348 66.95 -40.90 -14.77
CA ILE A 348 66.86 -39.64 -15.50
C ILE A 348 67.62 -38.53 -14.80
N ILE A 349 67.61 -38.50 -13.46
CA ILE A 349 68.27 -37.39 -12.77
C ILE A 349 69.77 -37.64 -12.65
N ARG A 350 70.21 -38.89 -12.79
CA ARG A 350 71.63 -39.18 -12.65
C ARG A 350 72.45 -38.60 -13.81
N ASN A 351 71.93 -38.67 -15.03
CA ASN A 351 72.74 -38.35 -16.19
C ASN A 351 72.67 -36.86 -16.50
N VAL A 352 73.77 -36.36 -17.07
CA VAL A 352 73.88 -34.91 -17.35
C VAL A 352 73.39 -34.68 -18.78
N ASP A 353 72.08 -34.53 -18.93
CA ASP A 353 71.50 -34.31 -20.25
C ASP A 353 70.05 -33.84 -20.28
N SER A 354 69.81 -32.71 -20.96
CA SER A 354 68.46 -32.23 -21.26
C SER A 354 68.56 -30.93 -22.05
N ASN A 355 67.47 -30.59 -22.73
CA ASN A 355 67.25 -29.23 -23.21
C ASN A 355 66.72 -28.34 -22.10
N ASN A 356 66.94 -28.78 -20.85
CA ASN A 356 66.64 -28.16 -19.56
C ASN A 356 65.20 -28.44 -19.14
N LYS A 357 64.38 -29.09 -19.98
CA LYS A 357 63.00 -29.39 -19.64
C LYS A 357 62.77 -30.86 -19.34
N GLU A 358 63.83 -31.66 -19.31
CA GLU A 358 63.69 -33.08 -19.03
C GLU A 358 63.56 -33.37 -17.53
N LEU A 359 64.59 -33.04 -16.76
CA LEU A 359 64.64 -33.37 -15.34
C LEU A 359 63.75 -32.51 -14.46
N SER A 360 63.16 -31.43 -14.98
CA SER A 360 62.20 -30.69 -14.18
C SER A 360 61.00 -31.57 -13.81
N ILE A 361 60.46 -32.29 -14.79
CA ILE A 361 59.37 -33.21 -14.49
C ILE A 361 59.88 -34.41 -13.71
N ALA A 362 61.17 -34.75 -13.85
CA ALA A 362 61.75 -35.78 -12.99
C ALA A 362 61.71 -35.36 -11.53
N ILE A 363 62.02 -34.09 -11.25
CA ILE A 363 61.95 -33.58 -9.88
C ILE A 363 60.51 -33.52 -9.40
N ARG A 364 59.60 -33.06 -10.28
CA ARG A 364 58.18 -33.04 -9.94
C ARG A 364 57.70 -34.43 -9.55
N GLY A 365 58.09 -35.45 -10.32
CA GLY A 365 57.69 -36.81 -10.00
C GLY A 365 58.36 -37.34 -8.75
N TYR A 366 59.67 -37.09 -8.62
CA TYR A 366 60.41 -37.50 -7.42
C TYR A 366 59.70 -37.00 -6.16
N GLY A 367 59.35 -35.71 -6.14
CA GLY A 367 58.67 -35.15 -4.98
C GLY A 367 57.23 -35.62 -4.85
N LEU A 368 56.57 -35.89 -5.98
CA LEU A 368 55.17 -36.28 -5.94
C LEU A 368 55.01 -37.70 -5.45
N PHE A 369 55.92 -38.60 -5.80
CA PHE A 369 55.88 -39.99 -5.39
C PHE A 369 56.65 -40.28 -4.12
N ALA A 370 57.46 -39.33 -3.64
CA ALA A 370 57.98 -39.46 -2.28
C ALA A 370 56.88 -39.36 -1.25
N GLY A 371 55.70 -38.89 -1.64
CA GLY A 371 54.54 -38.89 -0.78
C GLY A 371 54.16 -40.30 -0.33
N PRO A 372 53.73 -41.16 -1.27
CA PRO A 372 53.39 -42.54 -0.88
C PRO A 372 54.60 -43.45 -0.86
N CYS A 373 55.75 -42.89 -0.52
CA CYS A 373 56.96 -43.66 -0.29
C CYS A 373 57.32 -43.42 1.16
N LYS A 374 56.66 -44.13 2.09
CA LYS A 374 57.13 -44.08 3.46
C LYS A 374 57.07 -45.47 4.08
N VAL A 375 56.01 -46.21 3.77
CA VAL A 375 55.82 -47.56 4.29
C VAL A 375 56.14 -48.61 3.21
N ILE A 376 56.84 -48.21 2.15
CA ILE A 376 57.21 -49.10 1.06
C ILE A 376 58.68 -49.48 1.11
N ASN A 377 59.57 -48.50 1.02
CA ASN A 377 61.00 -48.75 1.12
C ASN A 377 61.60 -48.18 2.38
N ALA A 378 61.22 -46.95 2.74
CA ALA A 378 61.77 -46.20 3.86
C ALA A 378 63.27 -46.01 3.73
N LYS A 379 63.85 -46.35 2.59
CA LYS A 379 65.25 -46.15 2.22
C LYS A 379 65.38 -45.42 0.90
N ASP A 380 64.55 -45.74 -0.09
CA ASP A 380 64.41 -44.88 -1.26
C ASP A 380 63.85 -43.53 -0.88
N VAL A 381 63.09 -43.44 0.21
CA VAL A 381 62.60 -42.16 0.70
C VAL A 381 63.76 -41.26 1.10
N ASP A 382 64.75 -41.84 1.79
CA ASP A 382 65.91 -41.08 2.24
C ASP A 382 66.92 -40.85 1.12
N PHE A 383 67.00 -41.78 0.17
CA PHE A 383 67.82 -41.55 -1.02
C PHE A 383 67.22 -40.43 -1.86
N MET A 384 65.90 -40.32 -1.85
CA MET A 384 65.22 -39.11 -2.27
C MET A 384 65.43 -38.02 -1.23
N TYR A 385 65.31 -36.78 -1.70
CA TYR A 385 65.63 -35.55 -0.98
C TYR A 385 67.13 -35.41 -0.82
N VAL A 386 67.89 -36.49 -0.96
CA VAL A 386 69.33 -36.34 -0.88
C VAL A 386 69.83 -36.22 -2.31
N GLU A 387 69.50 -37.21 -3.14
CA GLU A 387 69.72 -37.03 -4.57
C GLU A 387 69.03 -35.77 -5.05
N LEU A 388 67.83 -35.50 -4.51
CA LEU A 388 67.07 -34.33 -4.93
C LEU A 388 67.77 -33.03 -4.55
N ILE A 389 68.23 -32.90 -3.30
CA ILE A 389 68.90 -31.66 -2.89
C ILE A 389 70.21 -31.49 -3.64
N GLN A 390 70.99 -32.56 -3.80
CA GLN A 390 72.28 -32.44 -4.46
C GLN A 390 72.12 -32.05 -5.93
N ARG A 391 71.13 -32.64 -6.61
CA ARG A 391 70.87 -32.29 -8.00
C ARG A 391 70.34 -30.86 -8.12
N CYS A 392 69.40 -30.49 -7.24
CA CYS A 392 68.77 -29.18 -7.28
C CYS A 392 69.77 -28.06 -7.01
N LYS A 393 70.63 -28.24 -6.00
CA LYS A 393 71.51 -27.19 -5.53
C LYS A 393 72.42 -26.64 -6.63
N GLN A 394 73.35 -27.46 -7.11
CA GLN A 394 74.37 -26.94 -8.02
C GLN A 394 73.86 -26.88 -9.45
N MET A 395 72.73 -26.21 -9.63
CA MET A 395 72.21 -25.85 -10.94
C MET A 395 71.88 -24.36 -11.03
N PHE A 396 71.32 -23.78 -9.97
CA PHE A 396 70.99 -22.36 -9.97
C PHE A 396 71.36 -21.68 -8.65
N LEU A 397 72.10 -22.35 -7.77
CA LEU A 397 72.65 -21.70 -6.59
C LEU A 397 74.01 -21.08 -6.89
N THR A 398 74.36 -21.00 -8.17
CA THR A 398 75.59 -20.51 -8.78
C THR A 398 75.18 -20.00 -10.16
N GLN A 399 76.10 -20.01 -11.13
CA GLN A 399 75.80 -19.55 -12.50
C GLN A 399 75.73 -18.04 -12.59
N THR A 400 76.49 -17.35 -11.73
CA THR A 400 76.64 -15.89 -11.78
C THR A 400 75.30 -15.14 -11.78
N VAL A 407 67.39 -18.75 -15.01
CA VAL A 407 66.64 -19.64 -14.13
C VAL A 407 65.26 -19.05 -13.81
N TYR A 408 64.23 -19.88 -14.02
CA TYR A 408 62.84 -19.45 -13.94
C TYR A 408 61.99 -20.48 -13.21
N GLN A 409 62.57 -21.60 -12.79
CA GLN A 409 61.84 -22.79 -12.35
C GLN A 409 62.09 -23.13 -10.89
N MET A 410 62.48 -22.15 -10.08
CA MET A 410 62.60 -22.37 -8.64
C MET A 410 61.32 -22.96 -8.01
N PRO A 411 60.10 -22.56 -8.40
CA PRO A 411 58.92 -23.08 -7.71
C PRO A 411 58.76 -24.60 -7.74
N SER A 412 58.89 -25.24 -8.91
CA SER A 412 58.66 -26.68 -9.00
C SER A 412 59.63 -27.45 -8.13
N PHE A 413 60.92 -27.11 -8.23
CA PHE A 413 61.94 -27.74 -7.39
C PHE A 413 61.61 -27.58 -5.92
N LEU A 414 61.28 -26.34 -5.50
CA LEU A 414 61.05 -26.11 -4.09
C LEU A 414 59.82 -26.85 -3.60
N GLN A 415 58.74 -26.83 -4.37
CA GLN A 415 57.52 -27.55 -4.00
C GLN A 415 57.79 -29.03 -3.80
N SER A 416 58.52 -29.65 -4.74
CA SER A 416 58.79 -31.08 -4.61
C SER A 416 59.68 -31.38 -3.42
N VAL A 417 60.69 -30.53 -3.17
CA VAL A 417 61.54 -30.74 -1.99
C VAL A 417 60.69 -30.66 -0.72
N ALA A 418 59.72 -29.75 -0.71
CA ALA A 418 58.83 -29.64 0.45
C ALA A 418 58.02 -30.91 0.61
N SER A 419 57.39 -31.39 -0.47
CA SER A 419 56.52 -32.56 -0.38
C SER A 419 57.31 -33.82 -0.02
N VAL A 420 58.62 -33.85 -0.30
CA VAL A 420 59.41 -34.98 0.19
C VAL A 420 59.87 -34.78 1.63
N LEU A 421 59.97 -33.53 2.11
CA LEU A 421 60.46 -33.35 3.48
C LEU A 421 59.47 -33.85 4.53
N LEU A 422 58.16 -33.71 4.28
CA LEU A 422 57.17 -34.07 5.30
C LEU A 422 57.36 -35.52 5.74
N TYR A 423 57.24 -36.45 4.78
CA TYR A 423 57.33 -37.88 5.12
C TYR A 423 58.77 -38.28 5.44
N LEU A 424 59.75 -37.58 4.86
CA LEU A 424 61.14 -37.77 5.26
C LEU A 424 61.31 -37.38 6.72
N ASP A 425 61.92 -38.26 7.50
CA ASP A 425 62.35 -37.93 8.85
C ASP A 425 63.81 -38.33 9.03
N THR A 426 64.36 -38.03 10.20
CA THR A 426 65.81 -38.10 10.46
C THR A 426 66.59 -37.33 9.38
N VAL A 427 66.37 -36.02 9.38
CA VAL A 427 66.95 -35.13 8.36
C VAL A 427 68.46 -35.31 8.34
N PRO A 428 69.09 -35.50 7.15
CA PRO A 428 70.55 -35.70 7.09
C PRO A 428 71.34 -34.59 7.78
N GLU A 429 70.75 -33.41 7.89
CA GLU A 429 71.24 -32.32 8.75
C GLU A 429 72.57 -31.76 8.27
N VAL A 430 73.09 -32.21 7.13
CA VAL A 430 74.28 -31.63 6.53
C VAL A 430 73.95 -30.94 5.20
N TYR A 431 73.00 -31.44 4.44
CA TYR A 431 72.50 -30.75 3.26
C TYR A 431 71.45 -29.71 3.60
N THR A 432 71.34 -29.33 4.88
CA THR A 432 70.38 -28.34 5.36
C THR A 432 70.84 -26.90 5.11
N PRO A 433 72.08 -26.52 5.41
CA PRO A 433 72.51 -25.14 5.12
C PRO A 433 72.46 -24.79 3.64
N VAL A 434 72.21 -25.75 2.76
CA VAL A 434 72.03 -25.45 1.34
C VAL A 434 70.59 -25.01 1.06
N LEU A 435 69.61 -25.70 1.65
CA LEU A 435 68.23 -25.22 1.57
C LEU A 435 68.08 -23.86 2.24
N GLU A 436 68.84 -23.62 3.31
CA GLU A 436 68.82 -22.29 3.93
C GLU A 436 69.21 -21.21 2.93
N HIS A 437 70.14 -21.52 2.02
CA HIS A 437 70.46 -20.57 0.96
C HIS A 437 69.39 -20.53 -0.13
N LEU A 438 68.84 -21.69 -0.51
CA LEU A 438 67.96 -21.74 -1.67
C LEU A 438 66.65 -20.99 -1.44
N VAL A 439 66.09 -21.13 -0.23
CA VAL A 439 64.80 -20.48 0.03
C VAL A 439 64.94 -18.97 -0.12
N VAL A 440 65.98 -18.38 0.48
CA VAL A 440 66.19 -16.95 0.34
C VAL A 440 66.64 -16.58 -1.06
N MET A 441 67.25 -17.51 -1.81
CA MET A 441 67.51 -17.25 -3.21
C MET A 441 66.22 -16.97 -3.96
N GLN A 442 65.21 -17.82 -3.74
CA GLN A 442 63.93 -17.58 -4.40
C GLN A 442 63.25 -16.34 -3.83
N ILE A 443 63.38 -16.11 -2.52
CA ILE A 443 62.83 -14.90 -1.92
C ILE A 443 63.38 -13.66 -2.61
N ASP A 444 64.71 -13.60 -2.78
CA ASP A 444 65.31 -12.45 -3.46
C ASP A 444 64.86 -12.38 -4.90
N SER A 445 64.83 -13.50 -5.61
CA SER A 445 64.26 -13.51 -6.95
C SER A 445 62.76 -13.81 -6.93
N PHE A 446 62.05 -13.15 -6.02
CA PHE A 446 60.59 -13.15 -6.01
C PHE A 446 60.01 -12.14 -7.00
N PRO A 447 60.42 -10.86 -6.97
CA PRO A 447 59.72 -9.86 -7.80
C PRO A 447 60.07 -9.92 -9.27
N GLN A 448 61.15 -10.61 -9.65
CA GLN A 448 61.43 -10.80 -11.07
C GLN A 448 60.59 -11.95 -11.59
N TYR A 449 59.27 -11.87 -11.38
CA TYR A 449 58.30 -12.89 -11.80
C TYR A 449 57.19 -12.22 -12.58
N SER A 450 56.28 -13.04 -13.07
CA SER A 450 55.02 -12.57 -13.60
C SER A 450 53.89 -12.86 -12.61
N PRO A 451 52.78 -12.14 -12.68
CA PRO A 451 51.61 -12.51 -11.88
C PRO A 451 51.14 -13.92 -12.18
N LYS A 452 50.27 -14.43 -11.30
CA LYS A 452 49.64 -15.76 -11.34
C LYS A 452 50.67 -16.89 -11.31
N MET A 453 51.95 -16.53 -11.25
CA MET A 453 53.03 -17.43 -10.89
C MET A 453 53.82 -16.94 -9.69
N GLN A 454 53.87 -15.63 -9.46
CA GLN A 454 54.37 -15.11 -8.20
C GLN A 454 53.68 -15.77 -7.02
N LEU A 455 52.39 -16.04 -7.16
CA LEU A 455 51.61 -16.63 -6.07
C LEU A 455 51.87 -18.14 -5.97
N VAL A 456 52.19 -18.79 -7.07
CA VAL A 456 52.65 -20.18 -6.97
C VAL A 456 54.00 -20.24 -6.28
N CYS A 457 54.85 -19.23 -6.50
CA CYS A 457 56.07 -19.10 -5.71
C CYS A 457 55.76 -18.95 -4.23
N CYS A 458 54.77 -18.12 -3.90
CA CYS A 458 54.29 -18.01 -2.53
C CYS A 458 53.91 -19.38 -1.98
N ARG A 459 53.12 -20.13 -2.75
CA ARG A 459 52.72 -21.48 -2.35
C ARG A 459 53.92 -22.35 -2.04
N ALA A 460 54.92 -22.34 -2.93
CA ALA A 460 56.07 -23.23 -2.74
C ALA A 460 56.89 -22.84 -1.51
N ILE A 461 57.11 -21.55 -1.31
CA ILE A 461 57.88 -21.11 -0.14
C ILE A 461 57.14 -21.48 1.15
N VAL A 462 55.83 -21.25 1.18
CA VAL A 462 55.03 -21.65 2.33
C VAL A 462 55.15 -23.15 2.57
N LYS A 463 55.12 -23.94 1.50
CA LYS A 463 55.17 -25.39 1.64
C LYS A 463 56.49 -25.84 2.25
N VAL A 464 57.60 -25.29 1.76
CA VAL A 464 58.91 -25.66 2.32
C VAL A 464 59.01 -25.25 3.78
N PHE A 465 58.52 -24.04 4.09
CA PHE A 465 58.57 -23.57 5.47
C PHE A 465 57.78 -24.49 6.39
N LEU A 466 56.55 -24.82 6.01
CA LEU A 466 55.75 -25.77 6.77
C LEU A 466 56.48 -27.10 6.91
N ALA A 467 57.16 -27.54 5.86
CA ALA A 467 57.91 -28.79 5.95
C ALA A 467 58.94 -28.72 7.07
N LEU A 468 59.81 -27.72 7.03
CA LEU A 468 60.92 -27.71 7.99
C LEU A 468 60.52 -27.05 9.31
N ALA A 469 59.33 -27.38 9.79
CA ALA A 469 58.87 -26.93 11.10
C ALA A 469 58.15 -28.03 11.88
N ALA A 470 57.56 -29.01 11.20
CA ALA A 470 56.95 -30.16 11.84
C ALA A 470 57.87 -31.37 11.77
N LYS A 471 59.17 -31.11 11.65
CA LYS A 471 60.19 -32.15 11.70
C LYS A 471 61.16 -31.96 12.85
N GLY A 472 61.13 -30.83 13.56
CA GLY A 472 61.93 -30.67 14.74
C GLY A 472 61.94 -29.26 15.31
N PRO A 473 62.08 -29.16 16.64
CA PRO A 473 62.42 -27.87 17.25
C PRO A 473 63.91 -27.56 17.20
N VAL A 474 64.73 -28.58 16.95
CA VAL A 474 66.14 -28.42 16.60
C VAL A 474 66.19 -27.98 15.14
N LEU A 475 65.02 -27.74 14.57
CA LEU A 475 64.88 -27.42 13.15
C LEU A 475 64.25 -26.06 12.89
N ARG A 476 63.40 -25.55 13.78
CA ARG A 476 62.77 -24.26 13.50
C ARG A 476 63.66 -23.09 13.87
N ASN A 477 64.77 -23.32 14.56
CA ASN A 477 65.76 -22.26 14.72
C ASN A 477 66.20 -21.75 13.35
N CYS A 478 66.29 -22.66 12.38
CA CYS A 478 66.61 -22.26 11.01
C CYS A 478 65.44 -21.54 10.37
N ILE A 479 64.20 -21.80 10.80
CA ILE A 479 63.10 -21.07 10.22
C ILE A 479 62.95 -19.69 10.84
N SER A 480 63.50 -19.48 12.04
CA SER A 480 63.58 -18.16 12.64
C SER A 480 64.84 -17.42 12.20
N THR A 481 65.78 -18.08 11.53
CA THR A 481 66.94 -17.40 10.98
C THR A 481 66.86 -17.18 9.47
N VAL A 482 66.04 -17.96 8.76
CA VAL A 482 65.84 -17.69 7.33
C VAL A 482 65.17 -16.35 7.13
N VAL A 483 64.20 -16.00 7.99
CA VAL A 483 63.57 -14.69 7.88
C VAL A 483 64.59 -13.59 8.13
N HIS A 484 65.51 -13.82 9.04
CA HIS A 484 66.58 -12.86 9.33
C HIS A 484 67.41 -12.61 8.08
N GLN A 485 67.88 -13.70 7.45
CA GLN A 485 68.70 -13.58 6.25
C GLN A 485 67.91 -12.96 5.10
N GLY A 486 66.63 -13.30 4.98
CA GLY A 486 65.81 -12.75 3.90
C GLY A 486 65.56 -11.27 4.04
N LEU A 487 65.26 -10.80 5.26
CA LEU A 487 65.11 -9.37 5.47
C LEU A 487 66.41 -8.62 5.22
N ILE A 488 67.53 -9.20 5.65
CA ILE A 488 68.81 -8.58 5.32
C ILE A 488 68.98 -8.48 3.80
N ARG A 489 68.57 -9.51 3.08
CA ARG A 489 68.59 -9.46 1.61
C ARG A 489 67.76 -8.29 1.09
N ILE A 490 66.48 -8.22 1.47
CA ILE A 490 65.61 -7.19 0.89
C ILE A 490 66.07 -5.80 1.30
N CYS A 491 66.58 -5.67 2.52
CA CYS A 491 67.05 -4.37 2.99
C CYS A 491 68.42 -4.05 2.40
N SER A 492 68.53 -4.15 1.09
CA SER A 492 69.74 -3.70 0.41
C SER A 492 69.45 -2.96 -0.89
N LYS A 493 68.22 -2.94 -1.38
CA LYS A 493 67.97 -2.21 -2.61
C LYS A 493 67.65 -0.76 -2.29
N PRO A 494 67.78 0.14 -3.26
CA PRO A 494 67.60 1.58 -2.99
C PRO A 494 66.19 1.90 -2.51
N VAL A 495 66.01 3.15 -2.11
CA VAL A 495 64.75 3.61 -1.54
C VAL A 495 64.09 4.59 -2.52
N VAL A 496 62.83 4.90 -2.26
CA VAL A 496 62.08 5.83 -3.10
C VAL A 496 61.61 7.02 -2.25
N VAL A 521 65.87 -3.66 -10.78
CA VAL A 521 65.69 -4.52 -9.62
C VAL A 521 64.68 -3.90 -8.67
N PRO A 522 63.55 -4.60 -8.48
CA PRO A 522 62.51 -4.09 -7.59
C PRO A 522 63.04 -3.95 -6.17
N THR A 523 62.70 -2.83 -5.53
CA THR A 523 63.34 -2.49 -4.25
C THR A 523 62.68 -3.17 -3.06
N TYR A 524 61.51 -2.67 -2.65
CA TYR A 524 60.80 -3.31 -1.53
C TYR A 524 59.30 -3.36 -1.69
N LYS A 525 58.70 -2.54 -2.56
CA LYS A 525 57.25 -2.53 -2.69
C LYS A 525 56.70 -3.81 -3.30
N ASP A 526 57.56 -4.75 -3.70
CA ASP A 526 57.13 -6.01 -4.31
C ASP A 526 57.07 -7.18 -3.33
N TYR A 527 57.69 -7.05 -2.15
CA TYR A 527 57.68 -8.12 -1.16
C TYR A 527 56.52 -8.04 -0.20
N VAL A 528 55.84 -6.89 -0.15
CA VAL A 528 54.70 -6.71 0.73
C VAL A 528 53.62 -7.73 0.41
N ASP A 529 53.42 -8.02 -0.89
CA ASP A 529 52.40 -8.99 -1.30
C ASP A 529 52.75 -10.39 -0.80
N LEU A 530 54.02 -10.77 -0.90
CA LEU A 530 54.44 -12.08 -0.43
C LEU A 530 54.27 -12.22 1.08
N PHE A 531 54.68 -11.19 1.84
CA PHE A 531 54.56 -11.30 3.29
C PHE A 531 53.11 -11.23 3.76
N ARG A 532 52.28 -10.45 3.08
CA ARG A 532 50.85 -10.46 3.37
C ARG A 532 50.23 -11.82 3.09
N HIS A 533 50.49 -12.39 1.90
CA HIS A 533 49.98 -13.72 1.63
C HIS A 533 50.60 -14.77 2.53
N LEU A 534 51.72 -14.44 3.16
CA LEU A 534 52.34 -15.34 4.13
C LEU A 534 51.52 -15.36 5.40
N LEU A 535 51.23 -14.18 5.96
CA LEU A 535 50.52 -14.10 7.23
C LEU A 535 49.01 -13.90 7.05
N SER A 536 48.46 -14.22 5.89
CA SER A 536 47.02 -14.19 5.66
C SER A 536 46.46 -15.37 4.88
N SER A 537 47.29 -16.16 4.19
CA SER A 537 46.83 -17.31 3.42
C SER A 537 47.53 -18.59 3.87
N ASP A 538 47.80 -18.68 5.17
CA ASP A 538 48.52 -19.84 5.71
C ASP A 538 47.68 -21.10 5.56
N GLN A 539 46.37 -20.99 5.78
CA GLN A 539 45.46 -22.13 5.73
C GLN A 539 44.93 -22.41 4.32
N MET A 540 45.12 -21.48 3.38
CA MET A 540 44.57 -21.61 2.03
C MET A 540 45.58 -22.13 1.01
N MET A 541 46.85 -22.30 1.37
CA MET A 541 47.84 -22.84 0.45
C MET A 541 48.13 -24.31 0.66
N ASP A 542 48.03 -24.81 1.89
CA ASP A 542 48.12 -26.23 2.15
C ASP A 542 46.80 -26.97 1.85
N SER A 543 45.83 -26.27 1.25
CA SER A 543 44.56 -26.89 0.86
C SER A 543 44.72 -27.76 -0.38
N ILE A 544 45.52 -27.31 -1.35
CA ILE A 544 45.73 -28.05 -2.60
C ILE A 544 46.79 -29.14 -2.51
N LEU A 545 47.51 -29.21 -1.38
CA LEU A 545 48.60 -30.18 -1.19
C LEU A 545 48.22 -31.20 -0.12
N ALA A 546 48.06 -32.46 -0.55
CA ALA A 546 47.55 -33.52 0.32
C ALA A 546 48.41 -33.69 1.57
N ASP A 547 47.78 -34.18 2.62
CA ASP A 547 48.42 -34.37 3.93
C ASP A 547 48.89 -35.81 4.11
N ASN A 561 51.07 -18.96 10.84
CA ASN A 561 51.18 -17.51 10.96
C ASN A 561 51.76 -17.02 12.28
N HIS A 562 51.46 -17.70 13.39
CA HIS A 562 51.99 -17.24 14.67
C HIS A 562 53.50 -17.35 14.73
N LEU A 563 54.04 -18.44 14.19
CA LEU A 563 55.49 -18.59 14.14
C LEU A 563 56.10 -17.64 13.12
N LEU A 564 55.43 -17.43 11.99
CA LEU A 564 55.88 -16.41 11.05
C LEU A 564 56.00 -15.06 11.74
N TYR A 565 54.98 -14.68 12.51
CA TYR A 565 54.97 -13.39 13.19
C TYR A 565 56.08 -13.31 14.24
N ASP A 566 56.21 -14.34 15.06
CA ASP A 566 57.26 -14.34 16.09
C ASP A 566 58.65 -14.27 15.46
N GLU A 567 58.88 -15.05 14.40
CA GLU A 567 60.18 -15.04 13.74
C GLU A 567 60.45 -13.70 13.09
N PHE A 568 59.43 -13.06 12.51
CA PHE A 568 59.64 -11.77 11.85
C PHE A 568 59.92 -10.66 12.85
N VAL A 569 59.24 -10.68 13.99
CA VAL A 569 59.52 -9.68 15.01
C VAL A 569 60.92 -9.88 15.55
N LYS A 570 61.30 -11.13 15.83
CA LYS A 570 62.68 -11.44 16.17
C LYS A 570 63.63 -10.90 15.11
N SER A 571 63.27 -11.06 13.84
CA SER A 571 64.10 -10.58 12.74
C SER A 571 64.31 -9.08 12.80
N VAL A 572 63.22 -8.31 12.92
CA VAL A 572 63.35 -6.86 12.85
C VAL A 572 64.08 -6.32 14.08
N LEU A 573 63.81 -6.89 15.26
CA LEU A 573 64.50 -6.44 16.45
C LEU A 573 65.96 -6.89 16.48
N LYS A 574 66.30 -7.96 15.76
CA LYS A 574 67.70 -8.32 15.64
C LYS A 574 68.39 -7.49 14.57
N ILE A 575 67.64 -7.03 13.58
CA ILE A 575 68.18 -6.11 12.58
C ILE A 575 68.62 -4.82 13.26
N VAL A 576 67.70 -4.18 13.97
CA VAL A 576 68.02 -2.91 14.61
C VAL A 576 69.20 -3.02 15.57
N GLU A 577 69.52 -4.22 16.03
CA GLU A 577 70.52 -4.39 17.09
C GLU A 577 71.91 -3.94 16.64
N LYS A 578 72.47 -4.62 15.65
CA LYS A 578 73.85 -4.35 15.20
C LYS A 578 73.76 -3.55 13.91
N LEU A 579 73.69 -2.23 14.05
CA LEU A 579 73.66 -1.35 12.88
C LEU A 579 74.56 -0.13 12.99
N ASP A 580 74.96 0.28 14.18
CA ASP A 580 75.78 1.47 14.36
C ASP A 580 75.15 2.66 13.66
N LEU A 581 73.91 2.93 14.04
CA LEU A 581 73.14 4.02 13.45
C LEU A 581 73.56 5.38 13.96
N THR A 582 74.67 5.45 14.69
CA THR A 582 75.19 6.73 15.11
C THR A 582 75.65 7.49 13.88
N LEU A 583 75.48 8.82 13.91
CA LEU A 583 75.86 9.68 12.82
C LEU A 583 76.97 10.62 13.28
N GLU A 584 78.05 10.69 12.50
CA GLU A 584 79.27 11.36 12.87
C GLU A 584 79.28 12.78 12.32
N ILE A 585 80.33 13.54 12.64
CA ILE A 585 80.39 14.95 12.29
C ILE A 585 80.88 15.10 10.86
N GLN A 586 80.37 16.12 10.17
CA GLN A 586 80.74 16.42 8.79
C GLN A 586 81.25 17.87 8.75
N THR A 587 82.57 18.02 8.69
CA THR A 587 83.20 19.33 8.65
C THR A 587 82.85 20.09 7.38
N MET A 602 80.87 28.31 10.62
CA MET A 602 79.71 28.76 11.38
C MET A 602 79.39 27.80 12.53
N ILE A 603 78.37 28.15 13.32
CA ILE A 603 77.98 27.39 14.50
C ILE A 603 76.50 27.08 14.43
N PRO A 604 76.10 25.81 14.39
CA PRO A 604 74.68 25.48 14.23
C PRO A 604 73.92 25.72 15.53
N THR A 605 72.60 25.73 15.41
CA THR A 605 71.74 26.07 16.53
C THR A 605 70.90 24.87 16.98
N SER A 606 70.09 24.30 16.09
CA SER A 606 69.36 23.08 16.40
C SER A 606 70.17 21.85 16.04
N ASP A 607 71.34 22.04 15.41
CA ASP A 607 72.30 21.06 14.91
C ASP A 607 71.72 19.86 14.17
N PRO A 608 70.86 20.06 13.14
CA PRO A 608 70.77 19.03 12.09
C PRO A 608 71.59 19.41 10.86
N ALA A 609 72.06 20.66 10.85
CA ALA A 609 72.59 21.30 9.64
C ALA A 609 73.85 20.65 9.10
N ALA A 610 74.95 20.76 9.84
CA ALA A 610 76.22 20.25 9.36
C ALA A 610 76.39 18.75 9.59
N ASN A 611 75.65 18.18 10.54
CA ASN A 611 75.82 16.77 10.92
C ASN A 611 74.77 15.90 10.23
N LEU A 612 74.81 15.87 8.90
CA LEU A 612 74.07 14.88 8.12
C LEU A 612 75.09 14.06 7.35
N HIS A 613 75.68 13.09 8.03
CA HIS A 613 76.67 12.18 7.47
C HIS A 613 76.78 10.98 8.40
N PRO A 614 75.86 10.03 8.32
CA PRO A 614 75.96 8.84 9.17
C PRO A 614 77.23 8.07 8.84
N ALA A 615 77.82 7.47 9.87
CA ALA A 615 79.06 6.74 9.67
C ALA A 615 78.86 5.51 8.80
N LYS A 616 77.62 5.01 8.69
CA LYS A 616 77.29 3.88 7.83
C LYS A 616 76.13 4.27 6.93
N PRO A 617 76.37 5.12 5.93
CA PRO A 617 75.26 5.55 5.06
C PRO A 617 74.56 4.37 4.41
N LYS A 618 75.34 3.35 4.08
CA LYS A 618 74.83 2.09 3.52
C LYS A 618 73.94 1.35 4.52
N ASP A 619 73.77 1.90 5.72
CA ASP A 619 72.88 1.33 6.72
C ASP A 619 71.60 2.13 6.90
N PHE A 620 71.69 3.46 6.83
CA PHE A 620 70.49 4.27 6.76
C PHE A 620 69.70 3.95 5.51
N SER A 621 70.39 3.75 4.38
CA SER A 621 69.71 3.43 3.13
C SER A 621 68.91 2.14 3.22
N ALA A 622 69.20 1.28 4.20
CA ALA A 622 68.42 0.08 4.46
C ALA A 622 67.40 0.27 5.57
N PHE A 623 67.73 1.10 6.57
CA PHE A 623 66.82 1.32 7.67
C PHE A 623 65.54 1.98 7.18
N ILE A 624 65.68 2.93 6.26
CA ILE A 624 64.50 3.60 5.70
C ILE A 624 63.66 2.64 4.87
N ASN A 625 64.28 1.61 4.30
CA ASN A 625 63.51 0.56 3.64
C ASN A 625 62.74 -0.27 4.66
N LEU A 626 63.42 -0.70 5.73
CA LEU A 626 62.78 -1.60 6.69
C LEU A 626 61.62 -0.92 7.41
N VAL A 627 61.76 0.37 7.73
CA VAL A 627 60.70 1.04 8.48
C VAL A 627 59.42 1.13 7.65
N GLU A 628 59.54 1.54 6.39
CA GLU A 628 58.34 1.63 5.56
C GLU A 628 57.83 0.24 5.19
N PHE A 629 58.73 -0.74 5.04
CA PHE A 629 58.25 -2.10 4.87
C PHE A 629 57.36 -2.46 6.05
N CYS A 630 57.87 -2.27 7.26
CA CYS A 630 57.12 -2.63 8.46
C CYS A 630 55.81 -1.86 8.55
N ARG A 631 55.81 -0.61 8.06
CA ARG A 631 54.58 0.18 8.05
C ARG A 631 53.53 -0.43 7.14
N GLU A 632 53.94 -0.93 5.95
CA GLU A 632 52.98 -1.62 5.08
C GLU A 632 52.75 -3.09 5.45
N ILE A 633 53.50 -3.65 6.40
CA ILE A 633 53.38 -5.06 6.80
C ILE A 633 52.54 -5.24 8.05
N LEU A 634 52.56 -4.28 8.98
CA LEU A 634 51.86 -4.43 10.25
C LEU A 634 50.73 -3.41 10.45
N PRO A 635 49.75 -3.34 9.51
CA PRO A 635 48.53 -2.56 9.82
C PRO A 635 47.39 -3.36 10.43
N GLU A 636 47.26 -4.65 10.08
CA GLU A 636 46.05 -5.39 10.42
C GLU A 636 46.27 -6.82 10.93
N LYS A 637 47.35 -7.50 10.54
CA LYS A 637 47.47 -8.92 10.87
C LYS A 637 47.91 -9.13 12.31
N GLN A 638 47.22 -8.47 13.24
CA GLN A 638 47.45 -8.66 14.67
C GLN A 638 46.10 -8.79 15.36
N ALA A 639 45.42 -9.92 15.16
CA ALA A 639 44.23 -10.22 15.95
C ALA A 639 44.61 -10.41 17.42
N GLU A 640 45.46 -11.40 17.67
CA GLU A 640 46.18 -11.54 18.92
C GLU A 640 47.67 -11.77 18.67
N PHE A 641 48.10 -11.75 17.40
CA PHE A 641 49.48 -12.06 17.06
C PHE A 641 50.45 -11.08 17.72
N PHE A 642 50.09 -9.80 17.77
CA PHE A 642 50.98 -8.77 18.30
C PHE A 642 50.72 -8.43 19.76
N GLU A 643 49.70 -9.03 20.37
CA GLU A 643 49.44 -8.80 21.80
C GLU A 643 50.67 -8.94 22.69
N PRO A 644 51.49 -9.98 22.57
CA PRO A 644 52.62 -10.11 23.51
C PRO A 644 53.83 -9.25 23.16
N TRP A 645 53.99 -8.82 21.91
CA TRP A 645 55.21 -8.12 21.49
C TRP A 645 55.26 -6.66 21.91
N VAL A 646 54.19 -6.11 22.46
CA VAL A 646 54.12 -4.66 22.70
C VAL A 646 55.21 -4.23 23.68
N TYR A 647 55.33 -4.93 24.80
CA TYR A 647 56.22 -4.45 25.86
C TYR A 647 57.66 -4.41 25.39
N SER A 648 58.22 -5.57 25.03
CA SER A 648 59.62 -5.60 24.59
C SER A 648 59.84 -4.79 23.32
N PHE A 649 58.85 -4.80 22.43
CA PHE A 649 58.93 -4.04 21.18
C PHE A 649 59.15 -2.56 21.45
N SER A 650 58.16 -1.92 22.09
CA SER A 650 58.27 -0.51 22.42
C SER A 650 59.42 -0.26 23.39
N TYR A 651 59.79 -1.26 24.19
CA TYR A 651 60.93 -1.15 25.08
C TYR A 651 62.18 -0.82 24.31
N GLU A 652 62.59 -1.72 23.41
CA GLU A 652 63.81 -1.46 22.64
C GLU A 652 63.65 -0.26 21.73
N LEU A 653 62.44 -0.02 21.22
CA LEU A 653 62.20 1.18 20.43
C LEU A 653 62.59 2.43 21.21
N ILE A 654 62.05 2.58 22.42
CA ILE A 654 62.38 3.72 23.27
C ILE A 654 63.87 3.72 23.61
N LEU A 655 64.42 2.55 23.93
CA LEU A 655 65.80 2.47 24.40
C LEU A 655 66.76 3.01 23.34
N GLN A 656 66.51 2.68 22.08
CA GLN A 656 67.37 3.17 21.01
C GLN A 656 67.03 4.61 20.61
N SER A 657 65.75 4.94 20.49
CA SER A 657 65.41 6.29 20.07
C SER A 657 65.74 7.35 21.11
N THR A 658 66.00 6.94 22.36
CA THR A 658 66.44 7.92 23.35
C THR A 658 67.83 8.45 23.01
N ARG A 659 68.72 7.57 22.55
CA ARG A 659 70.06 7.98 22.15
C ARG A 659 70.15 8.32 20.67
N LEU A 660 69.17 7.93 19.87
CA LEU A 660 69.03 8.35 18.48
C LEU A 660 67.74 9.16 18.35
N PRO A 661 67.68 10.32 19.01
CA PRO A 661 66.41 11.05 19.12
C PRO A 661 65.92 11.58 17.79
N LEU A 662 66.80 12.30 17.10
CA LEU A 662 66.42 13.06 15.91
C LEU A 662 66.38 12.16 14.70
N ILE A 663 65.64 11.05 14.77
CA ILE A 663 65.55 10.07 13.69
C ILE A 663 64.07 9.86 13.41
N SER A 664 63.58 10.43 12.32
CA SER A 664 62.22 10.13 11.89
C SER A 664 62.12 8.67 11.47
N GLY A 665 61.06 8.02 11.89
CA GLY A 665 60.86 6.59 11.63
C GLY A 665 60.79 5.77 12.90
N PHE A 666 61.68 6.02 13.86
CA PHE A 666 61.50 5.46 15.18
C PHE A 666 60.12 5.80 15.73
N TYR A 667 59.76 7.08 15.61
CA TYR A 667 58.46 7.54 16.06
C TYR A 667 57.35 6.98 15.19
N LYS A 668 57.62 6.77 13.89
CA LYS A 668 56.64 6.13 13.02
C LYS A 668 56.40 4.67 13.44
N LEU A 669 57.48 3.95 13.79
CA LEU A 669 57.30 2.58 14.26
C LEU A 669 56.53 2.55 15.58
N LEU A 670 56.87 3.45 16.50
CA LEU A 670 56.11 3.52 17.73
C LEU A 670 54.66 3.92 17.48
N SER A 671 54.41 4.76 16.48
CA SER A 671 53.04 5.12 16.14
C SER A 671 52.27 3.91 15.64
N ILE A 672 52.91 3.07 14.82
CA ILE A 672 52.23 1.88 14.33
C ILE A 672 51.97 0.90 15.46
N THR A 673 52.96 0.69 16.34
CA THR A 673 52.77 -0.25 17.43
C THR A 673 51.71 0.24 18.42
N VAL A 674 51.65 1.56 18.66
CA VAL A 674 50.62 2.08 19.55
C VAL A 674 49.27 2.12 18.84
N ARG A 675 49.23 2.19 17.51
CA ARG A 675 47.98 2.04 16.80
C ARG A 675 47.43 0.63 16.96
N ASN A 676 48.30 -0.38 16.90
CA ASN A 676 47.87 -1.74 17.19
C ASN A 676 47.48 -1.92 18.65
N ALA A 677 48.21 -1.25 19.56
CA ALA A 677 47.88 -1.30 20.98
C ALA A 677 46.60 -0.54 21.32
N LYS A 678 46.13 0.32 20.42
CA LYS A 678 44.78 0.87 20.52
C LYS A 678 43.76 -0.08 19.89
N LYS A 679 44.14 -0.76 18.81
CA LYS A 679 43.26 -1.75 18.18
C LYS A 679 42.86 -2.82 19.19
N ILE A 680 43.83 -3.53 19.75
CA ILE A 680 43.55 -4.33 20.93
C ILE A 680 43.48 -3.38 22.12
N LYS A 681 42.68 -3.73 23.14
CA LYS A 681 42.44 -2.77 24.21
C LYS A 681 43.72 -2.40 24.95
N TYR A 682 44.25 -3.35 25.72
CA TYR A 682 45.58 -3.25 26.35
C TYR A 682 45.80 -1.96 27.15
N PHE A 683 44.76 -1.18 27.40
CA PHE A 683 44.97 0.09 28.13
C PHE A 683 43.75 0.36 29.01
N GLU A 684 43.85 -0.07 30.27
CA GLU A 684 42.83 0.25 31.26
C GLU A 684 43.39 0.47 32.65
N GLY A 685 44.71 0.44 32.84
CA GLY A 685 45.30 0.66 34.15
C GLY A 685 45.37 2.14 34.51
N TYR A 701 53.41 -5.58 31.42
CA TYR A 701 52.45 -4.47 31.46
C TYR A 701 53.01 -3.23 32.15
N SER A 702 54.28 -3.29 32.61
CA SER A 702 54.94 -2.13 33.20
C SER A 702 55.24 -1.05 32.15
N CYS A 703 54.79 -1.34 30.92
CA CYS A 703 55.02 -0.49 29.77
C CYS A 703 54.49 0.92 29.98
N PHE A 704 53.46 1.07 30.81
CA PHE A 704 52.87 2.38 31.02
C PHE A 704 53.90 3.38 31.55
N ALA A 705 54.76 2.93 32.47
CA ALA A 705 55.80 3.81 32.99
C ALA A 705 56.67 4.35 31.86
N LEU A 706 57.15 3.45 31.01
CA LEU A 706 58.02 3.85 29.91
C LEU A 706 57.27 4.70 28.89
N PHE A 707 56.00 4.39 28.65
CA PHE A 707 55.21 5.16 27.69
C PHE A 707 55.03 6.61 28.13
N VAL A 708 54.72 6.83 29.40
CA VAL A 708 54.54 8.20 29.88
C VAL A 708 55.89 8.91 29.99
N LYS A 709 56.91 8.21 30.50
CA LYS A 709 58.23 8.82 30.61
C LYS A 709 58.82 9.15 29.25
N PHE A 710 58.38 8.47 28.20
CA PHE A 710 58.78 8.81 26.85
C PHE A 710 57.88 9.86 26.22
N GLY A 711 56.58 9.86 26.54
CA GLY A 711 55.71 10.90 26.03
C GLY A 711 56.15 12.27 26.49
N LYS A 712 56.40 12.41 27.79
CA LYS A 712 56.93 13.66 28.33
C LYS A 712 58.21 14.06 27.61
N GLU A 713 59.12 13.09 27.46
CA GLU A 713 60.44 13.38 26.90
C GLU A 713 60.33 13.87 25.46
N VAL A 714 59.58 13.13 24.63
CA VAL A 714 59.46 13.52 23.23
C VAL A 714 58.70 14.84 23.11
N ALA A 715 57.72 15.07 23.97
CA ALA A 715 56.97 16.32 23.89
C ALA A 715 57.85 17.51 24.20
N VAL A 716 58.78 17.35 25.14
CA VAL A 716 59.66 18.48 25.44
C VAL A 716 60.78 18.59 24.40
N LYS A 717 61.18 17.47 23.78
CA LYS A 717 62.28 17.52 22.84
C LYS A 717 61.85 17.99 21.46
N MET A 718 60.63 17.69 21.04
CA MET A 718 60.20 17.97 19.67
C MET A 718 59.99 19.45 19.40
N LYS A 719 60.20 20.31 20.40
CA LYS A 719 60.08 21.75 20.17
C LYS A 719 61.04 22.19 19.07
N GLN A 720 62.27 21.72 19.13
CA GLN A 720 63.36 22.19 18.25
C GLN A 720 63.56 21.26 17.07
N TYR A 721 62.50 20.87 16.36
CA TYR A 721 62.60 19.95 15.24
C TYR A 721 62.13 20.62 13.95
N LYS A 722 62.12 19.85 12.87
CA LYS A 722 61.76 20.32 11.54
C LYS A 722 60.61 19.48 11.00
N ASP A 723 60.15 19.83 9.80
CA ASP A 723 58.86 19.39 9.28
C ASP A 723 58.61 17.89 9.48
N GLU A 724 59.43 17.03 8.85
CA GLU A 724 59.16 15.59 8.85
C GLU A 724 59.32 14.96 10.23
N LEU A 725 60.43 15.26 10.91
CA LEU A 725 60.68 14.67 12.21
C LEU A 725 59.65 15.15 13.21
N LEU A 726 59.36 16.45 13.18
CA LEU A 726 58.33 17.02 14.03
C LEU A 726 56.98 16.37 13.75
N ALA A 727 56.70 16.06 12.49
CA ALA A 727 55.44 15.41 12.13
C ALA A 727 55.35 14.01 12.72
N SER A 728 56.40 13.21 12.56
CA SER A 728 56.37 11.85 13.10
C SER A 728 56.28 11.87 14.62
N CYS A 729 57.01 12.79 15.27
CA CYS A 729 56.92 12.91 16.72
C CYS A 729 55.54 13.35 17.16
N LEU A 730 54.92 14.27 16.43
CA LEU A 730 53.56 14.68 16.75
C LEU A 730 52.58 13.53 16.61
N THR A 731 52.71 12.74 15.55
CA THR A 731 51.79 11.61 15.36
C THR A 731 51.97 10.56 16.45
N PHE A 732 53.21 10.33 16.89
CA PHE A 732 53.44 9.43 18.01
C PHE A 732 52.79 9.96 19.28
N LEU A 733 53.00 11.26 19.58
CA LEU A 733 52.40 11.87 20.75
C LEU A 733 50.88 11.78 20.72
N LEU A 734 50.28 12.13 19.58
CA LEU A 734 48.83 12.24 19.41
C LEU A 734 48.13 10.91 19.12
N SER A 735 48.87 9.81 18.98
CA SER A 735 48.24 8.51 18.86
C SER A 735 48.24 7.73 20.16
N LEU A 736 48.86 8.27 21.21
CA LEU A 736 48.72 7.78 22.57
C LEU A 736 47.25 7.54 22.90
N PRO A 737 46.93 6.54 23.75
CA PRO A 737 45.52 6.33 24.11
C PRO A 737 44.93 7.56 24.76
N HIS A 738 45.56 8.00 25.84
CA HIS A 738 45.32 9.29 26.49
C HIS A 738 43.95 9.35 27.16
N ASN A 739 43.13 8.32 26.96
CA ASN A 739 42.02 8.05 27.85
C ASN A 739 42.44 7.18 29.02
N ILE A 740 43.67 6.65 28.97
CA ILE A 740 44.37 6.18 30.14
C ILE A 740 45.55 7.08 30.48
N ILE A 741 46.18 7.71 29.49
CA ILE A 741 47.19 8.74 29.75
C ILE A 741 46.46 10.07 29.79
N GLU A 742 45.79 10.33 30.91
CA GLU A 742 45.16 11.62 31.12
C GLU A 742 46.03 12.56 31.95
N LEU A 743 47.04 12.01 32.63
CA LEU A 743 47.89 12.79 33.52
C LEU A 743 48.55 13.94 32.78
N ASP A 744 48.48 15.14 33.37
CA ASP A 744 49.14 16.32 32.85
C ASP A 744 48.78 16.57 31.39
N VAL A 745 47.48 16.65 31.12
CA VAL A 745 47.00 16.99 29.79
C VAL A 745 47.49 18.36 29.35
N ARG A 746 48.02 19.15 30.27
CA ARG A 746 48.61 20.44 29.96
C ARG A 746 49.96 20.29 29.27
N ALA A 747 50.51 19.09 29.21
CA ALA A 747 51.83 18.89 28.62
C ALA A 747 51.78 18.45 27.16
N TYR A 748 50.71 17.78 26.73
CA TYR A 748 50.59 17.34 25.35
C TYR A 748 49.89 18.36 24.46
N VAL A 749 49.19 19.33 25.04
CA VAL A 749 48.43 20.32 24.28
C VAL A 749 49.27 21.22 23.39
N PRO A 750 50.55 21.51 23.70
CA PRO A 750 51.35 22.26 22.70
C PRO A 750 51.46 21.52 21.38
N ALA A 751 51.52 20.19 21.44
CA ALA A 751 51.74 19.42 20.22
C ALA A 751 50.56 19.52 19.28
N LEU A 752 49.35 19.68 19.82
CA LEU A 752 48.20 19.72 18.92
C LEU A 752 48.06 21.08 18.27
N GLN A 753 48.39 22.17 18.97
CA GLN A 753 48.39 23.45 18.29
C GLN A 753 49.50 23.54 17.27
N MET A 754 50.65 22.90 17.55
CA MET A 754 51.69 22.79 16.53
C MET A 754 51.19 22.01 15.32
N ALA A 755 50.44 20.94 15.57
CA ALA A 755 49.93 20.10 14.49
C ALA A 755 48.94 20.88 13.62
N PHE A 756 47.95 21.52 14.25
CA PHE A 756 46.94 22.23 13.48
C PHE A 756 47.54 23.41 12.73
N LYS A 757 48.53 24.09 13.32
CA LYS A 757 49.20 25.16 12.59
C LYS A 757 49.93 24.61 11.36
N LEU A 758 50.58 23.45 11.50
CA LEU A 758 51.19 22.80 10.33
C LEU A 758 50.18 22.13 9.40
N GLY A 759 48.89 22.10 9.74
CA GLY A 759 47.90 21.40 8.95
C GLY A 759 47.61 21.98 7.57
N LEU A 760 47.93 23.26 7.33
CA LEU A 760 47.61 23.88 6.05
C LEU A 760 48.82 23.90 5.11
N SER A 761 49.75 22.95 5.27
CA SER A 761 50.76 22.68 4.26
C SER A 761 50.84 21.21 3.90
N TYR A 762 50.22 20.34 4.69
CA TYR A 762 50.21 18.91 4.52
C TYR A 762 48.83 18.48 4.97
N THR A 763 48.13 17.72 4.16
CA THR A 763 46.75 17.44 4.55
C THR A 763 46.66 16.32 5.59
N PRO A 764 47.27 15.15 5.36
CA PRO A 764 47.03 14.02 6.27
C PRO A 764 47.59 14.17 7.68
N LEU A 765 48.25 15.29 8.04
CA LEU A 765 48.56 15.49 9.46
C LEU A 765 47.53 16.39 10.12
N ALA A 766 46.95 17.34 9.38
CA ALA A 766 45.72 17.95 9.84
C ALA A 766 44.65 16.88 10.04
N GLU A 767 44.67 15.83 9.22
CA GLU A 767 43.72 14.73 9.40
C GLU A 767 43.94 14.03 10.74
N VAL A 768 45.19 13.73 11.09
CA VAL A 768 45.43 13.04 12.36
C VAL A 768 45.21 13.99 13.52
N GLY A 769 45.42 15.29 13.31
CA GLY A 769 45.02 16.26 14.31
C GLY A 769 43.52 16.20 14.56
N LEU A 770 42.74 16.16 13.47
CA LEU A 770 41.29 16.02 13.57
C LEU A 770 40.92 14.77 14.36
N ASN A 771 41.52 13.64 14.00
CA ASN A 771 41.16 12.36 14.64
C ASN A 771 41.56 12.34 16.11
N ALA A 772 42.75 12.87 16.42
CA ALA A 772 43.20 12.90 17.81
C ALA A 772 42.35 13.84 18.65
N LEU A 773 41.97 15.00 18.09
CA LEU A 773 41.14 15.93 18.82
C LEU A 773 39.74 15.36 19.06
N GLU A 774 39.17 14.68 18.06
CA GLU A 774 37.85 14.08 18.25
C GLU A 774 37.91 12.97 19.30
N GLU A 775 38.93 12.11 19.23
CA GLU A 775 39.12 11.07 20.25
C GLU A 775 39.29 11.70 21.63
N TRP A 776 40.04 12.80 21.71
CA TRP A 776 40.22 13.49 22.97
C TRP A 776 38.90 13.99 23.51
N SER A 777 38.24 14.86 22.76
CA SER A 777 36.99 15.48 23.20
C SER A 777 35.90 14.45 23.48
N ILE A 778 36.04 13.22 22.98
CA ILE A 778 34.96 12.25 23.15
C ILE A 778 35.27 11.26 24.28
N TYR A 779 36.56 11.02 24.58
CA TYR A 779 36.91 10.05 25.60
C TYR A 779 37.45 10.66 26.90
N ILE A 780 37.89 11.92 26.89
CA ILE A 780 38.40 12.57 28.09
C ILE A 780 37.25 13.26 28.84
N ASP A 781 37.51 13.59 30.11
CA ASP A 781 36.56 14.36 30.88
C ASP A 781 36.48 15.79 30.34
N ARG A 782 35.25 16.26 30.14
CA ARG A 782 34.98 17.60 29.64
C ARG A 782 35.09 18.69 30.73
N HIS A 783 35.66 18.37 31.90
CA HIS A 783 35.88 19.36 32.96
C HIS A 783 37.29 19.95 32.91
N VAL A 784 38.31 19.10 32.97
CA VAL A 784 39.69 19.58 32.87
C VAL A 784 40.01 19.98 31.43
N MET A 785 39.31 19.40 30.45
CA MET A 785 39.54 19.73 29.05
C MET A 785 39.00 21.10 28.67
N GLN A 786 37.87 21.49 29.27
CA GLN A 786 37.20 22.71 28.83
C GLN A 786 38.07 23.96 28.89
N PRO A 787 38.98 24.14 29.86
CA PRO A 787 39.90 25.29 29.77
C PRO A 787 40.73 25.30 28.49
N TYR A 788 41.34 24.16 28.13
CA TYR A 788 42.23 24.12 26.97
C TYR A 788 41.40 24.11 25.70
N TYR A 789 40.72 25.21 25.46
CA TYR A 789 40.01 25.32 24.19
C TYR A 789 40.36 26.61 23.47
N LYS A 790 40.51 27.71 24.20
CA LYS A 790 40.96 28.96 23.60
C LYS A 790 42.43 28.89 23.19
N ASP A 791 43.05 27.72 23.34
CA ASP A 791 44.36 27.39 22.77
C ASP A 791 44.27 26.36 21.66
N ILE A 792 43.26 25.51 21.68
CA ILE A 792 43.09 24.49 20.65
C ILE A 792 42.41 25.07 19.42
N LEU A 793 41.17 25.53 19.61
CA LEU A 793 40.36 25.96 18.47
C LEU A 793 40.92 27.13 17.65
N PRO A 794 41.57 28.15 18.25
CA PRO A 794 41.95 29.31 17.43
C PRO A 794 42.81 29.00 16.23
N CYS A 795 43.83 28.16 16.37
CA CYS A 795 44.64 27.80 15.22
C CYS A 795 43.88 26.94 14.22
N LEU A 796 42.64 26.58 14.53
CA LEU A 796 41.76 25.89 13.58
C LEU A 796 40.89 26.89 12.82
N ASP A 797 41.53 27.89 12.23
CA ASP A 797 40.78 28.91 11.50
C ASP A 797 41.27 29.10 10.08
N GLY A 798 42.59 29.03 9.85
CA GLY A 798 43.12 29.07 8.50
C GLY A 798 42.68 27.92 7.63
N TYR A 799 42.32 26.79 8.24
CA TYR A 799 41.68 25.72 7.47
C TYR A 799 40.43 26.24 6.78
N LEU A 800 39.78 27.25 7.36
CA LEU A 800 38.58 27.84 6.77
C LEU A 800 38.93 29.12 6.01
N LYS A 801 39.73 28.95 4.96
CA LYS A 801 40.13 30.06 4.08
C LYS A 801 40.44 29.58 2.67
N ILE A 846 44.35 12.17 1.05
CA ILE A 846 43.11 12.84 1.45
C ILE A 846 43.26 14.34 1.22
N SER A 847 42.28 14.97 0.57
CA SER A 847 42.37 16.37 0.15
C SER A 847 41.87 17.31 1.25
N LEU A 848 41.85 18.61 0.93
CA LEU A 848 41.58 19.64 1.93
C LEU A 848 40.10 19.96 2.10
N GLU A 849 39.27 19.76 1.08
CA GLU A 849 37.84 20.05 1.23
C GLU A 849 37.19 19.14 2.27
N GLU A 850 37.51 17.84 2.26
CA GLU A 850 36.99 16.95 3.29
C GLU A 850 37.51 17.31 4.67
N ILE A 851 38.75 17.78 4.76
CA ILE A 851 39.29 18.21 6.04
C ILE A 851 38.53 19.42 6.56
N ARG A 852 38.30 20.40 5.69
CA ARG A 852 37.54 21.58 6.07
C ARG A 852 36.13 21.22 6.50
N ILE A 853 35.46 20.33 5.76
CA ILE A 853 34.09 19.97 6.07
C ILE A 853 34.02 19.19 7.38
N ARG A 854 34.99 18.31 7.62
CA ARG A 854 34.99 17.57 8.88
C ARG A 854 35.35 18.47 10.05
N VAL A 855 36.19 19.48 9.81
CA VAL A 855 36.43 20.52 10.82
C VAL A 855 35.11 21.18 11.20
N VAL A 856 34.34 21.59 10.19
CA VAL A 856 33.04 22.22 10.44
C VAL A 856 32.13 21.28 11.23
N GLN A 857 32.10 20.00 10.83
CA GLN A 857 31.21 19.03 11.47
C GLN A 857 31.56 18.82 12.93
N MET A 858 32.85 18.64 13.21
CA MET A 858 33.30 18.46 14.59
C MET A 858 33.08 19.73 15.41
N LEU A 859 33.32 20.90 14.80
CA LEU A 859 33.08 22.16 15.49
C LEU A 859 31.61 22.32 15.86
N GLY A 860 30.72 21.84 14.99
CA GLY A 860 29.30 21.95 15.28
C GLY A 860 28.86 21.00 16.37
N SER A 861 29.15 19.71 16.21
CA SER A 861 28.82 18.76 17.27
C SER A 861 29.51 19.10 18.59
N LEU A 862 30.58 19.89 18.56
CA LEU A 862 31.21 20.37 19.78
C LEU A 862 30.29 21.20 20.65
N GLY A 863 29.16 21.66 20.11
CA GLY A 863 28.20 22.42 20.89
C GLY A 863 28.43 23.92 20.81
N GLY A 864 27.92 24.60 21.83
CA GLY A 864 27.97 26.05 21.88
C GLY A 864 28.63 26.57 23.13
N GLN A 865 28.60 25.79 24.21
CA GLN A 865 29.34 26.13 25.42
C GLN A 865 30.84 26.17 25.19
N ILE A 866 31.30 25.54 24.11
CA ILE A 866 32.72 25.44 23.82
C ILE A 866 33.03 26.16 22.52
N ASN A 867 32.04 26.19 21.63
CA ASN A 867 32.22 26.74 20.29
C ASN A 867 32.92 28.10 20.30
N LYS A 868 32.39 29.05 21.07
CA LYS A 868 32.89 30.42 21.07
C LYS A 868 34.36 30.51 21.46
N ASN A 869 34.94 29.45 21.99
CA ASN A 869 36.36 29.50 22.27
C ASN A 869 37.19 29.50 20.99
N LEU A 870 36.62 29.57 19.79
CA LEU A 870 37.45 29.52 18.59
C LEU A 870 38.19 30.83 18.34
N LEU A 871 37.47 31.90 18.03
CA LEU A 871 38.16 33.11 17.60
C LEU A 871 38.52 34.04 18.74
N THR A 872 37.82 33.95 19.86
CA THR A 872 38.16 34.78 21.01
C THR A 872 39.28 34.11 21.83
N VAL A 873 40.38 33.76 21.15
CA VAL A 873 41.62 33.48 21.85
C VAL A 873 42.03 34.79 22.50
N THR A 874 42.34 35.78 21.66
CA THR A 874 42.23 37.20 21.97
C THR A 874 41.67 38.01 20.82
N SER A 875 41.65 37.48 19.60
CA SER A 875 41.30 38.15 18.35
C SER A 875 42.28 39.25 17.98
N SER A 876 43.29 39.52 18.82
CA SER A 876 44.30 40.54 18.56
C SER A 876 45.68 40.09 19.02
N ASP A 877 45.93 38.78 19.02
CA ASP A 877 47.21 38.25 19.48
C ASP A 877 48.35 38.72 18.57
N GLU A 878 48.28 38.38 17.29
CA GLU A 878 49.26 38.81 16.30
C GLU A 878 48.56 39.49 15.14
N MET A 879 47.30 39.08 14.89
CA MET A 879 46.58 39.52 13.70
C MET A 879 46.47 41.05 13.65
N MET A 880 46.11 41.69 14.77
CA MET A 880 45.95 43.13 14.76
C MET A 880 47.24 43.89 14.48
N LYS A 881 48.40 43.24 14.61
CA LYS A 881 49.65 43.89 14.25
C LYS A 881 49.83 44.05 12.75
N SER A 882 48.97 43.45 11.92
CA SER A 882 49.13 43.59 10.48
C SER A 882 48.29 44.72 9.89
N TYR A 883 47.22 45.13 10.56
CA TYR A 883 46.35 46.19 10.07
C TYR A 883 46.78 47.58 10.52
N VAL A 884 47.95 47.71 11.14
CA VAL A 884 48.48 49.01 11.53
C VAL A 884 49.61 49.38 10.57
N ALA A 885 49.84 50.68 10.42
CA ALA A 885 50.91 51.18 9.58
C ALA A 885 52.26 51.01 10.27
N TRP A 886 53.33 51.14 9.49
CA TRP A 886 54.68 51.04 10.01
C TRP A 886 55.25 52.41 10.39
N ASP A 887 55.11 53.40 9.51
CA ASP A 887 55.53 54.78 9.79
C ASP A 887 54.34 55.73 9.58
N ARG A 888 54.17 56.65 10.53
CA ARG A 888 53.13 57.65 10.42
C ARG A 888 53.30 58.51 9.17
N GLU A 889 54.43 59.23 9.08
CA GLU A 889 54.72 60.05 7.91
C GLU A 889 54.99 59.17 6.69
N LYS A 890 54.16 59.31 5.65
CA LYS A 890 54.25 58.51 4.43
C LYS A 890 55.37 59.08 3.55
N ARG A 891 56.58 58.58 3.75
CA ARG A 891 57.76 59.13 3.12
C ARG A 891 58.05 58.40 1.80
N LEU A 892 59.27 58.55 1.28
CA LEU A 892 59.69 57.93 0.03
C LEU A 892 58.90 58.45 -1.16
N SER A 893 59.03 59.74 -1.43
CA SER A 893 58.38 60.37 -2.58
C SER A 893 58.88 59.79 -3.89
N PHE A 894 58.03 59.08 -4.61
CA PHE A 894 58.36 58.54 -5.92
C PHE A 894 57.44 59.15 -6.96
N ALA A 895 58.01 59.71 -8.01
CA ALA A 895 57.26 60.34 -9.09
C ALA A 895 57.57 59.56 -10.36
N VAL A 896 56.51 58.92 -10.94
CA VAL A 896 56.65 58.13 -12.16
C VAL A 896 56.85 59.06 -13.35
N PRO A 897 57.90 58.87 -14.16
CA PRO A 897 58.12 59.76 -15.31
C PRO A 897 57.25 59.36 -16.48
N PHE A 898 56.36 60.26 -16.87
CA PHE A 898 55.48 60.12 -18.02
C PHE A 898 55.86 61.15 -19.07
N ARG A 899 55.05 61.25 -20.12
CA ARG A 899 55.39 62.10 -21.25
C ARG A 899 55.36 63.59 -20.88
N GLU A 900 54.30 64.04 -20.21
CA GLU A 900 54.17 65.48 -19.94
C GLU A 900 53.76 65.83 -18.53
N MET A 901 53.24 64.89 -17.73
CA MET A 901 52.59 65.23 -16.47
C MET A 901 53.36 64.78 -15.24
N LYS A 902 53.79 63.52 -15.18
CA LYS A 902 54.62 63.01 -14.10
C LYS A 902 53.96 63.15 -12.73
N PRO A 903 52.94 62.36 -12.43
CA PRO A 903 52.28 62.48 -11.12
C PRO A 903 53.15 61.92 -10.01
N VAL A 904 52.69 62.13 -8.78
CA VAL A 904 53.46 61.80 -7.59
C VAL A 904 52.81 60.61 -6.88
N ILE A 905 53.63 59.68 -6.42
CA ILE A 905 53.17 58.45 -5.81
C ILE A 905 53.87 58.27 -4.47
N PHE A 906 53.09 58.11 -3.41
CA PHE A 906 53.65 57.82 -2.09
C PHE A 906 54.04 56.35 -2.04
N LEU A 907 55.34 56.08 -1.99
CA LEU A 907 55.85 54.71 -2.14
C LEU A 907 56.01 54.01 -0.79
N ASP A 908 54.98 54.07 0.05
CA ASP A 908 55.02 53.48 1.39
C ASP A 908 53.80 52.65 1.75
N VAL A 909 52.74 52.70 0.94
CA VAL A 909 51.47 52.11 1.35
C VAL A 909 51.47 50.61 1.12
N PHE A 910 52.12 50.16 0.05
CA PHE A 910 52.08 48.78 -0.43
C PHE A 910 53.25 47.93 0.06
N LEU A 911 53.86 48.28 1.19
CA LEU A 911 55.00 47.56 1.74
C LEU A 911 54.61 46.28 2.50
N PRO A 912 53.69 46.35 3.47
CA PRO A 912 53.45 45.19 4.34
C PRO A 912 52.75 44.03 3.64
N ARG A 913 52.40 44.19 2.36
CA ARG A 913 51.90 43.06 1.59
C ARG A 913 52.97 42.48 0.69
N VAL A 914 53.85 43.30 0.13
CA VAL A 914 55.01 42.76 -0.58
C VAL A 914 55.83 41.88 0.35
N THR A 915 56.07 42.34 1.58
CA THR A 915 56.79 41.50 2.53
C THR A 915 56.02 40.22 2.81
N GLU A 916 54.78 40.38 3.31
CA GLU A 916 53.93 39.27 3.72
C GLU A 916 53.73 38.25 2.59
N LEU A 917 53.87 38.68 1.33
CA LEU A 917 53.80 37.80 0.17
C LEU A 917 55.14 37.14 -0.13
N ALA A 918 56.22 37.93 -0.10
CA ALA A 918 57.55 37.40 -0.32
C ALA A 918 57.96 36.36 0.72
N LEU A 919 57.27 36.28 1.85
CA LEU A 919 57.57 35.21 2.80
C LEU A 919 56.78 33.93 2.50
N THR A 920 55.46 33.99 2.59
CA THR A 920 54.57 32.83 2.42
C THR A 920 53.76 33.05 1.14
N ALA A 921 54.14 32.33 0.08
CA ALA A 921 53.53 32.52 -1.23
C ALA A 921 52.69 31.36 -1.73
N SER A 922 53.13 30.11 -1.51
CA SER A 922 52.51 28.92 -2.09
C SER A 922 52.48 28.97 -3.62
N ASP A 923 53.36 29.81 -4.20
CA ASP A 923 53.56 29.88 -5.64
C ASP A 923 54.87 30.62 -5.86
N ARG A 924 55.81 30.02 -6.58
CA ARG A 924 57.11 30.67 -6.74
C ARG A 924 57.05 31.85 -7.68
N GLN A 925 56.25 31.78 -8.74
CA GLN A 925 56.20 32.89 -9.69
C GLN A 925 55.81 34.21 -9.05
N THR A 926 55.12 34.18 -7.92
CA THR A 926 54.77 35.42 -7.23
C THR A 926 55.74 35.72 -6.09
N LYS A 927 56.31 34.69 -5.45
CA LYS A 927 57.33 34.92 -4.44
C LYS A 927 58.54 35.64 -5.04
N VAL A 928 58.99 35.19 -6.22
CA VAL A 928 60.15 35.82 -6.85
C VAL A 928 59.85 37.26 -7.22
N ALA A 929 58.63 37.52 -7.70
CA ALA A 929 58.27 38.88 -8.06
C ALA A 929 58.25 39.79 -6.84
N ALA A 930 57.58 39.34 -5.77
CA ALA A 930 57.56 40.10 -4.53
C ALA A 930 58.97 40.36 -4.01
N CYS A 931 59.85 39.35 -4.12
CA CYS A 931 61.19 39.51 -3.57
C CYS A 931 62.03 40.50 -4.37
N GLU A 932 62.03 40.37 -5.69
CA GLU A 932 62.79 41.33 -6.50
C GLU A 932 62.22 42.74 -6.34
N LEU A 933 60.89 42.86 -6.29
CA LEU A 933 60.26 44.15 -6.05
C LEU A 933 60.71 44.74 -4.72
N LEU A 934 60.76 43.93 -3.67
CA LEU A 934 61.18 44.42 -2.36
C LEU A 934 62.65 44.80 -2.36
N HIS A 935 63.48 44.08 -3.12
CA HIS A 935 64.88 44.44 -3.29
C HIS A 935 65.02 45.86 -3.84
N SER A 936 64.34 46.12 -4.96
CA SER A 936 64.44 47.46 -5.52
C SER A 936 63.80 48.52 -4.61
N MET A 937 62.74 48.14 -3.89
CA MET A 937 62.09 49.04 -2.94
C MET A 937 63.05 49.46 -1.84
N VAL A 938 63.82 48.51 -1.31
CA VAL A 938 64.82 48.84 -0.29
C VAL A 938 65.89 49.74 -0.89
N MET A 939 66.31 49.46 -2.12
CA MET A 939 67.30 50.33 -2.75
C MET A 939 66.81 51.78 -2.77
N PHE A 940 65.56 51.97 -3.18
CA PHE A 940 65.01 53.32 -3.25
C PHE A 940 64.90 53.95 -1.87
N MET A 941 64.40 53.18 -0.90
CA MET A 941 64.20 53.74 0.44
C MET A 941 65.52 54.10 1.10
N LEU A 942 66.62 53.43 0.73
CA LEU A 942 67.91 53.87 1.24
C LEU A 942 68.38 55.10 0.50
N GLY A 943 68.21 55.14 -0.82
CA GLY A 943 68.65 56.29 -1.58
C GLY A 943 67.93 57.58 -1.21
N LYS A 944 66.69 57.47 -0.73
CA LYS A 944 65.91 58.66 -0.43
C LYS A 944 66.36 59.34 0.87
N ALA A 945 66.92 58.57 1.81
CA ALA A 945 67.41 59.10 3.07
C ALA A 945 68.76 59.80 2.96
N THR A 946 69.22 60.14 1.76
CA THR A 946 70.54 60.74 1.56
C THR A 946 70.45 62.06 0.82
N GLN A 947 69.49 62.90 1.19
CA GLN A 947 69.37 64.27 0.65
C GLN A 947 68.41 65.11 1.47
N PRO A 956 65.32 63.63 5.86
CA PRO A 956 64.36 62.57 5.57
C PRO A 956 64.60 61.31 6.42
N PRO A 957 63.96 61.24 7.59
CA PRO A 957 64.25 60.16 8.53
C PRO A 957 63.31 58.97 8.40
N MET A 958 63.87 57.77 8.64
CA MET A 958 63.08 56.55 8.50
C MET A 958 63.45 55.51 9.55
N TYR A 959 63.91 55.95 10.72
CA TYR A 959 64.35 55.02 11.76
C TYR A 959 63.20 54.17 12.29
N GLN A 960 61.99 54.73 12.38
CA GLN A 960 60.85 53.92 12.78
C GLN A 960 60.39 53.00 11.65
N LEU A 961 60.81 53.28 10.43
CA LEU A 961 60.46 52.41 9.30
C LEU A 961 61.38 51.20 9.22
N TYR A 962 62.70 51.43 9.42
CA TYR A 962 63.67 50.35 9.40
C TYR A 962 63.33 49.26 10.42
N LYS A 963 62.83 49.66 11.59
CA LYS A 963 62.60 48.67 12.66
C LYS A 963 61.56 47.63 12.25
N ARG A 964 60.40 48.09 11.78
CA ARG A 964 59.39 47.15 11.33
C ARG A 964 59.68 46.57 9.95
N THR A 965 60.67 47.11 9.24
CA THR A 965 61.07 46.55 7.96
C THR A 965 62.20 45.52 8.06
N PHE A 966 62.88 45.43 9.20
CA PHE A 966 64.08 44.60 9.12
C PHE A 966 64.10 43.29 9.92
N PRO A 967 62.98 42.59 10.11
CA PRO A 967 63.11 41.16 10.41
C PRO A 967 62.93 40.38 9.12
N VAL A 968 62.43 41.11 8.12
CA VAL A 968 62.03 40.48 6.87
C VAL A 968 63.23 40.22 5.97
N LEU A 969 64.21 41.12 5.94
CA LEU A 969 65.39 40.83 5.13
C LEU A 969 66.12 39.61 5.66
N LEU A 970 66.13 39.44 6.98
CA LEU A 970 66.73 38.25 7.57
C LEU A 970 65.91 37.00 7.24
N ARG A 971 64.61 37.01 7.58
CA ARG A 971 63.78 35.85 7.28
C ARG A 971 63.85 35.47 5.80
N LEU A 972 63.84 36.46 4.91
CA LEU A 972 63.86 36.18 3.48
C LEU A 972 65.22 35.68 3.01
N ALA A 973 66.31 36.27 3.53
CA ALA A 973 67.63 35.88 3.06
C ALA A 973 67.85 34.38 3.16
N CYS A 974 67.12 33.68 4.02
CA CYS A 974 67.28 32.24 4.20
C CYS A 974 65.92 31.57 4.43
N ASP A 975 64.88 32.00 3.71
CA ASP A 975 63.54 31.58 4.13
C ASP A 975 63.27 30.13 3.80
N VAL A 976 63.11 29.81 2.52
CA VAL A 976 63.08 28.43 2.05
C VAL A 976 63.96 28.35 0.82
N ASP A 977 63.66 29.19 -0.16
CA ASP A 977 64.13 29.03 -1.52
C ASP A 977 65.61 29.38 -1.63
N GLN A 978 66.28 28.72 -2.58
CA GLN A 978 67.70 28.93 -2.80
C GLN A 978 67.97 30.20 -3.60
N VAL A 979 67.06 30.59 -4.50
CA VAL A 979 67.24 31.83 -5.24
C VAL A 979 66.86 33.03 -4.38
N THR A 980 65.76 32.93 -3.62
CA THR A 980 65.47 33.98 -2.66
C THR A 980 66.56 34.10 -1.61
N ARG A 981 67.46 33.10 -1.54
CA ARG A 981 68.70 33.16 -0.77
C ARG A 981 69.87 33.64 -1.60
N GLN A 982 69.93 33.24 -2.89
CA GLN A 982 70.96 33.77 -3.77
C GLN A 982 70.89 35.29 -3.85
N LEU A 983 69.71 35.85 -3.64
CA LEU A 983 69.54 37.27 -3.39
C LEU A 983 69.23 37.45 -1.90
N TYR A 984 69.43 38.67 -1.42
CA TYR A 984 69.21 39.06 -0.02
C TYR A 984 70.29 38.52 0.90
N GLU A 985 71.17 37.66 0.39
CA GLU A 985 72.43 37.42 1.07
C GLU A 985 73.41 38.53 0.72
N PRO A 986 73.71 38.77 -0.57
CA PRO A 986 74.59 39.90 -0.88
C PRO A 986 74.00 41.22 -0.44
N LEU A 987 72.69 41.38 -0.56
CA LEU A 987 72.08 42.65 -0.22
C LEU A 987 72.20 42.94 1.26
N VAL A 988 71.89 41.96 2.11
CA VAL A 988 71.96 42.17 3.55
C VAL A 988 73.40 42.39 3.99
N MET A 989 74.36 41.68 3.38
CA MET A 989 75.74 41.90 3.79
C MET A 989 76.23 43.27 3.36
N GLN A 990 75.92 43.68 2.12
CA GLN A 990 76.31 45.00 1.64
C GLN A 990 75.73 46.11 2.52
N LEU A 991 74.46 45.96 2.94
CA LEU A 991 73.88 47.02 3.75
C LEU A 991 74.44 47.01 5.17
N ILE A 992 74.78 45.82 5.71
CA ILE A 992 75.54 45.81 6.97
C ILE A 992 76.84 46.57 6.81
N HIS A 993 77.55 46.35 5.69
CA HIS A 993 78.78 47.08 5.42
C HIS A 993 78.54 48.59 5.44
N TRP A 994 77.47 49.04 4.78
CA TRP A 994 77.21 50.48 4.69
C TRP A 994 76.86 51.06 6.05
N PHE A 995 76.02 50.35 6.83
CA PHE A 995 75.66 50.87 8.15
C PHE A 995 76.84 50.87 9.11
N THR A 996 77.77 49.94 8.95
CA THR A 996 79.01 50.03 9.72
C THR A 996 80.07 50.83 8.95
N ASN A 997 79.64 51.99 8.48
CA ASN A 997 80.52 52.98 7.90
C ASN A 997 80.26 54.32 8.58
N ASN A 998 81.30 55.14 8.64
CA ASN A 998 81.19 56.46 9.25
C ASN A 998 80.06 57.28 8.63
N LYS A 999 79.83 57.12 7.33
CA LYS A 999 78.86 57.96 6.62
C LYS A 999 77.48 57.90 7.27
N LYS A 1000 76.90 56.70 7.34
CA LYS A 1000 75.63 56.51 8.04
C LYS A 1000 75.85 55.73 9.34
N PHE A 1001 76.93 56.07 10.04
CA PHE A 1001 77.14 55.59 11.39
C PHE A 1001 76.18 56.22 12.39
N GLU A 1002 75.26 57.06 11.92
CA GLU A 1002 74.20 57.61 12.74
C GLU A 1002 73.52 56.47 13.48
N SER A 1003 73.63 56.46 14.80
CA SER A 1003 73.18 55.32 15.57
C SER A 1003 71.68 55.33 15.84
N GLN A 1004 70.88 55.60 14.80
CA GLN A 1004 69.47 55.23 14.85
C GLN A 1004 69.04 54.38 13.67
N ASP A 1005 69.85 54.30 12.61
CA ASP A 1005 69.63 53.35 11.52
C ASP A 1005 70.41 52.07 11.76
N THR A 1006 71.69 52.21 12.10
CA THR A 1006 72.49 51.04 12.44
C THR A 1006 72.03 50.44 13.75
N VAL A 1007 71.45 51.26 14.64
CA VAL A 1007 70.89 50.73 15.87
C VAL A 1007 69.62 49.93 15.58
N ALA A 1008 68.78 50.41 14.66
CA ALA A 1008 67.64 49.61 14.27
C ALA A 1008 68.08 48.27 13.69
N LEU A 1009 69.06 48.30 12.77
CA LEU A 1009 69.58 47.06 12.20
C LEU A 1009 70.12 46.12 13.28
N LEU A 1010 70.91 46.67 14.20
CA LEU A 1010 71.54 45.86 15.23
C LEU A 1010 70.52 45.24 16.18
N GLU A 1011 69.60 46.06 16.69
CA GLU A 1011 68.55 45.53 17.57
C GLU A 1011 67.69 44.51 16.84
N ALA A 1012 67.54 44.65 15.52
CA ALA A 1012 66.81 43.64 14.78
C ALA A 1012 67.58 42.32 14.75
N ILE A 1013 68.88 42.38 14.47
CA ILE A 1013 69.70 41.17 14.51
C ILE A 1013 69.66 40.53 15.89
N LEU A 1014 69.63 41.36 16.94
CA LEU A 1014 69.48 40.86 18.31
C LEU A 1014 68.19 40.08 18.46
N ASP A 1015 67.07 40.80 18.33
CA ASP A 1015 65.75 40.19 18.45
C ASP A 1015 65.57 39.01 17.51
N GLY A 1016 66.43 38.87 16.51
CA GLY A 1016 66.42 37.69 15.66
C GLY A 1016 67.21 36.53 16.23
N ILE A 1017 68.39 36.80 16.78
CA ILE A 1017 69.18 35.70 17.32
C ILE A 1017 68.49 35.11 18.53
N VAL A 1018 67.76 35.92 19.28
CA VAL A 1018 67.06 35.41 20.46
C VAL A 1018 65.58 35.35 20.08
N ASP A 1019 65.10 34.13 19.84
CA ASP A 1019 63.70 33.90 19.49
C ASP A 1019 63.38 32.43 19.77
N PRO A 1020 62.09 32.07 19.81
CA PRO A 1020 61.72 30.65 19.86
C PRO A 1020 62.10 29.98 18.55
N VAL A 1021 61.72 28.72 18.36
CA VAL A 1021 62.37 27.91 17.33
C VAL A 1021 62.24 28.62 15.98
N ASP A 1022 63.38 29.12 15.50
CA ASP A 1022 63.62 29.55 14.13
C ASP A 1022 65.01 29.12 13.74
N SER A 1023 65.35 27.88 14.09
CA SER A 1023 66.67 27.27 13.97
C SER A 1023 67.42 27.66 12.70
N THR A 1024 66.70 27.71 11.58
CA THR A 1024 67.34 28.09 10.32
C THR A 1024 67.74 29.56 10.30
N LEU A 1025 67.15 30.40 11.14
CA LEU A 1025 67.41 31.83 11.09
C LEU A 1025 68.45 32.28 12.11
N ARG A 1026 68.37 31.74 13.34
CA ARG A 1026 69.30 32.14 14.40
C ARG A 1026 70.74 32.04 13.94
N ASP A 1027 71.14 30.87 13.44
CA ASP A 1027 72.51 30.68 12.99
C ASP A 1027 72.91 31.76 11.99
N PHE A 1028 71.98 32.17 11.12
CA PHE A 1028 72.30 33.21 10.15
C PHE A 1028 72.76 34.48 10.84
N CYS A 1029 72.01 34.93 11.85
CA CYS A 1029 72.39 36.11 12.60
C CYS A 1029 73.83 36.01 13.09
N GLY A 1030 74.25 34.80 13.46
CA GLY A 1030 75.63 34.58 13.86
C GLY A 1030 76.61 35.14 12.84
N ARG A 1031 76.56 34.64 11.59
CA ARG A 1031 77.44 35.22 10.59
C ARG A 1031 77.24 36.71 10.48
N CYS A 1032 75.97 37.15 10.49
CA CYS A 1032 75.66 38.57 10.43
C CYS A 1032 76.47 39.34 11.47
N ILE A 1033 76.41 38.89 12.74
CA ILE A 1033 77.16 39.56 13.79
C ILE A 1033 78.62 39.66 13.41
N ARG A 1034 79.21 38.55 12.97
CA ARG A 1034 80.61 38.54 12.57
C ARG A 1034 80.89 39.67 11.59
N GLU A 1035 80.08 39.80 10.54
CA GLU A 1035 80.32 40.87 9.57
C GLU A 1035 80.24 42.22 10.25
N PHE A 1036 79.16 42.45 11.01
CA PHE A 1036 78.96 43.72 11.69
C PHE A 1036 80.12 44.05 12.61
N LEU A 1037 80.89 43.03 13.01
CA LEU A 1037 82.05 43.25 13.86
C LEU A 1037 83.25 43.73 13.05
N LYS A 1038 83.60 43.01 11.98
CA LYS A 1038 84.82 43.33 11.25
C LYS A 1038 84.79 44.76 10.72
N TRP A 1039 83.71 45.12 10.03
CA TRP A 1039 83.58 46.45 9.47
C TRP A 1039 83.44 47.53 10.54
N SER A 1040 83.31 47.16 11.81
CA SER A 1040 83.35 48.13 12.90
C SER A 1040 84.76 48.40 13.39
N ILE A 1041 85.73 47.61 12.95
CA ILE A 1041 87.14 47.91 13.19
C ILE A 1041 87.92 48.08 11.89
N LYS A 1042 87.42 47.56 10.77
CA LYS A 1042 88.04 47.81 9.48
C LYS A 1042 87.67 49.17 8.91
N GLN A 1043 86.72 49.87 9.54
CA GLN A 1043 86.29 51.20 9.11
C GLN A 1043 86.65 52.29 10.11
N ILE A 1044 86.28 52.13 11.38
CA ILE A 1044 86.62 53.13 12.40
C ILE A 1044 88.08 52.99 12.77
N THR A 1045 88.79 54.11 12.78
CA THR A 1045 90.15 54.17 13.28
C THR A 1045 90.16 54.32 14.80
N PRO A 1046 91.23 53.89 15.47
CA PRO A 1046 91.27 54.05 16.94
C PRO A 1046 91.27 55.50 17.39
N GLN A 1047 91.53 56.44 16.48
CA GLN A 1047 91.47 57.86 16.77
C GLN A 1047 90.04 58.41 16.78
N GLN A 1048 89.03 57.60 16.43
CA GLN A 1048 87.64 58.02 16.55
C GLN A 1048 86.73 56.89 17.04
N GLN A 1049 87.29 55.78 17.49
CA GLN A 1049 86.49 54.64 17.97
C GLN A 1049 86.39 54.65 19.49
N GLU A 1050 85.78 55.69 20.05
CA GLU A 1050 85.53 55.68 21.49
C GLU A 1050 84.15 56.16 21.92
N LYS A 1051 83.46 57.00 21.15
CA LYS A 1051 82.17 57.53 21.56
C LYS A 1051 81.10 57.05 20.57
N SER A 1052 80.80 55.77 20.65
CA SER A 1052 79.83 55.16 19.76
C SER A 1052 78.92 54.28 20.58
N PRO A 1053 77.60 54.54 20.60
CA PRO A 1053 76.67 53.55 21.18
C PRO A 1053 76.62 52.25 20.38
N VAL A 1054 77.18 52.24 19.17
CA VAL A 1054 77.38 51.01 18.41
C VAL A 1054 78.80 50.47 18.56
N ASN A 1055 79.65 51.13 19.35
CA ASN A 1055 81.03 50.69 19.51
C ASN A 1055 81.08 49.28 20.09
N THR A 1056 82.25 48.66 19.96
CA THR A 1056 82.44 47.28 20.36
C THR A 1056 82.01 47.04 21.80
N LYS A 1057 82.51 47.86 22.74
CA LYS A 1057 82.23 47.63 24.15
C LYS A 1057 80.74 47.73 24.46
N SER A 1058 80.01 48.59 23.75
CA SER A 1058 78.57 48.65 23.93
C SER A 1058 77.92 47.33 23.50
N LEU A 1059 78.35 46.80 22.36
CA LEU A 1059 77.90 45.48 21.93
C LEU A 1059 78.19 44.44 23.00
N PHE A 1060 79.36 44.51 23.62
CA PHE A 1060 79.72 43.53 24.63
C PHE A 1060 78.82 43.65 25.85
N LYS A 1061 78.51 44.88 26.27
CA LYS A 1061 77.61 45.07 27.40
C LYS A 1061 76.24 44.49 27.09
N ARG A 1062 75.74 44.72 25.87
CA ARG A 1062 74.47 44.11 25.48
C ARG A 1062 74.56 42.59 25.48
N LEU A 1063 75.68 42.05 24.98
CA LEU A 1063 75.87 40.61 24.92
C LEU A 1063 75.85 40.00 26.31
N TYR A 1064 76.54 40.62 27.26
CA TYR A 1064 76.52 40.14 28.65
C TYR A 1064 75.10 40.18 29.19
N SER A 1065 74.43 41.33 29.04
CA SER A 1065 73.06 41.45 29.54
C SER A 1065 72.14 40.40 28.94
N LEU A 1066 72.45 39.88 27.77
CA LEU A 1066 71.69 38.77 27.23
C LEU A 1066 72.16 37.41 27.72
N ALA A 1067 73.45 37.29 28.05
CA ALA A 1067 73.96 36.04 28.61
C ALA A 1067 73.40 35.80 30.00
N LEU A 1068 73.50 36.80 30.87
CA LEU A 1068 72.97 36.72 32.23
C LEU A 1068 71.47 37.00 32.23
N HIS A 1069 70.75 36.31 31.39
CA HIS A 1069 69.32 36.44 31.26
C HIS A 1069 68.65 35.21 31.84
N PRO A 1070 67.56 35.35 32.60
CA PRO A 1070 66.90 34.15 33.16
C PRO A 1070 66.04 33.42 32.15
N ASN A 1071 66.32 33.66 30.87
CA ASN A 1071 65.74 32.92 29.76
C ASN A 1071 66.78 31.97 29.18
N ALA A 1072 66.31 30.85 28.65
CA ALA A 1072 67.19 29.94 27.93
C ALA A 1072 67.64 30.56 26.61
N PHE A 1073 66.69 30.95 25.77
CA PHE A 1073 66.99 31.43 24.43
C PHE A 1073 67.95 32.62 24.45
N LYS A 1074 67.86 33.49 25.46
CA LYS A 1074 68.68 34.69 25.45
C LYS A 1074 70.14 34.36 25.70
N ARG A 1075 70.42 33.59 26.75
CA ARG A 1075 71.80 33.18 27.01
C ARG A 1075 72.32 32.28 25.90
N LEU A 1076 71.46 31.43 25.34
CA LEU A 1076 71.88 30.63 24.19
C LEU A 1076 72.31 31.52 23.03
N GLY A 1077 71.52 32.55 22.72
CA GLY A 1077 71.88 33.42 21.62
C GLY A 1077 73.15 34.18 21.89
N ALA A 1078 73.34 34.61 23.14
CA ALA A 1078 74.59 35.27 23.52
C ALA A 1078 75.78 34.33 23.31
N SER A 1079 75.67 33.10 23.81
CA SER A 1079 76.74 32.13 23.64
C SER A 1079 77.01 31.85 22.18
N LEU A 1080 75.96 31.84 21.35
CA LEU A 1080 76.15 31.54 19.94
C LEU A 1080 76.84 32.70 19.23
N ALA A 1081 76.46 33.94 19.57
CA ALA A 1081 77.16 35.11 19.05
C ALA A 1081 78.64 35.05 19.41
N PHE A 1082 78.94 34.71 20.67
CA PHE A 1082 80.33 34.60 21.06
C PHE A 1082 81.02 33.47 20.30
N ASN A 1083 80.31 32.36 20.06
CA ASN A 1083 80.90 31.26 19.31
C ASN A 1083 81.16 31.67 17.87
N ASN A 1084 80.41 32.63 17.35
CA ASN A 1084 80.66 33.12 16.01
C ASN A 1084 81.71 34.22 15.98
N ILE A 1085 82.10 34.78 17.12
CA ILE A 1085 83.17 35.77 17.16
C ILE A 1085 84.43 35.23 17.80
N TYR A 1086 84.42 33.98 18.27
CA TYR A 1086 85.61 33.38 18.86
C TYR A 1086 86.63 33.01 17.80
N ARG A 1087 86.17 32.62 16.60
CA ARG A 1087 87.06 32.53 15.46
C ARG A 1087 87.72 33.86 15.18
N GLU A 1088 87.04 34.96 15.50
CA GLU A 1088 87.60 36.31 15.50
C GLU A 1088 88.20 36.62 16.87
N PHE A 1089 88.79 37.80 16.98
CA PHE A 1089 89.14 38.42 18.24
C PHE A 1089 90.38 37.78 18.90
N ARG A 1090 90.87 36.63 18.43
CA ARG A 1090 92.01 36.01 19.09
C ARG A 1090 93.30 36.06 18.30
N GLU A 1091 93.26 36.29 16.99
CA GLU A 1091 94.46 36.59 16.24
C GLU A 1091 94.75 38.08 16.14
N GLU A 1092 93.91 38.92 16.74
CA GLU A 1092 94.22 40.33 16.94
C GLU A 1092 94.30 40.61 18.44
N GLU A 1093 95.10 41.62 18.79
CA GLU A 1093 95.40 41.96 20.18
C GLU A 1093 95.04 43.43 20.46
N SER A 1094 95.49 43.89 21.62
CA SER A 1094 95.25 45.22 22.19
C SER A 1094 93.80 45.42 22.59
N LEU A 1095 92.95 44.42 22.39
CA LEU A 1095 91.55 44.51 22.76
C LEU A 1095 91.08 43.29 23.54
N VAL A 1096 91.92 42.28 23.69
CA VAL A 1096 91.50 41.02 24.28
C VAL A 1096 91.50 41.07 25.80
N GLU A 1097 92.51 41.71 26.39
CA GLU A 1097 92.79 41.56 27.81
C GLU A 1097 92.08 42.58 28.69
N GLN A 1098 90.97 43.14 28.23
CA GLN A 1098 90.26 44.15 29.02
C GLN A 1098 88.96 43.61 29.61
N PHE A 1099 88.05 43.14 28.78
CA PHE A 1099 86.73 42.70 29.25
C PHE A 1099 86.44 41.24 28.95
N VAL A 1100 86.98 40.69 27.87
CA VAL A 1100 86.60 39.33 27.46
C VAL A 1100 87.26 38.31 28.36
N PHE A 1101 88.56 38.48 28.63
CA PHE A 1101 89.25 37.63 29.57
C PHE A 1101 88.95 38.00 31.01
N GLU A 1102 87.96 38.85 31.22
CA GLU A 1102 87.37 39.05 32.53
C GLU A 1102 85.96 38.50 32.64
N ALA A 1103 85.21 38.50 31.54
CA ALA A 1103 83.82 38.05 31.53
C ALA A 1103 83.64 36.69 30.87
N LEU A 1104 84.74 35.98 30.59
CA LEU A 1104 84.61 34.54 30.47
C LEU A 1104 83.88 33.98 31.68
N VAL A 1105 84.09 34.59 32.86
CA VAL A 1105 83.35 34.18 34.03
C VAL A 1105 81.90 34.61 33.92
N ILE A 1106 81.61 35.72 33.22
CA ILE A 1106 80.21 36.05 32.97
C ILE A 1106 79.56 34.96 32.14
N TYR A 1107 80.30 34.43 31.16
CA TYR A 1107 79.75 33.36 30.33
C TYR A 1107 79.64 32.05 31.10
N MET A 1108 80.60 31.77 31.97
CA MET A 1108 80.53 30.55 32.77
C MET A 1108 79.43 30.64 33.82
N GLU A 1109 79.13 31.84 34.32
CA GLU A 1109 78.01 32.01 35.22
C GLU A 1109 76.69 31.94 34.46
N SER A 1110 76.66 32.38 33.21
CA SER A 1110 75.48 32.14 32.40
C SER A 1110 75.28 30.64 32.20
N LEU A 1111 76.37 29.92 31.95
CA LEU A 1111 76.32 28.46 31.91
C LEU A 1111 75.75 27.90 33.21
N ALA A 1112 76.22 28.42 34.35
CA ALA A 1112 75.67 28.00 35.63
C ALA A 1112 74.17 28.23 35.70
N LEU A 1113 73.73 29.45 35.40
CA LEU A 1113 72.30 29.76 35.40
C LEU A 1113 71.55 28.92 34.39
N ALA A 1114 72.26 28.33 33.42
CA ALA A 1114 71.69 27.38 32.48
C ALA A 1114 71.59 25.99 33.08
N HIS A 1115 71.70 25.88 34.41
CA HIS A 1115 71.71 24.57 35.06
C HIS A 1115 70.47 23.76 34.73
N ALA A 1116 69.33 24.42 34.57
CA ALA A 1116 68.06 23.72 34.47
C ALA A 1116 67.20 24.29 33.36
N ASP A 1117 67.75 24.43 32.15
CA ASP A 1117 66.89 24.79 31.02
C ASP A 1117 66.20 23.53 30.49
N GLU A 1118 66.99 22.66 29.87
CA GLU A 1118 66.64 21.31 29.45
C GLU A 1118 67.90 20.71 28.82
N LYS A 1119 68.12 19.41 28.95
CA LYS A 1119 69.27 18.83 28.26
C LYS A 1119 69.03 18.82 26.75
N SER A 1120 67.80 18.54 26.33
CA SER A 1120 67.45 18.54 24.92
C SER A 1120 67.55 19.92 24.28
N LEU A 1121 67.67 20.98 25.09
CA LEU A 1121 67.61 22.34 24.55
C LEU A 1121 68.91 22.70 23.85
N GLY A 1122 70.02 22.68 24.57
CA GLY A 1122 71.32 22.97 24.02
C GLY A 1122 71.94 24.29 24.45
N THR A 1123 71.43 24.94 25.50
CA THR A 1123 72.12 26.10 26.05
C THR A 1123 73.50 25.72 26.56
N ILE A 1124 73.64 24.52 27.13
CA ILE A 1124 74.90 24.10 27.73
C ILE A 1124 75.93 23.79 26.65
N GLN A 1125 75.57 22.91 25.73
CA GLN A 1125 76.45 22.52 24.61
C GLN A 1125 76.95 23.76 23.86
N GLN A 1126 76.31 24.89 24.09
CA GLN A 1126 76.70 26.15 23.47
C GLN A 1126 77.57 27.00 24.38
N CYS A 1127 77.17 27.16 25.65
CA CYS A 1127 77.92 28.03 26.55
C CYS A 1127 79.28 27.44 26.89
N CYS A 1128 79.33 26.12 27.06
CA CYS A 1128 80.60 25.45 27.27
C CYS A 1128 81.51 25.61 26.04
N ASP A 1129 80.95 25.46 24.84
CA ASP A 1129 81.76 25.63 23.64
C ASP A 1129 82.26 27.06 23.51
N ALA A 1130 81.49 28.03 24.02
CA ALA A 1130 81.96 29.41 24.06
C ALA A 1130 83.17 29.56 24.98
N ILE A 1131 82.99 29.16 26.24
CA ILE A 1131 84.09 29.34 27.19
C ILE A 1131 85.32 28.57 26.72
N ASP A 1132 85.13 27.47 25.97
CA ASP A 1132 86.29 26.70 25.52
C ASP A 1132 86.94 27.32 24.27
N HIS A 1133 86.14 27.89 23.36
CA HIS A 1133 86.70 28.67 22.28
C HIS A 1133 87.38 29.94 22.79
N LEU A 1134 87.21 30.25 24.07
CA LEU A 1134 88.05 31.24 24.74
C LEU A 1134 89.28 30.65 25.43
N CYS A 1135 89.12 29.52 26.10
CA CYS A 1135 90.24 28.95 26.84
C CYS A 1135 91.26 28.26 25.96
N ARG A 1136 90.96 28.08 24.66
CA ARG A 1136 92.03 27.67 23.76
C ARG A 1136 92.92 28.84 23.34
N ILE A 1137 92.49 30.08 23.58
CA ILE A 1137 93.38 31.22 23.39
C ILE A 1137 93.89 31.76 24.73
N ILE A 1138 93.26 31.40 25.85
CA ILE A 1138 93.85 31.74 27.13
C ILE A 1138 95.18 31.03 27.32
N GLU A 1139 95.27 29.78 26.85
CA GLU A 1139 96.48 28.99 27.01
C GLU A 1139 97.38 29.06 25.78
N LYS A 1140 97.15 30.05 24.91
CA LYS A 1140 97.98 30.26 23.73
C LYS A 1140 98.44 31.70 23.54
N LYS A 1141 97.77 32.67 24.16
CA LYS A 1141 98.10 34.07 23.93
C LYS A 1141 98.31 34.81 25.25
N HIS A 1142 97.67 34.36 26.33
CA HIS A 1142 97.92 34.94 27.65
C HIS A 1142 98.92 34.14 28.46
N VAL A 1143 99.23 32.91 28.05
CA VAL A 1143 100.37 32.19 28.59
C VAL A 1143 101.63 33.03 28.40
N SER A 1144 101.60 33.95 27.42
CA SER A 1144 102.67 34.93 27.22
C SER A 1144 102.35 36.30 27.78
N LEU A 1145 101.30 36.95 27.28
CA LEU A 1145 101.00 38.34 27.64
C LEU A 1145 100.18 38.35 28.94
N ASN A 1146 100.89 38.17 30.05
CA ASN A 1146 100.29 38.23 31.38
C ASN A 1146 100.99 39.36 32.14
N LYS A 1147 100.53 40.59 31.93
CA LYS A 1147 101.20 41.77 32.46
C LYS A 1147 100.28 42.53 33.42
N ALA A 1148 100.87 43.46 34.15
CA ALA A 1148 100.11 44.27 35.11
C ALA A 1148 99.55 45.51 34.42
N LYS A 1149 98.64 45.25 33.47
CA LYS A 1149 98.05 46.29 32.64
C LYS A 1149 96.77 46.82 33.28
N LYS A 1150 96.15 47.79 32.60
CA LYS A 1150 94.87 48.37 33.04
C LYS A 1150 93.75 47.51 32.48
N ARG A 1151 93.25 46.58 33.29
CA ARG A 1151 92.22 45.64 32.88
C ARG A 1151 90.86 46.09 33.41
N ARG A 1152 89.81 45.69 32.69
CA ARG A 1152 88.45 46.03 33.09
C ARG A 1152 87.86 44.91 33.96
N LEU A 1153 86.92 45.30 34.83
CA LEU A 1153 86.31 44.49 35.89
C LEU A 1153 85.11 43.72 35.37
N PRO A 1154 84.96 42.45 35.78
CA PRO A 1154 83.72 41.71 35.51
C PRO A 1154 82.71 41.83 36.63
N ARG A 1155 81.58 41.14 36.50
CA ARG A 1155 80.54 41.16 37.52
C ARG A 1155 80.76 40.00 38.50
N GLY A 1156 81.05 40.34 39.75
CA GLY A 1156 81.29 39.36 40.80
C GLY A 1156 82.70 39.35 41.34
N PHE A 1157 83.65 39.94 40.63
CA PHE A 1157 85.06 39.86 40.98
C PHE A 1157 85.46 40.91 42.01
N PRO A 1158 86.55 40.67 42.74
CA PRO A 1158 87.09 41.69 43.64
C PRO A 1158 87.82 42.76 42.85
N PRO A 1159 87.69 44.03 43.23
CA PRO A 1159 88.30 45.12 42.45
C PRO A 1159 89.79 45.27 42.74
N SER A 1160 90.61 45.09 41.71
CA SER A 1160 92.05 45.34 41.79
C SER A 1160 92.49 45.97 40.48
N ALA A 1161 93.71 46.50 40.46
CA ALA A 1161 94.14 47.28 39.31
C ALA A 1161 94.55 46.42 38.12
N SER A 1162 94.96 45.18 38.37
CA SER A 1162 95.38 44.27 37.31
C SER A 1162 94.91 42.86 37.66
N LEU A 1163 94.12 42.28 36.77
CA LEU A 1163 93.62 40.91 36.94
C LEU A 1163 94.41 39.96 36.05
N CYS A 1164 95.71 39.90 36.31
CA CYS A 1164 96.63 39.17 35.45
C CYS A 1164 96.20 37.72 35.25
N LEU A 1165 96.33 36.93 36.30
CA LEU A 1165 95.74 35.59 36.36
C LEU A 1165 95.27 35.26 37.77
N LEU A 1166 95.71 36.04 38.75
CA LEU A 1166 95.47 35.76 40.16
C LEU A 1166 93.98 35.74 40.46
N ASP A 1167 93.28 36.84 40.15
CA ASP A 1167 91.86 36.90 40.43
C ASP A 1167 91.08 35.82 39.69
N LEU A 1168 91.49 35.48 38.47
CA LEU A 1168 90.79 34.46 37.69
C LEU A 1168 90.88 33.10 38.35
N VAL A 1169 92.10 32.66 38.68
CA VAL A 1169 92.24 31.38 39.36
C VAL A 1169 91.56 31.42 40.72
N LYS A 1170 91.55 32.60 41.37
CA LYS A 1170 90.87 32.74 42.65
C LYS A 1170 89.38 32.44 42.52
N TRP A 1171 88.72 33.04 41.53
CA TRP A 1171 87.30 32.76 41.33
C TRP A 1171 87.08 31.30 40.97
N LEU A 1172 87.91 30.77 40.07
CA LEU A 1172 87.77 29.38 39.66
C LEU A 1172 87.84 28.43 40.86
N LEU A 1173 88.69 28.75 41.84
CA LEU A 1173 88.76 27.90 43.02
C LEU A 1173 87.63 28.19 44.01
N ALA A 1174 87.24 29.47 44.14
CA ALA A 1174 86.31 29.86 45.19
C ALA A 1174 84.89 29.38 44.89
N HIS A 1175 84.46 29.44 43.62
CA HIS A 1175 83.15 28.93 43.26
C HIS A 1175 83.23 27.56 42.61
N CYS A 1176 84.20 26.74 43.01
CA CYS A 1176 84.22 25.35 42.61
C CYS A 1176 83.26 24.49 43.42
N GLY A 1177 82.89 24.93 44.63
CA GLY A 1177 81.86 24.28 45.40
C GLY A 1177 80.50 24.88 45.09
N ARG A 1178 80.41 25.49 43.92
CA ARG A 1178 79.14 26.00 43.43
C ARG A 1178 78.14 24.86 43.22
N PRO A 1179 76.87 25.05 43.53
CA PRO A 1179 75.90 23.97 43.33
C PRO A 1179 75.75 23.56 41.87
N GLN A 1180 75.82 24.51 40.94
CA GLN A 1180 75.52 24.27 39.54
C GLN A 1180 76.51 23.30 38.90
N THR A 1181 76.02 22.10 38.56
CA THR A 1181 76.87 21.05 37.99
C THR A 1181 77.52 21.49 36.69
N GLU A 1182 76.70 21.90 35.70
CA GLU A 1182 77.18 22.25 34.37
C GLU A 1182 78.23 23.35 34.40
N CYS A 1183 78.30 24.12 35.48
CA CYS A 1183 79.38 25.08 35.67
C CYS A 1183 80.51 24.53 36.51
N ARG A 1184 80.21 23.67 37.48
CA ARG A 1184 81.25 23.16 38.36
C ARG A 1184 82.24 22.29 37.59
N HIS A 1185 81.76 21.49 36.64
CA HIS A 1185 82.67 20.68 35.83
C HIS A 1185 83.66 21.58 35.08
N LYS A 1186 83.15 22.67 34.49
CA LYS A 1186 84.02 23.61 33.80
C LYS A 1186 84.97 24.31 34.76
N SER A 1187 84.50 24.60 35.98
CA SER A 1187 85.37 25.20 36.99
C SER A 1187 86.53 24.28 37.32
N ILE A 1188 86.24 22.99 37.54
CA ILE A 1188 87.30 22.01 37.83
C ILE A 1188 88.29 21.94 36.67
N GLU A 1189 87.76 21.74 35.45
CA GLU A 1189 88.63 21.58 34.30
C GLU A 1189 89.47 22.82 34.05
N LEU A 1190 88.89 24.01 34.26
CA LEU A 1190 89.61 25.25 33.99
C LEU A 1190 90.65 25.53 35.05
N PHE A 1191 90.32 25.26 36.32
CA PHE A 1191 91.32 25.32 37.37
C PHE A 1191 92.52 24.43 37.02
N TYR A 1192 92.24 23.19 36.64
CA TYR A 1192 93.34 22.25 36.40
C TYR A 1192 94.18 22.62 35.17
N LYS A 1193 93.56 23.12 34.12
CA LYS A 1193 94.34 23.47 32.93
C LYS A 1193 94.83 24.92 32.95
N PHE A 1194 94.54 25.68 34.00
CA PHE A 1194 95.11 27.02 34.15
C PHE A 1194 96.09 27.17 35.30
N VAL A 1195 96.11 26.25 36.26
CA VAL A 1195 97.08 26.34 37.36
C VAL A 1195 98.53 26.24 36.90
N PRO A 1196 98.88 25.45 35.84
CA PRO A 1196 100.31 25.42 35.47
C PRO A 1196 100.69 26.63 34.61
N LEU A 1197 100.10 27.79 34.94
CA LEU A 1197 100.44 29.04 34.30
C LEU A 1197 101.07 30.02 35.27
N LEU A 1198 101.47 29.56 36.45
CA LEU A 1198 102.16 30.41 37.41
C LEU A 1198 103.51 30.89 36.86
N PRO A 1199 104.06 31.96 37.44
CA PRO A 1199 105.41 32.40 37.06
C PRO A 1199 106.49 31.33 37.23
N GLY A 1200 106.22 30.25 37.96
CA GLY A 1200 107.25 29.28 38.29
C GLY A 1200 107.10 27.89 37.74
N ASN A 1201 106.22 27.71 36.74
CA ASN A 1201 105.88 26.38 36.23
C ASN A 1201 105.50 25.43 37.36
N ARG A 1202 104.59 25.90 38.21
CA ARG A 1202 104.16 25.11 39.35
C ARG A 1202 103.19 24.04 38.86
N SER A 1203 102.56 23.34 39.78
CA SER A 1203 101.78 22.14 39.45
C SER A 1203 100.68 22.01 40.47
N PRO A 1204 99.70 21.13 40.23
CA PRO A 1204 98.54 21.08 41.15
C PRO A 1204 98.89 20.49 42.49
N ASN A 1205 100.09 19.91 42.65
CA ASN A 1205 100.47 19.17 43.84
C ASN A 1205 101.25 20.05 44.82
N LEU A 1206 102.34 20.67 44.37
CA LEU A 1206 103.16 21.49 45.28
C LEU A 1206 102.42 22.74 45.71
N TRP A 1207 101.66 23.33 44.79
CA TRP A 1207 100.98 24.59 45.08
C TRP A 1207 99.83 24.41 46.04
N LEU A 1208 99.13 23.28 45.98
CA LEU A 1208 98.01 23.07 46.87
C LEU A 1208 98.46 22.98 48.32
N LYS A 1209 99.45 22.12 48.61
CA LYS A 1209 100.00 22.09 49.96
C LYS A 1209 100.66 23.41 50.34
N ASP A 1210 101.28 24.10 49.37
CA ASP A 1210 101.96 25.37 49.65
C ASP A 1210 100.99 26.45 50.10
N VAL A 1211 99.76 26.45 49.57
CA VAL A 1211 98.76 27.40 50.04
C VAL A 1211 97.93 26.85 51.19
N LEU A 1212 97.93 25.52 51.39
CA LEU A 1212 97.23 24.94 52.52
C LEU A 1212 97.99 25.18 53.82
N LYS A 1213 99.32 25.25 53.77
CA LYS A 1213 100.10 25.39 54.99
C LYS A 1213 100.07 26.81 55.56
N GLU A 1214 99.92 27.83 54.71
CA GLU A 1214 100.06 29.22 55.16
C GLU A 1214 98.76 30.01 55.05
N GLU A 1215 97.64 29.37 54.73
CA GLU A 1215 96.35 30.04 54.71
C GLU A 1215 95.30 29.39 55.60
N GLY A 1216 95.54 28.15 56.04
CA GLY A 1216 94.62 27.46 56.93
C GLY A 1216 94.19 26.11 56.37
N VAL A 1217 93.84 25.19 57.26
CA VAL A 1217 93.33 23.89 56.84
C VAL A 1217 91.81 23.94 56.65
N SER A 1218 91.12 24.82 57.38
CA SER A 1218 89.69 25.02 57.18
C SER A 1218 89.41 25.92 55.98
N PHE A 1219 90.36 26.81 55.66
CA PHE A 1219 90.28 27.62 54.44
C PHE A 1219 90.22 26.74 53.20
N LEU A 1220 90.74 25.51 53.26
CA LEU A 1220 90.54 24.52 52.22
C LEU A 1220 89.46 23.52 52.60
N ILE A 1221 88.47 23.96 53.38
CA ILE A 1221 87.23 23.21 53.56
C ILE A 1221 86.00 24.07 53.34
N ASN A 1222 86.10 25.40 53.47
CA ASN A 1222 84.93 26.26 53.23
C ASN A 1222 84.61 26.35 51.74
N THR A 1223 85.65 26.38 50.90
CA THR A 1223 85.45 26.35 49.46
C THR A 1223 84.76 25.07 48.99
N PHE A 1224 84.67 24.06 49.86
CA PHE A 1224 83.99 22.80 49.57
C PHE A 1224 82.60 22.73 50.18
N GLU A 1225 82.47 22.97 51.50
CA GLU A 1225 81.18 22.79 52.14
C GLU A 1225 80.14 23.81 51.71
N GLY A 1226 80.57 24.92 51.10
CA GLY A 1226 79.63 25.95 50.69
C GLY A 1226 78.83 26.50 51.86
N GLY A 1227 77.74 27.19 51.50
CA GLY A 1227 76.82 27.68 52.50
C GLY A 1227 75.80 26.63 52.91
N GLY A 1228 76.11 25.37 52.63
CA GLY A 1228 75.17 24.29 52.82
C GLY A 1228 75.67 23.18 53.72
N CYS A 1229 76.57 23.53 54.64
CA CYS A 1229 77.08 22.55 55.61
C CYS A 1229 75.95 21.84 56.33
N GLY A 1230 75.13 22.59 57.07
CA GLY A 1230 74.06 22.00 57.84
C GLY A 1230 72.84 21.64 57.01
N GLN A 1251 60.52 21.32 48.11
CA GLN A 1251 61.19 21.73 46.88
C GLN A 1251 62.62 22.16 47.13
N ALA A 1252 62.90 22.54 48.37
CA ALA A 1252 64.27 22.79 48.80
C ALA A 1252 65.04 21.50 49.05
N THR A 1253 64.31 20.38 49.18
CA THR A 1253 64.94 19.07 49.29
C THR A 1253 65.95 18.85 48.15
N LEU A 1254 65.55 19.21 46.93
CA LEU A 1254 66.46 19.11 45.79
C LEU A 1254 67.67 20.01 45.96
N CYS A 1255 67.51 21.13 46.68
CA CYS A 1255 68.64 22.03 46.92
C CYS A 1255 69.63 21.43 47.91
N TRP A 1256 69.12 20.79 48.98
CA TRP A 1256 70.01 20.06 49.88
C TRP A 1256 70.74 18.94 49.12
N LEU A 1257 70.03 18.28 48.21
CA LEU A 1257 70.64 17.27 47.35
C LEU A 1257 71.75 17.88 46.50
N ASP A 1258 71.49 19.03 45.89
CA ASP A 1258 72.43 19.67 45.00
C ASP A 1258 73.69 20.12 45.74
N LEU A 1259 73.52 20.68 46.93
CA LEU A 1259 74.69 21.10 47.71
C LEU A 1259 75.51 19.90 48.15
N LEU A 1260 74.83 18.80 48.50
CA LEU A 1260 75.54 17.56 48.78
C LEU A 1260 76.34 17.11 47.56
N LEU A 1261 75.74 17.18 46.38
CA LEU A 1261 76.45 16.76 45.17
C LEU A 1261 77.67 17.61 44.89
N ALA A 1262 77.54 18.93 45.07
CA ALA A 1262 78.69 19.81 44.90
C ALA A 1262 79.80 19.43 45.86
N ALA A 1263 79.46 19.28 47.14
CA ALA A 1263 80.47 18.96 48.15
C ALA A 1263 81.10 17.60 47.91
N LEU A 1264 80.36 16.67 47.32
CA LEU A 1264 80.92 15.35 47.06
C LEU A 1264 81.90 15.41 45.89
N GLU A 1265 81.47 15.98 44.76
CA GLU A 1265 82.29 15.92 43.56
C GLU A 1265 83.50 16.85 43.63
N CYS A 1266 83.45 17.91 44.43
CA CYS A 1266 84.64 18.76 44.52
C CYS A 1266 85.79 18.04 45.21
N TYR A 1267 85.49 17.22 46.22
CA TYR A 1267 86.54 16.42 46.85
C TYR A 1267 86.91 15.21 46.00
N ASN A 1268 85.92 14.63 45.30
CA ASN A 1268 86.14 13.43 44.50
C ASN A 1268 87.26 13.60 43.47
N THR A 1269 87.56 14.82 43.06
CA THR A 1269 88.58 15.06 42.06
C THR A 1269 89.94 15.43 42.64
N PHE A 1270 89.96 16.24 43.72
CA PHE A 1270 91.25 16.62 44.30
C PHE A 1270 91.87 15.47 45.07
N ILE A 1271 91.08 14.53 45.59
CA ILE A 1271 91.68 13.35 46.20
C ILE A 1271 92.25 12.43 45.12
N GLY A 1272 91.60 12.36 43.96
CA GLY A 1272 92.09 11.50 42.89
C GLY A 1272 93.45 11.88 42.36
N GLU A 1273 93.81 13.16 42.44
CA GLU A 1273 95.08 13.65 41.94
C GLU A 1273 96.03 13.95 43.09
N ARG A 1274 97.31 14.09 42.74
CA ARG A 1274 98.40 14.34 43.70
C ARG A 1274 98.33 15.73 44.29
N THR A 1275 97.23 16.41 44.01
CA THR A 1275 97.00 17.76 44.53
C THR A 1275 97.14 17.80 46.05
N VAL A 1276 96.32 17.02 46.76
CA VAL A 1276 96.46 16.82 48.20
C VAL A 1276 96.40 15.35 48.53
N GLY A 1277 96.79 15.04 49.77
CA GLY A 1277 96.69 13.70 50.31
C GLY A 1277 95.31 13.44 50.89
N ALA A 1278 95.06 12.18 51.22
CA ALA A 1278 93.76 11.81 51.76
C ALA A 1278 93.60 12.23 53.22
N LEU A 1279 94.63 12.00 54.04
CA LEU A 1279 94.56 12.31 55.46
C LEU A 1279 95.01 13.73 55.82
N GLN A 1280 95.39 14.55 54.83
CA GLN A 1280 95.89 15.88 55.15
C GLN A 1280 94.76 16.90 55.30
N VAL A 1281 93.83 16.92 54.34
CA VAL A 1281 92.75 17.90 54.41
C VAL A 1281 91.63 17.40 55.32
N LEU A 1282 91.14 16.21 55.06
CA LEU A 1282 90.21 15.56 55.96
C LEU A 1282 91.00 14.82 57.05
N GLY A 1283 90.30 13.98 57.82
CA GLY A 1283 90.91 13.30 58.93
C GLY A 1283 90.24 13.53 60.27
N THR A 1284 90.98 13.33 61.36
CA THR A 1284 90.48 13.63 62.69
C THR A 1284 90.95 15.00 63.18
N GLU A 1285 91.87 15.61 62.45
CA GLU A 1285 92.40 16.92 62.78
C GLU A 1285 91.64 18.06 62.10
N ALA A 1286 90.62 17.75 61.31
CA ALA A 1286 89.90 18.76 60.54
C ALA A 1286 88.50 19.05 61.07
N GLN A 1287 87.69 18.01 61.34
CA GLN A 1287 86.30 18.17 61.76
C GLN A 1287 85.50 18.97 60.73
N SER A 1288 85.36 18.37 59.54
CA SER A 1288 84.61 18.97 58.45
C SER A 1288 83.13 18.63 58.57
N SER A 1289 82.36 18.96 57.52
CA SER A 1289 80.91 18.76 57.51
C SER A 1289 80.48 17.68 56.53
N LEU A 1290 81.41 17.13 55.75
CA LEU A 1290 81.07 16.13 54.75
C LEU A 1290 80.78 14.77 55.38
N LEU A 1291 81.55 14.41 56.41
CA LEU A 1291 81.57 13.03 56.89
C LEU A 1291 80.23 12.62 57.52
N LYS A 1292 79.75 13.38 58.50
CA LYS A 1292 78.49 13.00 59.15
C LYS A 1292 77.27 13.25 58.28
N ALA A 1293 77.35 14.22 57.36
CA ALA A 1293 76.21 14.53 56.50
C ALA A 1293 75.80 13.33 55.65
N VAL A 1294 76.79 12.62 55.09
CA VAL A 1294 76.44 11.50 54.22
C VAL A 1294 75.87 10.34 55.03
N ALA A 1295 76.30 10.16 56.28
CA ALA A 1295 75.69 9.14 57.14
C ALA A 1295 74.25 9.49 57.48
N PHE A 1296 74.02 10.76 57.86
CA PHE A 1296 72.66 11.22 58.14
C PHE A 1296 71.78 11.01 56.92
N PHE A 1297 72.33 11.20 55.73
CA PHE A 1297 71.57 10.93 54.51
C PHE A 1297 71.31 9.43 54.36
N LEU A 1298 72.35 8.62 54.54
CA LEU A 1298 72.23 7.17 54.48
C LEU A 1298 71.17 6.66 55.42
N GLU A 1299 70.80 7.44 56.42
CA GLU A 1299 69.72 7.03 57.32
C GLU A 1299 68.32 7.22 56.72
N SER A 1300 68.18 7.95 55.61
CA SER A 1300 66.86 8.09 54.97
C SER A 1300 66.88 8.04 53.44
N ILE A 1301 68.01 7.66 52.82
CA ILE A 1301 68.07 7.54 51.36
C ILE A 1301 67.02 6.57 50.83
N ALA A 1302 66.75 5.51 51.56
CA ALA A 1302 65.90 4.48 50.99
C ALA A 1302 64.42 4.91 50.83
N MET A 1303 64.10 6.19 51.00
CA MET A 1303 62.73 6.69 50.82
C MET A 1303 61.75 5.96 51.72
N SER A 1323 51.83 15.42 44.77
CA SER A 1323 52.16 15.65 43.37
C SER A 1323 52.98 14.51 42.76
N PRO A 1324 52.29 13.52 42.20
CA PRO A 1324 52.99 12.36 41.64
C PRO A 1324 53.77 12.68 40.37
N GLN A 1325 53.28 13.62 39.55
CA GLN A 1325 54.01 14.00 38.34
C GLN A 1325 55.39 14.54 38.67
N GLU A 1326 55.54 15.14 39.86
CA GLU A 1326 56.85 15.53 40.37
C GLU A 1326 57.46 14.48 41.28
N GLY A 1327 56.70 13.43 41.62
CA GLY A 1327 57.27 12.34 42.38
C GLY A 1327 58.50 11.75 41.73
N GLU A 1328 58.42 11.49 40.41
CA GLU A 1328 59.58 10.96 39.70
C GLU A 1328 60.66 12.01 39.49
N ARG A 1329 60.27 13.28 39.35
CA ARG A 1329 61.26 14.35 39.31
C ARG A 1329 62.11 14.36 40.57
N TYR A 1330 61.49 14.08 41.72
CA TYR A 1330 62.25 13.94 42.96
C TYR A 1330 63.01 12.62 42.99
N ASN A 1331 62.39 11.55 42.49
CA ASN A 1331 63.00 10.22 42.57
C ASN A 1331 64.31 10.17 41.79
N TYR A 1332 64.35 10.83 40.63
CA TYR A 1332 65.56 10.82 39.80
C TYR A 1332 66.70 11.57 40.50
N SER A 1333 66.41 12.74 41.08
CA SER A 1333 67.43 13.47 41.81
C SER A 1333 67.80 12.81 43.12
N LYS A 1334 66.97 11.91 43.63
CA LYS A 1334 67.38 11.07 44.75
C LYS A 1334 68.34 9.98 44.30
N CYS A 1335 68.04 9.33 43.17
CA CYS A 1335 68.92 8.29 42.63
C CYS A 1335 70.25 8.83 42.13
N THR A 1336 70.33 10.12 41.80
CA THR A 1336 71.56 10.70 41.26
C THR A 1336 72.64 10.93 42.32
N VAL A 1337 72.35 10.72 43.60
CA VAL A 1337 73.32 11.03 44.64
C VAL A 1337 74.08 9.79 45.09
N VAL A 1338 73.41 8.63 45.01
CA VAL A 1338 74.04 7.39 45.46
C VAL A 1338 75.20 7.01 44.55
N VAL A 1339 75.09 7.31 43.26
CA VAL A 1339 76.17 7.02 42.33
C VAL A 1339 77.45 7.76 42.76
N ARG A 1340 77.31 9.06 43.05
CA ARG A 1340 78.47 9.85 43.45
C ARG A 1340 78.99 9.43 44.82
N ILE A 1341 78.09 9.03 45.73
CA ILE A 1341 78.54 8.54 47.04
C ILE A 1341 79.41 7.31 46.87
N MET A 1342 78.96 6.35 46.07
CA MET A 1342 79.73 5.13 45.88
C MET A 1342 81.04 5.40 45.16
N GLU A 1343 81.03 6.29 44.16
CA GLU A 1343 82.30 6.61 43.48
C GLU A 1343 83.26 7.28 44.45
N PHE A 1344 82.74 8.13 45.34
CA PHE A 1344 83.58 8.79 46.32
C PHE A 1344 84.22 7.78 47.27
N THR A 1345 83.45 6.80 47.74
CA THR A 1345 84.04 5.83 48.66
C THR A 1345 84.96 4.84 47.95
N THR A 1346 84.80 4.63 46.65
CA THR A 1346 85.84 3.94 45.88
C THR A 1346 87.14 4.75 45.89
N THR A 1347 87.05 6.00 45.43
CA THR A 1347 88.26 6.80 45.23
C THR A 1347 88.95 7.13 46.54
N LEU A 1348 88.27 7.02 47.68
CA LEU A 1348 88.93 7.30 48.94
C LEU A 1348 89.97 6.23 49.25
N LEU A 1349 89.61 4.96 49.07
CA LEU A 1349 90.54 3.90 49.42
C LEU A 1349 91.45 3.49 48.29
N ASN A 1350 91.09 3.74 47.02
CA ASN A 1350 92.00 3.43 45.93
C ASN A 1350 92.87 4.61 45.49
N THR A 1351 93.19 5.54 46.38
CA THR A 1351 94.11 6.63 46.04
C THR A 1351 95.38 6.63 46.88
N SER A 1352 95.25 6.35 48.17
CA SER A 1352 96.36 6.24 49.12
C SER A 1352 95.90 5.32 50.23
N PRO A 1353 96.01 3.99 50.07
CA PRO A 1353 95.47 3.08 51.08
C PRO A 1353 96.23 3.13 52.41
N GLU A 1354 96.47 4.34 52.89
CA GLU A 1354 96.88 4.58 54.27
C GLU A 1354 95.71 5.09 55.11
N GLY A 1355 94.78 5.80 54.48
CA GLY A 1355 93.56 6.21 55.14
C GLY A 1355 92.42 5.23 54.94
N TRP A 1356 92.57 4.02 55.50
CA TRP A 1356 91.49 3.04 55.47
C TRP A 1356 90.59 3.14 56.68
N LYS A 1357 91.14 3.49 57.84
CA LYS A 1357 90.37 3.84 59.01
C LYS A 1357 90.15 5.34 59.11
N LEU A 1358 90.75 6.11 58.20
CA LEU A 1358 90.39 7.51 57.99
C LEU A 1358 88.89 7.69 57.83
N LEU A 1359 88.20 6.63 57.42
CA LEU A 1359 86.75 6.60 57.26
C LEU A 1359 86.07 6.39 58.60
N LYS A 1360 85.15 7.30 58.96
CA LYS A 1360 84.31 7.07 60.12
C LYS A 1360 83.57 5.75 59.95
N LYS A 1361 83.02 5.23 61.04
CA LYS A 1361 82.54 3.86 61.03
C LYS A 1361 81.05 3.74 60.73
N ASP A 1362 80.26 4.77 61.04
CA ASP A 1362 78.83 4.71 60.74
C ASP A 1362 78.57 4.56 59.25
N LEU A 1363 79.48 5.07 58.40
CA LEU A 1363 79.40 4.80 56.97
C LEU A 1363 80.00 3.45 56.62
N CYS A 1364 81.10 3.07 57.28
CA CYS A 1364 81.75 1.77 57.17
C CYS A 1364 80.93 0.65 57.80
N ASN A 1365 79.68 0.95 58.16
CA ASN A 1365 78.78 0.02 58.84
C ASN A 1365 77.50 -0.12 58.02
N THR A 1366 76.47 -0.67 58.64
CA THR A 1366 75.28 -1.20 57.99
C THR A 1366 74.40 -0.11 57.33
N HIS A 1367 74.84 1.14 57.19
CA HIS A 1367 74.15 2.08 56.30
C HIS A 1367 74.55 1.86 54.84
N LEU A 1368 75.83 2.07 54.55
CA LEU A 1368 76.32 1.93 53.18
C LEU A 1368 76.36 0.46 52.77
N MET A 1369 76.78 -0.41 53.69
CA MET A 1369 76.83 -1.85 53.44
C MET A 1369 75.44 -2.43 53.16
N ARG A 1370 74.37 -1.71 53.46
CA ARG A 1370 73.01 -2.15 53.17
C ARG A 1370 72.40 -1.47 51.95
N VAL A 1371 72.68 -0.18 51.74
CA VAL A 1371 72.22 0.47 50.51
C VAL A 1371 72.89 -0.17 49.29
N LEU A 1372 74.11 -0.70 49.47
CA LEU A 1372 74.77 -1.39 48.37
C LEU A 1372 74.03 -2.68 48.01
N VAL A 1373 73.67 -3.47 49.02
CA VAL A 1373 72.92 -4.69 48.76
C VAL A 1373 71.58 -4.38 48.09
N GLN A 1374 70.90 -3.31 48.54
CA GLN A 1374 69.64 -2.97 47.91
C GLN A 1374 69.82 -2.50 46.47
N THR A 1375 70.94 -1.84 46.15
CA THR A 1375 71.22 -1.56 44.74
C THR A 1375 71.54 -2.83 43.98
N LEU A 1376 72.07 -3.84 44.68
CA LEU A 1376 72.58 -5.05 44.04
C LEU A 1376 71.44 -5.97 43.59
N CYS A 1377 70.66 -6.46 44.54
CA CYS A 1377 69.49 -7.30 44.26
C CYS A 1377 68.22 -6.48 44.53
N GLU A 1378 67.33 -6.45 43.56
CA GLU A 1378 66.08 -5.70 43.63
C GLU A 1378 66.34 -4.21 43.85
N PRO A 1379 66.88 -3.48 42.86
CA PRO A 1379 66.92 -2.03 42.99
C PRO A 1379 65.61 -1.42 42.55
N ALA A 1380 64.49 -2.04 42.91
CA ALA A 1380 63.17 -1.47 42.72
C ALA A 1380 62.53 -1.12 44.06
N SER A 1381 63.35 -0.96 45.10
CA SER A 1381 62.93 -0.71 46.46
C SER A 1381 63.45 0.61 47.01
N ILE A 1382 64.72 0.95 46.75
CA ILE A 1382 65.24 2.23 47.19
C ILE A 1382 64.78 3.39 46.31
N GLY A 1383 64.31 3.11 45.09
CA GLY A 1383 63.75 4.15 44.26
C GLY A 1383 64.29 4.18 42.84
N PHE A 1384 65.13 3.21 42.49
CA PHE A 1384 65.66 3.11 41.13
C PHE A 1384 64.55 2.52 40.27
N ASN A 1385 63.85 3.39 39.53
CA ASN A 1385 62.68 2.96 38.77
C ASN A 1385 63.10 2.22 37.51
N ILE A 1386 62.26 1.28 37.10
CA ILE A 1386 62.50 0.47 35.91
C ILE A 1386 61.79 1.14 34.75
N GLY A 1387 62.54 1.48 33.72
CA GLY A 1387 61.99 2.26 32.62
C GLY A 1387 62.97 3.27 32.07
N ASP A 1388 63.97 3.63 32.87
CA ASP A 1388 65.07 4.47 32.45
C ASP A 1388 66.18 3.62 31.86
N VAL A 1389 67.10 4.26 31.14
CA VAL A 1389 68.14 3.52 30.46
C VAL A 1389 69.52 3.93 30.96
N GLN A 1390 69.66 5.19 31.40
CA GLN A 1390 70.97 5.67 31.78
C GLN A 1390 71.41 5.06 33.10
N VAL A 1391 70.69 5.35 34.17
CA VAL A 1391 71.02 4.78 35.48
C VAL A 1391 70.76 3.28 35.50
N MET A 1392 69.66 2.84 34.89
CA MET A 1392 69.30 1.42 34.90
C MET A 1392 70.25 0.57 34.06
N ALA A 1393 71.07 1.20 33.21
CA ALA A 1393 72.10 0.47 32.47
C ALA A 1393 73.50 0.71 33.01
N HIS A 1394 73.71 1.76 33.80
CA HIS A 1394 75.02 2.08 34.33
C HIS A 1394 75.21 1.70 35.80
N LEU A 1395 74.18 1.16 36.46
CA LEU A 1395 74.35 0.74 37.86
C LEU A 1395 75.32 -0.43 38.04
N PRO A 1396 75.19 -1.57 37.29
CA PRO A 1396 76.16 -2.67 37.46
C PRO A 1396 77.57 -2.29 37.02
N ASP A 1397 77.77 -1.04 36.62
CA ASP A 1397 79.09 -0.58 36.23
C ASP A 1397 79.94 -0.22 37.45
N VAL A 1398 79.32 0.40 38.46
CA VAL A 1398 80.03 0.77 39.67
C VAL A 1398 79.74 -0.19 40.82
N CYS A 1399 78.66 -0.98 40.73
CA CYS A 1399 78.46 -2.03 41.72
C CYS A 1399 79.67 -2.96 41.79
N VAL A 1400 80.39 -3.13 40.68
CA VAL A 1400 81.60 -3.94 40.67
C VAL A 1400 82.81 -3.15 41.13
N ASN A 1401 82.89 -1.87 40.73
CA ASN A 1401 84.06 -1.06 41.05
C ASN A 1401 84.21 -0.82 42.54
N LEU A 1402 83.10 -0.67 43.26
CA LEU A 1402 83.21 -0.46 44.70
C LEU A 1402 83.77 -1.70 45.40
N MET A 1403 83.32 -2.89 44.99
CA MET A 1403 83.86 -4.12 45.54
C MET A 1403 85.35 -4.27 45.18
N LYS A 1404 85.73 -3.89 43.97
CA LYS A 1404 87.13 -3.98 43.56
C LYS A 1404 88.01 -3.02 44.37
N ALA A 1405 87.48 -1.86 44.73
CA ALA A 1405 88.22 -0.93 45.58
C ALA A 1405 88.23 -1.35 47.04
N LEU A 1406 87.24 -2.15 47.46
CA LEU A 1406 87.12 -2.54 48.85
C LEU A 1406 87.82 -3.85 49.18
N LYS A 1407 88.14 -4.70 48.19
CA LYS A 1407 88.95 -5.87 48.50
C LYS A 1407 90.37 -5.50 48.90
N MET A 1408 90.76 -4.24 48.75
CA MET A 1408 92.06 -3.75 49.15
C MET A 1408 92.10 -3.27 50.59
N SER A 1409 90.94 -3.09 51.22
CA SER A 1409 90.81 -2.46 52.52
C SER A 1409 90.56 -3.45 53.65
N PRO A 1410 90.81 -3.06 54.90
CA PRO A 1410 90.48 -3.94 56.03
C PRO A 1410 89.01 -4.28 56.15
N TYR A 1411 88.12 -3.45 55.59
CA TYR A 1411 86.70 -3.73 55.57
C TYR A 1411 86.35 -4.93 54.69
N LYS A 1412 87.34 -5.63 54.14
CA LYS A 1412 87.05 -6.77 53.26
C LYS A 1412 86.31 -7.87 54.03
N ASP A 1413 86.76 -8.20 55.23
CA ASP A 1413 86.02 -9.16 56.03
C ASP A 1413 84.68 -8.61 56.47
N ILE A 1414 84.62 -7.29 56.72
CA ILE A 1414 83.34 -6.62 56.92
C ILE A 1414 82.43 -6.86 55.71
N LEU A 1415 82.98 -6.74 54.51
CA LEU A 1415 82.20 -6.98 53.29
C LEU A 1415 81.70 -8.41 53.25
N GLU A 1416 82.57 -9.39 53.51
CA GLU A 1416 82.16 -10.78 53.49
C GLU A 1416 80.99 -11.00 54.44
N THR A 1417 81.16 -10.60 55.70
CA THR A 1417 80.14 -10.86 56.71
C THR A 1417 78.86 -10.06 56.48
N HIS A 1418 78.92 -8.93 55.78
CA HIS A 1418 77.71 -8.17 55.48
C HIS A 1418 77.01 -8.62 54.21
N LEU A 1419 77.72 -9.22 53.28
CA LEU A 1419 77.13 -9.73 52.05
C LEU A 1419 76.67 -11.18 52.15
N ARG A 1420 77.09 -11.91 53.19
CA ARG A 1420 76.74 -13.33 53.33
C ARG A 1420 75.25 -13.59 53.69
N GLU A 1421 74.27 -12.68 53.66
CA GLU A 1421 72.90 -13.03 54.01
C GLU A 1421 71.96 -13.13 52.83
N LYS A 1422 72.30 -12.51 51.70
CA LYS A 1422 71.42 -12.49 50.54
C LYS A 1422 71.91 -13.34 49.39
N ILE A 1423 73.17 -13.75 49.39
CA ILE A 1423 73.78 -14.41 48.23
C ILE A 1423 74.35 -15.78 48.61
N THR A 1424 73.69 -16.46 49.55
CA THR A 1424 74.09 -17.82 49.90
C THR A 1424 73.72 -18.82 48.79
N ALA A 1425 74.21 -20.06 48.94
CA ALA A 1425 73.88 -21.11 47.99
C ALA A 1425 72.44 -21.60 48.13
N GLN A 1426 71.89 -21.58 49.35
CA GLN A 1426 70.56 -22.12 49.55
C GLN A 1426 69.47 -21.18 49.00
N SER A 1427 69.69 -19.87 49.04
CA SER A 1427 68.77 -18.97 48.37
C SER A 1427 68.80 -19.18 46.86
N ILE A 1428 69.97 -19.56 46.33
CA ILE A 1428 70.05 -19.99 44.93
C ILE A 1428 69.17 -21.21 44.71
N GLU A 1429 69.29 -22.20 45.61
CA GLU A 1429 68.46 -23.41 45.47
C GLU A 1429 66.97 -23.07 45.49
N GLU A 1430 66.57 -22.14 46.37
CA GLU A 1430 65.15 -21.83 46.53
C GLU A 1430 64.60 -21.05 45.34
N LEU A 1431 65.35 -20.06 44.85
CA LEU A 1431 64.82 -19.20 43.79
C LEU A 1431 64.60 -19.95 42.48
N CYS A 1432 65.44 -20.95 42.18
CA CYS A 1432 65.29 -21.74 40.96
C CYS A 1432 64.42 -22.97 41.20
N ALA A 1433 63.12 -22.74 41.36
CA ALA A 1433 62.24 -23.90 41.41
C ALA A 1433 61.93 -24.40 40.00
N VAL A 1434 61.50 -25.67 39.93
CA VAL A 1434 60.99 -26.26 38.69
C VAL A 1434 59.51 -25.93 38.47
N ASN A 1435 58.86 -25.30 39.45
CA ASN A 1435 57.44 -25.01 39.41
C ASN A 1435 57.27 -23.50 39.28
N LEU A 1436 58.00 -22.89 38.34
CA LEU A 1436 58.10 -21.44 38.22
C LEU A 1436 57.40 -20.89 36.97
N TYR A 1437 56.57 -21.67 36.31
CA TYR A 1437 55.88 -21.21 35.11
C TYR A 1437 54.37 -21.31 35.28
N GLY A 1438 53.67 -20.27 34.81
CA GLY A 1438 52.24 -20.16 34.95
C GLY A 1438 51.77 -18.72 34.80
N PRO A 1439 50.71 -18.33 35.53
CA PRO A 1439 50.15 -16.98 35.37
C PRO A 1439 50.88 -15.90 36.17
N ASP A 1440 52.20 -16.00 36.28
CA ASP A 1440 53.02 -14.98 36.92
C ASP A 1440 54.29 -14.82 36.08
N ALA A 1441 54.41 -13.71 35.36
CA ALA A 1441 55.54 -13.51 34.47
C ALA A 1441 56.71 -12.76 35.11
N GLN A 1442 56.45 -11.60 35.71
CA GLN A 1442 57.53 -10.78 36.26
C GLN A 1442 58.06 -11.36 37.57
N VAL A 1443 57.16 -11.78 38.46
CA VAL A 1443 57.46 -11.95 39.88
C VAL A 1443 58.56 -12.97 40.15
N ASP A 1444 58.95 -13.76 39.17
CA ASP A 1444 60.06 -14.68 39.35
C ASP A 1444 61.19 -14.45 38.37
N ARG A 1445 60.88 -14.14 37.10
CA ARG A 1445 61.94 -13.88 36.14
C ARG A 1445 62.77 -12.66 36.52
N SER A 1446 62.12 -11.62 37.07
CA SER A 1446 62.86 -10.44 37.48
C SER A 1446 63.66 -10.68 38.76
N ARG A 1447 63.05 -11.38 39.73
CA ARG A 1447 63.76 -11.74 40.95
C ARG A 1447 64.99 -12.59 40.64
N LEU A 1448 64.93 -13.40 39.58
CA LEU A 1448 66.07 -14.21 39.19
C LEU A 1448 67.09 -13.41 38.40
N ALA A 1449 66.62 -12.49 37.55
CA ALA A 1449 67.54 -11.70 36.74
C ALA A 1449 68.35 -10.74 37.61
N ALA A 1450 67.76 -10.21 38.67
CA ALA A 1450 68.52 -9.40 39.62
C ALA A 1450 69.66 -10.22 40.23
N VAL A 1451 69.38 -11.46 40.62
CA VAL A 1451 70.42 -12.31 41.21
C VAL A 1451 71.50 -12.63 40.17
N VAL A 1452 71.09 -12.94 38.94
CA VAL A 1452 72.07 -13.23 37.89
C VAL A 1452 72.97 -12.03 37.65
N SER A 1453 72.39 -10.83 37.56
CA SER A 1453 73.18 -9.63 37.34
C SER A 1453 74.16 -9.39 38.49
N ALA A 1454 73.69 -9.52 39.73
CA ALA A 1454 74.57 -9.33 40.88
C ALA A 1454 75.73 -10.33 40.89
N CYS A 1455 75.45 -11.58 40.50
CA CYS A 1455 76.50 -12.60 40.52
C CYS A 1455 77.52 -12.34 39.42
N LYS A 1456 77.05 -11.95 38.23
CA LYS A 1456 77.96 -11.53 37.18
C LYS A 1456 78.83 -10.38 37.67
N GLN A 1457 78.23 -9.44 38.41
CA GLN A 1457 78.98 -8.32 38.95
C GLN A 1457 80.06 -8.81 39.92
N LEU A 1458 79.73 -9.80 40.75
CA LEU A 1458 80.73 -10.34 41.67
C LEU A 1458 81.88 -10.99 40.91
N HIS A 1459 81.56 -11.88 39.96
CA HIS A 1459 82.62 -12.56 39.21
C HIS A 1459 83.48 -11.56 38.46
N ARG A 1460 82.91 -10.43 38.03
CA ARG A 1460 83.73 -9.39 37.42
C ARG A 1460 84.57 -8.67 38.47
N ALA A 1461 84.05 -8.54 39.69
CA ALA A 1461 84.85 -7.99 40.78
C ALA A 1461 85.95 -8.92 41.21
N GLY A 1462 85.95 -10.16 40.72
CA GLY A 1462 87.00 -11.07 41.11
C GLY A 1462 86.90 -11.52 42.54
N LEU A 1463 85.71 -11.40 43.12
CA LEU A 1463 85.42 -11.83 44.49
C LEU A 1463 84.14 -12.66 44.40
N LEU A 1464 84.30 -13.93 44.09
CA LEU A 1464 83.22 -14.90 43.98
C LEU A 1464 83.47 -16.15 44.80
N HIS A 1465 84.72 -16.59 44.91
CA HIS A 1465 85.09 -17.68 45.78
C HIS A 1465 85.26 -17.22 47.22
N ASN A 1466 85.36 -15.91 47.44
CA ASN A 1466 85.29 -15.31 48.77
C ASN A 1466 83.88 -15.29 49.34
N ILE A 1467 82.87 -15.68 48.55
CA ILE A 1467 81.48 -15.62 48.99
C ILE A 1467 80.81 -16.99 48.87
N LEU A 1468 80.87 -17.57 47.68
CA LEU A 1468 80.21 -18.85 47.41
C LEU A 1468 81.22 -19.99 47.29
N PRO A 1469 81.38 -20.82 48.32
CA PRO A 1469 82.24 -21.99 48.20
C PRO A 1469 81.51 -23.21 47.68
N SER A 1470 82.29 -24.16 47.18
CA SER A 1470 81.79 -25.42 46.67
C SER A 1470 81.60 -26.43 47.80
N GLN A 1471 80.93 -27.54 47.47
CA GLN A 1471 80.77 -28.65 48.40
C GLN A 1471 82.12 -29.29 48.70
N SER A 1472 82.10 -30.23 49.65
CA SER A 1472 83.28 -31.03 49.96
C SER A 1472 83.44 -32.14 48.91
N THR A 1473 83.65 -31.70 47.66
CA THR A 1473 83.88 -32.59 46.54
C THR A 1473 85.00 -31.98 45.70
N ASP A 1474 85.16 -32.48 44.48
CA ASP A 1474 86.18 -31.96 43.59
C ASP A 1474 85.85 -30.52 43.19
N LEU A 1475 86.72 -29.91 42.39
CA LEU A 1475 86.50 -28.52 41.99
C LEU A 1475 85.46 -28.42 40.88
N HIS A 1476 84.43 -29.25 40.97
CA HIS A 1476 83.24 -29.18 40.13
C HIS A 1476 82.23 -28.50 41.04
N HIS A 1477 82.22 -27.15 41.00
CA HIS A 1477 81.38 -26.37 41.90
C HIS A 1477 79.97 -26.92 41.89
N SER A 1478 79.55 -27.45 43.05
CA SER A 1478 78.23 -28.09 43.13
C SER A 1478 77.14 -27.13 42.71
N VAL A 1479 77.31 -25.83 43.02
CA VAL A 1479 76.33 -24.82 42.61
C VAL A 1479 76.41 -24.59 41.11
N GLY A 1480 77.62 -24.53 40.55
CA GLY A 1480 77.76 -24.35 39.11
C GLY A 1480 77.28 -25.55 38.33
N THR A 1481 77.70 -26.75 38.75
CA THR A 1481 77.17 -27.97 38.15
C THR A 1481 75.65 -28.06 38.33
N GLU A 1482 75.15 -27.55 39.47
CA GLU A 1482 73.70 -27.56 39.70
C GLU A 1482 72.99 -26.67 38.68
N LEU A 1483 73.50 -25.46 38.46
CA LEU A 1483 72.95 -24.59 37.44
C LEU A 1483 73.00 -25.24 36.06
N LEU A 1484 74.12 -25.88 35.74
CA LEU A 1484 74.28 -26.54 34.45
C LEU A 1484 73.23 -27.62 34.26
N SER A 1485 73.08 -28.51 35.25
CA SER A 1485 72.11 -29.58 35.14
C SER A 1485 70.68 -29.04 35.13
N LEU A 1486 70.44 -27.95 35.87
CA LEU A 1486 69.14 -27.30 35.83
C LEU A 1486 68.81 -26.83 34.42
N VAL A 1487 69.76 -26.13 33.78
CA VAL A 1487 69.50 -25.64 32.43
C VAL A 1487 69.31 -26.80 31.47
N TYR A 1488 70.03 -27.91 31.69
CA TYR A 1488 69.85 -29.06 30.82
C TYR A 1488 68.45 -29.66 30.98
N LYS A 1489 68.07 -30.00 32.22
CA LYS A 1489 66.85 -30.75 32.45
C LYS A 1489 65.59 -29.90 32.37
N GLY A 1490 65.69 -28.58 32.55
CA GLY A 1490 64.48 -27.76 32.56
C GLY A 1490 63.82 -27.62 31.22
N ILE A 1491 64.55 -27.82 30.12
CA ILE A 1491 63.98 -27.68 28.79
C ILE A 1491 63.32 -28.96 28.32
N ALA A 1492 63.37 -30.02 29.13
CA ALA A 1492 62.79 -31.32 28.83
C ALA A 1492 61.29 -31.33 29.13
N PRO A 1493 60.51 -32.12 28.40
CA PRO A 1493 59.07 -32.20 28.63
C PRO A 1493 58.77 -33.14 29.79
N GLY A 1494 57.48 -33.25 30.12
CA GLY A 1494 57.03 -34.11 31.19
C GLY A 1494 55.53 -34.31 31.22
N PRO A 1501 58.19 -27.38 26.39
CA PRO A 1501 58.62 -26.10 26.93
C PRO A 1501 58.72 -25.02 25.87
N SER A 1502 58.14 -23.85 26.15
CA SER A 1502 58.00 -22.79 25.17
C SER A 1502 59.22 -21.85 25.27
N LEU A 1503 59.14 -20.71 24.59
CA LEU A 1503 60.27 -19.80 24.48
C LEU A 1503 59.80 -18.37 24.72
N ASP A 1504 60.77 -17.49 24.95
CA ASP A 1504 60.51 -16.05 24.98
C ASP A 1504 61.85 -15.35 24.80
N LEU A 1505 61.78 -14.03 24.63
CA LEU A 1505 63.00 -13.23 24.52
C LEU A 1505 63.68 -13.09 25.88
N SER A 1506 62.95 -12.60 26.89
CA SER A 1506 63.52 -12.48 28.22
C SER A 1506 63.71 -13.85 28.88
N CYS A 1507 62.93 -14.85 28.48
CA CYS A 1507 63.16 -16.21 29.00
C CYS A 1507 64.52 -16.75 28.56
N LYS A 1508 64.81 -16.67 27.26
CA LYS A 1508 66.12 -17.06 26.76
C LYS A 1508 67.23 -16.17 27.33
N GLN A 1509 66.95 -14.88 27.55
CA GLN A 1509 67.92 -14.00 28.20
C GLN A 1509 68.27 -14.51 29.60
N LEU A 1510 67.26 -14.87 30.38
CA LEU A 1510 67.49 -15.39 31.72
C LEU A 1510 68.27 -16.70 31.67
N ALA A 1511 67.90 -17.60 30.77
CA ALA A 1511 68.63 -18.86 30.65
C ALA A 1511 70.09 -18.60 30.26
N SER A 1512 70.31 -17.69 29.31
CA SER A 1512 71.66 -17.42 28.82
C SER A 1512 72.52 -16.80 29.90
N GLY A 1513 71.97 -15.83 30.63
CA GLY A 1513 72.70 -15.26 31.74
C GLY A 1513 73.01 -16.28 32.83
N LEU A 1514 72.04 -17.14 33.13
CA LEU A 1514 72.25 -18.18 34.12
C LEU A 1514 73.40 -19.11 33.72
N LEU A 1515 73.45 -19.47 32.44
CA LEU A 1515 74.54 -20.31 31.96
C LEU A 1515 75.87 -19.58 32.02
N GLU A 1516 75.89 -18.32 31.56
CA GLU A 1516 77.09 -17.49 31.61
C GLU A 1516 77.64 -17.42 33.03
N LEU A 1517 76.75 -17.33 34.02
CA LEU A 1517 77.17 -17.35 35.42
C LEU A 1517 77.67 -18.73 35.83
N ALA A 1518 76.94 -19.78 35.47
CA ALA A 1518 77.32 -21.13 35.84
C ALA A 1518 78.75 -21.43 35.44
N PHE A 1519 79.20 -20.85 34.33
CA PHE A 1519 80.59 -21.03 33.95
C PHE A 1519 81.55 -20.12 34.71
N ALA A 1520 81.05 -19.13 35.44
CA ALA A 1520 81.92 -18.20 36.15
C ALA A 1520 82.55 -18.79 37.41
N PHE A 1521 82.14 -19.97 37.84
CA PHE A 1521 82.70 -20.54 39.07
C PHE A 1521 84.09 -21.12 38.83
N GLY A 1522 84.18 -22.14 37.98
CA GLY A 1522 85.47 -22.75 37.66
C GLY A 1522 85.64 -23.04 36.19
N GLY A 1523 86.56 -23.94 35.86
CA GLY A 1523 86.77 -24.35 34.49
C GLY A 1523 85.52 -24.97 33.91
N LEU A 1524 85.14 -26.14 34.43
CA LEU A 1524 83.87 -26.81 34.16
C LEU A 1524 83.74 -27.26 32.70
N CYS A 1525 84.81 -27.10 31.92
CA CYS A 1525 84.74 -27.43 30.49
C CYS A 1525 84.55 -28.93 30.29
N GLU A 1526 85.16 -29.74 31.17
CA GLU A 1526 84.93 -31.18 31.11
C GLU A 1526 83.45 -31.50 31.23
N ARG A 1527 82.78 -30.95 32.25
CA ARG A 1527 81.36 -31.22 32.43
C ARG A 1527 80.54 -30.70 31.25
N LEU A 1528 80.88 -29.52 30.73
CA LEU A 1528 80.12 -28.96 29.63
C LEU A 1528 80.22 -29.84 28.39
N VAL A 1529 81.44 -30.23 28.02
CA VAL A 1529 81.60 -31.06 26.83
C VAL A 1529 80.94 -32.42 27.02
N SER A 1530 81.07 -33.00 28.22
CA SER A 1530 80.44 -34.29 28.49
C SER A 1530 78.92 -34.21 28.42
N LEU A 1531 78.34 -33.08 28.80
CA LEU A 1531 76.90 -32.90 28.61
C LEU A 1531 76.55 -32.66 27.15
N LEU A 1532 77.44 -32.01 26.41
CA LEU A 1532 77.19 -31.81 24.98
C LEU A 1532 77.13 -33.12 24.23
N LEU A 1533 78.15 -33.97 24.38
CA LEU A 1533 78.20 -35.25 23.67
C LEU A 1533 77.37 -36.29 24.43
N ASN A 1534 76.09 -36.37 24.10
CA ASN A 1534 75.16 -37.25 24.80
C ASN A 1534 74.14 -37.87 23.84
N PRO A 1535 73.80 -39.14 24.02
CA PRO A 1535 72.88 -39.80 23.06
C PRO A 1535 71.40 -39.61 23.37
N ALA A 1536 71.06 -38.61 24.19
CA ALA A 1536 69.66 -38.42 24.60
C ALA A 1536 68.79 -37.98 23.43
N VAL A 1537 67.55 -38.44 23.43
CA VAL A 1537 66.62 -38.11 22.35
C VAL A 1537 65.64 -37.02 22.79
N GLY A 1556 69.53 -33.88 23.50
CA GLY A 1556 70.87 -33.44 23.87
C GLY A 1556 71.45 -32.42 22.91
N GLU A 1557 70.99 -32.49 21.66
CA GLU A 1557 71.42 -31.56 20.62
C GLU A 1557 70.77 -30.19 20.79
N TYR A 1558 69.53 -30.15 21.29
CA TYR A 1558 68.79 -28.90 21.48
C TYR A 1558 69.56 -27.92 22.36
N PHE A 1559 70.23 -28.43 23.40
CA PHE A 1559 70.97 -27.57 24.32
C PHE A 1559 71.98 -26.72 23.58
N TYR A 1560 72.71 -27.31 22.63
CA TYR A 1560 73.64 -26.50 21.86
C TYR A 1560 72.91 -25.68 20.80
N SER A 1561 71.85 -26.23 20.21
CA SER A 1561 71.18 -25.50 19.13
C SER A 1561 70.62 -24.17 19.60
N LEU A 1562 70.21 -24.08 20.88
CA LEU A 1562 69.66 -22.82 21.37
C LEU A 1562 70.71 -21.73 21.53
N PHE A 1563 71.64 -21.93 22.46
CA PHE A 1563 72.65 -20.92 22.79
C PHE A 1563 73.86 -21.10 21.88
N SER A 1564 73.92 -20.32 20.81
CA SER A 1564 75.04 -20.36 19.88
C SER A 1564 76.02 -19.21 20.06
N GLU A 1565 75.82 -18.36 21.07
CA GLU A 1565 76.74 -17.26 21.33
C GLU A 1565 77.46 -17.41 22.66
N THR A 1566 76.73 -17.54 23.76
CA THR A 1566 77.34 -17.65 25.07
C THR A 1566 78.15 -18.94 25.21
N ILE A 1567 77.56 -20.08 24.79
CA ILE A 1567 78.27 -21.35 24.88
C ILE A 1567 79.59 -21.30 24.11
N ASN A 1568 79.52 -20.83 22.86
CA ASN A 1568 80.72 -20.81 22.02
C ASN A 1568 81.76 -19.84 22.57
N THR A 1569 81.34 -18.64 22.99
CA THR A 1569 82.28 -17.67 23.52
C THR A 1569 82.88 -18.16 24.84
N GLU A 1570 82.19 -19.04 25.57
CA GLU A 1570 82.78 -19.63 26.76
C GLU A 1570 83.76 -20.75 26.44
N LEU A 1571 83.49 -21.51 25.37
CA LEU A 1571 84.48 -22.49 24.92
C LEU A 1571 85.76 -21.82 24.44
N LEU A 1572 85.63 -20.68 23.74
CA LEU A 1572 86.84 -20.02 23.26
C LEU A 1572 87.71 -19.48 24.38
N LYS A 1573 87.15 -19.34 25.59
CA LYS A 1573 87.93 -18.85 26.73
C LYS A 1573 88.98 -19.87 27.17
N ASN A 1574 88.53 -21.05 27.58
CA ASN A 1574 89.46 -22.11 27.95
C ASN A 1574 89.66 -22.97 26.71
N LEU A 1575 90.45 -22.43 25.78
CA LEU A 1575 90.80 -23.13 24.57
C LEU A 1575 91.96 -24.09 24.86
N ASP A 1576 92.34 -24.88 23.85
CA ASP A 1576 93.49 -25.78 23.95
C ASP A 1576 93.21 -26.93 24.90
N LEU A 1577 92.08 -26.88 25.60
CA LEU A 1577 91.63 -28.01 26.41
C LEU A 1577 90.16 -28.34 26.20
N ALA A 1578 89.38 -27.46 25.57
CA ALA A 1578 88.05 -27.82 25.15
C ALA A 1578 88.07 -28.40 23.74
N VAL A 1579 88.87 -27.82 22.87
CA VAL A 1579 89.06 -28.33 21.51
C VAL A 1579 89.54 -29.78 21.54
N LEU A 1580 90.53 -30.09 22.38
CA LEU A 1580 91.10 -31.43 22.38
C LEU A 1580 90.10 -32.45 22.91
N GLU A 1581 89.41 -32.12 24.00
CA GLU A 1581 88.39 -33.01 24.53
C GLU A 1581 87.26 -33.21 23.53
N LEU A 1582 86.99 -32.18 22.72
CA LEU A 1582 86.03 -32.31 21.65
C LEU A 1582 86.56 -33.19 20.53
N MET A 1583 87.87 -33.14 20.29
CA MET A 1583 88.48 -33.86 19.18
C MET A 1583 88.54 -35.36 19.46
N GLN A 1584 88.82 -35.74 20.71
CA GLN A 1584 89.04 -37.15 21.00
C GLN A 1584 87.80 -37.99 20.67
N SER A 1585 86.60 -37.48 20.97
CA SER A 1585 85.37 -38.18 20.61
C SER A 1585 84.84 -37.66 19.27
N SER A 1586 85.68 -37.79 18.25
CA SER A 1586 85.32 -37.36 16.92
C SER A 1586 84.71 -38.48 16.10
N VAL A 1587 84.80 -39.72 16.57
CA VAL A 1587 84.20 -40.85 15.91
C VAL A 1587 82.99 -41.39 16.65
N ASP A 1588 82.99 -41.33 17.99
CA ASP A 1588 81.90 -41.88 18.78
C ASP A 1588 80.62 -41.06 18.57
N ASN A 1589 80.64 -39.79 18.97
CA ASN A 1589 79.52 -38.88 18.72
C ASN A 1589 79.93 -37.95 17.59
N THR A 1590 79.74 -38.41 16.36
CA THR A 1590 80.26 -37.70 15.18
C THR A 1590 79.44 -36.44 14.88
N LYS A 1591 78.12 -36.58 14.77
CA LYS A 1591 77.27 -35.46 14.36
C LYS A 1591 77.41 -34.29 15.33
N MET A 1592 77.37 -34.57 16.63
CA MET A 1592 77.41 -33.50 17.63
C MET A 1592 78.72 -32.73 17.55
N VAL A 1593 79.85 -33.44 17.44
CA VAL A 1593 81.14 -32.75 17.45
C VAL A 1593 81.32 -31.95 16.16
N SER A 1594 80.85 -32.47 15.02
CA SER A 1594 80.93 -31.72 13.78
C SER A 1594 80.14 -30.42 13.88
N ALA A 1595 78.91 -30.51 14.40
CA ALA A 1595 78.08 -29.31 14.53
C ALA A 1595 78.70 -28.30 15.51
N VAL A 1596 79.24 -28.79 16.62
CA VAL A 1596 79.82 -27.89 17.62
C VAL A 1596 81.03 -27.15 17.06
N LEU A 1597 81.89 -27.84 16.31
CA LEU A 1597 83.04 -27.14 15.74
C LEU A 1597 82.63 -26.17 14.64
N ASN A 1598 81.68 -26.54 13.79
CA ASN A 1598 81.19 -25.59 12.80
C ASN A 1598 80.64 -24.33 13.45
N GLY A 1599 79.82 -24.49 14.49
CA GLY A 1599 79.25 -23.32 15.14
C GLY A 1599 80.27 -22.52 15.92
N MET A 1600 81.30 -23.19 16.45
CA MET A 1600 82.31 -22.46 17.20
C MET A 1600 83.20 -21.67 16.25
N LEU A 1601 83.55 -22.23 15.10
CA LEU A 1601 84.28 -21.46 14.10
C LEU A 1601 83.46 -20.26 13.63
N ASP A 1602 82.24 -20.50 13.14
CA ASP A 1602 81.51 -19.39 12.56
C ASP A 1602 80.98 -18.41 13.60
N GLN A 1603 81.11 -18.72 14.90
CA GLN A 1603 80.88 -17.70 15.92
C GLN A 1603 82.16 -16.98 16.31
N SER A 1604 83.31 -17.65 16.20
CA SER A 1604 84.57 -16.96 16.45
C SER A 1604 84.92 -16.00 15.32
N PHE A 1605 84.36 -16.17 14.12
CA PHE A 1605 84.63 -15.19 13.08
C PHE A 1605 83.68 -14.00 13.11
N ARG A 1606 82.47 -14.15 13.67
CA ARG A 1606 81.55 -13.02 13.75
C ARG A 1606 82.24 -11.87 14.46
N GLU A 1607 82.56 -12.06 15.75
CA GLU A 1607 83.44 -11.15 16.45
C GLU A 1607 84.87 -11.56 16.14
N ARG A 1608 85.36 -11.14 14.97
CA ARG A 1608 86.76 -11.38 14.61
C ARG A 1608 87.40 -10.12 14.07
N ALA A 1609 86.58 -9.25 13.49
CA ALA A 1609 87.10 -8.04 12.87
C ALA A 1609 87.56 -7.03 13.92
N ASN A 1610 87.05 -7.15 15.15
CA ASN A 1610 87.32 -6.21 16.23
C ASN A 1610 88.47 -6.70 17.11
N GLN A 1611 89.50 -7.28 16.49
CA GLN A 1611 90.68 -7.82 17.16
C GLN A 1611 90.29 -8.94 18.13
N LYS A 1612 89.82 -10.03 17.55
CA LYS A 1612 89.54 -11.25 18.30
C LYS A 1612 90.75 -12.17 18.26
N HIS A 1613 91.09 -12.68 17.07
CA HIS A 1613 92.16 -13.64 16.81
C HIS A 1613 91.83 -14.99 17.42
N GLN A 1614 90.66 -15.13 18.03
CA GLN A 1614 90.31 -16.40 18.66
C GLN A 1614 90.00 -17.43 17.60
N GLY A 1615 89.42 -16.99 16.47
CA GLY A 1615 89.30 -17.88 15.33
C GLY A 1615 90.65 -18.37 14.82
N LEU A 1616 91.66 -17.51 14.81
CA LEU A 1616 92.98 -17.93 14.32
C LEU A 1616 93.63 -18.93 15.27
N LYS A 1617 93.58 -18.68 16.58
CA LYS A 1617 94.16 -19.66 17.50
C LYS A 1617 93.36 -20.96 17.50
N LEU A 1618 92.03 -20.85 17.37
CA LEU A 1618 91.20 -22.04 17.21
C LEU A 1618 91.58 -22.82 15.96
N ALA A 1619 91.88 -22.11 14.88
CA ALA A 1619 92.37 -22.75 13.66
C ALA A 1619 93.68 -23.46 13.92
N THR A 1620 94.64 -22.77 14.54
CA THR A 1620 95.95 -23.36 14.78
C THR A 1620 95.84 -24.60 15.67
N THR A 1621 94.93 -24.58 16.65
CA THR A 1621 94.74 -25.73 17.52
C THR A 1621 94.07 -26.88 16.78
N ILE A 1622 92.93 -26.61 16.15
CA ILE A 1622 92.18 -27.66 15.46
C ILE A 1622 93.01 -28.24 14.33
N LEU A 1623 94.01 -27.49 13.84
CA LEU A 1623 94.91 -27.93 12.79
C LEU A 1623 96.06 -28.77 13.32
N GLN A 1624 95.93 -29.31 14.53
CA GLN A 1624 96.93 -30.19 15.09
C GLN A 1624 96.32 -31.52 15.52
N HIS A 1625 95.09 -31.80 15.09
CA HIS A 1625 94.39 -33.05 15.40
C HIS A 1625 93.79 -33.67 14.16
N TRP A 1626 94.40 -33.46 13.00
CA TRP A 1626 93.82 -33.99 11.77
C TRP A 1626 93.87 -35.52 11.72
N LYS A 1627 94.77 -36.15 12.48
CA LYS A 1627 94.74 -37.61 12.56
C LYS A 1627 93.56 -38.12 13.37
N LYS A 1628 92.86 -37.25 14.09
CA LYS A 1628 91.71 -37.64 14.90
C LYS A 1628 90.41 -37.66 14.13
N CYS A 1629 90.38 -37.14 12.89
CA CYS A 1629 89.18 -37.20 12.04
C CYS A 1629 89.57 -37.69 10.65
N ASP A 1630 89.64 -39.01 10.51
CA ASP A 1630 89.88 -39.65 9.22
C ASP A 1630 88.83 -40.68 8.87
N SER A 1631 87.90 -41.00 9.78
CA SER A 1631 86.78 -41.93 9.65
C SER A 1631 85.70 -41.42 8.71
N TRP A 1632 86.01 -40.32 8.02
CA TRP A 1632 85.07 -39.63 7.16
C TRP A 1632 85.37 -39.84 5.68
N TRP A 1633 86.57 -39.52 5.25
CA TRP A 1633 86.95 -39.55 3.83
C TRP A 1633 87.70 -40.85 3.50
N ALA A 1634 86.95 -41.94 3.49
CA ALA A 1634 87.53 -43.26 3.24
C ALA A 1634 86.47 -44.14 2.59
N LYS A 1635 86.67 -45.46 2.66
CA LYS A 1635 85.70 -46.44 2.20
C LYS A 1635 84.40 -46.41 3.01
N ASP A 1636 84.33 -45.60 4.07
CA ASP A 1636 83.18 -45.57 4.96
C ASP A 1636 82.57 -44.17 4.92
N SER A 1637 81.52 -44.01 4.12
CA SER A 1637 80.67 -42.82 4.04
C SER A 1637 81.49 -41.56 3.80
N PRO A 1638 82.08 -41.38 2.62
CA PRO A 1638 82.69 -40.08 2.31
C PRO A 1638 81.70 -39.04 1.82
N LEU A 1639 80.44 -39.43 1.55
CA LEU A 1639 79.42 -38.51 1.06
C LEU A 1639 79.21 -37.35 2.02
N GLU A 1640 78.67 -37.62 3.21
CA GLU A 1640 78.65 -36.61 4.27
C GLU A 1640 80.02 -36.55 4.93
N THR A 1641 80.13 -35.74 5.98
CA THR A 1641 81.32 -35.68 6.83
C THR A 1641 82.55 -35.27 6.03
N LYS A 1642 82.38 -35.02 4.74
CA LYS A 1642 83.40 -34.45 3.90
C LYS A 1642 83.02 -33.08 3.40
N MET A 1643 81.72 -32.83 3.18
CA MET A 1643 81.26 -31.46 3.06
C MET A 1643 81.63 -30.67 4.31
N ALA A 1644 81.54 -31.30 5.47
CA ALA A 1644 81.98 -30.66 6.70
C ALA A 1644 83.48 -30.41 6.68
N VAL A 1645 84.25 -31.38 6.15
CA VAL A 1645 85.70 -31.20 6.02
C VAL A 1645 86.02 -29.99 5.13
N LEU A 1646 85.36 -29.91 3.99
CA LEU A 1646 85.62 -28.80 3.06
C LEU A 1646 85.23 -27.46 3.67
N ALA A 1647 84.04 -27.38 4.26
CA ALA A 1647 83.63 -26.14 4.90
C ALA A 1647 84.60 -25.77 6.02
N LEU A 1648 85.08 -26.77 6.77
CA LEU A 1648 86.00 -26.50 7.87
C LEU A 1648 87.35 -26.01 7.37
N LEU A 1649 87.90 -26.64 6.32
CA LEU A 1649 89.14 -26.14 5.74
C LEU A 1649 88.95 -24.71 5.21
N ALA A 1650 87.82 -24.46 4.57
CA ALA A 1650 87.53 -23.13 4.06
C ALA A 1650 87.56 -22.11 5.20
N LYS A 1651 86.86 -22.41 6.31
CA LYS A 1651 86.85 -21.50 7.45
C LYS A 1651 88.24 -21.35 8.05
N ILE A 1652 88.89 -22.47 8.36
CA ILE A 1652 90.24 -22.49 8.93
C ILE A 1652 91.18 -21.60 8.14
N LEU A 1653 91.12 -21.68 6.82
CA LEU A 1653 92.03 -20.91 5.98
C LEU A 1653 91.59 -19.45 5.87
N GLN A 1654 90.28 -19.19 5.73
CA GLN A 1654 89.76 -17.85 5.63
C GLN A 1654 89.89 -17.08 6.93
N ILE A 1655 90.33 -17.74 8.00
CA ILE A 1655 90.77 -17.07 9.21
C ILE A 1655 92.29 -16.88 9.22
N ASP A 1656 93.03 -17.93 8.82
CA ASP A 1656 94.50 -17.94 8.89
C ASP A 1656 95.02 -17.34 7.59
N SER A 1657 95.18 -16.02 7.60
CA SER A 1657 95.79 -15.31 6.49
C SER A 1657 97.31 -15.45 6.50
N HIS A 1665 106.04 -26.58 9.28
CA HIS A 1665 106.31 -27.64 10.23
C HIS A 1665 105.44 -28.86 10.01
N GLY A 1666 104.59 -29.16 11.00
CA GLY A 1666 103.71 -30.31 10.93
C GLY A 1666 102.27 -29.93 10.66
N SER A 1667 101.97 -28.63 10.78
CA SER A 1667 100.62 -28.15 10.48
C SER A 1667 100.39 -28.02 8.98
N PHE A 1668 101.46 -27.78 8.22
CA PHE A 1668 101.31 -27.67 6.77
C PHE A 1668 100.95 -29.01 6.12
N PRO A 1669 101.62 -30.14 6.43
CA PRO A 1669 101.21 -31.41 5.82
C PRO A 1669 99.98 -31.95 6.55
N GLU A 1670 99.52 -33.10 6.06
CA GLU A 1670 98.38 -33.83 6.61
C GLU A 1670 97.09 -33.07 6.35
N VAL A 1671 97.19 -31.85 5.85
CA VAL A 1671 96.05 -31.12 5.32
C VAL A 1671 96.12 -31.01 3.81
N PHE A 1672 97.33 -30.90 3.25
CA PHE A 1672 97.47 -31.06 1.82
C PHE A 1672 97.08 -32.46 1.41
N THR A 1673 97.40 -33.45 2.26
CA THR A 1673 96.93 -34.81 2.06
C THR A 1673 95.42 -34.85 1.92
N THR A 1674 94.72 -34.29 2.91
CA THR A 1674 93.26 -34.26 2.86
C THR A 1674 92.76 -33.55 1.61
N TYR A 1675 93.37 -32.40 1.29
CA TYR A 1675 92.94 -31.61 0.16
C TYR A 1675 93.05 -32.41 -1.14
N ILE A 1676 94.24 -32.95 -1.40
CA ILE A 1676 94.46 -33.71 -2.63
C ILE A 1676 93.55 -34.92 -2.67
N SER A 1677 93.32 -35.54 -1.51
CA SER A 1677 92.41 -36.68 -1.47
C SER A 1677 91.00 -36.26 -1.84
N LEU A 1678 90.62 -35.02 -1.49
CA LEU A 1678 89.28 -34.52 -1.73
C LEU A 1678 89.05 -34.20 -3.21
N LEU A 1679 90.00 -33.50 -3.84
CA LEU A 1679 89.85 -33.28 -5.29
C LEU A 1679 90.35 -34.46 -6.11
N ALA A 1680 90.85 -35.50 -5.45
CA ALA A 1680 91.44 -36.71 -6.03
C ALA A 1680 90.38 -37.75 -6.38
N ASP A 1681 90.80 -39.01 -6.36
CA ASP A 1681 90.06 -40.20 -6.80
C ASP A 1681 88.55 -40.06 -6.67
N THR A 1682 87.84 -40.59 -7.66
CA THR A 1682 86.47 -40.22 -7.94
C THR A 1682 85.51 -40.65 -6.84
N LYS A 1683 85.73 -40.09 -5.65
CA LYS A 1683 84.77 -40.11 -4.56
C LYS A 1683 83.97 -38.81 -4.52
N LEU A 1684 84.13 -37.95 -5.54
CA LEU A 1684 83.52 -36.64 -5.59
C LEU A 1684 82.68 -36.45 -6.86
N ASP A 1685 81.73 -35.54 -6.77
CA ASP A 1685 81.04 -35.03 -7.95
C ASP A 1685 81.49 -33.60 -8.22
N LEU A 1686 81.54 -33.23 -9.49
CA LEU A 1686 82.13 -31.92 -9.81
C LEU A 1686 81.13 -30.79 -9.58
N HIS A 1687 80.40 -30.86 -8.46
CA HIS A 1687 79.50 -29.81 -8.02
C HIS A 1687 79.65 -29.44 -6.55
N LEU A 1688 80.00 -30.39 -5.69
CA LEU A 1688 80.46 -30.07 -4.33
C LEU A 1688 81.95 -29.78 -4.32
N LYS A 1689 82.69 -30.33 -5.28
CA LYS A 1689 84.09 -30.01 -5.42
C LYS A 1689 84.30 -28.61 -5.97
N GLY A 1690 83.22 -27.92 -6.35
CA GLY A 1690 83.35 -26.52 -6.68
C GLY A 1690 83.71 -25.67 -5.47
N GLN A 1691 82.96 -25.85 -4.37
CA GLN A 1691 83.36 -25.13 -3.17
C GLN A 1691 84.64 -25.67 -2.57
N ALA A 1692 85.25 -26.70 -3.16
CA ALA A 1692 86.57 -27.19 -2.77
C ALA A 1692 87.67 -26.54 -3.60
N VAL A 1693 87.47 -26.46 -4.91
CA VAL A 1693 88.38 -25.70 -5.76
C VAL A 1693 88.32 -24.23 -5.40
N THR A 1694 87.22 -23.79 -4.75
CA THR A 1694 87.13 -22.41 -4.29
C THR A 1694 88.29 -22.06 -3.38
N LEU A 1695 88.66 -22.97 -2.47
CA LEU A 1695 89.78 -22.67 -1.57
C LEU A 1695 91.09 -23.25 -2.08
N LEU A 1696 91.30 -23.18 -3.40
CA LEU A 1696 92.56 -23.50 -4.05
C LEU A 1696 93.68 -22.53 -3.70
N PRO A 1697 93.43 -21.22 -3.62
CA PRO A 1697 94.55 -20.28 -3.46
C PRO A 1697 95.42 -20.52 -2.25
N PHE A 1698 94.91 -21.17 -1.21
CA PHE A 1698 95.68 -21.35 0.02
C PHE A 1698 96.85 -22.30 -0.15
N PHE A 1699 97.05 -22.83 -1.35
CA PHE A 1699 98.16 -23.74 -1.62
C PHE A 1699 99.07 -23.30 -2.75
N THR A 1700 98.60 -22.47 -3.68
CA THR A 1700 99.41 -22.25 -4.87
C THR A 1700 100.51 -21.22 -4.59
N SER A 1701 101.25 -21.47 -3.52
CA SER A 1701 102.45 -20.72 -3.20
C SER A 1701 103.58 -21.62 -2.70
N LEU A 1702 103.35 -22.92 -2.57
CA LEU A 1702 104.35 -23.83 -2.02
C LEU A 1702 105.29 -24.33 -3.11
N THR A 1703 106.45 -24.81 -2.68
CA THR A 1703 107.51 -25.19 -3.60
C THR A 1703 107.15 -26.51 -4.29
N GLY A 1704 108.07 -27.04 -5.08
CA GLY A 1704 107.82 -28.23 -5.89
C GLY A 1704 107.46 -29.49 -5.12
N GLY A 1705 107.17 -30.56 -5.86
CA GLY A 1705 106.71 -31.79 -5.25
C GLY A 1705 105.21 -31.79 -5.06
N SER A 1706 104.77 -31.43 -3.85
CA SER A 1706 103.34 -31.29 -3.58
C SER A 1706 102.70 -30.31 -4.57
N LEU A 1707 103.46 -29.32 -5.04
CA LEU A 1707 102.97 -28.42 -6.07
C LEU A 1707 102.64 -29.18 -7.35
N GLU A 1708 103.53 -30.08 -7.75
CA GLU A 1708 103.27 -30.84 -8.97
C GLU A 1708 102.13 -31.83 -8.74
N GLU A 1709 101.97 -32.35 -7.52
CA GLU A 1709 100.82 -33.20 -7.23
C GLU A 1709 99.50 -32.44 -7.33
N LEU A 1710 99.47 -31.20 -6.81
CA LEU A 1710 98.31 -30.35 -7.05
C LEU A 1710 98.07 -30.16 -8.53
N ARG A 1711 99.13 -29.84 -9.28
CA ARG A 1711 99.01 -29.68 -10.72
C ARG A 1711 98.43 -30.93 -11.36
N ARG A 1712 98.87 -32.09 -10.89
CA ARG A 1712 98.45 -33.36 -11.46
C ARG A 1712 96.97 -33.60 -11.21
N VAL A 1713 96.54 -33.54 -9.96
CA VAL A 1713 95.14 -33.83 -9.66
C VAL A 1713 94.22 -32.76 -10.26
N LEU A 1714 94.71 -31.52 -10.38
CA LEU A 1714 93.93 -30.49 -11.04
C LEU A 1714 93.73 -30.82 -12.51
N GLU A 1715 94.81 -31.17 -13.20
CA GLU A 1715 94.67 -31.65 -14.57
C GLU A 1715 93.80 -32.89 -14.63
N GLN A 1716 93.80 -33.69 -13.57
CA GLN A 1716 92.91 -34.85 -13.51
C GLN A 1716 91.47 -34.40 -13.61
N LEU A 1717 91.05 -33.49 -12.72
CA LEU A 1717 89.70 -32.96 -12.77
C LEU A 1717 89.44 -32.22 -14.07
N ILE A 1718 90.47 -31.59 -14.63
CA ILE A 1718 90.35 -30.92 -15.92
C ILE A 1718 89.96 -31.91 -17.01
N VAL A 1719 90.81 -32.90 -17.27
CA VAL A 1719 90.59 -33.82 -18.38
C VAL A 1719 89.43 -34.76 -18.11
N ALA A 1720 89.10 -35.03 -16.86
CA ALA A 1720 88.02 -35.93 -16.53
C ALA A 1720 86.68 -35.22 -16.38
N HIS A 1721 86.67 -33.90 -16.35
CA HIS A 1721 85.40 -33.20 -16.13
C HIS A 1721 85.22 -32.01 -17.07
N PHE A 1722 85.97 -31.93 -18.18
CA PHE A 1722 85.79 -30.82 -19.08
C PHE A 1722 85.28 -31.29 -20.44
N PRO A 1723 84.19 -30.71 -20.95
CA PRO A 1723 83.89 -30.82 -22.39
C PRO A 1723 85.12 -30.48 -23.23
N MET A 1724 85.31 -31.27 -24.29
CA MET A 1724 86.62 -31.50 -24.89
C MET A 1724 87.48 -30.25 -25.04
N GLN A 1725 87.05 -29.27 -25.84
CA GLN A 1725 87.78 -28.01 -25.95
C GLN A 1725 86.90 -26.76 -26.03
N SER A 1726 85.61 -26.88 -26.34
CA SER A 1726 84.71 -25.74 -26.52
C SER A 1726 83.39 -26.14 -25.89
N ARG A 1727 82.31 -25.46 -26.28
CA ARG A 1727 81.01 -25.69 -25.66
C ARG A 1727 80.62 -27.17 -25.70
N GLU A 1728 80.37 -27.70 -26.91
CA GLU A 1728 79.99 -29.10 -27.08
C GLU A 1728 79.00 -29.54 -26.01
N PHE A 1729 78.05 -28.66 -25.73
CA PHE A 1729 76.95 -28.86 -24.79
C PHE A 1729 75.95 -27.78 -25.11
N PRO A 1730 74.66 -28.08 -25.14
CA PRO A 1730 73.68 -27.05 -25.54
C PRO A 1730 73.67 -25.91 -24.55
N PRO A 1731 73.02 -24.78 -24.87
CA PRO A 1731 73.16 -23.59 -24.02
C PRO A 1731 72.67 -23.80 -22.59
N GLY A 1732 71.40 -24.16 -22.40
CA GLY A 1732 70.98 -24.48 -21.05
C GLY A 1732 71.03 -25.96 -20.79
N THR A 1733 72.14 -26.45 -20.25
CA THR A 1733 72.30 -27.88 -20.00
C THR A 1733 72.62 -28.12 -18.54
N PRO A 1734 72.21 -29.25 -17.98
CA PRO A 1734 72.72 -29.62 -16.65
C PRO A 1734 74.19 -30.04 -16.69
N ARG A 1735 74.69 -30.46 -17.85
CA ARG A 1735 76.12 -30.65 -18.04
C ARG A 1735 76.83 -29.31 -18.18
N PHE A 1736 76.30 -28.44 -19.06
CA PHE A 1736 76.88 -27.13 -19.30
C PHE A 1736 76.84 -26.23 -18.06
N ASN A 1737 75.78 -26.34 -17.25
CA ASN A 1737 75.69 -25.53 -16.03
C ASN A 1737 76.83 -25.87 -15.07
N ASN A 1738 77.05 -27.17 -14.82
CA ASN A 1738 78.15 -27.56 -13.93
C ASN A 1738 79.51 -27.26 -14.55
N TYR A 1739 79.63 -27.40 -15.87
CA TYR A 1739 80.85 -27.02 -16.57
C TYR A 1739 81.20 -25.56 -16.31
N VAL A 1740 80.26 -24.66 -16.56
CA VAL A 1740 80.54 -23.25 -16.38
C VAL A 1740 80.70 -22.90 -14.90
N ASP A 1741 80.01 -23.61 -13.99
CA ASP A 1741 80.24 -23.44 -12.56
C ASP A 1741 81.70 -23.72 -12.21
N CYS A 1742 82.20 -24.90 -12.55
CA CYS A 1742 83.58 -25.25 -12.20
C CYS A 1742 84.57 -24.34 -12.90
N MET A 1743 84.27 -23.92 -14.14
CA MET A 1743 85.18 -22.99 -14.82
C MET A 1743 85.21 -21.64 -14.13
N LYS A 1744 84.05 -21.13 -13.71
CA LYS A 1744 84.02 -19.86 -13.00
C LYS A 1744 84.71 -19.96 -11.66
N LYS A 1745 84.60 -21.11 -10.98
CA LYS A 1745 85.31 -21.26 -9.72
C LYS A 1745 86.81 -21.33 -9.94
N PHE A 1746 87.26 -21.96 -11.03
CA PHE A 1746 88.66 -21.89 -11.41
C PHE A 1746 89.09 -20.45 -11.66
N LEU A 1747 88.26 -19.70 -12.39
CA LEU A 1747 88.60 -18.33 -12.71
C LEU A 1747 88.67 -17.48 -11.45
N ASP A 1748 87.80 -17.74 -10.47
CA ASP A 1748 87.86 -17.01 -9.20
C ASP A 1748 89.13 -17.35 -8.42
N ALA A 1749 89.53 -18.62 -8.44
CA ALA A 1749 90.80 -18.98 -7.79
C ALA A 1749 91.98 -18.28 -8.46
N LEU A 1750 91.98 -18.24 -9.79
CA LEU A 1750 93.11 -17.64 -10.51
C LEU A 1750 93.11 -16.11 -10.40
N GLU A 1751 91.94 -15.49 -10.50
CA GLU A 1751 91.87 -14.03 -10.50
C GLU A 1751 92.44 -13.41 -9.23
N LEU A 1752 92.41 -14.15 -8.12
CA LEU A 1752 92.97 -13.63 -6.88
C LEU A 1752 94.32 -14.26 -6.55
N SER A 1753 94.43 -15.58 -6.63
CA SER A 1753 95.72 -16.22 -6.44
C SER A 1753 96.49 -16.09 -7.75
N GLN A 1754 97.05 -14.91 -7.97
CA GLN A 1754 97.79 -14.67 -9.22
C GLN A 1754 99.07 -15.49 -9.10
N SER A 1755 98.91 -16.80 -9.32
CA SER A 1755 99.89 -17.84 -9.18
C SER A 1755 100.14 -18.48 -10.52
N PRO A 1756 101.41 -18.73 -10.86
CA PRO A 1756 101.72 -19.20 -12.22
C PRO A 1756 101.09 -20.53 -12.58
N MET A 1757 100.83 -21.40 -11.60
CA MET A 1757 100.31 -22.73 -11.91
C MET A 1757 98.91 -22.66 -12.52
N LEU A 1758 98.00 -21.91 -11.88
CA LEU A 1758 96.65 -21.80 -12.41
C LEU A 1758 96.64 -21.09 -13.76
N LEU A 1759 97.45 -20.05 -13.91
CA LEU A 1759 97.52 -19.36 -15.20
C LEU A 1759 98.02 -20.30 -16.30
N GLU A 1760 99.12 -21.02 -16.02
CA GLU A 1760 99.67 -21.95 -16.99
C GLU A 1760 98.65 -23.00 -17.36
N LEU A 1761 97.85 -23.44 -16.40
CA LEU A 1761 96.90 -24.50 -16.69
C LEU A 1761 95.61 -23.99 -17.29
N MET A 1762 95.35 -22.69 -17.17
CA MET A 1762 94.10 -22.15 -17.69
C MET A 1762 94.25 -21.65 -19.12
N THR A 1763 95.34 -20.96 -19.42
CA THR A 1763 95.58 -20.57 -20.82
C THR A 1763 95.61 -21.78 -21.72
N GLU A 1764 96.02 -22.92 -21.17
CA GLU A 1764 96.04 -24.16 -21.92
C GLU A 1764 94.65 -24.44 -22.51
N VAL A 1765 93.66 -24.67 -21.64
CA VAL A 1765 92.33 -24.99 -22.13
C VAL A 1765 91.68 -23.79 -22.80
N LEU A 1766 92.15 -22.57 -22.52
CA LEU A 1766 91.72 -21.41 -23.29
C LEU A 1766 92.02 -21.61 -24.76
N CYS A 1767 93.29 -21.82 -25.09
CA CYS A 1767 93.73 -21.97 -26.47
C CYS A 1767 93.56 -23.39 -27.01
N ARG A 1768 92.96 -24.30 -26.24
CA ARG A 1768 92.61 -25.62 -26.76
C ARG A 1768 91.78 -25.54 -28.03
N GLU A 1769 90.84 -24.60 -28.10
CA GLU A 1769 90.00 -24.41 -29.27
C GLU A 1769 90.36 -23.12 -29.99
N GLN A 1770 90.13 -23.10 -31.30
CA GLN A 1770 90.31 -21.87 -32.07
C GLN A 1770 89.42 -20.77 -31.52
N GLN A 1771 88.26 -21.14 -30.98
CA GLN A 1771 87.37 -20.22 -30.30
C GLN A 1771 86.70 -20.97 -29.15
N HIS A 1772 86.91 -20.50 -27.92
CA HIS A 1772 86.25 -21.05 -26.76
C HIS A 1772 85.23 -20.04 -26.23
N VAL A 1773 84.23 -20.57 -25.52
CA VAL A 1773 82.98 -19.83 -25.33
C VAL A 1773 83.16 -18.69 -24.33
N MET A 1774 83.97 -18.90 -23.30
CA MET A 1774 84.08 -17.98 -22.17
C MET A 1774 85.13 -16.90 -22.37
N GLU A 1775 85.38 -16.50 -23.62
CA GLU A 1775 86.48 -15.58 -23.94
C GLU A 1775 86.46 -14.34 -23.06
N GLU A 1776 85.29 -13.70 -22.92
CA GLU A 1776 85.24 -12.45 -22.17
C GLU A 1776 85.59 -12.65 -20.70
N LEU A 1777 85.17 -13.77 -20.12
CA LEU A 1777 85.49 -14.03 -18.72
C LEU A 1777 86.99 -14.21 -18.52
N PHE A 1778 87.62 -14.96 -19.42
CA PHE A 1778 89.06 -15.12 -19.40
C PHE A 1778 89.76 -13.77 -19.51
N GLN A 1779 89.33 -12.94 -20.45
CA GLN A 1779 89.98 -11.65 -20.66
C GLN A 1779 89.81 -10.72 -19.46
N SER A 1780 88.63 -10.73 -18.84
CA SER A 1780 88.42 -9.86 -17.68
C SER A 1780 89.27 -10.31 -16.51
N SER A 1781 89.31 -11.61 -16.21
CA SER A 1781 90.15 -12.08 -15.12
C SER A 1781 91.64 -11.89 -15.44
N PHE A 1782 92.02 -12.00 -16.72
CA PHE A 1782 93.40 -11.76 -17.11
C PHE A 1782 93.80 -10.31 -16.90
N ARG A 1783 92.96 -9.38 -17.35
CA ARG A 1783 93.24 -7.96 -17.15
C ARG A 1783 93.28 -7.59 -15.68
N ARG A 1784 92.39 -8.18 -14.85
CA ARG A 1784 92.45 -7.91 -13.42
C ARG A 1784 93.67 -8.54 -12.76
N ILE A 1785 94.19 -9.63 -13.31
CA ILE A 1785 95.42 -10.20 -12.80
C ILE A 1785 96.61 -9.34 -13.21
N ALA A 1786 96.54 -8.74 -14.40
CA ALA A 1786 97.66 -7.99 -14.95
C ALA A 1786 98.24 -7.02 -13.94
N ARG A 1787 97.40 -6.18 -13.34
CA ARG A 1787 97.85 -5.24 -12.32
C ARG A 1787 97.33 -5.73 -10.97
N ARG A 1788 98.22 -6.34 -10.18
CA ARG A 1788 97.87 -6.75 -8.83
C ARG A 1788 99.04 -6.55 -7.89
N GLY A 1789 99.93 -5.62 -8.20
CA GLY A 1789 101.08 -5.33 -7.38
C GLY A 1789 102.08 -6.48 -7.32
N SER A 1790 103.10 -6.28 -6.49
CA SER A 1790 104.24 -7.20 -6.36
C SER A 1790 104.79 -7.56 -7.74
N CYS A 1791 105.38 -6.53 -8.37
CA CYS A 1791 105.95 -6.66 -9.70
C CYS A 1791 106.81 -7.91 -9.85
N VAL A 1792 107.33 -8.44 -8.75
CA VAL A 1792 108.04 -9.71 -8.77
C VAL A 1792 107.15 -10.82 -9.32
N THR A 1793 105.84 -10.74 -9.08
CA THR A 1793 104.94 -11.79 -9.53
C THR A 1793 104.31 -11.50 -10.89
N GLN A 1794 104.18 -10.22 -11.25
CA GLN A 1794 103.64 -9.90 -12.57
C GLN A 1794 104.63 -10.35 -13.65
N VAL A 1795 105.91 -10.02 -13.46
CA VAL A 1795 106.95 -10.52 -14.33
C VAL A 1795 106.91 -12.05 -14.37
N GLY A 1796 106.57 -12.69 -13.24
CA GLY A 1796 106.54 -14.14 -13.21
C GLY A 1796 105.42 -14.73 -14.05
N LEU A 1797 104.22 -14.16 -13.94
CA LEU A 1797 103.11 -14.62 -14.78
C LEU A 1797 103.40 -14.42 -16.26
N LEU A 1798 103.91 -13.25 -16.61
CA LEU A 1798 104.32 -13.01 -17.98
C LEU A 1798 105.33 -14.07 -18.43
N GLU A 1799 106.33 -14.34 -17.59
CA GLU A 1799 107.34 -15.33 -17.95
C GLU A 1799 106.75 -16.72 -18.07
N SER A 1800 105.72 -17.04 -17.27
CA SER A 1800 105.12 -18.37 -17.39
C SER A 1800 104.43 -18.53 -18.74
N VAL A 1801 103.65 -17.54 -19.15
CA VAL A 1801 103.02 -17.61 -20.47
C VAL A 1801 104.09 -17.62 -21.55
N TYR A 1802 105.15 -16.83 -21.39
CA TYR A 1802 106.19 -16.78 -22.40
C TYR A 1802 106.92 -18.11 -22.50
N GLU A 1803 107.19 -18.75 -21.36
CA GLU A 1803 107.90 -20.03 -21.33
C GLU A 1803 107.05 -21.19 -21.83
N MET A 1804 105.72 -21.07 -21.80
CA MET A 1804 104.90 -22.04 -22.52
C MET A 1804 104.70 -21.67 -23.98
N PHE A 1805 105.01 -20.43 -24.38
CA PHE A 1805 104.95 -20.09 -25.79
C PHE A 1805 106.22 -20.49 -26.53
N ARG A 1806 107.38 -20.33 -25.90
CA ARG A 1806 108.67 -20.53 -26.57
C ARG A 1806 109.23 -21.93 -26.46
N LYS A 1807 108.69 -22.78 -25.59
CA LYS A 1807 109.24 -24.13 -25.39
C LYS A 1807 109.28 -24.88 -26.72
N ASP A 1808 110.18 -25.87 -26.78
CA ASP A 1808 110.36 -26.68 -27.98
C ASP A 1808 109.37 -27.84 -28.05
N ASP A 1809 108.24 -27.70 -27.37
CA ASP A 1809 107.20 -28.71 -27.39
C ASP A 1809 106.40 -28.59 -28.68
N PRO A 1810 106.36 -29.62 -29.52
CA PRO A 1810 105.48 -29.58 -30.69
C PRO A 1810 104.00 -29.61 -30.28
N ARG A 1811 103.29 -28.51 -30.54
CA ARG A 1811 101.88 -28.45 -30.19
C ARG A 1811 100.96 -28.31 -31.39
N LEU A 1812 101.04 -27.19 -32.10
CA LEU A 1812 100.31 -26.89 -33.34
C LEU A 1812 100.82 -25.55 -33.83
N SER A 1813 100.14 -24.95 -34.80
CA SER A 1813 100.41 -23.55 -35.13
C SER A 1813 99.35 -22.59 -34.57
N PHE A 1814 98.09 -23.01 -34.62
CA PHE A 1814 96.99 -22.13 -34.21
C PHE A 1814 97.02 -21.87 -32.70
N THR A 1815 97.24 -22.91 -31.90
CA THR A 1815 97.29 -22.73 -30.45
C THR A 1815 98.57 -22.01 -30.03
N ARG A 1816 99.70 -22.30 -30.70
CA ARG A 1816 100.92 -21.58 -30.39
C ARG A 1816 100.77 -20.10 -30.71
N GLN A 1817 99.89 -19.76 -31.65
CA GLN A 1817 99.60 -18.35 -31.91
C GLN A 1817 98.61 -17.78 -30.91
N SER A 1818 97.64 -18.58 -30.45
CA SER A 1818 96.70 -18.09 -29.45
C SER A 1818 97.41 -17.81 -28.12
N PHE A 1819 98.40 -18.64 -27.77
CA PHE A 1819 99.26 -18.38 -26.64
C PHE A 1819 99.72 -16.93 -26.59
N VAL A 1820 100.08 -16.39 -27.75
CA VAL A 1820 100.60 -15.04 -27.77
C VAL A 1820 99.55 -14.01 -28.13
N ASP A 1821 98.40 -14.43 -28.65
CA ASP A 1821 97.43 -13.43 -29.08
C ASP A 1821 96.31 -13.18 -28.09
N ARG A 1822 95.84 -14.18 -27.33
CA ARG A 1822 94.73 -13.96 -26.42
C ARG A 1822 95.03 -14.45 -25.00
N SER A 1823 96.29 -14.76 -24.72
CA SER A 1823 96.73 -15.09 -23.37
C SER A 1823 97.80 -14.15 -22.86
N LEU A 1824 98.74 -13.73 -23.71
CA LEU A 1824 99.83 -12.85 -23.29
C LEU A 1824 99.67 -11.40 -23.75
N LEU A 1825 99.08 -11.13 -24.92
CA LEU A 1825 98.76 -9.75 -25.26
C LEU A 1825 97.80 -9.14 -24.26
N THR A 1826 96.80 -9.88 -23.79
CA THR A 1826 95.91 -9.30 -22.79
C THR A 1826 96.68 -8.89 -21.53
N LEU A 1827 97.58 -9.75 -21.04
CA LEU A 1827 98.36 -9.42 -19.85
C LEU A 1827 99.28 -8.23 -20.12
N LEU A 1828 100.11 -8.32 -21.16
CA LEU A 1828 101.01 -7.23 -21.50
C LEU A 1828 100.25 -5.93 -21.75
N TRP A 1829 99.00 -6.02 -22.19
CA TRP A 1829 98.24 -4.85 -22.58
C TRP A 1829 97.64 -4.13 -21.39
N HIS A 1830 96.77 -4.82 -20.64
CA HIS A 1830 95.92 -4.09 -19.71
C HIS A 1830 96.77 -3.32 -18.70
N CYS A 1831 97.53 -4.04 -17.87
CA CYS A 1831 98.60 -3.39 -17.11
C CYS A 1831 99.58 -4.47 -16.67
N SER A 1832 100.71 -4.60 -17.37
CA SER A 1832 101.78 -5.35 -16.77
C SER A 1832 102.33 -4.44 -15.68
N LEU A 1833 102.93 -3.33 -16.11
CA LEU A 1833 103.13 -2.13 -15.31
C LEU A 1833 103.85 -1.10 -16.18
N ASP A 1834 103.66 0.19 -15.89
CA ASP A 1834 104.57 1.18 -16.45
C ASP A 1834 106.01 0.91 -16.05
N ALA A 1835 106.23 0.14 -14.97
CA ALA A 1835 107.55 -0.25 -14.50
C ALA A 1835 107.79 -1.76 -14.62
N LEU A 1836 107.05 -2.42 -15.50
CA LEU A 1836 107.32 -3.82 -15.82
C LEU A 1836 108.16 -3.84 -17.08
N ARG A 1837 109.44 -3.52 -16.90
CA ARG A 1837 110.43 -3.63 -17.96
C ARG A 1837 111.22 -4.93 -17.88
N GLU A 1838 111.09 -5.68 -16.78
CA GLU A 1838 111.89 -6.89 -16.61
C GLU A 1838 111.60 -7.90 -17.71
N PHE A 1839 110.35 -7.97 -18.17
CA PHE A 1839 110.03 -8.88 -19.26
C PHE A 1839 110.73 -8.46 -20.55
N PHE A 1840 110.83 -7.15 -20.79
CA PHE A 1840 111.59 -6.72 -21.97
C PHE A 1840 113.08 -6.96 -21.77
N SER A 1841 113.57 -6.93 -20.53
CA SER A 1841 115.00 -7.12 -20.32
C SER A 1841 115.40 -8.58 -20.42
N THR A 1842 114.45 -9.50 -20.26
CA THR A 1842 114.72 -10.91 -20.50
C THR A 1842 114.42 -11.32 -21.95
N ILE A 1843 114.32 -10.37 -22.87
CA ILE A 1843 113.73 -10.67 -24.19
C ILE A 1843 114.58 -10.18 -25.36
N VAL A 1844 115.50 -9.23 -25.17
CA VAL A 1844 115.96 -8.41 -26.29
C VAL A 1844 116.76 -9.22 -27.29
N VAL A 1845 117.96 -9.67 -26.90
CA VAL A 1845 118.64 -10.61 -27.76
C VAL A 1845 118.19 -11.98 -27.24
N ASP A 1846 116.92 -12.27 -27.41
CA ASP A 1846 116.36 -13.61 -27.35
C ASP A 1846 115.45 -13.63 -28.56
N ALA A 1847 114.85 -12.46 -28.79
CA ALA A 1847 113.94 -12.24 -29.89
C ALA A 1847 114.61 -11.63 -31.11
N ILE A 1848 115.66 -10.84 -30.92
CA ILE A 1848 116.34 -10.30 -32.08
C ILE A 1848 117.07 -11.41 -32.84
N ASP A 1849 117.54 -12.44 -32.13
CA ASP A 1849 118.16 -13.58 -32.79
C ASP A 1849 117.15 -14.49 -33.46
N VAL A 1850 115.87 -14.38 -33.11
CA VAL A 1850 114.81 -15.11 -33.80
C VAL A 1850 114.31 -14.33 -35.00
N LEU A 1851 114.19 -13.02 -34.86
CA LEU A 1851 113.82 -12.18 -35.99
C LEU A 1851 114.92 -12.17 -37.04
N LYS A 1852 116.18 -12.18 -36.58
CA LYS A 1852 117.34 -12.26 -37.45
C LYS A 1852 117.63 -13.71 -37.82
N SER A 1853 116.60 -14.43 -38.27
CA SER A 1853 116.74 -15.83 -38.63
C SER A 1853 116.25 -16.04 -40.06
N ARG A 1854 116.58 -17.21 -40.60
CA ARG A 1854 116.30 -17.57 -41.98
C ARG A 1854 115.10 -18.51 -42.03
N PHE A 1855 114.45 -18.55 -43.19
CA PHE A 1855 113.19 -19.29 -43.40
C PHE A 1855 113.45 -20.58 -44.17
N THR A 1856 113.45 -21.70 -43.46
CA THR A 1856 113.72 -23.02 -44.05
C THR A 1856 112.46 -23.52 -44.73
N LYS A 1857 112.32 -23.22 -46.02
CA LYS A 1857 111.25 -23.81 -46.82
C LYS A 1857 111.64 -25.26 -47.17
N LEU A 1858 111.56 -26.11 -46.16
CA LEU A 1858 111.71 -27.55 -46.32
C LEU A 1858 110.39 -28.25 -46.07
N ASN A 1859 109.80 -28.03 -44.90
CA ASN A 1859 108.58 -28.68 -44.48
C ASN A 1859 107.61 -27.60 -44.02
N GLU A 1860 106.33 -27.78 -44.35
CA GLU A 1860 105.33 -26.79 -43.93
C GLU A 1860 105.34 -26.59 -42.43
N SER A 1861 105.75 -27.60 -41.66
CA SER A 1861 105.86 -27.45 -40.21
C SER A 1861 106.96 -26.48 -39.84
N THR A 1862 108.19 -26.80 -40.22
CA THR A 1862 109.39 -26.02 -39.87
C THR A 1862 109.40 -24.66 -40.55
N PHE A 1863 108.30 -24.36 -41.24
CA PHE A 1863 108.07 -23.09 -41.90
C PHE A 1863 106.95 -22.28 -41.26
N ASP A 1864 105.77 -22.88 -41.08
CA ASP A 1864 104.68 -22.13 -40.49
C ASP A 1864 104.87 -21.93 -38.99
N THR A 1865 105.53 -22.86 -38.30
CA THR A 1865 105.86 -22.61 -36.90
C THR A 1865 106.84 -21.44 -36.77
N GLN A 1866 107.81 -21.34 -37.68
CA GLN A 1866 108.73 -20.20 -37.70
C GLN A 1866 107.97 -18.90 -37.95
N ILE A 1867 107.12 -18.90 -38.98
CA ILE A 1867 106.32 -17.71 -39.28
C ILE A 1867 105.54 -17.27 -38.05
N THR A 1868 104.88 -18.22 -37.39
CA THR A 1868 104.05 -17.87 -36.23
C THR A 1868 104.89 -17.36 -35.07
N LYS A 1869 106.04 -17.97 -34.83
CA LYS A 1869 106.90 -17.51 -33.72
C LYS A 1869 107.37 -16.08 -33.97
N LYS A 1870 107.86 -15.80 -35.18
CA LYS A 1870 108.30 -14.45 -35.49
C LYS A 1870 107.15 -13.45 -35.43
N MET A 1871 105.96 -13.86 -35.87
CA MET A 1871 104.82 -12.95 -35.86
C MET A 1871 104.37 -12.64 -34.44
N GLY A 1872 104.35 -13.65 -33.57
CA GLY A 1872 104.06 -13.38 -32.16
C GLY A 1872 105.07 -12.45 -31.53
N TYR A 1873 106.35 -12.61 -31.89
CA TYR A 1873 107.36 -11.68 -31.42
C TYR A 1873 107.04 -10.25 -31.88
N TYR A 1874 106.65 -10.10 -33.16
CA TYR A 1874 106.31 -8.78 -33.67
C TYR A 1874 105.12 -8.18 -32.93
N LYS A 1875 104.16 -9.02 -32.53
CA LYS A 1875 103.00 -8.50 -31.79
C LYS A 1875 103.40 -8.04 -30.38
N ILE A 1876 104.27 -8.80 -29.72
CA ILE A 1876 104.76 -8.37 -28.42
C ILE A 1876 105.56 -7.08 -28.54
N LEU A 1877 106.28 -6.91 -29.65
CA LEU A 1877 106.96 -5.63 -29.89
C LEU A 1877 105.97 -4.50 -30.13
N ASP A 1878 104.90 -4.76 -30.90
CA ASP A 1878 103.80 -3.82 -31.02
C ASP A 1878 103.41 -3.28 -29.65
N VAL A 1879 103.05 -4.17 -28.72
CA VAL A 1879 102.57 -3.73 -27.42
C VAL A 1879 103.67 -2.94 -26.70
N MET A 1880 104.84 -3.56 -26.51
CA MET A 1880 105.88 -2.97 -25.68
C MET A 1880 106.60 -1.79 -26.34
N TYR A 1881 106.29 -1.44 -27.57
CA TYR A 1881 106.75 -0.19 -28.15
C TYR A 1881 105.64 0.83 -28.22
N SER A 1882 104.39 0.39 -28.09
CA SER A 1882 103.28 1.32 -28.02
C SER A 1882 103.24 1.99 -26.65
N ARG A 1883 103.12 1.20 -25.58
CA ARG A 1883 102.88 1.77 -24.25
C ARG A 1883 104.18 1.87 -23.43
N LEU A 1884 105.11 2.69 -23.93
CA LEU A 1884 106.37 2.94 -23.20
C LEU A 1884 106.95 4.31 -23.56
N PRO A 1885 107.39 5.08 -22.56
CA PRO A 1885 107.97 6.40 -22.87
C PRO A 1885 109.16 6.32 -23.81
N LYS A 1886 109.33 7.40 -24.58
CA LYS A 1886 110.52 7.57 -25.43
C LYS A 1886 111.81 7.56 -24.62
N ASP A 1887 111.73 7.84 -23.31
CA ASP A 1887 112.93 7.98 -22.48
C ASP A 1887 113.77 6.71 -22.50
N ASP A 1888 113.18 5.56 -22.14
CA ASP A 1888 113.91 4.33 -21.88
C ASP A 1888 113.99 3.41 -23.10
N VAL A 1889 113.88 3.93 -24.33
CA VAL A 1889 113.87 3.01 -25.47
C VAL A 1889 114.75 3.47 -26.63
N HIS A 1890 115.15 4.74 -26.68
CA HIS A 1890 115.86 5.24 -27.85
C HIS A 1890 117.08 6.08 -27.47
N ALA A 1891 117.57 5.96 -26.25
CA ALA A 1891 118.74 6.71 -25.80
C ALA A 1891 119.58 5.78 -24.92
N LYS A 1892 120.49 6.36 -24.14
CA LYS A 1892 121.38 5.61 -23.27
C LYS A 1892 120.55 5.07 -22.10
N GLU A 1893 119.90 3.94 -22.37
CA GLU A 1893 119.03 3.26 -21.42
C GLU A 1893 119.03 1.78 -21.77
N SER A 1894 118.28 0.99 -21.01
CA SER A 1894 118.41 -0.46 -21.11
C SER A 1894 117.63 -1.00 -22.31
N LYS A 1895 117.82 -0.41 -23.48
CA LYS A 1895 117.37 -1.02 -24.73
C LYS A 1895 118.53 -1.28 -25.67
N ILE A 1896 119.29 -0.25 -26.05
CA ILE A 1896 120.51 -0.47 -26.82
C ILE A 1896 121.63 -0.98 -25.92
N ASN A 1897 121.67 -0.50 -24.68
CA ASN A 1897 122.57 -1.02 -23.64
C ASN A 1897 122.19 -2.46 -23.31
N GLN A 1898 121.12 -2.97 -23.94
CA GLN A 1898 120.65 -4.34 -23.77
C GLN A 1898 120.86 -5.20 -25.00
N VAL A 1899 120.69 -4.65 -26.20
CA VAL A 1899 121.12 -5.37 -27.39
C VAL A 1899 122.63 -5.58 -27.38
N PHE A 1900 123.38 -4.62 -26.85
CA PHE A 1900 124.81 -4.83 -26.65
C PHE A 1900 125.12 -5.15 -25.20
N HIS A 1901 126.37 -5.57 -24.96
CA HIS A 1901 126.77 -6.15 -23.67
C HIS A 1901 126.99 -5.06 -22.63
N GLY A 1902 126.11 -5.04 -21.61
CA GLY A 1902 126.34 -4.27 -20.41
C GLY A 1902 126.44 -2.77 -20.68
N SER A 1903 127.35 -2.12 -19.95
CA SER A 1903 127.59 -0.70 -20.10
C SER A 1903 128.20 -0.48 -21.48
N CYS A 1904 127.38 -0.01 -22.41
CA CYS A 1904 127.77 0.18 -23.79
C CYS A 1904 127.49 1.61 -24.19
N ILE A 1905 127.88 1.97 -25.42
CA ILE A 1905 127.99 3.38 -25.76
C ILE A 1905 126.90 3.70 -26.76
N THR A 1906 127.07 3.23 -28.01
CA THR A 1906 126.01 2.94 -28.98
C THR A 1906 124.76 3.81 -28.85
N GLU A 1907 124.89 5.13 -29.03
CA GLU A 1907 124.01 6.10 -28.38
C GLU A 1907 122.56 5.66 -28.27
N GLY A 1908 121.89 5.42 -29.40
CA GLY A 1908 120.50 5.00 -29.33
C GLY A 1908 119.94 4.09 -30.39
N ASN A 1909 120.77 3.59 -31.31
CA ASN A 1909 120.25 2.94 -32.51
C ASN A 1909 120.98 1.65 -32.83
N GLU A 1910 121.08 0.75 -31.85
CA GLU A 1910 121.41 -0.63 -32.17
C GLU A 1910 120.26 -1.57 -31.85
N LEU A 1911 119.21 -1.06 -31.19
CA LEU A 1911 117.93 -1.73 -31.12
C LEU A 1911 116.99 -1.23 -32.21
N THR A 1912 116.71 0.07 -32.21
CA THR A 1912 115.80 0.63 -33.20
C THR A 1912 116.33 0.48 -34.62
N LYS A 1913 117.62 0.74 -34.84
CA LYS A 1913 118.17 0.61 -36.18
C LYS A 1913 118.02 -0.81 -36.72
N THR A 1914 118.51 -1.80 -35.97
CA THR A 1914 118.40 -3.18 -36.41
C THR A 1914 116.95 -3.64 -36.50
N LEU A 1915 116.08 -3.12 -35.62
CA LEU A 1915 114.69 -3.54 -35.62
C LEU A 1915 113.98 -3.06 -36.87
N ILE A 1916 114.14 -1.78 -37.22
CA ILE A 1916 113.57 -1.30 -38.47
C ILE A 1916 114.23 -1.99 -39.65
N LYS A 1917 115.53 -2.26 -39.54
CA LYS A 1917 116.26 -2.94 -40.61
C LYS A 1917 115.62 -4.28 -40.95
N LEU A 1918 115.26 -5.06 -39.93
CA LEU A 1918 114.62 -6.35 -40.18
C LEU A 1918 113.09 -6.29 -40.02
N CYS A 1919 112.53 -5.10 -39.89
CA CYS A 1919 111.10 -4.89 -39.86
C CYS A 1919 110.57 -4.46 -41.22
N TYR A 1920 111.16 -3.41 -41.80
CA TYR A 1920 110.81 -3.02 -43.17
C TYR A 1920 111.12 -4.14 -44.15
N ASP A 1921 112.06 -5.03 -43.79
CA ASP A 1921 112.33 -6.22 -44.60
C ASP A 1921 111.09 -7.09 -44.72
N ALA A 1922 110.35 -7.25 -43.63
CA ALA A 1922 109.05 -7.89 -43.68
C ALA A 1922 108.06 -7.01 -44.45
N PHE A 1923 106.91 -7.58 -44.79
CA PHE A 1923 105.81 -6.94 -45.52
C PHE A 1923 106.23 -6.35 -46.85
N THR A 1924 107.46 -6.64 -47.31
CA THR A 1924 107.91 -6.19 -48.61
C THR A 1924 108.44 -7.35 -49.47
N GLU A 1925 108.20 -8.59 -49.07
CA GLU A 1925 108.69 -9.75 -49.81
C GLU A 1925 107.71 -10.07 -50.94
N ASN A 1926 108.15 -9.91 -52.18
CA ASN A 1926 107.33 -10.26 -53.32
C ASN A 1926 107.02 -11.75 -53.33
N MET A 1927 105.76 -12.09 -53.61
CA MET A 1927 105.34 -13.49 -53.69
C MET A 1927 104.68 -13.76 -55.03
N ALA A 1928 105.40 -13.45 -56.10
CA ALA A 1928 104.94 -13.79 -57.44
C ALA A 1928 105.23 -15.25 -57.77
N GLY A 1929 106.06 -15.92 -56.96
CA GLY A 1929 106.35 -17.33 -57.18
C GLY A 1929 106.03 -18.18 -55.96
N GLU A 1930 105.93 -17.56 -54.79
CA GLU A 1930 105.69 -18.28 -53.55
C GLU A 1930 104.21 -18.20 -53.20
N ASN A 1931 103.56 -19.36 -53.06
CA ASN A 1931 102.14 -19.42 -52.71
C ASN A 1931 101.83 -20.55 -51.74
N GLN A 1932 102.83 -21.09 -51.04
CA GLN A 1932 102.63 -22.27 -50.22
C GLN A 1932 101.66 -21.99 -49.07
N LEU A 1933 102.00 -21.04 -48.20
CA LEU A 1933 101.12 -20.61 -47.10
C LEU A 1933 101.02 -19.09 -47.15
N LEU A 1934 100.14 -18.58 -48.00
CA LEU A 1934 100.03 -17.13 -48.17
C LEU A 1934 99.06 -16.49 -47.17
N GLU A 1935 98.11 -17.26 -46.65
CA GLU A 1935 97.23 -16.74 -45.62
C GLU A 1935 98.02 -16.35 -44.37
N ARG A 1936 98.90 -17.24 -43.90
CA ARG A 1936 99.71 -16.91 -42.74
C ARG A 1936 100.72 -15.81 -43.02
N ARG A 1937 101.30 -15.80 -44.22
CA ARG A 1937 102.32 -14.79 -44.51
C ARG A 1937 101.72 -13.40 -44.66
N ARG A 1938 100.46 -13.28 -45.11
CA ARG A 1938 99.81 -11.97 -45.09
C ARG A 1938 99.71 -11.43 -43.67
N LEU A 1939 99.34 -12.29 -42.71
CA LEU A 1939 99.25 -11.86 -41.33
C LEU A 1939 100.62 -11.52 -40.75
N TYR A 1940 101.64 -12.29 -41.12
CA TYR A 1940 103.01 -11.94 -40.74
C TYR A 1940 103.35 -10.53 -41.21
N HIS A 1941 103.06 -10.24 -42.49
CA HIS A 1941 103.27 -8.89 -43.03
C HIS A 1941 102.57 -7.85 -42.18
N CYS A 1942 101.28 -8.08 -41.88
CA CYS A 1942 100.49 -7.07 -41.20
C CYS A 1942 100.97 -6.86 -39.77
N ALA A 1943 101.38 -7.93 -39.09
CA ALA A 1943 101.91 -7.78 -37.74
C ALA A 1943 103.23 -7.01 -37.75
N ALA A 1944 104.09 -7.26 -38.74
CA ALA A 1944 105.31 -6.50 -38.86
C ALA A 1944 105.03 -5.02 -39.09
N TYR A 1945 104.00 -4.71 -39.89
CA TYR A 1945 103.64 -3.31 -40.12
C TYR A 1945 103.06 -2.67 -38.87
N ASN A 1946 102.23 -3.40 -38.11
CA ASN A 1946 101.79 -2.87 -36.83
C ASN A 1946 102.96 -2.57 -35.92
N CYS A 1947 103.97 -3.44 -35.92
CA CYS A 1947 105.19 -3.19 -35.15
C CYS A 1947 105.85 -1.90 -35.62
N ALA A 1948 106.01 -1.74 -36.93
CA ALA A 1948 106.62 -0.52 -37.46
C ALA A 1948 105.85 0.73 -37.04
N ILE A 1949 104.52 0.68 -37.10
CA ILE A 1949 103.71 1.82 -36.70
C ILE A 1949 103.95 2.15 -35.24
N SER A 1950 103.74 1.15 -34.37
CA SER A 1950 103.84 1.37 -32.93
C SER A 1950 105.25 1.69 -32.46
N VAL A 1951 106.28 1.43 -33.29
CA VAL A 1951 107.62 1.87 -32.91
C VAL A 1951 107.88 3.29 -33.37
N ILE A 1952 107.60 3.60 -34.64
CA ILE A 1952 107.81 4.97 -35.11
C ILE A 1952 106.93 5.95 -34.34
N CYS A 1953 105.89 5.47 -33.66
CA CYS A 1953 105.11 6.34 -32.79
C CYS A 1953 105.97 6.95 -31.67
N CYS A 1954 107.05 6.28 -31.27
CA CYS A 1954 107.89 6.70 -30.15
C CYS A 1954 109.35 6.78 -30.58
N VAL A 1955 109.60 7.40 -31.73
CA VAL A 1955 110.95 7.63 -32.25
C VAL A 1955 111.11 9.13 -32.41
N PHE A 1956 112.19 9.53 -33.09
CA PHE A 1956 112.41 10.90 -33.53
C PHE A 1956 111.11 11.58 -33.97
N ASN A 1957 110.19 10.80 -34.54
CA ASN A 1957 108.81 11.25 -34.86
C ASN A 1957 108.81 12.51 -35.72
N GLU A 1958 109.57 12.46 -36.82
CA GLU A 1958 109.63 13.54 -37.79
C GLU A 1958 109.15 13.02 -39.14
N LEU A 1959 108.55 13.91 -39.94
CA LEU A 1959 107.85 13.47 -41.14
C LEU A 1959 108.79 12.99 -42.24
N LYS A 1960 110.10 13.00 -42.01
CA LYS A 1960 111.01 12.31 -42.92
C LYS A 1960 111.06 10.82 -42.63
N PHE A 1961 110.95 10.44 -41.36
CA PHE A 1961 110.90 9.05 -40.94
C PHE A 1961 109.53 8.42 -41.15
N TYR A 1962 108.63 9.15 -41.79
CA TYR A 1962 107.39 8.63 -42.35
C TYR A 1962 107.28 8.83 -43.84
N GLN A 1963 107.94 9.85 -44.40
CA GLN A 1963 108.02 9.96 -45.84
C GLN A 1963 108.93 8.89 -46.43
N GLY A 1964 109.95 8.47 -45.69
CA GLY A 1964 110.80 7.36 -46.11
C GLY A 1964 110.27 5.99 -45.74
N PHE A 1965 110.11 5.73 -44.44
CA PHE A 1965 109.53 4.49 -43.98
C PHE A 1965 108.01 4.56 -44.05
N LEU A 1966 107.38 3.38 -44.11
CA LEU A 1966 105.93 3.22 -44.13
C LEU A 1966 105.32 3.65 -45.47
N PHE A 1967 106.13 4.25 -46.35
CA PHE A 1967 105.62 4.80 -47.60
C PHE A 1967 106.76 4.80 -48.62
N SER A 1968 106.51 5.45 -49.75
CA SER A 1968 107.45 5.58 -50.87
C SER A 1968 108.20 4.28 -51.14
N GLU A 1969 107.41 3.23 -51.41
CA GLU A 1969 107.99 1.95 -51.79
C GLU A 1969 108.48 2.00 -53.24
N LYS A 1970 109.62 1.37 -53.50
CA LYS A 1970 110.23 1.41 -54.82
C LYS A 1970 109.88 0.14 -55.58
N PRO A 1971 109.03 0.22 -56.61
CA PRO A 1971 108.56 -0.99 -57.30
C PRO A 1971 109.54 -1.58 -58.30
N GLU A 1972 110.78 -1.07 -58.37
CA GLU A 1972 111.74 -1.59 -59.32
C GLU A 1972 112.19 -3.00 -58.94
N LYS A 1973 112.41 -3.23 -57.66
CA LYS A 1973 112.80 -4.55 -57.15
C LYS A 1973 111.60 -5.37 -56.70
N ASN A 1974 110.40 -5.07 -57.20
CA ASN A 1974 109.17 -5.79 -56.87
C ASN A 1974 108.90 -5.67 -55.37
N LEU A 1975 108.99 -4.44 -54.86
CA LEU A 1975 108.84 -4.12 -53.45
C LEU A 1975 107.56 -3.30 -53.27
N LEU A 1976 106.44 -3.99 -53.09
CA LEU A 1976 105.15 -3.33 -52.90
C LEU A 1976 104.68 -3.58 -51.48
N ILE A 1977 104.42 -2.51 -50.73
CA ILE A 1977 103.99 -2.64 -49.34
C ILE A 1977 102.55 -3.13 -49.29
N PHE A 1978 101.66 -2.37 -49.93
CA PHE A 1978 100.24 -2.63 -49.80
C PHE A 1978 99.86 -3.90 -50.53
N GLU A 1979 100.47 -4.15 -51.69
CA GLU A 1979 100.04 -5.27 -52.54
C GLU A 1979 100.04 -6.58 -51.75
N ASN A 1980 101.14 -6.88 -51.07
CA ASN A 1980 101.22 -8.10 -50.28
C ASN A 1980 100.86 -7.90 -48.82
N LEU A 1981 100.66 -6.65 -48.39
CA LEU A 1981 100.16 -6.39 -47.04
C LEU A 1981 98.64 -6.51 -46.95
N ILE A 1982 97.92 -6.34 -48.05
CA ILE A 1982 96.48 -6.39 -48.04
C ILE A 1982 96.04 -7.76 -48.56
N ASP A 1983 94.75 -8.06 -48.40
CA ASP A 1983 94.21 -9.36 -48.79
C ASP A 1983 94.34 -9.58 -50.29
N LEU A 1984 93.74 -8.70 -51.08
CA LEU A 1984 93.67 -8.75 -52.54
C LEU A 1984 92.75 -9.85 -53.04
N LYS A 1985 92.09 -10.60 -52.16
CA LYS A 1985 91.34 -11.71 -52.72
C LYS A 1985 89.89 -11.80 -52.24
N ARG A 1986 89.63 -11.50 -50.96
CA ARG A 1986 88.28 -11.68 -50.44
C ARG A 1986 87.33 -10.66 -51.03
N ARG A 1987 86.18 -11.14 -51.51
CA ARG A 1987 85.15 -10.24 -51.99
C ARG A 1987 84.33 -9.74 -50.81
N TYR A 1988 84.39 -8.44 -50.56
CA TYR A 1988 83.65 -7.87 -49.45
C TYR A 1988 82.18 -7.82 -49.83
N ASN A 1989 81.33 -8.39 -48.95
CA ASN A 1989 79.92 -8.57 -49.27
C ASN A 1989 79.23 -7.26 -49.58
N PHE A 1990 79.37 -6.28 -48.69
CA PHE A 1990 78.78 -4.95 -48.80
C PHE A 1990 77.27 -5.01 -48.90
N PRO A 1991 76.56 -5.33 -47.81
CA PRO A 1991 75.09 -5.29 -47.81
C PRO A 1991 74.59 -3.90 -48.17
N VAL A 1992 73.30 -3.79 -48.46
CA VAL A 1992 72.82 -2.51 -48.96
C VAL A 1992 72.59 -1.49 -47.85
N GLU A 1993 71.52 -1.68 -47.05
CA GLU A 1993 71.26 -0.73 -45.97
C GLU A 1993 70.51 -1.32 -44.77
N VAL A 1994 70.42 -2.64 -44.60
CA VAL A 1994 69.34 -3.30 -43.86
C VAL A 1994 69.10 -2.71 -42.46
N GLU A 1995 67.91 -3.00 -41.91
CA GLU A 1995 67.12 -2.19 -40.97
C GLU A 1995 67.85 -1.39 -39.91
N VAL A 1996 67.41 -0.13 -39.72
CA VAL A 1996 67.86 0.72 -38.64
C VAL A 1996 69.34 1.06 -38.80
N SER A 2029 87.25 -7.34 5.07
CA SER A 2029 87.04 -6.32 6.09
C SER A 2029 86.62 -4.97 5.48
N TYR A 2030 87.02 -4.72 4.23
CA TYR A 2030 86.39 -3.64 3.47
C TYR A 2030 85.00 -4.06 2.99
N LEU A 2031 84.81 -5.35 2.70
CA LEU A 2031 83.46 -5.87 2.44
C LEU A 2031 82.57 -5.72 3.66
N ALA A 2032 83.16 -5.43 4.83
CA ALA A 2032 82.44 -5.32 6.10
C ALA A 2032 82.25 -3.88 6.54
N ASP A 2033 82.39 -2.91 5.63
CA ASP A 2033 82.25 -1.50 5.97
C ASP A 2033 80.87 -0.94 5.69
N SER A 2034 80.00 -1.69 5.02
CA SER A 2034 78.61 -1.30 4.85
C SER A 2034 77.71 -1.76 5.98
N THR A 2035 78.16 -2.74 6.78
CA THR A 2035 77.49 -3.22 8.00
C THR A 2035 76.20 -3.99 7.70
N LEU A 2036 75.80 -4.04 6.44
CA LEU A 2036 74.83 -5.02 5.98
C LEU A 2036 75.42 -6.03 5.02
N SER A 2037 76.29 -5.59 4.12
CA SER A 2037 77.11 -6.54 3.38
C SER A 2037 77.86 -7.46 4.34
N GLU A 2038 78.17 -6.95 5.55
CA GLU A 2038 78.87 -7.75 6.53
C GLU A 2038 78.01 -8.86 7.10
N GLU A 2039 76.78 -8.52 7.51
CA GLU A 2039 75.89 -9.57 8.00
C GLU A 2039 75.38 -10.46 6.88
N MET A 2040 75.48 -10.00 5.64
CA MET A 2040 75.12 -10.81 4.49
C MET A 2040 76.21 -11.82 4.15
N SER A 2041 77.49 -11.43 4.25
CA SER A 2041 78.58 -12.38 4.01
C SER A 2041 78.88 -13.25 5.23
N GLN A 2042 78.44 -12.85 6.43
CA GLN A 2042 78.43 -13.78 7.56
C GLN A 2042 77.65 -15.04 7.22
N PHE A 2043 76.62 -14.90 6.39
CA PHE A 2043 75.84 -16.04 5.94
C PHE A 2043 76.69 -16.94 5.04
N ASP A 2044 77.30 -16.36 4.01
CA ASP A 2044 78.12 -17.12 3.08
C ASP A 2044 79.35 -17.74 3.74
N PHE A 2045 79.78 -17.21 4.88
CA PHE A 2045 80.99 -17.72 5.53
C PHE A 2045 80.76 -19.10 6.15
N SER A 2046 79.73 -19.22 6.98
CA SER A 2046 79.48 -20.49 7.66
C SER A 2046 79.08 -21.62 6.72
N THR A 2047 78.65 -21.31 5.49
CA THR A 2047 78.17 -22.36 4.60
C THR A 2047 79.06 -22.52 3.37
N GLY A 2048 79.22 -21.49 2.55
CA GLY A 2048 79.93 -21.63 1.29
C GLY A 2048 79.54 -20.58 0.27
N GLU A 2082 84.06 4.91 -30.93
CA GLU A 2082 84.48 3.60 -31.41
C GLU A 2082 83.92 3.30 -32.79
N LEU A 2083 84.81 2.91 -33.69
CA LEU A 2083 84.42 2.58 -35.05
C LEU A 2083 83.58 1.32 -35.05
N GLU A 2084 82.47 1.32 -35.79
CA GLU A 2084 81.69 0.11 -36.00
C GLU A 2084 82.43 -0.81 -36.95
N MET A 2085 82.95 -1.93 -36.44
CA MET A 2085 83.64 -2.91 -37.28
C MET A 2085 82.61 -3.55 -38.21
N ASP A 2086 82.59 -3.14 -39.48
CA ASP A 2086 81.55 -3.64 -40.38
C ASP A 2086 82.03 -4.87 -41.15
N GLU A 2087 82.92 -4.66 -42.12
CA GLU A 2087 83.79 -5.71 -42.64
C GLU A 2087 85.17 -5.22 -43.00
N LEU A 2088 85.32 -3.93 -43.33
CA LEU A 2088 86.58 -3.32 -43.72
C LEU A 2088 87.33 -2.75 -42.54
N ASN A 2089 86.61 -2.30 -41.52
CA ASN A 2089 87.25 -1.70 -40.36
C ASN A 2089 88.11 -2.71 -39.61
N ARG A 2090 87.61 -3.93 -39.47
CA ARG A 2090 88.36 -5.00 -38.83
C ARG A 2090 89.23 -5.70 -39.87
N HIS A 2091 90.34 -5.04 -40.22
CA HIS A 2091 91.39 -5.64 -41.06
C HIS A 2091 92.74 -5.55 -40.40
N GLU A 2092 92.78 -5.62 -39.06
CA GLU A 2092 94.00 -5.79 -38.26
C GLU A 2092 95.08 -4.77 -38.62
N CYS A 2093 94.73 -3.75 -39.40
CA CYS A 2093 95.62 -2.63 -39.68
C CYS A 2093 94.94 -1.28 -39.62
N MET A 2094 93.61 -1.21 -39.82
CA MET A 2094 92.92 0.07 -39.84
C MET A 2094 93.18 0.86 -38.55
N ALA A 2095 93.26 0.16 -37.41
CA ALA A 2095 93.43 0.88 -36.15
C ALA A 2095 94.78 1.56 -36.06
N PRO A 2096 95.92 0.86 -36.12
CA PRO A 2096 97.20 1.58 -36.06
C PRO A 2096 97.42 2.51 -37.23
N LEU A 2097 96.82 2.24 -38.39
CA LEU A 2097 96.95 3.16 -39.51
C LEU A 2097 96.28 4.49 -39.20
N THR A 2098 95.02 4.45 -38.78
CA THR A 2098 94.35 5.68 -38.37
C THR A 2098 95.09 6.37 -37.22
N ALA A 2099 95.71 5.57 -36.33
CA ALA A 2099 96.50 6.14 -35.24
C ALA A 2099 97.64 7.00 -35.78
N LEU A 2100 98.47 6.42 -36.66
CA LEU A 2100 99.57 7.21 -37.22
C LEU A 2100 99.04 8.39 -38.03
N VAL A 2101 97.87 8.25 -38.67
CA VAL A 2101 97.31 9.35 -39.44
C VAL A 2101 97.03 10.54 -38.52
N LYS A 2102 96.28 10.30 -37.45
CA LYS A 2102 95.94 11.41 -36.55
C LYS A 2102 97.16 11.95 -35.82
N HIS A 2103 98.17 11.10 -35.57
CA HIS A 2103 99.37 11.60 -34.91
C HIS A 2103 100.18 12.50 -35.84
N MET A 2104 100.35 12.10 -37.10
CA MET A 2104 101.05 12.94 -38.07
C MET A 2104 100.26 14.21 -38.37
N HIS A 2105 98.94 14.19 -38.20
CA HIS A 2105 98.18 15.43 -38.27
C HIS A 2105 98.55 16.35 -37.11
N ARG A 2106 98.40 15.86 -35.88
CA ARG A 2106 98.62 16.68 -34.69
C ARG A 2106 100.06 16.61 -34.17
N SER A 2107 101.04 16.41 -35.06
CA SER A 2107 102.44 16.52 -34.68
C SER A 2107 103.15 17.72 -35.27
N LEU A 2108 102.76 18.17 -36.47
CA LEU A 2108 103.38 19.35 -37.08
C LEU A 2108 102.37 20.48 -37.23
N PRO A 2119 97.94 23.01 -51.71
CA PRO A 2119 99.10 23.89 -51.48
C PRO A 2119 100.38 23.12 -51.20
N ARG A 2120 101.04 22.61 -52.24
CA ARG A 2120 102.19 21.72 -52.10
C ARG A 2120 101.81 20.61 -51.13
N ASP A 2121 100.85 19.80 -51.55
CA ASP A 2121 99.92 19.15 -50.63
C ASP A 2121 100.57 18.55 -49.39
N LEU A 2122 101.29 17.43 -49.53
CA LEU A 2122 102.19 16.82 -48.53
C LEU A 2122 103.01 15.70 -49.18
N PRO A 2123 104.13 16.04 -49.84
CA PRO A 2123 104.84 15.06 -50.69
C PRO A 2123 105.24 13.78 -49.96
N SER A 2124 105.00 12.65 -50.62
CA SER A 2124 105.52 11.33 -50.27
C SER A 2124 104.86 10.72 -49.05
N TRP A 2125 104.04 11.51 -48.34
CA TRP A 2125 103.22 10.97 -47.26
C TRP A 2125 101.80 10.65 -47.74
N MET A 2126 101.07 11.67 -48.19
CA MET A 2126 99.77 11.45 -48.81
C MET A 2126 99.82 11.59 -50.33
N LYS A 2127 100.92 12.10 -50.87
CA LYS A 2127 101.12 12.04 -52.32
C LYS A 2127 101.17 10.59 -52.80
N PHE A 2128 101.84 9.73 -52.04
CA PHE A 2128 101.86 8.30 -52.36
C PHE A 2128 100.46 7.70 -52.33
N LEU A 2129 99.62 8.15 -51.39
CA LEU A 2129 98.29 7.56 -51.30
C LEU A 2129 97.34 8.11 -52.34
N HIS A 2130 97.44 9.41 -52.65
CA HIS A 2130 96.72 9.94 -53.80
C HIS A 2130 97.12 9.23 -55.08
N GLY A 2131 98.41 8.89 -55.21
CA GLY A 2131 98.86 8.18 -56.38
C GLY A 2131 98.40 6.73 -56.43
N LYS A 2132 98.26 6.09 -55.27
CA LYS A 2132 97.78 4.72 -55.22
C LYS A 2132 96.26 4.64 -55.06
N LEU A 2133 95.56 5.77 -55.04
CA LEU A 2133 94.11 5.76 -55.10
C LEU A 2133 93.58 6.30 -56.42
N GLY A 2134 94.30 7.21 -57.06
CA GLY A 2134 93.88 7.76 -58.34
C GLY A 2134 94.01 6.77 -59.48
N ASN A 2135 94.89 5.78 -59.35
CA ASN A 2135 95.13 4.84 -60.43
C ASN A 2135 93.99 3.82 -60.45
N PRO A 2136 93.41 3.52 -61.61
CA PRO A 2136 92.35 2.51 -61.66
C PRO A 2136 92.84 1.07 -61.61
N ILE A 2137 94.15 0.81 -61.68
CA ILE A 2137 94.56 -0.59 -61.67
C ILE A 2137 94.40 -1.13 -60.25
N VAL A 2138 95.24 -0.63 -59.33
CA VAL A 2138 95.01 -0.61 -57.88
C VAL A 2138 93.89 -1.56 -57.48
N PRO A 2139 94.11 -2.87 -57.40
CA PRO A 2139 92.99 -3.83 -57.32
C PRO A 2139 91.97 -3.43 -56.27
N LEU A 2140 90.72 -3.86 -56.48
CA LEU A 2140 89.59 -3.30 -55.74
C LEU A 2140 89.80 -3.36 -54.23
N ASN A 2141 90.36 -4.46 -53.72
CA ASN A 2141 90.37 -4.66 -52.26
C ASN A 2141 91.28 -3.65 -51.57
N ILE A 2142 92.47 -3.40 -52.12
CA ILE A 2142 93.39 -2.40 -51.58
C ILE A 2142 92.82 -0.99 -51.80
N ARG A 2143 92.38 -0.70 -53.03
CA ARG A 2143 91.82 0.61 -53.34
C ARG A 2143 90.60 0.92 -52.48
N LEU A 2144 89.73 -0.06 -52.29
CA LEU A 2144 88.52 0.12 -51.49
C LEU A 2144 88.82 0.13 -50.00
N PHE A 2145 89.91 -0.51 -49.57
CA PHE A 2145 90.38 -0.34 -48.21
C PHE A 2145 90.81 1.10 -47.97
N LEU A 2146 91.54 1.68 -48.93
CA LEU A 2146 91.95 3.07 -48.81
C LEU A 2146 90.76 4.00 -48.62
N ALA A 2147 89.56 3.58 -48.98
CA ALA A 2147 88.38 4.42 -48.82
C ALA A 2147 88.01 4.54 -47.34
N LYS A 2148 87.70 3.41 -46.69
CA LYS A 2148 87.22 3.46 -45.31
C LYS A 2148 88.29 3.82 -44.31
N LEU A 2149 89.45 4.27 -44.80
CA LEU A 2149 90.45 4.93 -43.97
C LEU A 2149 90.30 6.45 -44.04
N VAL A 2150 90.20 6.99 -45.26
CA VAL A 2150 89.83 8.39 -45.41
C VAL A 2150 88.51 8.68 -44.71
N ILE A 2151 87.58 7.73 -44.77
CA ILE A 2151 86.29 7.89 -44.11
C ILE A 2151 86.49 8.15 -42.62
N ASN A 2152 87.22 7.24 -41.96
CA ASN A 2152 87.39 7.33 -40.51
C ASN A 2152 88.37 8.41 -40.07
N THR A 2153 89.19 8.96 -40.98
CA THR A 2153 90.12 10.03 -40.62
C THR A 2153 89.94 11.25 -41.52
N GLU A 2154 88.68 11.61 -41.83
CA GLU A 2154 88.42 12.85 -42.57
C GLU A 2154 88.95 14.06 -41.82
N GLU A 2155 89.04 13.97 -40.47
CA GLU A 2155 89.49 15.09 -39.65
C GLU A 2155 90.83 15.62 -40.12
N VAL A 2156 91.65 14.76 -40.71
CA VAL A 2156 92.93 15.19 -41.26
C VAL A 2156 92.79 15.70 -42.69
N PHE A 2157 91.73 15.33 -43.39
CA PHE A 2157 91.57 15.65 -44.80
C PHE A 2157 90.47 16.67 -45.11
N ARG A 2158 89.79 17.20 -44.10
CA ARG A 2158 88.93 18.35 -44.35
C ARG A 2158 89.73 19.55 -44.88
N PRO A 2159 90.91 19.89 -44.35
CA PRO A 2159 91.63 21.05 -44.90
C PRO A 2159 92.13 20.83 -46.32
N TYR A 2160 92.60 19.63 -46.66
CA TYR A 2160 93.14 19.37 -48.00
C TYR A 2160 92.08 18.78 -48.91
N ALA A 2161 90.83 19.24 -48.77
CA ALA A 2161 89.73 18.68 -49.56
C ALA A 2161 89.90 18.97 -51.05
N LYS A 2162 90.51 20.12 -51.39
CA LYS A 2162 90.75 20.46 -52.79
C LYS A 2162 91.40 19.31 -53.55
N HIS A 2163 92.35 18.63 -52.92
CA HIS A 2163 93.06 17.52 -53.55
C HIS A 2163 92.35 16.19 -53.35
N TRP A 2164 91.79 15.95 -52.16
CA TRP A 2164 91.13 14.68 -51.86
C TRP A 2164 89.69 14.67 -52.34
N LEU A 2165 89.46 14.92 -53.64
CA LEU A 2165 88.09 14.99 -54.16
C LEU A 2165 87.79 13.94 -55.23
N SER A 2166 88.56 13.89 -56.33
CA SER A 2166 88.22 13.09 -57.52
C SER A 2166 88.21 11.58 -57.30
N PRO A 2167 89.20 11.00 -56.62
CA PRO A 2167 89.22 9.53 -56.50
C PRO A 2167 88.01 8.94 -55.80
N LEU A 2168 87.47 9.63 -54.80
CA LEU A 2168 86.29 9.13 -54.09
C LEU A 2168 85.12 8.95 -55.05
N LEU A 2169 84.80 10.01 -55.80
CA LEU A 2169 83.72 9.94 -56.77
C LEU A 2169 84.01 8.88 -57.83
N GLN A 2170 85.28 8.73 -58.23
CA GLN A 2170 85.60 7.74 -59.25
C GLN A 2170 85.28 6.32 -58.75
N LEU A 2171 85.74 5.99 -57.55
CA LEU A 2171 85.43 4.68 -56.98
C LEU A 2171 83.92 4.48 -56.82
N ALA A 2172 83.22 5.52 -56.35
CA ALA A 2172 81.79 5.39 -56.11
C ALA A 2172 81.02 5.15 -57.41
N ALA A 2173 81.26 5.98 -58.43
CA ALA A 2173 80.47 5.92 -59.64
C ALA A 2173 80.85 4.73 -60.50
N SER A 2174 82.13 4.37 -60.53
CA SER A 2174 82.59 3.26 -61.36
C SER A 2174 81.80 2.00 -61.05
N GLU A 2175 81.33 1.33 -62.09
CA GLU A 2175 80.61 0.09 -61.87
C GLU A 2175 81.56 -1.09 -61.80
N ASN A 2176 82.71 -0.79 -61.21
CA ASN A 2176 83.66 -1.75 -60.66
C ASN A 2176 83.01 -2.16 -59.35
N ASN A 2177 82.19 -3.22 -59.43
CA ASN A 2177 81.10 -3.53 -58.52
C ASN A 2177 81.28 -3.06 -57.08
N GLY A 2178 82.47 -3.25 -56.48
CA GLY A 2178 82.68 -2.84 -55.11
C GLY A 2178 81.58 -3.35 -54.20
N GLY A 2179 81.59 -4.65 -53.95
CA GLY A 2179 80.48 -5.33 -53.27
C GLY A 2179 79.42 -5.83 -54.22
N GLU A 2180 78.14 -5.63 -53.88
CA GLU A 2180 77.01 -6.07 -54.70
C GLU A 2180 75.97 -4.94 -54.77
N GLY A 2181 76.09 -4.07 -55.77
CA GLY A 2181 75.33 -2.84 -55.64
C GLY A 2181 76.03 -1.90 -54.70
N ILE A 2182 77.12 -1.29 -55.20
CA ILE A 2182 78.24 -0.69 -54.47
C ILE A 2182 77.83 0.19 -53.29
N HIS A 2183 76.52 0.35 -53.06
CA HIS A 2183 76.00 0.99 -51.86
C HIS A 2183 76.63 0.43 -50.57
N TYR A 2184 76.47 1.17 -49.49
CA TYR A 2184 76.98 0.99 -48.13
C TYR A 2184 78.43 1.43 -48.05
N MET A 2185 79.11 1.65 -49.16
CA MET A 2185 80.44 2.25 -49.15
C MET A 2185 80.45 3.57 -49.89
N VAL A 2186 79.83 3.60 -51.08
CA VAL A 2186 79.40 4.82 -51.75
C VAL A 2186 78.72 5.75 -50.75
N VAL A 2187 77.97 5.17 -49.82
CA VAL A 2187 77.25 5.98 -48.84
C VAL A 2187 78.22 6.83 -48.04
N GLU A 2188 79.12 6.18 -47.31
CA GLU A 2188 80.10 6.90 -46.50
C GLU A 2188 80.93 7.84 -47.37
N ILE A 2189 81.24 7.41 -48.60
CA ILE A 2189 82.10 8.19 -49.47
C ILE A 2189 81.46 9.53 -49.81
N VAL A 2190 80.24 9.48 -50.38
CA VAL A 2190 79.57 10.73 -50.76
C VAL A 2190 79.27 11.58 -49.53
N ALA A 2191 78.93 10.93 -48.41
CA ALA A 2191 78.69 11.64 -47.16
C ALA A 2191 79.86 12.56 -46.83
N THR A 2192 81.05 11.97 -46.68
CA THR A 2192 82.19 12.79 -46.29
C THR A 2192 82.54 13.80 -47.38
N ILE A 2193 82.49 13.40 -48.66
CA ILE A 2193 82.96 14.30 -49.70
C ILE A 2193 82.07 15.53 -49.85
N LEU A 2194 80.78 15.44 -49.52
CA LEU A 2194 79.95 16.65 -49.55
C LEU A 2194 79.78 17.33 -48.22
N SER A 2195 80.16 16.71 -47.10
CA SER A 2195 80.03 17.40 -45.82
C SER A 2195 80.81 18.71 -45.78
N TRP A 2196 81.91 18.80 -46.52
CA TRP A 2196 82.69 20.04 -46.58
C TRP A 2196 82.28 20.97 -47.71
N THR A 2197 80.98 21.19 -47.86
CA THR A 2197 80.50 22.22 -48.78
C THR A 2197 81.13 23.57 -48.43
N GLY A 2198 81.61 24.28 -49.45
CA GLY A 2198 82.44 25.46 -49.27
C GLY A 2198 83.88 25.26 -49.71
N LEU A 2199 84.36 24.02 -49.64
CA LEU A 2199 85.69 23.68 -50.10
C LEU A 2199 85.54 22.55 -51.10
N ALA A 2200 86.47 22.49 -52.05
CA ALA A 2200 86.53 21.42 -53.05
C ALA A 2200 85.19 21.34 -53.79
N THR A 2201 84.92 22.42 -54.54
CA THR A 2201 83.74 22.59 -55.38
C THR A 2201 83.56 21.45 -56.38
N PRO A 2202 82.64 20.50 -56.12
CA PRO A 2202 82.47 19.34 -57.01
C PRO A 2202 82.43 19.72 -58.48
N THR A 2203 81.50 20.59 -58.85
CA THR A 2203 81.47 21.10 -60.21
C THR A 2203 82.45 22.27 -60.35
N GLY A 2204 82.98 22.44 -61.55
CA GLY A 2204 84.01 23.43 -61.80
C GLY A 2204 85.40 22.85 -61.89
N VAL A 2205 85.53 21.54 -62.08
CA VAL A 2205 86.81 20.86 -62.21
C VAL A 2205 86.80 20.15 -63.56
N PRO A 2206 87.85 20.29 -64.38
CA PRO A 2206 87.86 19.68 -65.71
C PRO A 2206 87.46 18.21 -65.83
N LYS A 2207 87.50 17.42 -64.76
CA LYS A 2207 87.22 15.99 -64.86
C LYS A 2207 86.10 15.51 -63.96
N ASP A 2208 85.32 16.41 -63.38
CA ASP A 2208 84.34 15.97 -62.39
C ASP A 2208 82.95 15.73 -62.97
N GLU A 2209 82.63 16.33 -64.12
CA GLU A 2209 81.22 16.41 -64.49
C GLU A 2209 80.70 15.10 -65.10
N VAL A 2210 81.49 14.41 -65.93
CA VAL A 2210 81.02 13.13 -66.49
C VAL A 2210 80.88 12.08 -65.39
N LEU A 2211 81.77 12.12 -64.39
CA LEU A 2211 81.64 11.25 -63.23
C LEU A 2211 80.39 11.58 -62.41
N ALA A 2212 80.13 12.88 -62.19
CA ALA A 2212 78.93 13.29 -61.48
C ALA A 2212 77.67 12.83 -62.21
N ASN A 2213 77.66 12.94 -63.54
CA ASN A 2213 76.50 12.50 -64.30
C ASN A 2213 76.28 11.00 -64.19
N ARG A 2214 77.35 10.20 -64.35
CA ARG A 2214 77.18 8.75 -64.23
C ARG A 2214 76.77 8.35 -62.82
N LEU A 2215 77.31 9.04 -61.81
CA LEU A 2215 76.89 8.80 -60.43
C LEU A 2215 75.41 9.11 -60.24
N LEU A 2216 74.98 10.28 -60.71
CA LEU A 2216 73.59 10.68 -60.58
C LEU A 2216 72.67 9.67 -61.28
N ASN A 2217 73.05 9.24 -62.49
CA ASN A 2217 72.24 8.26 -63.21
C ASN A 2217 72.18 6.93 -62.47
N PHE A 2218 73.33 6.47 -61.98
CA PHE A 2218 73.36 5.21 -61.22
C PHE A 2218 72.55 5.31 -59.93
N LEU A 2219 72.51 6.49 -59.30
CA LEU A 2219 71.76 6.67 -58.07
C LEU A 2219 70.25 6.72 -58.32
N MET A 2220 69.82 7.46 -59.37
CA MET A 2220 68.41 7.45 -59.73
C MET A 2220 67.98 6.07 -60.24
N LYS A 2221 68.91 5.31 -60.80
CA LYS A 2221 68.61 3.96 -61.26
C LYS A 2221 68.43 3.00 -60.09
N HIS A 2222 69.40 2.99 -59.19
CA HIS A 2222 69.36 2.11 -58.02
C HIS A 2222 68.89 2.93 -56.81
N VAL A 2223 67.60 3.24 -56.83
CA VAL A 2223 66.99 4.08 -55.81
C VAL A 2223 65.72 3.49 -55.24
N PHE A 2224 65.11 2.51 -55.89
CA PHE A 2224 63.81 2.00 -55.48
C PHE A 2224 63.89 1.41 -54.07
N HIS A 2225 64.62 0.30 -53.93
CA HIS A 2225 64.91 -0.34 -52.65
C HIS A 2225 63.63 -0.47 -51.84
N PRO A 2226 62.76 -1.42 -52.16
CA PRO A 2226 61.36 -1.37 -51.70
C PRO A 2226 61.10 -1.14 -50.22
N LYS A 2227 62.13 -1.21 -49.36
CA LYS A 2227 61.91 -0.90 -47.95
C LYS A 2227 61.63 0.59 -47.80
N ARG A 2228 60.47 0.93 -47.25
CA ARG A 2228 60.03 2.32 -47.21
C ARG A 2228 60.92 3.19 -46.34
N ALA A 2229 61.75 2.60 -45.48
CA ALA A 2229 62.63 3.39 -44.64
C ALA A 2229 63.84 3.89 -45.41
N VAL A 2230 64.46 3.03 -46.22
CA VAL A 2230 65.66 3.40 -46.95
C VAL A 2230 65.34 4.15 -48.23
N PHE A 2231 64.11 4.03 -48.72
CA PHE A 2231 63.68 4.80 -49.89
C PHE A 2231 63.88 6.30 -49.65
N ARG A 2232 63.37 6.79 -48.53
CA ARG A 2232 63.54 8.20 -48.19
C ARG A 2232 65.02 8.56 -48.07
N HIS A 2233 65.86 7.61 -47.64
CA HIS A 2233 67.28 7.86 -47.51
C HIS A 2233 67.91 8.08 -48.88
N ASN A 2234 67.68 7.13 -49.80
CA ASN A 2234 68.12 7.29 -51.18
C ASN A 2234 67.66 8.61 -51.77
N LEU A 2235 66.43 9.02 -51.46
CA LEU A 2235 65.90 10.24 -52.04
C LEU A 2235 66.58 11.49 -51.48
N GLU A 2236 66.75 11.53 -50.16
CA GLU A 2236 67.41 12.70 -49.55
C GLU A 2236 68.86 12.83 -49.99
N ILE A 2237 69.54 11.70 -50.24
CA ILE A 2237 70.88 11.79 -50.83
C ILE A 2237 70.86 12.66 -52.06
N ILE A 2238 69.94 12.36 -52.99
CA ILE A 2238 69.88 13.09 -54.23
C ILE A 2238 69.41 14.53 -54.00
N LYS A 2239 68.51 14.75 -53.04
CA LYS A 2239 68.03 16.11 -52.77
C LYS A 2239 69.18 17.03 -52.33
N THR A 2240 69.99 16.54 -51.39
CA THR A 2240 71.13 17.34 -50.93
C THR A 2240 72.19 17.47 -52.02
N LEU A 2241 72.40 16.42 -52.83
CA LEU A 2241 73.33 16.58 -53.94
C LEU A 2241 72.83 17.61 -54.95
N VAL A 2242 71.51 17.73 -55.12
CA VAL A 2242 70.95 18.77 -55.98
C VAL A 2242 71.26 20.14 -55.39
N GLU A 2243 71.00 20.30 -54.10
CA GLU A 2243 71.32 21.56 -53.44
C GLU A 2243 72.82 21.86 -53.47
N CYS A 2244 73.66 20.84 -53.68
CA CYS A 2244 75.11 21.06 -53.66
C CYS A 2244 75.71 21.33 -55.03
N TRP A 2245 75.40 20.53 -56.04
CA TRP A 2245 76.10 20.73 -57.31
C TRP A 2245 75.56 21.95 -58.06
N LYS A 2246 74.34 21.84 -58.59
CA LYS A 2246 73.55 22.97 -59.08
C LYS A 2246 74.31 23.93 -60.00
N ASP A 2247 75.48 23.53 -60.51
CA ASP A 2247 76.32 24.39 -61.33
C ASP A 2247 76.51 23.85 -62.74
N CYS A 2248 76.92 22.59 -62.87
CA CYS A 2248 76.83 21.94 -64.17
C CYS A 2248 75.37 21.77 -64.58
N LEU A 2249 74.50 21.64 -63.58
CA LEU A 2249 73.06 21.46 -63.66
C LEU A 2249 72.69 20.09 -64.19
N SER A 2250 73.63 19.41 -64.86
CA SER A 2250 73.70 17.96 -65.03
C SER A 2250 72.35 17.25 -65.00
N ILE A 2251 71.31 17.88 -65.54
CA ILE A 2251 69.95 17.37 -65.40
C ILE A 2251 69.69 16.29 -66.45
N PRO A 2252 69.69 15.01 -66.05
CA PRO A 2252 69.37 13.95 -66.99
C PRO A 2252 67.86 13.85 -67.14
N TYR A 2253 67.40 13.80 -68.37
CA TYR A 2253 65.98 13.65 -68.62
C TYR A 2253 65.77 12.35 -69.38
N ARG A 2254 64.49 11.99 -69.52
CA ARG A 2254 63.97 10.77 -70.12
C ARG A 2254 64.18 9.58 -69.19
N LEU A 2255 65.00 9.73 -68.14
CA LEU A 2255 65.18 8.64 -67.19
C LEU A 2255 64.26 8.77 -65.99
N ILE A 2256 64.01 9.99 -65.52
CA ILE A 2256 62.89 10.19 -64.62
C ILE A 2256 61.59 9.77 -65.32
N PHE A 2257 61.45 10.16 -66.58
CA PHE A 2257 60.36 9.69 -67.41
C PHE A 2257 60.28 8.17 -67.39
N GLU A 2258 61.40 7.49 -67.66
CA GLU A 2258 61.40 6.03 -67.62
C GLU A 2258 60.97 5.51 -66.26
N LYS A 2259 61.25 6.26 -65.20
CA LYS A 2259 60.87 5.81 -63.86
C LYS A 2259 59.38 6.00 -63.58
N PHE A 2260 58.71 6.95 -64.24
CA PHE A 2260 57.29 7.16 -63.98
C PHE A 2260 56.36 6.92 -65.18
N SER A 2261 56.86 6.43 -66.31
CA SER A 2261 56.03 6.27 -67.50
C SER A 2261 55.42 4.88 -67.64
N GLY A 2262 55.15 4.18 -66.54
CA GLY A 2262 54.58 2.85 -66.61
C GLY A 2262 53.06 2.86 -66.55
N LYS A 2263 52.45 2.00 -67.36
CA LYS A 2263 51.00 1.79 -67.36
C LYS A 2263 50.66 0.64 -66.41
N ASP A 2264 49.45 0.08 -66.51
CA ASP A 2264 48.97 -1.02 -65.70
C ASP A 2264 48.95 -0.58 -64.23
N PRO A 2265 47.99 0.26 -63.84
CA PRO A 2265 47.98 0.80 -62.47
C PRO A 2265 47.68 -0.24 -61.40
N ASN A 2266 48.59 -1.18 -61.21
CA ASN A 2266 48.51 -2.13 -60.11
C ASN A 2266 49.81 -2.25 -59.31
N SER A 2267 50.84 -1.49 -59.65
CA SER A 2267 52.07 -1.47 -58.88
C SER A 2267 52.64 -0.05 -58.87
N LYS A 2268 53.24 0.33 -57.75
CA LYS A 2268 53.72 1.69 -57.52
C LYS A 2268 55.19 1.88 -57.91
N ASP A 2269 55.58 1.51 -59.12
CA ASP A 2269 56.96 1.69 -59.54
C ASP A 2269 57.19 3.08 -60.13
N ASN A 2270 56.14 3.89 -60.21
CA ASN A 2270 56.26 5.27 -60.67
C ASN A 2270 56.52 6.23 -59.52
N SER A 2271 56.36 5.77 -58.28
CA SER A 2271 56.70 6.59 -57.12
C SER A 2271 58.13 7.13 -57.25
N VAL A 2272 59.03 6.30 -57.78
CA VAL A 2272 60.42 6.72 -57.99
C VAL A 2272 60.46 7.98 -58.84
N GLY A 2273 59.91 7.90 -60.05
CA GLY A 2273 59.98 9.03 -60.96
C GLY A 2273 59.29 10.26 -60.42
N ILE A 2274 58.10 10.09 -59.84
CA ILE A 2274 57.36 11.26 -59.39
C ILE A 2274 58.09 11.94 -58.23
N GLN A 2275 58.63 11.17 -57.29
CA GLN A 2275 59.37 11.80 -56.20
C GLN A 2275 60.69 12.38 -56.68
N LEU A 2276 61.33 11.77 -57.69
CA LEU A 2276 62.51 12.38 -58.29
C LEU A 2276 62.19 13.75 -58.86
N LEU A 2277 61.08 13.85 -59.60
CA LEU A 2277 60.66 15.13 -60.15
C LEU A 2277 60.29 16.11 -59.04
N GLY A 2278 59.65 15.63 -57.98
CA GLY A 2278 59.36 16.49 -56.84
C GLY A 2278 60.61 17.03 -56.19
N ILE A 2279 61.69 16.25 -56.19
CA ILE A 2279 62.95 16.72 -55.63
C ILE A 2279 63.60 17.76 -56.52
N VAL A 2280 63.75 17.43 -57.81
CA VAL A 2280 64.38 18.38 -58.72
C VAL A 2280 63.57 19.67 -58.81
N MET A 2281 62.24 19.57 -58.67
CA MET A 2281 61.39 20.74 -58.77
C MET A 2281 61.43 21.58 -57.50
N ALA A 2282 61.31 20.94 -56.34
CA ALA A 2282 61.25 21.66 -55.08
C ALA A 2282 62.52 22.48 -54.82
N ASN A 2283 63.61 22.19 -55.52
CA ASN A 2283 64.87 22.92 -55.31
C ASN A 2283 65.00 24.08 -56.31
N ASP A 2284 65.14 23.77 -57.59
CA ASP A 2284 65.43 24.77 -58.61
C ASP A 2284 65.35 24.11 -59.98
N LEU A 2285 65.88 24.77 -60.99
CA LEU A 2285 66.21 24.10 -62.25
C LEU A 2285 64.97 23.53 -62.90
N PRO A 2286 64.16 24.39 -63.53
CA PRO A 2286 62.93 23.93 -64.20
C PRO A 2286 63.16 22.64 -64.95
N PRO A 2287 62.19 21.76 -64.94
CA PRO A 2287 62.44 20.44 -65.52
C PRO A 2287 62.29 20.51 -67.04
N TYR A 2288 63.18 21.26 -67.67
CA TYR A 2288 63.07 21.49 -69.11
C TYR A 2288 63.42 20.22 -69.85
N ASP A 2289 62.38 19.54 -70.33
CA ASP A 2289 62.43 18.26 -71.00
C ASP A 2289 62.91 18.39 -72.44
N PRO A 2290 62.33 19.28 -73.27
CA PRO A 2290 62.76 19.29 -74.67
C PRO A 2290 64.12 19.93 -74.86
N GLN A 2291 65.08 19.56 -74.00
CA GLN A 2291 66.49 19.85 -74.22
C GLN A 2291 67.41 18.66 -74.01
N CYS A 2292 66.99 17.62 -73.28
CA CYS A 2292 67.84 16.47 -73.02
C CYS A 2292 67.15 15.13 -73.25
N GLY A 2293 65.83 15.07 -73.07
CA GLY A 2293 65.12 13.81 -73.13
C GLY A 2293 64.28 13.54 -74.36
N ILE A 2294 62.95 13.48 -74.18
CA ILE A 2294 62.02 13.24 -75.27
C ILE A 2294 61.14 14.49 -75.34
N GLN A 2295 60.19 14.52 -76.26
CA GLN A 2295 59.28 15.66 -76.39
C GLN A 2295 58.55 15.91 -75.07
N SER A 2296 58.38 17.20 -74.73
CA SER A 2296 57.69 17.54 -73.50
C SER A 2296 56.22 17.14 -73.52
N SER A 2297 55.58 17.21 -74.70
CA SER A 2297 54.17 16.82 -74.81
C SER A 2297 53.96 15.35 -74.52
N GLU A 2298 55.02 14.55 -74.51
CA GLU A 2298 54.95 13.15 -74.12
C GLU A 2298 55.25 12.97 -72.64
N TYR A 2299 56.28 13.66 -72.15
CA TYR A 2299 56.69 13.58 -70.75
C TYR A 2299 55.56 14.02 -69.83
N PHE A 2300 55.10 15.27 -70.00
CA PHE A 2300 54.06 15.79 -69.13
C PHE A 2300 52.75 15.04 -69.30
N GLN A 2301 52.45 14.55 -70.50
CA GLN A 2301 51.25 13.75 -70.70
C GLN A 2301 51.32 12.45 -69.90
N ALA A 2302 52.48 11.78 -69.94
CA ALA A 2302 52.69 10.61 -69.10
C ALA A 2302 52.54 10.98 -67.62
N LEU A 2303 52.97 12.18 -67.24
CA LEU A 2303 52.83 12.63 -65.86
C LEU A 2303 51.36 12.77 -65.46
N VAL A 2304 50.54 13.34 -66.35
CA VAL A 2304 49.13 13.53 -66.02
C VAL A 2304 48.39 12.19 -65.98
N ASN A 2305 48.75 11.25 -66.87
CA ASN A 2305 48.15 9.91 -66.79
C ASN A 2305 48.60 9.21 -65.50
N ASN A 2306 49.86 9.37 -65.12
CA ASN A 2306 50.34 8.86 -63.84
C ASN A 2306 49.51 9.42 -62.69
N MET A 2307 49.18 10.71 -62.76
CA MET A 2307 48.28 11.30 -61.77
C MET A 2307 46.92 10.59 -61.79
N SER A 2308 46.42 10.28 -62.99
CA SER A 2308 45.15 9.56 -63.09
C SER A 2308 45.27 8.15 -62.54
N PHE A 2309 46.48 7.63 -62.38
CA PHE A 2309 46.70 6.28 -61.85
C PHE A 2309 46.36 6.30 -60.36
N VAL A 2310 45.05 6.21 -60.11
CA VAL A 2310 44.48 6.29 -58.77
C VAL A 2310 44.54 4.93 -58.09
N ARG A 2311 44.15 4.90 -56.82
CA ARG A 2311 43.97 3.74 -55.95
C ARG A 2311 45.28 3.28 -55.31
N TYR A 2312 46.43 3.86 -55.67
CA TYR A 2312 47.66 3.66 -54.93
C TYR A 2312 47.96 5.02 -54.29
N LYS A 2313 47.85 5.08 -52.97
CA LYS A 2313 47.89 6.36 -52.26
C LYS A 2313 49.17 7.14 -52.52
N GLU A 2314 50.28 6.45 -52.77
CA GLU A 2314 51.56 7.14 -52.92
C GLU A 2314 51.79 7.71 -54.31
N VAL A 2315 51.09 7.21 -55.34
CA VAL A 2315 51.44 7.61 -56.69
C VAL A 2315 50.63 8.83 -57.15
N TYR A 2316 49.30 8.73 -57.10
CA TYR A 2316 48.47 9.76 -57.73
C TYR A 2316 48.47 11.06 -56.92
N ALA A 2317 48.38 10.96 -55.60
CA ALA A 2317 48.45 12.17 -54.77
C ALA A 2317 49.80 12.87 -54.92
N ALA A 2318 50.89 12.08 -54.94
CA ALA A 2318 52.22 12.66 -55.12
C ALA A 2318 52.34 13.33 -56.49
N ALA A 2319 51.80 12.69 -57.53
CA ALA A 2319 51.78 13.32 -58.84
C ALA A 2319 51.04 14.65 -58.80
N ALA A 2320 49.90 14.69 -58.10
CA ALA A 2320 49.14 15.93 -57.99
C ALA A 2320 49.96 17.02 -57.30
N GLU A 2321 50.64 16.68 -56.20
CA GLU A 2321 51.42 17.68 -55.48
C GLU A 2321 52.57 18.21 -56.34
N VAL A 2322 53.28 17.32 -57.02
CA VAL A 2322 54.41 17.77 -57.84
C VAL A 2322 53.91 18.56 -59.06
N LEU A 2323 52.72 18.22 -59.56
CA LEU A 2323 52.12 19.02 -60.62
C LEU A 2323 51.80 20.42 -60.11
N GLY A 2324 51.24 20.52 -58.91
CA GLY A 2324 51.02 21.83 -58.32
C GLY A 2324 52.31 22.62 -58.17
N LEU A 2325 53.39 21.95 -57.80
CA LEU A 2325 54.69 22.63 -57.69
C LEU A 2325 55.15 23.14 -59.05
N ILE A 2326 55.13 22.28 -60.08
CA ILE A 2326 55.58 22.69 -61.40
C ILE A 2326 54.70 23.81 -61.93
N LEU A 2327 53.41 23.79 -61.61
CA LEU A 2327 52.52 24.89 -61.99
C LEU A 2327 52.93 26.18 -61.29
N ARG A 2328 53.20 26.12 -59.99
CA ARG A 2328 53.59 27.30 -59.24
C ARG A 2328 54.88 27.89 -59.79
N TYR A 2329 55.75 27.06 -60.37
CA TYR A 2329 56.93 27.60 -61.03
C TYR A 2329 56.60 28.19 -62.38
N VAL A 2330 56.02 27.38 -63.27
CA VAL A 2330 55.86 27.78 -64.67
C VAL A 2330 54.89 28.93 -64.83
N MET A 2331 53.97 29.15 -63.89
CA MET A 2331 53.13 30.34 -63.96
C MET A 2331 53.98 31.61 -63.76
N GLU A 2332 54.81 31.61 -62.72
CA GLU A 2332 55.72 32.73 -62.51
C GLU A 2332 56.80 32.76 -63.58
N ARG A 2333 57.39 31.60 -63.88
CA ARG A 2333 58.41 31.54 -64.92
C ARG A 2333 57.80 31.98 -66.25
N LYS A 2334 58.23 33.14 -66.74
CA LYS A 2334 57.60 33.78 -67.89
C LYS A 2334 58.04 33.06 -69.18
N ASN A 2335 57.54 31.83 -69.32
CA ASN A 2335 57.51 31.11 -70.59
C ASN A 2335 56.10 30.62 -70.85
N ILE A 2336 55.62 30.79 -72.08
CA ILE A 2336 54.21 30.48 -72.40
C ILE A 2336 54.19 29.00 -72.77
N LEU A 2337 54.14 28.15 -71.75
CA LEU A 2337 53.97 26.72 -71.95
C LEU A 2337 53.07 26.11 -70.88
N GLU A 2338 52.48 26.92 -70.00
CA GLU A 2338 51.73 26.42 -68.87
C GLU A 2338 50.30 26.02 -69.22
N GLU A 2339 49.72 26.65 -70.24
CA GLU A 2339 48.32 26.43 -70.56
C GLU A 2339 48.05 24.96 -70.88
N SER A 2340 48.95 24.33 -71.65
CA SER A 2340 48.74 22.95 -72.07
C SER A 2340 48.61 22.01 -70.87
N LEU A 2341 49.57 22.04 -69.96
CA LEU A 2341 49.54 21.12 -68.83
C LEU A 2341 48.44 21.48 -67.85
N CYS A 2342 48.19 22.77 -67.65
CA CYS A 2342 47.12 23.15 -66.73
C CYS A 2342 45.77 22.64 -67.23
N GLU A 2343 45.51 22.77 -68.53
CA GLU A 2343 44.24 22.27 -69.05
C GLU A 2343 44.21 20.75 -69.14
N LEU A 2344 45.35 20.09 -69.37
CA LEU A 2344 45.36 18.63 -69.37
C LEU A 2344 45.02 18.07 -67.99
N VAL A 2345 45.62 18.64 -66.94
CA VAL A 2345 45.29 18.17 -65.61
C VAL A 2345 43.88 18.60 -65.24
N ALA A 2346 43.40 19.73 -65.78
CA ALA A 2346 42.00 20.10 -65.55
C ALA A 2346 41.05 19.11 -66.22
N LYS A 2347 41.44 18.53 -67.36
CA LYS A 2347 40.58 17.53 -67.97
C LYS A 2347 40.64 16.22 -67.19
N GLN A 2348 41.80 15.89 -66.64
CA GLN A 2348 41.85 14.74 -65.73
C GLN A 2348 40.96 14.99 -64.52
N LEU A 2349 40.90 16.23 -64.05
CA LEU A 2349 40.02 16.60 -62.95
C LEU A 2349 38.56 16.45 -63.33
N LYS A 2350 38.18 16.90 -64.53
CA LYS A 2350 36.80 16.74 -64.96
C LYS A 2350 36.46 15.27 -65.20
N GLN A 2351 37.46 14.45 -65.52
CA GLN A 2351 37.23 13.01 -65.63
C GLN A 2351 36.97 12.38 -64.27
N HIS A 2352 37.67 12.86 -63.24
CA HIS A 2352 37.47 12.30 -61.89
C HIS A 2352 36.27 12.90 -61.16
N GLN A 2353 35.84 14.10 -61.52
CA GLN A 2353 34.79 14.78 -60.77
C GLN A 2353 33.43 14.09 -60.85
N ASN A 2354 33.30 13.07 -61.70
CA ASN A 2354 32.08 12.27 -61.74
C ASN A 2354 32.31 10.82 -61.35
N THR A 2355 33.37 10.17 -61.88
CA THR A 2355 33.51 8.73 -61.67
C THR A 2355 34.06 8.39 -60.28
N MET A 2356 34.93 9.24 -59.73
CA MET A 2356 35.49 9.02 -58.39
C MET A 2356 35.57 10.39 -57.73
N GLU A 2357 34.52 10.73 -56.97
CA GLU A 2357 34.47 12.04 -56.32
C GLU A 2357 35.57 12.17 -55.27
N ASP A 2358 35.81 11.11 -54.50
CA ASP A 2358 36.88 11.10 -53.52
C ASP A 2358 38.22 11.42 -54.17
N LYS A 2359 38.64 10.59 -55.13
CA LYS A 2359 39.89 10.76 -55.84
C LYS A 2359 39.88 11.95 -56.78
N PHE A 2360 38.73 12.64 -56.90
CA PHE A 2360 38.69 13.94 -57.57
C PHE A 2360 39.13 15.04 -56.60
N ILE A 2361 38.45 15.13 -55.45
CA ILE A 2361 38.76 16.21 -54.52
C ILE A 2361 40.17 16.05 -53.96
N VAL A 2362 40.67 14.81 -53.86
CA VAL A 2362 42.05 14.59 -53.41
C VAL A 2362 43.02 15.37 -54.28
N CYS A 2363 43.03 15.07 -55.59
CA CYS A 2363 43.99 15.71 -56.47
C CYS A 2363 43.68 17.19 -56.66
N LEU A 2364 42.40 17.59 -56.60
CA LEU A 2364 42.09 19.01 -56.69
C LEU A 2364 42.74 19.80 -55.58
N ASN A 2365 42.63 19.31 -54.34
CA ASN A 2365 43.27 19.99 -53.21
C ASN A 2365 44.79 19.92 -53.32
N LYS A 2366 45.34 18.79 -53.76
CA LYS A 2366 46.79 18.66 -53.86
C LYS A 2366 47.38 19.61 -54.91
N VAL A 2367 46.63 19.89 -55.97
CA VAL A 2367 47.08 20.88 -56.93
C VAL A 2367 46.90 22.29 -56.37
N THR A 2368 45.75 22.57 -55.76
CA THR A 2368 45.45 23.93 -55.33
C THR A 2368 46.29 24.37 -54.13
N LYS A 2369 46.87 23.43 -53.38
CA LYS A 2369 47.74 23.83 -52.29
C LYS A 2369 49.01 24.54 -52.77
N SER A 2370 49.35 24.40 -54.06
CA SER A 2370 50.44 25.15 -54.65
C SER A 2370 50.04 25.92 -55.90
N PHE A 2371 48.76 25.91 -56.27
CA PHE A 2371 48.30 26.56 -57.51
C PHE A 2371 46.86 27.01 -57.30
N PRO A 2372 46.64 28.28 -57.00
CA PRO A 2372 45.27 28.78 -56.78
C PRO A 2372 44.43 28.76 -58.05
N PRO A 2373 44.91 29.30 -59.20
CA PRO A 2373 43.96 29.66 -60.26
C PRO A 2373 43.45 28.49 -61.09
N LEU A 2374 43.17 27.35 -60.44
CA LEU A 2374 42.56 26.20 -61.09
C LEU A 2374 41.24 25.82 -60.42
N ALA A 2375 40.57 26.78 -59.79
CA ALA A 2375 39.26 26.54 -59.19
C ALA A 2375 38.14 27.40 -59.75
N ASP A 2376 38.44 28.44 -60.55
CA ASP A 2376 37.38 29.20 -61.20
C ASP A 2376 36.50 28.33 -62.06
N ARG A 2377 36.99 27.18 -62.50
CA ARG A 2377 36.20 26.21 -63.24
C ARG A 2377 35.70 25.08 -62.36
N PHE A 2378 36.08 25.07 -61.08
CA PHE A 2378 35.68 23.98 -60.19
C PHE A 2378 35.29 24.45 -58.80
N MET A 2379 35.16 25.75 -58.56
CA MET A 2379 34.62 26.24 -57.30
C MET A 2379 33.20 25.72 -57.08
N ASN A 2380 32.35 25.87 -58.09
CA ASN A 2380 31.00 25.31 -57.99
C ASN A 2380 31.04 23.79 -57.92
N ALA A 2381 32.06 23.17 -58.52
CA ALA A 2381 32.15 21.71 -58.50
C ALA A 2381 32.28 21.18 -57.07
N VAL A 2382 33.04 21.87 -56.23
CA VAL A 2382 33.16 21.45 -54.84
C VAL A 2382 32.02 22.04 -53.99
N PHE A 2383 31.55 23.23 -54.35
CA PHE A 2383 30.37 23.79 -53.67
C PHE A 2383 29.19 22.84 -53.75
N PHE A 2384 29.06 22.12 -54.86
CA PHE A 2384 27.92 21.26 -55.10
C PHE A 2384 27.85 20.15 -54.05
N LEU A 2385 28.81 19.24 -54.04
CA LEU A 2385 28.90 18.24 -52.98
C LEU A 2385 29.94 18.61 -51.93
N LEU A 2386 29.79 19.82 -51.36
CA LEU A 2386 30.59 20.14 -50.18
C LEU A 2386 30.11 19.38 -48.95
N PRO A 2387 28.80 19.37 -48.60
CA PRO A 2387 28.35 18.50 -47.50
C PRO A 2387 28.21 17.05 -47.94
N LYS A 2388 27.64 16.22 -47.07
CA LYS A 2388 27.45 14.78 -47.31
C LYS A 2388 28.79 14.08 -47.52
N PHE A 2389 29.81 14.51 -46.80
CA PHE A 2389 31.14 13.91 -46.82
C PHE A 2389 31.67 13.71 -45.41
N HIS A 2390 30.85 13.11 -44.56
CA HIS A 2390 31.18 12.94 -43.15
C HIS A 2390 32.51 12.20 -42.99
N GLY A 2391 33.45 12.84 -42.30
CA GLY A 2391 34.81 12.38 -42.18
C GLY A 2391 35.78 13.51 -42.43
N VAL A 2392 36.95 13.20 -42.99
CA VAL A 2392 37.96 14.22 -43.29
C VAL A 2392 37.60 15.05 -44.52
N LEU A 2393 36.75 14.52 -45.39
CA LEU A 2393 36.53 15.12 -46.71
C LEU A 2393 35.82 16.47 -46.63
N LYS A 2394 34.95 16.67 -45.64
CA LYS A 2394 34.41 18.00 -45.40
C LYS A 2394 35.52 19.00 -45.19
N THR A 2395 36.48 18.65 -44.33
CA THR A 2395 37.61 19.53 -44.08
C THR A 2395 38.46 19.71 -45.33
N LEU A 2396 38.59 18.67 -46.16
CA LEU A 2396 39.34 18.81 -47.40
C LEU A 2396 38.67 19.83 -48.33
N CYS A 2397 37.35 19.73 -48.47
CA CYS A 2397 36.61 20.73 -49.24
C CYS A 2397 36.82 22.13 -48.67
N LEU A 2398 36.82 22.25 -47.35
CA LEU A 2398 37.07 23.55 -46.72
C LEU A 2398 38.44 24.07 -47.09
N GLU A 2399 39.46 23.20 -47.07
CA GLU A 2399 40.78 23.57 -47.54
C GLU A 2399 40.72 24.10 -48.96
N VAL A 2400 40.08 23.34 -49.85
CA VAL A 2400 39.97 23.72 -51.25
C VAL A 2400 39.40 25.13 -51.38
N VAL A 2401 38.30 25.40 -50.68
CA VAL A 2401 37.68 26.72 -50.83
C VAL A 2401 38.56 27.81 -50.22
N LEU A 2402 39.30 27.50 -49.15
CA LEU A 2402 40.21 28.50 -48.60
C LEU A 2402 41.29 28.87 -49.60
N CYS A 2403 41.75 27.91 -50.39
CA CYS A 2403 42.81 28.18 -51.37
C CYS A 2403 42.45 29.37 -52.26
N ARG A 2404 41.31 29.29 -52.92
CA ARG A 2404 40.98 30.18 -54.01
C ARG A 2404 40.06 31.33 -53.58
N VAL A 2405 39.99 31.62 -52.28
CA VAL A 2405 38.98 32.50 -51.72
C VAL A 2405 38.96 33.89 -52.37
N GLU A 2406 40.01 34.28 -53.08
CA GLU A 2406 40.11 35.62 -53.64
C GLU A 2406 39.04 35.96 -54.67
N GLY A 2407 39.05 35.30 -55.83
CA GLY A 2407 38.43 35.85 -57.02
C GLY A 2407 36.92 35.99 -57.04
N MET A 2408 36.20 34.87 -57.16
CA MET A 2408 34.75 34.88 -57.14
C MET A 2408 34.25 35.45 -55.82
N THR A 2409 33.60 36.61 -55.85
CA THR A 2409 33.29 37.18 -54.55
C THR A 2409 32.09 36.46 -53.96
N GLU A 2410 30.86 36.87 -54.29
CA GLU A 2410 29.63 36.06 -54.23
C GLU A 2410 29.75 34.81 -53.35
N LEU A 2411 30.32 34.92 -52.16
CA LEU A 2411 30.65 33.72 -51.40
C LEU A 2411 29.69 33.47 -50.25
N TYR A 2412 29.15 34.55 -49.67
CA TYR A 2412 28.18 34.39 -48.60
C TYR A 2412 26.99 33.55 -49.07
N PHE A 2413 26.71 33.54 -50.38
CA PHE A 2413 25.58 32.80 -50.90
C PHE A 2413 25.86 31.30 -50.98
N GLN A 2414 26.92 30.89 -51.69
CA GLN A 2414 27.22 29.46 -51.75
C GLN A 2414 27.56 28.91 -50.38
N LEU A 2415 28.13 29.74 -49.50
CA LEU A 2415 28.39 29.33 -48.13
C LEU A 2415 27.09 29.13 -47.36
N LYS A 2416 26.20 30.12 -47.39
CA LYS A 2416 24.94 30.01 -46.65
C LYS A 2416 24.08 28.87 -47.17
N SER A 2417 24.22 28.52 -48.45
CA SER A 2417 23.42 27.44 -49.03
C SER A 2417 23.73 26.12 -48.35
N LYS A 2418 25.01 25.77 -48.25
CA LYS A 2418 25.43 24.49 -47.69
C LYS A 2418 25.77 24.59 -46.21
N ASP A 2419 24.84 25.17 -45.44
CA ASP A 2419 24.88 25.26 -43.97
C ASP A 2419 26.29 25.46 -43.41
N PHE A 2420 26.91 26.57 -43.84
CA PHE A 2420 28.24 26.92 -43.32
C PHE A 2420 28.18 27.18 -41.82
N VAL A 2421 27.10 27.83 -41.36
CA VAL A 2421 26.94 28.06 -39.93
C VAL A 2421 26.66 26.79 -39.17
N GLN A 2422 26.43 25.68 -39.88
CA GLN A 2422 26.31 24.35 -39.29
C GLN A 2422 27.61 23.58 -39.32
N VAL A 2423 28.48 23.84 -40.30
CA VAL A 2423 29.81 23.24 -40.27
C VAL A 2423 30.77 24.02 -39.38
N MET A 2424 30.47 25.29 -39.09
CA MET A 2424 31.27 26.04 -38.13
C MET A 2424 31.20 25.39 -36.76
N ARG A 2425 30.09 24.70 -36.47
CA ARG A 2425 29.96 23.80 -35.34
C ARG A 2425 30.44 22.44 -35.82
N HIS A 2426 31.65 22.07 -35.42
CA HIS A 2426 32.16 20.75 -35.75
C HIS A 2426 33.12 20.30 -34.67
N ARG A 2427 33.25 18.98 -34.54
CA ARG A 2427 34.14 18.43 -33.53
C ARG A 2427 35.57 18.34 -34.03
N ASP A 2428 35.79 18.67 -35.30
CA ASP A 2428 37.11 18.64 -35.94
C ASP A 2428 37.82 19.98 -35.72
N ASP A 2429 38.96 19.94 -35.04
CA ASP A 2429 39.66 21.17 -34.71
C ASP A 2429 40.21 21.85 -35.97
N GLU A 2430 40.67 21.06 -36.95
CA GLU A 2430 41.22 21.65 -38.17
C GLU A 2430 40.13 22.29 -39.02
N ARG A 2431 38.98 21.62 -39.14
CA ARG A 2431 37.88 22.19 -39.91
C ARG A 2431 37.46 23.55 -39.35
N GLN A 2432 37.46 23.69 -38.03
CA GLN A 2432 37.10 24.97 -37.42
C GLN A 2432 38.18 26.02 -37.71
N LYS A 2433 39.45 25.62 -37.68
CA LYS A 2433 40.54 26.55 -37.97
C LYS A 2433 40.45 27.07 -39.41
N VAL A 2434 40.14 26.20 -40.37
CA VAL A 2434 40.06 26.65 -41.75
C VAL A 2434 38.79 27.47 -41.98
N CYS A 2435 37.68 27.09 -41.33
CA CYS A 2435 36.45 27.86 -41.47
C CYS A 2435 36.56 29.23 -40.79
N LEU A 2436 37.51 29.40 -39.88
CA LEU A 2436 37.81 30.73 -39.34
C LEU A 2436 38.83 31.49 -40.19
N ASP A 2437 39.78 30.79 -40.82
CA ASP A 2437 40.72 31.48 -41.71
C ASP A 2437 40.01 32.02 -42.95
N ILE A 2438 39.02 31.30 -43.46
CA ILE A 2438 38.27 31.81 -44.60
C ILE A 2438 37.50 33.07 -44.21
N ILE A 2439 36.95 33.07 -42.99
CA ILE A 2439 36.21 34.24 -42.52
C ILE A 2439 37.16 35.38 -42.19
N TYR A 2440 38.43 35.05 -41.90
CA TYR A 2440 39.45 36.09 -41.72
C TYR A 2440 39.78 36.77 -43.03
N LYS A 2441 39.99 35.99 -44.09
CA LYS A 2441 40.35 36.61 -45.36
C LYS A 2441 39.16 37.25 -46.07
N MET A 2442 37.95 36.73 -45.90
CA MET A 2442 36.78 37.26 -46.58
C MET A 2442 36.05 38.35 -45.78
N MET A 2443 36.69 38.91 -44.74
CA MET A 2443 36.03 39.92 -43.92
C MET A 2443 35.63 41.16 -44.71
N PRO A 2444 36.53 41.85 -45.42
CA PRO A 2444 36.15 43.14 -46.01
C PRO A 2444 35.40 42.97 -47.33
N LYS A 2445 34.48 42.01 -47.35
CA LYS A 2445 33.53 41.83 -48.44
C LYS A 2445 32.17 41.41 -47.91
N LEU A 2446 31.89 41.71 -46.64
CA LEU A 2446 30.70 41.24 -45.95
C LEU A 2446 30.07 42.41 -45.20
N LYS A 2447 29.69 43.45 -45.95
CA LYS A 2447 29.13 44.69 -45.43
C LYS A 2447 28.09 44.41 -44.35
N PRO A 2448 27.88 45.33 -43.39
CA PRO A 2448 27.33 44.93 -42.09
C PRO A 2448 25.85 44.56 -42.08
N VAL A 2449 25.36 43.92 -43.11
CA VAL A 2449 24.04 43.28 -43.08
C VAL A 2449 24.17 41.78 -42.84
N GLU A 2450 25.09 41.14 -43.57
CA GLU A 2450 25.45 39.77 -43.31
C GLU A 2450 26.56 39.64 -42.27
N LEU A 2451 27.28 40.72 -41.99
CA LEU A 2451 28.33 40.66 -40.96
C LEU A 2451 27.74 40.59 -39.57
N ARG A 2452 26.60 41.26 -39.34
CA ARG A 2452 25.93 41.15 -38.05
C ARG A 2452 25.41 39.74 -37.83
N GLU A 2453 25.10 39.02 -38.91
CA GLU A 2453 24.70 37.62 -38.81
C GLU A 2453 25.91 36.72 -38.61
N LEU A 2454 27.03 37.04 -39.25
CA LEU A 2454 28.24 36.22 -39.19
C LEU A 2454 28.99 36.40 -37.88
N LEU A 2455 28.81 37.53 -37.19
CA LEU A 2455 29.54 37.80 -35.96
C LEU A 2455 28.98 37.10 -34.74
N ASN A 2456 27.78 36.50 -34.84
CA ASN A 2456 27.18 35.89 -33.66
C ASN A 2456 27.75 34.52 -33.32
N PRO A 2457 27.90 33.58 -34.27
CA PRO A 2457 28.52 32.30 -33.93
C PRO A 2457 30.04 32.31 -33.97
N VAL A 2458 30.64 33.40 -34.46
CA VAL A 2458 32.10 33.52 -34.43
C VAL A 2458 32.55 33.82 -33.01
N VAL A 2459 31.88 34.76 -32.35
CA VAL A 2459 32.20 35.17 -31.00
C VAL A 2459 31.73 34.08 -30.05
N GLU A 2460 31.07 33.04 -30.59
CA GLU A 2460 30.70 31.87 -29.79
C GLU A 2460 31.90 30.97 -29.46
N PHE A 2461 33.11 31.40 -29.80
CA PHE A 2461 34.34 30.63 -29.67
C PHE A 2461 35.31 31.26 -28.68
N VAL A 2462 34.79 31.71 -27.53
CA VAL A 2462 35.63 32.14 -26.42
C VAL A 2462 35.78 31.07 -25.35
N SER A 2463 35.07 29.95 -25.48
CA SER A 2463 35.14 28.84 -24.55
C SER A 2463 35.58 27.59 -25.31
N HIS A 2464 36.63 27.75 -26.10
CA HIS A 2464 37.08 26.72 -27.03
C HIS A 2464 38.58 26.45 -26.86
N PRO A 2465 38.98 25.18 -26.84
CA PRO A 2465 40.41 24.84 -26.85
C PRO A 2465 41.02 25.03 -28.23
N SER A 2466 42.24 24.52 -28.43
CA SER A 2466 42.96 24.66 -29.70
C SER A 2466 43.23 26.13 -30.04
N THR A 2467 44.11 26.71 -29.22
CA THR A 2467 44.37 28.15 -29.16
C THR A 2467 44.52 28.81 -30.53
N THR A 2468 44.88 28.06 -31.58
CA THR A 2468 45.02 28.67 -32.90
C THR A 2468 43.69 29.22 -33.40
N CYS A 2469 42.60 28.50 -33.12
CA CYS A 2469 41.26 28.99 -33.46
C CYS A 2469 40.96 30.31 -32.75
N ARG A 2470 41.28 30.38 -31.46
CA ARG A 2470 41.08 31.61 -30.71
C ARG A 2470 41.92 32.75 -31.28
N GLU A 2471 43.14 32.43 -31.74
CA GLU A 2471 44.01 33.45 -32.34
C GLU A 2471 43.37 34.03 -33.59
N GLN A 2472 42.85 33.17 -34.47
CA GLN A 2472 42.23 33.70 -35.68
C GLN A 2472 40.97 34.49 -35.37
N MET A 2473 40.19 34.06 -34.38
CA MET A 2473 38.99 34.79 -33.99
C MET A 2473 39.34 36.20 -33.51
N TYR A 2474 40.32 36.30 -32.60
CA TYR A 2474 40.73 37.62 -32.13
C TYR A 2474 41.44 38.42 -33.21
N ASN A 2475 42.02 37.78 -34.23
CA ASN A 2475 42.59 38.55 -35.33
C ASN A 2475 41.50 39.21 -36.16
N ILE A 2476 40.43 38.46 -36.47
CA ILE A 2476 39.34 39.08 -37.23
C ILE A 2476 38.67 40.15 -36.37
N LEU A 2477 38.64 39.98 -35.05
CA LEU A 2477 38.12 41.05 -34.21
C LEU A 2477 39.04 42.26 -34.17
N MET A 2478 40.36 42.05 -34.27
CA MET A 2478 41.28 43.18 -34.35
C MET A 2478 41.06 43.99 -35.62
N TRP A 2479 40.76 43.32 -36.72
CA TRP A 2479 40.53 44.12 -37.93
C TRP A 2479 39.14 44.77 -37.92
N ILE A 2480 38.13 44.07 -37.41
CA ILE A 2480 36.77 44.61 -37.48
C ILE A 2480 36.62 45.90 -36.67
N HIS A 2481 37.57 46.19 -35.77
CA HIS A 2481 37.52 47.43 -35.00
C HIS A 2481 38.25 48.58 -35.69
N ASP A 2482 39.37 48.30 -36.36
CA ASP A 2482 40.19 49.36 -36.93
C ASP A 2482 39.60 49.98 -38.19
N ASN A 2483 38.60 49.35 -38.81
CA ASN A 2483 37.98 49.91 -40.01
C ASN A 2483 36.47 50.02 -39.95
N TYR A 2484 35.81 49.50 -38.92
CA TYR A 2484 34.40 49.78 -38.63
C TYR A 2484 34.24 50.61 -37.36
N ARG A 2485 35.24 51.45 -37.09
CA ARG A 2485 35.15 52.44 -36.01
C ARG A 2485 33.92 53.32 -36.16
N ASP A 2486 33.57 53.68 -37.40
CA ASP A 2486 32.44 54.53 -37.74
C ASP A 2486 32.58 55.88 -37.04
N PRO A 2487 33.58 56.70 -37.42
CA PRO A 2487 33.80 57.98 -36.71
C PRO A 2487 32.71 58.99 -37.00
N GLU A 2488 31.54 58.83 -36.36
CA GLU A 2488 30.40 59.73 -36.55
C GLU A 2488 29.94 59.72 -38.00
N SER A 2489 29.70 58.51 -38.52
CA SER A 2489 29.06 58.32 -39.82
C SER A 2489 27.57 58.03 -39.67
N GLU A 2490 27.22 57.13 -38.75
CA GLU A 2490 25.83 56.79 -38.45
C GLU A 2490 25.09 56.36 -39.72
N THR A 2491 25.71 55.45 -40.48
CA THR A 2491 25.12 54.99 -41.73
C THR A 2491 24.06 53.92 -41.48
N ASP A 2492 24.42 52.88 -40.74
CA ASP A 2492 23.52 51.77 -40.43
C ASP A 2492 23.40 51.59 -38.93
N ASN A 2493 22.27 51.02 -38.51
CA ASN A 2493 22.12 50.63 -37.11
C ASN A 2493 22.76 49.28 -36.83
N ASP A 2494 23.21 48.58 -37.88
CA ASP A 2494 24.01 47.38 -37.75
C ASP A 2494 25.52 47.65 -37.88
N SER A 2495 25.91 48.66 -38.66
CA SER A 2495 27.32 49.03 -38.75
C SER A 2495 27.86 49.46 -37.39
N GLN A 2496 27.00 50.01 -36.54
CA GLN A 2496 27.37 50.34 -35.16
C GLN A 2496 26.90 49.29 -34.16
N GLU A 2497 26.11 48.30 -34.58
CA GLU A 2497 25.78 47.22 -33.66
C GLU A 2497 26.88 46.17 -33.64
N ILE A 2498 27.48 45.89 -34.80
CA ILE A 2498 28.60 44.97 -34.83
C ILE A 2498 29.79 45.55 -34.08
N PHE A 2499 29.85 46.88 -33.96
CA PHE A 2499 30.91 47.52 -33.18
C PHE A 2499 30.81 47.10 -31.71
N LYS A 2500 29.61 47.19 -31.12
CA LYS A 2500 29.43 46.75 -29.74
C LYS A 2500 29.52 45.24 -29.61
N LEU A 2501 29.04 44.49 -30.61
CA LEU A 2501 29.13 43.04 -30.56
C LEU A 2501 30.57 42.55 -30.59
N ALA A 2502 31.46 43.26 -31.30
CA ALA A 2502 32.88 42.93 -31.29
C ALA A 2502 33.60 43.51 -30.08
N LYS A 2503 33.12 44.63 -29.54
CA LYS A 2503 33.75 45.23 -28.37
C LYS A 2503 33.47 44.42 -27.11
N ASP A 2504 32.34 43.72 -27.06
CA ASP A 2504 32.05 42.89 -25.88
C ASP A 2504 32.97 41.69 -25.77
N VAL A 2505 33.70 41.36 -26.83
CA VAL A 2505 34.56 40.18 -26.85
C VAL A 2505 36.02 40.56 -26.96
N LEU A 2506 36.34 41.62 -27.71
CA LEU A 2506 37.73 42.10 -27.75
C LEU A 2506 38.23 42.47 -26.37
N ILE A 2507 37.37 42.99 -25.52
CA ILE A 2507 37.75 43.19 -24.12
C ILE A 2507 37.75 41.88 -23.36
N GLN A 2508 36.84 40.97 -23.72
CA GLN A 2508 36.80 39.64 -23.11
C GLN A 2508 38.06 38.83 -23.43
N GLY A 2509 38.89 39.30 -24.34
CA GLY A 2509 40.12 38.63 -24.70
C GLY A 2509 41.35 39.10 -23.94
N LEU A 2510 41.24 39.25 -22.62
CA LEU A 2510 42.38 39.60 -21.80
C LEU A 2510 42.54 38.73 -20.56
N ILE A 2511 41.63 37.80 -20.32
CA ILE A 2511 41.80 36.81 -19.26
C ILE A 2511 41.85 35.42 -19.87
N ASP A 2512 42.29 35.34 -21.13
CA ASP A 2512 42.45 34.05 -21.80
C ASP A 2512 43.41 33.15 -21.03
N GLU A 2513 43.09 31.87 -20.94
CA GLU A 2513 43.91 30.95 -20.15
C GLU A 2513 45.13 30.54 -20.96
N ASN A 2514 45.86 31.53 -21.47
CA ASN A 2514 47.04 31.32 -22.27
C ASN A 2514 47.89 32.59 -22.27
N PRO A 2515 48.72 32.81 -21.25
CA PRO A 2515 49.57 34.01 -21.26
C PRO A 2515 50.47 34.04 -22.49
N GLY A 2516 51.04 35.22 -22.75
CA GLY A 2516 51.78 35.42 -23.98
C GLY A 2516 50.88 35.71 -25.17
N LEU A 2517 49.77 34.97 -25.27
CA LEU A 2517 48.74 35.28 -26.26
C LEU A 2517 48.13 36.64 -26.01
N GLN A 2518 47.80 36.94 -24.75
CA GLN A 2518 47.25 38.24 -24.43
C GLN A 2518 48.24 39.38 -24.63
N LEU A 2519 49.51 39.08 -24.94
CA LEU A 2519 50.49 40.15 -25.18
C LEU A 2519 50.09 41.03 -26.35
N ILE A 2520 49.77 40.42 -27.49
CA ILE A 2520 49.45 41.22 -28.66
C ILE A 2520 48.10 41.91 -28.51
N ILE A 2521 47.21 41.38 -27.66
CA ILE A 2521 45.98 42.10 -27.37
C ILE A 2521 46.27 43.32 -26.49
N ARG A 2522 47.19 43.16 -25.54
CA ARG A 2522 47.70 44.32 -24.80
C ARG A 2522 48.29 45.35 -25.75
N ASN A 2523 49.07 44.90 -26.74
CA ASN A 2523 49.69 45.81 -27.68
C ASN A 2523 48.68 46.49 -28.58
N PHE A 2524 47.62 45.79 -28.99
CA PHE A 2524 46.57 46.42 -29.78
C PHE A 2524 45.80 47.45 -28.97
N TRP A 2525 45.66 47.22 -27.66
CA TRP A 2525 45.06 48.23 -26.80
C TRP A 2525 46.08 49.24 -26.28
N SER A 2526 47.37 49.04 -26.55
CA SER A 2526 48.44 49.95 -26.14
C SER A 2526 49.16 50.53 -27.35
N HIS A 2527 48.40 50.86 -28.39
CA HIS A 2527 48.91 51.55 -29.58
C HIS A 2527 48.19 52.89 -29.72
N GLU A 2528 48.73 53.73 -30.60
CA GLU A 2528 48.09 55.01 -30.85
C GLU A 2528 46.72 54.77 -31.49
N THR A 2529 45.83 55.74 -31.31
CA THR A 2529 44.44 55.85 -31.79
C THR A 2529 43.54 54.80 -31.13
N ARG A 2530 44.07 53.91 -30.30
CA ARG A 2530 43.22 53.04 -29.49
C ARG A 2530 42.89 53.65 -28.14
N LEU A 2531 43.88 54.24 -27.47
CA LEU A 2531 43.71 55.01 -26.24
C LEU A 2531 44.78 56.09 -26.22
N PRO A 2532 44.42 57.35 -26.02
CA PRO A 2532 45.44 58.41 -25.95
C PRO A 2532 46.44 58.12 -24.85
N SER A 2533 47.63 58.69 -24.99
CA SER A 2533 48.76 58.32 -24.13
C SER A 2533 49.56 59.55 -23.70
N ASN A 2534 48.88 60.61 -23.25
CA ASN A 2534 49.66 61.75 -22.78
C ASN A 2534 50.21 61.48 -21.38
N THR A 2535 49.37 61.61 -20.36
CA THR A 2535 49.51 60.88 -19.11
C THR A 2535 48.11 60.55 -18.61
N LEU A 2536 47.25 61.56 -18.74
CA LEU A 2536 45.94 61.62 -18.10
C LEU A 2536 44.81 61.24 -19.05
N ASP A 2537 44.95 61.56 -20.34
CA ASP A 2537 43.95 61.14 -21.31
C ASP A 2537 43.86 59.62 -21.33
N ARG A 2538 45.00 58.94 -21.19
CA ARG A 2538 44.99 57.49 -21.06
C ARG A 2538 44.16 57.06 -19.85
N LEU A 2539 44.40 57.68 -18.69
CA LEU A 2539 43.67 57.30 -17.48
C LEU A 2539 42.18 57.51 -17.66
N LEU A 2540 41.78 58.68 -18.12
CA LEU A 2540 40.36 58.98 -18.29
C LEU A 2540 39.72 58.07 -19.32
N ALA A 2541 40.47 57.65 -20.35
CA ALA A 2541 39.94 56.74 -21.35
C ALA A 2541 39.96 55.28 -20.91
N LEU A 2542 40.72 54.95 -19.87
CA LEU A 2542 40.79 53.57 -19.40
C LEU A 2542 39.45 53.04 -18.92
N ASN A 2543 38.60 53.91 -18.36
CA ASN A 2543 37.37 53.45 -17.73
C ASN A 2543 36.43 52.78 -18.74
N SER A 2544 36.53 53.14 -20.01
CA SER A 2544 35.57 52.67 -21.00
C SER A 2544 35.65 51.16 -21.23
N LEU A 2545 36.81 50.55 -21.02
CA LEU A 2545 37.03 49.13 -21.34
C LEU A 2545 36.87 48.24 -20.10
N TYR A 2546 35.70 48.30 -19.46
CA TYR A 2546 35.48 47.58 -18.20
C TYR A 2546 35.03 46.12 -18.37
N SER A 2547 33.93 45.89 -19.11
CA SER A 2547 33.42 44.54 -19.35
C SER A 2547 33.11 43.78 -18.06
N PRO A 2548 31.94 44.05 -17.42
CA PRO A 2548 31.73 43.61 -16.02
C PRO A 2548 31.52 42.12 -15.83
N LYS A 2549 32.20 41.30 -16.63
CA LYS A 2549 32.35 39.88 -16.34
C LYS A 2549 33.79 39.49 -16.07
N ILE A 2550 34.73 40.31 -16.50
CA ILE A 2550 36.17 40.05 -16.34
C ILE A 2550 36.69 41.17 -15.45
N GLU A 2551 36.62 40.94 -14.13
CA GLU A 2551 37.07 41.89 -13.14
C GLU A 2551 38.24 41.40 -12.31
N VAL A 2552 38.46 40.09 -12.24
CA VAL A 2552 39.54 39.53 -11.45
C VAL A 2552 40.88 40.11 -11.87
N HIS A 2553 40.99 40.58 -13.11
CA HIS A 2553 42.23 41.17 -13.60
C HIS A 2553 42.05 42.61 -14.05
N PHE A 2554 40.93 43.25 -13.70
CA PHE A 2554 40.72 44.63 -14.12
C PHE A 2554 41.81 45.54 -13.59
N LEU A 2555 42.05 45.49 -12.28
CA LEU A 2555 43.04 46.37 -11.68
C LEU A 2555 44.44 46.07 -12.20
N SER A 2556 44.78 44.78 -12.31
CA SER A 2556 46.11 44.38 -12.75
C SER A 2556 46.39 44.87 -14.16
N LEU A 2557 45.48 44.58 -15.10
CA LEU A 2557 45.68 45.03 -16.48
C LEU A 2557 45.66 46.55 -16.57
N ALA A 2558 44.84 47.21 -15.75
CA ALA A 2558 44.77 48.67 -15.81
C ALA A 2558 46.10 49.29 -15.41
N THR A 2559 46.67 48.84 -14.29
CA THR A 2559 47.94 49.41 -13.88
C THR A 2559 49.07 48.96 -14.80
N ASN A 2560 48.98 47.77 -15.38
CA ASN A 2560 49.95 47.35 -16.38
C ASN A 2560 49.95 48.33 -17.55
N PHE A 2561 48.76 48.70 -18.03
CA PHE A 2561 48.66 49.68 -19.12
C PHE A 2561 49.15 51.04 -18.67
N LEU A 2562 48.89 51.40 -17.42
CA LEU A 2562 49.32 52.70 -16.92
C LEU A 2562 50.83 52.79 -16.85
N LEU A 2563 51.50 51.71 -16.47
CA LEU A 2563 52.94 51.71 -16.34
C LEU A 2563 53.68 51.39 -17.63
N GLU A 2564 53.01 50.77 -18.61
CA GLU A 2564 53.70 50.42 -19.84
C GLU A 2564 54.05 51.63 -20.67
N MET A 2565 53.38 52.76 -20.43
CA MET A 2565 53.74 54.01 -21.09
C MET A 2565 54.67 54.86 -20.22
N THR A 2566 55.40 54.20 -19.30
CA THR A 2566 56.48 54.86 -18.59
C THR A 2566 57.75 54.86 -19.43
N SER A 2567 57.87 53.90 -20.33
CA SER A 2567 58.99 53.86 -21.27
C SER A 2567 58.98 55.04 -22.25
N MET A 2568 57.87 55.76 -22.35
CA MET A 2568 57.86 57.02 -23.09
C MET A 2568 58.39 58.14 -22.20
N SER A 2569 59.57 57.93 -21.63
CA SER A 2569 60.21 58.95 -20.83
C SER A 2569 61.71 58.83 -21.04
N PRO A 2570 62.44 59.94 -21.10
CA PRO A 2570 63.89 59.88 -21.22
C PRO A 2570 64.62 59.60 -19.92
N ASP A 2571 63.91 59.33 -18.83
CA ASP A 2571 64.50 59.17 -17.51
C ASP A 2571 64.60 57.68 -17.17
N TYR A 2572 65.59 57.00 -17.77
CA TYR A 2572 65.98 55.70 -17.26
C TYR A 2572 67.50 55.49 -17.11
N PRO A 2573 68.31 56.50 -16.69
CA PRO A 2573 69.61 56.18 -16.08
C PRO A 2573 69.60 56.33 -14.56
N ASN A 2574 70.26 55.39 -13.84
CA ASN A 2574 70.80 55.58 -12.49
C ASN A 2574 69.91 56.51 -11.67
N PRO A 2575 68.73 56.04 -11.24
CA PRO A 2575 67.70 56.95 -10.73
C PRO A 2575 67.92 57.61 -9.37
N MET A 2576 69.10 57.55 -8.77
CA MET A 2576 69.35 58.36 -7.58
C MET A 2576 70.45 59.36 -7.84
N PHE A 2577 71.70 58.93 -7.97
CA PHE A 2577 72.88 59.72 -8.32
C PHE A 2577 74.10 58.85 -8.09
N GLU A 2578 75.30 59.40 -8.23
CA GLU A 2578 76.53 58.70 -7.88
C GLU A 2578 76.36 57.96 -6.54
N HIS A 2579 76.97 56.82 -6.44
CA HIS A 2579 76.88 55.88 -5.34
C HIS A 2579 78.10 55.99 -4.44
N PRO A 2580 77.97 55.70 -3.15
CA PRO A 2580 79.05 56.02 -2.20
C PRO A 2580 80.29 55.14 -2.28
N LEU A 2581 81.07 55.31 -3.36
CA LEU A 2581 82.46 54.84 -3.45
C LEU A 2581 82.58 53.31 -3.27
N SER A 2582 82.07 52.59 -4.27
CA SER A 2582 82.19 51.13 -4.28
C SER A 2582 82.59 50.68 -5.69
N GLU A 2583 82.95 49.40 -5.79
CA GLU A 2583 83.27 48.74 -7.06
C GLU A 2583 82.16 47.72 -7.33
N CYS A 2584 81.25 48.07 -8.24
CA CYS A 2584 80.03 47.32 -8.49
C CYS A 2584 80.13 46.54 -9.80
N GLU A 2585 80.18 45.22 -9.70
CA GLU A 2585 80.17 44.34 -10.87
C GLU A 2585 79.11 43.24 -10.74
N PHE A 2586 78.23 43.33 -9.77
CA PHE A 2586 77.08 42.43 -9.71
C PHE A 2586 76.16 42.64 -10.91
N GLN A 2587 75.31 41.65 -11.15
CA GLN A 2587 74.50 41.63 -12.37
C GLN A 2587 73.29 42.55 -12.23
N GLU A 2588 72.46 42.59 -13.27
CA GLU A 2588 71.31 43.47 -13.32
C GLU A 2588 70.11 42.82 -12.64
N TYR A 2589 69.35 43.63 -11.92
CA TYR A 2589 68.16 43.17 -11.20
C TYR A 2589 66.93 43.45 -12.06
N THR A 2590 66.26 42.39 -12.50
CA THR A 2590 65.04 42.50 -13.30
C THR A 2590 64.16 41.29 -12.95
N ILE A 2591 63.16 41.00 -13.80
CA ILE A 2591 62.26 39.87 -13.56
C ILE A 2591 62.87 38.61 -14.16
N ASP A 2592 62.66 37.48 -13.50
CA ASP A 2592 62.99 36.18 -14.06
C ASP A 2592 61.91 35.19 -13.64
N SER A 2593 61.91 34.04 -14.31
CA SER A 2593 60.97 32.96 -14.04
C SER A 2593 61.74 31.71 -13.61
N ASP A 2594 61.02 30.60 -13.50
CA ASP A 2594 61.60 29.31 -13.14
C ASP A 2594 62.70 28.88 -14.12
N UNK A 2598 56.96 33.03 -30.92
CA UNK A 2598 56.51 33.17 -29.53
C UNK A 2598 57.63 33.71 -28.64
N UNK A 2599 58.88 33.50 -29.06
CA UNK A 2599 60.03 33.91 -28.25
C UNK A 2599 60.24 35.43 -28.29
N UNK A 2600 60.16 36.02 -29.48
CA UNK A 2600 60.22 37.48 -29.57
C UNK A 2600 59.07 38.12 -28.81
N UNK A 2601 57.89 37.52 -28.87
CA UNK A 2601 56.73 38.03 -28.15
C UNK A 2601 56.93 37.91 -26.64
N UNK A 2602 57.53 36.81 -26.19
CA UNK A 2602 57.75 36.62 -24.76
C UNK A 2602 58.83 37.55 -24.23
N UNK A 2603 59.88 37.79 -25.03
CA UNK A 2603 60.92 38.74 -24.63
C UNK A 2603 60.39 40.17 -24.62
N UNK A 2604 59.53 40.52 -25.60
CA UNK A 2604 58.90 41.83 -25.59
C UNK A 2604 57.94 41.97 -24.40
N UNK A 2605 57.26 40.88 -24.02
CA UNK A 2605 56.41 40.91 -22.85
C UNK A 2605 57.21 41.04 -21.57
N UNK A 2606 58.40 40.45 -21.52
CA UNK A 2606 59.27 40.61 -20.35
C UNK A 2606 59.83 42.03 -20.27
N UNK A 2607 60.26 42.58 -21.41
CA UNK A 2607 60.82 43.93 -21.42
C UNK A 2607 59.76 44.99 -21.11
N UNK A 2608 58.59 44.90 -21.77
CA UNK A 2608 57.52 45.84 -21.51
C UNK A 2608 56.90 45.61 -20.13
N UNK A 2609 56.77 44.36 -19.73
CA UNK A 2609 56.26 43.98 -18.43
C UNK A 2609 57.27 44.39 -17.36
N UNK A 2610 71.16 12.31 -3.34
CA UNK A 2610 71.68 11.59 -2.18
C UNK A 2610 70.56 11.10 -1.26
N UNK A 2611 70.93 10.50 -0.13
CA UNK A 2611 69.98 9.95 0.84
C UNK A 2611 70.46 10.31 2.23
N UNK A 2612 69.60 10.96 3.01
CA UNK A 2612 69.94 11.45 4.35
C UNK A 2612 68.67 11.40 5.19
N UNK A 2613 68.64 12.19 6.28
CA UNK A 2613 67.42 12.35 7.07
C UNK A 2613 66.20 12.52 6.17
N UNK A 2614 65.10 11.88 6.56
CA UNK A 2614 63.97 11.65 5.65
C UNK A 2614 63.22 12.95 5.40
N UNK A 2615 63.74 13.74 4.44
CA UNK A 2615 63.17 15.03 4.07
C UNK A 2615 62.10 14.90 2.98
N UNK A 2616 61.38 13.78 2.96
CA UNK A 2616 60.33 13.58 1.98
C UNK A 2616 59.14 14.52 2.19
N UNK A 2617 58.98 15.05 3.40
CA UNK A 2617 57.89 16.00 3.61
C UNK A 2617 58.25 17.40 3.13
N UNK A 2618 59.42 17.58 2.52
CA UNK A 2618 59.76 18.87 1.94
C UNK A 2618 59.10 19.09 0.58
N UNK A 2619 58.80 18.00 -0.13
CA UNK A 2619 58.23 17.98 -1.48
C UNK A 2619 59.04 18.82 -2.46
N UNK A 2620 60.25 19.21 -2.09
CA UNK A 2620 61.15 20.04 -2.89
C UNK A 2620 62.53 19.40 -2.98
N UNK A 2621 62.58 18.11 -3.36
CA UNK A 2621 63.85 17.42 -3.57
C UNK A 2621 64.80 18.28 -4.39
N UNK A 2622 64.39 18.66 -5.59
CA UNK A 2622 65.09 19.65 -6.39
C UNK A 2622 64.10 20.57 -7.09
N UNK A 2623 62.91 20.73 -6.48
CA UNK A 2623 61.82 21.52 -7.07
C UNK A 2623 62.22 22.97 -7.21
N UNK A 2624 63.03 23.47 -6.29
CA UNK A 2624 63.65 24.76 -6.46
C UNK A 2624 65.14 24.66 -6.73
N UNK A 2625 65.73 23.48 -6.56
CA UNK A 2625 67.17 23.33 -6.79
C UNK A 2625 67.53 23.40 -8.27
N UNK A 2626 66.64 22.98 -9.18
CA UNK A 2626 66.98 23.13 -10.59
C UNK A 2626 66.72 24.55 -11.09
N UNK A 2627 65.56 25.11 -10.75
CA UNK A 2627 65.26 26.47 -11.16
C UNK A 2627 66.20 27.44 -10.47
N UNK A 2628 66.78 27.03 -9.36
CA UNK A 2628 67.75 27.81 -8.59
C UNK A 2628 69.18 27.61 -9.07
N UNK A 2629 69.51 26.45 -9.64
CA UNK A 2629 70.76 26.38 -10.40
C UNK A 2629 70.75 27.34 -11.58
N UNK A 2630 69.60 27.44 -12.27
CA UNK A 2630 69.51 28.41 -13.36
C UNK A 2630 69.41 29.85 -12.85
N UNK A 2631 68.79 30.04 -11.69
CA UNK A 2631 68.72 31.35 -11.06
C UNK A 2631 70.07 31.79 -10.49
N UNK A 2632 70.85 30.85 -9.96
CA UNK A 2632 72.20 31.13 -9.51
C UNK A 2632 73.11 31.44 -10.68
N UNK A 2633 72.88 30.80 -11.83
CA UNK A 2633 73.63 31.19 -13.02
C UNK A 2633 73.24 32.60 -13.46
N UNK A 2634 71.96 32.95 -13.34
CA UNK A 2634 71.54 34.31 -13.67
C UNK A 2634 72.09 35.34 -12.67
N UNK A 2635 72.09 35.00 -11.39
CA UNK A 2635 72.69 35.85 -10.36
C UNK A 2635 74.20 35.98 -10.51
N UNK A 2636 74.86 34.94 -11.01
CA UNK A 2636 76.29 34.97 -11.23
C UNK A 2636 76.63 35.66 -12.55
N ASP A 2637 83.97 42.52 -4.06
CA ASP A 2637 83.63 43.46 -2.98
C ASP A 2637 82.81 44.64 -3.51
N LEU A 2638 81.49 44.58 -3.32
CA LEU A 2638 80.58 45.66 -3.70
C LEU A 2638 79.67 46.02 -2.52
N PRO A 2639 78.83 47.04 -2.75
CA PRO A 2639 77.86 47.49 -1.74
C PRO A 2639 76.70 48.22 -2.43
N ASP A 2640 75.57 47.51 -2.56
CA ASP A 2640 74.19 47.97 -2.79
C ASP A 2640 73.87 48.39 -4.24
N ILE A 2641 74.86 48.53 -5.12
CA ILE A 2641 74.70 48.55 -6.57
C ILE A 2641 73.39 49.20 -7.02
N GLN A 2642 73.26 50.50 -6.74
CA GLN A 2642 72.13 51.28 -7.21
C GLN A 2642 72.12 51.29 -8.74
N ILE A 2643 71.03 50.78 -9.33
CA ILE A 2643 71.12 50.22 -10.67
C ILE A 2643 70.39 51.02 -11.75
N LYS A 2644 69.06 51.11 -11.69
CA LYS A 2644 68.27 51.62 -12.81
C LYS A 2644 66.81 51.79 -12.39
N HIS A 2645 66.01 52.34 -13.31
CA HIS A 2645 64.55 52.31 -13.18
C HIS A 2645 63.98 50.97 -13.61
N SER A 2646 64.64 50.28 -14.55
CA SER A 2646 64.13 49.02 -15.05
C SER A 2646 64.12 47.94 -13.99
N SER A 2647 64.79 48.17 -12.87
CA SER A 2647 64.79 47.24 -11.75
C SER A 2647 63.62 47.48 -10.81
N LEU A 2648 62.90 48.58 -10.97
CA LEU A 2648 61.72 48.86 -10.17
C LEU A 2648 60.43 48.92 -10.97
N ILE A 2649 60.50 49.33 -12.24
CA ILE A 2649 59.32 49.38 -13.08
C ILE A 2649 58.82 47.98 -13.38
N THR A 2650 59.70 47.12 -13.89
CA THR A 2650 59.27 45.79 -14.33
C THR A 2650 58.65 44.95 -13.20
N PRO A 2651 59.21 44.92 -11.98
CA PRO A 2651 58.52 44.15 -10.93
C PRO A 2651 57.16 44.70 -10.58
N LEU A 2652 56.92 45.98 -10.84
CA LEU A 2652 55.60 46.53 -10.57
C LEU A 2652 54.54 45.84 -11.41
N GLN A 2653 54.74 45.78 -12.73
CA GLN A 2653 53.78 45.08 -13.59
C GLN A 2653 53.74 43.59 -13.30
N ALA A 2654 54.91 42.97 -13.10
CA ALA A 2654 54.94 41.52 -12.89
C ALA A 2654 54.23 41.13 -11.60
N VAL A 2655 54.28 41.97 -10.57
CA VAL A 2655 53.54 41.73 -9.34
C VAL A 2655 52.11 42.23 -9.45
N ALA A 2656 51.84 43.10 -10.41
CA ALA A 2656 50.47 43.56 -10.62
C ALA A 2656 49.61 42.47 -11.22
N GLN A 2657 50.13 41.73 -12.22
CA GLN A 2657 49.29 40.72 -12.86
C GLN A 2657 48.90 39.59 -11.91
N ARG A 2658 49.65 39.38 -10.83
CA ARG A 2658 49.28 38.44 -9.78
C ARG A 2658 48.88 39.22 -8.52
N ASP A 2659 48.41 38.48 -7.51
CA ASP A 2659 48.05 39.05 -6.21
C ASP A 2659 47.11 40.25 -6.32
N PRO A 2660 45.81 40.05 -6.45
CA PRO A 2660 44.91 41.19 -6.69
C PRO A 2660 44.94 42.26 -5.61
N ILE A 2661 45.46 41.96 -4.42
CA ILE A 2661 45.54 42.97 -3.36
C ILE A 2661 46.55 44.05 -3.73
N ILE A 2662 47.76 43.64 -4.10
CA ILE A 2662 48.78 44.61 -4.47
C ILE A 2662 48.38 45.33 -5.76
N ALA A 2663 47.60 44.68 -6.62
CA ALA A 2663 47.04 45.37 -7.78
C ALA A 2663 46.09 46.48 -7.34
N LYS A 2664 45.18 46.15 -6.41
CA LYS A 2664 44.26 47.15 -5.85
C LYS A 2664 45.01 48.34 -5.28
N GLN A 2665 46.09 48.08 -4.53
CA GLN A 2665 46.83 49.17 -3.93
C GLN A 2665 47.57 50.01 -4.97
N LEU A 2666 48.20 49.36 -5.95
CA LEU A 2666 48.87 50.11 -7.01
C LEU A 2666 47.89 51.02 -7.74
N PHE A 2667 46.68 50.52 -7.99
CA PHE A 2667 45.66 51.35 -8.63
C PHE A 2667 45.24 52.50 -7.72
N SER A 2668 44.95 52.19 -6.45
CA SER A 2668 44.53 53.22 -5.50
C SER A 2668 45.57 54.31 -5.32
N SER A 2669 46.85 54.00 -5.56
CA SER A 2669 47.89 55.00 -5.46
C SER A 2669 48.07 55.80 -6.74
N LEU A 2670 48.03 55.14 -7.90
CA LEU A 2670 48.22 55.87 -9.16
C LEU A 2670 47.03 56.76 -9.48
N PHE A 2671 45.80 56.28 -9.20
CA PHE A 2671 44.61 57.12 -9.34
C PHE A 2671 44.77 58.43 -8.59
N SER A 2672 45.14 58.35 -7.31
CA SER A 2672 45.34 59.55 -6.50
C SER A 2672 46.48 60.40 -7.02
N GLY A 2673 47.57 59.77 -7.44
CA GLY A 2673 48.71 60.55 -7.95
C GLY A 2673 48.34 61.37 -9.16
N ILE A 2674 47.66 60.76 -10.13
CA ILE A 2674 47.29 61.47 -11.34
C ILE A 2674 46.20 62.51 -11.06
N LEU A 2675 45.23 62.18 -10.20
CA LEU A 2675 44.20 63.16 -9.86
C LEU A 2675 44.79 64.35 -9.11
N LYS A 2676 45.83 64.12 -8.31
CA LYS A 2676 46.51 65.18 -7.58
C LYS A 2676 47.39 66.03 -8.48
N GLU A 2677 48.00 65.42 -9.50
CA GLU A 2677 48.87 66.16 -10.40
C GLU A 2677 48.10 66.91 -11.50
N MET A 2678 46.89 66.48 -11.84
CA MET A 2678 46.17 67.17 -12.91
C MET A 2678 45.63 68.53 -12.49
N ASP A 2679 45.83 68.95 -11.25
CA ASP A 2679 45.29 70.22 -10.75
C ASP A 2679 46.05 71.45 -11.21
N LYS A 2680 47.07 71.32 -12.06
CA LYS A 2680 47.69 72.51 -12.64
C LYS A 2680 46.88 73.03 -13.82
N PHE A 2681 46.72 72.19 -14.84
CA PHE A 2681 45.89 72.46 -16.01
C PHE A 2681 44.48 71.90 -15.77
N LYS A 2682 43.67 71.87 -16.82
CA LYS A 2682 42.31 71.31 -16.77
C LYS A 2682 41.52 71.90 -15.60
N THR A 2683 41.25 73.20 -15.73
CA THR A 2683 40.73 73.97 -14.61
C THR A 2683 39.31 73.54 -14.27
N LEU A 2684 38.70 74.26 -13.32
CA LEU A 2684 37.44 73.83 -12.69
C LEU A 2684 36.35 73.50 -13.72
N SER A 2685 36.31 74.24 -14.83
CA SER A 2685 35.30 73.95 -15.84
C SER A 2685 35.50 72.57 -16.47
N GLU A 2686 36.76 72.12 -16.57
CA GLU A 2686 37.05 70.75 -16.98
C GLU A 2686 37.12 69.80 -15.80
N LYS A 2687 37.51 70.28 -14.62
CA LYS A 2687 37.51 69.44 -13.44
C LYS A 2687 36.11 68.90 -13.13
N ASN A 2688 35.08 69.74 -13.27
CA ASN A 2688 33.73 69.29 -12.96
C ASN A 2688 33.31 68.16 -13.88
N ASN A 2689 33.58 68.29 -15.17
CA ASN A 2689 33.20 67.23 -16.12
C ASN A 2689 34.06 65.99 -15.94
N ILE A 2690 35.36 66.16 -15.64
CA ILE A 2690 36.22 65.00 -15.41
C ILE A 2690 35.74 64.21 -14.20
N THR A 2691 35.49 64.90 -13.08
CA THR A 2691 35.09 64.21 -11.86
C THR A 2691 33.67 63.65 -11.97
N GLN A 2692 32.75 64.33 -12.65
CA GLN A 2692 31.42 63.78 -12.83
C GLN A 2692 31.43 62.61 -13.80
N LYS A 2693 32.30 62.65 -14.81
CA LYS A 2693 32.45 61.52 -15.72
C LYS A 2693 33.01 60.31 -14.99
N LEU A 2694 34.04 60.53 -14.17
CA LEU A 2694 34.54 59.46 -13.32
C LEU A 2694 33.46 58.96 -12.38
N LEU A 2695 32.64 59.87 -11.84
CA LEU A 2695 31.54 59.50 -10.98
C LEU A 2695 30.59 58.53 -11.68
N GLN A 2696 30.12 58.92 -12.87
CA GLN A 2696 29.19 58.06 -13.59
C GLN A 2696 29.86 56.77 -14.07
N ASP A 2697 31.17 56.82 -14.33
CA ASP A 2697 31.91 55.60 -14.66
C ASP A 2697 31.86 54.62 -13.51
N PHE A 2698 32.13 55.11 -12.30
CA PHE A 2698 32.09 54.27 -11.12
C PHE A 2698 30.67 53.81 -10.81
N ASN A 2699 29.68 54.65 -11.11
CA ASN A 2699 28.28 54.24 -10.95
C ASN A 2699 27.95 53.06 -11.86
N ARG A 2700 28.34 53.15 -13.13
CA ARG A 2700 28.13 52.07 -14.08
C ARG A 2700 28.86 50.80 -13.63
N PHE A 2701 30.09 50.96 -13.15
CA PHE A 2701 30.84 49.86 -12.55
C PHE A 2701 30.02 49.17 -11.48
N LEU A 2702 29.59 49.94 -10.48
CA LEU A 2702 28.88 49.39 -9.33
C LEU A 2702 27.58 48.71 -9.74
N ASN A 2703 26.89 49.26 -10.74
CA ASN A 2703 25.56 48.73 -11.04
C ASN A 2703 25.61 47.47 -11.90
N THR A 2704 26.52 47.40 -12.86
CA THR A 2704 26.48 46.26 -13.78
C THR A 2704 27.26 45.04 -13.29
N THR A 2705 28.03 45.16 -12.22
CA THR A 2705 28.95 44.09 -11.84
C THR A 2705 28.25 42.91 -11.17
N PHE A 2706 28.60 41.70 -11.61
CA PHE A 2706 28.29 40.46 -10.91
C PHE A 2706 29.52 39.94 -10.14
N SER A 2707 30.47 40.82 -9.87
CA SER A 2707 31.70 40.42 -9.20
C SER A 2707 31.46 40.18 -7.72
N PHE A 2708 31.60 38.93 -7.30
CA PHE A 2708 31.56 38.56 -5.91
C PHE A 2708 32.91 38.79 -5.23
N PHE A 2709 33.85 39.41 -5.93
CA PHE A 2709 35.22 39.57 -5.45
C PHE A 2709 35.36 40.80 -4.57
N PRO A 2710 35.76 40.64 -3.32
CA PRO A 2710 35.88 41.78 -2.39
C PRO A 2710 36.96 42.79 -2.78
N PRO A 2711 38.16 42.37 -3.24
CA PRO A 2711 39.20 43.40 -3.51
C PRO A 2711 38.80 44.43 -4.56
N PHE A 2712 38.09 44.01 -5.61
CA PHE A 2712 37.69 44.95 -6.65
C PHE A 2712 36.74 46.02 -6.08
N VAL A 2713 35.69 45.58 -5.39
CA VAL A 2713 34.72 46.50 -4.80
C VAL A 2713 35.41 47.39 -3.77
N SER A 2714 36.24 46.79 -2.92
CA SER A 2714 36.96 47.56 -1.92
C SER A 2714 37.82 48.64 -2.57
N CYS A 2715 38.52 48.31 -3.66
CA CYS A 2715 39.37 49.29 -4.33
C CYS A 2715 38.56 50.44 -4.90
N ILE A 2716 37.45 50.12 -5.58
CA ILE A 2716 36.69 51.18 -6.23
C ILE A 2716 36.06 52.10 -5.18
N GLN A 2717 35.49 51.53 -4.12
CA GLN A 2717 34.91 52.39 -3.09
C GLN A 2717 35.97 53.17 -2.34
N ASP A 2718 37.17 52.60 -2.18
CA ASP A 2718 38.25 53.32 -1.54
C ASP A 2718 38.65 54.55 -2.35
N ILE A 2719 38.84 54.37 -3.66
CA ILE A 2719 39.27 55.51 -4.47
C ILE A 2719 38.16 56.53 -4.61
N SER A 2720 36.89 56.10 -4.54
CA SER A 2720 35.80 57.08 -4.55
C SER A 2720 35.77 57.87 -3.24
N CYS A 2721 36.07 57.21 -2.12
CA CYS A 2721 36.05 57.88 -0.83
C CYS A 2721 37.26 58.79 -0.62
N GLN A 2722 38.37 58.53 -1.30
CA GLN A 2722 39.61 59.23 -0.97
C GLN A 2722 39.59 60.70 -1.40
N HIS A 2723 38.96 61.04 -2.52
CA HIS A 2723 38.94 62.42 -3.02
C HIS A 2723 37.55 63.03 -2.88
N ALA A 2724 37.52 64.32 -2.57
CA ALA A 2724 36.28 65.07 -2.39
C ALA A 2724 35.70 65.56 -3.71
N ALA A 2725 35.53 64.65 -4.66
CA ALA A 2725 34.75 64.91 -5.85
C ALA A 2725 33.79 63.78 -6.19
N LEU A 2726 34.05 62.56 -5.71
CA LEU A 2726 33.20 61.40 -5.94
C LEU A 2726 32.51 60.94 -4.66
N LEU A 2727 32.61 61.72 -3.57
CA LEU A 2727 32.06 61.27 -2.30
C LEU A 2727 30.58 60.96 -2.38
N SER A 2728 29.88 61.53 -3.36
CA SER A 2728 28.46 61.29 -3.57
C SER A 2728 28.28 60.24 -4.67
N LEU A 2729 28.68 59.00 -4.36
CA LEU A 2729 28.81 58.01 -5.43
C LEU A 2729 27.47 57.38 -5.79
N ASP A 2730 26.95 56.49 -4.94
CA ASP A 2730 25.62 55.92 -5.14
C ASP A 2730 25.16 55.20 -3.89
N PRO A 2731 24.38 55.83 -3.01
CA PRO A 2731 23.89 55.12 -1.82
C PRO A 2731 23.31 53.74 -2.10
N ALA A 2732 22.35 53.64 -3.02
CA ALA A 2732 21.72 52.35 -3.30
C ALA A 2732 22.70 51.34 -3.88
N ALA A 2733 23.48 51.77 -4.88
CA ALA A 2733 24.36 50.82 -5.58
C ALA A 2733 25.58 50.46 -4.75
N VAL A 2734 26.16 51.44 -4.03
CA VAL A 2734 27.27 51.12 -3.13
C VAL A 2734 26.78 50.20 -2.01
N SER A 2735 25.57 50.47 -1.49
CA SER A 2735 24.97 49.58 -0.50
C SER A 2735 24.89 48.15 -1.03
N ALA A 2736 24.36 47.98 -2.25
CA ALA A 2736 24.25 46.65 -2.85
C ALA A 2736 25.63 46.02 -3.03
N GLY A 2737 26.59 46.78 -3.57
CA GLY A 2737 27.91 46.25 -3.84
C GLY A 2737 28.62 45.76 -2.58
N CYS A 2738 28.46 46.49 -1.47
CA CYS A 2738 29.08 46.04 -0.23
C CYS A 2738 28.28 44.94 0.45
N LEU A 2739 26.95 44.94 0.29
CA LEU A 2739 26.15 43.87 0.84
C LEU A 2739 26.42 42.56 0.13
N ALA A 2740 26.91 42.62 -1.11
CA ALA A 2740 27.30 41.43 -1.85
C ALA A 2740 28.76 41.06 -1.65
N SER A 2741 29.60 42.00 -1.21
CA SER A 2741 31.04 41.77 -0.99
C SER A 2741 31.36 41.11 0.34
N LEU A 2742 30.35 40.88 1.19
CA LEU A 2742 30.51 40.25 2.51
C LEU A 2742 31.61 40.89 3.36
N GLN A 2743 32.00 42.13 3.08
CA GLN A 2743 32.93 42.85 3.95
C GLN A 2743 32.34 44.15 4.46
N GLN A 2744 31.89 45.03 3.57
CA GLN A 2744 31.35 46.38 3.71
C GLN A 2744 32.16 47.35 4.57
N PRO A 2745 33.49 47.23 4.71
CA PRO A 2745 34.16 48.14 5.63
C PRO A 2745 34.44 49.45 4.94
N VAL A 2746 34.80 49.32 3.66
CA VAL A 2746 35.02 50.48 2.80
C VAL A 2746 33.70 51.17 2.54
N GLY A 2747 32.60 50.42 2.43
CA GLY A 2747 31.30 51.04 2.26
C GLY A 2747 30.87 51.83 3.48
N ILE A 2748 31.06 51.26 4.68
CA ILE A 2748 30.68 51.99 5.88
C ILE A 2748 31.55 53.22 6.07
N ARG A 2749 32.87 53.08 5.83
CA ARG A 2749 33.77 54.22 5.92
C ARG A 2749 33.45 55.30 4.87
N LEU A 2750 33.12 54.87 3.64
CA LEU A 2750 32.76 55.84 2.60
C LEU A 2750 31.50 56.59 2.95
N LEU A 2751 30.49 55.90 3.48
CA LEU A 2751 29.29 56.60 3.90
C LEU A 2751 29.56 57.51 5.10
N GLU A 2752 30.49 57.13 5.98
CA GLU A 2752 30.87 57.97 7.10
C GLU A 2752 31.55 59.26 6.63
N GLU A 2753 32.53 59.13 5.71
CA GLU A 2753 33.24 60.29 5.18
C GLU A 2753 32.38 61.13 4.23
N ALA A 2754 31.33 60.55 3.65
CA ALA A 2754 30.45 61.33 2.79
C ALA A 2754 29.30 61.98 3.55
N LEU A 2755 28.92 61.45 4.72
CA LEU A 2755 27.97 62.14 5.58
C LEU A 2755 28.65 63.18 6.45
N LEU A 2756 29.95 63.02 6.71
CA LEU A 2756 30.76 64.02 7.39
C LEU A 2756 31.19 65.05 6.35
N ARG A 2757 30.30 66.01 6.11
CA ARG A 2757 30.53 67.05 5.11
C ARG A 2757 31.10 68.32 5.73
N ASP A 2777 20.87 63.92 1.54
CA ASP A 2777 21.46 63.10 2.58
C ASP A 2777 20.39 62.46 3.47
N VAL A 2778 19.41 61.82 2.84
CA VAL A 2778 18.39 61.03 3.54
C VAL A 2778 18.50 59.55 3.21
N LEU A 2779 18.53 59.22 1.92
CA LEU A 2779 18.68 57.83 1.49
C LEU A 2779 20.04 57.26 1.91
N ARG A 2780 21.04 58.12 2.04
CA ARG A 2780 22.36 57.67 2.45
C ARG A 2780 22.33 57.08 3.85
N TRP A 2781 21.59 57.71 4.76
CA TRP A 2781 21.47 57.16 6.11
C TRP A 2781 20.68 55.86 6.11
N VAL A 2782 19.67 55.73 5.23
CA VAL A 2782 18.92 54.48 5.14
C VAL A 2782 19.83 53.33 4.77
N GLU A 2783 20.67 53.52 3.74
CA GLU A 2783 21.54 52.42 3.32
C GLU A 2783 22.71 52.21 4.29
N LEU A 2784 23.18 53.26 4.95
CA LEU A 2784 24.19 53.07 5.99
C LEU A 2784 23.63 52.27 7.17
N ALA A 2785 22.35 52.49 7.50
CA ALA A 2785 21.69 51.68 8.52
C ALA A 2785 21.51 50.24 8.05
N LYS A 2786 21.18 50.05 6.77
CA LYS A 2786 21.10 48.69 6.22
C LYS A 2786 22.46 47.99 6.30
N LEU A 2787 23.56 48.73 6.16
CA LEU A 2787 24.89 48.14 6.31
C LEU A 2787 25.17 47.80 7.77
N TYR A 2788 24.88 48.72 8.68
CA TYR A 2788 25.18 48.50 10.09
C TYR A 2788 24.38 47.34 10.67
N ARG A 2789 23.09 47.22 10.31
CA ARG A 2789 22.29 46.11 10.82
C ARG A 2789 22.85 44.75 10.43
N SER A 2790 23.65 44.67 9.36
CA SER A 2790 24.11 43.39 8.86
C SER A 2790 25.18 42.75 9.76
N ILE A 2791 26.04 43.57 10.38
CA ILE A 2791 27.21 43.04 11.07
C ILE A 2791 27.07 43.22 12.57
N GLY A 2792 25.83 43.16 13.05
CA GLY A 2792 25.57 43.45 14.45
C GLY A 2792 25.53 44.94 14.65
N GLU A 2793 26.29 45.43 15.63
CA GLU A 2793 26.32 46.85 15.96
C GLU A 2793 24.92 47.45 16.00
N TYR A 2794 23.99 46.68 16.60
CA TYR A 2794 22.60 47.11 16.73
C TYR A 2794 22.48 48.46 17.42
N ASP A 2795 23.42 48.77 18.32
CA ASP A 2795 23.44 50.05 19.00
C ASP A 2795 23.59 51.20 18.02
N VAL A 2796 24.62 51.13 17.15
CA VAL A 2796 24.84 52.15 16.14
C VAL A 2796 23.67 52.21 15.17
N LEU A 2797 22.93 51.11 15.04
CA LEU A 2797 21.71 51.08 14.22
C LEU A 2797 20.62 51.94 14.85
N ARG A 2798 20.33 51.72 16.13
CA ARG A 2798 19.32 52.52 16.81
C ARG A 2798 19.69 54.00 16.85
N GLY A 2799 20.99 54.30 16.97
CA GLY A 2799 21.40 55.69 17.16
C GLY A 2799 21.04 56.58 15.99
N ILE A 2800 20.99 56.02 14.78
CA ILE A 2800 20.61 56.82 13.61
C ILE A 2800 19.11 56.75 13.34
N PHE A 2801 18.42 55.70 13.82
CA PHE A 2801 16.97 55.76 13.81
C PHE A 2801 16.46 56.73 14.87
N THR A 2802 17.36 57.32 15.63
CA THR A 2802 17.02 58.38 16.55
C THR A 2802 17.63 59.73 16.17
N SER A 2803 18.75 59.75 15.43
CA SER A 2803 19.44 61.00 15.15
C SER A 2803 19.05 61.64 13.83
N GLU A 2804 18.85 60.88 12.76
CA GLU A 2804 18.77 61.48 11.43
C GLU A 2804 17.36 61.45 10.83
N ILE A 2805 16.76 60.28 10.67
CA ILE A 2805 15.36 60.18 10.30
C ILE A 2805 14.63 59.84 11.59
N GLY A 2806 14.28 60.87 12.34
CA GLY A 2806 13.58 60.71 13.59
C GLY A 2806 12.17 61.23 13.35
N THR A 2807 11.93 62.47 13.75
CA THR A 2807 10.71 63.20 13.43
C THR A 2807 9.46 62.50 13.93
N LYS A 2808 9.62 61.46 14.75
CA LYS A 2808 8.50 60.75 15.34
C LYS A 2808 8.87 60.40 16.78
N GLN A 2809 7.84 60.21 17.61
CA GLN A 2809 8.06 59.95 19.02
C GLN A 2809 7.85 58.49 19.42
N ILE A 2810 7.16 57.69 18.59
CA ILE A 2810 7.01 56.28 18.91
C ILE A 2810 8.21 55.47 18.46
N THR A 2811 8.98 55.96 17.48
CA THR A 2811 10.25 55.33 17.14
C THR A 2811 11.17 55.28 18.35
N GLN A 2812 11.24 56.40 19.09
CA GLN A 2812 12.12 56.49 20.25
C GLN A 2812 11.69 55.52 21.35
N SER A 2813 10.39 55.51 21.66
CA SER A 2813 9.88 54.60 22.69
C SER A 2813 10.05 53.14 22.29
N ALA A 2814 9.88 52.84 21.00
CA ALA A 2814 10.02 51.47 20.53
C ALA A 2814 11.47 51.00 20.66
N LEU A 2815 12.42 51.83 20.22
CA LEU A 2815 13.83 51.46 20.37
C LEU A 2815 14.25 51.42 21.84
N LEU A 2816 13.65 52.27 22.69
CA LEU A 2816 14.01 52.29 24.10
C LEU A 2816 13.52 51.03 24.80
N ALA A 2817 12.35 50.53 24.42
CA ALA A 2817 11.85 49.28 25.00
C ALA A 2817 12.46 48.05 24.35
N GLU A 2818 12.95 48.16 23.10
CA GLU A 2818 13.57 47.04 22.43
C GLU A 2818 15.07 46.88 22.72
N ALA A 2819 15.72 47.93 23.24
CA ALA A 2819 17.12 47.78 23.64
C ALA A 2819 17.26 46.68 24.69
N ARG A 2820 16.51 46.79 25.78
CA ARG A 2820 16.35 45.68 26.70
C ARG A 2820 15.41 44.64 26.09
N SER A 2821 15.51 43.42 26.60
CA SER A 2821 14.68 42.31 26.11
C SER A 2821 13.27 42.52 26.63
N ASP A 2822 12.52 43.39 25.95
CA ASP A 2822 11.14 43.73 26.31
C ASP A 2822 10.27 43.78 25.06
N TYR A 2823 10.36 42.75 24.23
CA TYR A 2823 9.76 42.76 22.89
C TYR A 2823 8.25 42.50 22.88
N SER A 2824 7.59 42.46 24.04
CA SER A 2824 6.13 42.42 24.02
C SER A 2824 5.55 43.80 23.70
N GLU A 2825 5.89 44.80 24.53
CA GLU A 2825 5.47 46.17 24.24
C GLU A 2825 6.09 46.72 22.97
N ALA A 2826 7.28 46.24 22.59
CA ALA A 2826 7.89 46.74 21.36
C ALA A 2826 7.06 46.38 20.15
N ALA A 2827 6.68 45.10 20.03
CA ALA A 2827 5.83 44.71 18.91
C ALA A 2827 4.42 45.28 19.06
N LYS A 2828 3.94 45.44 20.29
CA LYS A 2828 2.60 46.00 20.47
C LYS A 2828 2.54 47.44 19.97
N GLN A 2829 3.47 48.29 20.41
CA GLN A 2829 3.47 49.66 19.92
C GLN A 2829 4.14 49.79 18.55
N TYR A 2830 4.55 48.67 17.94
CA TYR A 2830 4.84 48.69 16.52
C TYR A 2830 3.58 48.52 15.69
N ASP A 2831 2.69 47.60 16.09
CA ASP A 2831 1.43 47.52 15.37
C ASP A 2831 0.46 48.62 15.77
N GLU A 2832 0.64 49.23 16.94
CA GLU A 2832 -0.09 50.45 17.29
C GLU A 2832 0.52 51.72 16.68
N ALA A 2833 1.51 51.59 15.80
CA ALA A 2833 2.13 52.76 15.19
C ALA A 2833 2.17 52.66 13.66
N LEU A 2834 2.32 51.44 13.14
CA LEU A 2834 2.39 51.28 11.69
C LEU A 2834 1.09 51.67 11.00
N ASN A 2835 -0.05 51.43 11.63
CA ASN A 2835 -1.35 51.58 11.01
C ASN A 2835 -2.10 52.80 11.54
N LYS A 2836 -1.37 53.91 11.72
CA LYS A 2836 -1.99 55.16 12.12
C LYS A 2836 -2.89 55.69 11.01
N GLN A 2837 -3.77 56.63 11.37
CA GLN A 2837 -4.61 57.32 10.40
C GLN A 2837 -4.21 58.77 10.23
N ASP A 2838 -4.22 59.57 11.29
CA ASP A 2838 -3.96 61.00 11.24
C ASP A 2838 -2.69 61.32 12.01
N TRP A 2839 -1.70 61.88 11.33
CA TRP A 2839 -0.40 62.18 11.92
C TRP A 2839 -0.03 63.63 11.57
N VAL A 2840 -0.60 64.58 12.31
CA VAL A 2840 -0.33 66.00 12.03
C VAL A 2840 0.89 66.39 12.85
N ASP A 2841 2.06 65.95 12.36
CA ASP A 2841 3.35 66.54 12.68
C ASP A 2841 4.28 66.50 11.49
N GLY A 2842 3.80 66.06 10.33
CA GLY A 2842 4.61 65.69 9.19
C GLY A 2842 4.19 64.30 8.72
N GLU A 2843 4.56 63.94 7.49
CA GLU A 2843 4.23 62.61 7.00
C GLU A 2843 5.46 61.72 7.02
N PRO A 2844 5.35 60.48 7.50
CA PRO A 2844 6.52 59.58 7.51
C PRO A 2844 7.06 59.37 6.10
N THR A 2845 8.35 59.66 5.94
CA THR A 2845 9.00 59.49 4.65
C THR A 2845 8.93 58.04 4.18
N GLU A 2846 9.10 57.85 2.88
CA GLU A 2846 9.13 56.49 2.32
C GLU A 2846 10.35 55.71 2.84
N ALA A 2847 11.15 56.33 3.71
CA ALA A 2847 12.36 55.73 4.27
C ALA A 2847 12.10 54.95 5.54
N GLU A 2848 11.43 55.55 6.53
CA GLU A 2848 11.09 54.83 7.75
C GLU A 2848 9.76 54.10 7.69
N LYS A 2849 8.93 54.43 6.70
CA LYS A 2849 7.63 53.78 6.53
C LYS A 2849 7.76 52.29 6.28
N ASP A 2850 8.90 51.83 5.76
CA ASP A 2850 9.17 50.41 5.59
C ASP A 2850 10.19 49.84 6.56
N PHE A 2851 11.04 50.68 7.17
CA PHE A 2851 11.83 50.21 8.29
C PHE A 2851 10.93 49.80 9.45
N TRP A 2852 9.80 50.50 9.62
CA TRP A 2852 8.86 50.11 10.66
C TRP A 2852 8.38 48.68 10.45
N GLU A 2853 8.08 48.31 9.20
CA GLU A 2853 7.72 46.93 8.91
C GLU A 2853 8.90 45.99 9.13
N LEU A 2854 10.10 46.38 8.69
CA LEU A 2854 11.28 45.54 8.91
C LEU A 2854 11.46 45.22 10.38
N ALA A 2855 11.41 46.24 11.23
CA ALA A 2855 11.63 46.05 12.66
C ALA A 2855 10.46 45.33 13.32
N SER A 2856 9.24 45.58 12.85
CA SER A 2856 8.09 44.85 13.36
C SER A 2856 8.22 43.36 13.04
N LEU A 2857 8.70 43.03 11.85
CA LEU A 2857 8.94 41.63 11.50
C LEU A 2857 10.04 41.04 12.37
N ASP A 2858 11.12 41.81 12.60
CA ASP A 2858 12.17 41.37 13.52
C ASP A 2858 11.59 41.04 14.89
N CYS A 2859 10.72 41.92 15.40
CA CYS A 2859 10.16 41.73 16.73
C CYS A 2859 9.20 40.54 16.75
N TYR A 2860 8.42 40.35 15.69
CA TYR A 2860 7.55 39.18 15.61
C TYR A 2860 8.36 37.90 15.53
N ASN A 2861 9.55 37.96 14.93
CA ASN A 2861 10.43 36.80 14.82
C ASN A 2861 11.14 36.49 16.13
N HIS A 2862 11.48 37.52 16.90
CA HIS A 2862 12.23 37.30 18.14
C HIS A 2862 11.46 36.42 19.13
N LEU A 2863 10.14 36.41 19.05
CA LEU A 2863 9.32 35.47 19.80
C LEU A 2863 8.57 34.55 18.83
N ALA A 2864 7.73 33.69 19.39
CA ALA A 2864 7.05 32.66 18.60
C ALA A 2864 5.64 33.12 18.21
N GLU A 2865 5.59 34.26 17.52
CA GLU A 2865 4.37 34.72 16.87
C GLU A 2865 4.41 34.34 15.39
N TRP A 2866 4.37 33.01 15.16
CA TRP A 2866 4.53 32.48 13.82
C TRP A 2866 3.34 32.79 12.92
N LYS A 2867 2.16 32.99 13.50
CA LYS A 2867 0.95 33.17 12.69
C LYS A 2867 0.76 34.59 12.20
N SER A 2868 1.13 35.59 12.99
CA SER A 2868 1.02 36.99 12.58
C SER A 2868 2.33 37.53 12.00
N LEU A 2869 3.27 36.65 11.70
CA LEU A 2869 4.51 37.02 11.02
C LEU A 2869 4.39 36.83 9.51
N GLU A 2870 3.82 35.70 9.07
CA GLU A 2870 3.64 35.46 7.64
C GLU A 2870 2.76 36.52 7.01
N TYR A 2871 1.65 36.86 7.65
CA TYR A 2871 0.77 37.91 7.14
C TYR A 2871 1.50 39.24 7.04
N CYS A 2872 2.14 39.67 8.13
CA CYS A 2872 2.85 40.94 8.13
C CYS A 2872 4.00 40.97 7.14
N SER A 2873 4.55 39.81 6.77
CA SER A 2873 5.64 39.80 5.80
C SER A 2873 5.11 39.84 4.38
N THR A 2874 4.02 39.13 4.09
CA THR A 2874 3.53 39.03 2.72
C THR A 2874 2.51 40.10 2.37
N ALA A 2875 2.29 41.07 3.26
CA ALA A 2875 1.25 42.08 3.08
C ALA A 2875 1.81 43.39 2.53
N SER A 2876 2.80 43.33 1.65
CA SER A 2876 3.45 44.53 1.13
C SER A 2876 3.29 44.64 -0.38
N ILE A 2877 2.37 43.89 -0.97
CA ILE A 2877 2.11 43.93 -2.40
C ILE A 2877 0.63 44.20 -2.62
N ASP A 2878 -0.22 43.37 -2.04
CA ASP A 2878 -1.67 43.50 -2.13
C ASP A 2878 -2.29 43.03 -0.83
N SER A 2879 -3.44 43.61 -0.50
CA SER A 2879 -4.10 43.28 0.76
C SER A 2879 -5.11 42.15 0.56
N GLU A 2880 -5.50 41.53 1.68
CA GLU A 2880 -6.52 40.48 1.67
C GLU A 2880 -6.10 39.30 0.79
N ASN A 2881 -5.16 38.47 1.29
CA ASN A 2881 -4.61 37.30 0.63
C ASN A 2881 -3.92 37.62 -0.70
N PRO A 2882 -2.77 38.26 -0.67
CA PRO A 2882 -2.08 38.66 -1.90
C PRO A 2882 -1.45 37.46 -2.61
N PRO A 2883 -1.07 37.61 -3.88
CA PRO A 2883 -0.38 36.51 -4.56
C PRO A 2883 1.11 36.46 -4.23
N ASP A 2884 1.45 35.78 -3.14
CA ASP A 2884 2.85 35.72 -2.69
C ASP A 2884 3.66 34.70 -3.48
N LEU A 2885 3.58 34.76 -4.80
CA LEU A 2885 4.29 33.84 -5.67
C LEU A 2885 5.28 34.55 -6.59
N ASN A 2886 4.92 35.71 -7.14
CA ASN A 2886 5.82 36.46 -7.99
C ASN A 2886 5.92 37.94 -7.69
N LYS A 2887 4.91 38.54 -7.04
CA LYS A 2887 4.99 39.97 -6.74
C LYS A 2887 6.13 40.30 -5.79
N ILE A 2888 6.69 39.31 -5.11
CA ILE A 2888 7.90 39.50 -4.31
C ILE A 2888 9.16 39.44 -5.15
N TRP A 2889 9.09 38.95 -6.39
CA TRP A 2889 10.22 38.92 -7.30
C TRP A 2889 10.40 40.23 -8.06
N SER A 2890 9.34 41.00 -8.24
CA SER A 2890 9.42 42.32 -8.85
C SER A 2890 9.50 43.37 -7.77
N GLU A 2891 10.17 44.48 -8.07
CA GLU A 2891 10.51 45.49 -7.06
C GLU A 2891 11.22 44.80 -5.91
N PRO A 2892 12.50 44.44 -6.08
CA PRO A 2892 13.19 43.57 -5.11
C PRO A 2892 13.25 44.09 -3.68
N PHE A 2893 12.63 45.25 -3.42
CA PHE A 2893 12.45 45.68 -2.04
C PHE A 2893 11.51 44.74 -1.29
N TYR A 2894 10.54 44.15 -1.99
CA TYR A 2894 9.74 43.07 -1.45
C TYR A 2894 10.54 41.77 -1.35
N GLN A 2895 11.74 41.74 -1.92
CA GLN A 2895 12.59 40.56 -2.00
C GLN A 2895 13.67 40.52 -0.93
N GLU A 2896 14.20 41.66 -0.54
CA GLU A 2896 15.35 41.70 0.36
C GLU A 2896 14.99 41.71 1.84
N THR A 2897 13.88 42.33 2.23
CA THR A 2897 13.56 42.49 3.65
C THR A 2897 12.39 41.63 4.12
N TYR A 2898 11.36 41.44 3.29
CA TYR A 2898 10.17 40.73 3.74
C TYR A 2898 10.22 39.25 3.40
N LEU A 2899 11.04 38.88 2.41
CA LEU A 2899 11.10 37.48 1.98
C LEU A 2899 11.85 36.61 2.97
N PRO A 2900 13.01 37.01 3.52
CA PRO A 2900 13.67 36.13 4.50
C PRO A 2900 12.83 35.87 5.73
N TYR A 2901 12.21 36.91 6.29
CA TYR A 2901 11.37 36.70 7.46
C TYR A 2901 10.13 35.89 7.11
N MET A 2902 9.57 36.08 5.90
CA MET A 2902 8.45 35.25 5.48
C MET A 2902 8.83 33.78 5.47
N ILE A 2903 9.93 33.44 4.79
CA ILE A 2903 10.31 32.04 4.67
C ILE A 2903 10.69 31.46 6.03
N ARG A 2904 11.34 32.26 6.88
CA ARG A 2904 11.72 31.76 8.20
C ARG A 2904 10.48 31.46 9.03
N SER A 2905 9.48 32.35 9.01
CA SER A 2905 8.27 32.09 9.77
C SER A 2905 7.52 30.88 9.22
N LYS A 2906 7.44 30.75 7.89
CA LYS A 2906 6.69 29.63 7.33
C LYS A 2906 7.37 28.30 7.60
N LEU A 2907 8.71 28.27 7.57
CA LEU A 2907 9.41 27.04 7.92
C LEU A 2907 9.29 26.74 9.42
N LYS A 2908 9.40 27.76 10.27
CA LYS A 2908 9.23 27.54 11.70
C LYS A 2908 7.82 27.12 12.05
N LEU A 2909 6.84 27.38 11.18
CA LEU A 2909 5.51 26.84 11.41
C LEU A 2909 5.36 25.43 10.86
N LEU A 2910 6.00 25.14 9.72
CA LEU A 2910 5.98 23.78 9.17
C LEU A 2910 6.67 22.78 10.08
N LEU A 2911 7.73 23.20 10.78
CA LEU A 2911 8.51 22.25 11.57
C LEU A 2911 7.76 21.81 12.83
N GLN A 2912 6.95 22.70 13.42
CA GLN A 2912 6.14 22.32 14.56
C GLN A 2912 5.07 21.30 14.21
N GLY A 2913 4.82 21.08 12.92
CA GLY A 2913 3.80 20.13 12.49
C GLY A 2913 2.64 20.81 11.81
N GLU A 2914 2.64 20.81 10.48
CA GLU A 2914 1.56 21.37 9.67
C GLU A 2914 1.67 20.75 8.27
N ALA A 2915 0.81 21.22 7.36
CA ALA A 2915 1.07 21.09 5.94
C ALA A 2915 1.18 22.47 5.29
N ASP A 2916 0.15 23.29 5.40
CA ASP A 2916 0.14 24.71 5.05
C ASP A 2916 0.31 24.90 3.55
N GLN A 2917 0.77 23.85 2.88
CA GLN A 2917 0.86 23.68 1.43
C GLN A 2917 1.16 24.99 0.70
N SER A 2918 2.04 25.78 1.27
CA SER A 2918 2.37 27.05 0.64
C SER A 2918 3.87 27.21 0.49
N LEU A 2919 4.66 26.77 1.46
CA LEU A 2919 6.10 26.78 1.27
C LEU A 2919 6.52 25.70 0.30
N LEU A 2920 5.94 24.51 0.40
CA LEU A 2920 6.24 23.45 -0.57
C LEU A 2920 5.92 23.92 -2.00
N THR A 2921 4.71 24.46 -2.20
CA THR A 2921 4.31 24.90 -3.53
C THR A 2921 5.12 26.10 -3.99
N PHE A 2922 5.39 27.05 -3.09
CA PHE A 2922 6.17 28.22 -3.48
C PHE A 2922 7.59 27.85 -3.87
N ILE A 2923 8.18 26.87 -3.18
CA ILE A 2923 9.53 26.41 -3.52
C ILE A 2923 9.50 25.63 -4.84
N ASP A 2924 8.48 24.81 -5.05
CA ASP A 2924 8.38 24.09 -6.32
C ASP A 2924 8.15 25.03 -7.50
N LYS A 2925 7.44 26.14 -7.28
CA LYS A 2925 7.20 27.10 -8.34
C LYS A 2925 8.38 28.05 -8.57
N ALA A 2926 9.12 28.37 -7.52
CA ALA A 2926 10.22 29.33 -7.59
C ALA A 2926 11.58 28.64 -7.73
N MET A 2927 11.60 27.40 -8.20
CA MET A 2927 12.83 26.66 -8.46
C MET A 2927 12.97 26.39 -9.96
N HIS A 2928 12.49 27.32 -10.78
CA HIS A 2928 12.39 27.10 -12.22
C HIS A 2928 12.92 28.34 -12.94
N GLY A 2929 14.09 28.23 -13.56
CA GLY A 2929 14.67 29.35 -14.27
C GLY A 2929 16.00 29.83 -13.71
N GLU A 2930 16.78 30.53 -14.53
CA GLU A 2930 18.07 31.05 -14.08
C GLU A 2930 17.92 32.16 -13.06
N LEU A 2931 16.81 32.88 -13.09
CA LEU A 2931 16.56 33.97 -12.16
C LEU A 2931 15.71 33.55 -10.96
N GLN A 2932 15.51 32.26 -10.76
CA GLN A 2932 14.84 31.74 -9.58
C GLN A 2932 15.54 30.55 -8.93
N LYS A 2933 16.42 29.84 -9.64
CA LYS A 2933 17.08 28.67 -9.09
C LYS A 2933 18.46 28.98 -8.54
N ALA A 2934 19.13 30.01 -9.06
CA ALA A 2934 20.48 30.38 -8.64
C ALA A 2934 20.48 31.25 -7.38
N ILE A 2935 19.31 31.47 -6.78
CA ILE A 2935 19.19 32.20 -5.54
C ILE A 2935 18.55 31.37 -4.44
N LEU A 2936 17.51 30.59 -4.76
CA LEU A 2936 16.82 29.80 -3.75
C LEU A 2936 17.75 28.74 -3.16
N GLU A 2937 18.44 28.00 -4.02
CA GLU A 2937 19.37 26.97 -3.55
C GLU A 2937 20.71 27.54 -3.12
N LEU A 2938 20.97 28.82 -3.43
CA LEU A 2938 22.23 29.48 -3.07
C LEU A 2938 22.16 30.11 -1.68
N HIS A 2939 21.03 30.71 -1.32
CA HIS A 2939 20.93 31.50 -0.09
C HIS A 2939 20.51 30.66 1.12
N TYR A 2940 19.53 29.78 0.97
CA TYR A 2940 19.08 29.01 2.13
C TYR A 2940 19.73 27.63 2.22
N SER A 2941 19.41 26.75 1.26
CA SER A 2941 20.08 25.46 1.08
C SER A 2941 19.96 24.55 2.30
N GLN A 2942 19.35 25.03 3.38
CA GLN A 2942 19.11 24.24 4.57
C GLN A 2942 17.63 24.17 4.92
N GLU A 2943 16.91 25.27 4.76
CA GLU A 2943 15.45 25.21 4.67
C GLU A 2943 15.04 24.19 3.61
N LEU A 2944 15.76 24.16 2.49
CA LEU A 2944 15.49 23.16 1.47
C LEU A 2944 15.77 21.75 1.99
N SER A 2945 16.82 21.58 2.78
CA SER A 2945 17.11 20.27 3.37
C SER A 2945 16.00 19.84 4.33
N LEU A 2946 15.52 20.78 5.14
CA LEU A 2946 14.43 20.46 6.06
C LEU A 2946 13.15 20.14 5.32
N LEU A 2947 12.91 20.80 4.18
CA LEU A 2947 11.70 20.53 3.41
C LEU A 2947 11.78 19.17 2.72
N TYR A 2948 12.94 18.83 2.16
CA TYR A 2948 13.14 17.52 1.56
C TYR A 2948 13.19 16.40 2.59
N LEU A 2949 13.49 16.72 3.86
CA LEU A 2949 13.32 15.74 4.93
C LEU A 2949 11.86 15.62 5.33
N LEU A 2950 11.11 16.72 5.27
CA LEU A 2950 9.66 16.66 5.44
C LEU A 2950 9.03 15.78 4.37
N GLN A 2951 9.59 15.78 3.17
CA GLN A 2951 9.11 14.95 2.07
C GLN A 2951 9.84 13.61 1.98
N ASP A 2952 10.70 13.30 2.95
CA ASP A 2952 11.22 11.96 3.26
C ASP A 2952 12.22 11.42 2.25
N ASP A 2953 12.66 12.20 1.28
CA ASP A 2953 13.75 11.78 0.40
C ASP A 2953 15.06 12.28 0.97
N VAL A 2954 16.04 11.38 1.10
CA VAL A 2954 17.25 11.68 1.84
C VAL A 2954 18.40 12.13 0.93
N ASP A 2955 18.32 11.84 -0.37
CA ASP A 2955 19.39 12.23 -1.29
C ASP A 2955 19.45 13.74 -1.48
N ARG A 2956 18.31 14.38 -1.77
CA ARG A 2956 18.26 15.83 -1.93
C ARG A 2956 18.63 16.55 -0.64
N ALA A 2957 18.21 15.99 0.49
CA ALA A 2957 18.57 16.57 1.78
C ALA A 2957 20.07 16.49 2.02
N LYS A 2958 20.67 15.34 1.70
CA LYS A 2958 22.11 15.19 1.81
C LYS A 2958 22.84 16.23 0.96
N TYR A 2959 22.44 16.35 -0.30
CA TYR A 2959 23.11 17.31 -1.19
C TYR A 2959 22.96 18.74 -0.68
N TYR A 2960 21.76 19.11 -0.23
CA TYR A 2960 21.55 20.50 0.19
C TYR A 2960 22.25 20.80 1.52
N ILE A 2961 22.37 19.82 2.42
CA ILE A 2961 23.08 20.10 3.66
C ILE A 2961 24.59 20.18 3.41
N GLN A 2962 25.10 19.39 2.45
CA GLN A 2962 26.51 19.52 2.05
C GLN A 2962 26.77 20.89 1.43
N ASN A 2963 25.85 21.35 0.57
CA ASN A 2963 26.00 22.65 -0.06
C ASN A 2963 25.96 23.77 0.99
N GLY A 2964 25.11 23.61 2.01
CA GLY A 2964 25.06 24.62 3.06
C GLY A 2964 26.33 24.66 3.89
N ILE A 2965 26.89 23.49 4.19
CA ILE A 2965 28.17 23.44 4.90
C ILE A 2965 29.26 24.15 4.10
N GLN A 2966 29.39 23.82 2.81
CA GLN A 2966 30.43 24.45 1.98
C GLN A 2966 30.18 25.95 1.80
N SER A 2967 28.91 26.37 1.75
CA SER A 2967 28.60 27.79 1.60
C SER A 2967 28.96 28.57 2.85
N PHE A 2968 28.62 28.04 4.04
CA PHE A 2968 29.09 28.64 5.28
C PHE A 2968 30.60 28.71 5.31
N MET A 2969 31.27 27.68 4.81
CA MET A 2969 32.73 27.67 4.77
C MET A 2969 33.28 28.85 3.98
N GLN A 2970 32.78 29.06 2.75
CA GLN A 2970 33.27 30.18 1.94
C GLN A 2970 32.93 31.52 2.59
N ASN A 2971 31.68 31.65 3.07
CA ASN A 2971 31.26 32.90 3.72
C ASN A 2971 32.17 33.24 4.89
N TYR A 2972 32.48 32.24 5.73
CA TYR A 2972 33.36 32.49 6.88
C TYR A 2972 34.78 32.83 6.42
N SER A 2973 35.24 32.20 5.34
CA SER A 2973 36.58 32.47 4.85
C SER A 2973 36.70 33.89 4.29
N SER A 2974 35.58 34.49 3.90
CA SER A 2974 35.62 35.87 3.42
C SER A 2974 35.46 36.92 4.51
N ILE A 2975 34.86 36.57 5.65
CA ILE A 2975 34.66 37.55 6.72
C ILE A 2975 36.01 37.99 7.29
N ASP A 2976 36.17 39.30 7.49
CA ASP A 2976 37.37 39.80 8.14
C ASP A 2976 37.46 39.31 9.57
N VAL A 2977 38.68 38.98 10.01
CA VAL A 2977 38.86 38.32 11.30
C VAL A 2977 38.57 39.25 12.46
N LEU A 2978 38.73 40.56 12.29
CA LEU A 2978 38.47 41.49 13.38
C LEU A 2978 37.05 41.99 13.39
N LEU A 2979 36.27 41.67 12.37
CA LEU A 2979 34.85 42.02 12.32
C LEU A 2979 34.09 41.06 13.25
N HIS A 2980 34.28 41.29 14.54
CA HIS A 2980 33.72 40.38 15.53
C HIS A 2980 32.19 40.47 15.49
N GLN A 2981 31.55 39.49 16.13
CA GLN A 2981 30.10 39.37 16.27
C GLN A 2981 29.46 38.97 14.94
N SER A 2982 30.20 39.06 13.85
CA SER A 2982 29.77 38.47 12.58
C SER A 2982 30.31 37.04 12.48
N ARG A 2983 31.61 36.89 12.75
CA ARG A 2983 32.18 35.55 12.91
C ARG A 2983 31.46 34.76 13.98
N LEU A 2984 31.09 35.41 15.09
CA LEU A 2984 30.40 34.71 16.17
C LEU A 2984 29.02 34.22 15.73
N THR A 2985 28.27 35.10 15.06
CA THR A 2985 26.95 34.72 14.58
C THR A 2985 27.04 33.57 13.59
N LYS A 2986 28.06 33.58 12.71
CA LYS A 2986 28.23 32.46 11.79
C LYS A 2986 28.63 31.19 12.54
N LEU A 2987 29.45 31.33 13.58
CA LEU A 2987 29.94 30.17 14.32
C LEU A 2987 28.81 29.48 15.09
N GLN A 2988 27.77 30.21 15.46
CA GLN A 2988 26.72 29.60 16.28
C GLN A 2988 25.78 28.68 15.50
N SER A 2989 25.85 28.61 14.16
CA SER A 2989 24.91 27.81 13.38
C SER A 2989 25.48 26.46 12.90
N VAL A 2990 26.78 26.23 13.06
CA VAL A 2990 27.35 24.95 12.64
C VAL A 2990 26.76 23.81 13.46
N GLN A 2991 26.32 24.10 14.68
CA GLN A 2991 25.68 23.06 15.49
C GLN A 2991 24.40 22.56 14.83
N ALA A 2992 23.58 23.48 14.30
CA ALA A 2992 22.35 23.08 13.63
C ALA A 2992 22.66 22.33 12.33
N LEU A 2993 23.61 22.85 11.53
CA LEU A 2993 24.00 22.13 10.33
C LEU A 2993 24.46 20.71 10.66
N THR A 2994 25.22 20.56 11.75
CA THR A 2994 25.76 19.26 12.11
C THR A 2994 24.69 18.34 12.68
N GLU A 2995 23.67 18.89 13.35
CA GLU A 2995 22.58 18.03 13.80
C GLU A 2995 21.77 17.50 12.62
N ILE A 2996 21.58 18.32 11.58
CA ILE A 2996 20.96 17.82 10.37
C ILE A 2996 21.79 16.69 9.76
N GLN A 2997 23.09 16.93 9.60
CA GLN A 2997 23.97 15.92 9.03
C GLN A 2997 23.97 14.64 9.87
N GLU A 2998 23.92 14.78 11.20
CA GLU A 2998 23.99 13.62 12.09
C GLU A 2998 22.69 12.84 12.10
N PHE A 2999 21.55 13.52 11.97
CA PHE A 2999 20.30 12.78 11.80
C PHE A 2999 20.28 12.02 10.49
N ILE A 3000 20.78 12.63 9.42
CA ILE A 3000 20.81 11.94 8.13
C ILE A 3000 21.75 10.73 8.18
N SER A 3001 22.89 10.86 8.88
CA SER A 3001 23.82 9.74 9.01
C SER A 3001 23.34 8.70 10.01
N PHE A 3002 22.39 9.03 10.88
CA PHE A 3002 21.83 8.05 11.80
C PHE A 3002 20.62 7.31 11.24
N ILE A 3003 19.81 7.96 10.39
CA ILE A 3003 18.59 7.34 9.91
C ILE A 3003 18.79 6.50 8.66
N SER A 3004 19.98 6.53 8.05
CA SER A 3004 20.25 5.77 6.85
C SER A 3004 20.69 4.34 7.15
N LYS A 3005 21.20 4.09 8.36
CA LYS A 3005 21.60 2.75 8.74
C LYS A 3005 20.41 1.93 9.22
N GLN A 3006 20.48 0.63 9.00
CA GLN A 3006 19.43 -0.29 9.43
C GLN A 3006 19.67 -0.83 10.83
N GLY A 3007 20.92 -0.83 11.29
CA GLY A 3007 21.23 -1.22 12.66
C GLY A 3007 20.69 -0.29 13.72
N ASN A 3008 19.98 0.77 13.32
CA ASN A 3008 19.32 1.68 14.26
C ASN A 3008 17.83 1.43 14.35
N LEU A 3009 17.26 0.68 13.41
CA LEU A 3009 15.83 0.40 13.41
C LEU A 3009 15.44 -0.50 14.58
N SER A 3010 16.00 -1.72 14.62
CA SER A 3010 15.64 -2.67 15.66
C SER A 3010 16.41 -2.43 16.97
N SER A 3011 17.68 -2.04 16.87
CA SER A 3011 18.52 -1.86 18.04
C SER A 3011 18.27 -0.48 18.67
N GLN A 3012 18.37 -0.43 19.99
CA GLN A 3012 18.06 0.77 20.77
C GLN A 3012 19.30 1.46 21.36
N VAL A 3013 20.49 0.98 21.04
CA VAL A 3013 21.74 1.56 21.55
C VAL A 3013 22.18 2.82 20.79
N PRO A 3014 22.21 2.82 19.45
CA PRO A 3014 22.70 4.02 18.75
C PRO A 3014 21.88 5.27 19.02
N LEU A 3015 20.56 5.12 19.14
CA LEU A 3015 19.72 6.25 19.49
C LEU A 3015 20.00 6.70 20.92
N LYS A 3016 20.36 5.76 21.80
CA LYS A 3016 20.80 6.12 23.14
C LYS A 3016 22.05 6.99 23.10
N ARG A 3017 23.02 6.63 22.26
CA ARG A 3017 24.22 7.47 22.11
C ARG A 3017 23.87 8.84 21.55
N LEU A 3018 22.99 8.89 20.55
CA LEU A 3018 22.60 10.17 19.97
C LEU A 3018 21.91 11.06 21.00
N LEU A 3019 21.02 10.50 21.81
CA LEU A 3019 20.36 11.30 22.84
C LEU A 3019 21.35 11.74 23.92
N ASN A 3020 22.31 10.89 24.27
CA ASN A 3020 23.29 11.29 25.27
C ASN A 3020 24.16 12.43 24.79
N THR A 3021 24.59 12.39 23.52
CA THR A 3021 25.40 13.49 23.01
C THR A 3021 24.57 14.74 22.72
N TRP A 3022 23.25 14.59 22.51
CA TRP A 3022 22.41 15.77 22.38
C TRP A 3022 22.15 16.45 23.73
N THR A 3023 21.85 15.65 24.75
CA THR A 3023 21.71 16.17 26.11
C THR A 3023 23.05 16.47 26.78
N ASN A 3024 24.16 16.19 26.08
CA ASN A 3024 25.48 16.54 26.57
C ASN A 3024 26.15 17.63 25.73
N ARG A 3025 25.73 17.81 24.48
CA ARG A 3025 26.16 18.93 23.65
C ARG A 3025 24.96 19.87 23.55
N TYR A 3026 24.80 20.72 24.56
CA TYR A 3026 23.80 21.76 24.70
C TYR A 3026 24.36 23.10 24.28
N PRO A 3027 23.49 24.07 23.96
CA PRO A 3027 23.95 25.46 23.92
C PRO A 3027 24.17 25.97 25.33
N ASP A 3028 25.00 27.00 25.44
CA ASP A 3028 25.31 27.59 26.73
C ASP A 3028 24.27 28.66 27.08
N ALA A 3029 23.67 28.53 28.25
CA ALA A 3029 22.85 29.62 28.77
C ALA A 3029 23.74 30.82 29.05
N LYS A 3030 23.09 31.99 29.16
CA LYS A 3030 23.75 33.22 29.59
C LYS A 3030 24.66 33.80 28.50
N MET A 3031 24.89 33.07 27.41
CA MET A 3031 25.77 33.60 26.38
C MET A 3031 25.19 33.46 24.98
N ASP A 3032 24.38 32.40 24.74
CA ASP A 3032 23.78 32.17 23.42
C ASP A 3032 22.37 32.74 23.36
N PRO A 3033 22.08 33.58 22.37
CA PRO A 3033 20.75 34.20 22.27
C PRO A 3033 19.63 33.17 22.15
N MET A 3034 18.41 33.63 22.44
CA MET A 3034 17.27 32.73 22.54
C MET A 3034 16.72 32.29 21.18
N ASN A 3035 16.91 33.08 20.12
CA ASN A 3035 16.49 32.61 18.80
C ASN A 3035 17.30 31.39 18.39
N ILE A 3036 18.54 31.31 18.87
CA ILE A 3036 19.36 30.11 18.67
C ILE A 3036 18.71 28.92 19.38
N TRP A 3037 18.34 29.11 20.65
CA TRP A 3037 17.68 28.03 21.40
C TRP A 3037 16.39 27.58 20.72
N ASP A 3038 15.62 28.53 20.16
CA ASP A 3038 14.41 28.14 19.45
C ASP A 3038 14.73 27.31 18.22
N ASP A 3039 15.64 27.80 17.37
CA ASP A 3039 16.06 27.04 16.20
C ASP A 3039 16.46 25.62 16.60
N ILE A 3040 17.30 25.51 17.64
CA ILE A 3040 17.91 24.24 18.00
C ILE A 3040 16.87 23.28 18.56
N ILE A 3041 16.00 23.75 19.46
CA ILE A 3041 15.03 22.85 20.08
C ILE A 3041 13.94 22.46 19.09
N THR A 3042 13.51 23.39 18.24
CA THR A 3042 12.53 23.05 17.20
C THR A 3042 13.10 22.00 16.26
N ASN A 3043 14.35 22.18 15.80
CA ASN A 3043 14.94 21.20 14.89
C ASN A 3043 15.23 19.87 15.58
N ARG A 3044 15.57 19.87 16.87
CA ARG A 3044 15.80 18.60 17.59
C ARG A 3044 14.49 17.83 17.77
N CYS A 3045 13.42 18.53 18.14
CA CYS A 3045 12.12 17.88 18.24
C CYS A 3045 11.63 17.41 16.87
N PHE A 3046 11.98 18.13 15.80
CA PHE A 3046 11.66 17.70 14.45
C PHE A 3046 12.39 16.40 14.09
N PHE A 3047 13.68 16.30 14.44
CA PHE A 3047 14.41 15.06 14.25
C PHE A 3047 13.81 13.91 15.06
N LEU A 3048 13.40 14.20 16.30
CA LEU A 3048 12.79 13.18 17.15
C LEU A 3048 11.49 12.67 16.53
N SER A 3049 10.67 13.58 16.00
CA SER A 3049 9.41 13.19 15.41
C SER A 3049 9.61 12.41 14.11
N LYS A 3050 10.60 12.78 13.30
CA LYS A 3050 10.85 12.03 12.07
C LYS A 3050 11.42 10.64 12.34
N ILE A 3051 12.25 10.50 13.39
CA ILE A 3051 12.75 9.17 13.75
C ILE A 3051 11.63 8.31 14.30
N GLU A 3052 10.77 8.87 15.17
CA GLU A 3052 9.64 8.10 15.65
C GLU A 3052 8.59 7.84 14.56
N GLU A 3053 8.68 8.56 13.44
CA GLU A 3053 7.89 8.22 12.26
C GLU A 3053 8.46 7.01 11.54
N LYS A 3054 9.76 7.02 11.26
CA LYS A 3054 10.36 5.96 10.45
C LYS A 3054 10.53 4.64 11.22
N LEU A 3055 10.84 4.69 12.50
CA LEU A 3055 11.06 3.49 13.30
C LEU A 3055 9.74 2.99 13.87
N THR A 3056 9.13 2.02 13.21
CA THR A 3056 7.87 1.46 13.65
C THR A 3056 8.06 0.59 14.89
N ASP A 3084 9.45 0.77 30.04
CA ASP A 3084 9.24 0.32 28.66
C ASP A 3084 10.08 1.15 27.70
N ILE A 3085 9.49 1.58 26.59
CA ILE A 3085 10.28 2.17 25.52
C ILE A 3085 9.77 3.55 25.12
N SER A 3086 8.48 3.81 25.33
CA SER A 3086 7.90 5.09 24.91
C SER A 3086 8.12 6.22 25.92
N SER A 3087 8.50 5.90 27.16
CA SER A 3087 8.68 6.91 28.20
C SER A 3087 10.03 7.63 28.10
N LEU A 3088 11.07 6.93 27.64
CA LEU A 3088 12.40 7.51 27.53
C LEU A 3088 12.49 8.57 26.43
N ILE A 3089 11.48 8.70 25.58
CA ILE A 3089 11.42 9.79 24.62
C ILE A 3089 10.82 11.03 25.26
N ARG A 3090 9.72 10.81 26.00
CA ARG A 3090 9.03 11.89 26.68
C ARG A 3090 9.90 12.54 27.75
N SER A 3091 10.68 11.73 28.49
CA SER A 3091 11.54 12.29 29.52
C SER A 3091 12.62 13.19 28.92
N CYS A 3092 13.23 12.76 27.81
CA CYS A 3092 14.26 13.56 27.15
C CYS A 3092 13.68 14.85 26.57
N LYS A 3093 12.52 14.76 25.91
CA LYS A 3093 11.90 15.97 25.36
C LYS A 3093 11.54 16.95 26.48
N PHE A 3094 11.02 16.45 27.60
CA PHE A 3094 10.66 17.31 28.73
C PHE A 3094 11.90 18.00 29.29
N SER A 3095 12.98 17.25 29.50
CA SER A 3095 14.20 17.85 30.02
C SER A 3095 14.77 18.88 29.06
N MET A 3096 14.73 18.60 27.75
CA MET A 3096 15.24 19.55 26.76
C MET A 3096 14.45 20.84 26.78
N LYS A 3097 13.12 20.75 26.82
CA LYS A 3097 12.32 21.97 26.85
C LYS A 3097 12.52 22.74 28.16
N MET A 3098 12.70 22.03 29.28
CA MET A 3098 12.89 22.74 30.54
C MET A 3098 14.26 23.41 30.61
N LYS A 3099 15.30 22.80 30.03
CA LYS A 3099 16.58 23.49 29.95
C LYS A 3099 16.50 24.70 29.02
N MET A 3100 15.73 24.60 27.94
CA MET A 3100 15.52 25.75 27.07
C MET A 3100 14.82 26.89 27.82
N ILE A 3101 13.83 26.55 28.65
CA ILE A 3101 13.15 27.55 29.47
C ILE A 3101 14.11 28.18 30.48
N ASP A 3102 14.96 27.35 31.11
CA ASP A 3102 15.97 27.86 32.04
C ASP A 3102 16.87 28.88 31.35
N SER A 3103 17.40 28.52 30.17
CA SER A 3103 18.28 29.44 29.45
C SER A 3103 17.53 30.68 28.98
N ALA A 3104 16.24 30.55 28.67
CA ALA A 3104 15.45 31.71 28.30
C ALA A 3104 15.32 32.69 29.46
N ARG A 3105 15.01 32.18 30.65
CA ARG A 3105 14.92 33.04 31.82
C ARG A 3105 16.26 33.69 32.13
N LYS A 3106 17.36 32.95 31.97
CA LYS A 3106 18.68 33.52 32.22
C LYS A 3106 19.00 34.66 31.27
N GLN A 3107 18.30 34.78 30.15
CA GLN A 3107 18.59 35.80 29.15
C GLN A 3107 17.44 36.79 28.94
N ASN A 3108 16.57 36.96 29.94
CA ASN A 3108 15.54 38.01 29.98
C ASN A 3108 14.49 37.87 28.89
N ASN A 3109 14.25 36.65 28.36
CA ASN A 3109 13.18 36.44 27.39
C ASN A 3109 12.01 35.76 28.10
N PHE A 3110 11.18 36.58 28.75
CA PHE A 3110 10.06 36.07 29.55
C PHE A 3110 8.76 35.86 28.76
N SER A 3111 8.45 36.75 27.82
CA SER A 3111 7.22 36.57 27.03
C SER A 3111 7.34 35.43 26.02
N LEU A 3112 8.56 35.02 25.67
CA LEU A 3112 8.78 33.85 24.85
C LEU A 3112 8.85 32.58 25.68
N ALA A 3113 9.22 32.70 26.96
CA ALA A 3113 9.23 31.54 27.83
C ALA A 3113 7.85 31.22 28.37
N MET A 3114 7.01 32.23 28.61
CA MET A 3114 5.70 31.99 29.20
C MET A 3114 4.78 31.22 28.26
N LYS A 3115 4.88 31.49 26.94
CA LYS A 3115 4.12 30.70 25.98
C LYS A 3115 4.53 29.23 26.06
N LEU A 3116 5.82 28.96 26.27
CA LEU A 3116 6.30 27.59 26.38
C LEU A 3116 5.85 26.95 27.70
N LEU A 3117 5.89 27.70 28.80
CA LEU A 3117 5.39 27.16 30.06
C LEU A 3117 3.90 26.80 29.96
N LYS A 3118 3.12 27.65 29.27
CA LYS A 3118 1.69 27.38 29.12
C LYS A 3118 1.42 26.22 28.16
N GLU A 3119 2.18 26.14 27.06
CA GLU A 3119 1.96 25.04 26.13
C GLU A 3119 2.46 23.71 26.70
N LEU A 3120 3.43 23.77 27.62
CA LEU A 3120 3.96 22.59 28.27
C LEU A 3120 3.30 22.32 29.62
N HIS A 3121 2.51 23.28 30.15
CA HIS A 3121 1.76 23.06 31.37
C HIS A 3121 0.92 21.80 31.30
N LYS A 3122 0.46 21.44 30.10
CA LYS A 3122 -0.39 20.27 29.94
C LYS A 3122 0.37 18.98 30.17
N GLU A 3123 1.69 19.00 29.98
CA GLU A 3123 2.53 17.83 30.20
C GLU A 3123 3.06 17.75 31.63
N SER A 3124 3.37 18.90 32.25
CA SER A 3124 3.94 18.90 33.59
C SER A 3124 2.87 18.80 34.66
N LYS A 3125 1.98 17.81 34.55
CA LYS A 3125 0.97 17.54 35.57
C LYS A 3125 0.92 16.08 36.00
N THR A 3126 1.38 15.15 35.16
CA THR A 3126 1.27 13.73 35.47
C THR A 3126 2.10 13.36 36.70
N ARG A 3127 3.41 13.57 36.66
CA ARG A 3127 4.23 13.18 37.79
C ARG A 3127 4.41 14.36 38.74
N ASP A 3128 4.74 14.04 39.98
CA ASP A 3128 4.83 15.06 41.02
C ASP A 3128 6.12 15.87 40.92
N ASP A 3129 7.24 15.23 40.59
CA ASP A 3129 8.48 15.98 40.45
C ASP A 3129 8.47 16.91 39.23
N TRP A 3130 7.79 16.51 38.15
CA TRP A 3130 7.67 17.37 36.98
C TRP A 3130 6.92 18.66 37.30
N LEU A 3131 5.75 18.53 37.93
CA LEU A 3131 5.01 19.71 38.34
C LEU A 3131 5.80 20.54 39.34
N VAL A 3132 6.55 19.88 40.23
CA VAL A 3132 7.36 20.60 41.21
C VAL A 3132 8.42 21.45 40.52
N SER A 3133 9.10 20.87 39.53
CA SER A 3133 10.12 21.63 38.80
C SER A 3133 9.50 22.75 37.97
N TRP A 3134 8.34 22.49 37.37
CA TRP A 3134 7.67 23.52 36.57
C TRP A 3134 7.24 24.71 37.45
N VAL A 3135 6.76 24.42 38.66
CA VAL A 3135 6.35 25.49 39.58
C VAL A 3135 7.56 26.24 40.12
N GLN A 3136 8.65 25.52 40.41
CA GLN A 3136 9.88 26.19 40.82
C GLN A 3136 10.38 27.13 39.72
N SER A 3137 10.30 26.69 38.46
CA SER A 3137 10.70 27.55 37.35
C SER A 3137 9.79 28.76 37.21
N TYR A 3138 8.48 28.58 37.39
CA TYR A 3138 7.55 29.70 37.31
C TYR A 3138 7.83 30.73 38.42
N CYS A 3139 8.08 30.25 39.65
CA CYS A 3139 8.40 31.14 40.75
C CYS A 3139 9.69 31.90 40.50
N ARG A 3140 10.71 31.20 39.98
CA ARG A 3140 11.97 31.86 39.64
C ARG A 3140 11.74 32.91 38.56
N LEU A 3141 10.89 32.59 37.58
CA LEU A 3141 10.56 33.54 36.52
C LEU A 3141 9.93 34.80 37.10
N SER A 3142 8.99 34.63 38.03
CA SER A 3142 8.34 35.79 38.64
C SER A 3142 9.34 36.62 39.43
N HIS A 3143 10.22 35.97 40.19
CA HIS A 3143 11.19 36.70 41.00
C HIS A 3143 12.23 37.41 40.13
N CYS A 3144 12.54 36.85 38.95
CA CYS A 3144 13.43 37.53 38.02
C CYS A 3144 12.73 38.69 37.33
N ARG A 3145 11.41 38.60 37.18
CA ARG A 3145 10.66 39.69 36.55
C ARG A 3145 10.41 40.86 37.52
N SER A 3146 10.35 40.57 38.82
CA SER A 3146 10.03 41.60 39.81
C SER A 3146 11.21 42.49 40.20
N ARG A 3147 12.37 42.37 39.56
CA ARG A 3147 13.54 43.12 40.01
C ARG A 3147 13.74 44.44 39.28
N SER A 3148 12.83 44.81 38.38
CA SER A 3148 13.00 46.02 37.58
C SER A 3148 11.81 46.96 37.63
N GLN A 3149 10.61 46.48 37.92
CA GLN A 3149 9.41 47.31 37.95
C GLN A 3149 9.45 48.24 39.16
N GLY A 3150 8.50 49.17 39.20
CA GLY A 3150 8.36 50.07 40.32
C GLY A 3150 7.80 49.36 41.53
N CYS A 3151 7.68 50.13 42.63
CA CYS A 3151 7.17 49.58 43.88
C CYS A 3151 5.67 49.29 43.82
N SER A 3152 4.97 49.78 42.81
CA SER A 3152 3.53 49.54 42.70
C SER A 3152 3.25 48.17 42.09
N GLU A 3153 4.05 47.75 41.11
CA GLU A 3153 3.89 46.47 40.44
C GLU A 3153 4.82 45.38 40.97
N GLN A 3154 5.80 45.73 41.81
CA GLN A 3154 6.71 44.72 42.34
C GLN A 3154 5.96 43.71 43.20
N VAL A 3155 4.99 44.18 43.98
CA VAL A 3155 4.18 43.24 44.74
C VAL A 3155 3.10 42.62 43.85
N LEU A 3156 2.64 43.36 42.84
CA LEU A 3156 1.61 42.84 41.93
C LEU A 3156 2.09 41.59 41.21
N THR A 3157 3.33 41.58 40.75
CA THR A 3157 3.81 40.46 39.96
C THR A 3157 4.28 39.29 40.81
N VAL A 3158 4.58 39.50 42.09
CA VAL A 3158 4.95 38.41 42.99
C VAL A 3158 3.77 37.87 43.80
N LEU A 3159 2.62 38.53 43.77
CA LEU A 3159 1.46 37.98 44.46
C LEU A 3159 0.71 36.94 43.64
N LYS A 3160 0.98 36.84 42.34
CA LYS A 3160 0.39 35.77 41.56
C LYS A 3160 1.09 34.43 41.78
N THR A 3161 2.32 34.44 42.27
CA THR A 3161 3.04 33.21 42.65
C THR A 3161 2.95 32.93 44.15
N VAL A 3162 1.74 32.98 44.70
CA VAL A 3162 1.53 32.66 46.11
C VAL A 3162 0.66 31.43 46.23
N SER A 3163 -0.56 31.51 45.69
CA SER A 3163 -1.46 30.37 45.67
C SER A 3163 -0.97 29.24 44.77
N LEU A 3164 0.04 29.50 43.95
CA LEU A 3164 0.63 28.45 43.12
C LEU A 3164 1.35 27.40 43.95
N LEU A 3165 1.78 27.74 45.17
CA LEU A 3165 2.32 26.76 46.10
C LEU A 3165 1.30 26.30 47.13
N ASP A 3166 0.01 26.56 46.89
CA ASP A 3166 -1.08 26.04 47.69
C ASP A 3166 -1.84 24.94 46.95
N GLU A 3167 -1.29 24.45 45.84
CA GLU A 3167 -1.84 23.33 45.09
C GLU A 3167 -1.16 22.05 45.60
N ASN A 3168 -1.23 20.96 44.83
CA ASN A 3168 -0.75 19.65 45.25
C ASN A 3168 0.78 19.54 45.29
N ASN A 3169 1.45 20.35 46.13
CA ASN A 3169 2.91 20.40 46.13
C ASN A 3169 3.53 19.54 47.23
N VAL A 3170 3.03 19.60 48.46
CA VAL A 3170 3.57 18.77 49.53
C VAL A 3170 2.72 17.52 49.64
N SER A 3171 1.85 17.29 48.65
CA SER A 3171 0.97 16.13 48.66
C SER A 3171 1.72 14.80 48.63
N SER A 3172 2.38 14.52 47.50
CA SER A 3172 3.14 13.29 47.35
C SER A 3172 4.43 13.50 46.57
N TYR A 3173 5.02 14.68 46.68
CA TYR A 3173 6.24 15.04 45.96
C TYR A 3173 7.40 15.28 46.91
N LEU A 3174 7.21 16.12 47.91
CA LEU A 3174 8.27 16.49 48.85
C LEU A 3174 8.31 15.52 50.03
N SER A 3175 8.35 14.23 49.71
CA SER A 3175 8.67 13.20 50.69
C SER A 3175 9.63 12.16 50.13
N LYS A 3176 9.98 12.25 48.85
CA LYS A 3176 10.88 11.29 48.20
C LYS A 3176 12.25 11.90 47.93
N ASN A 3177 12.30 13.07 47.30
CA ASN A 3177 13.53 13.71 46.88
C ASN A 3177 13.95 14.79 47.88
N ILE A 3178 15.25 14.82 48.19
CA ILE A 3178 15.80 15.83 49.08
C ILE A 3178 16.53 16.93 48.30
N LEU A 3179 16.91 16.68 47.04
CA LEU A 3179 17.57 17.68 46.22
C LEU A 3179 16.63 18.82 45.82
N ALA A 3180 15.31 18.58 45.83
CA ALA A 3180 14.33 19.65 45.64
C ALA A 3180 13.76 20.19 46.94
N PHE A 3181 13.97 19.48 48.06
CA PHE A 3181 13.46 19.95 49.35
C PHE A 3181 14.12 21.25 49.80
N ARG A 3182 15.41 21.41 49.49
CA ARG A 3182 16.07 22.67 49.85
C ARG A 3182 15.63 23.80 48.93
N ASP A 3183 15.53 23.52 47.62
CA ASP A 3183 15.25 24.56 46.65
C ASP A 3183 13.82 25.09 46.76
N GLN A 3184 12.86 24.21 47.09
CA GLN A 3184 11.49 24.67 47.30
C GLN A 3184 11.43 25.69 48.42
N ASN A 3185 12.08 25.39 49.55
CA ASN A 3185 12.10 26.31 50.68
C ASN A 3185 12.87 27.59 50.37
N ILE A 3186 13.97 27.49 49.62
CA ILE A 3186 14.71 28.69 49.22
C ILE A 3186 13.81 29.63 48.43
N LEU A 3187 13.08 29.09 47.45
CA LEU A 3187 12.28 29.97 46.60
C LEU A 3187 11.08 30.53 47.35
N LEU A 3188 10.48 29.73 48.24
CA LEU A 3188 9.41 30.25 49.10
C LEU A 3188 9.92 31.40 49.97
N GLY A 3189 11.10 31.22 50.57
CA GLY A 3189 11.67 32.28 51.39
C GLY A 3189 11.97 33.53 50.59
N THR A 3190 12.46 33.36 49.35
CA THR A 3190 12.77 34.52 48.52
C THR A 3190 11.50 35.27 48.14
N THR A 3191 10.42 34.53 47.87
CA THR A 3191 9.12 35.18 47.63
C THR A 3191 8.71 36.02 48.83
N TYR A 3192 8.75 35.42 50.02
CA TYR A 3192 8.27 36.13 51.21
C TYR A 3192 9.13 37.35 51.51
N ARG A 3193 10.46 37.23 51.33
CA ARG A 3193 11.33 38.36 51.57
C ARG A 3193 11.07 39.49 50.57
N ILE A 3194 10.94 39.15 49.29
CA ILE A 3194 10.68 40.18 48.28
C ILE A 3194 9.39 40.93 48.59
N ILE A 3195 8.34 40.22 48.99
CA ILE A 3195 7.07 40.90 49.27
C ILE A 3195 7.19 41.77 50.51
N ALA A 3196 7.76 41.23 51.59
CA ALA A 3196 7.84 41.97 52.84
C ALA A 3196 8.80 43.16 52.77
N ASN A 3197 9.77 43.14 51.85
CA ASN A 3197 10.62 44.31 51.62
C ASN A 3197 10.04 45.26 50.59
N ALA A 3198 9.17 44.76 49.71
CA ALA A 3198 8.47 45.64 48.79
C ALA A 3198 7.45 46.50 49.53
N LEU A 3199 6.93 45.99 50.65
CA LEU A 3199 6.06 46.81 51.49
C LEU A 3199 6.82 47.51 52.61
N SER A 3200 8.04 47.99 52.34
CA SER A 3200 8.83 48.77 53.27
C SER A 3200 9.08 50.19 52.80
N SER A 3201 9.31 50.40 51.50
CA SER A 3201 9.35 51.76 50.98
C SER A 3201 7.96 52.33 50.83
N GLU A 3202 6.98 51.49 50.53
CA GLU A 3202 5.58 51.88 50.39
C GLU A 3202 4.77 50.89 51.23
N PRO A 3203 4.68 51.11 52.54
CA PRO A 3203 4.10 50.10 53.43
C PRO A 3203 2.59 50.14 53.58
N ALA A 3204 1.90 51.02 52.87
CA ALA A 3204 0.44 51.07 52.97
C ALA A 3204 -0.26 51.06 51.62
N CYS A 3205 0.31 51.73 50.62
CA CYS A 3205 -0.38 51.99 49.35
C CYS A 3205 -0.46 50.78 48.43
N LEU A 3206 0.25 49.69 48.72
CA LEU A 3206 0.18 48.53 47.87
C LEU A 3206 -1.14 47.77 48.07
N ALA A 3207 -1.47 47.44 49.32
CA ALA A 3207 -2.72 46.76 49.63
C ALA A 3207 -3.85 47.77 49.66
N GLU A 3208 -3.96 48.58 48.60
CA GLU A 3208 -4.98 49.61 48.45
C GLU A 3208 -5.85 49.42 47.23
N ILE A 3209 -5.25 49.21 46.06
CA ILE A 3209 -5.91 49.39 44.77
C ILE A 3209 -6.96 48.33 44.41
N GLU A 3210 -7.15 47.32 45.25
CA GLU A 3210 -8.25 46.40 44.94
C GLU A 3210 -8.69 45.64 46.19
N GLU A 3211 -9.95 45.21 46.15
CA GLU A 3211 -10.60 44.56 47.30
C GLU A 3211 -9.90 43.27 47.72
N ASP A 3212 -9.89 42.27 46.82
CA ASP A 3212 -9.62 40.91 47.26
C ASP A 3212 -8.17 40.66 47.66
N LYS A 3213 -7.23 41.46 47.17
CA LYS A 3213 -5.84 41.12 47.41
C LYS A 3213 -5.32 41.64 48.74
N ALA A 3214 -5.76 42.82 49.18
CA ALA A 3214 -5.46 43.22 50.55
C ALA A 3214 -6.07 42.22 51.54
N ARG A 3215 -7.20 41.61 51.18
CA ARG A 3215 -7.81 40.60 52.02
C ARG A 3215 -6.97 39.33 52.07
N ARG A 3216 -6.49 38.85 50.91
CA ARG A 3216 -5.63 37.67 50.91
C ARG A 3216 -4.32 37.93 51.66
N ILE A 3217 -3.75 39.13 51.52
CA ILE A 3217 -2.54 39.49 52.26
C ILE A 3217 -2.79 39.42 53.76
N LEU A 3218 -3.79 40.18 54.24
CA LEU A 3218 -4.13 40.18 55.67
C LEU A 3218 -4.46 38.78 56.15
N GLU A 3219 -4.97 37.93 55.26
CA GLU A 3219 -5.16 36.51 55.58
C GLU A 3219 -3.83 35.83 55.81
N LEU A 3220 -2.83 36.15 54.98
CA LEU A 3220 -1.51 35.54 55.12
C LEU A 3220 -0.53 36.52 55.75
N ASP A 3227 -3.93 45.04 61.85
CA ASP A 3227 -3.42 44.71 60.52
C ASP A 3227 -2.69 45.90 59.90
N SER A 3228 -2.11 45.67 58.72
CA SER A 3228 -1.34 46.65 57.93
C SER A 3228 0.00 46.94 58.58
N GLU A 3229 0.20 46.45 59.81
CA GLU A 3229 1.51 46.36 60.43
C GLU A 3229 1.74 45.03 61.15
N LYS A 3230 0.67 44.35 61.60
CA LYS A 3230 0.77 43.03 62.20
C LYS A 3230 0.85 41.92 61.15
N VAL A 3231 1.04 42.28 59.88
CA VAL A 3231 1.17 41.31 58.81
C VAL A 3231 2.52 41.36 58.11
N ILE A 3232 3.24 42.50 58.15
CA ILE A 3232 4.58 42.56 57.58
C ILE A 3232 5.53 41.65 58.35
N ALA A 3233 5.47 41.73 59.69
CA ALA A 3233 6.28 40.85 60.53
C ALA A 3233 5.94 39.38 60.30
N GLY A 3234 4.69 39.09 59.96
CA GLY A 3234 4.27 37.71 59.74
C GLY A 3234 4.76 37.16 58.42
N LEU A 3235 4.77 38.00 57.38
CA LEU A 3235 5.38 37.60 56.12
C LEU A 3235 6.88 37.40 56.28
N TYR A 3236 7.54 38.28 57.04
CA TYR A 3236 8.94 38.08 57.36
C TYR A 3236 9.17 36.79 58.13
N GLN A 3237 8.25 36.45 59.04
CA GLN A 3237 8.38 35.22 59.83
C GLN A 3237 8.23 33.98 58.97
N ARG A 3238 7.27 33.99 58.04
CA ARG A 3238 7.15 32.87 57.12
C ARG A 3238 8.40 32.76 56.24
N ALA A 3239 8.96 33.90 55.83
CA ALA A 3239 10.24 33.89 55.13
C ALA A 3239 11.31 33.18 55.95
N PHE A 3240 11.44 33.55 57.22
CA PHE A 3240 12.48 32.97 58.05
C PHE A 3240 12.26 31.48 58.28
N GLN A 3241 11.00 31.07 58.48
CA GLN A 3241 10.69 29.66 58.62
C GLN A 3241 11.10 28.88 57.38
N HIS A 3242 10.66 29.34 56.20
CA HIS A 3242 10.98 28.62 54.97
C HIS A 3242 12.48 28.65 54.68
N LEU A 3243 13.19 29.66 55.17
CA LEU A 3243 14.63 29.70 54.97
C LEU A 3243 15.33 28.70 55.90
N SER A 3244 14.93 28.68 57.17
CA SER A 3244 15.54 27.76 58.13
C SER A 3244 15.20 26.31 57.84
N GLU A 3245 14.09 26.04 57.14
CA GLU A 3245 13.79 24.66 56.78
C GLU A 3245 14.80 24.09 55.79
N ALA A 3246 15.55 24.95 55.10
CA ALA A 3246 16.54 24.46 54.14
C ALA A 3246 17.78 23.91 54.84
N VAL A 3247 18.24 24.60 55.89
CA VAL A 3247 19.49 24.19 56.54
C VAL A 3247 19.34 22.81 57.18
N GLN A 3248 18.13 22.48 57.62
CA GLN A 3248 17.87 21.19 58.25
C GLN A 3248 17.42 20.14 57.25
N ALA A 3249 17.53 20.44 55.96
CA ALA A 3249 17.22 19.49 54.90
C ALA A 3249 18.47 18.69 54.51
N ALA A 3264 27.34 20.62 43.99
CA ALA A 3264 27.88 21.71 43.19
C ALA A 3264 26.82 22.75 42.88
N ALA A 3265 26.92 23.91 43.53
CA ALA A 3265 26.03 25.05 43.30
C ALA A 3265 24.58 24.76 43.65
N GLY A 3266 24.32 23.76 44.48
CA GLY A 3266 22.96 23.43 44.86
C GLY A 3266 22.56 23.65 46.31
N VAL A 3267 23.53 23.82 47.20
CA VAL A 3267 23.20 24.01 48.61
C VAL A 3267 23.83 25.27 49.18
N ILE A 3268 24.80 25.83 48.46
CA ILE A 3268 25.41 27.09 48.91
C ILE A 3268 24.43 28.25 48.83
N ASP A 3269 23.51 28.23 47.86
CA ASP A 3269 22.53 29.29 47.72
C ASP A 3269 21.52 29.28 48.86
N ALA A 3270 21.16 28.10 49.37
CA ALA A 3270 20.30 28.01 50.55
C ALA A 3270 20.87 28.83 51.70
N TYR A 3271 22.18 28.68 51.94
CA TYR A 3271 22.83 29.44 53.01
C TYR A 3271 22.85 30.93 52.68
N MET A 3272 23.29 31.28 51.47
CA MET A 3272 23.60 32.69 51.21
C MET A 3272 22.36 33.55 51.05
N THR A 3273 21.23 32.99 50.58
CA THR A 3273 20.01 33.79 50.50
C THR A 3273 19.56 34.23 51.89
N LEU A 3274 19.51 33.30 52.84
CA LEU A 3274 19.19 33.65 54.22
C LEU A 3274 20.24 34.59 54.81
N ALA A 3275 21.50 34.38 54.45
CA ALA A 3275 22.58 35.23 54.97
C ALA A 3275 22.38 36.69 54.55
N ASP A 3276 22.07 36.92 53.28
CA ASP A 3276 21.87 38.29 52.82
C ASP A 3276 20.54 38.86 53.29
N PHE A 3277 19.53 38.01 53.51
CA PHE A 3277 18.30 38.48 54.14
C PHE A 3277 18.57 39.03 55.54
N CYS A 3278 19.33 38.28 56.34
CA CYS A 3278 19.65 38.76 57.69
C CYS A 3278 20.62 39.94 57.67
N ASP A 3279 21.52 40.02 56.66
CA ASP A 3279 22.41 41.18 56.56
C ASP A 3279 21.64 42.45 56.23
N GLN A 3280 20.68 42.38 55.30
CA GLN A 3280 19.85 43.54 55.01
C GLN A 3280 18.92 43.87 56.17
N GLN A 3281 18.48 42.87 56.95
CA GLN A 3281 17.76 43.20 58.17
C GLN A 3281 18.65 43.86 59.23
N LEU A 3282 19.93 43.51 59.29
CA LEU A 3282 20.81 44.17 60.24
C LEU A 3282 21.21 45.58 59.78
N ARG A 3283 21.26 45.81 58.46
CA ARG A 3283 21.44 47.17 57.97
C ARG A 3283 20.18 47.99 58.15
N LYS A 3284 19.02 47.33 58.17
CA LYS A 3284 17.78 48.05 58.47
C LYS A 3284 17.67 48.36 59.96
N GLU A 3285 18.16 47.45 60.81
CA GLU A 3285 18.02 47.58 62.25
C GLU A 3285 19.02 48.56 62.86
N GLU A 3286 19.87 49.20 62.05
CA GLU A 3286 20.72 50.26 62.59
C GLU A 3286 19.91 51.49 62.97
N GLU A 3287 18.61 51.50 62.70
CA GLU A 3287 17.74 52.60 63.07
C GLU A 3287 17.35 52.53 64.54
N GLN A 3298 16.53 39.44 69.69
CA GLN A 3298 16.71 38.47 68.61
C GLN A 3298 18.10 37.85 68.64
N ALA A 3299 18.15 36.52 68.58
CA ALA A 3299 19.42 35.80 68.51
C ALA A 3299 19.80 35.52 67.06
N TYR A 3300 19.76 36.56 66.23
CA TYR A 3300 20.17 36.47 64.83
C TYR A 3300 21.69 36.35 64.66
N PRO A 3301 22.52 36.96 65.54
CA PRO A 3301 23.96 36.68 65.47
C PRO A 3301 24.31 35.19 65.53
N ALA A 3302 23.40 34.38 66.06
CA ALA A 3302 23.63 32.94 66.11
C ALA A 3302 23.33 32.22 64.80
N LEU A 3303 22.68 32.88 63.82
CA LEU A 3303 22.35 32.23 62.57
C LEU A 3303 22.95 32.87 61.33
N VAL A 3304 23.61 34.02 61.45
CA VAL A 3304 24.32 34.60 60.32
C VAL A 3304 25.72 34.02 60.21
N VAL A 3305 26.45 34.02 61.33
CA VAL A 3305 27.82 33.54 61.36
C VAL A 3305 27.88 32.08 60.93
N GLU A 3306 27.07 31.23 61.57
CA GLU A 3306 27.13 29.79 61.33
C GLU A 3306 26.78 29.46 59.89
N LYS A 3307 25.65 29.98 59.41
CA LYS A 3307 25.15 29.66 58.09
C LYS A 3307 25.89 30.40 56.97
N MET A 3308 26.76 31.35 57.29
CA MET A 3308 27.65 31.90 56.26
C MET A 3308 28.99 31.18 56.22
N LEU A 3309 29.49 30.74 57.37
CA LEU A 3309 30.73 29.98 57.41
C LEU A 3309 30.57 28.54 56.97
N LYS A 3310 29.35 28.00 57.04
CA LYS A 3310 29.09 26.69 56.44
C LYS A 3310 28.93 26.78 54.93
N ALA A 3311 28.65 27.98 54.40
CA ALA A 3311 28.65 28.19 52.96
C ALA A 3311 30.03 28.54 52.40
N LEU A 3312 30.89 29.16 53.20
CA LEU A 3312 32.25 29.46 52.73
C LEU A 3312 33.15 28.22 52.71
N LYS A 3313 32.88 27.22 53.56
CA LYS A 3313 33.68 26.00 53.54
C LYS A 3313 33.54 25.25 52.22
N LEU A 3314 32.45 25.46 51.49
CA LEU A 3314 32.32 25.01 50.11
C LEU A 3314 32.83 26.09 49.17
N ASN A 3315 33.25 25.68 47.98
CA ASN A 3315 33.83 26.61 47.02
C ASN A 3315 32.78 27.62 46.58
N SER A 3316 32.90 28.84 47.08
CA SER A 3316 31.99 29.92 46.73
C SER A 3316 32.74 31.24 46.77
N ASN A 3317 32.31 32.17 45.91
CA ASN A 3317 32.86 33.52 45.89
C ASN A 3317 31.93 34.56 46.46
N GLU A 3318 30.61 34.32 46.43
CA GLU A 3318 29.67 35.26 47.04
C GLU A 3318 29.76 35.21 48.56
N ALA A 3319 29.95 34.02 49.14
CA ALA A 3319 30.23 33.94 50.56
C ALA A 3319 31.60 34.51 50.89
N ARG A 3320 32.52 34.50 49.92
CA ARG A 3320 33.87 35.03 50.15
C ARG A 3320 33.90 36.54 50.18
N LEU A 3321 33.05 37.21 49.40
CA LEU A 3321 33.10 38.66 49.31
C LEU A 3321 32.42 39.35 50.48
N LYS A 3322 31.45 38.70 51.13
CA LYS A 3322 30.74 39.29 52.26
C LYS A 3322 31.29 38.84 53.60
N PHE A 3323 32.57 38.51 53.67
CA PHE A 3323 33.14 38.10 54.96
C PHE A 3323 33.34 39.27 55.91
N PRO A 3324 33.89 40.43 55.49
CA PRO A 3324 34.01 41.55 56.44
C PRO A 3324 32.69 42.01 57.04
N ARG A 3325 31.55 41.67 56.43
CA ARG A 3325 30.28 41.88 57.11
C ARG A 3325 30.23 41.10 58.41
N LEU A 3326 30.83 39.90 58.43
CA LEU A 3326 30.98 39.18 59.68
C LEU A 3326 32.03 39.83 60.59
N LEU A 3327 33.07 40.41 60.00
CA LEU A 3327 34.03 41.18 60.78
C LEU A 3327 33.36 42.33 61.51
N GLN A 3328 32.26 42.84 60.94
CA GLN A 3328 31.49 43.90 61.58
C GLN A 3328 30.44 43.35 62.54
N ILE A 3329 29.89 42.18 62.25
CA ILE A 3329 28.84 41.64 63.12
C ILE A 3329 29.42 41.09 64.42
N ILE A 3330 30.63 40.50 64.38
CA ILE A 3330 31.23 40.04 65.63
C ILE A 3330 31.83 41.19 66.41
N GLU A 3331 32.09 42.32 65.74
CA GLU A 3331 32.63 43.50 66.42
C GLU A 3331 31.53 44.29 67.11
N ARG A 3332 30.43 44.56 66.39
CA ARG A 3332 29.31 45.27 66.99
C ARG A 3332 28.56 44.41 68.00
N TYR A 3333 28.69 43.09 67.92
CA TYR A 3333 27.98 42.17 68.83
C TYR A 3333 28.93 41.07 69.28
N PRO A 3334 29.89 41.42 70.15
CA PRO A 3334 30.78 40.39 70.70
C PRO A 3334 30.20 39.77 71.96
N GLU A 3335 29.20 40.45 72.55
CA GLU A 3335 28.56 39.92 73.76
C GLU A 3335 27.91 38.58 73.50
N GLU A 3336 27.27 38.43 72.35
CA GLU A 3336 26.72 37.14 71.92
C GLU A 3336 27.45 36.68 70.67
N THR A 3337 27.67 35.37 70.58
CA THR A 3337 28.28 34.73 69.40
C THR A 3337 29.65 35.32 69.09
N LEU A 3338 30.58 35.08 70.02
CA LEU A 3338 31.98 35.46 69.84
C LEU A 3338 32.90 34.26 69.72
N SER A 3339 32.86 33.33 70.68
CA SER A 3339 33.57 32.06 70.53
C SER A 3339 33.02 31.24 69.36
N LEU A 3340 31.79 31.50 68.96
CA LEU A 3340 31.21 30.86 67.79
C LEU A 3340 32.05 31.13 66.54
N MET A 3341 32.50 32.39 66.39
CA MET A 3341 33.36 32.74 65.26
C MET A 3341 34.63 31.89 65.24
N THR A 3342 35.32 31.83 66.38
CA THR A 3342 36.59 31.09 66.45
C THR A 3342 36.38 29.60 66.18
N LYS A 3343 35.33 29.02 66.76
CA LYS A 3343 35.13 27.58 66.62
C LYS A 3343 34.68 27.21 65.21
N GLU A 3344 33.92 28.07 64.54
CA GLU A 3344 33.49 27.77 63.18
C GLU A 3344 34.60 28.02 62.16
N ILE A 3345 35.38 29.09 62.35
CA ILE A 3345 36.48 29.38 61.42
C ILE A 3345 37.70 28.51 61.67
N SER A 3346 37.74 27.79 62.80
CA SER A 3346 38.84 26.85 63.01
C SER A 3346 38.85 25.73 61.97
N SER A 3347 37.68 25.36 61.43
CA SER A 3347 37.57 24.33 60.40
C SER A 3347 37.03 24.94 59.10
N VAL A 3348 37.92 25.55 58.32
CA VAL A 3348 37.63 26.18 57.03
C VAL A 3348 38.95 26.33 56.27
N PRO A 3349 38.99 26.04 54.97
CA PRO A 3349 40.22 26.27 54.20
C PRO A 3349 40.58 27.76 54.14
N CYS A 3350 41.85 28.06 54.40
CA CYS A 3350 42.33 29.43 54.60
C CYS A 3350 42.98 30.04 53.36
N TRP A 3351 42.46 29.78 52.16
CA TRP A 3351 42.87 30.55 51.00
C TRP A 3351 41.76 31.41 50.41
N GLN A 3352 40.60 31.47 51.06
CA GLN A 3352 39.55 32.40 50.70
C GLN A 3352 39.59 33.69 51.53
N PHE A 3353 40.65 33.90 52.30
CA PHE A 3353 40.83 35.12 53.10
C PHE A 3353 41.74 36.14 52.43
N ILE A 3354 42.35 35.80 51.29
CA ILE A 3354 43.43 36.62 50.77
C ILE A 3354 42.93 37.95 50.24
N SER A 3355 41.70 37.98 49.71
CA SER A 3355 41.13 39.25 49.31
C SER A 3355 40.72 40.11 50.49
N TRP A 3356 40.78 39.59 51.71
CA TRP A 3356 40.50 40.38 52.91
C TRP A 3356 41.61 40.28 53.94
N ILE A 3357 42.81 39.86 53.52
CA ILE A 3357 43.93 39.71 54.44
C ILE A 3357 44.27 41.04 55.09
N SER A 3358 44.10 42.15 54.36
CA SER A 3358 44.35 43.47 54.91
C SER A 3358 43.33 43.83 55.97
N HIS A 3359 42.22 43.09 56.08
CA HIS A 3359 41.23 43.31 57.11
C HIS A 3359 41.41 42.42 58.32
N MET A 3360 42.22 41.36 58.22
CA MET A 3360 42.50 40.49 59.34
C MET A 3360 43.85 40.77 59.99
N VAL A 3361 44.85 41.15 59.19
CA VAL A 3361 46.15 41.45 59.78
C VAL A 3361 46.09 42.73 60.58
N ALA A 3362 45.15 43.61 60.28
CA ALA A 3362 44.96 44.84 61.02
C ALA A 3362 44.03 44.66 62.21
N LEU A 3363 43.59 43.43 62.50
CA LEU A 3363 42.67 43.16 63.59
C LEU A 3363 43.37 42.61 64.83
N LEU A 3364 44.65 42.28 64.74
CA LEU A 3364 45.40 41.77 65.89
C LEU A 3364 45.67 42.83 66.95
N ASP A 3365 45.61 44.11 66.59
CA ASP A 3365 45.98 45.18 67.53
C ASP A 3365 44.82 45.73 68.33
N LYS A 3366 43.65 45.89 67.71
CA LYS A 3366 42.52 46.46 68.43
C LYS A 3366 41.93 45.42 69.39
N ASP A 3367 40.97 45.88 70.18
CA ASP A 3367 40.30 45.02 71.16
C ASP A 3367 39.63 43.85 70.45
N GLN A 3368 39.57 42.71 71.14
CA GLN A 3368 38.98 41.49 70.62
C GLN A 3368 39.71 41.02 69.36
N ALA A 3369 40.97 40.64 69.55
CA ALA A 3369 41.83 40.22 68.46
C ALA A 3369 41.99 38.71 68.35
N VAL A 3370 41.50 37.94 69.33
CA VAL A 3370 41.66 36.48 69.29
C VAL A 3370 40.62 35.80 68.41
N ALA A 3371 39.70 36.56 67.82
CA ALA A 3371 38.71 35.96 66.94
C ALA A 3371 39.39 35.34 65.72
N VAL A 3372 40.43 35.99 65.20
CA VAL A 3372 41.23 35.46 64.10
C VAL A 3372 42.70 35.64 64.47
N GLN A 3373 43.29 34.59 65.04
CA GLN A 3373 44.74 34.54 65.22
C GLN A 3373 45.27 33.21 64.68
N HIS A 3374 44.43 32.18 64.73
CA HIS A 3374 44.82 30.88 64.19
C HIS A 3374 44.80 30.87 62.67
N SER A 3375 43.83 31.56 62.05
CA SER A 3375 43.89 31.74 60.60
C SER A 3375 45.15 32.49 60.20
N VAL A 3376 45.55 33.48 61.01
CA VAL A 3376 46.77 34.22 60.74
C VAL A 3376 47.98 33.30 60.83
N GLU A 3377 48.03 32.46 61.87
CA GLU A 3377 49.18 31.59 62.05
C GLU A 3377 49.24 30.50 60.99
N GLU A 3378 48.08 29.98 60.58
CA GLU A 3378 48.08 28.98 59.51
C GLU A 3378 48.50 29.59 58.18
N ILE A 3379 48.06 30.82 57.90
CA ILE A 3379 48.48 31.45 56.65
C ILE A 3379 49.98 31.76 56.69
N THR A 3380 50.50 32.14 57.86
CA THR A 3380 51.93 32.42 57.97
C THR A 3380 52.75 31.14 57.84
N ASP A 3381 52.26 30.04 58.39
CA ASP A 3381 53.01 28.79 58.30
C ASP A 3381 52.93 28.19 56.90
N ASN A 3382 51.78 28.32 56.24
CA ASN A 3382 51.57 27.73 54.91
C ASN A 3382 52.02 28.67 53.81
N TYR A 3383 51.51 29.91 53.81
CA TYR A 3383 51.82 30.91 52.77
C TYR A 3383 52.41 32.15 53.43
N PRO A 3384 53.67 32.09 53.85
CA PRO A 3384 54.28 33.26 54.51
C PRO A 3384 54.68 34.33 53.51
N GLN A 3385 54.15 34.26 52.29
CA GLN A 3385 54.51 35.19 51.23
C GLN A 3385 53.38 36.11 50.82
N ALA A 3386 52.15 35.61 50.72
CA ALA A 3386 51.01 36.43 50.33
C ALA A 3386 50.48 37.28 51.46
N ILE A 3387 51.20 37.36 52.58
CA ILE A 3387 50.65 37.97 53.79
C ILE A 3387 51.57 39.02 54.39
N VAL A 3388 52.87 39.05 54.06
CA VAL A 3388 53.79 40.00 54.68
C VAL A 3388 53.38 41.44 54.35
N TYR A 3389 52.81 41.66 53.16
CA TYR A 3389 52.56 43.04 52.74
C TYR A 3389 51.44 43.67 53.56
N PRO A 3390 50.27 43.05 53.73
CA PRO A 3390 49.32 43.59 54.70
C PRO A 3390 49.87 43.63 56.12
N PHE A 3391 50.82 42.75 56.44
CA PHE A 3391 51.33 42.73 57.82
C PHE A 3391 52.25 43.91 58.12
N ILE A 3392 53.06 44.35 57.17
CA ILE A 3392 53.94 45.49 57.44
C ILE A 3392 53.10 46.75 57.66
N ILE A 3393 52.02 46.92 56.90
CA ILE A 3393 51.14 48.07 57.11
C ILE A 3393 50.30 47.91 58.37
N SER A 3394 50.06 46.68 58.83
CA SER A 3394 49.32 46.49 60.07
C SER A 3394 50.22 46.64 61.30
N SER A 3395 51.50 46.32 61.18
CA SER A 3395 52.44 46.53 62.29
C SER A 3395 52.96 47.96 62.32
N GLU A 3396 52.92 48.67 61.18
CA GLU A 3396 53.20 50.10 61.19
C GLU A 3396 52.24 50.87 62.07
N SER A 3397 51.05 50.31 62.33
CA SER A 3397 50.05 50.98 63.15
C SER A 3397 49.35 49.87 63.92
N TYR A 3398 49.70 49.74 65.20
CA TYR A 3398 49.16 48.67 66.04
C TYR A 3398 49.20 49.15 67.47
N SER A 3399 48.02 49.40 68.04
CA SER A 3399 47.89 49.88 69.41
C SER A 3399 47.20 48.79 70.22
N PHE A 3400 48.00 48.05 70.97
CA PHE A 3400 47.49 46.93 71.76
C PHE A 3400 46.87 47.47 73.05
N LYS A 3401 46.54 46.56 73.95
CA LYS A 3401 46.11 46.89 75.31
C LYS A 3401 47.06 46.21 76.29
N ASP A 3402 46.80 46.40 77.59
CA ASP A 3402 47.51 45.68 78.65
C ASP A 3402 46.56 44.87 79.51
N THR A 3403 45.34 44.61 79.02
CA THR A 3403 44.37 43.78 79.72
C THR A 3403 44.73 42.30 79.53
N SER A 3404 43.91 41.41 80.07
CA SER A 3404 44.15 39.98 79.91
C SER A 3404 44.18 39.60 78.44
N THR A 3405 43.29 40.19 77.64
CA THR A 3405 43.24 39.91 76.21
C THR A 3405 44.38 40.57 75.45
N GLY A 3406 45.01 41.60 76.00
CA GLY A 3406 46.03 42.36 75.30
C GLY A 3406 47.48 42.05 75.58
N HIS A 3407 47.79 41.01 76.35
CA HIS A 3407 49.19 40.65 76.56
C HIS A 3407 49.63 39.42 75.78
N LYS A 3408 48.71 38.56 75.40
CA LYS A 3408 49.04 37.49 74.48
C LYS A 3408 49.02 37.95 73.04
N ASN A 3409 48.30 39.04 72.73
CA ASN A 3409 48.30 39.58 71.39
C ASN A 3409 49.66 40.22 71.05
N LYS A 3410 50.26 40.91 72.01
CA LYS A 3410 51.60 41.47 71.78
C LYS A 3410 52.61 40.36 71.49
N GLU A 3411 52.64 39.34 72.34
CA GLU A 3411 53.57 38.23 72.14
C GLU A 3411 53.25 37.46 70.87
N PHE A 3412 51.98 37.36 70.50
CA PHE A 3412 51.58 36.69 69.27
C PHE A 3412 52.06 37.44 68.04
N VAL A 3413 51.86 38.75 68.00
CA VAL A 3413 52.33 39.54 66.88
C VAL A 3413 53.85 39.55 66.83
N ALA A 3414 54.51 39.51 67.99
CA ALA A 3414 55.96 39.41 68.00
C ALA A 3414 56.41 38.09 67.38
N ARG A 3415 55.78 36.99 67.77
CA ARG A 3415 56.13 35.70 67.19
C ARG A 3415 55.86 35.69 65.69
N ILE A 3416 54.79 36.36 65.24
CA ILE A 3416 54.48 36.37 63.81
C ILE A 3416 55.53 37.17 63.05
N LYS A 3417 55.95 38.31 63.61
CA LYS A 3417 56.98 39.11 62.96
C LYS A 3417 58.31 38.37 62.95
N SER A 3418 58.55 37.51 63.94
CA SER A 3418 59.80 36.76 64.01
C SER A 3418 59.80 35.59 63.03
N LYS A 3419 58.67 34.89 62.92
CA LYS A 3419 58.55 33.76 62.00
C LYS A 3419 58.38 34.19 60.54
N LEU A 3420 57.92 35.41 60.30
CA LEU A 3420 57.77 35.93 58.95
C LEU A 3420 59.11 36.46 58.45
N ASP A 3421 59.47 36.09 57.21
CA ASP A 3421 60.75 36.47 56.61
C ASP A 3421 61.92 35.97 57.48
N GLN A 3422 62.02 34.64 57.56
CA GLN A 3422 63.04 34.01 58.40
C GLN A 3422 64.44 34.47 58.01
N GLY A 3423 64.76 34.43 56.71
CA GLY A 3423 66.07 34.85 56.25
C GLY A 3423 66.33 36.33 56.34
N GLY A 3424 65.27 37.13 56.47
CA GLY A 3424 65.44 38.57 56.53
C GLY A 3424 65.82 39.17 55.20
N VAL A 3425 65.09 38.83 54.14
CA VAL A 3425 65.42 39.29 52.80
C VAL A 3425 64.30 40.19 52.30
N ILE A 3426 63.09 39.99 52.82
CA ILE A 3426 61.96 40.81 52.40
C ILE A 3426 62.16 42.25 52.85
N GLN A 3427 62.65 42.45 54.06
CA GLN A 3427 62.94 43.82 54.50
C GLN A 3427 64.11 44.41 53.74
N ASP A 3428 65.15 43.62 53.50
CA ASP A 3428 66.23 44.06 52.61
C ASP A 3428 65.69 44.42 51.24
N PHE A 3429 64.78 43.60 50.72
CA PHE A 3429 64.17 43.86 49.42
C PHE A 3429 63.38 45.16 49.40
N ILE A 3430 62.50 45.35 50.38
CA ILE A 3430 61.70 46.58 50.45
C ILE A 3430 62.59 47.80 50.58
N ASN A 3431 63.67 47.69 51.37
CA ASN A 3431 64.57 48.83 51.50
C ASN A 3431 65.31 49.10 50.20
N ALA A 3432 65.69 48.04 49.47
CA ALA A 3432 66.28 48.21 48.15
C ALA A 3432 65.31 48.92 47.20
N LEU A 3433 64.01 48.67 47.36
CA LEU A 3433 63.04 49.35 46.51
C LEU A 3433 62.80 50.80 46.94
N ASP A 3434 62.78 51.06 48.25
CA ASP A 3434 62.64 52.42 48.74
C ASP A 3434 63.85 53.26 48.40
N GLN A 3435 65.01 52.65 48.20
CA GLN A 3435 66.21 53.35 47.79
C GLN A 3435 66.25 53.60 46.29
N LEU A 3436 65.10 53.59 45.64
CA LEU A 3436 64.99 53.78 44.21
C LEU A 3436 64.28 55.07 43.84
N SER A 3437 63.16 55.36 44.50
CA SER A 3437 62.40 56.57 44.20
C SER A 3437 63.23 57.82 44.47
N ASN A 3438 62.92 58.88 43.73
CA ASN A 3438 63.65 60.13 43.85
C ASN A 3438 63.43 60.73 45.23
N PRO A 3439 64.50 61.06 45.97
CA PRO A 3439 64.32 61.68 47.28
C PRO A 3439 63.85 63.11 47.19
N GLU A 3440 63.99 63.75 46.02
CA GLU A 3440 63.58 65.13 45.86
C GLU A 3440 62.10 65.31 46.14
N LEU A 3441 61.29 64.33 45.76
CA LEU A 3441 59.85 64.38 45.96
C LEU A 3441 59.40 63.60 47.18
N LEU A 3442 60.33 63.07 47.97
CA LEU A 3442 60.04 62.63 49.33
C LEU A 3442 60.37 63.70 50.35
N PHE A 3443 61.34 64.56 50.06
CA PHE A 3443 61.60 65.70 50.92
C PHE A 3443 60.38 66.62 50.99
N LYS A 3444 59.70 66.82 49.85
CA LYS A 3444 58.44 67.55 49.84
C LYS A 3444 57.40 66.89 50.73
N ASP A 3445 57.29 65.56 50.65
CA ASP A 3445 56.28 64.85 51.42
C ASP A 3445 56.55 64.96 52.92
N TRP A 3446 57.82 64.81 53.32
CA TRP A 3446 58.15 64.94 54.73
C TRP A 3446 57.98 66.38 55.21
N SER A 3447 58.23 67.36 54.33
CA SER A 3447 58.01 68.74 54.70
C SER A 3447 56.54 69.02 54.96
N ASN A 3448 55.67 68.51 54.09
CA ASN A 3448 54.24 68.68 54.36
C ASN A 3448 53.83 67.89 55.60
N ASP A 3449 54.48 66.74 55.86
CA ASP A 3449 54.14 65.94 57.02
C ASP A 3449 54.43 66.70 58.32
N VAL A 3450 55.57 67.37 58.38
CA VAL A 3450 55.93 68.06 59.62
C VAL A 3450 55.25 69.43 59.69
N ARG A 3451 54.99 70.07 58.55
CA ARG A 3451 54.44 71.42 58.58
C ARG A 3451 52.94 71.45 58.77
N ALA A 3452 52.25 70.34 58.48
CA ALA A 3452 50.83 70.29 58.80
C ALA A 3452 50.58 69.85 60.24
N GLU A 3453 51.64 69.45 60.95
CA GLU A 3453 51.55 69.01 62.33
C GLU A 3453 52.07 70.03 63.32
N LEU A 3454 53.29 70.55 63.13
CA LEU A 3454 53.90 71.42 64.13
C LEU A 3454 53.34 72.83 64.15
N ALA A 3455 52.78 73.31 63.05
CA ALA A 3455 52.50 74.74 62.87
C ALA A 3455 51.01 75.07 62.96
N LYS A 3456 50.28 74.42 63.86
CA LYS A 3456 48.89 74.78 64.13
C LYS A 3456 48.68 75.31 65.55
N THR A 3457 49.17 74.60 66.56
CA THR A 3457 49.03 75.04 67.94
C THR A 3457 50.10 74.35 68.78
N PRO A 3458 50.78 75.06 69.70
CA PRO A 3458 51.84 74.41 70.46
C PRO A 3458 51.28 73.47 71.52
N VAL A 3459 50.35 72.62 71.11
CA VAL A 3459 49.75 71.61 71.98
C VAL A 3459 50.06 70.20 71.53
N ASN A 3460 50.57 70.01 70.31
CA ASN A 3460 50.86 68.69 69.76
C ASN A 3460 52.34 68.38 69.95
N LYS A 3461 52.64 67.37 70.76
CA LYS A 3461 54.00 67.06 71.19
C LYS A 3461 54.49 65.76 70.56
N LYS A 3462 55.78 65.73 70.25
CA LYS A 3462 56.56 64.55 69.86
C LYS A 3462 56.08 63.83 68.61
N ASN A 3463 55.04 64.34 67.93
CA ASN A 3463 54.75 63.81 66.60
C ASN A 3463 55.87 64.17 65.64
N ILE A 3464 56.39 65.39 65.74
CA ILE A 3464 57.58 65.76 64.99
C ILE A 3464 58.78 64.92 65.42
N GLU A 3465 58.87 64.57 66.70
CA GLU A 3465 59.97 63.73 67.16
C GLU A 3465 59.92 62.35 66.50
N LYS A 3466 58.71 61.77 66.42
CA LYS A 3466 58.58 60.47 65.78
C LYS A 3466 58.70 60.56 64.27
N MET A 3467 58.38 61.73 63.68
CA MET A 3467 58.39 61.88 62.24
C MET A 3467 59.73 62.34 61.68
N TYR A 3468 60.66 62.77 62.55
CA TYR A 3468 61.99 63.10 62.05
C TYR A 3468 62.82 61.88 61.74
N GLU A 3469 62.52 60.74 62.35
CA GLU A 3469 63.37 59.57 62.15
C GLU A 3469 63.16 58.96 60.78
N ARG A 3470 61.96 59.10 60.21
CA ARG A 3470 61.74 58.65 58.85
C ARG A 3470 62.60 59.46 57.88
N MET A 3471 62.79 60.75 58.17
CA MET A 3471 63.69 61.57 57.36
C MET A 3471 65.15 61.23 57.62
N TYR A 3472 65.49 60.92 58.88
CA TYR A 3472 66.89 60.69 59.23
C TYR A 3472 67.40 59.36 58.74
N ALA A 3473 66.54 58.34 58.67
CA ALA A 3473 66.99 57.03 58.23
C ALA A 3473 67.30 56.99 56.74
N ALA A 3474 66.78 57.95 55.97
CA ALA A 3474 67.07 58.02 54.55
C ALA A 3474 68.15 59.04 54.22
N LEU A 3475 68.12 60.19 54.88
CA LEU A 3475 69.14 61.21 54.73
C LEU A 3475 69.69 61.55 56.10
N GLY A 3476 70.98 61.89 56.14
CA GLY A 3476 71.55 62.44 57.35
C GLY A 3476 72.88 61.85 57.75
N ASP A 3477 73.05 60.54 57.64
CA ASP A 3477 74.37 59.96 57.82
C ASP A 3477 74.90 59.45 56.49
N PRO A 3478 76.22 59.27 56.35
CA PRO A 3478 76.73 58.65 55.12
C PRO A 3478 76.58 57.14 55.15
N LYS A 3479 76.61 56.58 56.36
CA LYS A 3479 76.42 55.15 56.54
C LYS A 3479 74.95 54.76 56.73
N ALA A 3480 74.08 55.71 57.04
CA ALA A 3480 72.65 55.40 57.19
C ALA A 3480 72.04 54.79 55.93
N PRO A 3481 72.15 55.40 54.74
CA PRO A 3481 71.58 54.72 53.55
C PRO A 3481 72.35 53.48 53.12
N GLY A 3482 73.67 53.45 53.38
CA GLY A 3482 74.44 52.27 53.04
C GLY A 3482 74.03 51.05 53.85
N LEU A 3483 73.67 51.26 55.13
CA LEU A 3483 73.04 50.19 55.90
C LEU A 3483 71.57 50.03 55.53
N GLY A 3484 70.94 51.07 55.01
CA GLY A 3484 69.56 50.98 54.59
C GLY A 3484 69.37 49.98 53.47
N ALA A 3485 69.88 50.28 52.28
CA ALA A 3485 69.87 49.31 51.20
C ALA A 3485 71.27 48.95 50.72
N PHE A 3486 72.02 49.91 50.20
CA PHE A 3486 73.37 49.68 49.68
C PHE A 3486 73.99 51.04 49.38
N ARG A 3487 75.13 51.02 48.68
CA ARG A 3487 75.74 52.26 48.19
C ARG A 3487 74.92 52.80 47.03
N ARG A 3488 73.72 53.30 47.34
CA ARG A 3488 72.84 53.89 46.33
C ARG A 3488 73.56 55.00 45.59
N LYS A 3489 73.64 54.90 44.26
CA LYS A 3489 74.32 55.93 43.48
C LYS A 3489 73.71 57.31 43.65
N PHE A 3490 72.56 57.41 44.32
CA PHE A 3490 71.92 58.69 44.55
C PHE A 3490 72.35 59.33 45.86
N ILE A 3491 72.83 58.54 46.83
CA ILE A 3491 73.24 59.11 48.10
C ILE A 3491 74.64 59.70 48.06
N GLN A 3492 75.49 59.27 47.12
CA GLN A 3492 76.80 59.89 47.02
C GLN A 3492 76.68 61.34 46.57
N THR A 3493 75.55 61.70 45.96
CA THR A 3493 75.27 63.07 45.56
C THR A 3493 74.15 63.69 46.39
N PHE A 3494 73.59 62.96 47.36
CA PHE A 3494 72.56 63.51 48.23
C PHE A 3494 73.03 63.57 49.68
N GLY A 3495 73.45 62.45 50.27
CA GLY A 3495 73.94 62.48 51.63
C GLY A 3495 75.27 63.19 51.77
N LYS A 3496 76.08 63.19 50.71
CA LYS A 3496 77.36 63.88 50.77
C LYS A 3496 77.19 65.37 50.54
N GLU A 3497 76.33 65.75 49.60
CA GLU A 3497 76.10 67.17 49.34
C GLU A 3497 75.21 67.80 50.41
N PHE A 3498 74.13 67.12 50.77
CA PHE A 3498 73.18 67.67 51.74
C PHE A 3498 73.56 67.23 53.17
N ASP A 3499 74.78 67.62 53.53
CA ASP A 3499 75.34 67.53 54.87
C ASP A 3499 75.79 68.89 55.38
N LYS A 3500 76.40 69.70 54.51
CA LYS A 3500 76.87 71.02 54.88
C LYS A 3500 75.72 72.01 55.05
N HIS A 3501 74.58 71.78 54.40
CA HIS A 3501 73.36 72.51 54.70
C HIS A 3501 72.39 71.71 55.57
N PHE A 3502 72.67 70.43 55.80
CA PHE A 3502 71.85 69.58 56.65
C PHE A 3502 72.42 69.42 58.05
N GLY A 3503 73.57 70.04 58.31
CA GLY A 3503 74.01 70.21 59.68
C GLY A 3503 73.04 71.04 60.52
N LYS A 3504 72.50 72.12 59.93
CA LYS A 3504 71.44 72.86 60.61
C LYS A 3504 70.16 72.04 60.75
N GLY A 3505 69.87 71.16 59.78
CA GLY A 3505 68.74 70.28 59.93
C GLY A 3505 68.95 69.47 61.20
N GLY A 3506 69.94 68.58 61.17
CA GLY A 3506 70.28 67.74 62.30
C GLY A 3506 70.58 68.45 63.60
N SER A 3507 70.86 69.76 63.57
CA SER A 3507 71.12 70.49 64.81
C SER A 3507 69.88 71.23 65.33
N LYS A 3508 69.38 72.22 64.57
CA LYS A 3508 68.26 73.02 65.03
C LYS A 3508 66.92 72.35 64.72
N LEU A 3509 66.77 71.81 63.50
CA LEU A 3509 65.50 71.22 63.11
C LEU A 3509 65.16 70.01 63.98
N LEU A 3510 66.16 69.23 64.43
CA LEU A 3510 65.89 68.16 65.40
C LEU A 3510 65.26 68.67 66.70
N ARG A 3511 65.43 69.92 67.04
CA ARG A 3511 64.75 70.46 68.21
C ARG A 3511 64.25 71.88 67.93
N MET A 3512 63.67 72.11 66.75
CA MET A 3512 63.33 73.48 66.40
C MET A 3512 62.13 73.96 67.20
N LYS A 3513 60.98 73.32 67.01
CA LYS A 3513 59.74 73.67 67.71
C LYS A 3513 59.52 75.18 67.70
N LEU A 3514 59.59 75.76 66.50
CA LEU A 3514 59.43 77.19 66.31
C LEU A 3514 58.09 77.55 65.69
N SER A 3515 57.67 76.82 64.65
CA SER A 3515 56.37 76.99 64.00
C SER A 3515 56.19 78.41 63.44
N ASP A 3516 57.30 79.10 63.18
CA ASP A 3516 57.30 80.47 62.69
C ASP A 3516 57.95 80.59 61.34
N PHE A 3517 59.01 79.83 61.09
CA PHE A 3517 59.78 79.96 59.87
C PHE A 3517 59.93 78.58 59.24
N ASN A 3518 59.43 78.46 58.01
CA ASN A 3518 59.65 77.28 57.20
C ASN A 3518 60.29 77.64 55.87
N ASP A 3519 60.48 78.93 55.61
CA ASP A 3519 61.24 79.37 54.46
C ASP A 3519 62.64 78.78 54.50
N ILE A 3520 63.13 78.43 55.69
CA ILE A 3520 64.46 77.83 55.83
C ILE A 3520 64.55 76.51 55.08
N THR A 3521 63.43 75.77 54.99
CA THR A 3521 63.43 74.53 54.22
C THR A 3521 63.18 74.79 52.75
N ASN A 3522 62.32 75.76 52.43
CA ASN A 3522 62.01 76.05 51.04
C ASN A 3522 63.24 76.53 50.28
N MET A 3523 64.09 77.31 50.96
CA MET A 3523 65.25 77.90 50.30
C MET A 3523 66.21 76.83 49.79
N LEU A 3524 66.29 75.70 50.48
CA LEU A 3524 67.13 74.61 50.04
C LEU A 3524 66.37 73.56 49.24
N LEU A 3525 65.05 73.47 49.40
CA LEU A 3525 64.26 72.62 48.51
C LEU A 3525 64.30 73.14 47.09
N LEU A 3526 64.42 74.46 46.92
CA LEU A 3526 64.48 75.03 45.58
C LEU A 3526 65.84 74.86 44.94
N LYS A 3527 66.92 74.73 45.72
CA LYS A 3527 68.21 74.39 45.15
C LYS A 3527 68.42 72.87 45.07
N MET A 3528 67.55 72.08 45.71
CA MET A 3528 67.57 70.64 45.65
C MET A 3528 67.08 70.08 44.31
N ASN A 3529 66.41 70.90 43.50
CA ASN A 3529 65.86 70.45 42.22
C ASN A 3529 66.61 70.98 41.02
N LYS A 3530 67.58 71.86 41.21
CA LYS A 3530 68.38 72.39 40.11
C LYS A 3530 69.70 71.67 39.93
N ASP A 3531 70.14 70.92 40.94
CA ASP A 3531 71.37 70.15 40.85
C ASP A 3531 71.15 68.65 40.75
N SER A 3532 69.93 68.16 40.97
CA SER A 3532 69.68 66.73 40.94
C SER A 3532 69.56 66.22 39.51
N LYS A 3533 70.42 65.25 39.16
CA LYS A 3533 70.28 64.46 37.93
C LYS A 3533 69.50 63.20 38.29
N PRO A 3534 68.21 63.15 37.96
CA PRO A 3534 67.39 61.99 38.36
C PRO A 3534 67.92 60.67 37.84
N PRO A 3535 68.25 60.53 36.55
CA PRO A 3535 68.56 59.19 36.05
C PRO A 3535 69.97 58.73 36.44
N GLY A 3536 70.05 57.53 36.98
CA GLY A 3536 71.29 56.80 37.01
C GLY A 3536 71.25 55.93 35.77
N ASN A 3537 70.03 55.73 35.25
CA ASN A 3537 69.77 55.15 33.94
C ASN A 3537 70.23 53.70 33.87
N LEU A 3538 70.73 53.18 34.98
CA LEU A 3538 71.22 51.82 35.08
C LEU A 3538 70.64 51.21 36.33
N LYS A 3539 70.56 49.87 36.35
CA LYS A 3539 70.17 49.22 37.60
C LYS A 3539 71.16 49.48 38.71
N GLU A 3540 72.27 50.16 38.43
CA GLU A 3540 73.25 50.56 39.43
C GLU A 3540 72.71 51.57 40.42
N CYS A 3541 71.49 52.10 40.20
CA CYS A 3541 70.89 52.99 41.18
C CYS A 3541 70.57 52.26 42.47
N SER A 3542 70.17 50.99 42.38
CA SER A 3542 70.00 50.12 43.54
C SER A 3542 70.78 48.83 43.30
N PRO A 3543 72.01 48.75 43.81
CA PRO A 3543 72.87 47.59 43.46
C PRO A 3543 72.29 46.26 43.88
N TRP A 3544 71.56 46.20 45.00
CA TRP A 3544 70.96 44.94 45.43
C TRP A 3544 70.03 44.38 44.37
N MET A 3545 69.56 45.21 43.45
CA MET A 3545 68.83 44.72 42.29
C MET A 3545 69.74 44.42 41.11
N SER A 3546 70.93 45.02 41.06
CA SER A 3546 71.82 44.73 39.94
C SER A 3546 72.31 43.29 39.95
N ASP A 3547 72.75 42.81 41.12
CA ASP A 3547 73.37 41.48 41.24
C ASP A 3547 72.71 40.73 42.39
N PHE A 3548 71.51 40.21 42.17
CA PHE A 3548 70.83 39.37 43.15
C PHE A 3548 70.77 37.91 42.71
N LYS A 3549 71.60 37.52 41.73
CA LYS A 3549 71.58 36.20 41.08
C LYS A 3549 71.16 35.08 42.00
N VAL A 3550 70.20 34.26 41.55
CA VAL A 3550 69.59 33.23 42.39
C VAL A 3550 70.63 32.29 42.98
N GLU A 3551 70.75 32.31 44.31
CA GLU A 3551 71.68 31.50 45.07
C GLU A 3551 70.96 30.20 45.44
N PHE A 3552 71.51 29.44 46.38
CA PHE A 3552 70.73 28.35 46.95
C PHE A 3552 69.44 28.95 47.49
N LEU A 3553 68.37 28.16 47.46
CA LEU A 3553 67.03 28.73 47.65
C LEU A 3553 66.85 29.10 49.12
N ARG A 3554 67.47 30.22 49.49
CA ARG A 3554 67.40 30.80 50.82
C ARG A 3554 65.97 31.27 51.14
N ASN A 3555 65.52 32.27 50.42
CA ASN A 3555 64.22 32.92 50.60
C ASN A 3555 63.84 33.43 49.21
N GLU A 3556 63.24 32.56 48.40
CA GLU A 3556 62.88 32.90 47.04
C GLU A 3556 61.96 34.12 46.99
N LEU A 3557 62.13 34.92 45.94
CA LEU A 3557 61.53 36.25 45.84
C LEU A 3557 60.26 36.15 45.00
N GLU A 3558 59.12 36.06 45.66
CA GLU A 3558 57.82 35.95 45.00
C GLU A 3558 57.27 37.33 44.69
N ILE A 3559 57.60 37.83 43.50
CA ILE A 3559 57.00 39.07 42.97
C ILE A 3559 55.51 39.07 43.30
N PRO A 3560 55.00 40.10 43.98
CA PRO A 3560 53.59 40.09 44.41
C PRO A 3560 52.64 40.48 43.29
N GLY A 3561 51.35 40.42 43.60
CA GLY A 3561 50.30 40.62 42.65
C GLY A 3561 49.48 39.38 42.32
N GLN A 3562 49.51 38.36 43.18
CA GLN A 3562 48.79 37.12 42.92
C GLN A 3562 47.90 36.79 44.11
N TYR A 3563 47.39 35.55 44.16
CA TYR A 3563 46.62 35.07 45.30
C TYR A 3563 45.32 35.86 45.46
N ASP A 3564 44.56 35.94 44.38
CA ASP A 3564 43.30 36.69 44.42
C ASP A 3564 42.14 35.81 44.90
N GLY A 3565 42.37 35.10 46.01
CA GLY A 3565 41.40 34.11 46.45
C GLY A 3565 41.05 33.19 45.30
N ARG A 3566 39.76 33.08 45.01
CA ARG A 3566 39.23 32.49 43.78
C ARG A 3566 39.78 31.09 43.56
N GLY A 3567 39.36 30.18 44.44
CA GLY A 3567 39.74 28.79 44.31
C GLY A 3567 41.07 28.44 44.93
N LYS A 3568 41.73 27.44 44.41
CA LYS A 3568 42.91 26.96 45.09
C LYS A 3568 44.15 27.71 44.63
N PRO A 3569 45.10 27.92 45.54
CA PRO A 3569 46.35 28.58 45.14
C PRO A 3569 47.31 27.58 44.54
N LEU A 3570 48.19 28.09 43.68
CA LEU A 3570 49.16 27.26 42.96
C LEU A 3570 50.54 27.88 43.17
N PRO A 3571 51.24 27.49 44.24
CA PRO A 3571 52.51 28.18 44.56
C PRO A 3571 53.69 27.74 43.72
N GLU A 3572 53.77 26.45 43.37
CA GLU A 3572 54.89 25.98 42.55
C GLU A 3572 54.79 26.48 41.11
N TYR A 3573 53.60 26.89 40.66
CA TYR A 3573 53.43 27.45 39.34
C TYR A 3573 53.42 28.98 39.32
N HIS A 3574 53.58 29.64 40.47
CA HIS A 3574 53.51 31.10 40.50
C HIS A 3574 54.87 31.71 40.15
N VAL A 3575 54.82 32.97 39.72
CA VAL A 3575 55.95 33.65 39.10
C VAL A 3575 56.97 34.06 40.15
N ARG A 3576 58.23 33.65 39.96
CA ARG A 3576 59.35 34.13 40.75
C ARG A 3576 60.13 35.15 39.93
N ILE A 3577 60.51 36.26 40.58
CA ILE A 3577 61.31 37.27 39.89
C ILE A 3577 62.77 36.82 39.92
N ALA A 3578 63.38 36.72 38.75
CA ALA A 3578 64.72 36.15 38.62
C ALA A 3578 65.74 37.09 37.99
N GLY A 3579 65.31 38.26 37.52
CA GLY A 3579 66.32 39.20 37.04
C GLY A 3579 65.74 40.58 36.85
N PHE A 3580 66.64 41.53 36.63
CA PHE A 3580 66.28 42.91 36.35
C PHE A 3580 66.98 43.33 35.07
N ASP A 3581 66.41 44.34 34.40
CA ASP A 3581 67.00 44.89 33.20
C ASP A 3581 67.81 46.10 33.61
N GLU A 3582 68.94 46.33 32.93
CA GLU A 3582 69.81 47.42 33.32
C GLU A 3582 69.31 48.73 32.75
N ARG A 3583 68.03 49.01 32.94
CA ARG A 3583 67.40 50.22 32.42
C ARG A 3583 66.25 50.60 33.34
N VAL A 3584 66.24 51.85 33.76
CA VAL A 3584 65.14 52.43 34.51
C VAL A 3584 64.66 53.63 33.72
N THR A 3585 63.35 53.90 33.75
CA THR A 3585 62.87 55.02 32.96
C THR A 3585 61.89 55.86 33.78
N VAL A 3586 62.09 57.17 33.80
CA VAL A 3586 61.24 58.06 34.57
C VAL A 3586 60.04 58.47 33.74
N MET A 3587 58.89 58.58 34.38
CA MET A 3587 57.64 58.98 33.73
C MET A 3587 57.42 60.48 33.86
N ALA A 3588 56.56 60.98 32.98
CA ALA A 3588 56.16 62.39 33.03
C ALA A 3588 55.00 62.48 34.00
N SER A 3589 55.32 62.70 35.28
CA SER A 3589 54.33 62.91 36.31
C SER A 3589 54.90 63.91 37.31
N LEU A 3590 54.22 64.10 38.43
CA LEU A 3590 54.78 64.93 39.49
C LEU A 3590 55.58 64.11 40.50
N ARG A 3591 55.21 62.85 40.71
CA ARG A 3591 55.96 61.97 41.60
C ARG A 3591 57.15 61.32 40.91
N ARG A 3592 57.39 61.66 39.65
CA ARG A 3592 58.35 61.03 38.76
C ARG A 3592 58.44 59.52 39.00
N PRO A 3593 57.34 58.77 38.92
CA PRO A 3593 57.43 57.33 39.15
C PRO A 3593 58.33 56.66 38.12
N LYS A 3594 58.84 55.50 38.48
CA LYS A 3594 59.86 54.83 37.69
C LYS A 3594 59.30 53.56 37.06
N ARG A 3595 59.69 53.32 35.81
CA ARG A 3595 59.27 52.19 35.01
C ARG A 3595 60.42 51.20 34.97
N ILE A 3596 60.15 49.99 35.44
CA ILE A 3596 61.13 48.91 35.60
C ILE A 3596 60.71 47.74 34.72
N ILE A 3597 61.72 46.96 34.32
CA ILE A 3597 61.62 45.96 33.26
C ILE A 3597 62.06 44.59 33.78
N ILE A 3598 61.48 44.14 34.89
CA ILE A 3598 62.02 42.95 35.54
C ILE A 3598 61.70 41.71 34.71
N ARG A 3599 62.48 40.64 34.94
CA ARG A 3599 62.41 39.41 34.17
C ARG A 3599 62.05 38.26 35.09
N GLY A 3600 60.95 37.55 34.75
CA GLY A 3600 60.54 36.41 35.52
C GLY A 3600 61.13 35.13 34.97
N HIS A 3601 61.21 34.12 35.85
CA HIS A 3601 61.90 32.87 35.54
C HIS A 3601 61.25 32.10 34.40
N ASP A 3602 60.19 32.64 33.81
CA ASP A 3602 59.49 31.97 32.71
C ASP A 3602 60.08 32.33 31.36
N GLU A 3603 61.37 32.65 31.31
CA GLU A 3603 62.04 33.09 30.10
C GLU A 3603 61.33 34.29 29.46
N ARG A 3604 60.64 35.08 30.28
CA ARG A 3604 59.86 36.20 29.79
C ARG A 3604 60.02 37.37 30.74
N GLU A 3605 59.74 38.57 30.24
CA GLU A 3605 59.98 39.81 30.96
C GLU A 3605 58.68 40.59 31.15
N HIS A 3606 58.53 41.16 32.35
CA HIS A 3606 57.34 41.85 32.81
C HIS A 3606 57.69 43.27 33.24
N PRO A 3607 56.99 44.29 32.74
CA PRO A 3607 57.23 45.66 33.17
C PRO A 3607 56.30 46.05 34.31
N PHE A 3608 56.79 46.96 35.14
CA PHE A 3608 56.05 47.43 36.30
C PHE A 3608 56.41 48.88 36.61
N LEU A 3609 55.64 49.46 37.53
CA LEU A 3609 55.76 50.86 37.91
C LEU A 3609 56.04 50.93 39.40
N VAL A 3610 57.18 51.52 39.76
CA VAL A 3610 57.52 51.85 41.13
C VAL A 3610 57.08 53.29 41.39
N LYS A 3611 55.98 53.43 42.12
CA LYS A 3611 55.56 54.71 42.69
C LYS A 3611 56.09 54.75 44.11
N GLY A 3612 57.17 55.52 44.32
CA GLY A 3612 57.70 55.72 45.65
C GLY A 3612 57.06 56.93 46.31
N GLY A 3613 56.61 56.74 47.55
CA GLY A 3613 56.02 57.81 48.32
C GLY A 3613 54.53 57.95 48.16
N GLU A 3614 53.80 56.83 48.14
CA GLU A 3614 52.35 56.86 47.99
C GLU A 3614 51.76 55.59 48.60
N ASP A 3615 50.75 55.76 49.46
CA ASP A 3615 49.99 54.63 50.02
C ASP A 3615 48.86 54.28 49.04
N LEU A 3616 49.08 53.23 48.25
CA LEU A 3616 48.16 52.85 47.19
C LEU A 3616 47.04 51.93 47.69
N ARG A 3617 46.76 51.93 48.99
CA ARG A 3617 45.71 51.05 49.51
C ARG A 3617 44.33 51.43 48.99
N GLN A 3618 44.08 52.73 48.80
CA GLN A 3618 42.83 53.13 48.18
C GLN A 3618 42.78 52.62 46.74
N ASP A 3619 43.92 52.63 46.05
CA ASP A 3619 43.97 52.06 44.71
C ASP A 3619 43.76 50.56 44.72
N GLN A 3620 44.26 49.86 45.75
CA GLN A 3620 44.01 48.42 45.83
C GLN A 3620 42.52 48.13 46.02
N ARG A 3621 41.87 48.89 46.89
CA ARG A 3621 40.43 48.69 47.08
C ARG A 3621 39.63 49.02 45.82
N VAL A 3622 40.01 50.08 45.11
CA VAL A 3622 39.24 50.45 43.91
C VAL A 3622 39.53 49.50 42.76
N GLU A 3623 40.72 48.91 42.72
CA GLU A 3623 40.98 47.93 41.67
C GLU A 3623 40.25 46.62 41.97
N GLN A 3624 40.18 46.21 43.24
CA GLN A 3624 39.35 45.06 43.59
C GLN A 3624 37.88 45.36 43.31
N LEU A 3625 37.44 46.60 43.51
CA LEU A 3625 36.09 46.99 43.16
C LEU A 3625 35.86 46.93 41.65
N PHE A 3626 36.87 47.27 40.86
CA PHE A 3626 36.78 47.06 39.42
C PHE A 3626 36.70 45.58 39.06
N GLN A 3627 37.47 44.74 39.75
CA GLN A 3627 37.38 43.31 39.53
C GLN A 3627 35.98 42.78 39.79
N VAL A 3628 35.39 43.16 40.93
CA VAL A 3628 34.04 42.69 41.21
C VAL A 3628 33.04 43.34 40.26
N MET A 3629 33.33 44.56 39.80
CA MET A 3629 32.44 45.26 38.89
C MET A 3629 32.34 44.52 37.56
N ASN A 3630 33.47 44.29 36.91
CA ASN A 3630 33.41 43.55 35.66
C ASN A 3630 33.16 42.06 35.89
N GLY A 3631 33.35 41.55 37.11
CA GLY A 3631 32.93 40.19 37.39
C GLY A 3631 31.42 40.03 37.39
N ILE A 3632 30.71 41.02 37.93
CA ILE A 3632 29.26 41.02 37.81
C ILE A 3632 28.87 41.38 36.39
N LEU A 3633 29.70 42.16 35.69
CA LEU A 3633 29.40 42.56 34.32
C LEU A 3633 29.46 41.38 33.35
N ALA A 3634 30.43 40.49 33.54
CA ALA A 3634 30.55 39.30 32.70
C ALA A 3634 29.48 38.27 33.02
N GLN A 3635 28.69 38.50 34.07
CA GLN A 3635 27.57 37.63 34.43
C GLN A 3635 26.29 38.04 33.74
N ASP A 3636 26.29 39.15 32.99
CA ASP A 3636 25.12 39.61 32.27
C ASP A 3636 25.10 39.08 30.84
N SER A 3637 23.89 38.81 30.35
CA SER A 3637 23.70 38.33 28.99
C SER A 3637 23.84 39.47 27.98
N ALA A 3638 23.14 40.58 28.22
CA ALA A 3638 23.17 41.70 27.29
C ALA A 3638 24.48 42.47 27.31
N CYS A 3639 25.41 42.08 28.18
CA CYS A 3639 26.73 42.69 28.27
C CYS A 3639 27.83 41.77 27.74
N SER A 3640 27.88 40.52 28.22
CA SER A 3640 28.87 39.58 27.73
C SER A 3640 28.72 39.28 26.25
N GLN A 3641 27.52 39.47 25.70
CA GLN A 3641 27.33 39.26 24.27
C GLN A 3641 27.93 40.41 23.45
N ARG A 3642 27.92 41.63 23.99
CA ARG A 3642 28.56 42.77 23.35
C ARG A 3642 30.03 42.91 23.75
N ALA A 3643 30.57 41.96 24.52
CA ALA A 3643 31.95 41.96 24.97
C ALA A 3643 32.24 43.15 25.89
N LEU A 3644 31.39 43.32 26.90
CA LEU A 3644 31.51 44.42 27.85
C LEU A 3644 32.33 43.92 29.04
N GLN A 3645 33.52 44.48 29.22
CA GLN A 3645 34.40 44.11 30.31
C GLN A 3645 35.34 45.26 30.57
N LEU A 3646 35.47 45.65 31.84
CA LEU A 3646 36.49 46.61 32.23
C LEU A 3646 37.88 46.01 32.07
N ARG A 3647 38.87 46.87 31.87
CA ARG A 3647 40.27 46.46 31.83
C ARG A 3647 40.89 46.71 33.20
N THR A 3648 41.18 45.64 33.92
CA THR A 3648 41.79 45.72 35.24
C THR A 3648 43.30 45.57 35.14
N TYR A 3649 43.95 45.76 36.28
CA TYR A 3649 45.37 45.50 36.46
C TYR A 3649 45.62 45.29 37.94
N SER A 3650 46.88 45.29 38.35
CA SER A 3650 47.25 44.96 39.71
C SER A 3650 47.96 46.14 40.37
N VAL A 3651 47.51 46.49 41.57
CA VAL A 3651 48.16 47.49 42.40
C VAL A 3651 48.44 46.83 43.75
N VAL A 3652 49.72 46.68 44.08
CA VAL A 3652 50.10 46.05 45.35
C VAL A 3652 51.04 46.99 46.08
N PRO A 3653 50.59 47.61 47.17
CA PRO A 3653 51.48 48.48 47.96
C PRO A 3653 52.27 47.68 48.99
N MET A 3654 53.59 47.68 48.87
CA MET A 3654 54.40 46.78 49.69
C MET A 3654 54.44 47.25 51.14
N THR A 3655 54.98 48.44 51.36
CA THR A 3655 54.78 49.14 52.61
C THR A 3655 53.93 50.37 52.35
N SER A 3656 53.51 51.03 53.42
CA SER A 3656 52.93 52.35 53.26
C SER A 3656 53.95 53.25 52.57
N ARG A 3657 53.45 54.15 51.72
CA ARG A 3657 54.25 55.11 50.95
C ARG A 3657 55.27 54.42 50.04
N LEU A 3658 55.07 53.14 49.72
CA LEU A 3658 55.81 52.51 48.61
C LEU A 3658 54.96 51.40 48.02
N GLY A 3659 54.57 51.54 46.75
CA GLY A 3659 53.70 50.56 46.13
C GLY A 3659 54.19 50.13 44.76
N LEU A 3660 53.38 49.32 44.07
CA LEU A 3660 53.78 48.80 42.77
C LEU A 3660 52.55 48.67 41.89
N ILE A 3661 52.65 49.15 40.64
CA ILE A 3661 51.55 49.15 39.70
C ILE A 3661 51.93 48.30 38.50
N GLU A 3662 50.97 47.56 37.96
CA GLU A 3662 51.19 46.91 36.68
C GLU A 3662 51.40 47.98 35.61
N TRP A 3663 51.98 47.58 34.48
CA TRP A 3663 52.21 48.51 33.39
C TRP A 3663 51.89 47.80 32.09
N LEU A 3664 50.82 48.24 31.43
CA LEU A 3664 50.44 47.65 30.14
C LEU A 3664 51.32 48.22 29.05
N GLU A 3665 51.78 47.34 28.16
CA GLU A 3665 52.75 47.75 27.15
C GLU A 3665 52.04 48.44 26.00
N ASN A 3666 52.77 49.36 25.35
CA ASN A 3666 52.29 50.07 24.17
C ASN A 3666 51.04 50.91 24.48
N THR A 3667 50.92 51.38 25.72
CA THR A 3667 49.79 52.19 26.16
C THR A 3667 50.26 53.61 26.43
N VAL A 3668 49.66 54.57 25.72
CA VAL A 3668 50.09 55.98 25.78
C VAL A 3668 49.00 56.83 26.40
N THR A 3669 49.41 57.90 27.08
CA THR A 3669 48.48 58.86 27.66
C THR A 3669 47.67 59.55 26.56
N LEU A 3670 46.37 59.74 26.82
CA LEU A 3670 45.46 60.33 25.86
C LEU A 3670 45.93 61.71 25.41
N LYS A 3671 46.39 62.53 26.37
CA LYS A 3671 46.87 63.87 26.04
C LYS A 3671 48.01 63.82 25.03
N ASP A 3672 49.02 63.00 25.30
CA ASP A 3672 50.14 62.89 24.37
C ASP A 3672 49.70 62.35 23.02
N LEU A 3673 48.71 61.45 23.01
CA LEU A 3673 48.18 60.92 21.75
C LEU A 3673 47.58 62.05 20.92
N LEU A 3674 46.68 62.84 21.51
CA LEU A 3674 46.11 63.96 20.79
C LEU A 3674 47.18 64.97 20.40
N LEU A 3675 48.25 65.10 21.22
CA LEU A 3675 49.31 66.04 20.91
C LEU A 3675 50.07 65.65 19.65
N ASN A 3676 50.49 64.39 19.57
CA ASN A 3676 51.31 63.94 18.44
C ASN A 3676 50.52 63.78 17.15
N THR A 3677 49.20 63.89 17.18
CA THR A 3677 48.43 63.79 15.94
C THR A 3677 48.57 65.06 15.09
N MET A 3678 48.80 66.19 15.74
CA MET A 3678 48.92 67.46 15.05
C MET A 3678 50.22 67.53 14.24
N SER A 3679 50.33 68.57 13.43
CA SER A 3679 51.54 68.84 12.69
C SER A 3679 52.50 69.65 13.57
N GLN A 3680 53.67 69.98 13.01
CA GLN A 3680 54.69 70.68 13.77
C GLN A 3680 54.31 72.13 14.07
N GLU A 3681 53.27 72.65 13.42
CA GLU A 3681 52.90 74.06 13.55
C GLU A 3681 51.72 74.29 14.50
N GLU A 3682 50.62 73.55 14.32
CA GLU A 3682 49.46 73.77 15.18
C GLU A 3682 49.70 73.33 16.61
N LYS A 3683 50.70 72.49 16.87
CA LYS A 3683 51.07 72.19 18.26
C LYS A 3683 51.49 73.46 18.99
N ALA A 3684 52.53 74.14 18.48
CA ALA A 3684 52.98 75.39 19.10
C ALA A 3684 51.92 76.47 18.99
N ALA A 3685 51.03 76.39 17.99
CA ALA A 3685 49.92 77.33 17.92
C ALA A 3685 48.92 77.11 19.04
N TYR A 3686 48.77 75.87 19.50
CA TYR A 3686 47.88 75.59 20.61
C TYR A 3686 48.53 75.92 21.95
N LEU A 3687 49.84 75.70 22.07
CA LEU A 3687 50.46 75.88 23.39
C LEU A 3687 50.76 77.35 23.68
N SER A 3688 51.43 78.06 22.77
CA SER A 3688 51.93 79.40 23.03
C SER A 3688 51.26 80.44 22.12
N ASP A 3689 50.12 80.98 22.59
CA ASP A 3689 49.39 82.02 21.87
C ASP A 3689 48.30 82.60 22.77
N PRO A 3690 47.94 83.88 22.59
CA PRO A 3690 46.84 84.42 23.41
C PRO A 3690 45.49 83.83 23.06
N ARG A 3691 45.20 83.64 21.78
CA ARG A 3691 43.93 83.05 21.37
C ARG A 3691 43.82 81.57 21.70
N ALA A 3692 44.83 80.99 22.37
CA ALA A 3692 44.78 79.59 22.77
C ALA A 3692 43.84 79.39 23.96
N PRO A 3693 43.12 78.27 24.00
CA PRO A 3693 42.10 78.06 25.05
C PRO A 3693 42.62 78.19 26.47
N PRO A 3694 43.88 77.76 26.79
CA PRO A 3694 44.37 78.00 28.16
C PRO A 3694 44.45 79.48 28.55
N CYS A 3695 45.25 80.24 27.80
CA CYS A 3695 45.40 81.66 28.10
C CYS A 3695 44.11 82.41 27.87
N GLU A 3696 43.34 82.01 26.86
CA GLU A 3696 42.05 82.65 26.63
C GLU A 3696 41.08 82.39 27.79
N TYR A 3697 41.12 81.18 28.34
CA TYR A 3697 40.27 80.86 29.48
C TYR A 3697 40.67 81.69 30.69
N LYS A 3698 41.97 81.88 30.90
CA LYS A 3698 42.40 82.72 32.01
C LYS A 3698 41.98 84.18 31.79
N ASP A 3699 42.13 84.69 30.56
CA ASP A 3699 41.69 86.06 30.28
C ASP A 3699 40.19 86.21 30.49
N TRP A 3700 39.41 85.21 30.08
CA TRP A 3700 37.97 85.26 30.24
C TRP A 3700 37.56 85.22 31.70
N LEU A 3701 38.21 84.37 32.50
CA LEU A 3701 37.86 84.30 33.91
C LEU A 3701 38.32 85.54 34.69
N THR A 3702 39.39 86.20 34.23
CA THR A 3702 39.78 87.45 34.88
C THR A 3702 38.84 88.58 34.50
N LYS A 3703 38.42 88.63 33.24
CA LYS A 3703 37.47 89.65 32.82
C LYS A 3703 36.12 89.43 33.49
N MET A 3704 35.77 88.19 33.77
CA MET A 3704 34.49 87.88 34.38
C MET A 3704 34.50 87.94 35.90
N SER A 3705 35.67 87.93 36.53
CA SER A 3705 35.75 87.98 37.98
C SER A 3705 36.52 89.20 38.49
N GLY A 3706 37.70 89.47 37.95
CA GLY A 3706 38.56 90.49 38.50
C GLY A 3706 39.77 89.83 39.11
N LYS A 3707 39.54 88.67 39.71
CA LYS A 3707 40.62 87.83 40.24
C LYS A 3707 41.27 87.04 39.12
N HIS A 3708 42.56 86.73 39.29
CA HIS A 3708 43.35 86.07 38.27
C HIS A 3708 43.98 84.77 38.78
N ASP A 3709 43.25 84.03 39.61
CA ASP A 3709 43.76 82.77 40.14
C ASP A 3709 42.58 81.92 40.59
N VAL A 3710 42.88 80.87 41.36
CA VAL A 3710 41.83 80.10 41.99
C VAL A 3710 41.02 81.02 42.89
N GLY A 3711 39.71 80.85 42.87
CA GLY A 3711 38.78 81.75 43.52
C GLY A 3711 38.03 82.63 42.55
N ALA A 3712 38.64 82.92 41.39
CA ALA A 3712 37.95 83.64 40.33
C ALA A 3712 36.71 82.88 39.87
N TYR A 3713 36.64 81.57 40.14
CA TYR A 3713 35.45 80.80 39.78
C TYR A 3713 34.28 81.17 40.68
N MET A 3714 34.53 81.30 41.99
CA MET A 3714 33.49 81.68 42.94
C MET A 3714 32.89 83.05 42.65
N LEU A 3715 33.47 83.80 41.71
CA LEU A 3715 32.94 85.07 41.25
C LEU A 3715 32.39 85.00 39.84
N MET A 3716 33.01 84.19 38.98
CA MET A 3716 32.49 83.97 37.65
C MET A 3716 31.16 83.24 37.69
N TYR A 3717 30.87 82.51 38.78
CA TYR A 3717 29.59 81.84 38.90
C TYR A 3717 28.45 82.84 38.99
N LYS A 3718 28.63 83.92 39.76
CA LYS A 3718 27.64 84.98 39.82
C LYS A 3718 27.91 86.10 38.83
N GLY A 3719 29.12 86.18 38.29
CA GLY A 3719 29.50 87.19 37.34
C GLY A 3719 29.32 86.82 35.88
N ALA A 3720 28.72 85.67 35.59
CA ALA A 3720 28.47 85.29 34.20
C ALA A 3720 27.15 84.53 34.11
N ASN A 3721 26.48 84.69 32.97
CA ASN A 3721 25.18 84.08 32.73
C ASN A 3721 25.31 83.04 31.62
N ARG A 3722 24.18 82.41 31.28
CA ARG A 3722 24.21 81.28 30.35
C ARG A 3722 24.58 81.72 28.94
N THR A 3723 23.89 82.72 28.41
CA THR A 3723 24.05 83.03 26.99
C THR A 3723 25.42 83.60 26.66
N GLU A 3724 26.11 84.21 27.63
CA GLU A 3724 27.48 84.66 27.37
C GLU A 3724 28.50 83.54 27.52
N THR A 3725 28.36 82.73 28.56
CA THR A 3725 29.31 81.63 28.78
C THR A 3725 29.24 80.58 27.68
N VAL A 3726 28.04 80.30 27.17
CA VAL A 3726 27.92 79.36 26.06
C VAL A 3726 28.66 79.89 24.84
N THR A 3727 28.47 81.18 24.54
CA THR A 3727 29.18 81.81 23.42
C THR A 3727 30.69 81.73 23.62
N SER A 3728 31.15 82.02 24.84
CA SER A 3728 32.58 81.98 25.12
C SER A 3728 33.15 80.56 24.95
N PHE A 3729 32.41 79.55 25.42
CA PHE A 3729 32.87 78.18 25.32
C PHE A 3729 32.91 77.71 23.86
N ARG A 3730 31.89 78.05 23.07
CA ARG A 3730 31.93 77.70 21.66
C ARG A 3730 33.11 78.38 20.94
N LYS A 3731 33.34 79.67 21.24
CA LYS A 3731 34.42 80.39 20.59
C LYS A 3731 35.80 79.86 20.98
N ARG A 3732 35.94 79.28 22.19
CA ARG A 3732 37.23 78.72 22.55
C ARG A 3732 37.39 77.25 22.17
N GLU A 3733 36.29 76.53 21.94
CA GLU A 3733 36.40 75.12 21.57
C GLU A 3733 36.39 74.89 20.07
N SER A 3734 35.86 75.82 19.27
CA SER A 3734 35.90 75.65 17.83
C SER A 3734 37.24 76.04 17.23
N LYS A 3735 38.25 76.32 18.07
CA LYS A 3735 39.58 76.65 17.62
C LYS A 3735 40.52 75.46 17.59
N VAL A 3736 40.13 74.33 18.16
CA VAL A 3736 40.96 73.13 18.15
C VAL A 3736 40.64 72.34 16.88
N PRO A 3737 41.58 71.60 16.32
CA PRO A 3737 41.26 70.82 15.11
C PRO A 3737 40.18 69.79 15.41
N ALA A 3738 39.11 69.84 14.61
CA ALA A 3738 37.99 68.93 14.81
C ALA A 3738 38.40 67.49 14.52
N ASP A 3739 38.90 67.24 13.31
CA ASP A 3739 39.33 65.91 12.89
C ASP A 3739 40.70 65.61 13.49
N LEU A 3740 40.73 65.50 14.82
CA LEU A 3740 41.93 65.15 15.55
C LEU A 3740 41.99 63.67 15.90
N LEU A 3741 40.96 63.16 16.57
CA LEU A 3741 40.90 61.72 16.85
C LEU A 3741 40.73 60.93 15.56
N LYS A 3742 39.94 61.45 14.62
CA LYS A 3742 39.79 60.81 13.32
C LYS A 3742 41.12 60.73 12.59
N ARG A 3743 41.89 61.83 12.60
CA ARG A 3743 43.21 61.82 11.98
C ARG A 3743 44.14 60.86 12.70
N ALA A 3744 44.04 60.79 14.03
CA ALA A 3744 44.84 59.84 14.78
C ALA A 3744 44.56 58.41 14.32
N PHE A 3745 43.29 58.05 14.20
CA PHE A 3745 42.96 56.68 13.78
C PHE A 3745 43.38 56.43 12.33
N VAL A 3746 43.12 57.38 11.44
CA VAL A 3746 43.35 57.12 10.02
C VAL A 3746 44.82 57.20 9.65
N ARG A 3747 45.63 57.97 10.39
CA ARG A 3747 47.07 57.99 10.15
C ARG A 3747 47.69 56.62 10.41
N MET A 3748 47.01 55.78 11.20
CA MET A 3748 47.46 54.43 11.54
C MET A 3748 46.30 53.44 11.36
N SER A 3749 45.58 53.56 10.24
CA SER A 3749 44.43 52.71 9.97
C SER A 3749 44.73 51.58 8.99
N THR A 3750 45.33 51.92 7.85
CA THR A 3750 45.75 50.96 6.83
C THR A 3750 44.55 50.25 6.20
N SER A 3751 43.36 50.49 6.74
CA SER A 3751 42.14 49.86 6.25
C SER A 3751 40.91 50.42 6.94
N PRO A 3752 39.81 50.61 6.23
CA PRO A 3752 38.53 50.84 6.92
C PRO A 3752 38.11 49.65 7.76
N GLU A 3753 38.49 48.44 7.33
CA GLU A 3753 38.21 47.26 8.13
C GLU A 3753 38.76 47.42 9.54
N ALA A 3754 39.98 47.95 9.66
CA ALA A 3754 40.58 48.15 10.96
C ALA A 3754 40.07 49.41 11.64
N PHE A 3755 39.76 50.44 10.85
CA PHE A 3755 39.18 51.65 11.42
C PHE A 3755 37.89 51.37 12.19
N LEU A 3756 37.08 50.44 11.68
CA LEU A 3756 35.80 50.14 12.31
C LEU A 3756 35.98 49.54 13.70
N ALA A 3757 36.86 48.54 13.82
CA ALA A 3757 37.16 48.00 15.13
C ALA A 3757 37.85 49.03 16.02
N LEU A 3758 38.77 49.81 15.44
CA LEU A 3758 39.48 50.83 16.21
C LEU A 3758 38.52 51.81 16.86
N ARG A 3759 37.42 52.12 16.18
CA ARG A 3759 36.46 53.07 16.72
C ARG A 3759 35.45 52.40 17.64
N SER A 3760 34.95 51.23 17.26
CA SER A 3760 33.97 50.52 18.08
C SER A 3760 34.56 50.16 19.44
N HIS A 3761 35.76 49.58 19.44
CA HIS A 3761 36.40 49.18 20.68
C HIS A 3761 36.66 50.39 21.58
N PHE A 3762 37.10 51.50 20.99
CA PHE A 3762 37.36 52.72 21.77
C PHE A 3762 36.08 53.25 22.39
N ALA A 3763 35.02 53.37 21.57
CA ALA A 3763 33.76 53.88 22.09
C ALA A 3763 33.21 52.98 23.19
N SER A 3764 33.28 51.66 22.99
CA SER A 3764 32.76 50.74 24.00
C SER A 3764 33.54 50.86 25.30
N SER A 3765 34.88 50.84 25.22
CA SER A 3765 35.69 50.95 26.43
C SER A 3765 35.41 52.26 27.16
N HIS A 3766 35.32 53.37 26.41
CA HIS A 3766 35.10 54.66 27.06
C HIS A 3766 33.71 54.73 27.72
N ALA A 3767 32.67 54.29 27.00
CA ALA A 3767 31.34 54.30 27.58
C ALA A 3767 31.27 53.46 28.84
N LEU A 3768 31.95 52.31 28.83
CA LEU A 3768 31.92 51.44 30.01
C LEU A 3768 32.64 52.09 31.19
N ILE A 3769 33.83 52.63 30.94
CA ILE A 3769 34.55 53.25 32.04
C ILE A 3769 33.81 54.49 32.54
N CYS A 3770 33.05 55.15 31.67
CA CYS A 3770 32.29 56.32 32.09
C CYS A 3770 31.13 55.93 32.98
N ILE A 3771 30.31 54.96 32.55
CA ILE A 3771 29.19 54.53 33.36
C ILE A 3771 29.66 53.87 34.66
N SER A 3772 30.89 53.37 34.71
CA SER A 3772 31.40 52.79 35.94
C SER A 3772 32.02 53.83 36.88
N HIS A 3773 32.72 54.82 36.34
CA HIS A 3773 33.34 55.87 37.14
C HIS A 3773 32.33 56.80 37.80
N TRP A 3774 31.04 56.58 37.60
CA TRP A 3774 30.03 57.36 38.30
C TRP A 3774 29.38 56.61 39.45
N ILE A 3775 29.28 55.28 39.37
CA ILE A 3775 28.81 54.50 40.53
C ILE A 3775 29.70 54.83 41.73
N LEU A 3776 31.00 54.60 41.58
CA LEU A 3776 32.02 55.18 42.44
C LEU A 3776 32.41 56.53 41.84
N GLY A 3777 31.89 57.61 42.41
CA GLY A 3777 32.09 58.92 41.81
C GLY A 3777 33.55 59.29 41.67
N ILE A 3778 34.07 59.27 40.45
CA ILE A 3778 35.48 59.51 40.19
C ILE A 3778 35.63 60.82 39.45
N GLY A 3779 36.34 61.76 40.05
CA GLY A 3779 36.73 62.99 39.40
C GLY A 3779 38.18 62.94 38.95
N ASP A 3780 38.72 64.13 38.65
CA ASP A 3780 40.08 64.28 38.12
C ASP A 3780 40.28 63.42 36.88
N ARG A 3781 39.23 63.33 36.07
CA ARG A 3781 39.28 62.55 34.82
C ARG A 3781 39.90 63.40 33.70
N HIS A 3782 41.13 63.85 33.96
CA HIS A 3782 41.83 64.70 33.00
C HIS A 3782 42.64 63.83 32.05
N LEU A 3783 43.28 64.48 31.09
CA LEU A 3783 43.88 63.78 29.97
C LEU A 3783 45.04 62.88 30.38
N ASN A 3784 45.60 63.07 31.56
CA ASN A 3784 46.70 62.24 32.02
C ASN A 3784 46.26 61.06 32.87
N ASN A 3785 44.97 60.99 33.22
CA ASN A 3785 44.41 59.82 33.89
C ASN A 3785 43.69 58.88 32.93
N PHE A 3786 43.89 59.06 31.63
CA PHE A 3786 43.42 58.11 30.62
C PHE A 3786 44.62 57.62 29.82
N MET A 3787 44.88 56.32 29.91
CA MET A 3787 45.90 55.66 29.10
C MET A 3787 45.18 54.76 28.11
N VAL A 3788 45.49 54.92 26.83
CA VAL A 3788 44.82 54.24 25.74
C VAL A 3788 45.79 53.23 25.14
N ALA A 3789 45.26 52.06 24.79
CA ALA A 3789 46.08 50.97 24.24
C ALA A 3789 46.17 51.14 22.73
N MET A 3790 47.38 51.46 22.25
CA MET A 3790 47.60 51.69 20.82
C MET A 3790 47.47 50.44 19.97
N GLU A 3791 47.10 49.29 20.54
CA GLU A 3791 46.97 48.07 19.78
C GLU A 3791 45.53 47.58 19.61
N THR A 3792 44.62 47.93 20.51
CA THR A 3792 43.21 47.59 20.35
C THR A 3792 42.28 48.80 20.37
N GLY A 3793 42.72 49.94 20.88
CA GLY A 3793 41.84 51.07 21.11
C GLY A 3793 41.01 50.88 22.35
N GLY A 3794 41.67 50.71 23.48
CA GLY A 3794 41.00 50.54 24.74
C GLY A 3794 41.60 51.45 25.78
N VAL A 3795 40.73 52.07 26.57
CA VAL A 3795 41.12 53.13 27.50
C VAL A 3795 41.13 52.58 28.91
N ILE A 3796 42.12 53.00 29.69
CA ILE A 3796 42.28 52.53 31.07
C ILE A 3796 42.34 53.76 31.96
N GLY A 3797 41.93 53.60 33.21
CA GLY A 3797 41.97 54.66 34.19
C GLY A 3797 43.06 54.42 35.22
N ILE A 3798 43.81 55.47 35.54
CA ILE A 3798 44.81 55.44 36.60
C ILE A 3798 44.54 56.60 37.55
N ASP A 3799 45.40 56.71 38.58
CA ASP A 3799 45.45 57.87 39.46
C ASP A 3799 44.10 58.12 40.13
N PHE A 3800 43.70 57.16 40.96
CA PHE A 3800 42.41 57.21 41.66
C PHE A 3800 42.59 57.83 43.03
N GLY A 3801 42.58 59.16 43.05
CA GLY A 3801 42.66 59.88 44.31
C GLY A 3801 41.31 60.15 44.94
N HIS A 3802 40.38 60.66 44.13
CA HIS A 3802 39.05 61.03 44.61
C HIS A 3802 38.14 59.84 44.42
N ALA A 3803 37.84 59.14 45.52
CA ALA A 3803 37.13 57.86 45.45
C ALA A 3803 35.64 58.06 45.17
N PHE A 3804 34.94 58.70 46.10
CA PHE A 3804 33.56 59.11 45.89
C PHE A 3804 33.59 60.53 45.35
N GLY A 3805 32.47 61.25 45.36
CA GLY A 3805 32.48 62.58 44.78
C GLY A 3805 33.34 63.53 45.60
N SER A 3806 34.58 63.09 45.86
CA SER A 3806 35.53 63.92 46.59
C SER A 3806 36.01 65.09 45.74
N ALA A 3807 36.26 64.84 44.44
CA ALA A 3807 36.72 65.89 43.55
C ALA A 3807 35.72 67.04 43.42
N THR A 3808 34.47 66.84 43.86
CA THR A 3808 33.50 67.92 43.91
C THR A 3808 33.11 68.34 45.31
N GLN A 3809 33.29 67.49 46.33
CA GLN A 3809 33.06 67.94 47.70
C GLN A 3809 34.17 68.87 48.18
N PHE A 3810 35.43 68.45 48.05
CA PHE A 3810 36.52 69.12 48.73
C PHE A 3810 37.50 69.83 47.83
N LEU A 3811 37.43 69.68 46.52
CA LEU A 3811 38.31 70.48 45.68
C LEU A 3811 37.76 71.90 45.63
N PRO A 3812 38.61 72.93 45.80
CA PRO A 3812 38.12 74.31 45.83
C PRO A 3812 37.29 74.64 44.61
N VAL A 3813 37.87 74.44 43.43
CA VAL A 3813 37.12 74.45 42.19
C VAL A 3813 36.50 73.07 42.03
N PRO A 3814 35.18 72.94 42.15
CA PRO A 3814 34.56 71.61 42.10
C PRO A 3814 34.51 71.07 40.67
N GLU A 3815 34.40 69.74 40.59
CA GLU A 3815 34.29 69.03 39.32
C GLU A 3815 32.83 68.62 39.16
N LEU A 3816 32.15 69.24 38.22
CA LEU A 3816 30.72 69.02 38.03
C LEU A 3816 30.41 68.06 36.89
N MET A 3817 31.42 67.43 36.31
CA MET A 3817 30.96 66.47 35.32
C MET A 3817 31.04 65.06 35.89
N PRO A 3818 30.07 64.21 35.55
CA PRO A 3818 30.15 62.81 36.02
C PRO A 3818 31.31 62.06 35.41
N PHE A 3819 31.67 62.38 34.18
CA PHE A 3819 32.77 61.75 33.48
C PHE A 3819 33.19 62.72 32.37
N ARG A 3820 34.33 62.44 31.76
CA ARG A 3820 34.85 63.32 30.73
C ARG A 3820 34.25 62.91 29.39
N LEU A 3821 33.48 63.82 28.79
CA LEU A 3821 32.87 63.61 27.48
C LEU A 3821 33.00 64.93 26.73
N THR A 3822 34.09 65.07 25.99
CA THR A 3822 34.49 66.32 25.40
C THR A 3822 34.39 66.29 23.88
N ARG A 3823 34.90 67.35 23.24
CA ARG A 3823 34.65 67.57 21.82
C ARG A 3823 35.22 66.44 20.96
N GLN A 3824 36.48 66.07 21.20
CA GLN A 3824 37.08 65.03 20.40
C GLN A 3824 36.33 63.71 20.50
N PHE A 3825 35.70 63.44 21.64
CA PHE A 3825 34.91 62.21 21.77
C PHE A 3825 33.76 62.21 20.77
N ILE A 3826 33.14 63.37 20.55
CA ILE A 3826 31.99 63.46 19.67
C ILE A 3826 32.44 63.55 18.22
N ASN A 3827 33.58 64.20 17.96
CA ASN A 3827 34.06 64.37 16.59
C ASN A 3827 34.51 63.05 15.96
N LEU A 3828 34.84 62.04 16.76
CA LEU A 3828 35.14 60.72 16.20
C LEU A 3828 33.89 59.99 15.77
N MET A 3829 32.83 60.07 16.59
CA MET A 3829 31.55 59.49 16.22
C MET A 3829 30.97 60.12 14.97
N LEU A 3830 31.36 61.34 14.62
CA LEU A 3830 30.77 62.03 13.49
C LEU A 3830 30.90 61.19 12.22
N PRO A 3831 29.86 61.10 11.39
CA PRO A 3831 28.60 61.84 11.52
C PRO A 3831 27.63 61.27 12.58
N MET A 3832 27.84 60.03 13.00
CA MET A 3832 26.99 59.44 14.03
C MET A 3832 27.04 60.29 15.30
N LYS A 3833 25.86 60.63 15.82
CA LYS A 3833 25.82 61.31 17.09
C LYS A 3833 26.25 60.35 18.20
N GLU A 3834 26.58 60.92 19.36
CA GLU A 3834 27.02 60.08 20.47
C GLU A 3834 25.81 59.48 21.18
N THR A 3835 24.92 58.87 20.39
CA THR A 3835 23.73 58.23 20.91
C THR A 3835 23.58 56.78 20.49
N GLY A 3836 24.39 56.31 19.54
CA GLY A 3836 24.23 54.94 19.08
C GLY A 3836 25.00 53.95 19.93
N LEU A 3837 26.31 54.12 20.02
CA LEU A 3837 27.14 53.14 20.70
C LEU A 3837 27.32 53.50 22.17
N MET A 3838 27.78 54.73 22.44
CA MET A 3838 28.07 55.12 23.82
C MET A 3838 26.80 55.10 24.67
N TYR A 3839 25.70 55.65 24.14
CA TYR A 3839 24.44 55.64 24.89
C TYR A 3839 23.96 54.23 25.19
N SER A 3840 23.91 53.36 24.17
CA SER A 3840 23.36 52.03 24.37
C SER A 3840 24.24 51.19 25.30
N ILE A 3841 25.56 51.32 25.16
CA ILE A 3841 26.46 50.58 26.04
C ILE A 3841 26.32 51.06 27.48
N MET A 3842 26.24 52.40 27.68
CA MET A 3842 26.01 52.93 29.02
C MET A 3842 24.70 52.42 29.61
N VAL A 3843 23.65 52.38 28.80
CA VAL A 3843 22.35 51.91 29.28
C VAL A 3843 22.43 50.47 29.72
N HIS A 3844 22.96 49.60 28.85
CA HIS A 3844 23.04 48.18 29.16
C HIS A 3844 23.91 47.94 30.38
N ALA A 3845 25.06 48.61 30.46
CA ALA A 3845 25.97 48.42 31.59
C ALA A 3845 25.34 48.91 32.89
N LEU A 3846 24.69 50.07 32.87
CA LEU A 3846 24.06 50.60 34.07
C LEU A 3846 22.93 49.68 34.54
N ARG A 3847 22.10 49.22 33.60
CA ARG A 3847 21.05 48.27 33.98
C ARG A 3847 21.66 47.00 34.57
N ALA A 3848 22.82 46.58 34.03
CA ALA A 3848 23.52 45.45 34.62
C ALA A 3848 23.92 45.75 36.06
N PHE A 3849 24.51 46.92 36.30
CA PHE A 3849 25.01 47.27 37.62
C PHE A 3849 23.89 47.22 38.65
N ARG A 3850 22.85 48.02 38.45
CA ARG A 3850 21.76 48.07 39.42
C ARG A 3850 20.83 46.89 39.18
N SER A 3851 21.43 45.70 39.08
CA SER A 3851 20.69 44.44 39.03
C SER A 3851 21.38 43.41 39.90
N ASP A 3852 22.23 43.84 40.81
CA ASP A 3852 23.00 42.99 41.68
C ASP A 3852 22.37 42.95 43.07
N PRO A 3853 22.64 41.91 43.86
CA PRO A 3853 21.99 41.79 45.18
C PRO A 3853 22.41 42.86 46.18
N GLY A 3854 23.35 43.72 45.81
CA GLY A 3854 24.01 44.61 46.74
C GLY A 3854 25.45 44.25 46.93
N LEU A 3855 26.01 43.40 46.07
CA LEU A 3855 27.41 43.02 46.18
C LEU A 3855 28.30 44.23 46.03
N LEU A 3856 28.04 45.06 45.01
CA LEU A 3856 28.78 46.30 44.89
C LEU A 3856 28.53 47.18 46.11
N THR A 3857 27.28 47.20 46.62
CA THR A 3857 26.97 48.00 47.80
C THR A 3857 27.75 47.51 49.00
N ASN A 3858 27.74 46.20 49.24
CA ASN A 3858 28.46 45.64 50.39
C ASN A 3858 29.98 45.80 50.23
N THR A 3859 30.49 45.73 48.99
CA THR A 3859 31.91 45.91 48.77
C THR A 3859 32.32 47.36 49.02
N MET A 3860 31.49 48.31 48.59
CA MET A 3860 31.75 49.70 48.93
C MET A 3860 31.63 49.92 50.44
N ASP A 3861 30.69 49.22 51.07
CA ASP A 3861 30.50 49.33 52.51
C ASP A 3861 31.68 48.78 53.28
N VAL A 3862 32.34 47.75 52.74
CA VAL A 3862 33.57 47.23 53.33
C VAL A 3862 34.75 48.14 52.97
N PHE A 3863 34.68 48.84 51.86
CA PHE A 3863 35.73 49.79 51.52
C PHE A 3863 35.74 50.95 52.51
N VAL A 3864 34.66 51.74 52.52
CA VAL A 3864 34.67 53.03 53.21
C VAL A 3864 34.95 52.85 54.70
N LYS A 3865 34.36 51.83 55.32
CA LYS A 3865 34.59 51.62 56.74
C LYS A 3865 35.89 50.90 57.03
N GLU A 3866 36.66 50.57 56.01
CA GLU A 3866 38.02 50.07 56.21
C GLU A 3866 38.90 51.25 56.62
N PRO A 3867 39.36 51.32 57.86
CA PRO A 3867 40.07 52.52 58.31
C PRO A 3867 41.41 52.66 57.61
N SER A 3868 41.35 53.09 56.36
CA SER A 3868 42.55 53.22 55.53
C SER A 3868 42.64 54.56 54.82
N PHE A 3869 41.57 55.35 54.81
CA PHE A 3869 41.59 56.63 54.11
C PHE A 3869 40.75 57.66 54.86
N ASP A 3870 40.50 57.44 56.15
CA ASP A 3870 39.49 58.18 56.88
C ASP A 3870 39.94 59.60 57.16
N TRP A 3871 40.07 60.40 56.10
CA TRP A 3871 40.39 61.82 56.15
C TRP A 3871 41.82 62.09 56.61
N LYS A 3872 42.51 61.06 57.08
CA LYS A 3872 43.94 61.19 57.39
C LYS A 3872 44.77 60.88 56.15
N ASN A 3873 44.58 59.67 55.59
CA ASN A 3873 45.22 59.33 54.34
C ASN A 3873 44.72 60.21 53.21
N PHE A 3874 43.46 60.64 53.27
CA PHE A 3874 42.91 61.51 52.24
C PHE A 3874 43.64 62.85 52.19
N GLU A 3875 43.87 63.45 53.35
CA GLU A 3875 44.55 64.75 53.37
C GLU A 3875 46.03 64.60 53.07
N GLN A 3876 46.68 63.54 53.57
CA GLN A 3876 48.09 63.38 53.26
C GLN A 3876 48.33 63.03 51.79
N LYS A 3877 47.34 62.46 51.10
CA LYS A 3877 47.48 62.22 49.67
C LYS A 3877 47.08 63.42 48.84
N MET A 3878 46.21 64.29 49.36
CA MET A 3878 45.94 65.53 48.66
C MET A 3878 47.08 66.52 48.81
N LEU A 3879 47.84 66.44 49.91
CA LEU A 3879 48.91 67.40 50.13
C LEU A 3879 50.11 67.14 49.21
N LYS A 3880 50.42 65.87 48.97
CA LYS A 3880 51.61 65.55 48.16
C LYS A 3880 51.43 65.90 46.69
N LYS A 3881 50.23 66.22 46.24
CA LYS A 3881 50.00 66.73 44.89
C LYS A 3881 49.56 68.18 45.02
N GLY A 3882 50.54 69.08 45.15
CA GLY A 3882 50.20 70.47 45.38
C GLY A 3882 49.56 71.07 44.15
N GLY A 3883 48.23 71.19 44.19
CA GLY A 3883 47.48 71.74 43.08
C GLY A 3883 46.65 72.94 43.46
N SER A 3884 45.34 72.74 43.53
CA SER A 3884 44.39 73.79 43.89
C SER A 3884 44.05 73.81 45.38
N TRP A 3885 44.08 72.65 46.04
CA TRP A 3885 43.73 72.56 47.45
C TRP A 3885 44.92 72.75 48.37
N ILE A 3886 44.72 73.54 49.43
CA ILE A 3886 45.63 73.67 50.56
C ILE A 3886 44.88 74.20 51.78
N GLN A 3887 45.09 73.56 52.94
CA GLN A 3887 44.85 74.14 54.26
C GLN A 3887 43.39 74.54 54.51
N GLU A 3888 42.54 73.51 54.67
CA GLU A 3888 41.17 73.74 55.15
C GLU A 3888 40.79 72.60 56.11
N ILE A 3889 41.03 72.80 57.40
CA ILE A 3889 40.58 71.90 58.45
C ILE A 3889 39.89 72.75 59.51
N ASN A 3890 38.60 73.00 59.35
CA ASN A 3890 37.82 73.60 60.44
C ASN A 3890 36.49 72.90 60.70
N VAL A 3891 35.77 72.53 59.64
CA VAL A 3891 34.52 71.78 59.77
C VAL A 3891 34.47 70.57 58.85
N ALA A 3892 35.29 70.50 57.81
CA ALA A 3892 35.47 69.27 57.06
C ALA A 3892 36.14 68.20 57.89
N GLU A 3893 36.80 68.59 58.99
CA GLU A 3893 37.27 67.63 59.99
C GLU A 3893 36.10 66.95 60.68
N LYS A 3894 34.95 67.61 60.77
CA LYS A 3894 33.76 67.07 61.41
C LYS A 3894 32.72 66.59 60.40
N ASN A 3895 33.10 66.37 59.14
CA ASN A 3895 32.14 66.16 58.06
C ASN A 3895 32.57 65.08 57.08
N TRP A 3896 33.02 63.90 57.55
CA TRP A 3896 33.33 62.82 56.62
C TRP A 3896 32.24 61.76 56.53
N TYR A 3897 31.92 61.07 57.65
CA TYR A 3897 30.79 60.14 57.75
C TYR A 3897 30.67 59.14 56.60
N PRO A 3898 31.48 58.07 56.57
CA PRO A 3898 31.43 57.14 55.41
C PRO A 3898 30.08 56.48 55.19
N ARG A 3899 29.29 56.25 56.25
CA ARG A 3899 27.95 55.70 56.07
C ARG A 3899 27.13 56.56 55.10
N GLN A 3900 27.38 57.87 55.09
CA GLN A 3900 26.76 58.76 54.11
C GLN A 3900 27.22 58.42 52.71
N LYS A 3901 28.51 58.12 52.53
CA LYS A 3901 29.00 57.71 51.23
C LYS A 3901 28.31 56.44 50.77
N ILE A 3902 28.09 55.49 51.69
CA ILE A 3902 27.42 54.24 51.34
C ILE A 3902 25.98 54.49 50.93
N CYS A 3903 25.25 55.29 51.71
CA CYS A 3903 23.86 55.54 51.36
C CYS A 3903 23.76 56.32 50.06
N TYR A 3904 24.70 57.23 49.79
CA TYR A 3904 24.72 57.95 48.52
C TYR A 3904 24.98 57.00 47.35
N ALA A 3905 25.95 56.10 47.50
CA ALA A 3905 26.21 55.11 46.46
C ALA A 3905 24.97 54.27 46.20
N LYS A 3906 24.33 53.78 47.26
CA LYS A 3906 23.16 52.94 47.11
C LYS A 3906 22.02 53.70 46.44
N ARG A 3907 21.86 54.98 46.78
CA ARG A 3907 20.76 55.76 46.22
C ARG A 3907 21.01 56.12 44.77
N LYS A 3908 22.25 56.44 44.42
CA LYS A 3908 22.58 56.66 43.01
C LYS A 3908 22.60 55.36 42.24
N LEU A 3909 22.60 54.22 42.94
CA LEU A 3909 22.48 52.92 42.29
C LEU A 3909 21.02 52.54 42.04
N ALA A 3910 20.13 52.84 42.99
CA ALA A 3910 18.74 52.46 42.87
C ALA A 3910 17.92 53.40 42.00
N GLY A 3911 18.56 54.39 41.36
CA GLY A 3911 17.83 55.33 40.54
C GLY A 3911 17.58 56.68 41.18
N ALA A 3912 18.36 57.68 40.76
CA ALA A 3912 18.23 59.03 41.28
C ALA A 3912 18.66 59.99 40.18
N ASN A 3913 18.15 61.22 40.25
CA ASN A 3913 18.57 62.24 39.30
C ASN A 3913 20.05 62.54 39.54
N PRO A 3914 20.92 62.39 38.54
CA PRO A 3914 22.35 62.67 38.77
C PRO A 3914 22.62 64.09 39.20
N ALA A 3915 21.83 65.06 38.75
CA ALA A 3915 21.97 66.45 39.18
C ALA A 3915 21.59 66.65 40.65
N VAL A 3916 20.96 65.67 41.28
CA VAL A 3916 20.63 65.78 42.70
C VAL A 3916 21.84 65.45 43.55
N ILE A 3917 22.53 64.35 43.22
CA ILE A 3917 23.68 63.91 44.03
C ILE A 3917 24.76 64.98 44.03
N THR A 3918 24.98 65.63 42.87
CA THR A 3918 26.04 66.63 42.76
C THR A 3918 25.76 67.83 43.65
N CYS A 3919 24.51 68.29 43.68
CA CYS A 3919 24.16 69.42 44.53
C CYS A 3919 24.18 69.04 46.00
N ASP A 3920 23.82 67.80 46.35
CA ASP A 3920 23.93 67.35 47.74
C ASP A 3920 25.38 67.33 48.21
N GLU A 3921 26.30 66.90 47.33
CA GLU A 3921 27.72 66.96 47.67
C GLU A 3921 28.20 68.40 47.78
N LEU A 3922 27.75 69.27 46.88
CA LEU A 3922 28.08 70.69 46.98
C LEU A 3922 27.59 71.27 48.31
N LEU A 3923 26.46 70.78 48.81
CA LEU A 3923 25.97 71.23 50.11
C LEU A 3923 26.81 70.69 51.26
N LEU A 3924 27.09 69.39 51.24
CA LEU A 3924 27.83 68.78 52.34
C LEU A 3924 29.30 69.20 52.40
N GLY A 3925 29.86 69.70 51.31
CA GLY A 3925 31.24 70.12 51.37
C GLY A 3925 31.45 71.60 51.11
N HIS A 3926 30.37 72.29 50.77
CA HIS A 3926 30.44 73.68 50.37
C HIS A 3926 29.25 74.48 50.90
N GLU A 3927 28.69 74.09 52.03
CA GLU A 3927 27.77 74.96 52.72
C GLU A 3927 28.55 76.09 53.39
N LYS A 3928 27.91 77.25 53.52
CA LYS A 3928 28.59 78.46 53.98
C LYS A 3928 29.75 78.81 53.05
N ALA A 3929 29.47 78.79 51.74
CA ALA A 3929 30.45 79.07 50.71
C ALA A 3929 29.96 80.21 49.81
N PRO A 3930 30.89 81.02 49.25
CA PRO A 3930 30.48 82.26 48.56
C PRO A 3930 29.49 82.04 47.43
N ALA A 3931 29.88 81.27 46.42
CA ALA A 3931 28.97 80.92 45.32
C ALA A 3931 28.51 79.50 45.61
N PHE A 3932 27.38 79.39 46.31
CA PHE A 3932 26.82 78.10 46.68
C PHE A 3932 25.47 77.85 46.00
N ARG A 3933 24.52 78.77 46.18
CA ARG A 3933 23.30 78.73 45.37
C ARG A 3933 23.62 78.79 43.89
N ASP A 3934 24.73 79.41 43.51
CA ASP A 3934 25.12 79.47 42.10
C ASP A 3934 25.72 78.14 41.63
N TYR A 3935 26.52 77.48 42.48
CA TYR A 3935 26.91 76.10 42.22
C TYR A 3935 25.69 75.24 41.93
N VAL A 3936 24.69 75.31 42.80
CA VAL A 3936 23.48 74.50 42.66
C VAL A 3936 22.74 74.86 41.37
N ALA A 3937 22.62 76.16 41.08
CA ALA A 3937 21.88 76.58 39.89
C ALA A 3937 22.54 76.09 38.61
N VAL A 3938 23.88 76.18 38.54
CA VAL A 3938 24.59 75.66 37.37
C VAL A 3938 24.44 74.14 37.28
N ALA A 3939 24.56 73.45 38.41
CA ALA A 3939 24.53 72.00 38.44
C ALA A 3939 23.12 71.42 38.49
N ARG A 3940 22.10 72.26 38.36
CA ARG A 3940 20.71 71.81 38.42
C ARG A 3940 20.09 71.66 37.03
N GLY A 3941 20.44 72.55 36.10
CA GLY A 3941 19.95 72.52 34.75
C GLY A 3941 19.39 73.87 34.36
N SER A 3942 18.57 73.87 33.31
CA SER A 3942 17.94 75.08 32.83
C SER A 3942 16.44 74.94 32.61
N LYS A 3943 15.91 73.72 32.61
CA LYS A 3943 14.48 73.40 32.51
C LYS A 3943 13.90 73.76 31.15
N ASP A 3944 14.67 74.40 30.27
CA ASP A 3944 14.24 74.73 28.91
C ASP A 3944 14.98 73.93 27.86
N HIS A 3945 16.30 73.88 27.95
CA HIS A 3945 17.14 73.16 27.01
C HIS A 3945 17.79 71.93 27.62
N ASN A 3946 18.11 71.97 28.91
CA ASN A 3946 18.75 70.87 29.61
C ASN A 3946 17.68 69.92 30.12
N ILE A 3947 17.74 68.66 29.71
CA ILE A 3947 16.73 67.69 30.12
C ILE A 3947 16.95 67.17 31.53
N ARG A 3948 18.10 67.46 32.14
CA ARG A 3948 18.34 67.02 33.51
C ARG A 3948 17.54 67.84 34.51
N ALA A 3949 17.18 69.07 34.17
CA ALA A 3949 16.30 69.89 35.00
C ALA A 3949 14.82 69.68 34.70
N GLN A 3950 14.51 68.80 33.74
CA GLN A 3950 13.16 68.45 33.36
C GLN A 3950 12.73 67.11 33.97
N GLU A 3951 13.57 66.47 34.76
CA GLU A 3951 13.29 65.15 35.25
C GLU A 3951 13.02 65.15 36.75
N PRO A 3952 12.20 64.21 37.23
CA PRO A 3952 11.94 64.15 38.67
C PRO A 3952 13.22 63.90 39.44
N GLU A 3953 13.11 64.03 40.76
CA GLU A 3953 14.29 63.98 41.61
C GLU A 3953 14.67 62.55 41.97
N SER A 3954 13.70 61.67 42.16
CA SER A 3954 13.98 60.27 42.45
C SER A 3954 13.08 59.38 41.59
N GLY A 3955 13.18 58.06 41.83
CA GLY A 3955 12.41 57.08 41.09
C GLY A 3955 12.72 56.99 39.61
N LEU A 3956 13.97 57.26 39.22
CA LEU A 3956 14.30 57.34 37.80
C LEU A 3956 14.49 55.94 37.21
N SER A 3957 14.70 55.91 35.89
CA SER A 3957 15.05 54.70 35.17
C SER A 3957 16.46 54.82 34.59
N GLU A 3958 16.94 53.72 34.02
CA GLU A 3958 18.33 53.65 33.58
C GLU A 3958 18.57 54.48 32.33
N GLU A 3959 17.73 54.31 31.30
CA GLU A 3959 17.93 55.03 30.05
C GLU A 3959 17.83 56.54 30.25
N THR A 3960 16.81 56.99 30.98
CA THR A 3960 16.69 58.41 31.26
C THR A 3960 17.84 58.90 32.12
N GLN A 3961 18.34 58.05 33.03
CA GLN A 3961 19.53 58.40 33.79
C GLN A 3961 20.71 58.65 32.86
N VAL A 3962 20.88 57.81 31.85
CA VAL A 3962 21.99 57.96 30.90
C VAL A 3962 21.80 59.22 30.06
N LYS A 3963 20.57 59.47 29.61
CA LYS A 3963 20.29 60.69 28.85
C LYS A 3963 20.64 61.92 29.68
N CYS A 3964 20.28 61.91 30.96
CA CYS A 3964 20.59 63.05 31.82
C CYS A 3964 22.10 63.16 32.07
N LEU A 3965 22.77 62.03 32.27
CA LEU A 3965 24.22 62.04 32.45
C LEU A 3965 24.91 62.67 31.25
N MET A 3966 24.50 62.29 30.04
CA MET A 3966 25.11 62.88 28.85
C MET A 3966 24.74 64.34 28.68
N ASP A 3967 23.50 64.71 29.06
CA ASP A 3967 23.13 66.12 29.04
C ASP A 3967 24.00 66.93 29.99
N GLN A 3968 24.37 66.32 31.12
CA GLN A 3968 25.19 67.03 32.11
C GLN A 3968 26.65 67.10 31.68
N ALA A 3969 27.16 66.01 31.13
CA ALA A 3969 28.54 66.01 30.65
C ALA A 3969 28.68 66.92 29.42
N THR A 3970 27.65 66.95 28.57
CA THR A 3970 27.63 67.84 27.41
C THR A 3970 26.75 69.03 27.76
N ASP A 3971 27.33 69.98 28.48
CA ASP A 3971 26.70 71.25 28.81
C ASP A 3971 27.76 72.34 28.81
N PRO A 3972 27.79 73.20 27.80
CA PRO A 3972 28.74 74.33 27.81
C PRO A 3972 28.67 75.13 29.10
N ASN A 3973 27.49 75.20 29.72
CA ASN A 3973 27.35 75.83 31.02
C ASN A 3973 28.18 75.14 32.10
N ILE A 3974 28.61 73.90 31.86
CA ILE A 3974 29.42 73.15 32.81
C ILE A 3974 30.88 73.07 32.39
N LEU A 3975 31.14 72.87 31.10
CA LEU A 3975 32.53 72.80 30.65
C LEU A 3975 33.18 74.18 30.67
N GLY A 3976 32.46 75.21 30.23
CA GLY A 3976 33.00 76.56 30.30
C GLY A 3976 33.37 77.01 31.70
N ARG A 3977 32.87 76.32 32.73
CA ARG A 3977 33.20 76.60 34.12
C ARG A 3977 33.73 75.32 34.77
N THR A 3978 35.04 75.09 34.66
CA THR A 3978 35.66 73.97 35.35
C THR A 3978 37.15 74.25 35.48
N TRP A 3979 37.82 73.40 36.27
CA TRP A 3979 39.22 73.58 36.62
C TRP A 3979 40.08 73.80 35.38
N GLU A 3980 41.06 74.70 35.51
CA GLU A 3980 41.91 75.10 34.38
C GLU A 3980 42.81 73.98 33.89
N GLY A 3981 43.10 72.99 34.74
CA GLY A 3981 43.90 71.86 34.36
C GLY A 3981 43.11 70.65 33.92
N TRP A 3982 41.78 70.76 33.88
CA TRP A 3982 40.92 69.69 33.38
C TRP A 3982 40.72 69.72 31.89
N GLU A 3983 40.90 70.89 31.25
CA GLU A 3983 40.81 71.09 29.81
C GLU A 3983 39.49 70.56 29.26
N PRO A 3984 38.38 71.25 29.51
CA PRO A 3984 37.07 70.76 29.08
C PRO A 3984 36.76 70.95 27.62
N TRP A 3985 37.53 71.77 26.90
CA TRP A 3985 37.20 72.08 25.51
C TRP A 3985 37.51 70.91 24.59
N MET A 3986 38.54 70.13 24.91
CA MET A 3986 39.01 69.07 24.02
C MET A 3986 38.72 67.68 24.56
N VAL B 8 -99.98 -30.43 14.98
CA VAL B 8 -101.05 -30.22 14.02
C VAL B 8 -101.74 -31.57 13.78
N ARG B 9 -102.79 -31.56 12.93
CA ARG B 9 -103.53 -32.72 12.46
C ARG B 9 -104.46 -33.28 13.53
N CYS B 10 -104.25 -32.90 14.79
CA CYS B 10 -105.18 -33.33 15.83
C CYS B 10 -106.46 -32.50 15.79
N SER B 11 -106.32 -31.19 15.55
CA SER B 11 -107.47 -30.34 15.29
C SER B 11 -108.22 -30.78 14.04
N LEU B 12 -107.51 -31.30 13.03
CA LEU B 12 -108.15 -31.75 11.81
C LEU B 12 -108.95 -33.04 12.03
N LEU B 13 -108.36 -34.02 12.71
CA LEU B 13 -109.10 -35.24 13.01
C LEU B 13 -110.28 -34.97 13.95
N ARG B 14 -110.14 -34.02 14.88
CA ARG B 14 -111.26 -33.70 15.76
C ARG B 14 -112.32 -32.86 15.06
N LEU B 15 -111.94 -32.05 14.07
CA LEU B 15 -112.92 -31.40 13.19
C LEU B 15 -113.68 -32.44 12.36
N GLN B 16 -113.02 -33.54 12.00
CA GLN B 16 -113.73 -34.62 11.32
C GLN B 16 -114.67 -35.37 12.26
N GLU B 17 -114.27 -35.55 13.52
CA GLU B 17 -115.11 -36.30 14.45
C GLU B 17 -116.28 -35.50 14.97
N THR B 18 -116.16 -34.17 15.05
CA THR B 18 -117.25 -33.33 15.56
C THR B 18 -118.44 -33.26 14.62
N LEU B 19 -118.42 -33.97 13.50
CA LEU B 19 -119.54 -34.04 12.56
C LEU B 19 -120.55 -35.12 12.93
N SER B 20 -120.09 -36.36 13.07
CA SER B 20 -120.97 -37.48 13.38
C SER B 20 -121.50 -37.46 14.81
N ALA B 21 -121.17 -36.46 15.62
CA ALA B 21 -121.74 -36.37 16.95
C ALA B 21 -123.13 -35.75 16.86
N ALA B 22 -123.97 -36.06 17.84
CA ALA B 22 -125.29 -35.46 17.85
C ALA B 22 -125.24 -34.04 18.40
N ASP B 23 -126.37 -33.36 18.32
CA ASP B 23 -126.52 -31.97 18.79
C ASP B 23 -125.44 -31.08 18.17
N ARG B 24 -125.53 -30.91 16.85
CA ARG B 24 -124.52 -30.20 16.09
C ARG B 24 -124.65 -28.68 16.23
N CYS B 25 -124.78 -28.20 17.48
CA CYS B 25 -124.67 -26.78 17.80
C CYS B 25 -123.45 -26.49 18.65
N GLY B 26 -123.26 -27.24 19.74
CA GLY B 26 -122.02 -27.15 20.49
C GLY B 26 -120.86 -27.76 19.73
N ALA B 27 -121.14 -28.79 18.92
CA ALA B 27 -120.13 -29.33 18.01
C ALA B 27 -119.74 -28.32 16.93
N ALA B 28 -120.70 -27.50 16.49
CA ALA B 28 -120.38 -26.43 15.54
C ALA B 28 -119.52 -25.35 16.19
N LEU B 29 -119.79 -25.05 17.47
CA LEU B 29 -118.94 -24.11 18.20
C LEU B 29 -117.52 -24.67 18.36
N ALA B 30 -117.41 -25.98 18.63
CA ALA B 30 -116.09 -26.60 18.72
C ALA B 30 -115.33 -26.51 17.39
N GLY B 31 -116.03 -26.78 16.28
CA GLY B 31 -115.40 -26.61 14.98
C GLY B 31 -114.98 -25.18 14.72
N HIS B 32 -115.83 -24.22 15.10
CA HIS B 32 -115.53 -22.81 14.91
C HIS B 32 -114.25 -22.41 15.64
N GLN B 33 -114.14 -22.80 16.91
CA GLN B 33 -112.95 -22.44 17.69
C GLN B 33 -111.70 -23.17 17.19
N LEU B 34 -111.85 -24.44 16.80
CA LEU B 34 -110.71 -25.20 16.28
C LEU B 34 -110.15 -24.55 15.02
N ILE B 35 -111.05 -24.16 14.10
CA ILE B 35 -110.59 -23.58 12.84
C ILE B 35 -110.04 -22.17 13.08
N ARG B 36 -110.59 -21.44 14.05
CA ARG B 36 -109.98 -20.17 14.46
C ARG B 36 -108.54 -20.36 14.92
N GLY B 37 -108.30 -21.42 15.72
CA GLY B 37 -106.95 -21.68 16.18
C GLY B 37 -106.00 -22.06 15.04
N LEU B 38 -106.46 -22.92 14.14
CA LEU B 38 -105.64 -23.28 12.97
C LEU B 38 -105.29 -22.05 12.12
N GLY B 39 -106.28 -21.19 11.87
CA GLY B 39 -106.03 -20.00 11.08
C GLY B 39 -105.12 -19.00 11.78
N GLN B 40 -105.14 -18.99 13.11
CA GLN B 40 -104.18 -18.16 13.83
C GLN B 40 -102.78 -18.71 13.71
N GLU B 41 -102.63 -20.04 13.81
CA GLU B 41 -101.30 -20.63 13.90
C GLU B 41 -100.59 -20.64 12.56
N CYS B 42 -101.27 -21.10 11.50
CA CYS B 42 -100.53 -21.29 10.25
C CYS B 42 -100.28 -19.98 9.51
N VAL B 43 -100.72 -18.85 10.05
CA VAL B 43 -100.34 -17.53 9.55
C VAL B 43 -99.34 -16.95 10.53
N LEU B 44 -99.43 -17.35 11.82
CA LEU B 44 -98.37 -17.05 12.77
C LEU B 44 -97.03 -17.59 12.29
N SER B 45 -97.03 -18.75 11.63
CA SER B 45 -95.80 -19.30 11.08
C SER B 45 -95.28 -18.43 9.94
N SER B 46 -93.99 -18.09 10.02
CA SER B 46 -93.36 -17.18 9.06
C SER B 46 -92.11 -17.77 8.38
N SER B 47 -91.68 -18.96 8.76
CA SER B 47 -90.61 -19.60 8.01
C SER B 47 -91.15 -20.30 6.77
N PRO B 48 -90.33 -20.44 5.72
CA PRO B 48 -90.77 -21.24 4.56
C PRO B 48 -90.83 -22.72 4.84
N ALA B 49 -89.98 -23.25 5.74
CA ALA B 49 -89.95 -24.68 5.95
C ALA B 49 -91.21 -25.19 6.63
N VAL B 50 -91.59 -24.60 7.77
CA VAL B 50 -92.75 -25.11 8.49
C VAL B 50 -94.05 -24.73 7.77
N LEU B 51 -94.04 -23.67 6.95
CA LEU B 51 -95.23 -23.35 6.17
C LEU B 51 -95.37 -24.29 4.98
N ALA B 52 -94.24 -24.67 4.36
CA ALA B 52 -94.27 -25.71 3.33
C ALA B 52 -94.60 -27.07 3.92
N LEU B 53 -94.46 -27.22 5.24
CA LEU B 53 -94.96 -28.41 5.93
C LEU B 53 -96.47 -28.34 6.15
N GLN B 54 -96.97 -27.20 6.63
CA GLN B 54 -98.39 -27.08 6.94
C GLN B 54 -99.27 -27.10 5.68
N THR B 55 -98.74 -26.66 4.53
CA THR B 55 -99.55 -26.62 3.31
C THR B 55 -100.03 -28.02 2.91
N SER B 56 -99.11 -28.98 2.84
CA SER B 56 -99.49 -30.37 2.63
C SER B 56 -99.98 -31.04 3.90
N LEU B 57 -99.78 -30.43 5.08
CA LEU B 57 -100.22 -30.98 6.35
C LEU B 57 -101.72 -30.78 6.59
N VAL B 58 -102.34 -29.79 5.94
CA VAL B 58 -103.77 -29.55 6.11
C VAL B 58 -104.60 -29.93 4.88
N PHE B 59 -103.98 -30.47 3.83
CA PHE B 59 -104.72 -30.82 2.61
C PHE B 59 -104.58 -32.32 2.33
N SER B 60 -105.32 -33.13 3.08
CA SER B 60 -105.34 -34.57 2.89
C SER B 60 -106.63 -35.00 2.20
N ARG B 61 -106.87 -36.31 2.13
CA ARG B 61 -108.03 -36.88 1.46
C ARG B 61 -109.03 -37.51 2.41
N ASP B 62 -108.58 -38.15 3.49
CA ASP B 62 -109.48 -38.79 4.43
C ASP B 62 -109.84 -37.90 5.62
N PHE B 63 -108.92 -37.04 6.06
CA PHE B 63 -109.19 -36.10 7.15
C PHE B 63 -108.53 -34.77 6.83
N GLY B 64 -109.17 -33.68 7.22
CA GLY B 64 -108.66 -32.37 6.89
C GLY B 64 -109.78 -31.35 6.88
N LEU B 65 -109.44 -30.15 6.42
CA LEU B 65 -110.42 -29.07 6.38
C LEU B 65 -111.21 -29.03 5.08
N LEU B 66 -110.64 -29.54 3.99
CA LEU B 66 -111.38 -29.62 2.73
C LEU B 66 -112.44 -30.70 2.79
N VAL B 67 -112.07 -31.88 3.31
CA VAL B 67 -113.03 -32.97 3.45
C VAL B 67 -114.06 -32.64 4.51
N PHE B 68 -113.72 -31.77 5.46
CA PHE B 68 -114.72 -31.32 6.42
C PHE B 68 -115.80 -30.49 5.74
N VAL B 69 -115.42 -29.71 4.73
CA VAL B 69 -116.41 -28.98 3.93
C VAL B 69 -117.19 -29.95 3.05
N ARG B 70 -116.52 -30.95 2.48
CA ARG B 70 -117.21 -31.93 1.65
C ARG B 70 -118.21 -32.77 2.43
N LYS B 71 -117.95 -33.03 3.71
CA LYS B 71 -118.80 -33.90 4.52
C LYS B 71 -119.71 -33.14 5.48
N SER B 72 -119.54 -31.83 5.62
CA SER B 72 -120.49 -30.97 6.32
C SER B 72 -121.45 -30.29 5.34
N LEU B 73 -121.78 -30.98 4.24
CA LEU B 73 -122.60 -30.41 3.17
C LEU B 73 -124.10 -30.63 3.39
N ASN B 74 -124.48 -31.74 4.03
CA ASN B 74 -125.88 -31.99 4.36
C ASN B 74 -126.14 -31.65 5.83
N SER B 75 -126.05 -30.35 6.13
CA SER B 75 -126.29 -29.86 7.48
C SER B 75 -126.98 -28.50 7.42
N ILE B 76 -127.50 -28.08 8.57
CA ILE B 76 -128.18 -26.80 8.70
C ILE B 76 -127.43 -25.85 9.62
N GLU B 77 -126.91 -26.35 10.75
CA GLU B 77 -126.17 -25.52 11.68
C GLU B 77 -124.66 -25.55 11.46
N PHE B 78 -124.15 -26.46 10.63
CA PHE B 78 -122.74 -26.50 10.27
C PHE B 78 -122.41 -25.45 9.21
N ARG B 79 -122.61 -24.18 9.57
CA ARG B 79 -122.39 -23.09 8.63
C ARG B 79 -121.36 -22.06 9.08
N GLU B 80 -121.37 -21.68 10.36
CA GLU B 80 -120.38 -20.73 10.86
C GLU B 80 -118.97 -21.30 10.90
N CYS B 81 -118.77 -22.57 10.54
CA CYS B 81 -117.47 -23.19 10.39
C CYS B 81 -117.07 -23.42 8.95
N ARG B 82 -118.00 -23.88 8.11
CA ARG B 82 -117.75 -24.02 6.69
C ARG B 82 -117.64 -22.66 6.00
N GLU B 83 -118.05 -21.59 6.66
CA GLU B 83 -117.78 -20.23 6.17
C GLU B 83 -116.38 -19.76 6.58
N GLU B 84 -115.98 -20.07 7.81
CA GLU B 84 -114.67 -19.68 8.31
C GLU B 84 -113.55 -20.40 7.54
N ILE B 85 -113.76 -21.67 7.20
CA ILE B 85 -112.74 -22.41 6.46
C ILE B 85 -112.38 -21.70 5.16
N LEU B 86 -113.37 -21.23 4.42
CA LEU B 86 -113.11 -20.59 3.14
C LEU B 86 -112.61 -19.16 3.33
N LYS B 87 -113.13 -18.44 4.34
CA LYS B 87 -112.61 -17.12 4.64
C LYS B 87 -111.14 -17.18 5.05
N PHE B 88 -110.68 -18.31 5.56
CA PHE B 88 -109.25 -18.50 5.85
C PHE B 88 -108.46 -18.97 4.63
N LEU B 89 -109.05 -19.86 3.81
CA LEU B 89 -108.39 -20.29 2.59
C LEU B 89 -108.11 -19.10 1.67
N CYS B 90 -108.96 -18.07 1.72
CA CYS B 90 -108.73 -16.87 0.92
C CYS B 90 -107.39 -16.22 1.24
N ILE B 91 -106.94 -16.29 2.49
CA ILE B 91 -105.64 -15.73 2.86
C ILE B 91 -104.54 -16.77 2.70
N PHE B 92 -104.86 -18.05 2.89
CA PHE B 92 -103.84 -19.09 2.75
C PHE B 92 -103.34 -19.19 1.32
N LEU B 93 -104.25 -19.13 0.34
CA LEU B 93 -103.86 -19.21 -1.06
C LEU B 93 -103.04 -18.00 -1.50
N GLU B 94 -103.01 -16.93 -0.72
CA GLU B 94 -102.22 -15.74 -1.02
C GLU B 94 -100.91 -15.68 -0.24
N LYS B 95 -100.84 -16.34 0.92
CA LYS B 95 -99.63 -16.26 1.73
C LYS B 95 -98.39 -16.71 0.97
N MET B 96 -98.43 -17.90 0.36
CA MET B 96 -97.28 -18.39 -0.41
C MET B 96 -97.28 -17.81 -1.82
N GLY B 97 -96.18 -18.08 -2.53
CA GLY B 97 -96.01 -17.64 -3.89
C GLY B 97 -96.70 -18.58 -4.89
N GLN B 98 -95.98 -19.01 -5.93
CA GLN B 98 -96.57 -19.90 -6.93
C GLN B 98 -96.45 -21.36 -6.50
N LYS B 99 -96.38 -21.61 -5.20
CA LYS B 99 -96.09 -22.94 -4.67
C LYS B 99 -97.30 -23.54 -3.94
N ILE B 100 -98.50 -23.38 -4.52
CA ILE B 100 -99.69 -24.12 -4.10
C ILE B 100 -100.27 -24.84 -5.31
N ALA B 101 -99.40 -25.30 -6.22
CA ALA B 101 -99.86 -25.67 -7.56
C ALA B 101 -100.76 -26.91 -7.59
N PRO B 102 -100.36 -28.08 -7.07
CA PRO B 102 -101.19 -29.28 -7.28
C PRO B 102 -102.49 -29.30 -6.50
N TYR B 103 -102.59 -28.56 -5.40
CA TYR B 103 -103.82 -28.50 -4.60
C TYR B 103 -104.70 -27.33 -5.04
N SER B 104 -105.02 -27.31 -6.33
CA SER B 104 -105.81 -26.23 -6.91
C SER B 104 -107.07 -26.69 -7.62
N VAL B 105 -107.01 -27.81 -8.36
CA VAL B 105 -108.22 -28.31 -9.00
C VAL B 105 -109.23 -28.79 -7.96
N GLU B 106 -108.75 -29.41 -6.88
CA GLU B 106 -109.65 -29.81 -5.80
C GLU B 106 -110.29 -28.61 -5.12
N ILE B 107 -109.58 -27.49 -5.02
CA ILE B 107 -110.16 -26.28 -4.43
C ILE B 107 -111.22 -25.70 -5.37
N LYS B 108 -110.94 -25.66 -6.68
CA LYS B 108 -111.94 -25.18 -7.63
C LYS B 108 -113.19 -26.05 -7.59
N ASN B 109 -113.02 -27.37 -7.47
CA ASN B 109 -114.18 -28.27 -7.46
C ASN B 109 -114.95 -28.18 -6.15
N THR B 110 -114.27 -28.03 -5.00
CA THR B 110 -114.98 -27.87 -3.74
C THR B 110 -115.72 -26.54 -3.69
N CYS B 111 -115.20 -25.50 -4.35
CA CYS B 111 -115.93 -24.24 -4.45
C CYS B 111 -117.15 -24.40 -5.34
N THR B 112 -117.00 -25.06 -6.50
CA THR B 112 -118.15 -25.33 -7.36
C THR B 112 -119.25 -26.09 -6.62
N SER B 113 -118.86 -27.10 -5.84
CA SER B 113 -119.85 -27.90 -5.11
C SER B 113 -120.51 -27.07 -4.01
N VAL B 114 -119.71 -26.39 -3.19
CA VAL B 114 -120.23 -25.66 -2.03
C VAL B 114 -120.88 -24.34 -2.43
N TYR B 115 -120.92 -24.03 -3.73
CA TYR B 115 -121.80 -22.99 -4.23
C TYR B 115 -123.05 -23.57 -4.88
N THR B 116 -122.90 -24.59 -5.73
CA THR B 116 -124.03 -25.19 -6.44
C THR B 116 -124.99 -25.95 -5.53
N LYS B 117 -124.60 -26.24 -4.29
CA LYS B 117 -125.57 -26.77 -3.33
C LYS B 117 -125.52 -25.98 -2.01
N ASP B 118 -125.66 -24.65 -2.11
CA ASP B 118 -125.65 -23.76 -0.95
C ASP B 118 -126.85 -22.82 -1.03
N ARG B 119 -127.72 -22.87 0.00
CA ARG B 119 -128.92 -22.05 0.04
C ARG B 119 -128.72 -20.73 0.78
N ALA B 120 -127.71 -20.64 1.65
CA ALA B 120 -127.43 -19.42 2.40
C ALA B 120 -126.80 -18.34 1.50
N ALA B 121 -127.00 -17.08 1.88
CA ALA B 121 -126.31 -15.97 1.25
C ALA B 121 -125.03 -15.57 1.97
N LYS B 122 -124.80 -16.07 3.18
CA LYS B 122 -123.57 -15.79 3.91
C LYS B 122 -122.47 -16.79 3.62
N CYS B 123 -122.79 -17.93 2.99
CA CYS B 123 -121.80 -18.94 2.65
C CYS B 123 -121.71 -19.10 1.14
N LYS B 124 -121.69 -17.98 0.42
CA LYS B 124 -121.42 -17.92 -1.00
C LYS B 124 -120.31 -16.94 -1.34
N ILE B 125 -120.08 -15.96 -0.47
CA ILE B 125 -119.14 -14.87 -0.69
C ILE B 125 -117.72 -15.40 -0.55
N PRO B 126 -117.36 -16.08 0.55
CA PRO B 126 -116.00 -16.63 0.63
C PRO B 126 -115.77 -17.77 -0.34
N ALA B 127 -116.82 -18.54 -0.66
CA ALA B 127 -116.68 -19.61 -1.65
C ALA B 127 -116.31 -19.04 -3.02
N LEU B 128 -116.89 -17.89 -3.39
CA LEU B 128 -116.49 -17.25 -4.64
C LEU B 128 -115.10 -16.62 -4.51
N ASP B 129 -114.80 -16.01 -3.36
CA ASP B 129 -113.51 -15.34 -3.19
C ASP B 129 -112.37 -16.34 -3.30
N LEU B 130 -112.57 -17.57 -2.82
CA LEU B 130 -111.50 -18.56 -2.88
C LEU B 130 -111.18 -18.96 -4.31
N LEU B 131 -112.20 -19.20 -5.13
CA LEU B 131 -111.95 -19.55 -6.52
C LEU B 131 -111.38 -18.36 -7.30
N ILE B 132 -111.83 -17.14 -6.98
CA ILE B 132 -111.24 -15.96 -7.62
C ILE B 132 -109.76 -15.86 -7.28
N LYS B 133 -109.40 -16.06 -6.00
CA LYS B 133 -107.99 -16.06 -5.62
C LYS B 133 -107.23 -17.17 -6.32
N LEU B 134 -107.87 -18.32 -6.52
CA LEU B 134 -107.22 -19.44 -7.18
C LEU B 134 -106.91 -19.14 -8.64
N LEU B 135 -107.86 -18.53 -9.35
CA LEU B 135 -107.60 -18.16 -10.73
C LEU B 135 -106.73 -16.91 -10.85
N GLN B 136 -106.57 -16.14 -9.77
CA GLN B 136 -105.65 -15.01 -9.82
C GLN B 136 -104.20 -15.43 -9.58
N THR B 137 -103.97 -16.37 -8.66
CA THR B 137 -102.59 -16.74 -8.36
C THR B 137 -101.93 -17.48 -9.52
N PHE B 138 -102.65 -18.37 -10.19
CA PHE B 138 -102.09 -19.07 -11.34
C PHE B 138 -102.56 -18.39 -12.62
N ARG B 139 -101.94 -17.25 -12.92
CA ARG B 139 -102.13 -16.58 -14.19
C ARG B 139 -101.22 -17.11 -15.28
N SER B 140 -100.20 -17.89 -14.93
CA SER B 140 -99.26 -18.45 -15.90
C SER B 140 -99.94 -19.37 -16.90
N SER B 141 -99.20 -19.87 -17.88
CA SER B 141 -99.80 -20.60 -18.99
C SER B 141 -100.23 -22.02 -18.65
N ARG B 142 -99.68 -22.61 -17.58
CA ARG B 142 -100.05 -23.95 -17.16
C ARG B 142 -101.10 -23.91 -16.03
N LEU B 143 -101.52 -25.10 -15.60
CA LEU B 143 -102.58 -25.29 -14.60
C LEU B 143 -103.86 -24.52 -14.93
N MET B 144 -104.10 -24.28 -16.22
CA MET B 144 -105.33 -23.62 -16.64
C MET B 144 -106.26 -24.55 -17.40
N ASP B 145 -105.71 -25.59 -18.04
CA ASP B 145 -106.53 -26.65 -18.61
C ASP B 145 -107.01 -27.63 -17.54
N GLU B 146 -106.34 -27.67 -16.39
CA GLU B 146 -106.79 -28.54 -15.29
C GLU B 146 -108.02 -27.98 -14.60
N PHE B 147 -108.31 -26.70 -14.80
CA PHE B 147 -109.57 -26.10 -14.40
C PHE B 147 -110.48 -26.07 -15.62
N LYS B 148 -111.71 -26.53 -15.45
CA LYS B 148 -112.64 -26.55 -16.57
C LYS B 148 -113.12 -25.14 -16.87
N ILE B 149 -112.41 -24.44 -17.75
CA ILE B 149 -112.73 -23.04 -18.02
C ILE B 149 -113.98 -22.92 -18.86
N GLY B 150 -114.09 -23.76 -19.90
CA GLY B 150 -115.32 -23.79 -20.67
C GLY B 150 -116.53 -24.18 -19.83
N GLU B 151 -116.37 -25.23 -19.02
CA GLU B 151 -117.48 -25.72 -18.20
C GLU B 151 -117.81 -24.73 -17.08
N LEU B 152 -116.79 -24.13 -16.46
CA LEU B 152 -117.05 -23.15 -15.42
C LEU B 152 -117.75 -21.92 -15.99
N PHE B 153 -117.31 -21.45 -17.16
CA PHE B 153 -118.00 -20.34 -17.79
C PHE B 153 -119.43 -20.72 -18.15
N SER B 154 -119.65 -21.93 -18.65
CA SER B 154 -121.00 -22.36 -18.95
C SER B 154 -121.89 -22.30 -17.71
N LYS B 155 -121.45 -22.96 -16.63
CA LYS B 155 -122.22 -22.96 -15.38
C LYS B 155 -122.51 -21.55 -14.88
N PHE B 156 -121.50 -20.69 -14.85
CA PHE B 156 -121.67 -19.43 -14.15
C PHE B 156 -122.16 -18.29 -15.04
N TYR B 157 -122.07 -18.43 -16.37
CA TYR B 157 -122.77 -17.53 -17.26
C TYR B 157 -124.24 -17.93 -17.37
N GLY B 158 -124.55 -19.22 -17.17
CA GLY B 158 -125.93 -19.62 -16.96
C GLY B 158 -126.45 -19.30 -15.58
N GLU B 159 -125.55 -19.08 -14.62
CA GLU B 159 -125.90 -18.72 -13.26
C GLU B 159 -126.60 -17.37 -13.16
N LEU B 160 -126.61 -16.57 -14.22
CA LEU B 160 -127.28 -15.28 -14.24
C LEU B 160 -128.59 -15.36 -15.01
N ALA B 161 -128.82 -16.48 -15.69
CA ALA B 161 -130.03 -16.84 -16.43
C ALA B 161 -131.18 -17.27 -15.52
N LEU B 162 -131.10 -16.99 -14.21
CA LEU B 162 -132.15 -17.31 -13.25
C LEU B 162 -132.46 -16.11 -12.34
N LYS B 163 -133.38 -16.35 -11.40
CA LYS B 163 -134.07 -15.33 -10.61
C LYS B 163 -133.11 -14.44 -9.82
N LYS B 164 -133.69 -13.34 -9.33
CA LYS B 164 -133.06 -12.40 -8.40
C LYS B 164 -133.21 -12.87 -6.94
N LYS B 165 -132.74 -14.09 -6.69
CA LYS B 165 -132.51 -14.51 -5.31
C LYS B 165 -131.14 -14.04 -4.83
N ILE B 166 -130.42 -13.32 -5.68
CA ILE B 166 -129.09 -12.81 -5.36
C ILE B 166 -129.21 -11.53 -4.54
N PRO B 167 -128.54 -11.42 -3.38
CA PRO B 167 -128.63 -10.20 -2.58
C PRO B 167 -127.66 -9.14 -3.10
N ASP B 168 -127.18 -9.34 -4.33
CA ASP B 168 -126.40 -8.44 -5.18
C ASP B 168 -124.94 -8.35 -4.79
N THR B 169 -124.53 -8.87 -3.64
CA THR B 169 -123.12 -8.73 -3.25
C THR B 169 -122.27 -9.77 -3.95
N VAL B 170 -122.76 -11.00 -4.04
CA VAL B 170 -122.10 -12.08 -4.79
C VAL B 170 -121.95 -11.69 -6.26
N LEU B 171 -122.85 -10.84 -6.77
CA LEU B 171 -122.87 -10.47 -8.18
C LEU B 171 -121.57 -9.81 -8.60
N GLU B 172 -121.03 -8.91 -7.77
CA GLU B 172 -119.74 -8.29 -8.04
C GLU B 172 -118.67 -9.34 -8.28
N LYS B 173 -118.53 -10.30 -7.36
CA LYS B 173 -117.52 -11.33 -7.50
C LYS B 173 -117.76 -12.19 -8.73
N VAL B 174 -119.02 -12.42 -9.09
CA VAL B 174 -119.29 -13.23 -10.27
C VAL B 174 -118.81 -12.49 -11.52
N TYR B 175 -119.09 -11.19 -11.59
CA TYR B 175 -118.62 -10.38 -12.71
C TYR B 175 -117.09 -10.38 -12.78
N GLU B 176 -116.43 -10.28 -11.63
CA GLU B 176 -114.98 -10.29 -11.60
C GLU B 176 -114.42 -11.60 -12.15
N LEU B 177 -115.00 -12.72 -11.71
CA LEU B 177 -114.47 -14.00 -12.15
C LEU B 177 -114.75 -14.24 -13.63
N LEU B 178 -115.91 -13.79 -14.12
CA LEU B 178 -116.20 -13.96 -15.54
C LEU B 178 -115.41 -13.01 -16.42
N GLY B 179 -114.84 -11.95 -15.85
CA GLY B 179 -113.89 -11.16 -16.62
C GLY B 179 -112.51 -11.78 -16.62
N LEU B 180 -112.13 -12.37 -15.48
CA LEU B 180 -110.85 -13.05 -15.40
C LEU B 180 -110.81 -14.23 -16.37
N LEU B 181 -111.91 -14.97 -16.48
CA LEU B 181 -111.97 -16.08 -17.42
C LEU B 181 -111.79 -15.60 -18.86
N GLY B 182 -112.20 -14.37 -19.17
CA GLY B 182 -111.94 -13.82 -20.48
C GLY B 182 -110.53 -13.33 -20.67
N GLU B 183 -109.88 -12.88 -19.58
CA GLU B 183 -108.52 -12.38 -19.70
C GLU B 183 -107.52 -13.52 -19.88
N VAL B 184 -107.54 -14.51 -18.98
CA VAL B 184 -106.58 -15.59 -19.03
C VAL B 184 -107.15 -16.77 -19.80
N HIS B 185 -106.25 -17.55 -20.44
CA HIS B 185 -106.60 -18.71 -21.23
C HIS B 185 -107.52 -18.32 -22.39
N PRO B 186 -107.05 -17.49 -23.34
CA PRO B 186 -107.92 -17.08 -24.46
C PRO B 186 -107.92 -18.06 -25.63
N SER B 187 -107.99 -19.36 -25.36
CA SER B 187 -108.12 -20.34 -26.42
C SER B 187 -109.42 -21.14 -26.38
N GLU B 188 -110.12 -21.16 -25.24
CA GLU B 188 -111.41 -21.84 -25.16
C GLU B 188 -112.57 -20.92 -25.53
N MET B 189 -112.65 -19.79 -24.85
CA MET B 189 -113.80 -18.90 -24.95
C MET B 189 -113.49 -17.68 -25.83
N ILE B 190 -113.24 -17.97 -27.10
CA ILE B 190 -113.15 -16.92 -28.11
C ILE B 190 -114.50 -16.71 -28.78
N ASN B 191 -115.39 -17.70 -28.72
CA ASN B 191 -116.67 -17.72 -29.40
C ASN B 191 -117.80 -17.16 -28.54
N ASN B 192 -117.86 -17.56 -27.27
CA ASN B 192 -118.95 -17.15 -26.38
C ASN B 192 -118.60 -15.92 -25.57
N ALA B 193 -117.73 -15.04 -26.08
CA ALA B 193 -117.41 -13.78 -25.43
C ALA B 193 -118.31 -12.63 -25.85
N GLU B 194 -119.08 -12.80 -26.93
CA GLU B 194 -119.95 -11.73 -27.38
C GLU B 194 -121.22 -11.68 -26.53
N ASN B 195 -121.78 -12.85 -26.23
CA ASN B 195 -122.88 -12.93 -25.27
C ASN B 195 -122.47 -12.39 -23.90
N LEU B 196 -121.20 -12.55 -23.54
CA LEU B 196 -120.72 -12.03 -22.26
C LEU B 196 -120.57 -10.51 -22.31
N PHE B 197 -120.00 -9.98 -23.40
CA PHE B 197 -119.98 -8.54 -23.61
C PHE B 197 -121.38 -7.95 -23.46
N ARG B 198 -122.36 -8.63 -24.06
CA ARG B 198 -123.74 -8.15 -24.03
C ARG B 198 -124.30 -8.19 -22.61
N ALA B 199 -124.09 -9.29 -21.87
CA ALA B 199 -124.58 -9.36 -20.49
C ALA B 199 -123.96 -8.28 -19.63
N PHE B 200 -122.66 -8.05 -19.80
CA PHE B 200 -121.98 -6.99 -19.05
C PHE B 200 -122.63 -5.64 -19.31
N LEU B 201 -122.69 -5.24 -20.59
CA LEU B 201 -123.23 -3.93 -20.94
C LEU B 201 -124.71 -3.83 -20.55
N GLY B 202 -125.44 -4.94 -20.59
CA GLY B 202 -126.86 -4.89 -20.26
C GLY B 202 -127.11 -4.63 -18.79
N GLU B 203 -126.44 -5.39 -17.92
CA GLU B 203 -126.59 -5.09 -16.50
C GLU B 203 -126.05 -3.70 -16.18
N LEU B 204 -125.03 -3.26 -16.93
CA LEU B 204 -124.52 -1.91 -16.74
C LEU B 204 -125.61 -0.88 -17.01
N LYS B 205 -126.29 -1.00 -18.16
CA LYS B 205 -127.36 -0.08 -18.48
C LYS B 205 -128.53 -0.22 -17.52
N THR B 206 -128.72 -1.40 -16.91
CA THR B 206 -129.80 -1.57 -15.95
C THR B 206 -129.52 -0.82 -14.65
N GLN B 207 -128.36 -1.06 -14.06
CA GLN B 207 -128.00 -0.45 -12.78
C GLN B 207 -127.32 0.90 -12.90
N MET B 208 -127.25 1.46 -14.12
CA MET B 208 -126.62 2.76 -14.36
C MET B 208 -127.59 3.92 -14.51
N THR B 209 -128.62 3.77 -15.35
CA THR B 209 -129.48 4.89 -15.72
C THR B 209 -130.23 5.50 -14.54
N SER B 210 -130.07 4.92 -13.36
CA SER B 210 -130.83 5.31 -12.17
C SER B 210 -132.33 5.43 -12.50
N ALA B 211 -132.92 4.27 -12.76
CA ALA B 211 -134.37 4.20 -12.92
C ALA B 211 -135.06 4.35 -11.58
N VAL B 212 -134.56 3.65 -10.56
CA VAL B 212 -135.01 3.80 -9.19
C VAL B 212 -133.81 4.18 -8.33
N ARG B 213 -134.09 4.58 -7.09
CA ARG B 213 -133.06 5.13 -6.20
C ARG B 213 -132.03 4.06 -5.82
N GLU B 214 -130.74 4.39 -6.01
CA GLU B 214 -129.59 3.59 -5.59
C GLU B 214 -129.59 2.19 -6.18
N PRO B 215 -129.31 2.03 -7.49
CA PRO B 215 -129.52 0.72 -8.14
C PRO B 215 -128.85 -0.46 -7.44
N LYS B 216 -127.51 -0.49 -7.43
CA LYS B 216 -126.69 -1.38 -6.61
C LYS B 216 -125.22 -0.97 -6.67
N LEU B 217 -124.56 -0.82 -5.51
CA LEU B 217 -123.19 -0.32 -5.51
C LEU B 217 -122.16 -1.38 -5.91
N PRO B 218 -122.08 -2.55 -5.26
CA PRO B 218 -120.98 -3.47 -5.58
C PRO B 218 -121.07 -4.09 -6.95
N VAL B 219 -122.29 -4.23 -7.47
CA VAL B 219 -122.49 -4.86 -8.77
C VAL B 219 -121.80 -4.05 -9.87
N LEU B 220 -121.91 -2.73 -9.79
CA LEU B 220 -121.24 -1.86 -10.77
C LEU B 220 -119.74 -2.13 -10.84
N ALA B 221 -119.07 -2.12 -9.68
CA ALA B 221 -117.62 -2.29 -9.68
C ALA B 221 -117.23 -3.68 -10.13
N GLY B 222 -117.98 -4.70 -9.72
CA GLY B 222 -117.71 -6.05 -10.21
C GLY B 222 -117.80 -6.13 -11.71
N CYS B 223 -118.88 -5.58 -12.28
CA CYS B 223 -119.05 -5.57 -13.73
C CYS B 223 -117.92 -4.80 -14.40
N LEU B 224 -117.48 -3.72 -13.76
CA LEU B 224 -116.43 -2.88 -14.35
C LEU B 224 -115.11 -3.63 -14.44
N LYS B 225 -114.70 -4.27 -13.34
CA LYS B 225 -113.44 -5.01 -13.37
C LYS B 225 -113.52 -6.24 -14.25
N GLY B 226 -114.70 -6.89 -14.30
CA GLY B 226 -114.88 -7.99 -15.23
C GLY B 226 -114.69 -7.57 -16.68
N LEU B 227 -115.31 -6.45 -17.06
CA LEU B 227 -115.16 -5.98 -18.43
C LEU B 227 -113.74 -5.50 -18.71
N SER B 228 -113.05 -4.96 -17.70
CA SER B 228 -111.65 -4.59 -17.88
C SER B 228 -110.80 -5.82 -18.20
N SER B 229 -110.97 -6.89 -17.44
CA SER B 229 -110.25 -8.12 -17.74
C SER B 229 -110.71 -8.71 -19.08
N LEU B 230 -111.95 -8.44 -19.48
CA LEU B 230 -112.48 -8.97 -20.72
C LEU B 230 -112.00 -8.22 -21.95
N LEU B 231 -111.52 -6.99 -21.79
CA LEU B 231 -111.04 -6.22 -22.94
C LEU B 231 -109.55 -6.41 -23.18
N CYS B 232 -109.07 -7.64 -22.94
CA CYS B 232 -107.72 -8.05 -23.28
C CYS B 232 -107.83 -9.24 -24.23
N ASN B 233 -107.13 -9.15 -25.37
CA ASN B 233 -107.16 -10.12 -26.46
C ASN B 233 -108.49 -10.08 -27.21
N PHE B 234 -109.43 -9.22 -26.80
CA PHE B 234 -110.73 -9.12 -27.44
C PHE B 234 -110.98 -7.69 -27.87
N THR B 235 -110.04 -7.15 -28.65
CA THR B 235 -110.12 -5.77 -29.13
C THR B 235 -111.27 -5.58 -30.09
N ASP B 241 -113.45 -2.72 -34.29
CA ASP B 241 -114.86 -2.49 -34.01
C ASP B 241 -115.03 -1.35 -33.02
N PRO B 242 -115.03 -0.11 -33.49
CA PRO B 242 -115.35 1.04 -32.64
C PRO B 242 -116.82 1.40 -32.65
N GLN B 243 -117.69 0.42 -32.38
CA GLN B 243 -119.12 0.65 -32.23
C GLN B 243 -119.55 0.43 -30.78
N THR B 244 -119.32 -0.76 -30.24
CA THR B 244 -119.47 -0.95 -28.81
C THR B 244 -118.38 -0.23 -28.03
N SER B 245 -117.28 0.11 -28.69
CA SER B 245 -116.25 0.93 -28.06
C SER B 245 -116.82 2.26 -27.58
N ARG B 246 -117.65 2.91 -28.41
CA ARG B 246 -118.22 4.19 -28.00
C ARG B 246 -119.27 4.03 -26.90
N GLU B 247 -120.05 2.94 -26.92
CA GLU B 247 -120.99 2.69 -25.83
C GLU B 247 -120.26 2.48 -24.51
N ILE B 248 -119.18 1.71 -24.53
CA ILE B 248 -118.41 1.52 -23.30
C ILE B 248 -117.75 2.83 -22.88
N PHE B 249 -117.34 3.66 -23.85
CA PHE B 249 -116.76 4.95 -23.52
C PHE B 249 -117.78 5.84 -22.81
N ASN B 250 -119.02 5.87 -23.34
CA ASN B 250 -120.07 6.64 -22.68
C ASN B 250 -120.36 6.12 -21.28
N PHE B 251 -120.41 4.78 -21.12
CA PHE B 251 -120.67 4.22 -19.80
C PHE B 251 -119.55 4.57 -18.81
N VAL B 252 -118.30 4.50 -19.25
CA VAL B 252 -117.21 4.78 -18.32
C VAL B 252 -117.11 6.27 -18.04
N LEU B 253 -117.47 7.13 -19.00
CA LEU B 253 -117.52 8.56 -18.72
C LEU B 253 -118.60 8.87 -17.69
N LYS B 254 -119.75 8.22 -17.83
CA LYS B 254 -120.80 8.38 -16.83
C LYS B 254 -120.39 7.83 -15.47
N ALA B 255 -119.55 6.79 -15.46
CA ALA B 255 -119.07 6.22 -14.21
C ALA B 255 -117.94 7.02 -13.58
N ILE B 256 -117.20 7.81 -14.36
CA ILE B 256 -116.11 8.62 -13.83
C ILE B 256 -116.47 10.09 -13.78
N ARG B 257 -117.73 10.45 -14.02
CA ARG B 257 -118.11 11.83 -13.70
C ARG B 257 -119.13 11.89 -12.57
N PRO B 258 -118.94 11.17 -11.46
CA PRO B 258 -119.99 11.10 -10.44
C PRO B 258 -119.89 12.33 -9.57
N GLN B 259 -120.74 12.39 -8.55
CA GLN B 259 -120.53 13.38 -7.51
C GLN B 259 -119.33 12.90 -6.70
N ILE B 260 -118.34 13.77 -6.51
CA ILE B 260 -117.07 13.31 -6.00
C ILE B 260 -117.16 12.85 -4.54
N ASP B 261 -118.10 13.40 -3.77
CA ASP B 261 -118.16 13.06 -2.35
C ASP B 261 -118.81 11.70 -2.18
N LEU B 262 -117.99 10.64 -2.18
CA LEU B 262 -118.47 9.30 -1.88
C LEU B 262 -117.37 8.51 -1.19
N LYS B 263 -117.76 7.77 -0.15
CA LYS B 263 -116.84 6.90 0.54
C LYS B 263 -116.56 5.64 -0.27
N ARG B 264 -115.34 5.13 -0.14
CA ARG B 264 -114.87 4.00 -0.94
C ARG B 264 -115.13 4.27 -2.41
N TYR B 265 -114.61 5.40 -2.88
CA TYR B 265 -114.83 5.85 -4.27
C TYR B 265 -114.03 4.93 -5.18
N ALA B 266 -114.59 3.75 -5.44
CA ALA B 266 -113.90 2.71 -6.18
C ALA B 266 -114.29 2.65 -7.65
N VAL B 267 -115.36 3.35 -8.06
CA VAL B 267 -115.67 3.44 -9.50
C VAL B 267 -114.51 4.01 -10.31
N PRO B 268 -113.75 5.01 -9.84
CA PRO B 268 -112.53 5.35 -10.59
C PRO B 268 -111.52 4.23 -10.53
N SER B 269 -111.33 3.61 -9.36
CA SER B 269 -110.31 2.58 -9.18
C SER B 269 -110.43 1.46 -10.21
N ALA B 270 -111.57 1.34 -10.89
CA ALA B 270 -111.73 0.40 -11.98
C ALA B 270 -111.78 1.09 -13.35
N GLY B 271 -112.56 2.16 -13.47
CA GLY B 271 -112.69 2.81 -14.78
C GLY B 271 -111.38 3.38 -15.28
N LEU B 272 -110.64 4.06 -14.40
CA LEU B 272 -109.39 4.68 -14.78
C LEU B 272 -108.36 3.64 -15.20
N ARG B 273 -108.25 2.54 -14.44
CA ARG B 273 -107.31 1.49 -14.80
C ARG B 273 -107.71 0.82 -16.10
N LEU B 274 -109.02 0.64 -16.34
CA LEU B 274 -109.47 0.09 -17.62
C LEU B 274 -109.05 0.99 -18.77
N PHE B 275 -109.21 2.32 -18.60
CA PHE B 275 -108.75 3.22 -19.64
C PHE B 275 -107.25 3.07 -19.85
N ALA B 276 -106.49 3.00 -18.75
CA ALA B 276 -105.05 2.82 -18.87
C ALA B 276 -104.71 1.58 -19.70
N LEU B 277 -105.40 0.47 -19.44
CA LEU B 277 -105.19 -0.77 -20.19
C LEU B 277 -105.57 -0.63 -21.66
N HIS B 278 -106.86 -0.47 -21.94
CA HIS B 278 -107.37 -0.45 -23.31
C HIS B 278 -107.55 0.98 -23.81
N ALA B 279 -106.43 1.69 -23.90
CA ALA B 279 -106.46 3.08 -24.36
C ALA B 279 -106.48 3.21 -25.88
N SER B 280 -106.19 2.12 -26.61
CA SER B 280 -106.02 2.19 -28.05
C SER B 280 -107.23 1.73 -28.84
N GLN B 281 -108.26 1.20 -28.18
CA GLN B 281 -109.45 0.76 -28.92
C GLN B 281 -110.25 1.95 -29.42
N PHE B 282 -110.36 3.00 -28.61
CA PHE B 282 -111.05 4.22 -28.98
C PHE B 282 -110.05 5.35 -29.21
N SER B 283 -110.12 5.95 -30.40
CA SER B 283 -109.40 7.17 -30.72
C SER B 283 -110.34 8.30 -31.07
N THR B 284 -111.30 8.05 -31.96
CA THR B 284 -112.28 9.08 -32.33
C THR B 284 -113.17 9.42 -31.15
N CYS B 285 -113.42 8.45 -30.27
CA CYS B 285 -114.23 8.67 -29.09
C CYS B 285 -113.55 9.50 -28.02
N LEU B 286 -112.29 9.89 -28.22
CA LEU B 286 -111.49 10.55 -27.19
C LEU B 286 -111.25 12.03 -27.46
N LEU B 287 -111.68 12.55 -28.61
CA LEU B 287 -111.33 13.91 -28.99
C LEU B 287 -112.42 14.93 -28.68
N ASP B 288 -113.68 14.51 -28.60
CA ASP B 288 -114.76 15.48 -28.44
C ASP B 288 -114.91 15.93 -26.99
N ASN B 289 -114.74 15.00 -26.04
CA ASN B 289 -114.91 15.29 -24.61
C ASN B 289 -113.58 15.47 -23.89
N TYR B 290 -112.62 16.19 -24.49
CA TYR B 290 -111.29 16.26 -23.89
C TYR B 290 -111.27 17.17 -22.67
N VAL B 291 -112.06 18.24 -22.67
CA VAL B 291 -112.06 19.18 -21.55
C VAL B 291 -112.56 18.49 -20.28
N SER B 292 -113.69 17.79 -20.37
CA SER B 292 -114.28 17.16 -19.19
C SER B 292 -113.40 16.04 -18.65
N LEU B 293 -112.80 15.25 -19.55
CA LEU B 293 -111.87 14.20 -19.12
C LEU B 293 -110.67 14.81 -18.41
N PHE B 294 -110.10 15.85 -19.01
CA PHE B 294 -108.98 16.58 -18.40
C PHE B 294 -109.33 17.06 -16.99
N GLU B 295 -110.48 17.72 -16.86
CA GLU B 295 -110.88 18.27 -15.56
C GLU B 295 -111.08 17.17 -14.52
N VAL B 296 -111.77 16.09 -14.89
CA VAL B 296 -112.05 15.07 -13.89
C VAL B 296 -110.78 14.32 -13.51
N LEU B 297 -109.88 14.10 -14.47
CA LEU B 297 -108.59 13.52 -14.13
C LEU B 297 -107.84 14.41 -13.16
N LEU B 298 -107.82 15.72 -13.44
CA LEU B 298 -107.20 16.68 -12.52
C LEU B 298 -107.79 16.57 -11.13
N LYS B 299 -109.12 16.59 -11.03
CA LYS B 299 -109.76 16.57 -9.71
C LYS B 299 -109.45 15.29 -8.96
N TRP B 300 -109.29 14.17 -9.67
CA TRP B 300 -108.98 12.92 -9.01
C TRP B 300 -107.49 12.69 -8.82
N CYS B 301 -106.63 13.53 -9.39
CA CYS B 301 -105.19 13.39 -9.20
C CYS B 301 -104.66 14.11 -7.96
N ALA B 302 -105.52 14.77 -7.18
CA ALA B 302 -105.11 15.39 -5.92
C ALA B 302 -106.09 15.01 -4.83
N HIS B 303 -106.61 13.79 -4.90
CA HIS B 303 -107.54 13.27 -3.92
C HIS B 303 -106.96 11.98 -3.37
N THR B 304 -105.72 12.04 -2.88
CA THR B 304 -104.93 10.86 -2.59
C THR B 304 -105.49 10.03 -1.44
N ASN B 305 -106.70 9.50 -1.64
CA ASN B 305 -107.10 8.32 -0.91
C ASN B 305 -106.21 7.16 -1.32
N VAL B 306 -106.06 6.18 -0.42
CA VAL B 306 -104.95 5.23 -0.51
C VAL B 306 -104.85 4.61 -1.89
N GLU B 307 -105.88 3.87 -2.31
CA GLU B 307 -105.84 3.22 -3.62
C GLU B 307 -106.55 4.03 -4.70
N LEU B 308 -106.24 5.31 -4.78
CA LEU B 308 -106.87 6.20 -5.76
C LEU B 308 -105.88 7.06 -6.52
N LYS B 309 -104.83 7.55 -5.85
CA LYS B 309 -103.87 8.46 -6.46
C LYS B 309 -103.17 7.81 -7.63
N LYS B 310 -102.52 6.66 -7.38
CA LYS B 310 -101.77 5.97 -8.43
C LYS B 310 -102.68 5.34 -9.48
N ALA B 311 -104.00 5.37 -9.28
CA ALA B 311 -104.90 4.91 -10.32
C ALA B 311 -105.27 6.05 -11.26
N ALA B 312 -105.66 7.20 -10.68
CA ALA B 312 -105.86 8.37 -11.51
C ALA B 312 -104.59 8.74 -12.25
N LEU B 313 -103.43 8.51 -11.63
CA LEU B 313 -102.16 8.81 -12.28
C LEU B 313 -101.97 7.98 -13.54
N SER B 314 -102.13 6.65 -13.42
CA SER B 314 -101.92 5.79 -14.58
C SER B 314 -102.94 6.07 -15.67
N ALA B 315 -104.19 6.36 -15.27
CA ALA B 315 -105.20 6.72 -16.25
C ALA B 315 -104.79 7.98 -17.01
N LEU B 316 -104.34 9.00 -16.27
CA LEU B 316 -103.92 10.24 -16.89
C LEU B 316 -102.73 10.01 -17.82
N GLU B 317 -101.83 9.10 -17.45
CA GLU B 317 -100.67 8.82 -18.30
C GLU B 317 -101.09 8.17 -19.62
N SER B 318 -101.97 7.17 -19.55
CA SER B 318 -102.47 6.56 -20.79
C SER B 318 -103.23 7.58 -21.63
N PHE B 319 -104.01 8.45 -20.98
CA PHE B 319 -104.75 9.48 -21.70
C PHE B 319 -103.80 10.40 -22.45
N LEU B 320 -102.75 10.86 -21.77
CA LEU B 320 -101.81 11.77 -22.40
C LEU B 320 -101.09 11.10 -23.56
N LYS B 321 -100.68 9.84 -23.39
CA LYS B 321 -99.98 9.16 -24.48
C LYS B 321 -100.89 8.99 -25.70
N GLN B 322 -102.12 8.52 -25.50
CA GLN B 322 -103.03 8.35 -26.63
C GLN B 322 -103.36 9.67 -27.29
N VAL B 323 -103.63 10.72 -26.50
CA VAL B 323 -104.04 11.98 -27.12
C VAL B 323 -102.85 12.63 -27.82
N SER B 324 -101.63 12.40 -27.35
CA SER B 324 -100.47 12.95 -28.04
C SER B 324 -100.21 12.20 -29.34
N ASN B 325 -100.21 10.86 -29.30
CA ASN B 325 -100.06 10.08 -30.53
C ASN B 325 -101.22 10.27 -31.50
N MET B 326 -102.36 10.78 -31.01
CA MET B 326 -103.48 11.10 -31.86
C MET B 326 -103.37 12.49 -32.48
N VAL B 327 -102.89 13.47 -31.70
CA VAL B 327 -102.79 14.83 -32.22
C VAL B 327 -101.58 14.97 -33.14
N ALA B 328 -100.52 14.19 -32.91
CA ALA B 328 -99.31 14.35 -33.71
C ALA B 328 -99.56 14.08 -35.19
N LYS B 329 -100.52 13.20 -35.50
CA LYS B 329 -100.78 12.81 -36.87
C LYS B 329 -101.27 13.99 -37.70
N ASN B 330 -102.45 14.51 -37.36
CA ASN B 330 -103.05 15.64 -38.06
C ASN B 330 -102.79 16.89 -37.21
N ALA B 331 -101.56 17.40 -37.31
CA ALA B 331 -101.09 18.53 -36.51
C ALA B 331 -101.25 19.89 -37.20
N GLU B 332 -102.42 20.19 -37.77
CA GLU B 332 -102.60 21.55 -38.29
C GLU B 332 -103.89 22.19 -37.80
N MET B 333 -104.92 21.39 -37.54
CA MET B 333 -106.23 21.90 -37.17
C MET B 333 -106.50 21.84 -35.67
N HIS B 334 -105.50 21.49 -34.87
CA HIS B 334 -105.64 21.47 -33.42
C HIS B 334 -104.81 22.55 -32.75
N LYS B 335 -104.67 23.71 -33.41
CA LYS B 335 -103.80 24.77 -32.88
C LYS B 335 -104.29 25.22 -31.52
N ASN B 336 -105.61 25.37 -31.37
CA ASN B 336 -106.17 25.85 -30.12
C ASN B 336 -105.98 24.81 -29.02
N LYS B 337 -106.08 23.53 -29.36
CA LYS B 337 -105.85 22.48 -28.37
C LYS B 337 -104.41 22.48 -27.87
N LEU B 338 -103.44 22.52 -28.80
CA LEU B 338 -102.04 22.52 -28.39
C LEU B 338 -101.67 23.77 -27.60
N GLN B 339 -102.15 24.94 -28.03
CA GLN B 339 -101.81 26.16 -27.28
C GLN B 339 -102.51 26.20 -25.93
N TYR B 340 -103.75 25.71 -25.85
CA TYR B 340 -104.45 25.60 -24.57
C TYR B 340 -103.69 24.69 -23.61
N PHE B 341 -103.17 23.57 -24.11
CA PHE B 341 -102.42 22.68 -23.24
C PHE B 341 -101.07 23.28 -22.85
N MET B 342 -100.42 23.99 -23.79
CA MET B 342 -99.17 24.67 -23.45
C MET B 342 -99.41 25.68 -22.33
N GLU B 343 -100.51 26.43 -22.40
CA GLU B 343 -100.80 27.42 -21.37
C GLU B 343 -101.22 26.78 -20.06
N GLN B 344 -101.95 25.66 -20.11
CA GLN B 344 -102.26 24.93 -18.88
C GLN B 344 -100.98 24.47 -18.19
N PHE B 345 -100.04 23.93 -18.97
CA PHE B 345 -98.75 23.50 -18.43
C PHE B 345 -97.97 24.68 -17.86
N TYR B 346 -97.98 25.82 -18.55
CA TYR B 346 -97.28 27.00 -18.05
C TYR B 346 -97.90 27.50 -16.75
N GLY B 347 -99.23 27.50 -16.67
CA GLY B 347 -99.91 27.89 -15.45
C GLY B 347 -99.68 26.94 -14.29
N ILE B 348 -99.32 25.70 -14.59
CA ILE B 348 -98.94 24.79 -13.51
C ILE B 348 -97.46 24.93 -13.13
N ILE B 349 -96.59 25.20 -14.10
CA ILE B 349 -95.15 25.25 -13.84
C ILE B 349 -94.63 26.60 -13.34
N ARG B 350 -95.31 27.70 -13.62
CA ARG B 350 -94.76 29.01 -13.26
C ARG B 350 -94.76 29.24 -11.75
N ASN B 351 -95.87 28.93 -11.09
CA ASN B 351 -96.08 29.21 -9.68
C ASN B 351 -95.67 28.01 -8.81
N VAL B 352 -95.62 28.24 -7.50
CA VAL B 352 -95.29 27.19 -6.54
C VAL B 352 -96.54 26.32 -6.37
N ASP B 353 -96.47 25.12 -6.94
CA ASP B 353 -97.61 24.22 -7.16
C ASP B 353 -97.09 22.79 -7.02
N SER B 354 -97.77 21.82 -7.66
CA SER B 354 -97.35 20.43 -7.58
C SER B 354 -97.54 19.93 -6.15
N ASN B 355 -98.78 19.55 -5.80
CA ASN B 355 -99.12 19.01 -4.48
C ASN B 355 -97.95 18.21 -3.95
N ASN B 356 -97.57 17.12 -4.62
CA ASN B 356 -96.23 16.56 -4.43
C ASN B 356 -95.61 16.02 -5.72
N LYS B 357 -96.43 15.65 -6.71
CA LYS B 357 -96.00 15.13 -8.01
C LYS B 357 -96.87 15.67 -9.14
N GLU B 358 -97.73 16.65 -8.84
CA GLU B 358 -98.65 17.16 -9.84
C GLU B 358 -97.90 17.87 -10.95
N LEU B 359 -97.05 18.83 -10.61
CA LEU B 359 -96.32 19.42 -11.71
C LEU B 359 -95.31 18.44 -12.29
N SER B 360 -95.01 17.32 -11.60
CA SER B 360 -94.22 16.26 -12.23
C SER B 360 -94.98 15.65 -13.41
N ILE B 361 -96.27 15.35 -13.22
CA ILE B 361 -97.02 14.83 -14.35
C ILE B 361 -97.26 15.93 -15.39
N ALA B 362 -97.31 17.19 -14.94
CA ALA B 362 -97.35 18.30 -15.88
C ALA B 362 -96.11 18.34 -16.77
N ILE B 363 -94.94 18.08 -16.18
CA ILE B 363 -93.70 18.04 -16.95
C ILE B 363 -93.73 16.86 -17.92
N ARG B 364 -94.22 15.71 -17.46
CA ARG B 364 -94.33 14.58 -18.39
C ARG B 364 -95.22 14.95 -19.58
N GLY B 365 -96.31 15.68 -19.34
CA GLY B 365 -97.17 16.06 -20.44
C GLY B 365 -96.51 17.05 -21.38
N TYR B 366 -95.84 18.06 -20.81
CA TYR B 366 -95.05 19.01 -21.60
C TYR B 366 -94.06 18.29 -22.50
N GLY B 367 -93.32 17.33 -21.94
CA GLY B 367 -92.32 16.63 -22.71
C GLY B 367 -92.88 15.70 -23.77
N LEU B 368 -94.05 15.10 -23.50
CA LEU B 368 -94.64 14.21 -24.49
C LEU B 368 -95.28 15.00 -25.64
N PHE B 369 -95.83 16.18 -25.36
CA PHE B 369 -96.44 16.99 -26.40
C PHE B 369 -95.46 17.94 -27.08
N ALA B 370 -94.24 18.07 -26.58
CA ALA B 370 -93.22 18.77 -27.36
C ALA B 370 -92.85 18.04 -28.64
N GLY B 371 -93.25 16.78 -28.80
CA GLY B 371 -93.09 16.07 -30.04
C GLY B 371 -93.80 16.75 -31.19
N PRO B 372 -95.13 16.80 -31.12
CA PRO B 372 -95.90 17.49 -32.16
C PRO B 372 -96.01 18.99 -31.95
N CYS B 373 -95.06 19.57 -31.19
CA CYS B 373 -95.07 21.02 -30.96
C CYS B 373 -93.99 21.62 -31.85
N LYS B 374 -94.31 21.70 -33.14
CA LYS B 374 -93.52 22.38 -34.16
C LYS B 374 -94.38 23.18 -35.11
N VAL B 375 -95.63 22.77 -35.34
CA VAL B 375 -96.58 23.42 -36.23
C VAL B 375 -97.39 24.34 -35.33
N ILE B 376 -96.78 24.65 -34.19
CA ILE B 376 -97.28 25.50 -33.11
C ILE B 376 -96.45 26.77 -33.28
N ASN B 377 -96.57 27.70 -32.34
CA ASN B 377 -95.84 28.97 -32.33
C ASN B 377 -94.44 28.87 -32.89
N ALA B 378 -93.73 27.76 -32.62
CA ALA B 378 -92.32 27.57 -32.96
C ALA B 378 -91.44 28.57 -32.24
N LYS B 379 -91.99 29.27 -31.26
CA LYS B 379 -91.40 30.17 -30.28
C LYS B 379 -91.78 29.76 -28.86
N ASP B 380 -93.01 29.26 -28.66
CA ASP B 380 -93.34 28.54 -27.42
C ASP B 380 -92.51 27.28 -27.30
N VAL B 381 -92.10 26.68 -28.42
CA VAL B 381 -91.18 25.55 -28.38
C VAL B 381 -89.85 25.99 -27.78
N ASP B 382 -89.41 27.20 -28.12
CA ASP B 382 -88.12 27.70 -27.63
C ASP B 382 -88.22 28.15 -26.18
N PHE B 383 -89.36 28.68 -25.76
CA PHE B 383 -89.55 28.98 -24.34
C PHE B 383 -89.65 27.70 -23.52
N MET B 384 -90.18 26.63 -24.10
CA MET B 384 -89.97 25.30 -23.57
C MET B 384 -88.52 24.90 -23.79
N TYR B 385 -88.07 23.95 -22.96
CA TYR B 385 -86.66 23.54 -22.89
C TYR B 385 -85.85 24.65 -22.23
N VAL B 386 -86.44 25.83 -22.05
CA VAL B 386 -85.83 26.88 -21.25
C VAL B 386 -86.48 26.88 -19.87
N GLU B 387 -87.79 27.14 -19.84
CA GLU B 387 -88.54 27.01 -18.59
C GLU B 387 -88.46 25.61 -18.03
N LEU B 388 -88.59 24.61 -18.90
CA LEU B 388 -88.58 23.21 -18.47
C LEU B 388 -87.22 22.84 -17.87
N ILE B 389 -86.15 23.21 -18.56
CA ILE B 389 -84.81 22.88 -18.09
C ILE B 389 -84.52 23.58 -16.76
N GLN B 390 -84.84 24.87 -16.66
CA GLN B 390 -84.51 25.59 -15.42
C GLN B 390 -85.31 25.07 -14.23
N ARG B 391 -86.61 24.80 -14.44
CA ARG B 391 -87.43 24.26 -13.34
C ARG B 391 -86.93 22.90 -12.91
N CYS B 392 -86.61 22.03 -13.87
CA CYS B 392 -86.10 20.71 -13.49
C CYS B 392 -84.79 20.84 -12.74
N LYS B 393 -83.90 21.70 -13.25
CA LYS B 393 -82.57 21.87 -12.69
C LYS B 393 -82.60 22.33 -11.25
N GLN B 394 -83.04 23.57 -11.03
CA GLN B 394 -82.97 24.17 -9.70
C GLN B 394 -84.16 23.76 -8.85
N MET B 395 -84.32 22.45 -8.74
CA MET B 395 -85.28 21.81 -7.85
C MET B 395 -84.64 20.77 -6.93
N PHE B 396 -83.72 19.94 -7.45
CA PHE B 396 -83.10 18.92 -6.62
C PHE B 396 -81.61 18.74 -6.91
N LEU B 397 -81.01 19.60 -7.72
CA LEU B 397 -79.58 19.51 -8.03
C LEU B 397 -78.70 20.31 -7.07
N THR B 398 -78.96 21.62 -6.95
CA THR B 398 -78.07 22.48 -6.17
C THR B 398 -78.07 22.12 -4.68
N GLN B 399 -79.19 21.66 -4.15
CA GLN B 399 -79.27 21.37 -2.72
C GLN B 399 -80.13 20.14 -2.50
N THR B 400 -80.05 19.61 -1.28
CA THR B 400 -80.88 18.49 -0.82
C THR B 400 -80.83 17.30 -1.78
N ARG B 406 -86.87 12.17 -0.25
CA ARG B 406 -86.93 11.04 -1.19
C ARG B 406 -87.41 11.53 -2.55
N VAL B 407 -86.51 11.52 -3.54
CA VAL B 407 -86.84 11.88 -4.92
C VAL B 407 -86.78 10.62 -5.76
N TYR B 408 -87.84 10.36 -6.53
CA TYR B 408 -87.99 9.10 -7.22
C TYR B 408 -88.47 9.23 -8.66
N GLN B 409 -88.66 10.43 -9.18
CA GLN B 409 -89.31 10.62 -10.46
C GLN B 409 -88.36 11.18 -11.51
N MET B 410 -87.06 10.99 -11.31
CA MET B 410 -86.07 11.36 -12.31
C MET B 410 -86.29 10.78 -13.71
N PRO B 411 -86.70 9.52 -13.88
CA PRO B 411 -86.83 8.99 -15.26
C PRO B 411 -87.81 9.76 -16.12
N SER B 412 -89.00 10.06 -15.61
CA SER B 412 -89.97 10.83 -16.38
C SER B 412 -89.41 12.21 -16.73
N PHE B 413 -88.74 12.84 -15.76
CA PHE B 413 -88.10 14.13 -15.99
C PHE B 413 -87.16 14.07 -17.18
N LEU B 414 -86.24 13.09 -17.18
CA LEU B 414 -85.26 13.01 -18.24
C LEU B 414 -85.91 12.66 -19.58
N GLN B 415 -86.89 11.75 -19.57
CA GLN B 415 -87.62 11.40 -20.78
C GLN B 415 -88.21 12.65 -21.42
N SER B 416 -88.84 13.50 -20.60
CA SER B 416 -89.45 14.73 -21.09
C SER B 416 -88.40 15.72 -21.57
N VAL B 417 -87.29 15.86 -20.85
CA VAL B 417 -86.24 16.77 -21.27
C VAL B 417 -85.68 16.36 -22.63
N ALA B 418 -85.49 15.06 -22.83
CA ALA B 418 -84.99 14.58 -24.11
C ALA B 418 -85.99 14.85 -25.23
N SER B 419 -87.25 14.46 -25.02
CA SER B 419 -88.23 14.65 -26.09
C SER B 419 -88.52 16.13 -26.36
N VAL B 420 -88.27 17.02 -25.41
CA VAL B 420 -88.42 18.46 -25.69
C VAL B 420 -87.19 19.05 -26.36
N LEU B 421 -86.01 18.45 -26.17
CA LEU B 421 -84.83 18.94 -26.87
C LEU B 421 -84.93 18.70 -28.37
N LEU B 422 -85.67 17.66 -28.78
CA LEU B 422 -85.70 17.19 -30.16
C LEU B 422 -85.97 18.32 -31.15
N TYR B 423 -87.14 18.96 -31.04
CA TYR B 423 -87.51 19.98 -32.02
C TYR B 423 -86.77 21.30 -31.82
N LEU B 424 -86.39 21.61 -30.58
CA LEU B 424 -85.66 22.85 -30.30
C LEU B 424 -84.32 22.88 -31.03
N ASP B 425 -84.07 23.98 -31.73
CA ASP B 425 -82.77 24.29 -32.32
C ASP B 425 -82.38 25.70 -31.88
N THR B 426 -81.21 26.15 -32.31
CA THR B 426 -80.56 27.35 -31.77
C THR B 426 -80.51 27.25 -30.25
N VAL B 427 -79.75 26.26 -29.80
CA VAL B 427 -79.66 25.91 -28.38
C VAL B 427 -79.24 27.12 -27.57
N PRO B 428 -79.95 27.47 -26.49
CA PRO B 428 -79.53 28.62 -25.68
C PRO B 428 -78.10 28.51 -25.16
N GLU B 429 -77.60 27.29 -24.98
CA GLU B 429 -76.18 26.99 -24.74
C GLU B 429 -75.66 27.57 -23.43
N VAL B 430 -76.55 28.14 -22.61
CA VAL B 430 -76.19 28.63 -21.29
C VAL B 430 -76.75 27.75 -20.18
N TYR B 431 -77.95 27.21 -20.39
CA TYR B 431 -78.51 26.21 -19.49
C TYR B 431 -78.10 24.78 -19.86
N THR B 432 -77.10 24.60 -20.73
CA THR B 432 -76.64 23.29 -21.16
C THR B 432 -75.69 22.59 -20.16
N PRO B 433 -74.65 23.26 -19.64
CA PRO B 433 -73.80 22.58 -18.64
C PRO B 433 -74.56 22.19 -17.39
N VAL B 434 -75.83 22.58 -17.28
CA VAL B 434 -76.66 22.16 -16.18
C VAL B 434 -77.25 20.78 -16.45
N LEU B 435 -77.77 20.57 -17.65
CA LEU B 435 -78.18 19.22 -18.04
C LEU B 435 -76.99 18.28 -18.03
N GLU B 436 -75.80 18.79 -18.34
CA GLU B 436 -74.61 17.94 -18.24
C GLU B 436 -74.42 17.41 -16.82
N HIS B 437 -74.78 18.19 -15.79
CA HIS B 437 -74.77 17.64 -14.43
C HIS B 437 -75.95 16.71 -14.19
N LEU B 438 -77.13 17.05 -14.70
CA LEU B 438 -78.31 16.27 -14.35
C LEU B 438 -78.23 14.85 -14.89
N VAL B 439 -77.69 14.69 -16.10
CA VAL B 439 -77.63 13.36 -16.71
C VAL B 439 -76.75 12.43 -15.86
N VAL B 440 -75.55 12.89 -15.49
CA VAL B 440 -74.71 12.07 -14.65
C VAL B 440 -75.27 11.97 -13.25
N MET B 441 -76.09 12.93 -12.84
CA MET B 441 -76.79 12.82 -11.56
C MET B 441 -77.69 11.59 -11.55
N GLN B 442 -78.48 11.42 -12.61
CA GLN B 442 -79.33 10.23 -12.66
C GLN B 442 -78.51 8.97 -12.86
N ILE B 443 -77.41 9.04 -13.63
CA ILE B 443 -76.52 7.89 -13.75
C ILE B 443 -76.07 7.42 -12.38
N ASP B 444 -75.62 8.36 -11.54
CA ASP B 444 -75.23 8.01 -10.18
C ASP B 444 -76.42 7.47 -9.39
N SER B 445 -77.59 8.10 -9.51
CA SER B 445 -78.78 7.55 -8.88
C SER B 445 -79.49 6.56 -9.78
N PHE B 446 -78.75 5.67 -10.40
CA PHE B 446 -79.28 4.49 -11.07
C PHE B 446 -79.55 3.38 -10.05
N PRO B 447 -78.57 2.97 -9.24
CA PRO B 447 -78.81 1.80 -8.37
C PRO B 447 -79.63 2.08 -7.13
N GLN B 448 -79.78 3.33 -6.71
CA GLN B 448 -80.70 3.59 -5.60
C GLN B 448 -82.11 3.67 -6.15
N TYR B 449 -82.49 2.63 -6.90
CA TYR B 449 -83.80 2.47 -7.51
C TYR B 449 -84.32 1.08 -7.17
N SER B 450 -85.52 0.82 -7.59
CA SER B 450 -86.07 -0.52 -7.59
C SER B 450 -86.02 -1.07 -9.00
N PRO B 451 -86.06 -2.40 -9.16
CA PRO B 451 -86.22 -2.96 -10.50
C PRO B 451 -87.48 -2.41 -11.18
N LYS B 452 -87.54 -2.62 -12.50
CA LYS B 452 -88.62 -2.20 -13.39
C LYS B 452 -88.80 -0.68 -13.36
N MET B 453 -87.97 0.01 -12.58
CA MET B 453 -87.77 1.45 -12.63
C MET B 453 -86.34 1.80 -13.00
N GLN B 454 -85.39 0.93 -12.64
CA GLN B 454 -84.05 1.01 -13.17
C GLN B 454 -84.08 1.02 -14.70
N LEU B 455 -85.02 0.27 -15.28
CA LEU B 455 -85.09 0.11 -16.73
C LEU B 455 -85.75 1.30 -17.42
N VAL B 456 -86.71 1.96 -16.77
CA VAL B 456 -87.21 3.21 -17.35
C VAL B 456 -86.14 4.30 -17.24
N CYS B 457 -85.32 4.25 -16.19
CA CYS B 457 -84.15 5.12 -16.12
C CYS B 457 -83.23 4.87 -17.30
N CYS B 458 -82.96 3.60 -17.60
CA CYS B 458 -82.19 3.27 -18.80
C CYS B 458 -82.84 3.86 -20.05
N ARG B 459 -84.15 3.68 -20.19
CA ARG B 459 -84.89 4.23 -21.33
C ARG B 459 -84.64 5.72 -21.46
N ALA B 460 -84.75 6.45 -20.35
CA ALA B 460 -84.58 7.89 -20.37
C ALA B 460 -83.16 8.28 -20.70
N ILE B 461 -82.18 7.57 -20.14
CA ILE B 461 -80.78 7.87 -20.43
C ILE B 461 -80.49 7.68 -21.91
N VAL B 462 -80.97 6.57 -22.47
CA VAL B 462 -80.82 6.33 -23.90
C VAL B 462 -81.48 7.44 -24.69
N LYS B 463 -82.66 7.87 -24.27
CA LYS B 463 -83.38 8.92 -24.99
C LYS B 463 -82.59 10.21 -24.99
N VAL B 464 -82.05 10.60 -23.84
CA VAL B 464 -81.29 11.85 -23.73
C VAL B 464 -80.03 11.77 -24.58
N PHE B 465 -79.30 10.67 -24.48
CA PHE B 465 -78.08 10.50 -25.25
C PHE B 465 -78.38 10.53 -26.75
N LEU B 466 -79.41 9.79 -27.16
CA LEU B 466 -79.88 9.82 -28.54
C LEU B 466 -80.21 11.25 -28.96
N ALA B 467 -80.81 12.03 -28.06
CA ALA B 467 -81.10 13.43 -28.35
C ALA B 467 -79.84 14.21 -28.71
N LEU B 468 -78.83 14.16 -27.83
CA LEU B 468 -77.69 15.05 -28.10
C LEU B 468 -76.64 14.43 -29.03
N ALA B 469 -77.03 13.80 -30.14
CA ALA B 469 -76.01 13.33 -31.06
C ALA B 469 -76.30 13.59 -32.53
N ALA B 470 -77.55 13.73 -32.95
CA ALA B 470 -77.89 14.09 -34.33
C ALA B 470 -78.33 15.55 -34.44
N LYS B 471 -77.88 16.40 -33.51
CA LYS B 471 -78.16 17.82 -33.55
C LYS B 471 -76.92 18.69 -33.67
N GLY B 472 -75.72 18.12 -33.50
CA GLY B 472 -74.49 18.84 -33.78
C GLY B 472 -73.22 18.12 -33.35
N PRO B 473 -72.16 18.28 -34.14
CA PRO B 473 -70.83 17.90 -33.65
C PRO B 473 -70.17 18.98 -32.81
N VAL B 474 -70.65 20.22 -32.91
CA VAL B 474 -70.28 21.26 -31.95
C VAL B 474 -70.97 21.08 -30.60
N LEU B 475 -71.77 20.02 -30.44
CA LEU B 475 -72.59 19.75 -29.27
C LEU B 475 -72.33 18.39 -28.66
N ARG B 476 -71.91 17.41 -29.46
CA ARG B 476 -71.66 16.05 -29.02
C ARG B 476 -70.28 15.86 -28.40
N ASN B 477 -69.39 16.85 -28.48
CA ASN B 477 -68.13 16.78 -27.75
C ASN B 477 -68.38 16.50 -26.27
N CYS B 478 -69.52 16.96 -25.76
CA CYS B 478 -69.90 16.70 -24.38
C CYS B 478 -70.26 15.24 -24.16
N ILE B 479 -70.60 14.50 -25.22
CA ILE B 479 -71.01 13.11 -25.00
C ILE B 479 -69.82 12.19 -24.76
N SER B 480 -68.61 12.58 -25.17
CA SER B 480 -67.42 11.83 -24.80
C SER B 480 -66.87 12.21 -23.44
N THR B 481 -67.40 13.28 -22.82
CA THR B 481 -67.02 13.67 -21.47
C THR B 481 -68.07 13.35 -20.42
N VAL B 482 -69.34 13.18 -20.80
CA VAL B 482 -70.33 12.72 -19.84
C VAL B 482 -69.98 11.31 -19.37
N VAL B 483 -69.55 10.46 -20.29
CA VAL B 483 -69.07 9.13 -19.92
C VAL B 483 -67.83 9.24 -19.05
N HIS B 484 -66.98 10.23 -19.33
CA HIS B 484 -65.79 10.46 -18.52
C HIS B 484 -66.18 10.79 -17.08
N GLN B 485 -67.10 11.73 -16.91
CA GLN B 485 -67.54 12.11 -15.58
C GLN B 485 -68.25 10.96 -14.89
N GLY B 486 -69.07 10.21 -15.62
CA GLY B 486 -69.77 9.10 -14.99
C GLY B 486 -68.82 8.02 -14.53
N LEU B 487 -67.81 7.73 -15.34
CA LEU B 487 -66.80 6.74 -14.95
C LEU B 487 -66.01 7.21 -13.74
N ILE B 488 -65.62 8.50 -13.70
CA ILE B 488 -64.93 9.01 -12.53
C ILE B 488 -65.79 8.85 -11.29
N ARG B 489 -67.09 9.15 -11.42
CA ARG B 489 -68.02 8.95 -10.32
C ARG B 489 -68.00 7.50 -9.84
N ILE B 490 -68.27 6.56 -10.75
CA ILE B 490 -68.37 5.15 -10.35
C ILE B 490 -67.02 4.64 -9.90
N CYS B 491 -65.94 5.05 -10.55
CA CYS B 491 -64.63 4.61 -10.10
C CYS B 491 -64.20 5.47 -8.92
N SER B 492 -65.09 5.64 -7.95
CA SER B 492 -64.78 6.31 -6.69
C SER B 492 -65.43 5.64 -5.50
N LYS B 493 -66.24 4.63 -5.71
CA LYS B 493 -66.97 3.91 -4.67
C LYS B 493 -66.10 2.82 -4.07
N PRO B 494 -66.56 2.20 -2.96
CA PRO B 494 -65.72 1.23 -2.22
C PRO B 494 -65.20 0.03 -3.00
N VAL B 495 -64.41 -0.78 -2.31
CA VAL B 495 -63.62 -1.85 -2.92
C VAL B 495 -64.28 -3.19 -2.63
N VAL B 496 -63.76 -4.25 -3.26
CA VAL B 496 -64.33 -5.60 -3.20
C VAL B 496 -63.33 -6.56 -2.54
N LEU B 497 -63.74 -7.82 -2.36
CA LEU B 497 -62.88 -8.86 -1.81
C LEU B 497 -62.33 -9.77 -2.91
N VAL B 521 -74.49 1.18 0.15
CA VAL B 521 -74.26 1.98 -1.05
C VAL B 521 -73.55 1.15 -2.13
N PRO B 522 -74.23 0.94 -3.25
CA PRO B 522 -73.66 0.10 -4.32
C PRO B 522 -72.37 0.68 -4.89
N THR B 523 -71.36 -0.19 -5.05
CA THR B 523 -70.03 0.27 -5.47
C THR B 523 -69.90 0.37 -6.99
N TYR B 524 -69.79 -0.77 -7.67
CA TYR B 524 -69.73 -0.79 -9.13
C TYR B 524 -70.51 -1.93 -9.76
N LYS B 525 -70.77 -3.02 -9.03
CA LYS B 525 -71.45 -4.20 -9.58
C LYS B 525 -72.92 -3.92 -9.88
N ASP B 526 -73.40 -2.72 -9.58
CA ASP B 526 -74.76 -2.31 -9.88
C ASP B 526 -74.84 -1.48 -11.15
N TYR B 527 -73.72 -1.00 -11.64
CA TYR B 527 -73.63 -0.26 -12.90
C TYR B 527 -73.34 -1.15 -14.08
N VAL B 528 -72.91 -2.40 -13.85
CA VAL B 528 -72.63 -3.30 -14.97
C VAL B 528 -73.88 -3.50 -15.81
N ASP B 529 -75.04 -3.60 -15.16
CA ASP B 529 -76.27 -3.79 -15.90
C ASP B 529 -76.60 -2.57 -16.76
N LEU B 530 -76.42 -1.38 -16.20
CA LEU B 530 -76.69 -0.15 -16.96
C LEU B 530 -75.75 -0.01 -18.14
N PHE B 531 -74.47 -0.28 -17.93
CA PHE B 531 -73.51 -0.12 -19.02
C PHE B 531 -73.72 -1.17 -20.10
N ARG B 532 -74.12 -2.38 -19.71
CA ARG B 532 -74.49 -3.39 -20.71
C ARG B 532 -75.70 -2.94 -21.50
N HIS B 533 -76.73 -2.46 -20.79
CA HIS B 533 -77.96 -2.00 -21.44
C HIS B 533 -77.73 -0.75 -22.30
N LEU B 534 -76.65 -0.01 -22.09
CA LEU B 534 -76.42 1.17 -22.92
C LEU B 534 -75.96 0.79 -24.32
N LEU B 535 -74.81 0.13 -24.43
CA LEU B 535 -74.24 -0.22 -25.73
C LEU B 535 -74.48 -1.67 -26.12
N SER B 536 -75.48 -2.32 -25.53
CA SER B 536 -75.83 -3.69 -25.90
C SER B 536 -77.33 -3.90 -26.09
N SER B 537 -78.18 -3.02 -25.56
CA SER B 537 -79.62 -3.07 -25.79
C SER B 537 -80.13 -1.73 -26.28
N ASP B 538 -79.27 -0.99 -26.98
CA ASP B 538 -79.59 0.36 -27.41
C ASP B 538 -80.69 0.38 -28.45
N GLN B 539 -80.71 -0.60 -29.36
CA GLN B 539 -81.65 -0.53 -30.46
C GLN B 539 -83.05 -1.01 -30.10
N MET B 540 -83.20 -1.68 -28.96
CA MET B 540 -84.50 -2.15 -28.51
C MET B 540 -85.10 -1.23 -27.45
N MET B 541 -84.39 -0.19 -27.04
CA MET B 541 -84.88 0.76 -26.06
C MET B 541 -85.50 2.00 -26.70
N ASP B 542 -84.95 2.47 -27.82
CA ASP B 542 -85.62 3.49 -28.62
C ASP B 542 -86.64 2.91 -29.60
N SER B 543 -86.89 1.60 -29.52
CA SER B 543 -87.90 0.99 -30.38
C SER B 543 -89.30 1.33 -29.89
N ILE B 544 -89.52 1.31 -28.56
CA ILE B 544 -90.81 1.68 -28.02
C ILE B 544 -90.94 3.19 -27.86
N LEU B 545 -89.86 3.92 -28.07
CA LEU B 545 -89.87 5.38 -27.96
C LEU B 545 -89.67 5.90 -29.38
N ALA B 546 -90.75 6.41 -29.98
CA ALA B 546 -90.74 6.80 -31.39
C ALA B 546 -92.06 7.44 -31.74
N SER B 559 -74.46 2.96 -35.86
CA SER B 559 -75.34 4.08 -35.62
C SER B 559 -75.04 4.74 -34.28
N LEU B 560 -75.51 4.10 -33.21
CA LEU B 560 -75.45 4.64 -31.86
C LEU B 560 -74.50 3.88 -30.96
N ASN B 561 -74.49 2.54 -31.08
CA ASN B 561 -73.65 1.71 -30.24
C ASN B 561 -72.19 2.08 -30.38
N HIS B 562 -71.75 2.39 -31.60
CA HIS B 562 -70.34 2.71 -31.80
C HIS B 562 -69.97 4.04 -31.15
N LEU B 563 -70.86 5.02 -31.16
CA LEU B 563 -70.54 6.27 -30.49
C LEU B 563 -70.50 6.09 -28.97
N LEU B 564 -71.42 5.29 -28.42
CA LEU B 564 -71.31 4.95 -27.01
C LEU B 564 -69.97 4.27 -26.71
N TYR B 565 -69.60 3.29 -27.54
CA TYR B 565 -68.36 2.54 -27.31
C TYR B 565 -67.14 3.45 -27.44
N ASP B 566 -67.10 4.27 -28.48
CA ASP B 566 -65.98 5.18 -28.67
C ASP B 566 -65.86 6.15 -27.51
N GLU B 567 -66.98 6.68 -27.03
CA GLU B 567 -66.93 7.59 -25.89
C GLU B 567 -66.43 6.87 -24.64
N PHE B 568 -66.84 5.62 -24.44
CA PHE B 568 -66.43 4.89 -23.25
C PHE B 568 -64.94 4.52 -23.31
N VAL B 569 -64.45 4.14 -24.47
CA VAL B 569 -63.03 3.83 -24.61
C VAL B 569 -62.20 5.08 -24.41
N LYS B 570 -62.60 6.19 -25.05
CA LYS B 570 -61.95 7.47 -24.79
C LYS B 570 -61.94 7.79 -23.31
N SER B 571 -63.07 7.56 -22.64
CA SER B 571 -63.16 7.84 -21.21
C SER B 571 -62.16 6.99 -20.42
N VAL B 572 -62.15 5.68 -20.65
CA VAL B 572 -61.33 4.80 -19.82
C VAL B 572 -59.84 5.03 -20.09
N LEU B 573 -59.47 5.23 -21.34
CA LEU B 573 -58.07 5.50 -21.65
C LEU B 573 -57.67 6.92 -21.25
N LYS B 574 -58.65 7.82 -21.08
CA LYS B 574 -58.34 9.14 -20.58
C LYS B 574 -58.20 9.15 -19.06
N ILE B 575 -58.97 8.31 -18.37
CA ILE B 575 -58.84 8.15 -16.93
C ILE B 575 -57.51 7.53 -16.58
N VAL B 576 -57.24 6.34 -17.14
CA VAL B 576 -56.02 5.60 -16.81
C VAL B 576 -54.79 6.44 -17.09
N GLU B 577 -54.94 7.51 -17.87
CA GLU B 577 -53.80 8.35 -18.25
C GLU B 577 -53.19 9.00 -17.01
N LYS B 578 -53.97 9.82 -16.31
CA LYS B 578 -53.53 10.58 -15.14
C LYS B 578 -54.11 9.94 -13.88
N LEU B 579 -53.35 9.06 -13.23
CA LEU B 579 -53.79 8.46 -11.98
C LEU B 579 -52.73 8.42 -10.88
N ASP B 580 -51.45 8.57 -11.18
CA ASP B 580 -50.38 8.56 -10.16
C ASP B 580 -50.41 7.27 -9.31
N LEU B 581 -50.29 6.15 -10.01
CA LEU B 581 -50.32 4.82 -9.38
C LEU B 581 -48.98 4.42 -8.77
N THR B 582 -48.01 5.31 -8.65
CA THR B 582 -46.74 4.97 -8.02
C THR B 582 -46.91 4.73 -6.51
N LEU B 583 -46.10 3.81 -5.99
CA LEU B 583 -46.07 3.48 -4.56
C LEU B 583 -44.71 3.83 -3.98
N GLU B 584 -44.72 4.53 -2.84
CA GLU B 584 -43.52 5.13 -2.26
C GLU B 584 -42.90 4.23 -1.20
N ILE B 585 -41.76 4.67 -0.68
CA ILE B 585 -40.94 3.89 0.24
C ILE B 585 -41.44 4.05 1.67
N GLN B 586 -41.25 3.00 2.47
CA GLN B 586 -41.61 3.02 3.88
C GLN B 586 -40.37 2.74 4.71
N THR B 587 -39.26 3.41 4.38
CA THR B 587 -37.98 3.25 5.07
C THR B 587 -38.05 3.70 6.52
N MET B 602 -34.09 -4.04 8.46
CA MET B 602 -33.77 -5.13 7.54
C MET B 602 -33.63 -4.61 6.12
N ILE B 603 -33.28 -5.49 5.19
CA ILE B 603 -33.06 -5.10 3.79
C ILE B 603 -33.89 -6.02 2.90
N PRO B 604 -34.90 -5.51 2.21
CA PRO B 604 -35.77 -6.37 1.39
C PRO B 604 -35.12 -6.75 0.06
N THR B 605 -35.70 -7.76 -0.58
CA THR B 605 -35.18 -8.31 -1.83
C THR B 605 -36.11 -8.07 -3.02
N SER B 606 -37.35 -8.57 -2.96
CA SER B 606 -38.33 -8.34 -4.02
C SER B 606 -39.16 -7.08 -3.83
N ASP B 607 -39.05 -6.44 -2.67
CA ASP B 607 -39.73 -5.24 -2.23
C ASP B 607 -41.22 -5.13 -2.56
N PRO B 608 -42.06 -6.13 -2.23
CA PRO B 608 -43.46 -5.79 -1.95
C PRO B 608 -43.69 -5.68 -0.45
N ALA B 609 -42.71 -6.15 0.32
CA ALA B 609 -42.87 -6.33 1.75
C ALA B 609 -43.00 -5.00 2.47
N ALA B 610 -41.92 -4.21 2.48
CA ALA B 610 -41.96 -2.91 3.15
C ALA B 610 -42.54 -1.85 2.25
N ASN B 611 -42.43 -2.03 0.93
CA ASN B 611 -42.91 -1.06 -0.04
C ASN B 611 -44.26 -1.48 -0.61
N LEU B 612 -45.26 -1.57 0.26
CA LEU B 612 -46.65 -1.67 -0.18
C LEU B 612 -47.38 -0.49 0.43
N HIS B 613 -47.26 0.66 -0.21
CA HIS B 613 -47.86 1.89 0.28
C HIS B 613 -47.91 2.91 -0.85
N PRO B 614 -48.94 2.87 -1.70
CA PRO B 614 -49.00 3.82 -2.83
C PRO B 614 -49.04 5.27 -2.37
N ALA B 615 -48.36 6.12 -3.16
CA ALA B 615 -48.29 7.54 -2.82
C ALA B 615 -49.63 8.24 -3.01
N LYS B 616 -50.51 7.70 -3.85
CA LYS B 616 -51.86 8.23 -4.04
C LYS B 616 -52.86 7.09 -3.83
N PRO B 617 -53.03 6.66 -2.58
CA PRO B 617 -53.96 5.53 -2.32
C PRO B 617 -55.37 5.80 -2.80
N LYS B 618 -55.84 7.04 -2.71
CA LYS B 618 -57.16 7.41 -3.21
C LYS B 618 -57.25 7.26 -4.72
N ASP B 619 -56.14 6.89 -5.36
CA ASP B 619 -56.13 6.63 -6.78
C ASP B 619 -55.99 5.16 -7.13
N PHE B 620 -55.26 4.36 -6.34
CA PHE B 620 -55.45 2.92 -6.44
C PHE B 620 -56.90 2.58 -6.16
N SER B 621 -57.51 3.30 -5.22
CA SER B 621 -58.92 3.13 -4.94
C SER B 621 -59.78 3.40 -6.17
N ALA B 622 -59.23 4.07 -7.17
CA ALA B 622 -59.91 4.22 -8.45
C ALA B 622 -59.45 3.19 -9.47
N PHE B 623 -58.16 2.87 -9.47
CA PHE B 623 -57.60 1.96 -10.48
C PHE B 623 -58.11 0.54 -10.31
N ILE B 624 -58.08 0.02 -9.09
CA ILE B 624 -58.55 -1.34 -8.87
C ILE B 624 -60.05 -1.40 -9.09
N ASN B 625 -60.73 -0.28 -8.92
CA ASN B 625 -62.13 -0.23 -9.30
C ASN B 625 -62.28 -0.30 -10.81
N LEU B 626 -61.46 0.47 -11.53
CA LEU B 626 -61.60 0.56 -12.97
C LEU B 626 -61.27 -0.76 -13.64
N VAL B 627 -60.25 -1.47 -13.16
CA VAL B 627 -59.84 -2.70 -13.83
C VAL B 627 -60.95 -3.75 -13.76
N GLU B 628 -61.51 -3.94 -12.58
CA GLU B 628 -62.57 -4.94 -12.47
C GLU B 628 -63.87 -4.44 -13.09
N PHE B 629 -64.14 -3.14 -13.05
CA PHE B 629 -65.26 -2.62 -13.81
C PHE B 629 -65.11 -2.97 -15.28
N CYS B 630 -63.93 -2.73 -15.84
CA CYS B 630 -63.71 -3.03 -17.24
C CYS B 630 -63.78 -4.52 -17.51
N ARG B 631 -63.35 -5.35 -16.56
CA ARG B 631 -63.42 -6.79 -16.75
C ARG B 631 -64.87 -7.26 -16.81
N GLU B 632 -65.74 -6.71 -15.96
CA GLU B 632 -67.16 -7.03 -16.01
C GLU B 632 -67.91 -6.28 -17.10
N ILE B 633 -67.27 -5.32 -17.77
CA ILE B 633 -67.96 -4.48 -18.73
C ILE B 633 -67.66 -4.86 -20.18
N LEU B 634 -66.43 -5.31 -20.46
CA LEU B 634 -65.97 -5.53 -21.83
C LEU B 634 -65.64 -6.99 -22.14
N PRO B 635 -66.61 -7.92 -22.01
CA PRO B 635 -66.38 -9.26 -22.56
C PRO B 635 -66.86 -9.43 -24.00
N GLU B 636 -67.89 -8.71 -24.40
CA GLU B 636 -68.58 -8.99 -25.66
C GLU B 636 -69.05 -7.67 -26.27
N LYS B 637 -69.97 -7.78 -27.23
CA LYS B 637 -70.46 -6.65 -28.03
C LYS B 637 -69.28 -5.91 -28.68
N GLN B 638 -68.38 -6.67 -29.27
CA GLN B 638 -67.23 -6.14 -29.99
C GLN B 638 -67.06 -6.85 -31.33
N ALA B 639 -68.11 -6.82 -32.14
CA ALA B 639 -68.01 -7.36 -33.50
C ALA B 639 -66.97 -6.59 -34.32
N GLU B 640 -67.17 -5.28 -34.47
CA GLU B 640 -66.13 -4.40 -34.97
C GLU B 640 -65.94 -3.17 -34.11
N PHE B 641 -66.70 -3.03 -33.01
CA PHE B 641 -66.59 -1.84 -32.18
C PHE B 641 -65.18 -1.71 -31.58
N PHE B 642 -64.58 -2.83 -31.21
CA PHE B 642 -63.25 -2.81 -30.60
C PHE B 642 -62.12 -3.00 -31.60
N GLU B 643 -62.46 -3.26 -32.86
CA GLU B 643 -61.43 -3.40 -33.91
C GLU B 643 -60.41 -2.27 -33.92
N PRO B 644 -60.78 -0.99 -33.86
CA PRO B 644 -59.75 0.06 -33.94
C PRO B 644 -59.06 0.35 -32.62
N TRP B 645 -59.68 0.07 -31.49
CA TRP B 645 -59.12 0.53 -30.21
C TRP B 645 -57.98 -0.36 -29.73
N VAL B 646 -57.74 -1.48 -30.40
CA VAL B 646 -56.81 -2.50 -29.90
C VAL B 646 -55.40 -1.93 -29.79
N TYR B 647 -54.93 -1.29 -30.86
CA TYR B 647 -53.53 -0.87 -30.91
C TYR B 647 -53.24 0.15 -29.83
N SER B 648 -53.95 1.28 -29.84
CA SER B 648 -53.68 2.32 -28.85
C SER B 648 -53.94 1.83 -27.43
N PHE B 649 -54.96 0.99 -27.25
CA PHE B 649 -55.26 0.46 -25.92
C PHE B 649 -54.06 -0.31 -25.37
N SER B 650 -53.66 -1.38 -26.06
CA SER B 650 -52.53 -2.16 -25.61
C SER B 650 -51.25 -1.33 -25.60
N TYR B 651 -51.14 -0.32 -26.47
CA TYR B 651 -49.98 0.55 -26.48
C TYR B 651 -49.79 1.23 -25.14
N GLU B 652 -50.75 2.06 -24.75
CA GLU B 652 -50.58 2.78 -23.49
C GLU B 652 -50.59 1.83 -22.29
N LEU B 653 -51.37 0.75 -22.35
CA LEU B 653 -51.34 -0.24 -21.28
C LEU B 653 -49.94 -0.77 -21.07
N ILE B 654 -49.29 -1.21 -22.15
CA ILE B 654 -47.93 -1.73 -22.04
C ILE B 654 -46.98 -0.65 -21.54
N LEU B 655 -47.11 0.56 -22.09
CA LEU B 655 -46.15 1.61 -21.75
C LEU B 655 -46.22 1.93 -20.26
N GLN B 656 -47.43 1.94 -19.69
CA GLN B 656 -47.52 2.24 -18.26
C GLN B 656 -47.15 1.03 -17.41
N SER B 657 -47.62 -0.17 -17.78
CA SER B 657 -47.34 -1.36 -17.00
C SER B 657 -45.88 -1.76 -17.06
N THR B 658 -45.10 -1.21 -18.00
CA THR B 658 -43.68 -1.47 -18.01
C THR B 658 -43.00 -0.85 -16.80
N ARG B 659 -43.37 0.39 -16.46
CA ARG B 659 -42.82 1.07 -15.30
C ARG B 659 -43.65 0.90 -14.04
N LEU B 660 -44.88 0.40 -14.17
CA LEU B 660 -45.70 0.03 -13.03
C LEU B 660 -45.86 -1.49 -13.06
N PRO B 661 -44.77 -2.23 -12.91
CA PRO B 661 -44.80 -3.67 -13.17
C PRO B 661 -45.67 -4.38 -12.15
N LEU B 662 -45.37 -4.18 -10.88
CA LEU B 662 -46.00 -4.97 -9.84
C LEU B 662 -47.40 -4.46 -9.53
N ILE B 663 -48.20 -4.29 -10.57
CA ILE B 663 -49.55 -3.76 -10.44
C ILE B 663 -50.45 -4.77 -11.12
N SER B 664 -51.11 -5.62 -10.34
CA SER B 664 -52.12 -6.50 -10.89
C SER B 664 -53.31 -5.68 -11.35
N GLY B 665 -53.84 -6.02 -12.52
CA GLY B 665 -54.93 -5.28 -13.10
C GLY B 665 -54.54 -4.70 -14.44
N PHE B 666 -53.34 -4.10 -14.52
CA PHE B 666 -52.78 -3.77 -15.82
C PHE B 666 -52.72 -5.02 -16.69
N TYR B 667 -52.23 -6.12 -16.10
CA TYR B 667 -52.19 -7.39 -16.79
C TYR B 667 -53.58 -7.97 -17.00
N LYS B 668 -54.51 -7.73 -16.08
CA LYS B 668 -55.89 -8.14 -16.35
C LYS B 668 -56.44 -7.38 -17.55
N LEU B 669 -56.12 -6.08 -17.64
CA LEU B 669 -56.58 -5.27 -18.76
C LEU B 669 -55.97 -5.77 -20.07
N LEU B 670 -54.67 -6.02 -20.08
CA LEU B 670 -54.05 -6.55 -21.27
C LEU B 670 -54.58 -7.93 -21.62
N SER B 671 -54.90 -8.75 -20.62
CA SER B 671 -55.48 -10.06 -20.90
C SER B 671 -56.84 -9.93 -21.54
N ILE B 672 -57.68 -9.02 -21.05
CA ILE B 672 -59.01 -8.87 -21.61
C ILE B 672 -58.93 -8.32 -23.03
N THR B 673 -58.05 -7.33 -23.25
CA THR B 673 -57.96 -6.77 -24.59
C THR B 673 -57.40 -7.79 -25.58
N VAL B 674 -56.44 -8.62 -25.14
CA VAL B 674 -55.93 -9.65 -26.05
C VAL B 674 -56.92 -10.78 -26.21
N ARG B 675 -57.83 -10.98 -25.25
CA ARG B 675 -58.90 -11.95 -25.45
C ARG B 675 -59.88 -11.48 -26.52
N ASN B 676 -60.20 -10.19 -26.54
CA ASN B 676 -61.01 -9.68 -27.65
C ASN B 676 -60.24 -9.74 -28.96
N ALA B 677 -58.92 -9.50 -28.92
CA ALA B 677 -58.09 -9.60 -30.12
C ALA B 677 -57.93 -11.04 -30.58
N LYS B 678 -58.22 -12.01 -29.73
CA LYS B 678 -58.36 -13.39 -30.18
C LYS B 678 -59.78 -13.67 -30.69
N LYS B 679 -60.79 -13.02 -30.11
CA LYS B 679 -62.15 -13.17 -30.61
C LYS B 679 -62.23 -12.78 -32.08
N ILE B 680 -61.90 -11.53 -32.39
CA ILE B 680 -61.71 -11.18 -33.79
C ILE B 680 -60.33 -11.66 -34.22
N LYS B 681 -60.17 -11.97 -35.51
CA LYS B 681 -58.90 -12.57 -35.93
C LYS B 681 -57.74 -11.61 -35.73
N TYR B 682 -57.67 -10.56 -36.56
CA TYR B 682 -56.76 -9.43 -36.41
C TYR B 682 -55.31 -9.85 -36.18
N PHE B 683 -55.00 -11.14 -36.37
CA PHE B 683 -53.65 -11.61 -36.05
C PHE B 683 -53.31 -12.73 -37.04
N GLU B 684 -52.63 -12.36 -38.13
CA GLU B 684 -52.15 -13.34 -39.11
C GLU B 684 -50.91 -12.78 -39.81
N GLY B 685 -49.74 -13.29 -39.43
CA GLY B 685 -48.50 -12.85 -40.07
C GLY B 685 -47.25 -12.97 -39.21
N LYS B 700 -51.01 -1.68 -39.15
CA LYS B 700 -51.54 -2.88 -38.51
C LYS B 700 -50.38 -3.73 -38.02
N TYR B 701 -49.28 -3.66 -38.78
CA TYR B 701 -48.06 -4.40 -38.47
C TYR B 701 -47.40 -3.95 -37.18
N SER B 702 -47.90 -2.88 -36.55
CA SER B 702 -47.31 -2.36 -35.33
C SER B 702 -47.64 -3.20 -34.10
N CYS B 703 -48.92 -3.51 -33.91
CA CYS B 703 -49.36 -4.12 -32.65
C CYS B 703 -48.64 -5.43 -32.36
N PHE B 704 -48.32 -6.19 -33.39
CA PHE B 704 -47.65 -7.47 -33.18
C PHE B 704 -46.26 -7.27 -32.58
N ALA B 705 -45.51 -6.30 -33.09
CA ALA B 705 -44.17 -6.03 -32.59
C ALA B 705 -44.19 -5.73 -31.10
N LEU B 706 -45.03 -4.78 -30.69
CA LEU B 706 -45.09 -4.40 -29.29
C LEU B 706 -45.61 -5.55 -28.44
N PHE B 707 -46.55 -6.35 -28.99
CA PHE B 707 -47.09 -7.47 -28.23
C PHE B 707 -46.02 -8.49 -27.90
N VAL B 708 -45.17 -8.83 -28.87
CA VAL B 708 -44.13 -9.82 -28.60
C VAL B 708 -43.04 -9.22 -27.71
N LYS B 709 -42.68 -7.95 -27.95
CA LYS B 709 -41.65 -7.31 -27.16
C LYS B 709 -42.06 -7.14 -25.71
N PHE B 710 -43.36 -7.10 -25.43
CA PHE B 710 -43.84 -7.10 -24.05
C PHE B 710 -44.03 -8.50 -23.49
N GLY B 711 -44.39 -9.47 -24.34
CA GLY B 711 -44.51 -10.84 -23.87
C GLY B 711 -43.21 -11.38 -23.31
N LYS B 712 -42.12 -11.19 -24.06
CA LYS B 712 -40.81 -11.62 -23.56
C LYS B 712 -40.50 -10.99 -22.20
N GLU B 713 -40.72 -9.67 -22.11
CA GLU B 713 -40.37 -8.93 -20.89
C GLU B 713 -41.18 -9.43 -19.69
N VAL B 714 -42.50 -9.57 -19.87
CA VAL B 714 -43.33 -9.99 -18.75
C VAL B 714 -42.99 -11.42 -18.34
N ALA B 715 -42.66 -12.27 -19.32
CA ALA B 715 -42.29 -13.64 -18.98
C ALA B 715 -41.01 -13.68 -18.17
N VAL B 716 -40.06 -12.78 -18.44
CA VAL B 716 -38.83 -12.81 -17.65
C VAL B 716 -39.05 -12.16 -16.29
N LYS B 717 -39.99 -11.20 -16.18
CA LYS B 717 -40.19 -10.51 -14.91
C LYS B 717 -41.04 -11.31 -13.93
N MET B 718 -41.97 -12.12 -14.44
CA MET B 718 -42.91 -12.82 -13.56
C MET B 718 -42.27 -13.91 -12.72
N LYS B 719 -40.97 -14.17 -12.85
CA LYS B 719 -40.33 -15.18 -12.00
C LYS B 719 -40.44 -14.83 -10.52
N GLN B 720 -40.20 -13.57 -10.16
CA GLN B 720 -40.02 -13.13 -8.78
C GLN B 720 -41.25 -12.45 -8.19
N TYR B 721 -42.45 -12.98 -8.44
CA TYR B 721 -43.68 -12.33 -7.98
C TYR B 721 -44.43 -13.24 -7.00
N LYS B 722 -45.58 -12.76 -6.54
CA LYS B 722 -46.40 -13.45 -5.54
C LYS B 722 -47.83 -13.60 -6.07
N ASP B 723 -48.68 -14.14 -5.21
CA ASP B 723 -49.97 -14.74 -5.60
C ASP B 723 -50.77 -13.93 -6.61
N GLU B 724 -51.21 -12.74 -6.23
CA GLU B 724 -52.12 -11.99 -7.09
C GLU B 724 -51.43 -11.51 -8.36
N LEU B 725 -50.28 -10.86 -8.20
CA LEU B 725 -49.58 -10.31 -9.34
C LEU B 725 -49.09 -11.41 -10.28
N LEU B 726 -48.48 -12.45 -9.71
CA LEU B 726 -48.02 -13.57 -10.54
C LEU B 726 -49.20 -14.23 -11.24
N ALA B 727 -50.36 -14.29 -10.57
CA ALA B 727 -51.54 -14.88 -11.19
C ALA B 727 -51.98 -14.07 -12.41
N SER B 728 -52.08 -12.74 -12.26
CA SER B 728 -52.50 -11.91 -13.38
C SER B 728 -51.49 -12.00 -14.52
N CYS B 729 -50.19 -12.01 -14.20
CA CYS B 729 -49.17 -12.13 -15.23
C CYS B 729 -49.25 -13.47 -15.97
N LEU B 730 -49.49 -14.55 -15.23
CA LEU B 730 -49.66 -15.83 -15.89
C LEU B 730 -50.89 -15.84 -16.78
N THR B 731 -52.00 -15.27 -16.32
CA THR B 731 -53.19 -15.31 -17.16
C THR B 731 -52.97 -14.53 -18.44
N PHE B 732 -52.27 -13.39 -18.37
CA PHE B 732 -51.95 -12.66 -19.59
C PHE B 732 -51.02 -13.46 -20.50
N LEU B 733 -49.94 -14.00 -19.93
CA LEU B 733 -48.98 -14.77 -20.73
C LEU B 733 -49.67 -15.92 -21.44
N LEU B 734 -50.47 -16.70 -20.72
CA LEU B 734 -51.09 -17.88 -21.31
C LEU B 734 -52.36 -17.56 -22.09
N SER B 735 -52.78 -16.29 -22.10
CA SER B 735 -53.87 -15.87 -22.97
C SER B 735 -53.36 -15.15 -24.21
N LEU B 736 -52.04 -14.96 -24.33
CA LEU B 736 -51.45 -14.58 -25.60
C LEU B 736 -52.02 -15.46 -26.71
N PRO B 737 -52.20 -14.94 -27.94
CA PRO B 737 -52.78 -15.76 -29.02
C PRO B 737 -51.95 -17.01 -29.28
N HIS B 738 -50.69 -16.79 -29.68
CA HIS B 738 -49.64 -17.79 -29.74
C HIS B 738 -49.81 -18.89 -30.79
N ASN B 739 -50.96 -18.98 -31.45
CA ASN B 739 -50.98 -19.68 -32.73
C ASN B 739 -50.67 -18.73 -33.87
N ILE B 740 -50.61 -17.44 -33.57
CA ILE B 740 -49.93 -16.47 -34.42
C ILE B 740 -48.62 -15.99 -33.79
N ILE B 741 -48.53 -15.93 -32.47
CA ILE B 741 -47.25 -15.72 -31.80
C ILE B 741 -46.70 -17.11 -31.51
N GLU B 742 -46.15 -17.74 -32.55
CA GLU B 742 -45.54 -19.04 -32.36
C GLU B 742 -44.04 -18.96 -32.17
N LEU B 743 -43.44 -17.81 -32.51
CA LEU B 743 -42.01 -17.64 -32.42
C LEU B 743 -41.55 -17.85 -30.99
N ASP B 744 -40.51 -18.68 -30.82
CA ASP B 744 -39.88 -18.92 -29.53
C ASP B 744 -40.90 -19.40 -28.49
N VAL B 745 -41.64 -20.45 -28.82
CA VAL B 745 -42.55 -21.07 -27.87
C VAL B 745 -41.81 -21.66 -26.68
N ARG B 746 -40.49 -21.78 -26.77
CA ARG B 746 -39.65 -22.29 -25.69
C ARG B 746 -39.45 -21.29 -24.56
N ALA B 747 -39.91 -20.04 -24.72
CA ALA B 747 -39.69 -19.02 -23.69
C ALA B 747 -40.86 -18.90 -22.72
N TYR B 748 -42.06 -19.28 -23.15
CA TYR B 748 -43.25 -19.19 -22.33
C TYR B 748 -43.52 -20.46 -21.54
N VAL B 749 -42.83 -21.56 -21.86
CA VAL B 749 -43.06 -22.84 -21.20
C VAL B 749 -42.76 -22.79 -19.70
N PRO B 750 -41.84 -21.94 -19.19
CA PRO B 750 -41.78 -21.82 -17.72
C PRO B 750 -43.08 -21.35 -17.13
N ALA B 751 -43.82 -20.50 -17.85
CA ALA B 751 -45.05 -19.96 -17.30
C ALA B 751 -46.14 -21.02 -17.20
N LEU B 752 -46.15 -22.01 -18.09
CA LEU B 752 -47.21 -22.99 -18.05
C LEU B 752 -46.97 -24.06 -16.98
N GLN B 753 -45.73 -24.49 -16.82
CA GLN B 753 -45.41 -25.39 -15.72
C GLN B 753 -45.51 -24.65 -14.38
N MET B 754 -45.19 -23.35 -14.40
CA MET B 754 -45.48 -22.51 -13.23
C MET B 754 -46.96 -22.49 -12.93
N ALA B 755 -47.79 -22.40 -13.97
CA ALA B 755 -49.24 -22.38 -13.78
C ALA B 755 -49.72 -23.68 -13.15
N PHE B 756 -49.29 -24.81 -13.71
CA PHE B 756 -49.74 -26.10 -13.21
C PHE B 756 -49.23 -26.37 -11.79
N LYS B 757 -47.97 -26.02 -11.49
CA LYS B 757 -47.47 -26.19 -10.14
C LYS B 757 -48.17 -25.26 -9.16
N LEU B 758 -48.44 -24.01 -9.56
CA LEU B 758 -49.19 -23.07 -8.74
C LEU B 758 -50.67 -23.42 -8.66
N GLY B 759 -51.11 -24.38 -9.46
CA GLY B 759 -52.46 -24.87 -9.38
C GLY B 759 -52.59 -25.64 -8.08
N LEU B 760 -53.61 -26.48 -7.98
CA LEU B 760 -53.90 -27.30 -6.80
C LEU B 760 -54.04 -26.46 -5.52
N SER B 761 -54.05 -25.14 -5.63
CA SER B 761 -54.50 -24.25 -4.56
C SER B 761 -55.38 -23.13 -5.08
N TYR B 762 -55.40 -22.89 -6.38
CA TYR B 762 -56.15 -21.85 -7.05
C TYR B 762 -56.63 -22.45 -8.36
N THR B 763 -57.92 -22.38 -8.62
CA THR B 763 -58.48 -23.08 -9.77
C THR B 763 -58.30 -22.33 -11.09
N PRO B 764 -58.71 -21.06 -11.22
CA PRO B 764 -58.77 -20.42 -12.54
C PRO B 764 -57.41 -20.15 -13.21
N LEU B 765 -56.28 -20.48 -12.60
CA LEU B 765 -55.04 -20.44 -13.37
C LEU B 765 -54.59 -21.82 -13.82
N ALA B 766 -54.85 -22.86 -13.02
CA ALA B 766 -54.75 -24.22 -13.56
C ALA B 766 -55.71 -24.39 -14.73
N GLU B 767 -56.88 -23.75 -14.67
CA GLU B 767 -57.80 -23.84 -15.80
C GLU B 767 -57.24 -23.17 -17.03
N VAL B 768 -56.65 -21.98 -16.89
CA VAL B 768 -56.12 -21.31 -18.07
C VAL B 768 -54.86 -22.01 -18.57
N GLY B 769 -54.13 -22.68 -17.66
CA GLY B 769 -53.07 -23.57 -18.11
C GLY B 769 -53.58 -24.70 -18.97
N LEU B 770 -54.66 -25.35 -18.52
CA LEU B 770 -55.32 -26.37 -19.33
C LEU B 770 -55.73 -25.81 -20.68
N ASN B 771 -56.35 -24.63 -20.68
CA ASN B 771 -56.85 -24.06 -21.92
C ASN B 771 -55.69 -23.69 -22.85
N ALA B 772 -54.60 -23.18 -22.30
CA ALA B 772 -53.45 -22.84 -23.12
C ALA B 772 -52.80 -24.09 -23.69
N LEU B 773 -52.66 -25.14 -22.89
CA LEU B 773 -52.08 -26.39 -23.39
C LEU B 773 -52.97 -27.03 -24.44
N GLU B 774 -54.28 -26.99 -24.22
CA GLU B 774 -55.23 -27.58 -25.17
C GLU B 774 -55.23 -26.81 -26.48
N GLU B 775 -55.22 -25.48 -26.42
CA GLU B 775 -55.08 -24.67 -27.62
C GLU B 775 -53.74 -24.92 -28.30
N TRP B 776 -52.68 -25.07 -27.51
CA TRP B 776 -51.34 -25.29 -28.05
C TRP B 776 -51.25 -26.59 -28.84
N SER B 777 -51.47 -27.72 -28.18
CA SER B 777 -51.24 -29.00 -28.85
C SER B 777 -52.02 -29.13 -30.15
N ILE B 778 -53.07 -28.34 -30.34
CA ILE B 778 -53.91 -28.44 -31.52
C ILE B 778 -53.68 -27.32 -32.53
N TYR B 779 -53.25 -26.12 -32.11
CA TYR B 779 -53.08 -24.99 -33.02
C TYR B 779 -51.62 -24.64 -33.29
N ILE B 780 -50.71 -25.10 -32.44
CA ILE B 780 -49.27 -25.00 -32.67
C ILE B 780 -48.91 -26.23 -33.48
N ASP B 781 -47.72 -26.25 -34.06
CA ASP B 781 -47.26 -27.43 -34.79
C ASP B 781 -47.04 -28.59 -33.84
N ARG B 782 -47.57 -29.77 -34.21
CA ARG B 782 -47.31 -30.95 -33.39
C ARG B 782 -45.92 -31.49 -33.61
N HIS B 783 -45.07 -30.71 -34.28
CA HIS B 783 -43.68 -31.05 -34.53
C HIS B 783 -42.80 -30.43 -33.45
N VAL B 784 -42.89 -29.12 -33.28
CA VAL B 784 -42.12 -28.43 -32.25
C VAL B 784 -42.68 -28.70 -30.87
N MET B 785 -43.97 -29.03 -30.75
CA MET B 785 -44.55 -29.21 -29.43
C MET B 785 -44.11 -30.52 -28.80
N GLN B 786 -43.97 -31.58 -29.58
CA GLN B 786 -43.67 -32.89 -28.99
C GLN B 786 -42.40 -32.93 -28.15
N PRO B 787 -41.33 -32.20 -28.47
CA PRO B 787 -40.21 -32.15 -27.51
C PRO B 787 -40.60 -31.60 -26.15
N TYR B 788 -41.29 -30.46 -26.11
CA TYR B 788 -41.65 -29.82 -24.83
C TYR B 788 -42.91 -30.48 -24.26
N TYR B 789 -42.76 -31.74 -23.87
CA TYR B 789 -43.88 -32.41 -23.19
C TYR B 789 -43.48 -33.09 -21.88
N LYS B 790 -42.29 -33.70 -21.83
CA LYS B 790 -41.81 -34.38 -20.63
C LYS B 790 -41.46 -33.41 -19.52
N ASP B 791 -41.64 -32.12 -19.72
CA ASP B 791 -41.63 -31.14 -18.65
C ASP B 791 -42.98 -30.47 -18.44
N ILE B 792 -43.84 -30.46 -19.47
CA ILE B 792 -45.16 -29.85 -19.36
C ILE B 792 -46.11 -30.76 -18.61
N LEU B 793 -46.32 -31.97 -19.15
CA LEU B 793 -47.27 -32.88 -18.54
C LEU B 793 -46.93 -33.33 -17.12
N PRO B 794 -45.66 -33.53 -16.73
CA PRO B 794 -45.39 -34.10 -15.40
C PRO B 794 -46.01 -33.36 -14.23
N CYS B 795 -45.97 -32.03 -14.21
CA CYS B 795 -46.61 -31.33 -13.11
C CYS B 795 -48.13 -31.46 -13.12
N LEU B 796 -48.69 -32.10 -14.14
CA LEU B 796 -50.12 -32.43 -14.17
C LEU B 796 -50.35 -33.83 -13.60
N ASP B 797 -49.80 -34.07 -12.42
CA ASP B 797 -49.88 -35.38 -11.75
C ASP B 797 -50.47 -35.28 -10.35
N GLY B 798 -50.11 -34.24 -9.60
CA GLY B 798 -50.79 -33.99 -8.35
C GLY B 798 -52.26 -33.70 -8.56
N TYR B 799 -52.62 -33.21 -9.76
CA TYR B 799 -54.02 -33.10 -10.14
C TYR B 799 -54.73 -34.44 -10.07
N LEU B 800 -53.99 -35.52 -10.30
CA LEU B 800 -54.52 -36.89 -10.19
C LEU B 800 -54.12 -37.49 -8.86
N LYS B 801 -54.62 -36.88 -7.79
CA LYS B 801 -54.41 -37.33 -6.41
C LYS B 801 -55.57 -36.90 -5.52
N ILE B 846 -66.97 -22.85 -11.85
CA ILE B 846 -66.39 -24.08 -12.38
C ILE B 846 -65.67 -24.84 -11.28
N SER B 847 -65.97 -26.12 -11.15
CA SER B 847 -65.44 -26.92 -10.06
C SER B 847 -64.13 -27.58 -10.47
N LEU B 848 -63.55 -28.34 -9.54
CA LEU B 848 -62.25 -28.98 -9.75
C LEU B 848 -62.40 -30.37 -10.32
N GLU B 849 -63.52 -31.05 -10.07
CA GLU B 849 -63.74 -32.37 -10.65
C GLU B 849 -63.87 -32.27 -12.17
N GLU B 850 -64.56 -31.23 -12.66
CA GLU B 850 -64.62 -31.01 -14.10
C GLU B 850 -63.22 -30.75 -14.64
N ILE B 851 -62.37 -30.10 -13.85
CA ILE B 851 -60.98 -29.89 -14.27
C ILE B 851 -60.25 -31.22 -14.37
N ARG B 852 -60.44 -32.09 -13.38
CA ARG B 852 -59.84 -33.41 -13.42
C ARG B 852 -60.29 -34.20 -14.65
N ILE B 853 -61.59 -34.16 -14.95
CA ILE B 853 -62.11 -34.91 -16.08
C ILE B 853 -61.63 -34.32 -17.39
N ARG B 854 -61.52 -33.00 -17.49
CA ARG B 854 -60.97 -32.41 -18.70
C ARG B 854 -59.48 -32.70 -18.84
N VAL B 855 -58.77 -32.79 -17.71
CA VAL B 855 -57.38 -33.26 -17.75
C VAL B 855 -57.31 -34.65 -18.35
N VAL B 856 -58.16 -35.56 -17.87
CA VAL B 856 -58.19 -36.91 -18.42
C VAL B 856 -58.51 -36.89 -19.90
N GLN B 857 -59.51 -36.10 -20.30
CA GLN B 857 -59.95 -36.05 -21.69
C GLN B 857 -58.86 -35.49 -22.60
N MET B 858 -58.22 -34.40 -22.18
CA MET B 858 -57.14 -33.81 -22.96
C MET B 858 -55.94 -34.76 -23.03
N LEU B 859 -55.65 -35.45 -21.93
CA LEU B 859 -54.58 -36.44 -21.90
C LEU B 859 -54.86 -37.58 -22.87
N GLY B 860 -56.12 -37.97 -22.99
CA GLY B 860 -56.48 -39.03 -23.92
C GLY B 860 -56.42 -38.57 -25.36
N SER B 861 -57.12 -37.48 -25.67
CA SER B 861 -57.09 -36.90 -27.02
C SER B 861 -55.67 -36.58 -27.45
N LEU B 862 -54.77 -36.39 -26.48
CA LEU B 862 -53.35 -36.27 -26.73
C LEU B 862 -52.77 -37.51 -27.41
N GLY B 863 -53.54 -38.58 -27.51
CA GLY B 863 -53.08 -39.79 -28.16
C GLY B 863 -52.55 -40.84 -27.22
N GLY B 864 -51.24 -40.88 -27.03
CA GLY B 864 -50.60 -41.97 -26.33
C GLY B 864 -49.21 -42.16 -26.87
N GLN B 865 -49.01 -41.75 -28.13
CA GLN B 865 -47.66 -41.56 -28.64
C GLN B 865 -47.00 -40.37 -27.94
N ILE B 866 -47.80 -39.52 -27.31
CA ILE B 866 -47.33 -38.33 -26.61
C ILE B 866 -47.66 -38.49 -25.12
N ASN B 867 -48.77 -39.18 -24.85
CA ASN B 867 -49.25 -39.38 -23.48
C ASN B 867 -48.13 -39.83 -22.56
N LYS B 868 -47.34 -40.81 -22.99
CA LYS B 868 -46.34 -41.43 -22.13
C LYS B 868 -45.35 -40.41 -21.57
N ASN B 869 -45.26 -39.21 -22.14
CA ASN B 869 -44.36 -38.21 -21.60
C ASN B 869 -44.86 -37.59 -20.28
N LEU B 870 -45.98 -38.07 -19.72
CA LEU B 870 -46.51 -37.46 -18.51
C LEU B 870 -45.70 -37.83 -17.28
N LEU B 871 -45.67 -39.11 -16.92
CA LEU B 871 -45.07 -39.51 -15.66
C LEU B 871 -43.58 -39.76 -15.76
N THR B 872 -43.06 -40.03 -16.96
CA THR B 872 -41.64 -40.23 -17.16
C THR B 872 -40.93 -38.89 -17.34
N VAL B 873 -41.12 -37.99 -16.35
CA VAL B 873 -40.25 -36.83 -16.25
C VAL B 873 -38.84 -37.32 -15.94
N THR B 874 -38.65 -37.86 -14.74
CA THR B 874 -37.61 -38.84 -14.42
C THR B 874 -38.08 -39.91 -13.45
N SER B 875 -39.20 -39.71 -12.76
CA SER B 875 -39.69 -40.46 -11.61
C SER B 875 -38.78 -40.28 -10.41
N SER B 876 -37.67 -39.54 -10.56
CA SER B 876 -36.73 -39.28 -9.48
C SER B 876 -36.19 -37.86 -9.56
N ASP B 877 -36.97 -36.91 -10.10
CA ASP B 877 -36.51 -35.54 -10.23
C ASP B 877 -36.24 -34.93 -8.85
N GLU B 878 -37.28 -34.86 -8.03
CA GLU B 878 -37.14 -34.38 -6.66
C GLU B 878 -37.76 -35.41 -5.70
N MET B 879 -38.76 -36.13 -6.21
CA MET B 879 -39.57 -37.00 -5.36
C MET B 879 -38.72 -38.03 -4.62
N MET B 880 -37.79 -38.68 -5.33
CA MET B 880 -36.98 -39.72 -4.70
C MET B 880 -36.05 -39.18 -3.62
N LYS B 881 -35.78 -37.87 -3.61
CA LYS B 881 -34.98 -37.35 -2.51
C LYS B 881 -35.78 -37.28 -1.21
N SER B 882 -37.10 -37.44 -1.28
CA SER B 882 -37.94 -37.44 -0.09
C SER B 882 -38.24 -38.85 0.42
N TYR B 883 -38.13 -39.86 -0.45
CA TYR B 883 -38.37 -41.23 -0.08
C TYR B 883 -37.11 -41.92 0.43
N VAL B 884 -36.04 -41.16 0.66
CA VAL B 884 -34.83 -41.67 1.25
C VAL B 884 -34.81 -41.24 2.71
N ALA B 885 -34.04 -41.98 3.52
CA ALA B 885 -33.95 -41.62 4.92
C ALA B 885 -33.11 -40.35 5.08
N TRP B 886 -33.20 -39.76 6.26
CA TRP B 886 -32.46 -38.54 6.54
C TRP B 886 -31.08 -38.84 7.07
N ASP B 887 -30.98 -39.72 8.06
CA ASP B 887 -29.70 -40.17 8.60
C ASP B 887 -29.64 -41.68 8.51
N ARG B 888 -28.51 -42.20 8.03
CA ARG B 888 -28.33 -43.66 7.98
C ARG B 888 -28.44 -44.26 9.37
N GLU B 889 -27.54 -43.87 10.27
CA GLU B 889 -27.65 -44.31 11.65
C GLU B 889 -28.90 -43.68 12.25
N LYS B 890 -29.84 -44.53 12.68
CA LYS B 890 -31.13 -44.07 13.18
C LYS B 890 -30.90 -43.56 14.60
N ARG B 891 -30.60 -42.26 14.70
CA ARG B 891 -30.13 -41.63 15.92
C ARG B 891 -31.29 -41.10 16.76
N LEU B 892 -30.96 -40.26 17.76
CA LEU B 892 -31.94 -39.63 18.65
C LEU B 892 -32.71 -40.66 19.47
N SER B 893 -31.95 -41.41 20.28
CA SER B 893 -32.57 -42.38 21.18
C SER B 893 -33.44 -41.67 22.20
N PHE B 894 -34.76 -41.83 22.09
CA PHE B 894 -35.74 -41.26 23.01
C PHE B 894 -36.52 -42.37 23.71
N ALA B 895 -36.61 -42.29 25.03
CA ALA B 895 -37.29 -43.31 25.83
C ALA B 895 -38.49 -42.71 26.52
N VAL B 896 -39.70 -43.26 26.23
CA VAL B 896 -40.95 -42.81 26.83
C VAL B 896 -41.01 -43.26 28.29
N PRO B 897 -41.27 -42.36 29.24
CA PRO B 897 -41.29 -42.73 30.66
C PRO B 897 -42.61 -43.37 31.06
N PHE B 898 -42.56 -44.62 31.49
CA PHE B 898 -43.73 -45.33 32.01
C PHE B 898 -43.54 -45.68 33.48
N ARG B 899 -44.55 -46.36 34.03
CA ARG B 899 -44.52 -46.71 35.44
C ARG B 899 -43.49 -47.79 35.73
N GLU B 900 -43.42 -48.82 34.88
CA GLU B 900 -42.57 -49.97 35.16
C GLU B 900 -41.68 -50.46 34.01
N MET B 901 -41.98 -50.12 32.76
CA MET B 901 -41.24 -50.69 31.64
C MET B 901 -40.36 -49.67 30.92
N LYS B 902 -40.95 -48.56 30.47
CA LYS B 902 -40.21 -47.43 29.90
C LYS B 902 -39.39 -47.84 28.69
N PRO B 903 -40.03 -48.18 27.52
CA PRO B 903 -39.24 -48.62 26.34
C PRO B 903 -38.52 -47.51 25.58
N VAL B 904 -37.74 -47.91 24.56
CA VAL B 904 -36.86 -47.00 23.81
C VAL B 904 -37.43 -46.79 22.41
N ILE B 905 -37.37 -45.54 21.94
CA ILE B 905 -37.96 -45.13 20.65
C ILE B 905 -36.92 -44.36 19.84
N PHE B 906 -36.70 -44.79 18.60
CA PHE B 906 -35.83 -44.09 17.66
C PHE B 906 -36.56 -42.86 17.14
N LEU B 907 -36.07 -41.68 17.50
CA LEU B 907 -36.83 -40.45 17.27
C LEU B 907 -36.45 -39.87 15.90
N ASP B 908 -36.48 -40.69 14.85
CA ASP B 908 -36.02 -40.21 13.54
C ASP B 908 -36.99 -40.43 12.38
N VAL B 909 -38.08 -41.17 12.59
CA VAL B 909 -38.88 -41.65 11.47
C VAL B 909 -39.84 -40.58 10.97
N PHE B 910 -40.43 -39.80 11.87
CA PHE B 910 -41.47 -38.84 11.51
C PHE B 910 -40.96 -37.43 11.30
N LEU B 911 -39.72 -37.25 10.90
CA LEU B 911 -39.23 -35.91 10.62
C LEU B 911 -39.72 -35.39 9.27
N PRO B 912 -39.51 -36.10 8.14
CA PRO B 912 -39.81 -35.49 6.84
C PRO B 912 -41.29 -35.37 6.50
N ARG B 913 -42.18 -35.88 7.34
CA ARG B 913 -43.60 -35.60 7.18
C ARG B 913 -44.10 -34.55 8.17
N VAL B 914 -43.57 -34.55 9.39
CA VAL B 914 -43.86 -33.47 10.32
C VAL B 914 -43.45 -32.14 9.71
N THR B 915 -42.26 -32.10 9.12
CA THR B 915 -41.81 -30.87 8.46
C THR B 915 -42.73 -30.51 7.30
N GLU B 916 -42.84 -31.42 6.33
CA GLU B 916 -43.62 -31.15 5.11
C GLU B 916 -45.05 -30.77 5.43
N LEU B 917 -45.57 -31.18 6.58
CA LEU B 917 -46.90 -30.73 6.99
C LEU B 917 -46.83 -29.36 7.66
N ALA B 918 -45.84 -29.15 8.52
CA ALA B 918 -45.65 -27.85 9.14
C ALA B 918 -45.44 -26.76 8.10
N LEU B 919 -45.15 -27.12 6.86
CA LEU B 919 -45.11 -26.12 5.79
C LEU B 919 -46.49 -25.92 5.15
N THR B 920 -47.04 -26.97 4.54
CA THR B 920 -48.30 -26.89 3.79
C THR B 920 -49.40 -27.70 4.48
N ALA B 921 -50.29 -27.00 5.18
CA ALA B 921 -51.38 -27.64 5.89
C ALA B 921 -52.77 -27.27 5.37
N SER B 922 -52.98 -26.00 5.02
CA SER B 922 -54.29 -25.46 4.66
C SER B 922 -55.31 -25.64 5.78
N ASP B 923 -54.85 -25.80 7.02
CA ASP B 923 -55.71 -25.89 8.19
C ASP B 923 -54.87 -25.65 9.43
N ARG B 924 -55.29 -24.70 10.27
CA ARG B 924 -54.50 -24.36 11.45
C ARG B 924 -54.55 -25.48 12.48
N GLN B 925 -55.69 -26.18 12.59
CA GLN B 925 -55.88 -27.22 13.59
C GLN B 925 -54.78 -28.28 13.54
N THR B 926 -54.21 -28.50 12.36
CA THR B 926 -53.11 -29.44 12.20
C THR B 926 -51.77 -28.76 11.99
N LYS B 927 -51.75 -27.59 11.34
CA LYS B 927 -50.50 -26.89 11.13
C LYS B 927 -49.84 -26.54 12.44
N VAL B 928 -50.62 -26.02 13.39
CA VAL B 928 -50.04 -25.64 14.69
C VAL B 928 -49.51 -26.87 15.41
N ALA B 929 -50.19 -28.00 15.27
CA ALA B 929 -49.72 -29.23 15.91
C ALA B 929 -48.38 -29.66 15.34
N ALA B 930 -48.28 -29.68 14.00
CA ALA B 930 -47.01 -29.98 13.36
C ALA B 930 -45.91 -29.03 13.81
N CYS B 931 -46.26 -27.75 13.98
CA CYS B 931 -45.23 -26.76 14.32
C CYS B 931 -44.72 -26.96 15.75
N GLU B 932 -45.62 -27.12 16.72
CA GLU B 932 -45.18 -27.36 18.09
C GLU B 932 -44.40 -28.66 18.20
N LEU B 933 -44.87 -29.71 17.53
CA LEU B 933 -44.16 -30.98 17.56
C LEU B 933 -42.75 -30.83 17.00
N LEU B 934 -42.62 -30.14 15.86
CA LEU B 934 -41.28 -29.97 15.29
C LEU B 934 -40.40 -29.12 16.18
N HIS B 935 -40.98 -28.11 16.84
CA HIS B 935 -40.20 -27.30 17.78
C HIS B 935 -39.61 -28.18 18.87
N SER B 936 -40.47 -29.00 19.50
CA SER B 936 -39.96 -29.86 20.56
C SER B 936 -39.00 -30.91 20.02
N MET B 937 -39.20 -31.36 18.79
CA MET B 937 -38.28 -32.31 18.17
C MET B 937 -36.90 -31.70 18.00
N VAL B 938 -36.84 -30.45 17.56
CA VAL B 938 -35.58 -29.74 17.42
C VAL B 938 -34.94 -29.56 18.79
N MET B 939 -35.74 -29.18 19.79
CA MET B 939 -35.20 -28.99 21.13
C MET B 939 -34.55 -30.27 21.65
N PHE B 940 -35.23 -31.41 21.47
CA PHE B 940 -34.68 -32.67 21.95
C PHE B 940 -33.42 -33.06 21.18
N MET B 941 -33.46 -32.93 19.85
CA MET B 941 -32.29 -33.34 19.07
C MET B 941 -31.09 -32.44 19.38
N LEU B 942 -31.33 -31.23 19.88
CA LEU B 942 -30.24 -30.40 20.38
C LEU B 942 -29.77 -30.86 21.75
N GLY B 943 -30.69 -31.18 22.64
CA GLY B 943 -30.30 -31.60 23.98
C GLY B 943 -29.58 -32.93 24.02
N LYS B 944 -29.90 -33.84 23.08
CA LYS B 944 -29.28 -35.17 23.05
C LYS B 944 -27.88 -35.12 22.47
N ALA B 945 -27.60 -34.15 21.60
CA ALA B 945 -26.27 -33.98 21.05
C ALA B 945 -25.31 -33.37 22.06
N THR B 946 -25.71 -33.33 23.32
CA THR B 946 -24.93 -32.75 24.41
C THR B 946 -24.76 -33.76 25.53
N GLN B 947 -24.47 -35.01 25.17
CA GLN B 947 -24.20 -36.06 26.15
C GLN B 947 -23.54 -37.27 25.48
N PRO B 956 -21.85 -38.37 20.39
CA PRO B 956 -23.11 -38.49 19.65
C PRO B 956 -23.33 -37.32 18.69
N PRO B 957 -22.87 -37.48 17.45
CA PRO B 957 -22.94 -36.40 16.46
C PRO B 957 -24.18 -36.48 15.59
N MET B 958 -24.62 -35.31 15.13
CA MET B 958 -25.84 -35.23 14.35
C MET B 958 -25.74 -34.24 13.19
N TYR B 959 -24.53 -34.04 12.65
CA TYR B 959 -24.39 -33.09 11.54
C TYR B 959 -25.09 -33.59 10.28
N GLN B 960 -25.14 -34.92 10.07
CA GLN B 960 -25.82 -35.46 8.89
C GLN B 960 -27.33 -35.30 8.97
N LEU B 961 -27.87 -35.15 10.18
CA LEU B 961 -29.28 -34.82 10.36
C LEU B 961 -29.48 -33.31 10.34
N TYR B 962 -28.55 -32.59 10.98
CA TYR B 962 -28.60 -31.14 11.00
C TYR B 962 -28.65 -30.57 9.60
N LYS B 963 -27.95 -31.20 8.65
CA LYS B 963 -27.84 -30.63 7.32
C LYS B 963 -29.20 -30.51 6.65
N ARG B 964 -29.98 -31.60 6.64
CA ARG B 964 -31.33 -31.53 6.09
C ARG B 964 -32.36 -30.98 7.07
N THR B 965 -32.00 -30.79 8.34
CA THR B 965 -32.93 -30.22 9.31
C THR B 965 -32.87 -28.70 9.38
N PHE B 966 -31.77 -28.11 8.92
CA PHE B 966 -31.50 -26.69 9.11
C PHE B 966 -32.14 -25.74 8.09
N PRO B 967 -32.23 -26.08 6.80
CA PRO B 967 -32.86 -25.15 5.86
C PRO B 967 -34.38 -25.19 5.88
N VAL B 968 -34.99 -26.16 6.59
CA VAL B 968 -36.44 -26.16 6.69
C VAL B 968 -36.89 -25.17 7.77
N LEU B 969 -36.10 -25.03 8.84
CA LEU B 969 -36.43 -24.08 9.89
C LEU B 969 -36.43 -22.63 9.39
N LEU B 970 -35.58 -22.31 8.41
CA LEU B 970 -35.60 -20.96 7.85
C LEU B 970 -36.92 -20.70 7.14
N ARG B 971 -37.28 -21.56 6.19
CA ARG B 971 -38.58 -21.45 5.53
C ARG B 971 -39.71 -21.41 6.55
N LEU B 972 -39.56 -22.16 7.63
CA LEU B 972 -40.61 -22.26 8.65
C LEU B 972 -40.78 -20.96 9.41
N ALA B 973 -39.67 -20.32 9.78
CA ALA B 973 -39.71 -19.11 10.60
C ALA B 973 -40.59 -18.02 10.00
N CYS B 974 -40.79 -18.02 8.69
CA CYS B 974 -41.55 -16.97 8.03
C CYS B 974 -42.43 -17.53 6.93
N ASP B 975 -43.06 -18.69 7.15
CA ASP B 975 -43.63 -19.41 6.01
C ASP B 975 -44.90 -18.77 5.46
N VAL B 976 -46.01 -18.85 6.19
CA VAL B 976 -47.20 -18.11 5.81
C VAL B 976 -47.79 -17.39 7.04
N ASP B 977 -48.11 -18.18 8.06
CA ASP B 977 -48.96 -17.72 9.15
C ASP B 977 -48.17 -16.80 10.06
N GLN B 978 -48.89 -15.89 10.72
CA GLN B 978 -48.21 -14.93 11.60
C GLN B 978 -47.79 -15.57 12.92
N VAL B 979 -48.48 -16.62 13.37
CA VAL B 979 -48.07 -17.30 14.60
C VAL B 979 -46.87 -18.21 14.34
N THR B 980 -46.87 -18.93 13.22
CA THR B 980 -45.68 -19.67 12.84
C THR B 980 -44.49 -18.75 12.59
N ARG B 981 -44.72 -17.44 12.53
CA ARG B 981 -43.67 -16.44 12.53
C ARG B 981 -43.30 -16.01 13.94
N GLN B 982 -44.29 -15.91 14.84
CA GLN B 982 -43.99 -15.70 16.25
C GLN B 982 -43.12 -16.82 16.81
N LEU B 983 -43.21 -18.01 16.24
CA LEU B 983 -42.27 -19.07 16.55
C LEU B 983 -41.29 -19.25 15.39
N TYR B 984 -40.15 -19.87 15.72
CA TYR B 984 -39.07 -20.19 14.80
C TYR B 984 -38.26 -18.98 14.34
N GLU B 985 -38.74 -17.77 14.64
CA GLU B 985 -37.90 -16.59 14.56
C GLU B 985 -37.05 -16.54 15.83
N PRO B 986 -37.66 -16.55 17.02
CA PRO B 986 -36.82 -16.65 18.22
C PRO B 986 -35.99 -17.91 18.24
N LEU B 987 -36.52 -19.02 17.72
CA LEU B 987 -35.77 -20.27 17.73
C LEU B 987 -34.54 -20.18 16.84
N VAL B 988 -34.70 -19.64 15.62
CA VAL B 988 -33.55 -19.54 14.72
C VAL B 988 -32.51 -18.59 15.31
N MET B 989 -32.95 -17.52 15.96
CA MET B 989 -31.98 -16.61 16.55
C MET B 989 -31.26 -17.26 17.73
N GLN B 990 -32.01 -17.94 18.60
CA GLN B 990 -31.44 -18.62 19.76
C GLN B 990 -30.40 -19.65 19.34
N LEU B 991 -30.71 -20.44 18.30
CA LEU B 991 -29.77 -21.48 17.90
C LEU B 991 -28.56 -20.90 17.18
N ILE B 992 -28.75 -19.82 16.42
CA ILE B 992 -27.58 -19.12 15.88
C ILE B 992 -26.67 -18.68 17.03
N HIS B 993 -27.27 -18.09 18.06
CA HIS B 993 -26.50 -17.64 19.22
C HIS B 993 -25.72 -18.79 19.85
N TRP B 994 -26.39 -19.92 20.06
CA TRP B 994 -25.71 -21.04 20.71
C TRP B 994 -24.59 -21.61 19.84
N PHE B 995 -24.82 -21.74 18.54
CA PHE B 995 -23.77 -22.29 17.68
C PHE B 995 -22.56 -21.36 17.58
N THR B 996 -22.77 -20.05 17.70
CA THR B 996 -21.63 -19.13 17.79
C THR B 996 -21.23 -18.89 19.24
N ASN B 997 -20.94 -19.98 19.94
CA ASN B 997 -20.41 -19.93 21.29
C ASN B 997 -19.05 -20.63 21.30
N ASN B 998 -18.19 -20.20 22.21
CA ASN B 998 -16.84 -20.75 22.29
C ASN B 998 -16.86 -22.27 22.37
N LYS B 999 -17.80 -22.82 23.14
CA LYS B 999 -17.87 -24.26 23.34
C LYS B 999 -18.04 -24.98 22.00
N LYS B 1000 -19.10 -24.66 21.28
CA LYS B 1000 -19.38 -25.27 19.98
C LYS B 1000 -19.16 -24.33 18.81
N PHE B 1001 -18.16 -23.45 18.90
CA PHE B 1001 -17.77 -22.78 17.67
C PHE B 1001 -16.83 -23.67 16.85
N GLU B 1002 -16.66 -23.30 15.59
CA GLU B 1002 -15.70 -23.95 14.68
C GLU B 1002 -15.97 -25.44 14.54
N SER B 1003 -17.17 -25.89 14.91
CA SER B 1003 -17.52 -27.30 14.92
C SER B 1003 -17.89 -27.76 13.52
N GLN B 1004 -18.56 -28.89 13.42
CA GLN B 1004 -19.12 -29.37 12.15
C GLN B 1004 -20.61 -29.12 12.03
N ASP B 1005 -21.25 -28.63 13.09
CA ASP B 1005 -22.65 -28.25 13.07
C ASP B 1005 -22.84 -26.80 12.62
N THR B 1006 -21.97 -25.89 13.09
CA THR B 1006 -22.05 -24.51 12.64
C THR B 1006 -21.72 -24.35 11.16
N VAL B 1007 -20.95 -25.29 10.59
CA VAL B 1007 -20.70 -25.27 9.15
C VAL B 1007 -21.97 -25.57 8.38
N ALA B 1008 -22.73 -26.57 8.85
CA ALA B 1008 -24.04 -26.83 8.28
C ALA B 1008 -24.96 -25.63 8.43
N LEU B 1009 -24.96 -25.01 9.62
CA LEU B 1009 -25.80 -23.82 9.84
C LEU B 1009 -25.47 -22.71 8.86
N LEU B 1010 -24.18 -22.41 8.70
CA LEU B 1010 -23.78 -21.33 7.82
C LEU B 1010 -24.15 -21.65 6.38
N GLU B 1011 -23.79 -22.86 5.92
CA GLU B 1011 -24.13 -23.25 4.56
C GLU B 1011 -25.64 -23.27 4.34
N ALA B 1012 -26.43 -23.53 5.38
CA ALA B 1012 -27.88 -23.48 5.25
C ALA B 1012 -28.38 -22.06 5.07
N ILE B 1013 -27.88 -21.13 5.89
CA ILE B 1013 -28.24 -19.73 5.71
C ILE B 1013 -27.86 -19.25 4.31
N LEU B 1014 -26.70 -19.71 3.82
CA LEU B 1014 -26.28 -19.40 2.46
C LEU B 1014 -27.28 -19.94 1.44
N ASP B 1015 -27.43 -21.27 1.39
CA ASP B 1015 -28.36 -21.92 0.46
C ASP B 1015 -29.77 -21.38 0.55
N GLY B 1016 -30.10 -20.68 1.64
CA GLY B 1016 -31.37 -19.99 1.68
C GLY B 1016 -31.30 -18.63 1.02
N ILE B 1017 -30.22 -17.90 1.25
CA ILE B 1017 -30.12 -16.56 0.68
C ILE B 1017 -29.97 -16.60 -0.84
N VAL B 1018 -29.28 -17.60 -1.38
CA VAL B 1018 -29.02 -17.67 -2.82
C VAL B 1018 -29.85 -18.80 -3.42
N ASP B 1019 -30.97 -18.46 -4.07
CA ASP B 1019 -31.78 -19.45 -4.77
C ASP B 1019 -32.76 -18.74 -5.71
N PRO B 1020 -33.44 -19.49 -6.61
CA PRO B 1020 -34.54 -18.88 -7.38
C PRO B 1020 -35.70 -18.48 -6.48
N VAL B 1021 -36.82 -18.05 -7.07
CA VAL B 1021 -37.78 -17.22 -6.34
C VAL B 1021 -38.26 -17.84 -5.04
N ASP B 1022 -37.80 -17.27 -3.92
CA ASP B 1022 -38.40 -17.37 -2.59
C ASP B 1022 -38.26 -16.01 -1.92
N SER B 1023 -38.65 -14.97 -2.67
CA SER B 1023 -38.46 -13.57 -2.33
C SER B 1023 -38.58 -13.27 -0.85
N THR B 1024 -39.59 -13.85 -0.19
CA THR B 1024 -39.75 -13.65 1.24
C THR B 1024 -38.69 -14.34 2.07
N LEU B 1025 -37.98 -15.33 1.52
CA LEU B 1025 -37.03 -16.12 2.30
C LEU B 1025 -35.59 -15.65 2.19
N ARG B 1026 -35.12 -15.30 0.98
CA ARG B 1026 -33.75 -14.89 0.78
C ARG B 1026 -33.35 -13.80 1.79
N ASP B 1027 -34.10 -12.70 1.79
CA ASP B 1027 -33.82 -11.58 2.67
C ASP B 1027 -33.74 -12.00 4.13
N PHE B 1028 -34.57 -12.97 4.54
CA PHE B 1028 -34.56 -13.40 5.93
C PHE B 1028 -33.17 -13.91 6.31
N CYS B 1029 -32.57 -14.76 5.46
CA CYS B 1029 -31.23 -15.24 5.73
C CYS B 1029 -30.26 -14.07 5.91
N GLY B 1030 -30.45 -13.00 5.14
CA GLY B 1030 -29.71 -11.77 5.30
C GLY B 1030 -29.72 -11.32 6.74
N ARG B 1031 -30.92 -11.12 7.29
CA ARG B 1031 -31.06 -10.77 8.70
C ARG B 1031 -30.32 -11.79 9.56
N CYS B 1032 -30.52 -13.09 9.26
CA CYS B 1032 -29.80 -14.15 9.96
C CYS B 1032 -28.30 -13.87 9.98
N ILE B 1033 -27.73 -13.55 8.81
CA ILE B 1033 -26.30 -13.27 8.72
C ILE B 1033 -25.92 -12.21 9.75
N ARG B 1034 -26.67 -11.10 9.76
CA ARG B 1034 -26.40 -10.03 10.73
C ARG B 1034 -26.31 -10.60 12.13
N GLU B 1035 -27.31 -11.40 12.54
CA GLU B 1035 -27.28 -12.02 13.85
C GLU B 1035 -26.07 -12.94 13.98
N PHE B 1036 -25.85 -13.81 12.98
CA PHE B 1036 -24.67 -14.66 13.03
C PHE B 1036 -23.39 -13.87 13.05
N LEU B 1037 -23.41 -12.61 12.60
CA LEU B 1037 -22.18 -11.84 12.58
C LEU B 1037 -21.83 -11.32 13.97
N LYS B 1038 -22.75 -10.56 14.59
CA LYS B 1038 -22.47 -9.95 15.89
C LYS B 1038 -22.12 -11.01 16.93
N TRP B 1039 -22.98 -12.01 17.05
CA TRP B 1039 -22.76 -13.09 18.00
C TRP B 1039 -21.55 -13.97 17.65
N SER B 1040 -20.93 -13.76 16.49
CA SER B 1040 -19.68 -14.46 16.19
C SER B 1040 -18.47 -13.74 16.73
N ILE B 1041 -18.63 -12.52 17.24
CA ILE B 1041 -17.55 -11.83 17.92
C ILE B 1041 -17.88 -11.46 19.36
N LYS B 1042 -19.16 -11.36 19.72
CA LYS B 1042 -19.56 -11.04 21.10
C LYS B 1042 -19.47 -12.23 22.04
N GLN B 1043 -19.24 -13.44 21.54
CA GLN B 1043 -19.11 -14.63 22.37
C GLN B 1043 -17.70 -15.19 22.36
N ILE B 1044 -17.11 -15.37 21.18
CA ILE B 1044 -15.74 -15.84 21.10
C ILE B 1044 -14.80 -14.71 21.47
N THR B 1045 -13.84 -15.00 22.34
CA THR B 1045 -12.82 -14.02 22.59
C THR B 1045 -11.75 -14.09 21.50
N PRO B 1046 -11.04 -12.99 21.24
CA PRO B 1046 -9.99 -13.02 20.20
C PRO B 1046 -8.83 -13.95 20.51
N GLN B 1047 -8.72 -14.45 21.74
CA GLN B 1047 -7.66 -15.39 22.10
C GLN B 1047 -7.93 -16.80 21.57
N GLN B 1048 -9.12 -17.02 20.98
CA GLN B 1048 -9.40 -18.28 20.30
C GLN B 1048 -10.22 -18.06 19.02
N GLN B 1049 -10.39 -16.82 18.58
CA GLN B 1049 -11.12 -16.53 17.35
C GLN B 1049 -10.15 -16.29 16.19
N GLU B 1050 -9.37 -17.32 15.91
CA GLU B 1050 -8.46 -17.33 14.77
C GLU B 1050 -8.44 -18.65 14.00
N LYS B 1051 -8.86 -19.76 14.60
CA LYS B 1051 -8.70 -21.09 14.00
C LYS B 1051 -10.06 -21.70 13.71
N SER B 1052 -10.90 -20.98 12.97
CA SER B 1052 -12.26 -21.42 12.69
C SER B 1052 -12.54 -21.29 11.20
N PRO B 1053 -12.88 -22.40 10.52
CA PRO B 1053 -13.42 -22.27 9.15
C PRO B 1053 -14.78 -21.59 9.12
N VAL B 1054 -15.40 -21.35 10.27
CA VAL B 1054 -16.61 -20.54 10.38
C VAL B 1054 -16.30 -19.11 10.82
N ASN B 1055 -15.03 -18.78 11.01
CA ASN B 1055 -14.61 -17.45 11.43
C ASN B 1055 -15.05 -16.41 10.41
N THR B 1056 -15.05 -15.14 10.85
CA THR B 1056 -15.51 -14.05 9.99
C THR B 1056 -14.77 -14.06 8.66
N LYS B 1057 -13.43 -14.12 8.70
CA LYS B 1057 -12.65 -14.05 7.48
C LYS B 1057 -12.99 -15.19 6.52
N SER B 1058 -13.35 -16.36 7.05
CA SER B 1058 -13.80 -17.44 6.20
C SER B 1058 -15.13 -17.08 5.53
N LEU B 1059 -16.05 -16.49 6.29
CA LEU B 1059 -17.29 -15.99 5.71
C LEU B 1059 -16.99 -15.00 4.59
N PHE B 1060 -16.00 -14.14 4.79
CA PHE B 1060 -15.65 -13.14 3.77
C PHE B 1060 -15.10 -13.82 2.53
N LYS B 1061 -14.26 -14.83 2.71
CA LYS B 1061 -13.73 -15.57 1.56
C LYS B 1061 -14.86 -16.24 0.79
N ARG B 1062 -15.82 -16.83 1.52
CA ARG B 1062 -16.99 -17.42 0.87
C ARG B 1062 -17.80 -16.36 0.14
N LEU B 1063 -17.98 -15.20 0.76
CA LEU B 1063 -18.74 -14.12 0.15
C LEU B 1063 -18.10 -13.65 -1.14
N TYR B 1064 -16.78 -13.51 -1.15
CA TYR B 1064 -16.09 -13.17 -2.39
C TYR B 1064 -16.31 -14.25 -3.44
N SER B 1065 -16.08 -15.52 -3.08
CA SER B 1065 -16.26 -16.60 -4.05
C SER B 1065 -17.68 -16.64 -4.60
N LEU B 1066 -18.64 -16.09 -3.87
CA LEU B 1066 -20.00 -15.96 -4.40
C LEU B 1066 -20.20 -14.67 -5.19
N ALA B 1067 -19.40 -13.63 -4.92
CA ALA B 1067 -19.55 -12.38 -5.64
C ALA B 1067 -19.15 -12.52 -7.10
N LEU B 1068 -17.92 -12.98 -7.36
CA LEU B 1068 -17.48 -13.19 -8.74
C LEU B 1068 -17.99 -14.52 -9.28
N HIS B 1069 -19.28 -14.76 -9.15
CA HIS B 1069 -19.88 -15.98 -9.64
C HIS B 1069 -20.73 -15.67 -10.84
N PRO B 1070 -20.63 -16.44 -11.92
CA PRO B 1070 -21.46 -16.15 -13.10
C PRO B 1070 -22.89 -16.64 -12.92
N ASN B 1071 -23.36 -16.56 -11.69
CA ASN B 1071 -24.74 -16.78 -11.32
C ASN B 1071 -25.41 -15.44 -11.04
N ALA B 1072 -26.69 -15.34 -11.41
CA ALA B 1072 -27.46 -14.17 -11.01
C ALA B 1072 -27.77 -14.22 -9.53
N PHE B 1073 -28.48 -15.28 -9.12
CA PHE B 1073 -28.95 -15.38 -7.75
C PHE B 1073 -27.79 -15.38 -6.76
N LYS B 1074 -26.67 -16.00 -7.13
CA LYS B 1074 -25.57 -16.13 -6.18
C LYS B 1074 -24.89 -14.78 -5.94
N ARG B 1075 -24.55 -14.07 -7.01
CA ARG B 1075 -23.89 -12.77 -6.82
C ARG B 1075 -24.85 -11.77 -6.19
N LEU B 1076 -26.14 -11.84 -6.55
CA LEU B 1076 -27.12 -11.00 -5.88
C LEU B 1076 -27.17 -11.30 -4.38
N GLY B 1077 -27.17 -12.59 -4.02
CA GLY B 1077 -27.20 -12.94 -2.61
C GLY B 1077 -25.97 -12.50 -1.86
N ALA B 1078 -24.80 -12.57 -2.51
CA ALA B 1078 -23.58 -12.05 -1.90
C ALA B 1078 -23.72 -10.56 -1.63
N SER B 1079 -24.21 -9.82 -2.62
CA SER B 1079 -24.43 -8.38 -2.44
C SER B 1079 -25.43 -8.12 -1.32
N LEU B 1080 -26.43 -8.99 -1.18
CA LEU B 1080 -27.43 -8.80 -0.13
C LEU B 1080 -26.85 -9.09 1.25
N ALA B 1081 -26.01 -10.12 1.34
CA ALA B 1081 -25.27 -10.35 2.58
C ALA B 1081 -24.47 -9.10 2.95
N PHE B 1082 -23.81 -8.48 1.97
CA PHE B 1082 -23.08 -7.26 2.26
C PHE B 1082 -24.01 -6.14 2.71
N ASN B 1083 -25.19 -6.04 2.09
CA ASN B 1083 -26.12 -5.00 2.51
C ASN B 1083 -26.67 -5.26 3.90
N ASN B 1084 -26.68 -6.51 4.33
CA ASN B 1084 -27.09 -6.81 5.70
C ASN B 1084 -25.95 -6.74 6.68
N ILE B 1085 -24.71 -6.67 6.22
CA ILE B 1085 -23.56 -6.53 7.12
C ILE B 1085 -22.86 -5.19 7.02
N TYR B 1086 -23.29 -4.29 6.13
CA TYR B 1086 -22.61 -3.00 6.02
C TYR B 1086 -22.91 -2.09 7.20
N ARG B 1087 -24.13 -2.17 7.74
CA ARG B 1087 -24.39 -1.49 9.00
C ARG B 1087 -23.45 -2.01 10.09
N GLU B 1088 -23.02 -3.26 9.95
CA GLU B 1088 -21.97 -3.82 10.79
C GLU B 1088 -20.61 -3.55 10.14
N PHE B 1089 -19.55 -3.87 10.88
CA PHE B 1089 -18.18 -3.94 10.38
C PHE B 1089 -17.62 -2.54 10.10
N ARG B 1090 -18.47 -1.52 10.08
CA ARG B 1090 -18.04 -0.16 9.85
C ARG B 1090 -18.10 0.68 11.11
N GLU B 1091 -18.88 0.23 12.10
CA GLU B 1091 -18.84 0.74 13.45
C GLU B 1091 -17.83 -0.04 14.29
N GLU B 1092 -17.14 -0.99 13.67
CA GLU B 1092 -15.97 -1.65 14.21
C GLU B 1092 -14.76 -1.32 13.34
N GLU B 1093 -13.58 -1.31 13.96
CA GLU B 1093 -12.33 -1.02 13.29
C GLU B 1093 -11.39 -2.21 13.50
N SER B 1094 -10.14 -2.04 13.08
CA SER B 1094 -9.10 -3.08 13.13
C SER B 1094 -9.41 -4.25 12.22
N LEU B 1095 -10.52 -4.20 11.48
CA LEU B 1095 -10.89 -5.27 10.56
C LEU B 1095 -11.24 -4.74 9.18
N VAL B 1096 -11.29 -3.42 9.01
CA VAL B 1096 -11.75 -2.85 7.75
C VAL B 1096 -10.65 -2.88 6.69
N GLU B 1097 -9.40 -2.62 7.07
CA GLU B 1097 -8.34 -2.38 6.11
C GLU B 1097 -7.59 -3.65 5.72
N GLN B 1098 -8.22 -4.83 5.82
CA GLN B 1098 -7.58 -6.08 5.50
C GLN B 1098 -8.06 -6.65 4.17
N PHE B 1099 -9.37 -6.90 4.04
CA PHE B 1099 -9.94 -7.55 2.87
C PHE B 1099 -10.98 -6.71 2.15
N VAL B 1100 -11.74 -5.88 2.87
CA VAL B 1100 -12.90 -5.21 2.30
C VAL B 1100 -12.51 -4.02 1.43
N PHE B 1101 -11.59 -3.20 1.92
CA PHE B 1101 -11.11 -2.10 1.10
C PHE B 1101 -10.10 -2.56 0.06
N GLU B 1102 -10.00 -3.87 -0.13
CA GLU B 1102 -9.35 -4.48 -1.26
C GLU B 1102 -10.33 -5.15 -2.21
N ALA B 1103 -11.43 -5.66 -1.69
CA ALA B 1103 -12.41 -6.38 -2.50
C ALA B 1103 -13.67 -5.57 -2.75
N LEU B 1104 -13.66 -4.27 -2.44
CA LEU B 1104 -14.63 -3.40 -3.10
C LEU B 1104 -14.52 -3.55 -4.61
N VAL B 1105 -13.32 -3.77 -5.13
CA VAL B 1105 -13.18 -4.04 -6.56
C VAL B 1105 -13.68 -5.44 -6.90
N ILE B 1106 -13.61 -6.39 -5.97
CA ILE B 1106 -14.25 -7.69 -6.21
C ILE B 1106 -15.75 -7.48 -6.38
N TYR B 1107 -16.33 -6.59 -5.57
CA TYR B 1107 -17.75 -6.30 -5.68
C TYR B 1107 -18.07 -5.50 -6.95
N MET B 1108 -17.19 -4.59 -7.33
CA MET B 1108 -17.43 -3.85 -8.57
C MET B 1108 -17.20 -4.72 -9.81
N GLU B 1109 -16.32 -5.71 -9.73
CA GLU B 1109 -16.18 -6.66 -10.83
C GLU B 1109 -17.37 -7.61 -10.89
N SER B 1110 -17.95 -7.94 -9.73
CA SER B 1110 -19.21 -8.68 -9.74
C SER B 1110 -20.33 -7.84 -10.35
N LEU B 1111 -20.36 -6.54 -10.01
CA LEU B 1111 -21.28 -5.60 -10.64
C LEU B 1111 -21.09 -5.59 -12.14
N ALA B 1112 -19.84 -5.53 -12.60
CA ALA B 1112 -19.53 -5.62 -14.02
C ALA B 1112 -20.09 -6.92 -14.60
N LEU B 1113 -19.77 -8.04 -13.96
CA LEU B 1113 -20.25 -9.35 -14.41
C LEU B 1113 -21.77 -9.43 -14.41
N ALA B 1114 -22.44 -8.56 -13.66
CA ALA B 1114 -23.89 -8.43 -13.69
C ALA B 1114 -24.36 -7.50 -14.81
N HIS B 1115 -23.50 -7.22 -15.79
CA HIS B 1115 -23.83 -6.22 -16.81
C HIS B 1115 -25.08 -6.59 -17.60
N ALA B 1116 -25.32 -7.88 -17.82
CA ALA B 1116 -26.37 -8.32 -18.74
C ALA B 1116 -27.18 -9.48 -18.16
N ASP B 1117 -27.64 -9.34 -16.92
CA ASP B 1117 -28.62 -10.32 -16.43
C ASP B 1117 -30.03 -9.94 -16.89
N GLU B 1118 -30.56 -8.84 -16.35
CA GLU B 1118 -31.82 -8.23 -16.73
C GLU B 1118 -32.01 -6.96 -15.91
N LYS B 1119 -32.65 -5.94 -16.48
CA LYS B 1119 -32.96 -4.75 -15.70
C LYS B 1119 -33.98 -5.08 -14.61
N SER B 1120 -34.97 -5.91 -14.93
CA SER B 1120 -35.97 -6.32 -13.97
C SER B 1120 -35.41 -7.14 -12.82
N LEU B 1121 -34.17 -7.63 -12.92
CA LEU B 1121 -33.68 -8.59 -11.93
C LEU B 1121 -33.34 -7.90 -10.62
N GLY B 1122 -32.37 -7.01 -10.63
CA GLY B 1122 -32.00 -6.29 -9.44
C GLY B 1122 -30.67 -6.67 -8.79
N THR B 1123 -29.80 -7.40 -9.48
CA THR B 1123 -28.43 -7.56 -8.97
C THR B 1123 -27.76 -6.20 -8.88
N ILE B 1124 -28.11 -5.29 -9.79
CA ILE B 1124 -27.44 -3.99 -9.88
C ILE B 1124 -27.86 -3.10 -8.72
N GLN B 1125 -29.18 -2.89 -8.54
CA GLN B 1125 -29.67 -2.06 -7.46
C GLN B 1125 -29.14 -2.48 -6.09
N GLN B 1126 -28.59 -3.69 -5.99
CA GLN B 1126 -27.99 -4.18 -4.76
C GLN B 1126 -26.47 -4.01 -4.76
N CYS B 1127 -25.79 -4.35 -5.85
CA CYS B 1127 -24.33 -4.25 -5.87
C CYS B 1127 -23.89 -2.78 -5.84
N CYS B 1128 -24.63 -1.90 -6.51
CA CYS B 1128 -24.35 -0.47 -6.41
C CYS B 1128 -24.50 0.01 -4.98
N ASP B 1129 -25.58 -0.39 -4.32
CA ASP B 1129 -25.74 -0.03 -2.92
C ASP B 1129 -24.68 -0.68 -2.05
N ALA B 1130 -24.14 -1.82 -2.46
CA ALA B 1130 -23.02 -2.41 -1.74
C ALA B 1130 -21.80 -1.49 -1.80
N ILE B 1131 -21.35 -1.18 -3.02
CA ILE B 1131 -20.18 -0.33 -3.15
C ILE B 1131 -20.45 1.04 -2.52
N ASP B 1132 -21.70 1.49 -2.50
CA ASP B 1132 -21.99 2.80 -1.92
C ASP B 1132 -22.10 2.76 -0.40
N HIS B 1133 -22.67 1.69 0.16
CA HIS B 1133 -22.64 1.43 1.58
C HIS B 1133 -21.25 1.12 2.07
N LEU B 1134 -20.30 0.96 1.15
CA LEU B 1134 -18.88 0.94 1.49
C LEU B 1134 -18.24 2.32 1.38
N CYS B 1135 -18.59 3.08 0.33
CA CYS B 1135 -17.99 4.39 0.10
C CYS B 1135 -18.58 5.49 0.97
N ARG B 1136 -19.67 5.23 1.69
CA ARG B 1136 -20.12 6.17 2.70
C ARG B 1136 -19.38 6.00 4.02
N ILE B 1137 -18.63 4.91 4.19
CA ILE B 1137 -17.71 4.77 5.31
C ILE B 1137 -16.25 4.93 4.88
N ILE B 1138 -15.95 4.88 3.58
CA ILE B 1138 -14.60 5.20 3.13
C ILE B 1138 -14.25 6.64 3.46
N GLU B 1139 -15.25 7.53 3.45
CA GLU B 1139 -15.02 8.95 3.71
C GLU B 1139 -15.22 9.31 5.18
N LYS B 1140 -15.14 8.32 6.08
CA LYS B 1140 -15.26 8.57 7.51
C LYS B 1140 -14.14 7.95 8.33
N LYS B 1141 -13.44 6.93 7.82
CA LYS B 1141 -12.43 6.26 8.62
C LYS B 1141 -11.09 6.14 7.90
N HIS B 1142 -11.11 6.09 6.56
CA HIS B 1142 -9.86 6.08 5.81
C HIS B 1142 -9.48 7.46 5.29
N VAL B 1143 -10.41 8.41 5.26
CA VAL B 1143 -10.03 9.80 5.09
C VAL B 1143 -9.05 10.22 6.17
N SER B 1144 -9.08 9.53 7.32
CA SER B 1144 -8.09 9.67 8.37
C SER B 1144 -7.07 8.54 8.31
N LEU B 1145 -7.53 7.29 8.44
CA LEU B 1145 -6.64 6.14 8.48
C LEU B 1145 -6.33 5.74 7.05
N ASN B 1146 -5.43 6.49 6.44
CA ASN B 1146 -4.91 6.21 5.10
C ASN B 1146 -3.42 5.95 5.27
N LYS B 1147 -3.09 4.72 5.66
CA LYS B 1147 -1.73 4.36 6.04
C LYS B 1147 -1.18 3.31 5.10
N ALA B 1148 0.14 3.12 5.17
CA ALA B 1148 0.84 2.13 4.37
C ALA B 1148 0.90 0.80 5.13
N LYS B 1149 -0.28 0.25 5.35
CA LYS B 1149 -0.43 -0.95 6.17
C LYS B 1149 -0.32 -2.21 5.32
N LYS B 1150 -0.46 -3.37 5.97
CA LYS B 1150 -0.44 -4.67 5.31
C LYS B 1150 -1.84 -4.97 4.81
N ARG B 1151 -2.07 -4.62 3.54
CA ARG B 1151 -3.36 -4.80 2.90
C ARG B 1151 -3.30 -6.03 2.01
N ARG B 1152 -4.46 -6.65 1.79
CA ARG B 1152 -4.53 -7.82 0.92
C ARG B 1152 -4.85 -7.39 -0.50
N LEU B 1153 -4.45 -8.24 -1.45
CA LEU B 1153 -4.51 -7.94 -2.87
C LEU B 1153 -5.87 -8.32 -3.44
N PRO B 1154 -6.39 -7.51 -4.36
CA PRO B 1154 -7.59 -7.91 -5.10
C PRO B 1154 -7.26 -8.67 -6.37
N ARG B 1155 -8.27 -9.01 -7.16
CA ARG B 1155 -8.07 -9.74 -8.40
C ARG B 1155 -7.89 -8.74 -9.54
N GLY B 1156 -6.69 -8.74 -10.13
CA GLY B 1156 -6.32 -7.84 -11.20
C GLY B 1156 -5.21 -6.87 -10.84
N PHE B 1157 -4.98 -6.61 -9.53
CA PHE B 1157 -3.97 -5.62 -9.16
C PHE B 1157 -2.59 -6.26 -9.10
N PRO B 1158 -1.53 -5.47 -9.27
CA PRO B 1158 -0.17 -5.99 -9.09
C PRO B 1158 0.16 -6.17 -7.62
N PRO B 1159 0.93 -7.20 -7.27
CA PRO B 1159 1.19 -7.49 -5.85
C PRO B 1159 2.20 -6.53 -5.25
N SER B 1160 1.77 -5.78 -4.23
CA SER B 1160 2.65 -4.86 -3.51
C SER B 1160 2.30 -4.88 -2.02
N ALA B 1161 3.18 -4.26 -1.22
CA ALA B 1161 3.08 -4.31 0.23
C ALA B 1161 2.10 -3.31 0.82
N SER B 1162 1.78 -2.22 0.11
CA SER B 1162 0.90 -1.18 0.65
C SER B 1162 -0.05 -0.67 -0.42
N LEU B 1163 -1.34 -0.71 -0.12
CA LEU B 1163 -2.39 -0.31 -1.06
C LEU B 1163 -3.21 0.92 -0.62
N CYS B 1164 -2.56 2.03 -0.33
CA CYS B 1164 -3.29 3.22 0.11
C CYS B 1164 -4.35 3.61 -0.94
N LEU B 1165 -5.22 4.55 -0.55
CA LEU B 1165 -6.25 5.10 -1.45
C LEU B 1165 -5.70 5.42 -2.85
N LEU B 1166 -4.41 5.70 -2.93
CA LEU B 1166 -3.81 6.05 -4.22
C LEU B 1166 -3.93 4.88 -5.19
N ASP B 1167 -3.51 3.69 -4.77
CA ASP B 1167 -3.66 2.51 -5.62
C ASP B 1167 -5.12 2.25 -5.97
N LEU B 1168 -6.03 2.56 -5.05
CA LEU B 1168 -7.45 2.33 -5.30
C LEU B 1168 -7.94 3.20 -6.46
N VAL B 1169 -7.67 4.50 -6.38
CA VAL B 1169 -8.08 5.38 -7.48
C VAL B 1169 -7.32 5.00 -8.76
N LYS B 1170 -6.09 4.50 -8.62
CA LYS B 1170 -5.34 4.06 -9.80
C LYS B 1170 -6.07 2.93 -10.51
N TRP B 1171 -6.49 1.90 -9.77
CA TRP B 1171 -7.23 0.81 -10.39
C TRP B 1171 -8.56 1.30 -10.96
N LEU B 1172 -9.27 2.15 -10.21
CA LEU B 1172 -10.53 2.70 -10.69
C LEU B 1172 -10.36 3.39 -12.03
N LEU B 1173 -9.21 4.05 -12.23
CA LEU B 1173 -8.94 4.69 -13.51
C LEU B 1173 -8.50 3.67 -14.55
N ALA B 1174 -7.76 2.64 -14.13
CA ALA B 1174 -7.17 1.71 -15.09
C ALA B 1174 -8.23 0.86 -15.77
N HIS B 1175 -9.24 0.43 -15.01
CA HIS B 1175 -10.39 -0.24 -15.61
C HIS B 1175 -11.60 0.69 -15.70
N CYS B 1176 -11.36 1.98 -15.94
CA CYS B 1176 -12.42 2.90 -16.30
C CYS B 1176 -12.80 2.78 -17.77
N GLY B 1177 -11.90 2.29 -18.61
CA GLY B 1177 -12.23 1.96 -19.98
C GLY B 1177 -12.70 0.53 -20.10
N ARG B 1178 -13.13 -0.02 -18.98
CA ARG B 1178 -13.76 -1.34 -18.99
C ARG B 1178 -15.06 -1.26 -19.79
N PRO B 1179 -15.37 -2.28 -20.58
CA PRO B 1179 -16.60 -2.21 -21.40
C PRO B 1179 -17.89 -2.13 -20.59
N GLN B 1180 -17.96 -2.80 -19.44
CA GLN B 1180 -19.23 -2.90 -18.72
C GLN B 1180 -19.76 -1.54 -18.30
N THR B 1181 -20.87 -1.11 -18.91
CA THR B 1181 -21.47 0.19 -18.60
C THR B 1181 -21.80 0.28 -17.12
N GLU B 1182 -22.59 -0.68 -16.63
CA GLU B 1182 -22.98 -0.67 -15.22
C GLU B 1182 -21.78 -0.68 -14.29
N CYS B 1183 -20.60 -1.05 -14.80
CA CYS B 1183 -19.36 -0.92 -14.03
C CYS B 1183 -18.60 0.35 -14.34
N ARG B 1184 -18.63 0.84 -15.59
CA ARG B 1184 -17.85 2.02 -15.93
C ARG B 1184 -18.38 3.27 -15.24
N HIS B 1185 -19.71 3.43 -15.19
CA HIS B 1185 -20.25 4.60 -14.51
C HIS B 1185 -19.87 4.62 -13.04
N LYS B 1186 -19.95 3.47 -12.38
CA LYS B 1186 -19.56 3.41 -10.97
C LYS B 1186 -18.07 3.65 -10.80
N SER B 1187 -17.25 3.15 -11.73
CA SER B 1187 -15.82 3.40 -11.67
C SER B 1187 -15.53 4.89 -11.78
N ILE B 1188 -16.17 5.56 -12.74
CA ILE B 1188 -15.99 6.99 -12.92
C ILE B 1188 -16.37 7.75 -11.64
N GLU B 1189 -17.58 7.48 -11.15
CA GLU B 1189 -18.08 8.23 -9.99
C GLU B 1189 -17.21 7.97 -8.77
N LEU B 1190 -16.71 6.74 -8.60
CA LEU B 1190 -15.92 6.43 -7.43
C LEU B 1190 -14.53 7.06 -7.52
N PHE B 1191 -13.94 7.06 -8.72
CA PHE B 1191 -12.73 7.84 -8.94
C PHE B 1191 -12.94 9.29 -8.55
N TYR B 1192 -14.05 9.88 -9.01
CA TYR B 1192 -14.28 11.31 -8.78
C TYR B 1192 -14.46 11.62 -7.30
N LYS B 1193 -15.14 10.75 -6.56
CA LYS B 1193 -15.32 11.01 -5.13
C LYS B 1193 -14.19 10.42 -4.28
N PHE B 1194 -13.17 9.82 -4.90
CA PHE B 1194 -12.00 9.36 -4.15
C PHE B 1194 -10.74 10.16 -4.38
N VAL B 1195 -10.65 10.93 -5.48
CA VAL B 1195 -9.47 11.78 -5.67
C VAL B 1195 -9.34 12.87 -4.61
N PRO B 1196 -10.44 13.48 -4.07
CA PRO B 1196 -10.24 14.55 -3.08
C PRO B 1196 -9.95 14.05 -1.68
N LEU B 1197 -9.46 12.81 -1.55
CA LEU B 1197 -9.03 12.26 -0.28
C LEU B 1197 -7.52 12.01 -0.27
N LEU B 1198 -6.83 12.43 -1.32
CA LEU B 1198 -5.38 12.39 -1.36
C LEU B 1198 -4.83 13.30 -0.27
N PRO B 1199 -3.56 13.15 0.08
CA PRO B 1199 -2.95 14.09 1.05
C PRO B 1199 -3.05 15.56 0.63
N GLY B 1200 -3.29 15.87 -0.65
CA GLY B 1200 -3.27 17.26 -1.06
C GLY B 1200 -4.52 17.88 -1.66
N ASN B 1201 -5.65 17.17 -1.63
CA ASN B 1201 -6.91 17.63 -2.24
C ASN B 1201 -6.69 18.21 -3.63
N ARG B 1202 -5.92 17.50 -4.44
CA ARG B 1202 -5.52 17.93 -5.78
C ARG B 1202 -6.59 17.71 -6.86
N SER B 1203 -7.83 17.41 -6.47
CA SER B 1203 -8.58 16.38 -7.18
C SER B 1203 -8.90 16.56 -8.66
N PRO B 1204 -9.81 17.47 -9.10
CA PRO B 1204 -10.27 17.36 -10.49
C PRO B 1204 -9.32 17.87 -11.57
N ASN B 1205 -8.75 19.06 -11.38
CA ASN B 1205 -8.03 19.74 -12.45
C ASN B 1205 -6.52 19.62 -12.33
N LEU B 1206 -5.96 20.06 -11.20
CA LEU B 1206 -4.51 20.09 -11.08
C LEU B 1206 -3.93 18.69 -11.01
N TRP B 1207 -4.65 17.75 -10.39
CA TRP B 1207 -4.14 16.39 -10.32
C TRP B 1207 -4.18 15.71 -11.68
N LEU B 1208 -5.20 16.01 -12.49
CA LEU B 1208 -5.28 15.38 -13.81
C LEU B 1208 -4.13 15.85 -14.71
N LYS B 1209 -3.96 17.17 -14.85
CA LYS B 1209 -2.82 17.66 -15.60
C LYS B 1209 -1.50 17.28 -14.93
N ASP B 1210 -1.51 17.21 -13.59
CA ASP B 1210 -0.33 16.88 -12.81
C ASP B 1210 0.16 15.46 -13.09
N VAL B 1211 -0.76 14.54 -13.36
CA VAL B 1211 -0.37 13.18 -13.74
C VAL B 1211 -0.29 13.01 -15.25
N LEU B 1212 -0.91 13.90 -16.04
CA LEU B 1212 -0.82 13.84 -17.48
C LEU B 1212 0.52 14.34 -18.01
N LYS B 1213 1.11 15.35 -17.35
CA LYS B 1213 2.34 15.93 -17.86
C LYS B 1213 3.56 15.06 -17.56
N GLU B 1214 3.50 14.24 -16.51
CA GLU B 1214 4.65 13.47 -16.07
C GLU B 1214 4.44 11.96 -16.22
N GLU B 1215 3.34 11.53 -16.85
CA GLU B 1215 3.15 10.11 -17.13
C GLU B 1215 2.86 9.80 -18.59
N GLY B 1216 2.46 10.78 -19.40
CA GLY B 1216 2.24 10.52 -20.81
C GLY B 1216 0.86 10.89 -21.32
N VAL B 1217 0.74 11.17 -22.62
CA VAL B 1217 -0.55 11.47 -23.23
C VAL B 1217 -1.27 10.20 -23.71
N SER B 1218 -0.53 9.16 -24.10
CA SER B 1218 -1.15 7.89 -24.49
C SER B 1218 -1.54 7.07 -23.26
N PHE B 1219 -0.82 7.23 -22.15
CA PHE B 1219 -1.22 6.63 -20.89
C PHE B 1219 -2.60 7.11 -20.47
N LEU B 1220 -2.96 8.32 -20.91
CA LEU B 1220 -4.32 8.83 -20.79
C LEU B 1220 -5.08 8.76 -22.11
N ILE B 1221 -4.81 7.74 -22.93
CA ILE B 1221 -5.70 7.44 -24.05
C ILE B 1221 -6.05 5.96 -24.04
N ASN B 1222 -5.18 5.13 -23.47
CA ASN B 1222 -5.49 3.69 -23.47
C ASN B 1222 -6.57 3.36 -22.44
N THR B 1223 -6.52 4.02 -21.27
CA THR B 1223 -7.58 3.86 -20.28
C THR B 1223 -8.94 4.29 -20.80
N PHE B 1224 -9.00 4.97 -21.94
CA PHE B 1224 -10.26 5.35 -22.56
C PHE B 1224 -10.63 4.43 -23.71
N GLU B 1225 -9.75 4.28 -24.69
CA GLU B 1225 -10.05 3.48 -25.88
C GLU B 1225 -10.12 1.99 -25.59
N GLY B 1226 -9.63 1.54 -24.43
CA GLY B 1226 -9.61 0.13 -24.11
C GLY B 1226 -8.78 -0.63 -25.12
N GLY B 1227 -8.96 -1.95 -25.12
CA GLY B 1227 -8.29 -2.79 -26.09
C GLY B 1227 -9.04 -2.83 -27.41
N GLY B 1228 -9.87 -1.83 -27.65
CA GLY B 1228 -10.77 -1.83 -28.79
C GLY B 1228 -10.66 -0.66 -29.73
N CYS B 1229 -9.47 -0.07 -29.86
CA CYS B 1229 -9.28 1.02 -30.80
C CYS B 1229 -9.71 0.63 -32.21
N GLY B 1230 -9.05 -0.37 -32.78
CA GLY B 1230 -9.34 -0.78 -34.14
C GLY B 1230 -10.58 -1.65 -34.25
N GLN B 1251 -21.82 -11.44 -32.93
CA GLN B 1251 -22.12 -11.39 -31.51
C GLN B 1251 -21.11 -10.56 -30.74
N ALA B 1252 -19.91 -10.39 -31.32
CA ALA B 1252 -18.91 -9.46 -30.82
C ALA B 1252 -19.21 -8.02 -31.24
N THR B 1253 -20.10 -7.84 -32.22
CA THR B 1253 -20.55 -6.51 -32.60
C THR B 1253 -20.96 -5.69 -31.39
N LEU B 1254 -21.68 -6.34 -30.46
CA LEU B 1254 -22.06 -5.69 -29.22
C LEU B 1254 -20.83 -5.27 -28.41
N CYS B 1255 -19.72 -6.00 -28.54
CA CYS B 1255 -18.51 -5.62 -27.81
C CYS B 1255 -17.88 -4.37 -28.39
N TRP B 1256 -17.83 -4.25 -29.73
CA TRP B 1256 -17.35 -2.98 -30.28
C TRP B 1256 -18.27 -1.83 -29.90
N LEU B 1257 -19.58 -2.08 -29.90
CA LEU B 1257 -20.50 -1.03 -29.43
C LEU B 1257 -20.20 -0.63 -27.99
N ASP B 1258 -19.97 -1.61 -27.13
CA ASP B 1258 -19.75 -1.32 -25.71
C ASP B 1258 -18.46 -0.54 -25.51
N LEU B 1259 -17.39 -0.89 -26.23
CA LEU B 1259 -16.16 -0.13 -26.08
C LEU B 1259 -16.28 1.27 -26.66
N LEU B 1260 -17.03 1.43 -27.76
CA LEU B 1260 -17.30 2.78 -28.26
C LEU B 1260 -18.02 3.60 -27.20
N LEU B 1261 -19.01 3.00 -26.53
CA LEU B 1261 -19.71 3.71 -25.47
C LEU B 1261 -18.78 4.07 -24.31
N ALA B 1262 -17.89 3.15 -23.94
CA ALA B 1262 -16.91 3.46 -22.90
C ALA B 1262 -16.08 4.67 -23.28
N ALA B 1263 -15.50 4.66 -24.48
CA ALA B 1263 -14.65 5.76 -24.93
C ALA B 1263 -15.43 7.05 -25.07
N LEU B 1264 -16.73 6.96 -25.36
CA LEU B 1264 -17.56 8.14 -25.51
C LEU B 1264 -17.87 8.75 -24.14
N GLU B 1265 -18.34 7.92 -23.21
CA GLU B 1265 -18.81 8.42 -21.92
C GLU B 1265 -17.67 8.87 -21.03
N CYS B 1266 -16.47 8.29 -21.20
CA CYS B 1266 -15.36 8.78 -20.41
C CYS B 1266 -14.92 10.18 -20.84
N TYR B 1267 -15.00 10.47 -22.14
CA TYR B 1267 -14.64 11.79 -22.65
C TYR B 1267 -15.73 12.82 -22.35
N ASN B 1268 -16.99 12.39 -22.44
CA ASN B 1268 -18.13 13.29 -22.29
C ASN B 1268 -18.13 14.02 -20.96
N THR B 1269 -17.46 13.47 -19.95
CA THR B 1269 -17.42 14.09 -18.63
C THR B 1269 -16.17 14.92 -18.40
N PHE B 1270 -15.01 14.45 -18.87
CA PHE B 1270 -13.77 15.21 -18.65
C PHE B 1270 -13.66 16.43 -19.54
N ILE B 1271 -14.29 16.44 -20.72
CA ILE B 1271 -14.36 17.68 -21.47
C ILE B 1271 -15.34 18.64 -20.83
N GLY B 1272 -16.45 18.10 -20.31
CA GLY B 1272 -17.43 18.94 -19.64
C GLY B 1272 -16.91 19.61 -18.39
N GLU B 1273 -15.93 18.98 -17.72
CA GLU B 1273 -15.39 19.51 -16.48
C GLU B 1273 -14.02 20.14 -16.70
N ARG B 1274 -13.61 20.99 -15.75
CA ARG B 1274 -12.35 21.73 -15.76
C ARG B 1274 -11.15 20.85 -15.45
N THR B 1275 -11.36 19.53 -15.41
CA THR B 1275 -10.29 18.59 -15.16
C THR B 1275 -9.15 18.76 -16.16
N VAL B 1276 -9.46 18.62 -17.45
CA VAL B 1276 -8.57 18.94 -18.54
C VAL B 1276 -9.34 19.79 -19.55
N GLY B 1277 -8.62 20.38 -20.48
CA GLY B 1277 -9.27 21.20 -21.48
C GLY B 1277 -9.81 20.38 -22.64
N ALA B 1278 -10.62 21.05 -23.46
CA ALA B 1278 -11.22 20.39 -24.62
C ALA B 1278 -10.21 20.23 -25.74
N LEU B 1279 -9.42 21.28 -25.99
CA LEU B 1279 -8.40 21.26 -27.02
C LEU B 1279 -7.07 20.73 -26.53
N GLN B 1280 -6.97 20.35 -25.25
CA GLN B 1280 -5.72 19.89 -24.66
C GLN B 1280 -5.47 18.40 -24.88
N VAL B 1281 -6.45 17.55 -24.58
CA VAL B 1281 -6.24 16.10 -24.66
C VAL B 1281 -6.43 15.61 -26.09
N LEU B 1282 -7.58 15.91 -26.70
CA LEU B 1282 -7.76 15.59 -28.10
C LEU B 1282 -7.17 16.69 -28.98
N GLY B 1283 -7.47 16.64 -30.28
CA GLY B 1283 -6.85 17.50 -31.25
C GLY B 1283 -6.14 16.68 -32.32
N THR B 1284 -5.13 17.29 -32.94
CA THR B 1284 -4.30 16.61 -33.92
C THR B 1284 -2.99 16.10 -33.33
N GLU B 1285 -2.69 16.41 -32.07
CA GLU B 1285 -1.43 16.04 -31.43
C GLU B 1285 -1.49 14.69 -30.73
N ALA B 1286 -2.62 13.99 -30.77
CA ALA B 1286 -2.80 12.74 -30.04
C ALA B 1286 -2.82 11.51 -30.94
N GLN B 1287 -3.52 11.59 -32.07
CA GLN B 1287 -3.76 10.44 -32.95
C GLN B 1287 -4.51 9.34 -32.19
N SER B 1288 -5.71 9.69 -31.74
CA SER B 1288 -6.60 8.77 -31.05
C SER B 1288 -7.45 8.03 -32.09
N SER B 1289 -8.43 7.27 -31.63
CA SER B 1289 -9.27 6.50 -32.53
C SER B 1289 -10.74 6.89 -32.52
N LEU B 1290 -11.16 7.81 -31.65
CA LEU B 1290 -12.59 8.04 -31.50
C LEU B 1290 -13.17 8.82 -32.69
N LEU B 1291 -12.46 9.85 -33.16
CA LEU B 1291 -13.04 10.76 -34.13
C LEU B 1291 -13.31 10.04 -35.45
N LYS B 1292 -12.31 9.34 -35.97
CA LYS B 1292 -12.54 8.58 -37.19
C LYS B 1292 -13.46 7.40 -36.91
N ALA B 1293 -13.50 6.90 -35.67
CA ALA B 1293 -14.43 5.83 -35.34
C ALA B 1293 -15.86 6.31 -35.45
N VAL B 1294 -16.17 7.49 -34.92
CA VAL B 1294 -17.55 7.97 -35.01
C VAL B 1294 -17.88 8.36 -36.44
N ALA B 1295 -16.89 8.82 -37.22
CA ALA B 1295 -17.18 9.09 -38.62
C ALA B 1295 -17.49 7.80 -39.39
N PHE B 1296 -16.65 6.77 -39.21
CA PHE B 1296 -16.88 5.48 -39.85
C PHE B 1296 -18.19 4.85 -39.40
N PHE B 1297 -18.56 5.02 -38.14
CA PHE B 1297 -19.85 4.52 -37.67
C PHE B 1297 -21.00 5.29 -38.30
N LEU B 1298 -20.94 6.61 -38.25
CA LEU B 1298 -21.93 7.48 -38.88
C LEU B 1298 -22.06 7.22 -40.37
N GLU B 1299 -21.06 6.60 -40.99
CA GLU B 1299 -21.13 6.28 -42.41
C GLU B 1299 -22.02 5.08 -42.71
N SER B 1300 -22.38 4.27 -41.70
CA SER B 1300 -23.26 3.15 -41.94
C SER B 1300 -24.31 2.97 -40.84
N ILE B 1301 -24.46 3.94 -39.95
CA ILE B 1301 -25.50 3.88 -38.92
C ILE B 1301 -26.87 3.70 -39.56
N ALA B 1302 -27.09 4.34 -40.70
CA ALA B 1302 -28.39 4.27 -41.35
C ALA B 1302 -28.67 2.86 -41.95
N MET B 1303 -27.80 1.90 -41.61
CA MET B 1303 -27.92 0.51 -42.05
C MET B 1303 -28.01 0.44 -43.57
N SER B 1323 -29.97 -13.66 -37.64
CA SER B 1323 -30.62 -13.85 -36.35
C SER B 1323 -31.57 -12.70 -36.03
N PRO B 1324 -32.85 -12.84 -36.40
CA PRO B 1324 -33.80 -11.76 -36.15
C PRO B 1324 -34.15 -11.60 -34.67
N GLN B 1325 -34.14 -12.70 -33.90
CA GLN B 1325 -34.39 -12.58 -32.46
C GLN B 1325 -33.35 -11.69 -31.78
N GLU B 1326 -32.13 -11.65 -32.31
CA GLU B 1326 -31.10 -10.74 -31.86
C GLU B 1326 -31.02 -9.47 -32.69
N GLY B 1327 -31.77 -9.38 -33.79
CA GLY B 1327 -31.80 -8.16 -34.58
C GLY B 1327 -32.16 -6.94 -33.76
N GLU B 1328 -33.21 -7.03 -32.94
CA GLU B 1328 -33.61 -5.90 -32.12
C GLU B 1328 -32.64 -5.66 -30.97
N ARG B 1329 -32.04 -6.73 -30.43
CA ARG B 1329 -30.99 -6.58 -29.43
C ARG B 1329 -29.83 -5.76 -29.99
N TYR B 1330 -29.52 -5.97 -31.28
CA TYR B 1330 -28.51 -5.13 -31.94
C TYR B 1330 -29.04 -3.73 -32.18
N ASN B 1331 -30.32 -3.62 -32.54
CA ASN B 1331 -30.91 -2.34 -32.89
C ASN B 1331 -30.89 -1.36 -31.72
N TYR B 1332 -31.25 -1.85 -30.52
CA TYR B 1332 -31.34 -0.96 -29.37
C TYR B 1332 -29.97 -0.45 -28.95
N SER B 1333 -28.98 -1.35 -28.86
CA SER B 1333 -27.63 -0.92 -28.49
C SER B 1333 -26.96 -0.16 -29.63
N LYS B 1334 -27.48 -0.26 -30.85
CA LYS B 1334 -27.02 0.61 -31.93
C LYS B 1334 -27.54 2.02 -31.74
N CYS B 1335 -28.83 2.16 -31.45
CA CYS B 1335 -29.40 3.48 -31.23
C CYS B 1335 -28.91 4.12 -29.95
N THR B 1336 -28.46 3.33 -28.98
CA THR B 1336 -28.01 3.94 -27.75
C THR B 1336 -26.65 4.60 -27.89
N VAL B 1337 -26.00 4.48 -29.04
CA VAL B 1337 -24.66 5.04 -29.20
C VAL B 1337 -24.78 6.41 -29.86
N VAL B 1338 -25.79 6.58 -30.72
CA VAL B 1338 -25.92 7.86 -31.41
C VAL B 1338 -26.32 8.94 -30.42
N VAL B 1339 -27.13 8.59 -29.41
CA VAL B 1339 -27.49 9.56 -28.38
C VAL B 1339 -26.25 10.06 -27.66
N ARG B 1340 -25.39 9.12 -27.26
CA ARG B 1340 -24.17 9.51 -26.55
C ARG B 1340 -23.21 10.27 -27.45
N ILE B 1341 -23.15 9.91 -28.74
CA ILE B 1341 -22.34 10.69 -29.67
C ILE B 1341 -22.82 12.12 -29.74
N MET B 1342 -24.15 12.29 -29.87
CA MET B 1342 -24.72 13.62 -29.98
C MET B 1342 -24.52 14.43 -28.69
N GLU B 1343 -24.65 13.76 -27.55
CA GLU B 1343 -24.42 14.43 -26.27
C GLU B 1343 -22.96 14.86 -26.14
N PHE B 1344 -22.04 14.01 -26.61
CA PHE B 1344 -20.63 14.36 -26.58
C PHE B 1344 -20.30 15.54 -27.49
N THR B 1345 -20.86 15.57 -28.70
CA THR B 1345 -20.54 16.67 -29.58
C THR B 1345 -21.21 17.96 -29.11
N THR B 1346 -22.28 17.85 -28.32
CA THR B 1346 -22.75 19.00 -27.55
C THR B 1346 -21.67 19.49 -26.59
N THR B 1347 -21.20 18.60 -25.71
CA THR B 1347 -20.28 19.03 -24.67
C THR B 1347 -18.92 19.46 -25.21
N LEU B 1348 -18.56 19.02 -26.42
CA LEU B 1348 -17.28 19.43 -26.99
C LEU B 1348 -17.29 20.91 -27.37
N LEU B 1349 -18.35 21.36 -28.01
CA LEU B 1349 -18.42 22.75 -28.43
C LEU B 1349 -18.94 23.69 -27.35
N ASN B 1350 -19.52 23.19 -26.27
CA ASN B 1350 -19.89 24.10 -25.18
C ASN B 1350 -18.75 24.34 -24.21
N THR B 1351 -17.51 24.21 -24.66
CA THR B 1351 -16.32 24.57 -23.89
C THR B 1351 -15.51 25.64 -24.61
N LEU B 1359 -11.69 20.36 -33.41
CA LEU B 1359 -12.66 19.34 -33.78
C LEU B 1359 -12.45 18.89 -35.21
N LYS B 1360 -12.18 17.59 -35.40
CA LYS B 1360 -12.09 17.05 -36.75
C LYS B 1360 -13.41 17.25 -37.49
N LYS B 1361 -13.33 17.18 -38.82
CA LYS B 1361 -14.45 17.60 -39.64
C LYS B 1361 -15.27 16.46 -40.24
N ASP B 1362 -14.71 15.27 -40.47
CA ASP B 1362 -15.52 14.21 -41.07
C ASP B 1362 -16.72 13.85 -40.19
N LEU B 1363 -16.59 14.04 -38.88
CA LEU B 1363 -17.76 13.97 -38.01
C LEU B 1363 -18.55 15.28 -38.03
N CYS B 1364 -17.85 16.43 -38.06
CA CYS B 1364 -18.44 17.78 -38.17
C CYS B 1364 -19.08 18.04 -39.58
N ASN B 1365 -19.17 16.97 -40.37
CA ASN B 1365 -19.68 17.04 -41.73
C ASN B 1365 -20.80 16.00 -41.84
N THR B 1366 -21.16 15.64 -43.08
CA THR B 1366 -22.40 14.93 -43.42
C THR B 1366 -22.45 13.54 -42.84
N HIS B 1367 -21.54 13.17 -41.94
CA HIS B 1367 -21.77 11.97 -41.14
C HIS B 1367 -22.71 12.27 -39.98
N LEU B 1368 -22.28 13.13 -39.06
CA LEU B 1368 -23.15 13.50 -37.94
C LEU B 1368 -24.24 14.45 -38.40
N MET B 1369 -23.90 15.37 -39.32
CA MET B 1369 -24.86 16.31 -39.87
C MET B 1369 -25.99 15.61 -40.61
N ARG B 1370 -25.82 14.32 -40.94
CA ARG B 1370 -26.87 13.54 -41.59
C ARG B 1370 -27.55 12.59 -40.62
N VAL B 1371 -26.83 12.00 -39.67
CA VAL B 1371 -27.52 11.18 -38.67
C VAL B 1371 -28.45 12.06 -37.83
N LEU B 1372 -28.11 13.33 -37.65
CA LEU B 1372 -29.00 14.23 -36.92
C LEU B 1372 -30.27 14.51 -37.73
N VAL B 1373 -30.11 14.78 -39.03
CA VAL B 1373 -31.27 15.00 -39.89
C VAL B 1373 -32.16 13.76 -39.90
N GLN B 1374 -31.54 12.58 -39.92
CA GLN B 1374 -32.33 11.35 -39.90
C GLN B 1374 -33.07 11.18 -38.58
N THR B 1375 -32.45 11.63 -37.47
CA THR B 1375 -33.16 11.61 -36.20
C THR B 1375 -34.31 12.61 -36.17
N LEU B 1376 -34.21 13.69 -36.96
CA LEU B 1376 -35.21 14.75 -36.83
C LEU B 1376 -36.54 14.35 -37.45
N CYS B 1377 -36.56 14.11 -38.77
CA CYS B 1377 -37.74 13.63 -39.46
C CYS B 1377 -37.50 12.18 -39.87
N GLU B 1378 -38.46 11.31 -39.51
CA GLU B 1378 -38.38 9.88 -39.79
C GLU B 1378 -37.15 9.26 -39.14
N PRO B 1379 -37.10 9.14 -37.80
CA PRO B 1379 -36.00 8.40 -37.19
C PRO B 1379 -36.26 6.90 -37.22
N ALA B 1380 -36.77 6.42 -38.35
CA ALA B 1380 -36.93 4.99 -38.61
C ALA B 1380 -35.94 4.51 -39.65
N SER B 1381 -34.85 5.23 -39.84
CA SER B 1381 -33.86 4.93 -40.86
C SER B 1381 -32.51 4.57 -40.27
N ILE B 1382 -32.05 5.29 -39.24
CA ILE B 1382 -30.83 4.87 -38.57
C ILE B 1382 -31.10 3.70 -37.64
N GLY B 1383 -32.35 3.45 -37.28
CA GLY B 1383 -32.67 2.27 -36.51
C GLY B 1383 -33.51 2.45 -35.25
N PHE B 1384 -34.02 3.65 -35.00
CA PHE B 1384 -34.80 3.89 -33.80
C PHE B 1384 -36.19 3.26 -33.95
N ASN B 1385 -36.33 2.05 -33.42
CA ASN B 1385 -37.58 1.29 -33.51
C ASN B 1385 -38.60 1.78 -32.49
N ILE B 1386 -39.88 1.68 -32.87
CA ILE B 1386 -41.00 2.11 -32.03
C ILE B 1386 -41.55 0.91 -31.27
N GLY B 1387 -41.69 1.06 -29.96
CA GLY B 1387 -42.03 0.00 -29.05
C GLY B 1387 -41.29 0.21 -27.75
N ASP B 1388 -40.22 0.99 -27.83
CA ASP B 1388 -39.50 1.48 -26.66
C ASP B 1388 -40.09 2.82 -26.24
N VAL B 1389 -39.83 3.20 -24.99
CA VAL B 1389 -40.33 4.47 -24.46
C VAL B 1389 -39.17 5.30 -23.95
N GLN B 1390 -38.09 4.64 -23.54
CA GLN B 1390 -36.97 5.33 -22.91
C GLN B 1390 -36.22 6.19 -23.91
N VAL B 1391 -35.64 5.55 -24.93
CA VAL B 1391 -35.00 6.31 -26.00
C VAL B 1391 -36.05 7.08 -26.80
N MET B 1392 -37.24 6.51 -26.96
CA MET B 1392 -38.30 7.16 -27.74
C MET B 1392 -38.83 8.42 -27.07
N ALA B 1393 -38.54 8.61 -25.78
CA ALA B 1393 -38.88 9.84 -25.07
C ALA B 1393 -37.67 10.71 -24.78
N HIS B 1394 -36.46 10.16 -24.82
CA HIS B 1394 -35.25 10.92 -24.53
C HIS B 1394 -34.51 11.35 -25.78
N LEU B 1395 -34.99 10.97 -26.98
CA LEU B 1395 -34.34 11.45 -28.21
C LEU B 1395 -34.55 12.94 -28.41
N PRO B 1396 -35.76 13.50 -28.36
CA PRO B 1396 -35.90 14.96 -28.46
C PRO B 1396 -35.28 15.70 -27.28
N ASP B 1397 -34.65 15.00 -26.35
CA ASP B 1397 -33.97 15.63 -25.23
C ASP B 1397 -32.58 16.09 -25.61
N VAL B 1398 -31.87 15.28 -26.40
CA VAL B 1398 -30.54 15.66 -26.87
C VAL B 1398 -30.53 16.07 -28.34
N CYS B 1399 -31.53 15.69 -29.14
CA CYS B 1399 -31.62 16.20 -30.50
C CYS B 1399 -31.75 17.71 -30.51
N VAL B 1400 -32.42 18.28 -29.52
CA VAL B 1400 -32.52 19.73 -29.40
C VAL B 1400 -31.28 20.27 -28.68
N ASN B 1401 -30.73 19.49 -27.76
CA ASN B 1401 -29.57 19.93 -27.00
C ASN B 1401 -28.38 20.17 -27.93
N LEU B 1402 -28.26 19.33 -28.97
CA LEU B 1402 -27.17 19.48 -29.93
C LEU B 1402 -27.35 20.75 -30.75
N MET B 1403 -28.58 21.05 -31.18
CA MET B 1403 -28.83 22.29 -31.92
C MET B 1403 -28.49 23.52 -31.09
N LYS B 1404 -28.93 23.54 -29.83
CA LYS B 1404 -28.66 24.71 -29.00
C LYS B 1404 -27.17 24.82 -28.66
N ALA B 1405 -26.47 23.69 -28.54
CA ALA B 1405 -25.02 23.74 -28.31
C ALA B 1405 -24.23 24.10 -29.55
N LEU B 1406 -24.78 23.84 -30.74
CA LEU B 1406 -24.07 24.13 -31.98
C LEU B 1406 -24.38 25.51 -32.52
N LYS B 1407 -25.48 26.14 -32.09
CA LYS B 1407 -25.71 27.52 -32.50
C LYS B 1407 -24.69 28.50 -31.88
N MET B 1408 -23.85 28.04 -30.96
CA MET B 1408 -22.82 28.89 -30.37
C MET B 1408 -21.53 28.89 -31.18
N SER B 1409 -21.35 27.91 -32.05
CA SER B 1409 -20.11 27.73 -32.78
C SER B 1409 -20.27 28.19 -34.22
N PRO B 1410 -19.16 28.44 -34.93
CA PRO B 1410 -19.27 28.79 -36.36
C PRO B 1410 -19.99 27.74 -37.18
N TYR B 1411 -20.04 26.49 -36.73
CA TYR B 1411 -20.82 25.49 -37.45
C TYR B 1411 -22.32 25.77 -37.42
N LYS B 1412 -22.77 26.88 -36.82
CA LYS B 1412 -24.19 27.20 -36.78
C LYS B 1412 -24.76 27.47 -38.17
N ASP B 1413 -24.04 28.24 -38.98
CA ASP B 1413 -24.49 28.48 -40.35
C ASP B 1413 -24.44 27.20 -41.18
N ILE B 1414 -23.48 26.32 -40.88
CA ILE B 1414 -23.50 24.97 -41.44
C ILE B 1414 -24.83 24.30 -41.13
N LEU B 1415 -25.31 24.42 -39.89
CA LEU B 1415 -26.59 23.84 -39.49
C LEU B 1415 -27.74 24.44 -40.29
N GLU B 1416 -27.79 25.77 -40.41
CA GLU B 1416 -28.85 26.40 -41.18
C GLU B 1416 -28.87 25.86 -42.60
N THR B 1417 -27.72 25.87 -43.28
CA THR B 1417 -27.66 25.43 -44.66
C THR B 1417 -27.94 23.93 -44.79
N HIS B 1418 -27.71 23.15 -43.74
CA HIS B 1418 -28.05 21.73 -43.80
C HIS B 1418 -29.50 21.44 -43.46
N LEU B 1419 -30.14 22.32 -42.70
CA LEU B 1419 -31.52 22.13 -42.33
C LEU B 1419 -32.48 22.74 -43.33
N ARG B 1420 -31.99 23.60 -44.22
CA ARG B 1420 -32.88 24.21 -45.19
C ARG B 1420 -33.32 23.24 -46.32
N GLU B 1421 -33.12 21.91 -46.29
CA GLU B 1421 -33.50 21.05 -47.41
C GLU B 1421 -34.71 20.15 -47.16
N LYS B 1422 -35.05 19.83 -45.91
CA LYS B 1422 -36.15 18.92 -45.62
C LYS B 1422 -37.37 19.61 -45.02
N ILE B 1423 -37.20 20.82 -44.49
CA ILE B 1423 -38.23 21.50 -43.73
C ILE B 1423 -38.53 22.83 -44.40
N THR B 1424 -38.41 22.86 -45.72
CA THR B 1424 -38.79 24.03 -46.49
C THR B 1424 -40.31 24.21 -46.44
N ALA B 1425 -40.78 25.33 -46.97
CA ALA B 1425 -42.21 25.57 -46.99
C ALA B 1425 -42.91 24.65 -47.97
N GLN B 1426 -42.24 24.25 -49.05
CA GLN B 1426 -42.90 23.49 -50.10
C GLN B 1426 -43.14 22.03 -49.71
N SER B 1427 -42.22 21.42 -48.95
CA SER B 1427 -42.51 20.09 -48.42
C SER B 1427 -43.61 20.15 -47.37
N ILE B 1428 -43.72 21.27 -46.65
CA ILE B 1428 -44.85 21.48 -45.76
C ILE B 1428 -46.15 21.49 -46.56
N GLU B 1429 -46.19 22.27 -47.65
CA GLU B 1429 -47.40 22.34 -48.46
C GLU B 1429 -47.75 20.98 -49.05
N GLU B 1430 -46.74 20.22 -49.52
CA GLU B 1430 -47.02 18.96 -50.18
C GLU B 1430 -47.50 17.90 -49.19
N LEU B 1431 -46.82 17.79 -48.03
CA LEU B 1431 -47.23 16.81 -47.05
C LEU B 1431 -48.59 17.16 -46.47
N CYS B 1432 -48.89 18.45 -46.35
CA CYS B 1432 -50.20 18.91 -45.90
C CYS B 1432 -51.10 19.11 -47.12
N ALA B 1433 -51.44 17.97 -47.72
CA ALA B 1433 -52.46 17.91 -48.75
C ALA B 1433 -53.84 17.91 -48.11
N VAL B 1434 -54.87 18.02 -48.94
CA VAL B 1434 -56.24 17.84 -48.47
C VAL B 1434 -56.43 16.34 -48.23
N ASN B 1435 -55.39 15.56 -48.49
CA ASN B 1435 -55.38 14.10 -48.43
C ASN B 1435 -54.79 13.58 -47.12
N LEU B 1436 -55.26 14.07 -45.96
CA LEU B 1436 -54.75 13.61 -44.68
C LEU B 1436 -55.78 12.84 -43.88
N TYR B 1437 -56.96 12.62 -44.42
CA TYR B 1437 -58.00 11.82 -43.77
C TYR B 1437 -58.56 10.81 -44.77
N GLY B 1438 -58.72 9.56 -44.32
CA GLY B 1438 -59.24 8.53 -45.18
C GLY B 1438 -58.81 7.13 -44.78
N PRO B 1439 -58.62 6.27 -45.78
CA PRO B 1439 -58.23 4.87 -45.51
C PRO B 1439 -56.74 4.73 -45.29
N ASP B 1440 -56.07 5.80 -44.87
CA ASP B 1440 -54.63 5.78 -44.62
C ASP B 1440 -54.33 6.43 -43.28
N ALA B 1441 -53.96 5.62 -42.30
CA ALA B 1441 -53.65 6.12 -40.96
C ALA B 1441 -52.16 6.41 -40.84
N GLN B 1442 -51.32 5.43 -41.18
CA GLN B 1442 -49.87 5.60 -41.05
C GLN B 1442 -49.30 6.49 -42.15
N VAL B 1443 -49.62 6.17 -43.42
CA VAL B 1443 -48.81 6.62 -44.54
C VAL B 1443 -48.78 8.12 -44.72
N ASP B 1444 -49.67 8.87 -44.09
CA ASP B 1444 -49.62 10.32 -44.15
C ASP B 1444 -49.56 10.97 -42.78
N ARG B 1445 -50.33 10.45 -41.82
CA ARG B 1445 -50.31 11.03 -40.48
C ARG B 1445 -48.94 10.88 -39.83
N SER B 1446 -48.26 9.76 -40.06
CA SER B 1446 -46.94 9.57 -39.44
C SER B 1446 -45.89 10.47 -40.10
N ARG B 1447 -45.91 10.54 -41.44
CA ARG B 1447 -45.00 11.43 -42.15
C ARG B 1447 -45.22 12.88 -41.76
N LEU B 1448 -46.45 13.25 -41.41
CA LEU B 1448 -46.70 14.62 -41.00
C LEU B 1448 -46.33 14.86 -39.54
N ALA B 1449 -46.60 13.88 -38.67
CA ALA B 1449 -46.30 14.03 -37.25
C ALA B 1449 -44.80 14.06 -36.98
N ALA B 1450 -44.02 13.29 -37.73
CA ALA B 1450 -42.57 13.38 -37.59
C ALA B 1450 -42.07 14.79 -37.90
N VAL B 1451 -42.59 15.38 -38.98
CA VAL B 1451 -42.20 16.74 -39.35
C VAL B 1451 -42.66 17.73 -38.29
N VAL B 1452 -43.88 17.54 -37.77
CA VAL B 1452 -44.37 18.42 -36.70
C VAL B 1452 -43.47 18.35 -35.49
N SER B 1453 -43.04 17.14 -35.12
CA SER B 1453 -42.11 17.00 -33.99
C SER B 1453 -40.81 17.73 -34.27
N ALA B 1454 -40.29 17.61 -35.50
CA ALA B 1454 -39.06 18.30 -35.85
C ALA B 1454 -39.22 19.82 -35.73
N CYS B 1455 -40.38 20.34 -36.15
CA CYS B 1455 -40.58 21.79 -36.10
C CYS B 1455 -40.76 22.28 -34.67
N LYS B 1456 -41.50 21.53 -33.85
CA LYS B 1456 -41.57 21.85 -32.43
C LYS B 1456 -40.18 21.86 -31.81
N GLN B 1457 -39.34 20.88 -32.17
CA GLN B 1457 -37.98 20.86 -31.67
C GLN B 1457 -37.21 22.09 -32.11
N LEU B 1458 -37.44 22.55 -33.34
CA LEU B 1458 -36.79 23.78 -33.81
C LEU B 1458 -37.24 24.98 -32.96
N HIS B 1459 -38.55 25.15 -32.81
CA HIS B 1459 -39.09 26.26 -32.05
C HIS B 1459 -38.61 26.23 -30.60
N ARG B 1460 -38.38 25.05 -30.05
CA ARG B 1460 -37.81 24.94 -28.71
C ARG B 1460 -36.30 25.21 -28.70
N ALA B 1461 -35.60 24.84 -29.76
CA ALA B 1461 -34.18 25.14 -29.92
C ALA B 1461 -33.93 26.61 -30.18
N GLY B 1462 -34.98 27.38 -30.47
CA GLY B 1462 -34.80 28.79 -30.73
C GLY B 1462 -34.16 29.10 -32.05
N LEU B 1463 -34.20 28.17 -32.99
CA LEU B 1463 -33.69 28.37 -34.34
C LEU B 1463 -34.79 27.88 -35.28
N LEU B 1464 -35.73 28.75 -35.56
CA LEU B 1464 -36.82 28.42 -36.48
C LEU B 1464 -36.97 29.46 -37.58
N HIS B 1465 -36.76 30.74 -37.27
CA HIS B 1465 -36.74 31.77 -38.29
C HIS B 1465 -35.39 31.88 -38.99
N ASN B 1466 -34.34 31.29 -38.42
CA ASN B 1466 -33.09 31.13 -39.15
C ASN B 1466 -33.19 30.05 -40.22
N ILE B 1467 -34.35 29.38 -40.29
CA ILE B 1467 -34.60 28.29 -41.23
C ILE B 1467 -35.82 28.68 -42.05
N LEU B 1468 -36.92 28.98 -41.37
CA LEU B 1468 -38.16 29.37 -42.03
C LEU B 1468 -38.41 30.85 -41.80
N PRO B 1469 -38.08 31.71 -42.76
CA PRO B 1469 -38.42 33.12 -42.65
C PRO B 1469 -39.79 33.42 -43.23
N SER B 1470 -40.34 34.57 -42.86
CA SER B 1470 -41.63 34.96 -43.40
C SER B 1470 -41.44 35.59 -44.77
N GLN B 1471 -42.54 35.73 -45.49
CA GLN B 1471 -42.49 36.40 -46.78
C GLN B 1471 -42.18 37.88 -46.60
N SER B 1472 -41.94 38.56 -47.72
CA SER B 1472 -41.70 40.01 -47.71
C SER B 1472 -43.03 40.77 -47.54
N THR B 1473 -43.64 40.54 -46.39
CA THR B 1473 -44.89 41.19 -46.00
C THR B 1473 -44.76 41.53 -44.52
N ASP B 1474 -45.88 41.85 -43.87
CA ASP B 1474 -45.87 42.17 -42.45
C ASP B 1474 -45.49 40.94 -41.63
N LEU B 1475 -45.52 41.10 -40.30
CA LEU B 1475 -45.06 40.08 -39.36
C LEU B 1475 -46.03 38.92 -39.23
N HIS B 1476 -46.81 38.66 -40.28
CA HIS B 1476 -47.75 37.54 -40.33
C HIS B 1476 -47.08 36.37 -41.06
N HIS B 1477 -46.37 35.52 -40.29
CA HIS B 1477 -45.66 34.38 -40.88
C HIS B 1477 -46.60 33.57 -41.77
N SER B 1478 -46.27 33.56 -43.07
CA SER B 1478 -47.14 32.93 -44.06
C SER B 1478 -47.35 31.44 -43.77
N VAL B 1479 -46.34 30.76 -43.25
CA VAL B 1479 -46.47 29.32 -43.01
C VAL B 1479 -47.42 29.06 -41.83
N GLY B 1480 -47.32 29.86 -40.77
CA GLY B 1480 -48.23 29.69 -39.64
C GLY B 1480 -49.66 30.03 -39.98
N THR B 1481 -49.85 31.16 -40.68
CA THR B 1481 -51.19 31.50 -41.16
C THR B 1481 -51.74 30.41 -42.06
N GLU B 1482 -50.88 29.79 -42.87
CA GLU B 1482 -51.32 28.73 -43.76
C GLU B 1482 -51.77 27.50 -42.99
N LEU B 1483 -50.99 27.09 -41.98
CA LEU B 1483 -51.40 25.98 -41.14
C LEU B 1483 -52.74 26.26 -40.49
N LEU B 1484 -52.91 27.49 -39.97
CA LEU B 1484 -54.18 27.87 -39.36
C LEU B 1484 -55.34 27.76 -40.34
N SER B 1485 -55.17 28.30 -41.54
CA SER B 1485 -56.27 28.28 -42.51
C SER B 1485 -56.58 26.86 -42.97
N LEU B 1486 -55.56 26.01 -43.10
CA LEU B 1486 -55.80 24.61 -43.43
C LEU B 1486 -56.64 23.93 -42.35
N VAL B 1487 -56.24 24.09 -41.09
CA VAL B 1487 -56.98 23.43 -40.01
C VAL B 1487 -58.40 23.96 -39.92
N TYR B 1488 -58.61 25.24 -40.21
CA TYR B 1488 -59.96 25.78 -40.20
C TYR B 1488 -60.79 25.19 -41.33
N LYS B 1489 -60.31 25.27 -42.57
CA LYS B 1489 -61.12 24.96 -43.73
C LYS B 1489 -61.30 23.45 -43.95
N GLY B 1490 -60.42 22.62 -43.40
CA GLY B 1490 -60.52 21.19 -43.67
C GLY B 1490 -61.74 20.51 -43.07
N ILE B 1491 -62.36 21.14 -42.07
CA ILE B 1491 -63.47 20.52 -41.37
C ILE B 1491 -64.82 20.74 -42.03
N ALA B 1492 -64.86 21.48 -43.16
CA ALA B 1492 -66.11 21.71 -43.88
C ALA B 1492 -66.44 20.51 -44.76
N PRO B 1493 -67.73 20.23 -44.98
CA PRO B 1493 -68.13 19.09 -45.81
C PRO B 1493 -68.08 19.43 -47.29
N GLY B 1494 -68.37 18.43 -48.11
CA GLY B 1494 -68.36 18.58 -49.55
C GLY B 1494 -68.95 17.39 -50.29
N PRO B 1501 -67.34 15.71 -42.21
CA PRO B 1501 -65.94 15.50 -41.83
C PRO B 1501 -65.82 14.93 -40.42
N SER B 1502 -65.07 13.84 -40.27
CA SER B 1502 -65.05 13.05 -39.05
C SER B 1502 -63.92 13.44 -38.10
N LEU B 1503 -63.72 12.61 -37.07
CA LEU B 1503 -62.79 12.84 -35.98
C LEU B 1503 -62.08 11.53 -35.69
N ASP B 1504 -60.98 11.61 -34.93
CA ASP B 1504 -60.34 10.42 -34.40
C ASP B 1504 -59.42 10.85 -33.27
N LEU B 1505 -58.84 9.87 -32.59
CA LEU B 1505 -57.87 10.18 -31.55
C LEU B 1505 -56.59 10.71 -32.16
N SER B 1506 -56.00 9.96 -33.10
CA SER B 1506 -54.80 10.44 -33.79
C SER B 1506 -55.10 11.56 -34.76
N CYS B 1507 -56.33 11.63 -35.28
CA CYS B 1507 -56.71 12.76 -36.12
C CYS B 1507 -56.70 14.07 -35.34
N LYS B 1508 -57.38 14.08 -34.19
CA LYS B 1508 -57.31 15.25 -33.32
C LYS B 1508 -55.90 15.49 -32.83
N GLN B 1509 -55.13 14.41 -32.62
CA GLN B 1509 -53.74 14.55 -32.22
C GLN B 1509 -52.95 15.33 -33.27
N LEU B 1510 -53.10 14.94 -34.55
CA LEU B 1510 -52.41 15.61 -35.64
C LEU B 1510 -52.86 17.06 -35.76
N ALA B 1511 -54.17 17.31 -35.69
CA ALA B 1511 -54.66 18.67 -35.75
C ALA B 1511 -54.10 19.52 -34.61
N SER B 1512 -54.08 18.97 -33.40
CA SER B 1512 -53.63 19.71 -32.22
C SER B 1512 -52.15 20.06 -32.31
N GLY B 1513 -51.32 19.09 -32.72
CA GLY B 1513 -49.92 19.39 -32.92
C GLY B 1513 -49.69 20.42 -34.01
N LEU B 1514 -50.44 20.30 -35.12
CA LEU B 1514 -50.30 21.26 -36.21
C LEU B 1514 -50.64 22.67 -35.76
N LEU B 1515 -51.73 22.82 -34.99
CA LEU B 1515 -52.10 24.14 -34.49
C LEU B 1515 -51.07 24.67 -33.50
N GLU B 1516 -50.65 23.82 -32.56
CA GLU B 1516 -49.64 24.19 -31.57
C GLU B 1516 -48.39 24.72 -32.26
N LEU B 1517 -48.02 24.09 -33.37
CA LEU B 1517 -46.88 24.59 -34.15
C LEU B 1517 -47.22 25.89 -34.87
N ALA B 1518 -48.39 25.92 -35.54
CA ALA B 1518 -48.78 27.07 -36.34
C ALA B 1518 -48.74 28.36 -35.56
N PHE B 1519 -49.13 28.32 -34.28
CA PHE B 1519 -49.06 29.53 -33.48
C PHE B 1519 -47.68 29.79 -32.89
N ALA B 1520 -46.76 28.84 -33.00
CA ALA B 1520 -45.41 29.03 -32.47
C ALA B 1520 -44.56 29.96 -33.33
N PHE B 1521 -45.03 30.38 -34.50
CA PHE B 1521 -44.24 31.26 -35.37
C PHE B 1521 -44.25 32.69 -34.86
N GLY B 1522 -45.43 33.31 -34.79
CA GLY B 1522 -45.57 34.66 -34.27
C GLY B 1522 -46.74 34.77 -33.34
N GLY B 1523 -47.22 35.98 -33.06
CA GLY B 1523 -48.37 36.13 -32.18
C GLY B 1523 -49.61 35.47 -32.74
N LEU B 1524 -50.15 36.04 -33.82
CA LEU B 1524 -51.22 35.47 -34.62
C LEU B 1524 -52.54 35.30 -33.85
N CYS B 1525 -52.57 35.73 -32.59
CA CYS B 1525 -53.78 35.54 -31.79
C CYS B 1525 -54.90 36.47 -32.22
N GLU B 1526 -54.57 37.67 -32.69
CA GLU B 1526 -55.61 38.53 -33.25
C GLU B 1526 -56.32 37.82 -34.40
N ARG B 1527 -55.55 37.25 -35.32
CA ARG B 1527 -56.11 36.50 -36.43
C ARG B 1527 -56.90 35.29 -35.92
N LEU B 1528 -56.41 34.66 -34.86
CA LEU B 1528 -57.08 33.51 -34.28
C LEU B 1528 -58.46 33.89 -33.74
N VAL B 1529 -58.54 34.95 -32.95
CA VAL B 1529 -59.81 35.37 -32.39
C VAL B 1529 -60.76 35.82 -33.49
N SER B 1530 -60.23 36.52 -34.50
CA SER B 1530 -61.08 36.94 -35.62
C SER B 1530 -61.62 35.75 -36.39
N LEU B 1531 -60.85 34.65 -36.45
CA LEU B 1531 -61.39 33.43 -37.04
C LEU B 1531 -62.37 32.74 -36.11
N LEU B 1532 -62.19 32.92 -34.80
CA LEU B 1532 -63.15 32.38 -33.83
C LEU B 1532 -64.53 32.97 -34.06
N LEU B 1533 -64.61 34.31 -34.14
CA LEU B 1533 -65.88 34.99 -34.39
C LEU B 1533 -66.15 34.95 -35.89
N ASN B 1534 -66.91 33.94 -36.33
CA ASN B 1534 -67.13 33.76 -37.75
C ASN B 1534 -68.60 33.39 -38.04
N PRO B 1535 -69.22 34.05 -39.03
CA PRO B 1535 -70.65 33.81 -39.29
C PRO B 1535 -70.94 32.72 -40.32
N ALA B 1536 -69.99 31.85 -40.65
CA ALA B 1536 -70.21 30.90 -41.73
C ALA B 1536 -71.26 29.87 -41.34
N VAL B 1537 -72.11 29.52 -42.29
CA VAL B 1537 -73.18 28.55 -42.09
C VAL B 1537 -72.80 27.25 -42.79
N LEU B 1538 -72.94 26.14 -42.07
CA LEU B 1538 -72.81 24.80 -42.65
C LEU B 1538 -73.89 23.93 -42.00
N SER B 1539 -74.72 23.31 -42.82
CA SER B 1539 -75.80 22.46 -42.33
C SER B 1539 -75.53 21.01 -42.74
N THR B 1540 -76.36 20.11 -42.18
CA THR B 1540 -76.26 18.68 -42.47
C THR B 1540 -77.60 18.05 -42.15
N ALA B 1541 -78.01 17.08 -42.97
CA ALA B 1541 -79.30 16.42 -42.79
C ALA B 1541 -79.38 15.70 -41.43
N PHE B 1553 -75.26 24.43 -38.83
CA PHE B 1553 -74.59 24.96 -37.66
C PHE B 1553 -73.78 26.23 -37.94
N SER B 1554 -72.63 26.39 -37.27
CA SER B 1554 -72.00 27.69 -37.10
C SER B 1554 -70.59 27.84 -37.67
N HIS B 1555 -69.87 26.75 -37.92
CA HIS B 1555 -68.59 26.75 -38.61
C HIS B 1555 -67.50 27.56 -37.89
N GLY B 1556 -67.73 28.02 -36.66
CA GLY B 1556 -66.65 28.54 -35.84
C GLY B 1556 -66.62 27.83 -34.50
N GLU B 1557 -67.80 27.36 -34.09
CA GLU B 1557 -67.91 26.65 -32.82
C GLU B 1557 -67.24 25.29 -32.93
N TYR B 1558 -67.34 24.65 -34.09
CA TYR B 1558 -66.65 23.39 -34.30
C TYR B 1558 -65.14 23.59 -34.17
N PHE B 1559 -64.64 24.70 -34.75
CA PHE B 1559 -63.23 25.04 -34.64
C PHE B 1559 -62.80 25.18 -33.20
N TYR B 1560 -63.61 25.86 -32.38
CA TYR B 1560 -63.19 25.97 -30.99
C TYR B 1560 -63.37 24.66 -30.22
N SER B 1561 -64.45 23.94 -30.48
CA SER B 1561 -64.77 22.73 -29.74
C SER B 1561 -63.74 21.64 -29.97
N LEU B 1562 -63.06 21.65 -31.12
CA LEU B 1562 -62.13 20.56 -31.41
C LEU B 1562 -60.97 20.55 -30.42
N PHE B 1563 -60.15 21.60 -30.41
CA PHE B 1563 -59.00 21.57 -29.51
C PHE B 1563 -59.40 21.98 -28.10
N SER B 1564 -59.76 23.26 -27.93
CA SER B 1564 -60.23 23.79 -26.66
C SER B 1564 -59.21 23.62 -25.54
N GLU B 1565 -58.05 23.03 -25.87
CA GLU B 1565 -56.94 22.91 -24.94
C GLU B 1565 -55.74 23.68 -25.44
N THR B 1566 -55.28 23.36 -26.65
CA THR B 1566 -54.18 24.11 -27.25
C THR B 1566 -54.61 25.54 -27.53
N ILE B 1567 -55.83 25.72 -28.07
CA ILE B 1567 -56.33 27.06 -28.33
C ILE B 1567 -56.30 27.88 -27.06
N ASN B 1568 -56.84 27.33 -25.98
CA ASN B 1568 -56.97 28.07 -24.74
C ASN B 1568 -55.60 28.37 -24.13
N THR B 1569 -54.74 27.36 -24.04
CA THR B 1569 -53.43 27.61 -23.42
C THR B 1569 -52.57 28.53 -24.28
N GLU B 1570 -52.80 28.56 -25.60
CA GLU B 1570 -52.04 29.44 -26.46
C GLU B 1570 -52.56 30.86 -26.41
N LEU B 1571 -53.87 31.05 -26.19
CA LEU B 1571 -54.37 32.38 -25.87
C LEU B 1571 -53.82 32.84 -24.52
N LEU B 1572 -53.76 31.92 -23.55
CA LEU B 1572 -53.22 32.24 -22.24
C LEU B 1572 -51.73 32.50 -22.28
N LYS B 1573 -51.05 32.09 -23.35
CA LYS B 1573 -49.63 32.39 -23.46
C LYS B 1573 -49.40 33.89 -23.62
N ASN B 1574 -49.92 34.47 -24.71
CA ASN B 1574 -49.85 35.91 -24.95
C ASN B 1574 -51.17 36.57 -24.56
N LEU B 1575 -51.34 36.82 -23.26
CA LEU B 1575 -52.54 37.47 -22.75
C LEU B 1575 -52.45 38.99 -22.95
N ASP B 1576 -53.50 39.70 -22.50
CA ASP B 1576 -53.59 41.15 -22.49
C ASP B 1576 -53.78 41.75 -23.88
N LEU B 1577 -53.72 40.93 -24.92
CA LEU B 1577 -54.07 41.39 -26.26
C LEU B 1577 -55.04 40.46 -26.98
N ALA B 1578 -55.28 39.26 -26.47
CA ALA B 1578 -56.35 38.40 -26.95
C ALA B 1578 -57.66 38.68 -26.21
N VAL B 1579 -57.55 38.97 -24.90
CA VAL B 1579 -58.71 39.34 -24.10
C VAL B 1579 -59.46 40.49 -24.75
N LEU B 1580 -58.73 41.51 -25.19
CA LEU B 1580 -59.39 42.69 -25.74
C LEU B 1580 -60.06 42.38 -27.07
N GLU B 1581 -59.38 41.62 -27.93
CA GLU B 1581 -59.98 41.25 -29.21
C GLU B 1581 -61.23 40.41 -29.01
N LEU B 1582 -61.27 39.60 -27.94
CA LEU B 1582 -62.48 38.87 -27.59
C LEU B 1582 -63.55 39.79 -27.00
N MET B 1583 -63.13 40.79 -26.24
CA MET B 1583 -64.07 41.65 -25.52
C MET B 1583 -64.79 42.61 -26.44
N GLN B 1584 -64.11 43.13 -27.46
CA GLN B 1584 -64.70 44.19 -28.26
C GLN B 1584 -66.01 43.75 -28.90
N SER B 1585 -66.07 42.51 -29.38
CA SER B 1585 -67.30 41.96 -29.96
C SER B 1585 -68.08 41.16 -28.92
N SER B 1586 -68.46 41.83 -27.83
CA SER B 1586 -69.19 41.19 -26.74
C SER B 1586 -70.71 41.34 -26.84
N VAL B 1587 -71.22 42.19 -27.75
CA VAL B 1587 -72.65 42.39 -27.91
C VAL B 1587 -73.17 41.75 -29.19
N ASP B 1588 -72.38 41.78 -30.27
CA ASP B 1588 -72.82 41.25 -31.54
C ASP B 1588 -72.97 39.73 -31.49
N ASN B 1589 -71.87 39.02 -31.22
CA ASN B 1589 -71.87 37.58 -31.07
C ASN B 1589 -71.78 37.26 -29.57
N THR B 1590 -72.95 37.23 -28.91
CA THR B 1590 -73.01 37.07 -27.47
C THR B 1590 -72.64 35.66 -27.05
N LYS B 1591 -73.29 34.65 -27.66
CA LYS B 1591 -73.09 33.27 -27.28
C LYS B 1591 -71.63 32.85 -27.42
N MET B 1592 -71.01 33.21 -28.54
CA MET B 1592 -69.63 32.80 -28.81
C MET B 1592 -68.65 33.36 -27.77
N VAL B 1593 -68.75 34.66 -27.47
CA VAL B 1593 -67.78 35.26 -26.56
C VAL B 1593 -68.01 34.78 -25.13
N SER B 1594 -69.27 34.61 -24.72
CA SER B 1594 -69.54 34.07 -23.39
C SER B 1594 -68.97 32.66 -23.24
N ALA B 1595 -69.19 31.81 -24.25
CA ALA B 1595 -68.69 30.44 -24.19
C ALA B 1595 -67.17 30.40 -24.20
N VAL B 1596 -66.52 31.24 -25.02
CA VAL B 1596 -65.07 31.24 -25.09
C VAL B 1596 -64.46 31.68 -23.76
N LEU B 1597 -65.07 32.68 -23.12
CA LEU B 1597 -64.55 33.12 -21.83
C LEU B 1597 -64.77 32.05 -20.76
N ASN B 1598 -65.95 31.41 -20.77
CA ASN B 1598 -66.19 30.30 -19.86
C ASN B 1598 -65.13 29.21 -20.02
N GLY B 1599 -64.84 28.82 -21.26
CA GLY B 1599 -63.88 27.77 -21.47
C GLY B 1599 -62.46 28.19 -21.17
N MET B 1600 -62.13 29.47 -21.35
CA MET B 1600 -60.79 29.92 -21.05
C MET B 1600 -60.55 29.97 -19.56
N LEU B 1601 -61.57 30.41 -18.81
CA LEU B 1601 -61.47 30.35 -17.35
C LEU B 1601 -61.32 28.91 -16.87
N ASP B 1602 -62.26 28.03 -17.25
CA ASP B 1602 -62.24 26.68 -16.68
C ASP B 1602 -61.11 25.83 -17.25
N GLN B 1603 -60.39 26.31 -18.26
CA GLN B 1603 -59.15 25.67 -18.65
C GLN B 1603 -57.94 26.28 -17.94
N SER B 1604 -58.02 27.57 -17.57
CA SER B 1604 -56.95 28.19 -16.79
C SER B 1604 -56.96 27.75 -15.34
N PHE B 1605 -58.08 27.22 -14.85
CA PHE B 1605 -58.12 26.76 -13.46
C PHE B 1605 -57.60 25.34 -13.32
N ARG B 1606 -57.66 24.54 -14.38
CA ARG B 1606 -57.16 23.16 -14.33
C ARG B 1606 -55.70 23.13 -13.89
N GLU B 1607 -54.83 23.75 -14.67
CA GLU B 1607 -53.43 23.95 -14.28
C GLU B 1607 -53.38 25.12 -13.29
N ARG B 1608 -53.52 24.79 -12.01
CA ARG B 1608 -53.47 25.83 -10.99
C ARG B 1608 -52.43 25.51 -9.93
N ALA B 1609 -52.12 24.23 -9.73
CA ALA B 1609 -51.23 23.89 -8.63
C ALA B 1609 -49.77 24.22 -8.93
N ASN B 1610 -49.35 24.19 -10.20
CA ASN B 1610 -47.96 24.37 -10.56
C ASN B 1610 -47.63 25.82 -10.94
N GLN B 1611 -48.19 26.29 -12.04
CA GLN B 1611 -47.97 27.65 -12.55
C GLN B 1611 -49.35 28.20 -12.86
N LYS B 1612 -50.06 28.69 -11.85
CA LYS B 1612 -51.36 29.17 -12.29
C LYS B 1612 -51.31 30.61 -12.76
N HIS B 1613 -51.38 31.56 -11.83
CA HIS B 1613 -51.31 33.00 -12.10
C HIS B 1613 -52.21 33.43 -13.26
N GLN B 1614 -52.81 32.45 -13.95
CA GLN B 1614 -53.57 32.68 -15.18
C GLN B 1614 -55.04 32.98 -14.91
N GLY B 1615 -55.66 32.25 -13.99
CA GLY B 1615 -56.98 32.66 -13.54
C GLY B 1615 -56.93 34.05 -12.92
N LEU B 1616 -55.87 34.32 -12.16
CA LEU B 1616 -55.75 35.62 -11.51
C LEU B 1616 -55.55 36.74 -12.53
N LYS B 1617 -54.62 36.57 -13.45
CA LYS B 1617 -54.37 37.63 -14.43
C LYS B 1617 -55.52 37.77 -15.42
N LEU B 1618 -56.12 36.65 -15.85
CA LEU B 1618 -57.30 36.71 -16.71
C LEU B 1618 -58.45 37.42 -16.01
N ALA B 1619 -58.65 37.16 -14.71
CA ALA B 1619 -59.65 37.88 -13.95
C ALA B 1619 -59.33 39.37 -13.90
N THR B 1620 -58.09 39.71 -13.55
CA THR B 1620 -57.71 41.11 -13.43
C THR B 1620 -57.89 41.84 -14.75
N THR B 1621 -57.61 41.15 -15.86
CA THR B 1621 -57.78 41.75 -17.17
C THR B 1621 -59.25 41.93 -17.51
N ILE B 1622 -60.02 40.84 -17.43
CA ILE B 1622 -61.42 40.86 -17.80
C ILE B 1622 -62.25 41.78 -16.92
N LEU B 1623 -61.78 42.08 -15.71
CA LEU B 1623 -62.53 42.90 -14.77
C LEU B 1623 -62.37 44.40 -15.00
N GLN B 1624 -61.89 44.84 -16.16
CA GLN B 1624 -61.79 46.26 -16.43
C GLN B 1624 -62.47 46.64 -17.74
N HIS B 1625 -63.31 45.75 -18.27
CA HIS B 1625 -64.05 45.98 -19.51
C HIS B 1625 -65.53 45.70 -19.30
N TRP B 1626 -66.02 45.90 -18.07
CA TRP B 1626 -67.41 45.62 -17.78
C TRP B 1626 -68.35 46.57 -18.52
N LYS B 1627 -67.85 47.72 -18.94
CA LYS B 1627 -68.64 48.60 -19.79
C LYS B 1627 -68.82 48.04 -21.19
N LYS B 1628 -68.09 46.97 -21.54
CA LYS B 1628 -68.14 46.37 -22.86
C LYS B 1628 -69.26 45.35 -23.02
N CYS B 1629 -69.90 44.93 -21.92
CA CYS B 1629 -71.02 43.99 -21.96
C CYS B 1629 -72.13 44.52 -21.05
N ASP B 1630 -72.98 45.38 -21.61
CA ASP B 1630 -74.13 45.91 -20.89
C ASP B 1630 -75.44 45.68 -21.61
N SER B 1631 -75.42 45.19 -22.85
CA SER B 1631 -76.63 44.84 -23.59
C SER B 1631 -77.29 43.58 -23.05
N TRP B 1632 -76.79 43.12 -21.90
CA TRP B 1632 -77.22 41.87 -21.29
C TRP B 1632 -78.13 42.11 -20.09
N TRP B 1633 -77.66 42.88 -19.12
CA TRP B 1633 -78.41 43.10 -17.88
C TRP B 1633 -79.16 44.44 -17.96
N ALA B 1634 -80.17 44.43 -18.83
CA ALA B 1634 -80.98 45.61 -19.09
C ALA B 1634 -82.36 45.13 -19.53
N LYS B 1635 -83.12 46.01 -20.18
CA LYS B 1635 -84.39 45.63 -20.77
C LYS B 1635 -84.24 44.61 -21.90
N ASP B 1636 -83.02 44.23 -22.27
CA ASP B 1636 -82.76 43.37 -23.41
C ASP B 1636 -82.12 42.06 -22.95
N SER B 1637 -82.95 41.02 -22.83
CA SER B 1637 -82.60 39.63 -22.58
C SER B 1637 -81.70 39.41 -21.36
N PRO B 1638 -82.20 39.63 -20.14
CA PRO B 1638 -81.43 39.19 -18.96
C PRO B 1638 -81.64 37.73 -18.61
N LEU B 1639 -82.59 37.05 -19.25
CA LEU B 1639 -82.88 35.64 -18.99
C LEU B 1639 -81.62 34.83 -19.23
N GLU B 1640 -81.17 34.78 -20.48
CA GLU B 1640 -79.84 34.27 -20.78
C GLU B 1640 -78.81 35.35 -20.48
N THR B 1641 -77.54 35.05 -20.77
CA THR B 1641 -76.47 36.05 -20.75
C THR B 1641 -76.28 36.70 -19.39
N LYS B 1642 -77.07 36.29 -18.39
CA LYS B 1642 -76.86 36.74 -17.02
C LYS B 1642 -76.49 35.60 -16.09
N MET B 1643 -76.99 34.39 -16.33
CA MET B 1643 -76.39 33.22 -15.72
C MET B 1643 -74.93 33.13 -16.08
N ALA B 1644 -74.58 33.49 -17.32
CA ALA B 1644 -73.18 33.52 -17.73
C ALA B 1644 -72.40 34.57 -16.95
N VAL B 1645 -73.01 35.74 -16.73
CA VAL B 1645 -72.36 36.75 -15.90
C VAL B 1645 -72.09 36.21 -14.51
N LEU B 1646 -73.09 35.55 -13.92
CA LEU B 1646 -72.96 35.01 -12.57
C LEU B 1646 -71.85 33.96 -12.51
N ALA B 1647 -71.86 33.02 -13.46
CA ALA B 1647 -70.82 31.99 -13.50
C ALA B 1647 -69.44 32.61 -13.70
N LEU B 1648 -69.35 33.65 -14.55
CA LEU B 1648 -68.06 34.29 -14.80
C LEU B 1648 -67.54 34.94 -13.54
N LEU B 1649 -68.40 35.65 -12.82
CA LEU B 1649 -67.99 36.24 -11.55
C LEU B 1649 -67.57 35.17 -10.56
N ALA B 1650 -68.33 34.06 -10.50
CA ALA B 1650 -67.99 32.98 -9.58
C ALA B 1650 -66.59 32.44 -9.85
N LYS B 1651 -66.29 32.14 -11.11
CA LYS B 1651 -64.96 31.65 -11.46
C LYS B 1651 -63.91 32.71 -11.14
N ILE B 1652 -64.11 33.93 -11.64
CA ILE B 1652 -63.19 35.04 -11.43
C ILE B 1652 -62.81 35.14 -9.96
N LEU B 1653 -63.80 35.03 -9.08
CA LEU B 1653 -63.55 35.23 -7.66
C LEU B 1653 -62.94 34.00 -7.00
N GLN B 1654 -63.47 32.81 -7.29
CA GLN B 1654 -62.94 31.61 -6.67
C GLN B 1654 -61.57 31.20 -7.21
N ILE B 1655 -61.01 31.91 -8.18
CA ILE B 1655 -59.63 31.60 -8.57
C ILE B 1655 -58.62 32.43 -7.80
N ASP B 1656 -58.81 33.74 -7.74
CA ASP B 1656 -57.81 34.64 -7.18
C ASP B 1656 -58.03 34.90 -5.70
N SER B 1657 -57.11 35.66 -5.12
CA SER B 1657 -57.25 36.17 -3.76
C SER B 1657 -58.21 37.36 -3.76
N SER B 1658 -58.72 37.70 -2.57
CA SER B 1658 -59.67 38.79 -2.43
C SER B 1658 -58.94 40.13 -2.52
N VAL B 1659 -58.46 40.42 -3.74
CA VAL B 1659 -57.53 41.52 -3.95
C VAL B 1659 -58.02 42.51 -5.01
N SER B 1660 -59.36 42.63 -5.18
CA SER B 1660 -59.85 43.47 -6.26
C SER B 1660 -61.09 44.28 -5.90
N PHE B 1661 -61.36 44.52 -4.61
CA PHE B 1661 -62.63 45.16 -4.24
C PHE B 1661 -62.45 46.19 -3.13
N ASN B 1662 -61.27 46.81 -3.04
CA ASN B 1662 -61.08 47.86 -2.06
C ASN B 1662 -59.88 48.71 -2.46
N THR B 1663 -59.80 49.91 -1.86
CA THR B 1663 -58.70 50.85 -2.08
C THR B 1663 -58.64 51.34 -3.52
N SER B 1664 -59.79 51.36 -4.20
CA SER B 1664 -59.89 51.76 -5.61
C SER B 1664 -58.90 50.99 -6.48
N HIS B 1665 -59.02 49.66 -6.41
CA HIS B 1665 -58.12 48.78 -7.15
C HIS B 1665 -58.29 48.96 -8.65
N GLY B 1666 -59.46 48.64 -9.16
CA GLY B 1666 -59.73 48.74 -10.59
C GLY B 1666 -61.18 49.05 -10.80
N SER B 1667 -61.79 48.35 -11.76
CA SER B 1667 -63.20 48.54 -12.02
C SER B 1667 -64.04 47.79 -11.00
N PHE B 1668 -63.77 48.06 -9.71
CA PHE B 1668 -64.53 47.42 -8.63
C PHE B 1668 -65.99 47.86 -8.57
N PRO B 1669 -66.33 49.16 -8.67
CA PRO B 1669 -67.76 49.51 -8.58
C PRO B 1669 -68.51 49.18 -9.86
N GLU B 1670 -67.84 49.12 -11.00
CA GLU B 1670 -68.52 48.73 -12.22
C GLU B 1670 -68.89 47.26 -12.25
N VAL B 1671 -68.42 46.49 -11.28
CA VAL B 1671 -68.84 45.09 -11.13
C VAL B 1671 -69.77 44.97 -9.93
N PHE B 1672 -69.56 45.80 -8.91
CA PHE B 1672 -70.52 45.84 -7.80
C PHE B 1672 -71.89 46.28 -8.29
N THR B 1673 -71.94 47.20 -9.27
CA THR B 1673 -73.18 47.60 -9.92
C THR B 1673 -73.92 46.37 -10.46
N THR B 1674 -73.23 45.60 -11.30
CA THR B 1674 -73.80 44.40 -11.90
C THR B 1674 -74.25 43.42 -10.84
N TYR B 1675 -73.41 43.22 -9.81
CA TYR B 1675 -73.71 42.28 -8.74
C TYR B 1675 -75.04 42.60 -8.08
N ILE B 1676 -75.20 43.84 -7.60
CA ILE B 1676 -76.45 44.21 -6.92
C ILE B 1676 -77.61 44.21 -7.90
N SER B 1677 -77.39 44.67 -9.14
CA SER B 1677 -78.47 44.77 -10.11
C SER B 1677 -79.05 43.41 -10.48
N LEU B 1678 -78.23 42.37 -10.49
CA LEU B 1678 -78.72 41.07 -10.94
C LEU B 1678 -79.63 40.44 -9.88
N LEU B 1679 -79.20 40.40 -8.63
CA LEU B 1679 -80.04 39.81 -7.60
C LEU B 1679 -81.09 40.77 -7.05
N ALA B 1680 -81.06 42.05 -7.42
CA ALA B 1680 -82.02 43.02 -6.92
C ALA B 1680 -83.25 43.08 -7.81
N ASP B 1681 -83.06 43.41 -9.08
CA ASP B 1681 -84.17 43.62 -10.00
C ASP B 1681 -84.93 42.31 -10.21
N THR B 1682 -86.25 42.39 -10.10
CA THR B 1682 -87.04 41.17 -10.17
C THR B 1682 -87.16 40.74 -11.64
N LYS B 1683 -86.02 40.63 -12.32
CA LYS B 1683 -85.92 40.00 -13.62
C LYS B 1683 -85.34 38.59 -13.53
N LEU B 1684 -85.02 38.13 -12.34
CA LEU B 1684 -84.45 36.82 -12.11
C LEU B 1684 -85.26 36.12 -11.03
N ASP B 1685 -85.17 34.80 -11.00
CA ASP B 1685 -85.79 34.00 -9.95
C ASP B 1685 -84.73 33.51 -8.97
N LEU B 1686 -85.19 33.19 -7.75
CA LEU B 1686 -84.27 32.98 -6.64
C LEU B 1686 -83.43 31.73 -6.81
N HIS B 1687 -84.04 30.62 -7.25
CA HIS B 1687 -83.24 29.43 -7.49
C HIS B 1687 -82.14 29.71 -8.52
N LEU B 1688 -82.34 30.69 -9.41
CA LEU B 1688 -81.25 31.20 -10.22
C LEU B 1688 -80.36 32.16 -9.43
N LYS B 1689 -80.94 32.88 -8.47
CA LYS B 1689 -80.14 33.75 -7.60
C LYS B 1689 -79.43 32.98 -6.49
N GLY B 1690 -79.66 31.68 -6.34
CA GLY B 1690 -78.90 30.91 -5.37
C GLY B 1690 -77.42 30.80 -5.75
N GLN B 1691 -77.16 30.43 -7.01
CA GLN B 1691 -75.80 30.42 -7.50
C GLN B 1691 -75.21 31.82 -7.61
N ALA B 1692 -75.99 32.85 -7.26
CA ALA B 1692 -75.50 34.21 -7.09
C ALA B 1692 -75.18 34.55 -5.64
N VAL B 1693 -76.06 34.16 -4.71
CA VAL B 1693 -75.81 34.34 -3.29
C VAL B 1693 -74.62 33.51 -2.82
N THR B 1694 -74.25 32.48 -3.59
CA THR B 1694 -73.05 31.72 -3.21
C THR B 1694 -71.82 32.63 -3.11
N LEU B 1695 -71.67 33.60 -3.99
CA LEU B 1695 -70.47 34.45 -3.99
C LEU B 1695 -70.61 35.76 -3.20
N LEU B 1696 -71.17 35.70 -1.99
CA LEU B 1696 -71.17 36.79 -1.01
C LEU B 1696 -69.80 37.13 -0.41
N PRO B 1697 -68.96 36.12 -0.10
CA PRO B 1697 -67.73 36.39 0.69
C PRO B 1697 -66.78 37.35 0.00
N PHE B 1698 -66.80 37.39 -1.32
CA PHE B 1698 -65.89 38.30 -2.03
C PHE B 1698 -66.34 39.75 -1.91
N PHE B 1699 -67.44 39.99 -1.21
CA PHE B 1699 -67.96 41.34 -1.02
C PHE B 1699 -68.15 41.74 0.44
N THR B 1700 -68.46 40.81 1.33
CA THR B 1700 -68.78 41.20 2.72
C THR B 1700 -67.50 41.35 3.53
N SER B 1701 -66.60 42.17 2.99
CA SER B 1701 -65.39 42.58 3.69
C SER B 1701 -65.10 44.06 3.52
N LEU B 1702 -65.89 44.78 2.72
CA LEU B 1702 -65.65 46.18 2.45
C LEU B 1702 -66.29 47.07 3.52
N THR B 1703 -65.83 48.31 3.59
CA THR B 1703 -66.23 49.23 4.64
C THR B 1703 -67.66 49.72 4.39
N GLY B 1704 -68.10 50.67 5.21
CA GLY B 1704 -69.47 51.16 5.17
C GLY B 1704 -69.88 51.81 3.86
N GLY B 1705 -71.14 52.21 3.76
CA GLY B 1705 -71.65 52.76 2.51
C GLY B 1705 -72.15 51.67 1.59
N SER B 1706 -71.29 51.25 0.65
CA SER B 1706 -71.64 50.13 -0.21
C SER B 1706 -72.03 48.91 0.60
N LEU B 1707 -71.41 48.73 1.78
CA LEU B 1707 -71.85 47.67 2.68
C LEU B 1707 -73.30 47.85 3.07
N GLU B 1708 -73.70 49.10 3.37
CA GLU B 1708 -75.08 49.33 3.75
C GLU B 1708 -76.03 49.10 2.58
N GLU B 1709 -75.61 49.43 1.35
CA GLU B 1709 -76.46 49.14 0.21
C GLU B 1709 -76.63 47.64 0.02
N LEU B 1710 -75.55 46.89 0.24
CA LEU B 1710 -75.63 45.43 0.25
C LEU B 1710 -76.64 44.96 1.28
N ARG B 1711 -76.53 45.46 2.52
CA ARG B 1711 -77.48 45.08 3.57
C ARG B 1711 -78.90 45.41 3.16
N ARG B 1712 -79.10 46.55 2.49
CA ARG B 1712 -80.45 46.96 2.10
C ARG B 1712 -81.04 45.98 1.12
N VAL B 1713 -80.32 45.68 0.03
CA VAL B 1713 -80.88 44.76 -0.96
C VAL B 1713 -81.04 43.37 -0.36
N LEU B 1714 -80.18 43.00 0.59
CA LEU B 1714 -80.31 41.71 1.26
C LEU B 1714 -81.59 41.65 2.08
N GLU B 1715 -81.82 42.64 2.94
CA GLU B 1715 -83.07 42.69 3.70
C GLU B 1715 -84.28 42.75 2.77
N GLN B 1716 -84.13 43.39 1.61
CA GLN B 1716 -85.20 43.43 0.62
C GLN B 1716 -85.59 42.04 0.18
N LEU B 1717 -84.62 41.28 -0.35
CA LEU B 1717 -84.92 39.92 -0.78
C LEU B 1717 -85.36 39.05 0.39
N ILE B 1718 -84.84 39.32 1.58
CA ILE B 1718 -85.23 38.57 2.78
C ILE B 1718 -86.73 38.67 2.99
N VAL B 1719 -87.21 39.89 3.21
CA VAL B 1719 -88.62 40.05 3.55
C VAL B 1719 -89.53 39.80 2.35
N ALA B 1720 -89.03 39.94 1.12
CA ALA B 1720 -89.86 39.76 -0.05
C ALA B 1720 -89.86 38.35 -0.61
N HIS B 1721 -89.00 37.46 -0.10
CA HIS B 1721 -88.91 36.13 -0.71
C HIS B 1721 -88.85 35.00 0.30
N PHE B 1722 -89.36 35.20 1.49
CA PHE B 1722 -89.42 34.20 2.53
C PHE B 1722 -90.86 33.80 2.78
N PRO B 1723 -91.12 32.49 2.97
CA PRO B 1723 -92.42 32.07 3.48
C PRO B 1723 -92.88 33.00 4.59
N MET B 1724 -94.17 33.36 4.56
CA MET B 1724 -94.67 34.64 5.07
C MET B 1724 -93.94 35.07 6.34
N GLN B 1725 -94.01 34.25 7.38
CA GLN B 1725 -93.21 34.48 8.60
C GLN B 1725 -92.56 33.23 9.16
N SER B 1726 -93.02 32.03 8.83
CA SER B 1726 -92.40 30.80 9.32
C SER B 1726 -92.40 29.80 8.17
N ARG B 1727 -92.11 28.54 8.49
CA ARG B 1727 -92.02 27.48 7.48
C ARG B 1727 -93.35 27.29 6.74
N GLU B 1728 -94.38 26.83 7.46
CA GLU B 1728 -95.74 26.65 6.92
C GLU B 1728 -95.73 26.02 5.53
N PHE B 1729 -94.99 24.92 5.37
CA PHE B 1729 -94.98 24.21 4.09
C PHE B 1729 -94.61 22.75 4.29
N PRO B 1730 -95.36 21.83 3.67
CA PRO B 1730 -95.16 20.40 3.91
C PRO B 1730 -93.86 19.88 3.29
N PRO B 1731 -93.41 18.69 3.73
CA PRO B 1731 -92.14 18.11 3.26
C PRO B 1731 -92.15 17.57 1.84
N GLY B 1732 -91.78 18.36 0.83
CA GLY B 1732 -91.72 17.79 -0.51
C GLY B 1732 -92.25 18.67 -1.61
N THR B 1733 -92.39 19.96 -1.32
CA THR B 1733 -92.97 20.94 -2.22
C THR B 1733 -91.90 21.92 -2.67
N PRO B 1734 -92.06 22.52 -3.85
CA PRO B 1734 -91.07 23.52 -4.31
C PRO B 1734 -91.02 24.80 -3.49
N ARG B 1735 -92.06 25.13 -2.72
CA ARG B 1735 -91.96 26.30 -1.85
C ARG B 1735 -90.99 26.05 -0.70
N PHE B 1736 -91.20 24.96 0.07
CA PHE B 1736 -90.24 24.63 1.11
C PHE B 1736 -88.90 24.24 0.53
N ASN B 1737 -88.91 23.64 -0.66
CA ASN B 1737 -87.66 23.29 -1.33
C ASN B 1737 -86.83 24.53 -1.59
N ASN B 1738 -87.44 25.59 -2.13
CA ASN B 1738 -86.70 26.82 -2.39
C ASN B 1738 -86.28 27.51 -1.10
N TYR B 1739 -87.15 27.46 -0.08
CA TYR B 1739 -86.80 28.03 1.23
C TYR B 1739 -85.53 27.37 1.77
N VAL B 1740 -85.51 26.05 1.84
CA VAL B 1740 -84.34 25.36 2.40
C VAL B 1740 -83.13 25.49 1.47
N ASP B 1741 -83.36 25.58 0.15
CA ASP B 1741 -82.26 25.81 -0.78
C ASP B 1741 -81.53 27.09 -0.46
N CYS B 1742 -82.24 28.21 -0.50
CA CYS B 1742 -81.61 29.50 -0.25
C CYS B 1742 -81.09 29.61 1.17
N MET B 1743 -81.79 29.00 2.15
CA MET B 1743 -81.30 29.08 3.52
C MET B 1743 -79.99 28.34 3.69
N LYS B 1744 -79.88 27.14 3.10
CA LYS B 1744 -78.60 26.42 3.20
C LYS B 1744 -77.51 27.16 2.43
N LYS B 1745 -77.86 27.82 1.33
CA LYS B 1745 -76.85 28.59 0.63
C LYS B 1745 -76.40 29.79 1.47
N PHE B 1746 -77.33 30.43 2.18
CA PHE B 1746 -76.97 31.49 3.11
C PHE B 1746 -76.04 30.98 4.20
N LEU B 1747 -76.40 29.85 4.82
CA LEU B 1747 -75.62 29.34 5.94
C LEU B 1747 -74.23 28.93 5.49
N ASP B 1748 -74.12 28.32 4.29
CA ASP B 1748 -72.79 27.95 3.78
C ASP B 1748 -71.97 29.18 3.42
N ALA B 1749 -72.60 30.22 2.86
CA ALA B 1749 -71.87 31.45 2.58
C ALA B 1749 -71.36 32.09 3.86
N LEU B 1750 -72.20 32.12 4.90
CA LEU B 1750 -71.80 32.74 6.16
C LEU B 1750 -70.77 31.88 6.89
N GLU B 1751 -70.87 30.56 6.79
CA GLU B 1751 -69.94 29.69 7.50
C GLU B 1751 -68.51 29.98 7.14
N LEU B 1752 -68.25 30.54 5.96
CA LEU B 1752 -66.89 30.86 5.59
C LEU B 1752 -66.64 32.36 5.61
N SER B 1753 -67.58 33.18 5.08
CA SER B 1753 -67.51 34.63 5.17
C SER B 1753 -68.02 35.07 6.55
N GLN B 1754 -67.13 34.97 7.54
CA GLN B 1754 -67.46 35.25 8.93
C GLN B 1754 -67.67 36.75 9.08
N SER B 1755 -68.86 37.20 8.65
CA SER B 1755 -69.14 38.61 8.58
C SER B 1755 -70.28 38.98 9.52
N PRO B 1756 -70.14 40.05 10.31
CA PRO B 1756 -71.20 40.39 11.26
C PRO B 1756 -72.51 40.75 10.58
N MET B 1757 -72.44 41.26 9.35
CA MET B 1757 -73.65 41.68 8.65
C MET B 1757 -74.56 40.48 8.36
N LEU B 1758 -73.98 39.41 7.82
CA LEU B 1758 -74.77 38.23 7.52
C LEU B 1758 -75.32 37.60 8.80
N LEU B 1759 -74.51 37.54 9.86
CA LEU B 1759 -75.00 37.01 11.12
C LEU B 1759 -76.17 37.83 11.64
N GLU B 1760 -76.01 39.16 11.62
CA GLU B 1760 -77.04 40.08 12.10
C GLU B 1760 -78.34 39.92 11.32
N LEU B 1761 -78.23 39.68 10.01
CA LEU B 1761 -79.43 39.55 9.19
C LEU B 1761 -79.97 38.13 9.17
N MET B 1762 -79.18 37.15 9.62
CA MET B 1762 -79.56 35.76 9.62
C MET B 1762 -80.28 35.35 10.90
N THR B 1763 -79.74 35.76 12.04
CA THR B 1763 -80.43 35.52 13.30
C THR B 1763 -81.82 36.14 13.32
N GLU B 1764 -82.04 37.18 12.52
CA GLU B 1764 -83.38 37.77 12.40
C GLU B 1764 -84.39 36.69 12.05
N VAL B 1765 -84.25 36.07 10.88
CA VAL B 1765 -85.19 35.04 10.46
C VAL B 1765 -85.00 33.76 11.26
N LEU B 1766 -83.83 33.55 11.87
CA LEU B 1766 -83.68 32.42 12.79
C LEU B 1766 -84.69 32.53 13.93
N CYS B 1767 -84.63 33.64 14.66
CA CYS B 1767 -85.50 33.85 15.80
C CYS B 1767 -86.86 34.37 15.39
N ARG B 1768 -87.11 34.48 14.08
CA ARG B 1768 -88.45 34.77 13.59
C ARG B 1768 -89.44 33.78 14.19
N GLU B 1769 -89.05 32.51 14.27
CA GLU B 1769 -89.82 31.46 14.92
C GLU B 1769 -89.05 31.00 16.16
N GLN B 1770 -89.80 30.62 17.20
CA GLN B 1770 -89.16 30.06 18.39
C GLN B 1770 -88.48 28.74 18.06
N GLN B 1771 -89.10 27.92 17.22
CA GLN B 1771 -88.50 26.68 16.74
C GLN B 1771 -89.00 26.42 15.33
N HIS B 1772 -88.11 26.56 14.36
CA HIS B 1772 -88.40 26.20 12.98
C HIS B 1772 -87.46 25.06 12.60
N VAL B 1773 -87.77 24.37 11.50
CA VAL B 1773 -87.28 23.00 11.31
C VAL B 1773 -85.76 22.96 11.16
N MET B 1774 -85.15 23.97 10.53
CA MET B 1774 -83.72 23.89 10.25
C MET B 1774 -82.85 24.39 11.40
N GLU B 1775 -83.37 24.32 12.64
CA GLU B 1775 -82.62 24.85 13.79
C GLU B 1775 -81.24 24.22 13.89
N GLU B 1776 -81.16 22.90 13.73
CA GLU B 1776 -79.89 22.20 13.90
C GLU B 1776 -78.86 22.66 12.86
N LEU B 1777 -79.30 22.97 11.64
CA LEU B 1777 -78.36 23.46 10.63
C LEU B 1777 -77.82 24.84 11.02
N PHE B 1778 -78.70 25.72 11.49
CA PHE B 1778 -78.26 27.03 11.98
C PHE B 1778 -77.23 26.86 13.09
N GLN B 1779 -77.52 25.98 14.06
CA GLN B 1779 -76.60 25.78 15.17
C GLN B 1779 -75.28 25.19 14.70
N SER B 1780 -75.33 24.29 13.73
CA SER B 1780 -74.10 23.68 13.23
C SER B 1780 -73.24 24.72 12.54
N SER B 1781 -73.84 25.55 11.67
CA SER B 1781 -73.06 26.58 11.02
C SER B 1781 -72.55 27.61 12.03
N PHE B 1782 -73.31 27.85 13.10
CA PHE B 1782 -72.88 28.79 14.12
C PHE B 1782 -71.65 28.28 14.84
N ARG B 1783 -71.69 27.02 15.27
CA ARG B 1783 -70.54 26.41 15.92
C ARG B 1783 -69.36 26.37 14.96
N ARG B 1784 -69.62 26.16 13.67
CA ARG B 1784 -68.54 26.18 12.68
C ARG B 1784 -67.94 27.58 12.53
N ILE B 1785 -68.73 28.62 12.80
CA ILE B 1785 -68.22 29.99 12.80
C ILE B 1785 -67.44 30.27 14.08
N ALA B 1786 -67.88 29.70 15.19
CA ALA B 1786 -67.41 30.07 16.53
C ALA B 1786 -65.90 30.18 16.60
N ARG B 1787 -65.18 29.14 16.19
CA ARG B 1787 -63.73 29.17 16.20
C ARG B 1787 -63.24 29.25 14.76
N ARG B 1788 -62.75 30.43 14.37
CA ARG B 1788 -62.16 30.61 13.05
C ARG B 1788 -60.92 31.49 13.14
N GLY B 1789 -60.26 31.49 14.30
CA GLY B 1789 -59.05 32.27 14.48
C GLY B 1789 -59.31 33.77 14.36
N SER B 1790 -58.25 34.57 14.43
CA SER B 1790 -58.35 36.02 14.35
C SER B 1790 -59.42 36.55 15.32
N CYS B 1791 -59.09 36.43 16.62
CA CYS B 1791 -59.99 36.88 17.68
C CYS B 1791 -60.59 38.24 17.37
N VAL B 1792 -59.93 39.04 16.54
CA VAL B 1792 -60.45 40.33 16.09
C VAL B 1792 -61.80 40.16 15.38
N THR B 1793 -62.00 39.04 14.67
CA THR B 1793 -63.25 38.83 13.94
C THR B 1793 -64.26 38.03 14.75
N GLN B 1794 -63.79 37.18 15.66
CA GLN B 1794 -64.70 36.44 16.53
C GLN B 1794 -65.37 37.40 17.52
N VAL B 1795 -64.56 38.26 18.16
CA VAL B 1795 -65.09 39.33 19.00
C VAL B 1795 -66.04 40.21 18.20
N GLY B 1796 -65.77 40.41 16.90
CA GLY B 1796 -66.65 41.27 16.11
C GLY B 1796 -68.02 40.65 15.90
N LEU B 1797 -68.05 39.36 15.56
CA LEU B 1797 -69.32 38.65 15.41
C LEU B 1797 -70.09 38.62 16.74
N LEU B 1798 -69.38 38.30 17.82
CA LEU B 1798 -69.99 38.32 19.14
C LEU B 1798 -70.58 39.69 19.46
N GLU B 1799 -69.82 40.75 19.21
CA GLU B 1799 -70.29 42.11 19.54
C GLU B 1799 -71.45 42.53 18.66
N SER B 1800 -71.52 42.05 17.41
CA SER B 1800 -72.68 42.37 16.58
C SER B 1800 -73.94 41.72 17.15
N VAL B 1801 -73.84 40.45 17.54
CA VAL B 1801 -74.99 39.80 18.18
C VAL B 1801 -75.32 40.50 19.50
N TYR B 1802 -74.31 40.87 20.28
CA TYR B 1802 -74.56 41.47 21.58
C TYR B 1802 -75.23 42.83 21.46
N GLU B 1803 -74.75 43.70 20.56
CA GLU B 1803 -75.36 45.01 20.41
C GLU B 1803 -76.68 44.96 19.67
N MET B 1804 -76.99 43.87 18.97
CA MET B 1804 -78.36 43.70 18.50
C MET B 1804 -79.25 43.10 19.58
N PHE B 1805 -78.65 42.52 20.63
CA PHE B 1805 -79.43 42.07 21.79
C PHE B 1805 -79.68 43.20 22.76
N ARG B 1806 -78.72 44.10 22.93
CA ARG B 1806 -78.78 45.16 23.94
C ARG B 1806 -79.52 46.39 23.45
N LYS B 1807 -79.81 46.48 22.15
CA LYS B 1807 -80.53 47.62 21.62
C LYS B 1807 -81.86 47.77 22.35
N ASP B 1808 -82.37 49.00 22.38
CA ASP B 1808 -83.59 49.35 23.08
C ASP B 1808 -84.82 49.15 22.21
N ASP B 1809 -84.77 48.22 21.27
CA ASP B 1809 -85.84 48.01 20.31
C ASP B 1809 -87.05 47.38 20.98
N PRO B 1810 -88.20 48.05 20.99
CA PRO B 1810 -89.41 47.36 21.43
C PRO B 1810 -89.83 46.33 20.39
N ARG B 1811 -89.55 45.08 20.71
CA ARG B 1811 -89.99 43.91 19.96
C ARG B 1811 -90.75 43.06 20.95
N LEU B 1812 -90.98 41.81 20.61
CA LEU B 1812 -91.56 40.90 21.58
C LEU B 1812 -90.47 40.55 22.59
N SER B 1813 -90.75 39.57 23.43
CA SER B 1813 -89.74 39.04 24.34
C SER B 1813 -89.10 37.76 23.80
N PHE B 1814 -89.85 36.97 23.03
CA PHE B 1814 -89.33 35.70 22.55
C PHE B 1814 -88.14 35.91 21.61
N THR B 1815 -88.22 36.88 20.71
CA THR B 1815 -87.12 37.10 19.78
C THR B 1815 -85.90 37.69 20.49
N ARG B 1816 -86.13 38.62 21.41
CA ARG B 1816 -85.02 39.21 22.14
C ARG B 1816 -84.34 38.19 23.05
N GLN B 1817 -85.09 37.22 23.55
CA GLN B 1817 -84.46 36.19 24.37
C GLN B 1817 -83.82 35.11 23.52
N SER B 1818 -84.39 34.80 22.36
CA SER B 1818 -83.76 33.83 21.47
C SER B 1818 -82.44 34.36 20.92
N PHE B 1819 -82.35 35.68 20.68
CA PHE B 1819 -81.09 36.32 20.31
C PHE B 1819 -79.94 35.83 21.18
N VAL B 1820 -80.21 35.71 22.48
CA VAL B 1820 -79.20 35.32 23.45
C VAL B 1820 -79.29 33.85 23.81
N ASP B 1821 -80.38 33.17 23.44
CA ASP B 1821 -80.64 31.80 23.87
C ASP B 1821 -80.25 30.76 22.83
N ARG B 1822 -80.41 31.08 21.54
CA ARG B 1822 -80.12 30.15 20.46
C ARG B 1822 -79.23 30.77 19.38
N SER B 1823 -78.72 31.98 19.60
CA SER B 1823 -77.84 32.62 18.64
C SER B 1823 -76.48 33.00 19.19
N LEU B 1824 -76.42 33.54 20.39
CA LEU B 1824 -75.14 33.96 20.95
C LEU B 1824 -74.56 32.99 21.96
N LEU B 1825 -75.41 32.30 22.72
CA LEU B 1825 -74.89 31.30 23.65
C LEU B 1825 -74.16 30.19 22.91
N THR B 1826 -74.70 29.74 21.77
CA THR B 1826 -74.00 28.72 20.99
C THR B 1826 -72.63 29.18 20.56
N LEU B 1827 -72.52 30.43 20.09
CA LEU B 1827 -71.24 30.98 19.67
C LEU B 1827 -70.26 31.03 20.84
N LEU B 1828 -70.67 31.67 21.93
CA LEU B 1828 -69.82 31.76 23.12
C LEU B 1828 -69.48 30.37 23.66
N TRP B 1829 -70.33 29.39 23.41
CA TRP B 1829 -70.17 28.07 24.02
C TRP B 1829 -69.14 27.23 23.28
N HIS B 1830 -69.38 26.98 21.98
CA HIS B 1830 -68.68 25.88 21.32
C HIS B 1830 -67.16 26.04 21.39
N CYS B 1831 -66.62 27.07 20.75
CA CYS B 1831 -65.25 27.49 21.03
C CYS B 1831 -65.12 28.94 20.53
N SER B 1832 -65.19 29.89 21.46
CA SER B 1832 -64.78 31.24 21.11
C SER B 1832 -63.26 31.28 21.05
N LEU B 1833 -62.63 31.12 22.22
CA LEU B 1833 -61.23 30.73 22.35
C LEU B 1833 -60.88 30.64 23.82
N ASP B 1834 -59.87 29.84 24.17
CA ASP B 1834 -59.25 29.98 25.48
C ASP B 1834 -58.72 31.41 25.68
N ALA B 1835 -58.48 32.17 24.61
CA ALA B 1835 -58.00 33.54 24.68
C ALA B 1835 -59.01 34.57 24.13
N LEU B 1836 -60.30 34.22 24.06
CA LEU B 1836 -61.33 35.22 23.79
C LEU B 1836 -61.99 35.62 25.09
N ARG B 1837 -61.27 36.42 25.87
CA ARG B 1837 -61.77 37.05 27.07
C ARG B 1837 -62.23 38.48 26.83
N GLU B 1838 -61.91 39.04 25.66
CA GLU B 1838 -62.23 40.41 25.34
C GLU B 1838 -63.74 40.67 25.37
N PHE B 1839 -64.55 39.68 24.98
CA PHE B 1839 -65.99 39.89 25.10
C PHE B 1839 -66.41 39.98 26.56
N PHE B 1840 -65.74 39.23 27.44
CA PHE B 1840 -66.04 39.37 28.85
C PHE B 1840 -65.56 40.72 29.38
N SER B 1841 -64.48 41.27 28.81
CA SER B 1841 -63.99 42.56 29.29
C SER B 1841 -64.74 43.75 28.72
N THR B 1842 -65.43 43.60 27.58
CA THR B 1842 -66.24 44.69 27.05
C THR B 1842 -67.66 44.70 27.61
N ILE B 1843 -67.87 43.99 28.72
CA ILE B 1843 -69.23 43.69 29.17
C ILE B 1843 -69.44 43.97 30.65
N VAL B 1844 -68.37 44.09 31.45
CA VAL B 1844 -68.49 43.84 32.88
C VAL B 1844 -69.34 44.91 33.51
N VAL B 1845 -68.87 46.16 33.54
CA VAL B 1845 -69.77 47.23 33.91
C VAL B 1845 -70.32 47.79 32.60
N ASP B 1846 -71.14 46.97 31.94
CA ASP B 1846 -72.10 47.38 30.93
C ASP B 1846 -73.35 46.60 31.32
N ALA B 1847 -73.12 45.39 31.80
CA ALA B 1847 -74.13 44.46 32.27
C ALA B 1847 -74.31 44.46 33.78
N ILE B 1848 -73.28 44.79 34.54
CA ILE B 1848 -73.42 44.79 35.99
C ILE B 1848 -74.34 45.94 36.41
N ASP B 1849 -74.33 47.04 35.65
CA ASP B 1849 -75.26 48.13 35.92
C ASP B 1849 -76.68 47.82 35.46
N VAL B 1850 -76.84 46.77 34.65
CA VAL B 1850 -78.16 46.30 34.28
C VAL B 1850 -78.69 45.32 35.33
N LEU B 1851 -77.79 44.48 35.86
CA LEU B 1851 -78.19 43.58 36.94
C LEU B 1851 -78.44 44.36 38.23
N LYS B 1852 -77.61 45.34 38.54
CA LYS B 1852 -77.80 46.20 39.71
C LYS B 1852 -78.73 47.36 39.39
N SER B 1853 -79.89 47.05 38.82
CA SER B 1853 -80.88 48.05 38.46
C SER B 1853 -82.18 47.72 39.17
N ARG B 1854 -83.12 48.64 39.08
CA ARG B 1854 -84.36 48.52 39.82
C ARG B 1854 -85.44 47.91 38.95
N PHE B 1855 -86.42 47.29 39.60
CA PHE B 1855 -87.47 46.55 38.91
C PHE B 1855 -88.70 47.44 38.91
N THR B 1856 -88.93 48.11 37.78
CA THR B 1856 -90.06 49.02 37.68
C THR B 1856 -91.31 48.20 37.37
N LYS B 1857 -92.01 47.82 38.44
CA LYS B 1857 -93.29 47.15 38.32
C LYS B 1857 -94.36 48.18 37.93
N LEU B 1858 -94.31 48.56 36.65
CA LEU B 1858 -95.37 49.37 36.05
C LEU B 1858 -96.18 48.66 34.98
N ASN B 1859 -95.51 48.29 33.91
CA ASN B 1859 -96.14 47.83 32.70
C ASN B 1859 -95.44 46.54 32.30
N GLU B 1860 -96.21 45.61 31.73
CA GLU B 1860 -95.64 44.31 31.39
C GLU B 1860 -94.41 44.46 30.50
N SER B 1861 -94.38 45.52 29.66
CA SER B 1861 -93.21 45.79 28.82
C SER B 1861 -92.02 46.23 29.66
N THR B 1862 -92.15 47.37 30.35
CA THR B 1862 -91.04 47.93 31.09
C THR B 1862 -90.59 47.07 32.27
N PHE B 1863 -91.20 45.90 32.44
CA PHE B 1863 -90.83 44.94 33.48
C PHE B 1863 -90.27 43.65 32.91
N ASP B 1864 -90.98 43.01 31.97
CA ASP B 1864 -90.47 41.77 31.41
C ASP B 1864 -89.27 42.02 30.50
N THR B 1865 -89.15 43.21 29.92
CA THR B 1865 -87.91 43.52 29.21
C THR B 1865 -86.73 43.52 30.18
N GLN B 1866 -86.94 44.05 31.39
CA GLN B 1866 -85.92 43.97 32.43
C GLN B 1866 -85.60 42.54 32.79
N ILE B 1867 -86.64 41.73 33.01
CA ILE B 1867 -86.45 40.31 33.33
C ILE B 1867 -85.62 39.62 32.26
N THR B 1868 -85.99 39.83 31.00
CA THR B 1868 -85.34 39.13 29.90
C THR B 1868 -83.89 39.58 29.74
N LYS B 1869 -83.61 40.88 29.86
CA LYS B 1869 -82.24 41.35 29.73
C LYS B 1869 -81.38 40.80 30.85
N LYS B 1870 -81.87 40.86 32.08
CA LYS B 1870 -81.09 40.34 33.20
C LYS B 1870 -80.87 38.83 33.05
N MET B 1871 -81.87 38.11 32.55
CA MET B 1871 -81.74 36.66 32.42
C MET B 1871 -80.73 36.30 31.33
N GLY B 1872 -80.77 37.00 30.20
CA GLY B 1872 -79.76 36.78 29.18
C GLY B 1872 -78.37 37.10 29.69
N TYR B 1873 -78.24 38.14 30.50
CA TYR B 1873 -76.95 38.44 31.12
C TYR B 1873 -76.51 37.30 32.02
N TYR B 1874 -77.42 36.77 32.84
CA TYR B 1874 -77.06 35.67 33.73
C TYR B 1874 -76.63 34.43 32.94
N LYS B 1875 -77.30 34.15 31.81
CA LYS B 1875 -76.91 32.98 31.01
C LYS B 1875 -75.57 33.20 30.32
N ILE B 1876 -75.32 34.42 29.85
CA ILE B 1876 -73.99 34.73 29.31
C ILE B 1876 -72.94 34.59 30.40
N LEU B 1877 -73.33 34.87 31.65
CA LEU B 1877 -72.43 34.64 32.77
C LEU B 1877 -72.16 33.14 32.97
N ASP B 1878 -73.20 32.30 32.88
CA ASP B 1878 -73.02 30.85 32.83
C ASP B 1878 -71.90 30.48 31.89
N VAL B 1879 -72.08 30.89 30.63
CA VAL B 1879 -71.15 30.50 29.57
C VAL B 1879 -69.75 31.00 29.90
N MET B 1880 -69.60 32.31 30.06
CA MET B 1880 -68.28 32.90 30.18
C MET B 1880 -67.65 32.63 31.54
N TYR B 1881 -68.36 31.97 32.45
CA TYR B 1881 -67.80 31.54 33.71
C TYR B 1881 -67.51 30.06 33.77
N SER B 1882 -68.07 29.26 32.87
CA SER B 1882 -67.82 27.83 32.92
C SER B 1882 -66.40 27.47 32.49
N ARG B 1883 -66.04 27.76 31.25
CA ARG B 1883 -64.77 27.25 30.70
C ARG B 1883 -63.66 28.31 30.77
N LEU B 1884 -63.33 28.73 32.00
CA LEU B 1884 -62.21 29.64 32.13
C LEU B 1884 -61.59 29.46 33.51
N PRO B 1885 -60.28 29.28 33.59
CA PRO B 1885 -59.63 29.13 34.90
C PRO B 1885 -59.90 30.32 35.82
N LYS B 1886 -59.77 30.05 37.13
CA LYS B 1886 -59.84 31.10 38.14
C LYS B 1886 -58.89 32.24 37.85
N ASP B 1887 -57.88 32.02 37.01
CA ASP B 1887 -56.88 33.06 36.76
C ASP B 1887 -57.52 34.35 36.27
N ASP B 1888 -58.34 34.27 35.22
CA ASP B 1888 -58.83 35.47 34.56
C ASP B 1888 -60.13 35.98 35.15
N VAL B 1889 -60.46 35.56 36.36
CA VAL B 1889 -61.72 36.00 36.96
C VAL B 1889 -61.56 36.36 38.44
N HIS B 1890 -60.45 35.93 39.07
CA HIS B 1890 -60.38 36.08 40.52
C HIS B 1890 -59.02 36.59 41.01
N ALA B 1891 -58.21 37.21 40.17
CA ALA B 1891 -56.93 37.75 40.63
C ALA B 1891 -56.66 39.07 39.94
N LYS B 1892 -55.42 39.53 40.05
CA LYS B 1892 -55.00 40.82 39.49
C LYS B 1892 -54.90 40.68 37.98
N GLU B 1893 -56.06 40.71 37.33
CA GLU B 1893 -56.18 40.60 35.88
C GLU B 1893 -57.48 41.25 35.46
N SER B 1894 -57.77 41.22 34.16
CA SER B 1894 -58.81 42.06 33.59
C SER B 1894 -60.20 41.49 33.82
N LYS B 1895 -60.47 41.12 35.07
CA LYS B 1895 -61.82 40.84 35.53
C LYS B 1895 -62.19 41.80 36.65
N ILE B 1896 -61.41 41.86 37.72
CA ILE B 1896 -61.61 42.86 38.75
C ILE B 1896 -61.10 44.21 38.25
N ASN B 1897 -60.07 44.20 37.40
CA ASN B 1897 -59.53 45.38 36.76
C ASN B 1897 -60.54 46.05 35.83
N GLN B 1898 -61.73 45.46 35.68
CA GLN B 1898 -62.77 46.09 34.88
C GLN B 1898 -63.94 46.62 35.69
N VAL B 1899 -64.34 45.94 36.77
CA VAL B 1899 -65.22 46.60 37.72
C VAL B 1899 -64.51 47.84 38.27
N PHE B 1900 -63.19 47.82 38.30
CA PHE B 1900 -62.43 49.03 38.60
C PHE B 1900 -61.94 49.71 37.32
N HIS B 1901 -61.52 50.95 37.47
CA HIS B 1901 -61.13 51.78 36.34
C HIS B 1901 -59.67 51.50 35.98
N GLY B 1902 -59.45 50.90 34.81
CA GLY B 1902 -58.10 50.80 34.26
C GLY B 1902 -57.17 49.98 35.14
N SER B 1903 -55.92 50.41 35.23
CA SER B 1903 -54.93 49.72 36.04
C SER B 1903 -55.30 49.87 37.51
N CYS B 1904 -55.96 48.86 38.06
CA CYS B 1904 -56.39 48.83 39.45
C CYS B 1904 -55.92 47.51 40.05
N ILE B 1905 -56.09 47.36 41.36
CA ILE B 1905 -55.33 46.30 42.01
C ILE B 1905 -56.23 45.26 42.69
N THR B 1906 -56.99 45.68 43.72
CA THR B 1906 -58.13 44.91 44.23
C THR B 1906 -57.85 43.42 44.36
N GLU B 1907 -56.95 43.05 45.26
CA GLU B 1907 -56.12 41.84 45.15
C GLU B 1907 -56.77 40.64 44.48
N GLY B 1908 -57.94 40.21 44.95
CA GLY B 1908 -58.50 39.03 44.33
C GLY B 1908 -60.00 38.93 44.18
N ASN B 1909 -60.75 39.98 44.49
CA ASN B 1909 -62.20 39.87 44.55
C ASN B 1909 -62.80 41.11 43.89
N GLU B 1910 -64.08 41.36 44.17
CA GLU B 1910 -64.87 42.52 43.81
C GLU B 1910 -65.38 42.42 42.37
N LEU B 1911 -64.93 41.42 41.59
CA LEU B 1911 -65.65 41.01 40.39
C LEU B 1911 -66.54 39.81 40.70
N THR B 1912 -65.92 38.70 41.11
CA THR B 1912 -66.69 37.55 41.56
C THR B 1912 -67.50 37.91 42.79
N LYS B 1913 -66.89 38.68 43.70
CA LYS B 1913 -67.57 39.10 44.93
C LYS B 1913 -68.83 39.89 44.60
N THR B 1914 -68.71 40.91 43.76
CA THR B 1914 -69.88 41.71 43.39
C THR B 1914 -70.90 40.89 42.60
N LEU B 1915 -70.44 39.94 41.79
CA LEU B 1915 -71.37 39.18 40.97
C LEU B 1915 -72.24 38.26 41.82
N ILE B 1916 -71.62 37.52 42.74
CA ILE B 1916 -72.41 36.74 43.69
C ILE B 1916 -73.26 37.67 44.56
N LYS B 1917 -72.72 38.85 44.89
CA LYS B 1917 -73.43 39.83 45.71
C LYS B 1917 -74.79 40.20 45.11
N LEU B 1918 -74.82 40.46 43.81
CA LEU B 1918 -76.08 40.78 43.14
C LEU B 1918 -76.69 39.60 42.41
N CYS B 1919 -76.15 38.40 42.60
CA CYS B 1919 -76.72 37.19 42.05
C CYS B 1919 -77.57 36.43 43.06
N TYR B 1920 -77.01 36.13 44.24
CA TYR B 1920 -77.79 35.44 45.26
C TYR B 1920 -79.03 36.20 45.69
N ASP B 1921 -79.05 37.53 45.51
CA ASP B 1921 -80.28 38.26 45.71
C ASP B 1921 -81.38 37.76 44.78
N ALA B 1922 -81.02 37.41 43.55
CA ALA B 1922 -81.97 36.72 42.70
C ALA B 1922 -82.25 35.34 43.26
N PHE B 1923 -83.34 34.74 42.79
CA PHE B 1923 -83.85 33.41 43.17
C PHE B 1923 -84.08 33.27 44.68
N THR B 1924 -84.00 34.36 45.45
CA THR B 1924 -84.33 34.33 46.86
C THR B 1924 -85.33 35.42 47.23
N GLU B 1925 -85.95 36.06 46.23
CA GLU B 1925 -86.90 37.13 46.49
C GLU B 1925 -88.24 36.50 46.82
N ASN B 1926 -88.68 36.66 48.07
CA ASN B 1926 -89.99 36.14 48.43
C ASN B 1926 -91.04 36.87 47.62
N MET B 1927 -91.92 36.12 46.97
CA MET B 1927 -92.96 36.69 46.14
C MET B 1927 -94.29 36.10 46.59
N ALA B 1928 -94.72 36.52 47.78
CA ALA B 1928 -96.01 36.13 48.29
C ALA B 1928 -97.13 37.00 47.74
N GLY B 1929 -96.78 38.13 47.11
CA GLY B 1929 -97.77 39.03 46.56
C GLY B 1929 -97.60 39.34 45.08
N GLU B 1930 -96.42 39.09 44.52
CA GLU B 1930 -96.16 39.44 43.13
C GLU B 1930 -96.45 38.25 42.24
N ASN B 1931 -97.32 38.47 41.27
CA ASN B 1931 -97.74 37.44 40.33
C ASN B 1931 -97.86 37.98 38.91
N GLN B 1932 -97.24 39.13 38.61
CA GLN B 1932 -97.48 39.79 37.33
C GLN B 1932 -97.02 38.94 36.16
N LEU B 1933 -95.72 38.70 36.05
CA LEU B 1933 -95.18 37.75 35.09
C LEU B 1933 -94.18 36.90 35.86
N LEU B 1934 -94.69 35.90 36.58
CA LEU B 1934 -93.85 35.06 37.42
C LEU B 1934 -93.27 33.86 36.69
N GLU B 1935 -93.89 33.46 35.57
CA GLU B 1935 -93.29 32.40 34.74
C GLU B 1935 -91.91 32.83 34.27
N ARG B 1936 -91.80 34.06 33.79
CA ARG B 1936 -90.50 34.58 33.37
C ARG B 1936 -89.54 34.69 34.56
N ARG B 1937 -90.08 35.04 35.72
CA ARG B 1937 -89.24 35.22 36.90
C ARG B 1937 -88.70 33.89 37.40
N ARG B 1938 -89.41 32.80 37.15
CA ARG B 1938 -88.83 31.48 37.40
C ARG B 1938 -87.57 31.29 36.57
N LEU B 1939 -87.61 31.72 35.30
CA LEU B 1939 -86.41 31.61 34.46
C LEU B 1939 -85.31 32.54 34.94
N TYR B 1940 -85.68 33.74 35.41
CA TYR B 1940 -84.72 34.63 36.05
C TYR B 1940 -84.03 33.93 37.21
N HIS B 1941 -84.81 33.35 38.12
CA HIS B 1941 -84.30 32.59 39.25
C HIS B 1941 -83.33 31.50 38.80
N CYS B 1942 -83.78 30.68 37.84
CA CYS B 1942 -83.01 29.50 37.47
C CYS B 1942 -81.72 29.88 36.76
N ALA B 1943 -81.74 30.94 35.94
CA ALA B 1943 -80.51 31.42 35.33
C ALA B 1943 -79.54 31.93 36.39
N ALA B 1944 -80.08 32.60 37.42
CA ALA B 1944 -79.22 33.04 38.51
C ALA B 1944 -78.59 31.87 39.24
N TYR B 1945 -79.35 30.79 39.45
CA TYR B 1945 -78.77 29.65 40.16
C TYR B 1945 -77.71 28.95 39.31
N ASN B 1946 -77.97 28.79 38.01
CA ASN B 1946 -76.97 28.24 37.11
C ASN B 1946 -75.69 29.09 37.14
N CYS B 1947 -75.86 30.42 37.17
CA CYS B 1947 -74.71 31.32 37.26
C CYS B 1947 -73.94 31.08 38.55
N ALA B 1948 -74.66 31.02 39.68
CA ALA B 1948 -74.02 30.77 40.96
C ALA B 1948 -73.19 29.48 40.92
N ILE B 1949 -73.76 28.42 40.33
CA ILE B 1949 -73.02 27.16 40.22
C ILE B 1949 -71.76 27.37 39.38
N SER B 1950 -71.95 27.91 38.17
CA SER B 1950 -70.84 28.02 37.22
C SER B 1950 -69.75 28.96 37.72
N VAL B 1951 -70.05 29.82 38.69
CA VAL B 1951 -69.02 30.68 39.27
C VAL B 1951 -68.36 30.03 40.48
N ILE B 1952 -69.13 29.51 41.45
CA ILE B 1952 -68.48 28.89 42.60
C ILE B 1952 -67.60 27.74 42.16
N CYS B 1953 -67.87 27.16 40.99
CA CYS B 1953 -66.95 26.17 40.46
C CYS B 1953 -65.57 26.76 40.21
N CYS B 1954 -65.46 28.07 40.00
CA CYS B 1954 -64.22 28.70 39.57
C CYS B 1954 -63.79 29.83 40.50
N VAL B 1955 -63.91 29.67 41.81
CA VAL B 1955 -63.47 30.78 42.66
C VAL B 1955 -62.35 30.39 43.60
N PHE B 1956 -62.66 29.57 44.56
CA PHE B 1956 -61.77 28.88 45.48
C PHE B 1956 -62.15 27.42 45.53
N ASN B 1957 -63.45 27.12 45.53
CA ASN B 1957 -63.99 25.76 45.46
C ASN B 1957 -63.27 24.84 46.44
N GLU B 1958 -63.03 25.35 47.64
CA GLU B 1958 -62.43 24.58 48.72
C GLU B 1958 -63.35 24.52 49.93
N LEU B 1959 -63.76 25.68 50.43
CA LEU B 1959 -64.46 25.81 51.70
C LEU B 1959 -65.90 25.34 51.56
N LYS B 1960 -66.71 25.67 52.57
CA LYS B 1960 -68.14 25.47 52.52
C LYS B 1960 -68.80 26.60 51.75
N PHE B 1961 -68.25 26.93 50.57
CA PHE B 1961 -68.85 27.89 49.65
C PHE B 1961 -70.02 27.26 48.94
N TYR B 1962 -70.38 26.08 49.39
CA TYR B 1962 -71.58 25.40 48.99
C TYR B 1962 -72.51 25.13 50.16
N GLN B 1963 -71.97 24.98 51.37
CA GLN B 1963 -72.83 24.90 52.54
C GLN B 1963 -73.45 26.26 52.87
N GLY B 1964 -72.72 27.34 52.59
CA GLY B 1964 -73.28 28.66 52.78
C GLY B 1964 -74.12 29.17 51.64
N PHE B 1965 -73.51 29.36 50.47
CA PHE B 1965 -74.26 29.75 49.28
C PHE B 1965 -74.91 28.50 48.69
N LEU B 1966 -75.96 28.74 47.90
CA LEU B 1966 -76.68 27.68 47.20
C LEU B 1966 -77.52 26.82 48.13
N PHE B 1967 -77.38 27.01 49.44
CA PHE B 1967 -78.03 26.14 50.42
C PHE B 1967 -78.22 26.94 51.70
N SER B 1968 -78.60 26.23 52.77
CA SER B 1968 -78.86 26.79 54.09
C SER B 1968 -79.65 28.10 54.01
N GLU B 1969 -80.82 28.01 53.41
CA GLU B 1969 -81.70 29.18 53.36
C GLU B 1969 -82.32 29.42 54.72
N LYS B 1970 -82.42 30.69 55.10
CA LYS B 1970 -82.95 31.07 56.40
C LYS B 1970 -84.40 31.50 56.25
N PRO B 1971 -85.37 30.71 56.73
CA PRO B 1971 -86.78 31.05 56.50
C PRO B 1971 -87.32 32.14 57.43
N GLU B 1972 -86.47 32.76 58.25
CA GLU B 1972 -86.96 33.80 59.15
C GLU B 1972 -87.29 35.07 58.37
N LYS B 1973 -86.44 35.45 57.42
CA LYS B 1973 -86.69 36.60 56.56
C LYS B 1973 -87.33 36.22 55.23
N ASN B 1974 -87.94 35.03 55.16
CA ASN B 1974 -88.65 34.56 53.97
C ASN B 1974 -87.72 34.50 52.76
N LEU B 1975 -86.55 33.89 52.96
CA LEU B 1975 -85.55 33.71 51.89
C LEU B 1975 -85.40 32.20 51.66
N LEU B 1976 -86.25 31.65 50.79
CA LEU B 1976 -86.25 30.23 50.44
C LEU B 1976 -85.75 30.06 49.02
N ILE B 1977 -84.73 29.21 48.85
CA ILE B 1977 -84.06 29.07 47.56
C ILE B 1977 -84.94 28.33 46.57
N PHE B 1978 -85.33 27.10 46.92
CA PHE B 1978 -85.94 26.16 45.97
C PHE B 1978 -87.39 26.50 45.63
N GLU B 1979 -88.17 26.94 46.62
CA GLU B 1979 -89.63 26.83 46.55
C GLU B 1979 -90.20 27.44 45.27
N ASN B 1980 -89.87 28.70 44.94
CA ASN B 1980 -90.29 29.27 43.67
C ASN B 1980 -89.19 29.21 42.62
N LEU B 1981 -88.05 28.64 42.96
CA LEU B 1981 -87.06 28.32 41.95
C LEU B 1981 -87.56 27.18 41.08
N ILE B 1982 -88.49 26.38 41.61
CA ILE B 1982 -89.15 25.32 40.86
C ILE B 1982 -90.55 25.80 40.50
N ASP B 1983 -91.22 25.07 39.60
CA ASP B 1983 -92.56 25.48 39.16
C ASP B 1983 -93.58 25.38 40.30
N LEU B 1984 -93.75 24.20 40.87
CA LEU B 1984 -94.68 23.89 41.96
C LEU B 1984 -96.14 23.89 41.54
N LYS B 1985 -96.45 24.09 40.26
CA LYS B 1985 -97.85 24.14 39.87
C LYS B 1985 -98.18 23.17 38.75
N ARG B 1986 -97.24 22.96 37.82
CA ARG B 1986 -97.50 22.06 36.70
C ARG B 1986 -97.59 20.63 37.20
N ARG B 1987 -98.66 19.93 36.84
CA ARG B 1987 -98.82 18.52 37.17
C ARG B 1987 -98.10 17.68 36.14
N TYR B 1988 -97.07 16.96 36.57
CA TYR B 1988 -96.30 16.13 35.67
C TYR B 1988 -97.10 14.89 35.28
N ASN B 1989 -97.19 14.65 33.96
CA ASN B 1989 -98.02 13.56 33.45
C ASN B 1989 -97.58 12.21 34.00
N PHE B 1990 -96.28 11.91 33.86
CA PHE B 1990 -95.68 10.65 34.33
C PHE B 1990 -96.38 9.47 33.68
N PRO B 1991 -96.14 9.21 32.40
CA PRO B 1991 -96.73 8.05 31.74
C PRO B 1991 -96.37 6.78 32.48
N VAL B 1992 -97.04 5.68 32.12
CA VAL B 1992 -96.86 4.50 32.94
C VAL B 1992 -95.50 3.89 32.58
N GLU B 1993 -95.41 3.21 31.44
CA GLU B 1993 -94.12 2.73 30.94
C GLU B 1993 -94.13 2.49 29.44
N VAL B 1994 -95.22 2.86 28.76
CA VAL B 1994 -95.61 2.28 27.47
C VAL B 1994 -94.52 2.36 26.40
N ARG B 2000 -89.07 1.73 27.14
CA ARG B 2000 -88.41 2.20 28.35
C ARG B 2000 -88.18 1.06 29.34
N LYS B 2001 -88.01 -0.16 28.81
CA LYS B 2001 -87.68 -1.32 29.62
C LYS B 2001 -86.17 -1.48 29.84
N LYS B 2002 -85.37 -0.91 28.94
CA LYS B 2002 -83.92 -1.05 29.01
C LYS B 2002 -83.36 -0.39 30.28
N LYS B 2003 -83.84 0.80 30.62
CA LYS B 2003 -83.31 1.48 31.81
C LYS B 2003 -83.79 0.81 33.09
N TYR B 2004 -84.99 0.21 33.07
CA TYR B 2004 -85.48 -0.56 34.21
C TYR B 2004 -84.60 -1.79 34.46
N ILE B 2005 -84.28 -2.54 33.40
CA ILE B 2005 -83.49 -3.74 33.61
C ILE B 2005 -82.02 -3.39 33.90
N GLU B 2006 -81.54 -2.23 33.41
CA GLU B 2006 -80.20 -1.78 33.80
C GLU B 2006 -80.15 -1.35 35.26
N ILE B 2007 -81.19 -0.68 35.72
CA ILE B 2007 -81.50 -0.48 37.14
C ILE B 2007 -81.33 -1.76 37.93
N ARG B 2008 -81.94 -2.85 37.45
CA ARG B 2008 -81.87 -4.11 38.19
C ARG B 2008 -80.45 -4.70 38.18
N LYS B 2009 -79.75 -4.56 37.05
CA LYS B 2009 -78.36 -5.01 36.97
C LYS B 2009 -77.48 -4.28 37.99
N GLU B 2010 -77.62 -2.95 38.07
CA GLU B 2010 -76.84 -2.19 39.05
C GLU B 2010 -77.24 -2.54 40.48
N ALA B 2011 -78.53 -2.83 40.70
CA ALA B 2011 -79.00 -3.21 42.02
C ALA B 2011 -78.34 -4.50 42.49
N ARG B 2012 -78.20 -5.48 41.60
CA ARG B 2012 -77.55 -6.72 41.99
C ARG B 2012 -76.02 -6.65 41.84
N GLU B 2013 -75.47 -5.56 41.30
CA GLU B 2013 -74.03 -5.31 41.36
C GLU B 2013 -73.63 -4.40 42.52
N ALA B 2014 -74.58 -3.90 43.30
CA ALA B 2014 -74.23 -3.15 44.52
C ALA B 2014 -74.92 -3.73 45.76
N SER B 2034 -58.94 12.90 -3.67
CA SER B 2034 -57.65 13.36 -4.16
C SER B 2034 -57.37 12.81 -5.58
N THR B 2035 -57.13 13.73 -6.52
CA THR B 2035 -56.75 13.46 -7.90
C THR B 2035 -57.91 12.88 -8.70
N LEU B 2036 -59.01 12.59 -8.03
CA LEU B 2036 -60.31 12.40 -8.65
C LEU B 2036 -61.31 13.45 -8.20
N SER B 2037 -61.31 13.76 -6.90
CA SER B 2037 -62.05 14.90 -6.41
C SER B 2037 -61.66 16.17 -7.14
N GLU B 2038 -60.42 16.28 -7.61
CA GLU B 2038 -60.02 17.50 -8.31
C GLU B 2038 -60.66 17.59 -9.69
N GLU B 2039 -60.67 16.50 -10.46
CA GLU B 2039 -61.36 16.56 -11.74
C GLU B 2039 -62.87 16.60 -11.58
N MET B 2040 -63.39 16.22 -10.41
CA MET B 2040 -64.81 16.42 -10.14
C MET B 2040 -65.10 17.87 -9.80
N SER B 2041 -64.17 18.53 -9.09
CA SER B 2041 -64.32 19.94 -8.81
C SER B 2041 -64.02 20.80 -10.02
N GLN B 2042 -63.31 20.25 -11.02
CA GLN B 2042 -63.27 20.88 -12.33
C GLN B 2042 -64.67 21.06 -12.89
N PHE B 2043 -65.52 20.04 -12.71
CA PHE B 2043 -66.88 20.12 -13.21
C PHE B 2043 -67.70 21.09 -12.39
N ASP B 2044 -67.71 20.92 -11.07
CA ASP B 2044 -68.46 21.85 -10.23
C ASP B 2044 -67.92 23.28 -10.31
N PHE B 2045 -66.68 23.46 -10.74
CA PHE B 2045 -66.13 24.79 -10.96
C PHE B 2045 -66.68 25.38 -12.24
N SER B 2046 -66.56 24.64 -13.35
CA SER B 2046 -67.02 25.15 -14.63
C SER B 2046 -68.53 25.34 -14.69
N THR B 2047 -69.29 24.71 -13.80
CA THR B 2047 -70.74 24.85 -13.83
C THR B 2047 -71.31 25.51 -12.57
N GLY B 2048 -71.09 24.91 -11.40
CA GLY B 2048 -71.72 25.35 -10.19
C GLY B 2048 -71.84 24.25 -9.15
N GLU B 2082 -75.92 10.61 28.06
CA GLU B 2082 -76.91 11.68 28.12
C GLU B 2082 -78.28 11.14 28.54
N LEU B 2083 -78.86 11.76 29.56
CA LEU B 2083 -80.16 11.34 30.07
C LEU B 2083 -81.25 11.61 29.06
N GLU B 2084 -82.20 10.67 28.95
CA GLU B 2084 -83.40 10.90 28.16
C GLU B 2084 -84.23 11.97 28.85
N MET B 2085 -84.27 13.17 28.28
CA MET B 2085 -85.12 14.22 28.83
C MET B 2085 -86.56 13.79 28.63
N ASP B 2086 -87.20 13.32 29.71
CA ASP B 2086 -88.55 12.76 29.61
C ASP B 2086 -89.58 13.86 29.88
N GLU B 2087 -89.67 14.31 31.12
CA GLU B 2087 -90.30 15.59 31.44
C GLU B 2087 -89.58 16.34 32.56
N LEU B 2088 -88.88 15.64 33.44
CA LEU B 2088 -88.20 16.25 34.58
C LEU B 2088 -86.77 16.62 34.28
N ASN B 2089 -86.10 15.88 33.40
CA ASN B 2089 -84.70 16.17 33.12
C ASN B 2089 -84.54 17.54 32.47
N ARG B 2090 -85.45 17.90 31.55
CA ARG B 2090 -85.39 19.22 30.93
C ARG B 2090 -86.14 20.20 31.82
N HIS B 2091 -85.46 20.60 32.91
CA HIS B 2091 -85.93 21.69 33.76
C HIS B 2091 -84.84 22.74 33.94
N GLU B 2092 -83.99 22.91 32.92
CA GLU B 2092 -83.06 24.03 32.77
C GLU B 2092 -82.21 24.30 34.00
N CYS B 2093 -82.21 23.38 34.96
CA CYS B 2093 -81.29 23.44 36.09
C CYS B 2093 -80.67 22.09 36.45
N MET B 2094 -81.30 20.98 36.07
CA MET B 2094 -80.80 19.66 36.44
C MET B 2094 -79.36 19.47 35.99
N ALA B 2095 -78.99 20.05 34.84
CA ALA B 2095 -77.62 19.83 34.34
C ALA B 2095 -76.59 20.46 35.26
N PRO B 2096 -76.58 21.78 35.50
CA PRO B 2096 -75.58 22.31 36.43
C PRO B 2096 -75.73 21.79 37.86
N LEU B 2097 -76.93 21.39 38.27
CA LEU B 2097 -77.07 20.83 39.61
C LEU B 2097 -76.32 19.50 39.73
N THR B 2098 -76.57 18.56 38.81
CA THR B 2098 -75.80 17.32 38.80
C THR B 2098 -74.32 17.59 38.61
N ALA B 2099 -73.97 18.64 37.86
CA ALA B 2099 -72.57 19.01 37.72
C ALA B 2099 -71.95 19.31 39.08
N LEU B 2100 -72.58 20.19 39.85
CA LEU B 2100 -72.07 20.52 41.18
C LEU B 2100 -72.06 19.31 42.09
N VAL B 2101 -73.05 18.43 41.97
CA VAL B 2101 -73.09 17.26 42.84
C VAL B 2101 -71.87 16.38 42.58
N LYS B 2102 -71.67 16.00 41.31
CA LYS B 2102 -70.55 15.13 40.99
C LYS B 2102 -69.23 15.85 41.20
N HIS B 2103 -69.20 17.18 41.08
CA HIS B 2103 -67.95 17.90 41.30
C HIS B 2103 -67.57 17.92 42.78
N MET B 2104 -68.54 18.20 43.66
CA MET B 2104 -68.26 18.19 45.08
C MET B 2104 -67.94 16.77 45.55
N HIS B 2105 -68.47 15.76 44.86
CA HIS B 2105 -68.04 14.40 45.13
C HIS B 2105 -66.58 14.18 44.70
N ARG B 2106 -66.27 14.46 43.43
CA ARG B 2106 -64.96 14.18 42.86
C ARG B 2106 -63.98 15.33 43.05
N SER B 2107 -64.20 16.15 44.09
CA SER B 2107 -63.25 17.17 44.53
C SER B 2107 -62.68 16.89 45.91
N LEU B 2108 -63.45 16.24 46.79
CA LEU B 2108 -62.99 15.89 48.13
C LEU B 2108 -62.90 14.39 48.30
N PRO B 2119 -73.06 8.93 59.62
CA PRO B 2119 -72.04 9.48 60.53
C PRO B 2119 -71.88 10.99 60.40
N ARG B 2120 -72.76 11.78 61.01
CA ARG B 2120 -72.76 13.24 60.87
C ARG B 2120 -72.72 13.63 59.40
N ASP B 2121 -73.83 13.31 58.72
CA ASP B 2121 -73.87 13.03 57.29
C ASP B 2121 -73.04 13.98 56.43
N LEU B 2122 -73.49 15.22 56.28
CA LEU B 2122 -72.71 16.30 55.67
C LEU B 2122 -73.42 17.62 55.92
N PRO B 2123 -73.21 18.25 57.07
CA PRO B 2123 -74.04 19.40 57.45
C PRO B 2123 -74.05 20.49 56.39
N SER B 2124 -75.27 20.97 56.10
CA SER B 2124 -75.55 22.16 55.31
C SER B 2124 -75.29 21.95 53.82
N TRP B 2125 -74.69 20.83 53.42
CA TRP B 2125 -74.64 20.54 52.00
C TRP B 2125 -75.75 19.58 51.60
N MET B 2126 -75.71 18.35 52.11
CA MET B 2126 -76.80 17.42 51.89
C MET B 2126 -77.66 17.22 53.13
N LYS B 2127 -77.23 17.69 54.30
CA LYS B 2127 -78.13 17.69 55.44
C LYS B 2127 -79.35 18.56 55.13
N PHE B 2128 -79.11 19.70 54.47
CA PHE B 2128 -80.21 20.55 54.04
C PHE B 2128 -81.12 19.84 53.05
N LEU B 2129 -80.58 18.97 52.21
CA LEU B 2129 -81.41 18.31 51.22
C LEU B 2129 -82.20 17.17 51.85
N HIS B 2130 -81.58 16.46 52.79
CA HIS B 2130 -82.31 15.49 53.60
C HIS B 2130 -83.47 16.16 54.32
N GLY B 2131 -83.24 17.37 54.84
CA GLY B 2131 -84.30 18.09 55.52
C GLY B 2131 -85.39 18.59 54.59
N LYS B 2132 -85.04 18.94 53.36
CA LYS B 2132 -86.05 19.39 52.40
C LYS B 2132 -86.60 18.26 51.54
N LEU B 2133 -86.20 17.02 51.79
CA LEU B 2133 -86.81 15.86 51.15
C LEU B 2133 -87.67 15.02 52.08
N GLY B 2134 -87.36 15.01 53.39
CA GLY B 2134 -88.14 14.19 54.30
C GLY B 2134 -89.55 14.69 54.57
N ASN B 2135 -89.82 15.98 54.38
CA ASN B 2135 -91.11 16.58 54.74
C ASN B 2135 -92.18 16.31 53.68
N PRO B 2136 -93.38 15.86 54.09
CA PRO B 2136 -94.49 15.76 53.13
C PRO B 2136 -95.19 17.09 52.90
N ILE B 2137 -94.84 18.12 53.68
CA ILE B 2137 -95.45 19.43 53.53
C ILE B 2137 -94.88 20.13 52.30
N VAL B 2138 -93.55 20.21 52.22
CA VAL B 2138 -92.83 20.62 51.01
C VAL B 2138 -93.54 20.04 49.80
N PRO B 2139 -94.17 20.90 48.98
CA PRO B 2139 -95.10 20.43 47.93
C PRO B 2139 -94.57 19.31 47.06
N LEU B 2140 -95.47 18.52 46.47
CA LEU B 2140 -95.09 17.28 45.81
C LEU B 2140 -94.03 17.52 44.73
N ASN B 2141 -94.18 18.60 43.96
CA ASN B 2141 -93.33 18.80 42.78
C ASN B 2141 -91.88 19.10 43.14
N ILE B 2142 -91.64 19.90 44.18
CA ILE B 2142 -90.27 20.17 44.62
C ILE B 2142 -89.65 18.90 45.23
N ARG B 2143 -90.39 18.25 46.13
CA ARG B 2143 -89.93 17.00 46.72
C ARG B 2143 -89.63 15.97 45.64
N LEU B 2144 -90.47 15.91 44.61
CA LEU B 2144 -90.31 14.96 43.50
C LEU B 2144 -89.20 15.38 42.53
N PHE B 2145 -88.90 16.67 42.44
CA PHE B 2145 -87.71 17.11 41.71
C PHE B 2145 -86.45 16.61 42.40
N LEU B 2146 -86.42 16.71 43.73
CA LEU B 2146 -85.29 16.20 44.49
C LEU B 2146 -85.04 14.72 44.23
N ALA B 2147 -86.03 14.01 43.68
CA ALA B 2147 -85.85 12.59 43.39
C ALA B 2147 -84.92 12.38 42.20
N LYS B 2148 -85.32 12.87 41.02
CA LYS B 2148 -84.57 12.56 39.79
C LYS B 2148 -83.20 13.22 39.75
N LEU B 2149 -82.75 13.83 40.86
CA LEU B 2149 -81.37 14.23 41.03
C LEU B 2149 -80.57 13.20 41.82
N VAL B 2150 -81.10 12.77 42.96
CA VAL B 2150 -80.53 11.62 43.66
C VAL B 2150 -80.43 10.43 42.71
N ILE B 2151 -81.43 10.27 41.85
CA ILE B 2151 -81.42 9.20 40.86
C ILE B 2151 -80.19 9.31 39.97
N ASN B 2152 -80.01 10.47 39.32
CA ASN B 2152 -78.93 10.63 38.36
C ASN B 2152 -77.56 10.74 39.03
N THR B 2153 -77.51 10.96 40.34
CA THR B 2153 -76.25 11.02 41.08
C THR B 2153 -76.25 10.06 42.25
N GLU B 2154 -76.76 8.85 42.04
CA GLU B 2154 -76.67 7.81 43.07
C GLU B 2154 -75.24 7.56 43.48
N GLU B 2155 -74.27 7.84 42.60
CA GLU B 2155 -72.86 7.64 42.92
C GLU B 2155 -72.44 8.41 44.15
N VAL B 2156 -73.03 9.58 44.39
CA VAL B 2156 -72.62 10.42 45.51
C VAL B 2156 -73.33 10.07 46.81
N PHE B 2157 -74.47 9.39 46.73
CA PHE B 2157 -75.28 9.07 47.89
C PHE B 2157 -75.20 7.59 48.24
N ARG B 2158 -74.40 6.84 47.49
CA ARG B 2158 -74.11 5.45 47.85
C ARG B 2158 -73.45 5.30 49.21
N PRO B 2159 -72.47 6.11 49.62
CA PRO B 2159 -71.85 5.89 50.93
C PRO B 2159 -72.79 6.15 52.10
N TYR B 2160 -73.61 7.18 52.02
CA TYR B 2160 -74.48 7.56 53.14
C TYR B 2160 -75.87 6.92 53.02
N ALA B 2161 -75.90 5.63 52.73
CA ALA B 2161 -77.18 4.93 52.57
C ALA B 2161 -77.95 4.89 53.88
N LYS B 2162 -77.25 4.81 55.02
CA LYS B 2162 -77.90 4.80 56.32
C LYS B 2162 -78.89 5.95 56.43
N HIS B 2163 -78.50 7.13 55.95
CA HIS B 2163 -79.33 8.32 56.04
C HIS B 2163 -80.25 8.47 54.83
N TRP B 2164 -79.76 8.14 53.64
CA TRP B 2164 -80.56 8.32 52.43
C TRP B 2164 -81.52 7.17 52.20
N LEU B 2165 -82.32 6.84 53.20
CA LEU B 2165 -83.27 5.74 53.10
C LEU B 2165 -84.71 6.21 53.29
N SER B 2166 -85.02 6.83 54.43
CA SER B 2166 -86.42 7.06 54.76
C SER B 2166 -87.10 8.05 53.83
N PRO B 2167 -86.52 9.21 53.47
CA PRO B 2167 -87.27 10.11 52.56
C PRO B 2167 -87.53 9.51 51.20
N LEU B 2168 -86.56 8.75 50.67
CA LEU B 2168 -86.75 8.08 49.39
C LEU B 2168 -87.91 7.09 49.47
N LEU B 2169 -87.90 6.24 50.50
CA LEU B 2169 -88.98 5.28 50.66
C LEU B 2169 -90.33 5.99 50.83
N GLN B 2170 -90.33 7.11 51.55
CA GLN B 2170 -91.58 7.84 51.81
C GLN B 2170 -92.17 8.41 50.53
N LEU B 2171 -91.33 9.09 49.73
CA LEU B 2171 -91.83 9.60 48.46
C LEU B 2171 -92.32 8.46 47.59
N ALA B 2172 -91.58 7.34 47.58
CA ALA B 2172 -91.95 6.21 46.74
C ALA B 2172 -93.33 5.67 47.12
N ALA B 2173 -93.54 5.42 48.41
CA ALA B 2173 -94.75 4.75 48.84
C ALA B 2173 -95.96 5.68 48.86
N SER B 2174 -95.79 6.93 49.29
CA SER B 2174 -96.94 7.83 49.44
C SER B 2174 -97.67 8.03 48.12
N GLU B 2175 -98.92 7.59 48.07
CA GLU B 2175 -99.80 7.86 46.93
C GLU B 2175 -100.69 9.07 47.20
N ASN B 2176 -100.12 10.15 47.73
CA ASN B 2176 -100.86 11.43 47.76
C ASN B 2176 -100.73 12.08 46.39
N ASN B 2177 -101.47 11.53 45.43
CA ASN B 2177 -101.31 11.81 44.00
C ASN B 2177 -99.86 12.03 43.60
N GLY B 2178 -98.92 11.25 44.14
CA GLY B 2178 -97.52 11.38 43.78
C GLY B 2178 -97.40 11.13 42.30
N GLY B 2179 -97.30 12.18 41.49
CA GLY B 2179 -97.38 12.04 40.05
C GLY B 2179 -98.82 12.09 39.62
N GLU B 2180 -99.22 11.10 38.80
CA GLU B 2180 -100.59 10.93 38.34
C GLU B 2180 -100.99 9.47 38.59
N GLY B 2181 -100.80 9.03 39.83
CA GLY B 2181 -100.77 7.60 40.12
C GLY B 2181 -99.42 7.07 39.70
N ILE B 2182 -98.37 7.44 40.45
CA ILE B 2182 -96.97 7.48 40.04
C ILE B 2182 -96.52 6.29 39.18
N HIS B 2183 -95.75 6.60 38.13
CA HIS B 2183 -95.06 5.59 37.36
C HIS B 2183 -93.78 6.20 36.79
N TYR B 2184 -92.82 5.34 36.49
CA TYR B 2184 -91.50 5.63 35.93
C TYR B 2184 -90.60 6.27 36.98
N MET B 2185 -91.23 6.81 38.01
CA MET B 2185 -90.51 7.53 39.04
C MET B 2185 -90.51 6.79 40.35
N VAL B 2186 -91.65 6.25 40.76
CA VAL B 2186 -91.63 5.15 41.72
C VAL B 2186 -90.62 4.10 41.27
N VAL B 2187 -90.55 3.88 39.95
CA VAL B 2187 -89.61 2.93 39.37
C VAL B 2187 -88.18 3.32 39.70
N GLU B 2188 -87.74 4.48 39.20
CA GLU B 2188 -86.36 4.88 39.48
C GLU B 2188 -86.05 4.96 40.98
N ILE B 2189 -87.02 5.38 41.79
CA ILE B 2189 -86.78 5.53 43.23
C ILE B 2189 -86.50 4.17 43.86
N VAL B 2190 -87.43 3.21 43.69
CA VAL B 2190 -87.21 1.90 44.27
C VAL B 2190 -85.97 1.29 43.68
N ALA B 2191 -85.68 1.61 42.41
CA ALA B 2191 -84.47 1.17 41.74
C ALA B 2191 -83.24 1.47 42.56
N THR B 2192 -82.98 2.76 42.80
CA THR B 2192 -81.76 3.11 43.53
C THR B 2192 -81.82 2.64 44.99
N ILE B 2193 -82.99 2.77 45.63
CA ILE B 2193 -83.06 2.47 47.05
C ILE B 2193 -82.81 0.99 47.30
N LEU B 2194 -83.08 0.14 46.31
CA LEU B 2194 -82.68 -1.25 46.46
C LEU B 2194 -81.31 -1.52 45.83
N SER B 2195 -80.82 -0.60 45.00
CA SER B 2195 -79.46 -0.72 44.48
C SER B 2195 -78.45 -0.64 45.61
N TRP B 2196 -78.74 0.11 46.67
CA TRP B 2196 -77.80 0.07 47.80
C TRP B 2196 -78.19 -0.97 48.84
N THR B 2197 -78.68 -2.13 48.40
CA THR B 2197 -78.93 -3.23 49.32
C THR B 2197 -77.71 -3.62 50.15
N GLY B 2198 -76.50 -3.45 49.60
CA GLY B 2198 -75.33 -4.02 50.24
C GLY B 2198 -75.06 -3.52 51.65
N LEU B 2199 -75.40 -2.27 51.92
CA LEU B 2199 -75.26 -1.69 53.25
C LEU B 2199 -76.54 -0.94 53.66
N ALA B 2200 -76.69 -0.78 54.98
CA ALA B 2200 -77.73 0.06 55.59
C ALA B 2200 -79.15 -0.41 55.25
N THR B 2201 -79.50 -1.59 55.79
CA THR B 2201 -80.86 -2.13 55.77
C THR B 2201 -81.44 -2.14 54.35
N PRO B 2202 -81.22 -3.26 53.58
CA PRO B 2202 -81.54 -3.26 52.13
C PRO B 2202 -82.85 -2.61 51.71
N THR B 2203 -83.99 -3.09 52.19
CA THR B 2203 -85.24 -2.37 51.98
C THR B 2203 -85.52 -1.38 53.10
N GLY B 2204 -84.76 -1.46 54.19
CA GLY B 2204 -84.93 -0.60 55.34
C GLY B 2204 -85.69 -1.29 56.45
N VAL B 2205 -84.98 -1.86 57.42
CA VAL B 2205 -85.69 -2.48 58.54
C VAL B 2205 -85.26 -1.98 59.92
N PRO B 2206 -84.97 -0.67 60.14
CA PRO B 2206 -84.64 -0.26 61.51
C PRO B 2206 -85.87 -0.07 62.40
N LYS B 2207 -86.64 0.98 62.10
CA LYS B 2207 -87.86 1.32 62.81
C LYS B 2207 -89.01 1.54 61.85
N ASP B 2208 -88.75 2.33 60.82
CA ASP B 2208 -89.78 2.85 59.93
C ASP B 2208 -89.83 1.93 58.72
N GLU B 2209 -90.79 0.99 58.76
CA GLU B 2209 -90.96 -0.05 57.77
C GLU B 2209 -92.33 -0.06 57.11
N VAL B 2210 -93.36 0.40 57.82
CA VAL B 2210 -94.72 0.42 57.27
C VAL B 2210 -94.77 1.18 55.96
N LEU B 2211 -93.86 2.14 55.76
CA LEU B 2211 -93.75 2.79 54.46
C LEU B 2211 -93.40 1.77 53.39
N ALA B 2212 -92.42 0.89 53.69
CA ALA B 2212 -92.07 -0.17 52.74
C ALA B 2212 -93.26 -1.09 52.50
N ASN B 2213 -94.05 -1.36 53.54
CA ASN B 2213 -95.21 -2.22 53.39
C ASN B 2213 -96.22 -1.62 52.42
N ARG B 2214 -96.55 -0.34 52.59
CA ARG B 2214 -97.47 0.32 51.67
C ARG B 2214 -96.90 0.38 50.26
N LEU B 2215 -95.58 0.53 50.13
CA LEU B 2215 -94.95 0.47 48.81
C LEU B 2215 -95.23 -0.88 48.14
N LEU B 2216 -94.95 -1.96 48.86
CA LEU B 2216 -95.16 -3.29 48.32
C LEU B 2216 -96.61 -3.51 47.94
N ASN B 2217 -97.53 -3.08 48.82
CA ASN B 2217 -98.96 -3.27 48.55
C ASN B 2217 -99.42 -2.48 47.33
N PHE B 2218 -99.00 -1.22 47.22
CA PHE B 2218 -99.38 -0.42 46.05
C PHE B 2218 -98.81 -1.03 44.79
N LEU B 2219 -97.64 -1.67 44.87
CA LEU B 2219 -97.05 -2.30 43.69
C LEU B 2219 -97.82 -3.56 43.31
N MET B 2220 -98.20 -4.37 44.29
CA MET B 2220 -99.01 -5.54 43.96
C MET B 2220 -100.39 -5.14 43.44
N LYS B 2221 -100.92 -3.99 43.87
CA LYS B 2221 -102.23 -3.57 43.35
C LYS B 2221 -102.11 -3.04 41.93
N HIS B 2222 -101.19 -2.12 41.69
CA HIS B 2222 -101.00 -1.53 40.37
C HIS B 2222 -99.83 -2.25 39.69
N VAL B 2223 -100.12 -3.46 39.21
CA VAL B 2223 -99.12 -4.32 38.58
C VAL B 2223 -99.57 -4.88 37.24
N PHE B 2224 -100.87 -4.80 36.91
CA PHE B 2224 -101.43 -5.44 35.71
C PHE B 2224 -100.88 -4.91 34.41
N HIS B 2225 -101.20 -3.65 34.07
CA HIS B 2225 -100.70 -3.00 32.86
C HIS B 2225 -100.78 -3.90 31.63
N PRO B 2226 -101.94 -4.01 30.99
CA PRO B 2226 -102.20 -5.10 30.04
C PRO B 2226 -101.11 -5.35 29.00
N LYS B 2227 -100.12 -4.45 28.87
CA LYS B 2227 -99.02 -4.69 27.95
C LYS B 2227 -98.13 -5.81 28.48
N ARG B 2228 -97.99 -6.88 27.68
CA ARG B 2228 -97.25 -8.05 28.13
C ARG B 2228 -95.76 -7.79 28.36
N ALA B 2229 -95.22 -6.70 27.81
CA ALA B 2229 -93.80 -6.43 27.99
C ALA B 2229 -93.51 -5.89 29.39
N VAL B 2230 -94.35 -4.97 29.86
CA VAL B 2230 -94.11 -4.34 31.15
C VAL B 2230 -94.62 -5.15 32.34
N PHE B 2231 -95.59 -6.03 32.11
CA PHE B 2231 -96.07 -6.90 33.17
C PHE B 2231 -94.92 -7.70 33.77
N ARG B 2232 -94.14 -8.36 32.90
CA ARG B 2232 -92.99 -9.12 33.37
C ARG B 2232 -92.03 -8.24 34.16
N HIS B 2233 -91.90 -6.97 33.78
CA HIS B 2233 -90.97 -6.12 34.49
C HIS B 2233 -91.48 -5.78 35.89
N ASN B 2234 -92.76 -5.38 35.99
CA ASN B 2234 -93.35 -5.19 37.31
C ASN B 2234 -93.13 -6.41 38.19
N LEU B 2235 -93.31 -7.59 37.59
CA LEU B 2235 -93.21 -8.82 38.37
C LEU B 2235 -91.76 -9.07 38.80
N GLU B 2236 -90.79 -8.83 37.91
CA GLU B 2236 -89.40 -8.99 38.30
C GLU B 2236 -89.00 -7.99 39.38
N ILE B 2237 -89.56 -6.77 39.34
CA ILE B 2237 -89.37 -5.82 40.43
C ILE B 2237 -89.80 -6.46 41.74
N ILE B 2238 -91.00 -7.03 41.77
CA ILE B 2238 -91.49 -7.59 43.02
C ILE B 2238 -90.65 -8.81 43.43
N LYS B 2239 -90.20 -9.60 42.45
CA LYS B 2239 -89.38 -10.78 42.73
C LYS B 2239 -88.08 -10.39 43.41
N THR B 2240 -87.41 -9.36 42.90
CA THR B 2240 -86.18 -8.89 43.50
C THR B 2240 -86.43 -8.22 44.85
N LEU B 2241 -87.55 -7.49 44.98
CA LEU B 2241 -87.86 -6.91 46.29
C LEU B 2241 -88.11 -7.98 47.34
N VAL B 2242 -88.72 -9.10 46.95
CA VAL B 2242 -88.91 -10.21 47.89
C VAL B 2242 -87.57 -10.83 48.26
N GLU B 2243 -86.74 -11.14 47.25
CA GLU B 2243 -85.43 -11.71 47.51
C GLU B 2243 -84.53 -10.77 48.30
N CYS B 2244 -84.84 -9.47 48.32
CA CYS B 2244 -84.02 -8.49 49.03
C CYS B 2244 -84.52 -8.22 50.43
N TRP B 2245 -85.83 -8.07 50.62
CA TRP B 2245 -86.32 -7.67 51.92
C TRP B 2245 -86.15 -8.82 52.90
N LYS B 2246 -86.95 -9.87 52.75
CA LYS B 2246 -86.77 -11.16 53.43
C LYS B 2246 -86.38 -11.02 54.89
N ASP B 2247 -86.64 -9.85 55.49
CA ASP B 2247 -86.29 -9.58 56.88
C ASP B 2247 -87.50 -9.26 57.72
N CYS B 2248 -88.32 -8.29 57.30
CA CYS B 2248 -89.63 -8.11 57.91
C CYS B 2248 -90.58 -9.25 57.52
N LEU B 2249 -90.40 -9.78 56.31
CA LEU B 2249 -91.18 -10.86 55.68
C LEU B 2249 -92.57 -10.39 55.27
N SER B 2250 -93.06 -9.29 55.86
CA SER B 2250 -94.08 -8.39 55.30
C SER B 2250 -95.08 -9.03 54.34
N ILE B 2251 -95.53 -10.25 54.62
CA ILE B 2251 -96.34 -11.01 53.66
C ILE B 2251 -97.80 -10.57 53.72
N PRO B 2252 -98.28 -9.83 52.72
CA PRO B 2252 -99.69 -9.42 52.73
C PRO B 2252 -100.57 -10.55 52.24
N TYR B 2253 -101.64 -10.82 52.97
CA TYR B 2253 -102.58 -11.85 52.57
C TYR B 2253 -103.95 -11.23 52.36
N ARG B 2254 -104.84 -12.05 51.80
CA ARG B 2254 -106.21 -11.71 51.42
C ARG B 2254 -106.23 -10.85 50.15
N LEU B 2255 -105.06 -10.31 49.77
CA LEU B 2255 -105.04 -9.54 48.52
C LEU B 2255 -104.61 -10.40 47.34
N ILE B 2256 -103.68 -11.33 47.56
CA ILE B 2256 -103.43 -12.37 46.57
C ILE B 2256 -104.72 -13.15 46.34
N PHE B 2257 -105.39 -13.52 47.45
CA PHE B 2257 -106.71 -14.13 47.37
C PHE B 2257 -107.65 -13.30 46.51
N GLU B 2258 -107.76 -11.99 46.79
CA GLU B 2258 -108.61 -11.14 45.97
C GLU B 2258 -108.19 -11.14 44.50
N LYS B 2259 -106.90 -11.29 44.22
CA LYS B 2259 -106.42 -11.25 42.84
C LYS B 2259 -106.65 -12.56 42.08
N PHE B 2260 -106.75 -13.70 42.76
CA PHE B 2260 -106.98 -14.95 42.03
C PHE B 2260 -108.30 -15.63 42.34
N SER B 2261 -109.19 -15.02 43.13
CA SER B 2261 -110.47 -15.62 43.45
C SER B 2261 -111.58 -15.17 42.51
N GLY B 2262 -111.23 -14.84 41.27
CA GLY B 2262 -112.23 -14.39 40.31
C GLY B 2262 -112.81 -15.56 39.53
N LYS B 2263 -114.11 -15.51 39.34
CA LYS B 2263 -114.85 -16.51 38.59
C LYS B 2263 -114.97 -16.08 37.13
N ASP B 2264 -115.88 -16.69 36.37
CA ASP B 2264 -116.14 -16.33 34.98
C ASP B 2264 -114.92 -16.50 34.08
N PRO B 2265 -114.55 -17.73 33.72
CA PRO B 2265 -113.37 -17.91 32.86
C PRO B 2265 -113.60 -17.37 31.45
N ASN B 2266 -113.75 -16.04 31.35
CA ASN B 2266 -113.81 -15.34 30.08
C ASN B 2266 -112.82 -14.18 30.02
N SER B 2267 -112.08 -13.95 31.11
CA SER B 2267 -111.01 -12.95 31.15
C SER B 2267 -109.91 -13.50 32.05
N LYS B 2268 -108.67 -13.17 31.70
CA LYS B 2268 -107.50 -13.68 32.40
C LYS B 2268 -107.15 -12.78 33.59
N ASP B 2269 -108.15 -12.58 34.43
CA ASP B 2269 -108.05 -11.65 35.55
C ASP B 2269 -107.43 -12.26 36.80
N ASN B 2270 -107.17 -13.56 36.82
CA ASN B 2270 -106.52 -14.22 37.94
C ASN B 2270 -105.02 -14.43 37.76
N SER B 2271 -104.52 -14.26 36.54
CA SER B 2271 -103.09 -14.40 36.26
C SER B 2271 -102.25 -13.58 37.23
N VAL B 2272 -102.71 -12.37 37.55
CA VAL B 2272 -102.01 -11.51 38.48
C VAL B 2272 -101.76 -12.23 39.80
N GLY B 2273 -102.84 -12.69 40.44
CA GLY B 2273 -102.71 -13.35 41.72
C GLY B 2273 -101.87 -14.61 41.67
N ILE B 2274 -102.09 -15.43 40.64
CA ILE B 2274 -101.37 -16.70 40.64
C ILE B 2274 -99.87 -16.47 40.46
N GLN B 2275 -99.49 -15.56 39.55
CA GLN B 2275 -98.05 -15.31 39.39
C GLN B 2275 -97.48 -14.56 40.59
N LEU B 2276 -98.28 -13.75 41.27
CA LEU B 2276 -97.82 -13.13 42.51
C LEU B 2276 -97.46 -14.20 43.54
N LEU B 2277 -98.34 -15.18 43.71
CA LEU B 2277 -98.02 -16.27 44.63
C LEU B 2277 -96.81 -17.03 44.15
N GLY B 2278 -96.67 -17.19 42.84
CA GLY B 2278 -95.46 -17.80 42.30
C GLY B 2278 -94.21 -17.01 42.64
N ILE B 2279 -94.34 -15.69 42.75
CA ILE B 2279 -93.19 -14.87 43.10
C ILE B 2279 -92.82 -15.07 44.57
N VAL B 2280 -93.80 -14.94 45.45
CA VAL B 2280 -93.50 -15.12 46.88
C VAL B 2280 -93.02 -16.55 47.15
N MET B 2281 -93.52 -17.51 46.39
CA MET B 2281 -93.19 -18.92 46.60
C MET B 2281 -91.80 -19.27 46.07
N ALA B 2282 -91.48 -18.80 44.86
CA ALA B 2282 -90.21 -19.18 44.22
C ALA B 2282 -89.00 -18.77 45.04
N ASN B 2283 -89.15 -17.85 45.99
CA ASN B 2283 -87.99 -17.42 46.79
C ASN B 2283 -87.88 -18.24 48.06
N ASP B 2284 -88.85 -18.10 48.96
CA ASP B 2284 -88.81 -18.72 50.28
C ASP B 2284 -90.15 -18.48 50.99
N LEU B 2285 -90.16 -18.65 52.31
CA LEU B 2285 -91.23 -18.10 53.14
C LEU B 2285 -92.59 -18.72 52.84
N PRO B 2286 -92.84 -19.94 53.30
CA PRO B 2286 -94.13 -20.63 53.08
C PRO B 2286 -95.32 -19.70 53.22
N PRO B 2287 -96.33 -19.88 52.36
CA PRO B 2287 -97.50 -18.98 52.29
C PRO B 2287 -98.60 -19.33 53.29
N TYR B 2288 -98.32 -19.14 54.58
CA TYR B 2288 -99.29 -19.55 55.60
C TYR B 2288 -100.49 -18.61 55.58
N ASP B 2289 -101.61 -19.11 55.07
CA ASP B 2289 -102.83 -18.33 54.88
C ASP B 2289 -103.61 -18.12 56.18
N PRO B 2290 -103.95 -19.20 56.97
CA PRO B 2290 -104.82 -19.03 58.14
C PRO B 2290 -104.14 -18.36 59.34
N GLN B 2291 -103.40 -17.29 59.06
CA GLN B 2291 -102.92 -16.38 60.09
C GLN B 2291 -103.14 -14.92 59.76
N CYS B 2292 -103.42 -14.56 58.51
CA CYS B 2292 -103.62 -13.17 58.13
C CYS B 2292 -104.87 -13.00 57.28
N GLY B 2293 -105.25 -14.03 56.52
CA GLY B 2293 -106.36 -13.88 55.60
C GLY B 2293 -107.64 -14.56 56.02
N ILE B 2294 -108.03 -15.59 55.27
CA ILE B 2294 -109.25 -16.37 55.54
C ILE B 2294 -108.84 -17.81 55.80
N GLN B 2295 -109.83 -18.69 56.00
CA GLN B 2295 -109.55 -20.09 56.26
C GLN B 2295 -108.71 -20.69 55.13
N SER B 2296 -107.75 -21.54 55.50
CA SER B 2296 -106.91 -22.17 54.50
C SER B 2296 -107.72 -23.11 53.62
N SER B 2297 -108.70 -23.79 54.20
CA SER B 2297 -109.58 -24.67 53.44
C SER B 2297 -110.43 -23.89 52.44
N GLU B 2298 -110.50 -22.57 52.58
CA GLU B 2298 -111.16 -21.68 51.63
C GLU B 2298 -110.17 -21.17 50.59
N TYR B 2299 -108.98 -20.77 51.04
CA TYR B 2299 -107.95 -20.26 50.15
C TYR B 2299 -107.51 -21.31 49.13
N PHE B 2300 -107.06 -22.47 49.62
CA PHE B 2300 -106.56 -23.51 48.72
C PHE B 2300 -107.65 -24.01 47.79
N GLN B 2301 -108.89 -24.06 48.29
CA GLN B 2301 -110.02 -24.50 47.46
C GLN B 2301 -110.25 -23.52 46.31
N ALA B 2302 -110.23 -22.21 46.61
CA ALA B 2302 -110.31 -21.24 45.54
C ALA B 2302 -109.15 -21.38 44.56
N LEU B 2303 -107.97 -21.71 45.08
CA LEU B 2303 -106.80 -21.88 44.21
C LEU B 2303 -107.01 -23.04 43.24
N VAL B 2304 -107.54 -24.15 43.74
CA VAL B 2304 -107.73 -25.30 42.87
C VAL B 2304 -108.84 -25.02 41.84
N ASN B 2305 -109.87 -24.26 42.24
CA ASN B 2305 -110.88 -23.86 41.26
C ASN B 2305 -110.28 -22.96 40.18
N ASN B 2306 -109.39 -22.05 40.58
CA ASN B 2306 -108.64 -21.25 39.61
C ASN B 2306 -107.90 -22.15 38.63
N MET B 2307 -107.32 -23.24 39.13
CA MET B 2307 -106.71 -24.22 38.23
C MET B 2307 -107.76 -24.80 37.30
N SER B 2308 -108.97 -25.07 37.81
CA SER B 2308 -110.04 -25.63 37.01
C SER B 2308 -110.53 -24.69 35.90
N PHE B 2309 -110.28 -23.39 36.01
CA PHE B 2309 -110.71 -22.47 34.96
C PHE B 2309 -109.84 -22.64 33.71
N VAL B 2310 -110.14 -23.68 32.95
CA VAL B 2310 -109.34 -24.03 31.75
C VAL B 2310 -109.97 -23.28 30.58
N ARG B 2311 -109.58 -22.01 30.43
CA ARG B 2311 -109.98 -21.28 29.23
C ARG B 2311 -108.89 -20.44 28.61
N TYR B 2312 -107.86 -20.04 29.36
CA TYR B 2312 -106.69 -19.35 28.84
C TYR B 2312 -105.45 -20.17 29.15
N LYS B 2313 -104.67 -20.50 28.11
CA LYS B 2313 -103.48 -21.31 28.31
C LYS B 2313 -102.62 -20.75 29.43
N GLU B 2314 -102.73 -19.44 29.71
CA GLU B 2314 -101.90 -18.79 30.71
C GLU B 2314 -102.40 -19.01 32.14
N VAL B 2315 -103.68 -19.33 32.34
CA VAL B 2315 -104.23 -19.33 33.70
C VAL B 2315 -104.16 -20.71 34.34
N TYR B 2316 -104.74 -21.72 33.68
CA TYR B 2316 -104.91 -23.01 34.34
C TYR B 2316 -103.59 -23.74 34.49
N ALA B 2317 -102.76 -23.72 33.44
CA ALA B 2317 -101.45 -24.36 33.53
C ALA B 2317 -100.61 -23.71 34.62
N ALA B 2318 -100.62 -22.38 34.70
CA ALA B 2318 -99.86 -21.70 35.74
C ALA B 2318 -100.37 -22.05 37.13
N ALA B 2319 -101.69 -22.07 37.30
CA ALA B 2319 -102.25 -22.46 38.58
C ALA B 2319 -101.81 -23.88 38.96
N ALA B 2320 -101.88 -24.81 38.01
CA ALA B 2320 -101.44 -26.17 38.29
C ALA B 2320 -99.98 -26.22 38.69
N GLU B 2321 -99.13 -25.49 37.97
CA GLU B 2321 -97.71 -25.52 38.26
C GLU B 2321 -97.43 -24.97 39.65
N VAL B 2322 -98.08 -23.86 40.02
CA VAL B 2322 -97.84 -23.29 41.34
C VAL B 2322 -98.41 -24.19 42.42
N LEU B 2323 -99.48 -24.93 42.13
CA LEU B 2323 -99.96 -25.92 43.10
C LEU B 2323 -98.89 -26.99 43.32
N GLY B 2324 -98.29 -27.47 42.23
CA GLY B 2324 -97.17 -28.40 42.37
C GLY B 2324 -96.03 -27.82 43.20
N LEU B 2325 -95.77 -26.53 43.02
CA LEU B 2325 -94.74 -25.86 43.81
C LEU B 2325 -95.08 -25.91 45.30
N ILE B 2326 -96.29 -25.50 45.65
CA ILE B 2326 -96.68 -25.46 47.06
C ILE B 2326 -96.64 -26.87 47.65
N LEU B 2327 -97.00 -27.87 46.86
CA LEU B 2327 -96.91 -29.24 47.33
C LEU B 2327 -95.45 -29.63 47.58
N ARG B 2328 -94.57 -29.31 46.63
CA ARG B 2328 -93.16 -29.67 46.77
C ARG B 2328 -92.53 -29.01 47.99
N TYR B 2329 -93.01 -27.83 48.38
CA TYR B 2329 -92.48 -27.25 49.62
C TYR B 2329 -93.10 -27.91 50.83
N VAL B 2330 -94.43 -27.95 50.92
CA VAL B 2330 -95.11 -28.39 52.13
C VAL B 2330 -94.82 -29.86 52.44
N MET B 2331 -94.38 -30.63 51.44
CA MET B 2331 -93.94 -31.99 51.70
C MET B 2331 -92.71 -32.01 52.61
N GLU B 2332 -91.70 -31.19 52.29
CA GLU B 2332 -90.52 -31.10 53.13
C GLU B 2332 -90.84 -30.44 54.46
N ARG B 2333 -91.56 -29.31 54.41
CA ARG B 2333 -91.98 -28.59 55.62
C ARG B 2333 -92.90 -29.44 56.48
N LYS B 2334 -92.43 -29.86 57.66
CA LYS B 2334 -93.14 -30.81 58.50
C LYS B 2334 -94.31 -30.14 59.25
N ASN B 2335 -95.35 -29.81 58.48
CA ASN B 2335 -96.66 -29.52 59.05
C ASN B 2335 -97.70 -30.38 58.34
N ILE B 2336 -98.62 -30.96 59.10
CA ILE B 2336 -99.55 -31.94 58.53
C ILE B 2336 -100.72 -31.18 57.93
N LEU B 2337 -100.53 -30.66 56.71
CA LEU B 2337 -101.62 -30.03 55.98
C LEU B 2337 -101.55 -30.33 54.48
N GLU B 2338 -100.62 -31.19 54.05
CA GLU B 2338 -100.40 -31.42 52.62
C GLU B 2338 -101.45 -32.35 52.01
N GLU B 2339 -101.99 -33.28 52.80
CA GLU B 2339 -102.94 -34.24 52.27
C GLU B 2339 -104.18 -33.53 51.70
N SER B 2340 -104.65 -32.48 52.39
CA SER B 2340 -105.87 -31.80 51.96
C SER B 2340 -105.72 -31.25 50.54
N LEU B 2341 -104.69 -30.45 50.29
CA LEU B 2341 -104.55 -29.86 48.97
C LEU B 2341 -104.14 -30.91 47.93
N CYS B 2342 -103.32 -31.89 48.33
CA CYS B 2342 -102.94 -32.93 47.38
C CYS B 2342 -104.16 -33.71 46.89
N GLU B 2343 -105.05 -34.09 47.80
CA GLU B 2343 -106.25 -34.82 47.37
C GLU B 2343 -107.23 -33.91 46.66
N LEU B 2344 -107.27 -32.62 47.01
CA LEU B 2344 -108.16 -31.69 46.30
C LEU B 2344 -107.74 -31.53 44.84
N VAL B 2345 -106.44 -31.35 44.59
CA VAL B 2345 -105.98 -31.23 43.22
C VAL B 2345 -106.12 -32.58 42.52
N ALA B 2346 -105.98 -33.69 43.25
CA ALA B 2346 -106.25 -35.00 42.65
C ALA B 2346 -107.72 -35.13 42.26
N LYS B 2347 -108.63 -34.49 43.01
CA LYS B 2347 -110.04 -34.55 42.66
C LYS B 2347 -110.34 -33.71 41.43
N GLN B 2348 -109.70 -32.55 41.30
CA GLN B 2348 -109.81 -31.80 40.04
C GLN B 2348 -109.22 -32.59 38.87
N LEU B 2349 -108.14 -33.35 39.13
CA LEU B 2349 -107.55 -34.18 38.09
C LEU B 2349 -108.52 -35.28 37.64
N LYS B 2350 -109.17 -35.95 38.60
CA LYS B 2350 -110.15 -36.97 38.24
C LYS B 2350 -111.40 -36.36 37.60
N GLN B 2351 -111.68 -35.08 37.87
CA GLN B 2351 -112.76 -34.40 37.17
C GLN B 2351 -112.40 -34.13 35.72
N HIS B 2352 -111.13 -33.80 35.45
CA HIS B 2352 -110.72 -33.51 34.08
C HIS B 2352 -110.34 -34.73 33.25
N GLN B 2353 -109.94 -35.83 33.87
CA GLN B 2353 -109.43 -36.97 33.10
C GLN B 2353 -110.49 -37.65 32.24
N ASN B 2354 -111.74 -37.24 32.34
CA ASN B 2354 -112.81 -37.73 31.47
C ASN B 2354 -113.36 -36.63 30.56
N THR B 2355 -113.64 -35.45 31.10
CA THR B 2355 -114.30 -34.41 30.32
C THR B 2355 -113.34 -33.63 29.43
N MET B 2356 -112.08 -33.46 29.86
CA MET B 2356 -111.09 -32.71 29.07
C MET B 2356 -109.74 -33.42 29.20
N GLU B 2357 -109.45 -34.33 28.27
CA GLU B 2357 -108.18 -35.04 28.31
C GLU B 2357 -107.00 -34.11 28.05
N ASP B 2358 -107.16 -33.18 27.11
CA ASP B 2358 -106.10 -32.22 26.80
C ASP B 2358 -105.66 -31.49 28.07
N LYS B 2359 -106.59 -30.74 28.65
CA LYS B 2359 -106.38 -29.96 29.85
C LYS B 2359 -106.23 -30.84 31.09
N PHE B 2360 -106.38 -32.16 30.93
CA PHE B 2360 -106.03 -33.09 32.00
C PHE B 2360 -104.54 -33.36 32.02
N ILE B 2361 -104.01 -33.84 30.89
CA ILE B 2361 -102.59 -34.18 30.88
C ILE B 2361 -101.74 -32.93 31.00
N VAL B 2362 -102.22 -31.78 30.51
CA VAL B 2362 -101.49 -30.53 30.68
C VAL B 2362 -101.19 -30.30 32.16
N CYS B 2363 -102.25 -30.20 32.97
CA CYS B 2363 -102.07 -29.89 34.38
C CYS B 2363 -101.38 -31.02 35.13
N LEU B 2364 -101.63 -32.27 34.75
CA LEU B 2364 -100.93 -33.38 35.41
C LEU B 2364 -99.42 -33.25 35.24
N ASN B 2365 -98.97 -32.98 34.01
CA ASN B 2365 -97.54 -32.82 33.79
C ASN B 2365 -97.01 -31.58 34.50
N LYS B 2366 -97.77 -30.48 34.48
CA LYS B 2366 -97.25 -29.26 35.09
C LYS B 2366 -97.12 -29.39 36.60
N VAL B 2367 -98.01 -30.15 37.25
CA VAL B 2367 -97.85 -30.38 38.68
C VAL B 2367 -96.74 -31.39 38.94
N THR B 2368 -96.74 -32.49 38.21
CA THR B 2368 -95.84 -33.61 38.50
C THR B 2368 -94.38 -33.32 38.12
N LYS B 2369 -94.12 -32.35 37.25
CA LYS B 2369 -92.73 -32.00 36.99
C LYS B 2369 -92.07 -31.39 38.22
N SER B 2370 -92.84 -31.06 39.25
CA SER B 2370 -92.32 -30.67 40.55
C SER B 2370 -92.82 -31.55 41.69
N PHE B 2371 -93.60 -32.61 41.40
CA PHE B 2371 -94.16 -33.47 42.44
C PHE B 2371 -94.41 -34.86 41.88
N PRO B 2372 -93.52 -35.82 42.17
CA PRO B 2372 -93.69 -37.19 41.64
C PRO B 2372 -94.90 -37.92 42.20
N PRO B 2373 -95.15 -37.92 43.54
CA PRO B 2373 -96.06 -38.94 44.10
C PRO B 2373 -97.54 -38.67 43.90
N LEU B 2374 -97.89 -37.91 42.86
CA LEU B 2374 -99.30 -37.73 42.50
C LEU B 2374 -99.55 -38.32 41.13
N ALA B 2375 -98.77 -39.33 40.77
CA ALA B 2375 -99.01 -40.16 39.61
C ALA B 2375 -99.28 -41.60 40.02
N ASP B 2376 -98.99 -41.94 41.29
CA ASP B 2376 -99.41 -43.19 41.87
C ASP B 2376 -100.93 -43.34 41.85
N ARG B 2377 -101.65 -42.22 41.75
CA ARG B 2377 -103.09 -42.22 41.62
C ARG B 2377 -103.54 -42.06 40.18
N PHE B 2378 -102.60 -41.87 39.25
CA PHE B 2378 -102.96 -41.65 37.85
C PHE B 2378 -102.02 -42.35 36.87
N MET B 2379 -101.18 -43.27 37.34
CA MET B 2379 -100.30 -43.99 36.43
C MET B 2379 -101.12 -44.73 35.37
N ASN B 2380 -102.11 -45.51 35.80
CA ASN B 2380 -102.99 -46.17 34.84
C ASN B 2380 -103.85 -45.15 34.10
N ALA B 2381 -104.17 -44.02 34.73
CA ALA B 2381 -105.02 -43.02 34.09
C ALA B 2381 -104.38 -42.50 32.81
N VAL B 2382 -103.06 -42.30 32.83
CA VAL B 2382 -102.38 -41.87 31.62
C VAL B 2382 -101.98 -43.07 30.74
N PHE B 2383 -101.64 -44.21 31.35
CA PHE B 2383 -101.30 -45.39 30.58
C PHE B 2383 -102.43 -45.82 29.66
N PHE B 2384 -103.68 -45.69 30.11
CA PHE B 2384 -104.83 -46.16 29.34
C PHE B 2384 -104.94 -45.44 28.00
N LEU B 2385 -105.20 -44.13 28.03
CA LEU B 2385 -105.19 -43.32 26.81
C LEU B 2385 -103.84 -42.65 26.64
N LEU B 2386 -102.78 -43.46 26.73
CA LEU B 2386 -101.45 -42.99 26.39
C LEU B 2386 -101.28 -42.82 24.87
N PRO B 2387 -101.64 -43.80 24.02
CA PRO B 2387 -101.56 -43.54 22.58
C PRO B 2387 -102.70 -42.66 22.10
N LYS B 2388 -102.78 -42.46 20.78
CA LYS B 2388 -103.79 -41.58 20.19
C LYS B 2388 -103.70 -40.17 20.78
N PHE B 2389 -102.48 -39.74 21.06
CA PHE B 2389 -102.19 -38.40 21.55
C PHE B 2389 -101.07 -37.79 20.75
N HIS B 2390 -101.16 -37.93 19.44
CA HIS B 2390 -100.12 -37.45 18.53
C HIS B 2390 -99.96 -35.95 18.68
N GLY B 2391 -98.73 -35.52 18.99
CA GLY B 2391 -98.46 -34.14 19.28
C GLY B 2391 -97.66 -33.94 20.54
N VAL B 2392 -97.88 -32.82 21.23
CA VAL B 2392 -97.14 -32.55 22.45
C VAL B 2392 -97.64 -33.39 23.62
N LEU B 2393 -98.89 -33.84 23.56
CA LEU B 2393 -99.48 -34.49 24.73
C LEU B 2393 -98.83 -35.84 24.99
N LYS B 2394 -98.38 -36.51 23.93
CA LYS B 2394 -97.57 -37.72 24.10
C LYS B 2394 -96.34 -37.42 24.94
N THR B 2395 -95.64 -36.32 24.63
CA THR B 2395 -94.44 -35.95 25.38
C THR B 2395 -94.77 -35.61 26.83
N LEU B 2396 -95.91 -34.96 27.06
CA LEU B 2396 -96.33 -34.67 28.43
C LEU B 2396 -96.55 -35.96 29.22
N CYS B 2397 -97.23 -36.93 28.59
CA CYS B 2397 -97.41 -38.23 29.21
C CYS B 2397 -96.07 -38.88 29.54
N LEU B 2398 -95.10 -38.75 28.63
CA LEU B 2398 -93.78 -39.31 28.88
C LEU B 2398 -93.11 -38.66 30.09
N GLU B 2399 -93.21 -37.33 30.21
CA GLU B 2399 -92.72 -36.69 31.43
C GLU B 2399 -93.40 -37.29 32.67
N VAL B 2400 -94.72 -37.38 32.64
CA VAL B 2400 -95.48 -37.91 33.77
C VAL B 2400 -94.92 -39.28 34.17
N VAL B 2401 -94.71 -40.15 33.19
CA VAL B 2401 -94.20 -41.47 33.53
C VAL B 2401 -92.76 -41.40 34.02
N LEU B 2402 -91.99 -40.43 33.52
CA LEU B 2402 -90.61 -40.26 33.98
C LEU B 2402 -90.56 -39.92 35.46
N CYS B 2403 -91.61 -39.25 35.97
CA CYS B 2403 -91.61 -38.82 37.36
C CYS B 2403 -91.25 -39.96 38.33
N ARG B 2404 -92.05 -41.01 38.34
CA ARG B 2404 -92.02 -41.98 39.43
C ARG B 2404 -91.28 -43.28 39.10
N VAL B 2405 -90.32 -43.25 38.15
CA VAL B 2405 -89.72 -44.46 37.57
C VAL B 2405 -89.19 -45.42 38.63
N GLU B 2406 -89.08 -44.95 39.88
CA GLU B 2406 -88.53 -45.73 40.98
C GLU B 2406 -89.44 -46.89 41.36
N GLY B 2407 -89.31 -47.38 42.59
CA GLY B 2407 -89.65 -48.74 42.99
C GLY B 2407 -90.74 -49.54 42.29
N MET B 2408 -91.89 -48.97 41.92
CA MET B 2408 -92.86 -49.79 41.19
C MET B 2408 -92.20 -50.29 39.90
N THR B 2409 -91.94 -51.60 39.79
CA THR B 2409 -91.17 -51.97 38.61
C THR B 2409 -92.03 -52.18 37.37
N GLU B 2410 -92.56 -53.39 37.17
CA GLU B 2410 -93.67 -53.74 36.28
C GLU B 2410 -93.93 -52.72 35.16
N LEU B 2411 -92.87 -52.24 34.52
CA LEU B 2411 -93.01 -51.14 33.57
C LEU B 2411 -92.82 -51.57 32.13
N TYR B 2412 -91.96 -52.56 31.90
CA TYR B 2412 -91.71 -53.05 30.55
C TYR B 2412 -92.99 -53.50 29.87
N PHE B 2413 -94.00 -53.93 30.64
CA PHE B 2413 -95.23 -54.43 30.05
C PHE B 2413 -96.11 -53.29 29.52
N GLN B 2414 -96.44 -52.31 30.37
CA GLN B 2414 -97.22 -51.19 29.86
C GLN B 2414 -96.44 -50.43 28.80
N LEU B 2415 -95.10 -50.46 28.85
CA LEU B 2415 -94.29 -49.83 27.81
C LEU B 2415 -94.47 -50.53 26.47
N LYS B 2416 -94.29 -51.86 26.44
CA LYS B 2416 -94.40 -52.58 25.18
C LYS B 2416 -95.81 -52.48 24.60
N SER B 2417 -96.81 -52.28 25.46
CA SER B 2417 -98.21 -52.27 25.01
C SER B 2417 -98.47 -51.15 24.00
N LYS B 2418 -98.06 -49.94 24.33
CA LYS B 2418 -98.37 -48.77 23.50
C LYS B 2418 -97.25 -48.44 22.51
N ASP B 2419 -96.84 -49.45 21.72
CA ASP B 2419 -95.85 -49.34 20.63
C ASP B 2419 -94.73 -48.35 20.96
N PHE B 2420 -94.06 -48.64 22.08
CA PHE B 2420 -92.95 -47.81 22.54
C PHE B 2420 -91.79 -47.81 21.55
N VAL B 2421 -91.45 -48.97 20.99
CA VAL B 2421 -90.37 -49.03 20.02
C VAL B 2421 -90.75 -48.45 18.66
N GLN B 2422 -92.03 -48.13 18.45
CA GLN B 2422 -92.47 -47.45 17.24
C GLN B 2422 -92.56 -45.94 17.41
N VAL B 2423 -92.86 -45.46 18.62
CA VAL B 2423 -92.78 -44.03 18.86
C VAL B 2423 -91.37 -43.57 19.22
N MET B 2424 -90.51 -44.48 19.69
CA MET B 2424 -89.11 -44.11 19.97
C MET B 2424 -88.38 -43.69 18.70
N ARG B 2425 -88.75 -44.24 17.56
CA ARG B 2425 -88.22 -43.75 16.29
C ARG B 2425 -89.15 -42.65 15.79
N HIS B 2426 -88.78 -41.42 16.13
CA HIS B 2426 -89.45 -40.22 15.66
C HIS B 2426 -88.44 -39.09 15.72
N ARG B 2427 -88.68 -38.06 14.92
CA ARG B 2427 -87.74 -36.95 14.81
C ARG B 2427 -87.87 -35.92 15.91
N ASP B 2428 -88.75 -36.13 16.90
CA ASP B 2428 -88.91 -35.16 17.99
C ASP B 2428 -87.77 -35.38 18.97
N ASP B 2429 -86.90 -34.37 19.11
CA ASP B 2429 -85.68 -34.52 19.89
C ASP B 2429 -85.97 -34.70 21.37
N GLU B 2430 -86.99 -34.03 21.88
CA GLU B 2430 -87.29 -34.10 23.31
C GLU B 2430 -87.82 -35.47 23.71
N ARG B 2431 -88.73 -36.04 22.91
CA ARG B 2431 -89.31 -37.34 23.21
C ARG B 2431 -88.23 -38.41 23.35
N GLN B 2432 -87.21 -38.37 22.48
CA GLN B 2432 -86.15 -39.37 22.55
C GLN B 2432 -85.32 -39.20 23.83
N LYS B 2433 -85.03 -37.96 24.22
CA LYS B 2433 -84.26 -37.74 25.45
C LYS B 2433 -85.03 -38.23 26.66
N VAL B 2434 -86.34 -37.99 26.72
CA VAL B 2434 -87.08 -38.42 27.90
C VAL B 2434 -87.26 -39.94 27.89
N CYS B 2435 -87.48 -40.53 26.72
CA CYS B 2435 -87.61 -41.98 26.65
C CYS B 2435 -86.29 -42.70 26.88
N LEU B 2436 -85.17 -42.00 26.74
CA LEU B 2436 -83.89 -42.58 27.14
C LEU B 2436 -83.60 -42.35 28.61
N ASP B 2437 -84.05 -41.22 29.17
CA ASP B 2437 -83.86 -40.99 30.60
C ASP B 2437 -84.68 -41.97 31.43
N ILE B 2438 -85.90 -42.31 30.96
CA ILE B 2438 -86.70 -43.29 31.68
C ILE B 2438 -86.04 -44.66 31.60
N ILE B 2439 -85.42 -44.99 30.46
CA ILE B 2439 -84.78 -46.29 30.32
C ILE B 2439 -83.50 -46.34 31.14
N TYR B 2440 -82.88 -45.18 31.39
CA TYR B 2440 -81.72 -45.14 32.27
C TYR B 2440 -82.14 -45.31 33.73
N LYS B 2441 -83.24 -44.66 34.13
CA LYS B 2441 -83.68 -44.76 35.53
C LYS B 2441 -84.28 -46.13 35.84
N MET B 2442 -84.94 -46.76 34.89
CA MET B 2442 -85.54 -48.08 35.09
C MET B 2442 -84.62 -49.23 34.71
N MET B 2443 -83.33 -48.96 34.49
CA MET B 2443 -82.42 -50.03 34.06
C MET B 2443 -82.26 -51.14 35.09
N PRO B 2444 -81.93 -50.88 36.37
CA PRO B 2444 -81.57 -52.00 37.25
C PRO B 2444 -82.75 -52.74 37.86
N LYS B 2445 -83.80 -53.02 37.07
CA LYS B 2445 -84.86 -53.91 37.53
C LYS B 2445 -85.43 -54.80 36.41
N LEU B 2446 -84.66 -55.04 35.35
CA LEU B 2446 -85.15 -55.74 34.15
C LEU B 2446 -84.15 -56.83 33.75
N LYS B 2447 -84.35 -58.03 34.29
CA LYS B 2447 -83.52 -59.21 34.12
C LYS B 2447 -83.11 -59.42 32.66
N PRO B 2448 -81.96 -60.06 32.40
CA PRO B 2448 -81.31 -59.93 31.08
C PRO B 2448 -81.99 -60.70 29.97
N VAL B 2449 -83.28 -60.99 30.12
CA VAL B 2449 -84.10 -61.56 29.05
C VAL B 2449 -84.85 -60.49 28.28
N GLU B 2450 -85.40 -59.50 28.99
CA GLU B 2450 -86.00 -58.35 28.33
C GLU B 2450 -84.99 -57.26 27.99
N LEU B 2451 -83.77 -57.33 28.54
CA LEU B 2451 -82.77 -56.34 28.17
C LEU B 2451 -82.27 -56.55 26.75
N ARG B 2452 -82.21 -57.79 26.26
CA ARG B 2452 -81.87 -58.00 24.86
C ARG B 2452 -82.92 -57.41 23.94
N GLU B 2453 -84.17 -57.34 24.40
CA GLU B 2453 -85.22 -56.69 23.62
C GLU B 2453 -85.13 -55.17 23.69
N LEU B 2454 -84.82 -54.63 24.87
CA LEU B 2454 -84.78 -53.18 25.03
C LEU B 2454 -83.50 -52.53 24.50
N LEU B 2455 -82.40 -53.28 24.43
CA LEU B 2455 -81.13 -52.73 23.98
C LEU B 2455 -81.01 -52.65 22.48
N ASN B 2456 -81.95 -53.22 21.72
CA ASN B 2456 -81.86 -53.30 20.27
C ASN B 2456 -82.12 -51.96 19.60
N PRO B 2457 -83.15 -51.19 19.96
CA PRO B 2457 -83.34 -49.88 19.34
C PRO B 2457 -82.53 -48.76 19.99
N VAL B 2458 -81.87 -49.04 21.12
CA VAL B 2458 -81.03 -48.04 21.78
C VAL B 2458 -79.73 -47.82 21.01
N VAL B 2459 -79.06 -48.90 20.62
CA VAL B 2459 -77.77 -48.81 19.95
C VAL B 2459 -77.90 -48.26 18.53
N GLU B 2460 -79.14 -48.00 18.11
CA GLU B 2460 -79.43 -47.32 16.85
C GLU B 2460 -79.13 -45.83 16.91
N PHE B 2461 -78.52 -45.30 17.96
CA PHE B 2461 -78.40 -43.86 18.15
C PHE B 2461 -76.94 -43.40 18.09
N VAL B 2462 -76.18 -43.94 17.15
CA VAL B 2462 -74.84 -43.41 16.87
C VAL B 2462 -74.81 -42.53 15.64
N SER B 2463 -75.90 -42.46 14.88
CA SER B 2463 -76.00 -41.63 13.68
C SER B 2463 -77.20 -40.71 13.77
N HIS B 2464 -77.34 -40.02 14.91
CA HIS B 2464 -78.50 -39.20 15.17
C HIS B 2464 -78.06 -37.83 15.65
N PRO B 2465 -78.68 -36.75 15.16
CA PRO B 2465 -78.38 -35.41 15.70
C PRO B 2465 -78.97 -35.20 17.09
N SER B 2466 -78.93 -33.96 17.59
CA SER B 2466 -79.39 -33.62 18.93
C SER B 2466 -78.59 -34.41 19.98
N THR B 2467 -77.32 -34.03 20.06
CA THR B 2467 -76.28 -34.78 20.77
C THR B 2467 -76.65 -35.20 22.19
N THR B 2468 -77.59 -34.51 22.85
CA THR B 2468 -77.96 -34.90 24.21
C THR B 2468 -78.55 -36.31 24.25
N CYS B 2469 -79.35 -36.66 23.25
CA CYS B 2469 -79.85 -38.02 23.16
C CYS B 2469 -78.69 -39.02 23.03
N ARG B 2470 -77.70 -38.69 22.21
CA ARG B 2470 -76.53 -39.55 22.08
C ARG B 2470 -75.79 -39.67 23.41
N GLU B 2471 -75.76 -38.59 24.19
CA GLU B 2471 -75.12 -38.65 25.50
C GLU B 2471 -75.85 -39.65 26.39
N GLN B 2472 -77.18 -39.58 26.41
CA GLN B 2472 -77.92 -40.53 27.25
C GLN B 2472 -77.72 -41.96 26.77
N MET B 2473 -77.65 -42.16 25.46
CA MET B 2473 -77.41 -43.49 24.92
C MET B 2473 -76.05 -44.03 25.37
N TYR B 2474 -75.00 -43.23 25.21
CA TYR B 2474 -73.67 -43.67 25.61
C TYR B 2474 -73.55 -43.79 27.12
N ASN B 2475 -74.36 -43.06 27.87
CA ASN B 2475 -74.35 -43.23 29.32
C ASN B 2475 -74.96 -44.56 29.73
N ILE B 2476 -76.11 -44.92 29.14
CA ILE B 2476 -76.69 -46.21 29.50
C ILE B 2476 -75.82 -47.36 29.00
N LEU B 2477 -75.12 -47.17 27.88
CA LEU B 2477 -74.17 -48.19 27.45
C LEU B 2477 -72.96 -48.25 28.38
N MET B 2478 -72.52 -47.11 28.89
CA MET B 2478 -71.41 -47.08 29.83
C MET B 2478 -71.76 -47.76 31.14
N TRP B 2479 -73.02 -47.65 31.58
CA TRP B 2479 -73.43 -48.32 32.80
C TRP B 2479 -73.67 -49.81 32.57
N ILE B 2480 -74.25 -50.16 31.41
CA ILE B 2480 -74.56 -51.55 31.15
C ILE B 2480 -73.29 -52.40 31.02
N HIS B 2481 -72.13 -51.77 30.84
CA HIS B 2481 -70.88 -52.51 30.76
C HIS B 2481 -70.26 -52.75 32.13
N ASP B 2482 -70.41 -51.78 33.05
CA ASP B 2482 -69.75 -51.86 34.35
C ASP B 2482 -70.40 -52.86 35.29
N ASN B 2483 -71.60 -53.34 34.98
CA ASN B 2483 -72.27 -54.32 35.82
C ASN B 2483 -72.71 -55.56 35.05
N TYR B 2484 -72.54 -55.58 33.73
CA TYR B 2484 -72.71 -56.80 32.93
C TYR B 2484 -71.38 -57.32 32.41
N ARG B 2485 -70.28 -57.00 33.10
CA ARG B 2485 -69.02 -57.65 32.79
C ARG B 2485 -69.15 -59.16 32.93
N ASP B 2486 -69.87 -59.62 33.96
CA ASP B 2486 -70.17 -61.03 34.20
C ASP B 2486 -68.87 -61.82 34.31
N PRO B 2487 -68.13 -61.68 35.42
CA PRO B 2487 -66.81 -62.33 35.50
C PRO B 2487 -66.91 -63.85 35.53
N GLU B 2488 -67.16 -64.43 34.34
CA GLU B 2488 -67.24 -65.87 34.13
C GLU B 2488 -68.37 -66.51 34.94
N SER B 2489 -69.58 -65.99 34.74
CA SER B 2489 -70.80 -66.61 35.25
C SER B 2489 -71.49 -67.44 34.17
N GLU B 2490 -71.63 -66.88 32.97
CA GLU B 2490 -72.24 -67.57 31.83
C GLU B 2490 -73.65 -68.07 32.19
N THR B 2491 -74.43 -67.17 32.78
CA THR B 2491 -75.77 -67.53 33.24
C THR B 2491 -76.75 -67.58 32.06
N ASP B 2492 -76.80 -66.52 31.26
CA ASP B 2492 -77.70 -66.44 30.12
C ASP B 2492 -76.88 -66.20 28.86
N ASN B 2493 -77.39 -66.68 27.72
CA ASN B 2493 -76.79 -66.37 26.44
C ASN B 2493 -77.25 -65.04 25.87
N ASP B 2494 -78.24 -64.40 26.49
CA ASP B 2494 -78.59 -63.02 26.18
C ASP B 2494 -77.89 -62.03 27.10
N SER B 2495 -77.62 -62.43 28.34
CA SER B 2495 -76.83 -61.60 29.25
C SER B 2495 -75.42 -61.37 28.72
N GLN B 2496 -74.90 -62.32 27.95
CA GLN B 2496 -73.61 -62.16 27.28
C GLN B 2496 -73.77 -61.72 25.84
N GLU B 2497 -74.99 -61.68 25.31
CA GLU B 2497 -75.22 -61.13 23.98
C GLU B 2497 -75.33 -59.61 24.03
N ILE B 2498 -75.98 -59.08 25.06
CA ILE B 2498 -76.06 -57.63 25.24
C ILE B 2498 -74.69 -57.04 25.58
N PHE B 2499 -73.79 -57.84 26.16
CA PHE B 2499 -72.43 -57.36 26.39
C PHE B 2499 -71.74 -57.07 25.07
N LYS B 2500 -71.84 -57.99 24.12
CA LYS B 2500 -71.26 -57.75 22.80
C LYS B 2500 -72.01 -56.66 22.04
N LEU B 2501 -73.33 -56.54 22.25
CA LEU B 2501 -74.09 -55.44 21.62
C LEU B 2501 -73.64 -54.09 22.15
N ALA B 2502 -73.23 -54.04 23.42
CA ALA B 2502 -72.69 -52.79 23.97
C ALA B 2502 -71.26 -52.57 23.55
N LYS B 2503 -70.50 -53.65 23.34
CA LYS B 2503 -69.13 -53.48 22.87
C LYS B 2503 -69.07 -53.02 21.42
N ASP B 2504 -70.06 -53.42 20.61
CA ASP B 2504 -70.09 -53.04 19.21
C ASP B 2504 -70.45 -51.58 18.99
N VAL B 2505 -70.98 -50.90 20.02
CA VAL B 2505 -71.44 -49.52 19.90
C VAL B 2505 -70.65 -48.57 20.80
N LEU B 2506 -70.30 -49.00 22.01
CA LEU B 2506 -69.42 -48.18 22.84
C LEU B 2506 -68.08 -47.95 22.18
N ILE B 2507 -67.59 -48.93 21.42
CA ILE B 2507 -66.41 -48.67 20.61
C ILE B 2507 -66.79 -47.77 19.45
N GLN B 2508 -67.99 -47.92 18.91
CA GLN B 2508 -68.46 -47.01 17.86
C GLN B 2508 -68.67 -45.58 18.37
N GLY B 2509 -68.59 -45.36 19.68
CA GLY B 2509 -68.75 -44.04 20.24
C GLY B 2509 -67.41 -43.34 20.40
N LEU B 2510 -66.59 -43.43 19.37
CA LEU B 2510 -65.33 -42.73 19.31
C LEU B 2510 -65.14 -42.02 17.99
N ILE B 2511 -66.09 -42.16 17.05
CA ILE B 2511 -66.14 -41.35 15.84
C ILE B 2511 -67.43 -40.54 15.79
N ASP B 2512 -68.04 -40.30 16.95
CA ASP B 2512 -69.19 -39.41 17.01
C ASP B 2512 -68.80 -38.00 16.58
N GLU B 2513 -69.68 -37.35 15.82
CA GLU B 2513 -69.34 -36.05 15.27
C GLU B 2513 -69.52 -34.94 16.29
N ASN B 2514 -68.95 -35.11 17.48
CA ASN B 2514 -69.00 -34.10 18.53
C ASN B 2514 -67.93 -34.38 19.57
N PRO B 2515 -66.68 -33.98 19.32
CA PRO B 2515 -65.62 -34.19 20.32
C PRO B 2515 -65.96 -33.50 21.63
N GLY B 2516 -65.17 -33.84 22.65
CA GLY B 2516 -65.48 -33.44 24.01
C GLY B 2516 -66.46 -34.41 24.62
N LEU B 2517 -67.48 -34.80 23.84
CA LEU B 2517 -68.33 -35.91 24.26
C LEU B 2517 -67.51 -37.19 24.36
N GLN B 2518 -66.67 -37.44 23.36
CA GLN B 2518 -65.80 -38.61 23.39
C GLN B 2518 -64.75 -38.53 24.49
N LEU B 2519 -64.61 -37.39 25.20
CA LEU B 2519 -63.68 -37.35 26.33
C LEU B 2519 -64.09 -38.36 27.39
N ILE B 2520 -65.36 -38.35 27.77
CA ILE B 2520 -65.76 -39.20 28.88
C ILE B 2520 -65.74 -40.67 28.46
N ILE B 2521 -65.89 -40.95 27.16
CA ILE B 2521 -65.73 -42.32 26.68
C ILE B 2521 -64.26 -42.72 26.66
N ARG B 2522 -63.38 -41.82 26.24
CA ARG B 2522 -61.94 -42.06 26.33
C ARG B 2522 -61.50 -42.34 27.77
N ASN B 2523 -61.98 -41.54 28.71
CA ASN B 2523 -61.66 -41.76 30.12
C ASN B 2523 -62.28 -43.04 30.63
N PHE B 2524 -63.46 -43.39 30.11
CA PHE B 2524 -64.11 -44.65 30.45
C PHE B 2524 -63.30 -45.85 29.96
N TRP B 2525 -62.61 -45.70 28.83
CA TRP B 2525 -61.68 -46.73 28.36
C TRP B 2525 -60.27 -46.54 28.91
N SER B 2526 -59.97 -45.44 29.60
CA SER B 2526 -58.65 -45.19 30.15
C SER B 2526 -58.69 -45.11 31.67
N HIS B 2527 -59.45 -45.99 32.29
CA HIS B 2527 -59.47 -46.14 33.73
C HIS B 2527 -59.02 -47.55 34.07
N GLU B 2528 -58.69 -47.79 35.33
CA GLU B 2528 -58.27 -49.11 35.74
C GLU B 2528 -59.41 -50.12 35.56
N THR B 2529 -59.02 -51.37 35.35
CA THR B 2529 -59.83 -52.59 35.18
C THR B 2529 -60.63 -52.50 33.87
N ARG B 2530 -60.54 -51.35 33.18
CA ARG B 2530 -61.03 -51.23 31.81
C ARG B 2530 -59.93 -51.54 30.82
N LEU B 2531 -58.73 -51.06 31.11
CA LEU B 2531 -57.49 -51.39 30.42
C LEU B 2531 -56.39 -51.39 31.47
N PRO B 2532 -55.70 -52.51 31.66
CA PRO B 2532 -54.60 -52.53 32.62
C PRO B 2532 -53.53 -51.53 32.24
N SER B 2533 -52.73 -51.12 33.22
CA SER B 2533 -51.84 -49.99 33.02
C SER B 2533 -50.46 -50.25 33.61
N ASN B 2534 -49.91 -51.43 33.34
CA ASN B 2534 -48.54 -51.63 33.81
C ASN B 2534 -47.60 -50.91 32.85
N THR B 2535 -47.33 -51.49 31.69
CA THR B 2535 -47.02 -50.76 30.48
C THR B 2535 -47.60 -51.50 29.28
N LEU B 2536 -47.48 -52.82 29.36
CA LEU B 2536 -47.66 -53.75 28.25
C LEU B 2536 -49.03 -54.37 28.20
N ASP B 2537 -49.65 -54.57 29.36
CA ASP B 2537 -51.00 -55.12 29.39
C ASP B 2537 -51.99 -54.23 28.65
N ARG B 2538 -51.84 -52.90 28.77
CA ARG B 2538 -52.68 -52.02 27.97
C ARG B 2538 -52.49 -52.24 26.48
N LEU B 2539 -51.24 -52.33 26.04
CA LEU B 2539 -50.98 -52.54 24.61
C LEU B 2539 -51.60 -53.85 24.14
N LEU B 2540 -51.38 -54.93 24.89
CA LEU B 2540 -51.94 -56.23 24.53
C LEU B 2540 -53.46 -56.20 24.52
N ALA B 2541 -54.08 -55.40 25.41
CA ALA B 2541 -55.53 -55.32 25.44
C ALA B 2541 -56.10 -54.37 24.40
N LEU B 2542 -55.27 -53.50 23.82
CA LEU B 2542 -55.78 -52.55 22.84
C LEU B 2542 -56.39 -53.26 21.64
N ASN B 2543 -55.80 -54.40 21.24
CA ASN B 2543 -56.31 -55.07 20.05
C ASN B 2543 -57.71 -55.60 20.28
N SER B 2544 -58.05 -55.95 21.52
CA SER B 2544 -59.35 -56.56 21.79
C SER B 2544 -60.48 -55.58 21.49
N LEU B 2545 -60.21 -54.29 21.63
CA LEU B 2545 -61.22 -53.26 21.39
C LEU B 2545 -61.10 -52.67 19.98
N TYR B 2546 -61.08 -53.51 18.96
CA TYR B 2546 -60.92 -52.97 17.61
C TYR B 2546 -62.28 -52.60 17.02
N SER B 2547 -63.19 -53.58 16.90
CA SER B 2547 -64.55 -53.32 16.42
C SER B 2547 -64.52 -52.57 15.10
N PRO B 2548 -64.35 -53.25 13.96
CA PRO B 2548 -63.92 -52.56 12.73
C PRO B 2548 -64.95 -51.59 12.16
N LYS B 2549 -65.84 -51.07 13.02
CA LYS B 2549 -66.69 -49.97 12.63
C LYS B 2549 -65.95 -48.64 12.64
N ILE B 2550 -64.90 -48.52 13.45
CA ILE B 2550 -64.16 -47.27 13.59
C ILE B 2550 -62.67 -47.54 13.36
N GLU B 2551 -62.22 -47.47 12.11
CA GLU B 2551 -60.79 -47.59 11.86
C GLU B 2551 -60.19 -46.31 11.28
N VAL B 2552 -61.03 -45.43 10.73
CA VAL B 2552 -60.53 -44.18 10.17
C VAL B 2552 -59.71 -43.42 11.21
N HIS B 2553 -60.03 -43.61 12.49
CA HIS B 2553 -59.30 -42.99 13.59
C HIS B 2553 -58.77 -44.00 14.60
N PHE B 2554 -58.71 -45.30 14.23
CA PHE B 2554 -58.27 -46.29 15.22
C PHE B 2554 -56.86 -46.00 15.73
N LEU B 2555 -55.91 -45.74 14.81
CA LEU B 2555 -54.53 -45.50 15.23
C LEU B 2555 -54.43 -44.29 16.15
N SER B 2556 -55.18 -43.24 15.84
CA SER B 2556 -55.17 -42.03 16.67
C SER B 2556 -55.64 -42.35 18.09
N LEU B 2557 -56.76 -43.07 18.21
CA LEU B 2557 -57.28 -43.41 19.53
C LEU B 2557 -56.32 -44.35 20.27
N ALA B 2558 -55.67 -45.26 19.54
CA ALA B 2558 -54.74 -46.19 20.17
C ALA B 2558 -53.54 -45.46 20.74
N THR B 2559 -52.94 -44.55 19.96
CA THR B 2559 -51.79 -43.82 20.48
C THR B 2559 -52.19 -42.83 21.57
N ASN B 2560 -53.40 -42.27 21.49
CA ASN B 2560 -53.90 -41.48 22.61
C ASN B 2560 -54.00 -42.31 23.88
N PHE B 2561 -54.52 -43.53 23.78
CA PHE B 2561 -54.63 -44.40 24.95
C PHE B 2561 -53.27 -44.79 25.51
N LEU B 2562 -52.29 -45.06 24.63
CA LEU B 2562 -50.97 -45.42 25.13
C LEU B 2562 -50.24 -44.22 25.74
N LEU B 2563 -50.41 -43.02 25.19
CA LEU B 2563 -49.69 -41.86 25.67
C LEU B 2563 -50.37 -41.16 26.84
N GLU B 2564 -51.67 -41.39 27.05
CA GLU B 2564 -52.37 -40.72 28.13
C GLU B 2564 -51.97 -41.27 29.50
N MET B 2565 -51.39 -42.47 29.55
CA MET B 2565 -50.85 -43.02 30.78
C MET B 2565 -49.36 -42.75 30.94
N THR B 2566 -48.83 -41.72 30.29
CA THR B 2566 -47.49 -41.25 30.57
C THR B 2566 -47.46 -40.26 31.73
N SER B 2567 -48.56 -39.54 31.95
CA SER B 2567 -48.66 -38.60 33.06
C SER B 2567 -48.68 -39.29 34.42
N MET B 2568 -48.90 -40.61 34.48
CA MET B 2568 -48.71 -41.35 35.72
C MET B 2568 -47.23 -41.70 35.90
N SER B 2569 -46.37 -40.70 35.80
CA SER B 2569 -44.94 -40.88 35.99
C SER B 2569 -44.37 -39.61 36.60
N PRO B 2570 -43.37 -39.73 37.46
CA PRO B 2570 -42.73 -38.54 38.03
C PRO B 2570 -41.77 -37.83 37.09
N ASP B 2571 -41.69 -38.27 35.83
CA ASP B 2571 -40.73 -37.72 34.88
C ASP B 2571 -41.43 -36.71 33.98
N TYR B 2572 -41.71 -35.53 34.55
CA TYR B 2572 -41.98 -34.38 33.70
C TYR B 2572 -41.21 -33.14 34.13
N PRO B 2573 -39.95 -33.24 34.59
CA PRO B 2573 -39.05 -32.07 34.47
C PRO B 2573 -38.03 -32.22 33.35
N ASN B 2574 -37.81 -31.18 32.57
CA ASN B 2574 -36.55 -30.86 31.90
C ASN B 2574 -35.69 -32.05 31.45
N PRO B 2575 -36.06 -32.78 30.38
CA PRO B 2575 -35.27 -33.97 30.00
C PRO B 2575 -33.92 -33.55 29.39
N MET B 2576 -33.58 -32.29 29.59
CA MET B 2576 -32.35 -31.60 29.21
C MET B 2576 -31.67 -31.04 30.46
N PHE B 2577 -31.28 -31.94 31.36
CA PHE B 2577 -30.75 -31.69 32.71
C PHE B 2577 -30.08 -30.33 32.93
N GLU B 2578 -29.10 -29.96 32.11
CA GLU B 2578 -28.52 -28.62 32.20
C GLU B 2578 -28.28 -28.05 30.81
N HIS B 2579 -28.47 -26.77 30.70
CA HIS B 2579 -28.45 -25.94 29.52
C HIS B 2579 -27.15 -25.15 29.45
N PRO B 2580 -26.64 -24.86 28.26
CA PRO B 2580 -25.29 -24.25 28.13
C PRO B 2580 -25.24 -22.77 28.42
N LEU B 2581 -25.39 -22.39 29.70
CA LEU B 2581 -25.06 -21.05 30.20
C LEU B 2581 -25.85 -19.95 29.46
N SER B 2582 -27.16 -19.94 29.71
CA SER B 2582 -28.03 -18.97 29.04
C SER B 2582 -29.00 -18.33 30.01
N GLU B 2583 -29.68 -17.29 29.53
CA GLU B 2583 -30.77 -16.59 30.22
C GLU B 2583 -32.06 -16.91 29.47
N CYS B 2584 -32.88 -17.78 30.05
CA CYS B 2584 -34.05 -18.32 29.38
C CYS B 2584 -35.31 -17.65 29.94
N GLU B 2585 -35.93 -16.77 29.16
CA GLU B 2585 -37.21 -16.20 29.56
C GLU B 2585 -38.25 -16.21 28.44
N PHE B 2586 -37.98 -16.87 27.32
CA PHE B 2586 -39.03 -17.08 26.33
C PHE B 2586 -40.11 -17.98 26.91
N GLN B 2587 -41.28 -17.97 26.28
CA GLN B 2587 -42.43 -18.62 26.89
C GLN B 2587 -42.36 -20.14 26.69
N GLU B 2588 -43.35 -20.84 27.26
CA GLU B 2588 -43.40 -22.29 27.25
C GLU B 2588 -44.09 -22.82 26.00
N TYR B 2589 -43.62 -23.96 25.51
CA TYR B 2589 -44.19 -24.59 24.33
C TYR B 2589 -45.22 -25.62 24.74
N THR B 2590 -46.47 -25.40 24.34
CA THR B 2590 -47.56 -26.33 24.62
C THR B 2590 -48.50 -26.34 23.43
N ILE B 2591 -49.69 -26.91 23.59
CA ILE B 2591 -50.64 -27.04 22.48
C ILE B 2591 -51.55 -25.83 22.51
N ASP B 2592 -51.91 -25.33 21.33
CA ASP B 2592 -52.94 -24.31 21.21
C ASP B 2592 -53.71 -24.52 19.91
N SER B 2593 -54.82 -23.82 19.77
CA SER B 2593 -55.60 -23.88 18.54
C SER B 2593 -55.65 -22.52 17.84
N ASP B 2594 -56.16 -21.49 18.53
CA ASP B 2594 -56.22 -20.12 18.05
C ASP B 2594 -57.14 -19.97 16.83
N TRP B 2595 -57.63 -21.11 16.33
CA TRP B 2595 -58.51 -21.17 15.18
C TRP B 2595 -59.12 -22.56 15.15
N ARG B 2596 -60.43 -22.65 15.37
CA ARG B 2596 -61.12 -23.92 15.56
C ARG B 2596 -62.25 -24.04 14.55
N PHE B 2597 -62.88 -25.21 14.56
CA PHE B 2597 -64.02 -25.48 13.67
C PHE B 2597 -65.34 -25.33 14.42
N UNK B 2599 -69.96 -29.60 28.71
CA UNK B 2599 -69.14 -29.76 27.52
C UNK B 2599 -67.81 -29.01 27.63
N UNK B 2600 -67.83 -27.82 28.27
CA UNK B 2600 -66.62 -27.02 28.41
C UNK B 2600 -65.65 -27.61 29.44
N UNK B 2601 -66.17 -28.15 30.54
CA UNK B 2601 -65.30 -28.80 31.52
C UNK B 2601 -64.73 -30.10 30.96
N UNK B 2602 -65.56 -30.85 30.21
CA UNK B 2602 -65.05 -32.03 29.54
C UNK B 2602 -64.01 -31.67 28.48
N UNK B 2603 -64.19 -30.52 27.82
CA UNK B 2603 -63.20 -30.06 26.85
C UNK B 2603 -61.89 -29.66 27.53
N UNK B 2604 -61.97 -29.10 28.74
CA UNK B 2604 -60.77 -28.81 29.49
C UNK B 2604 -60.04 -30.09 29.90
N UNK B 2605 -60.82 -31.11 30.32
CA UNK B 2605 -60.22 -32.39 30.72
C UNK B 2605 -59.55 -33.08 29.54
N UNK B 2606 -60.20 -33.09 28.37
CA UNK B 2606 -59.59 -33.72 27.18
C UNK B 2606 -58.40 -32.93 26.68
N UNK B 2607 -58.46 -31.60 26.70
CA UNK B 2607 -57.34 -30.79 26.23
C UNK B 2607 -56.12 -30.96 27.11
N UNK B 2608 -56.31 -30.99 28.43
CA UNK B 2608 -55.18 -31.31 29.31
C UNK B 2608 -54.72 -32.75 29.08
N UNK B 2609 -55.65 -33.68 28.87
CA UNK B 2609 -55.35 -35.09 28.69
C UNK B 2609 -54.61 -35.38 27.40
N UNK B 2610 -54.59 -34.45 26.46
CA UNK B 2610 -53.92 -34.66 25.18
C UNK B 2610 -52.43 -34.90 25.37
N UNK B 2611 -56.42 -0.57 -0.25
CA UNK B 2611 -55.39 -1.61 -0.12
C UNK B 2611 -54.33 -1.45 -1.20
N UNK B 2612 -53.06 -1.65 -0.83
CA UNK B 2612 -51.95 -1.29 -1.69
C UNK B 2612 -51.88 -2.21 -2.89
N UNK B 2613 -51.58 -3.48 -2.65
CA UNK B 2613 -51.64 -4.50 -3.69
C UNK B 2613 -53.01 -5.17 -3.64
N UNK B 2614 -53.41 -5.74 -4.78
CA UNK B 2614 -54.68 -6.45 -4.82
C UNK B 2614 -54.56 -7.75 -4.03
N UNK B 2615 -54.75 -7.69 -2.73
CA UNK B 2615 -54.63 -8.83 -1.84
C UNK B 2615 -55.86 -9.75 -1.89
N UNK B 2616 -56.74 -9.58 -2.89
CA UNK B 2616 -57.92 -10.41 -3.02
C UNK B 2616 -57.61 -11.83 -3.49
N UNK B 2617 -56.50 -12.05 -4.19
CA UNK B 2617 -56.14 -13.37 -4.69
C UNK B 2617 -55.51 -14.26 -3.62
N UNK B 2618 -55.63 -13.91 -2.34
CA UNK B 2618 -55.04 -14.70 -1.26
C UNK B 2618 -56.05 -15.15 -0.21
N UNK B 2619 -57.21 -14.49 -0.12
CA UNK B 2619 -58.31 -14.89 0.78
C UNK B 2619 -57.84 -15.12 2.22
N UNK B 2620 -56.84 -14.35 2.65
CA UNK B 2620 -56.37 -14.41 4.04
C UNK B 2620 -56.05 -13.01 4.56
N UNK B 2621 -56.81 -11.99 4.14
CA UNK B 2621 -56.49 -10.63 4.55
C UNK B 2621 -56.59 -10.46 6.07
N UNK B 2622 -57.62 -11.03 6.68
CA UNK B 2622 -57.72 -11.14 8.12
C UNK B 2622 -57.90 -12.56 8.63
N UNK B 2623 -58.16 -13.54 7.77
CA UNK B 2623 -58.50 -14.89 8.23
C UNK B 2623 -57.31 -15.56 8.91
N UNK B 2624 -56.11 -15.25 8.46
CA UNK B 2624 -54.91 -15.72 9.15
C UNK B 2624 -54.53 -14.79 10.29
N UNK B 2625 -54.57 -13.47 10.03
CA UNK B 2625 -54.05 -12.48 10.96
C UNK B 2625 -54.85 -12.33 12.27
N UNK B 2626 -56.14 -12.68 12.30
CA UNK B 2626 -56.81 -12.49 13.60
C UNK B 2626 -56.71 -13.71 14.51
N UNK B 2627 -56.77 -14.92 13.92
CA UNK B 2627 -56.38 -16.12 14.64
C UNK B 2627 -54.93 -16.02 15.08
N UNK B 2628 -54.10 -15.39 14.25
CA UNK B 2628 -52.71 -15.16 14.58
C UNK B 2628 -52.51 -14.06 15.62
N UNK B 2629 -53.44 -13.11 15.74
CA UNK B 2629 -53.34 -12.13 16.82
C UNK B 2629 -53.64 -12.78 18.17
N UNK B 2630 -54.64 -13.67 18.21
CA UNK B 2630 -54.87 -14.41 19.44
C UNK B 2630 -53.73 -15.39 19.73
N UNK B 2631 -53.17 -15.98 18.67
CA UNK B 2631 -52.02 -16.87 18.82
C UNK B 2631 -50.76 -16.11 19.24
N UNK B 2632 -50.58 -14.88 18.77
CA UNK B 2632 -49.44 -14.08 19.18
C UNK B 2632 -49.57 -13.68 20.64
N UNK B 2633 -50.79 -13.36 21.08
CA UNK B 2633 -51.01 -13.12 22.50
C UNK B 2633 -50.72 -14.37 23.32
N UNK B 2634 -50.95 -15.56 22.73
CA UNK B 2634 -50.60 -16.80 23.41
C UNK B 2634 -49.12 -17.16 23.29
N UNK B 2635 -48.41 -16.57 22.33
CA UNK B 2635 -47.00 -16.83 22.06
C UNK B 2635 -46.07 -15.91 22.83
N UNK B 2636 -46.55 -14.76 23.27
CA UNK B 2636 -45.70 -13.84 23.99
C UNK B 2636 -46.24 -13.70 25.40
N ASP B 2637 -32.43 -11.24 25.32
CA ASP B 2637 -31.50 -12.29 24.92
C ASP B 2637 -31.94 -13.65 25.45
N LEU B 2638 -32.33 -14.55 24.56
CA LEU B 2638 -32.72 -15.91 24.93
C LEU B 2638 -31.89 -16.88 24.09
N PRO B 2639 -31.03 -17.69 24.71
CA PRO B 2639 -30.47 -18.88 24.03
C PRO B 2639 -31.17 -20.22 24.27
N ASP B 2640 -32.23 -20.55 23.52
CA ASP B 2640 -32.67 -21.94 23.38
C ASP B 2640 -33.21 -22.64 24.63
N ILE B 2641 -34.37 -22.21 25.13
CA ILE B 2641 -34.97 -22.89 26.27
C ILE B 2641 -35.25 -24.35 25.96
N GLN B 2642 -34.62 -25.24 26.72
CA GLN B 2642 -34.99 -26.65 26.78
C GLN B 2642 -35.99 -26.84 27.91
N ILE B 2643 -37.15 -27.43 27.60
CA ILE B 2643 -38.34 -27.10 28.38
C ILE B 2643 -38.78 -28.19 29.35
N LYS B 2644 -39.29 -29.31 28.82
CA LYS B 2644 -39.96 -30.30 29.65
C LYS B 2644 -40.37 -31.52 28.83
N HIS B 2645 -40.98 -32.51 29.50
CA HIS B 2645 -41.65 -33.59 28.78
C HIS B 2645 -43.01 -33.17 28.24
N SER B 2646 -43.69 -32.25 28.94
CA SER B 2646 -45.03 -31.85 28.51
C SER B 2646 -45.02 -31.11 27.18
N SER B 2647 -43.87 -30.63 26.73
CA SER B 2647 -43.78 -29.90 25.47
C SER B 2647 -43.56 -30.81 24.26
N LEU B 2648 -43.26 -32.09 24.48
CA LEU B 2648 -43.04 -33.02 23.38
C LEU B 2648 -44.04 -34.17 23.32
N ILE B 2649 -44.57 -34.62 24.46
CA ILE B 2649 -45.52 -35.74 24.47
C ILE B 2649 -46.82 -35.33 23.78
N THR B 2650 -47.43 -34.25 24.26
CA THR B 2650 -48.77 -33.87 23.79
C THR B 2650 -48.86 -33.55 22.31
N PRO B 2651 -47.92 -32.83 21.67
CA PRO B 2651 -48.07 -32.58 20.23
C PRO B 2651 -48.05 -33.85 19.39
N LEU B 2652 -47.41 -34.92 19.87
CA LEU B 2652 -47.40 -36.18 19.11
C LEU B 2652 -48.80 -36.75 18.98
N GLN B 2653 -49.50 -36.93 20.10
CA GLN B 2653 -50.87 -37.43 20.02
C GLN B 2653 -51.79 -36.43 19.31
N ALA B 2654 -51.59 -35.13 19.57
CA ALA B 2654 -52.44 -34.11 18.96
C ALA B 2654 -52.30 -34.07 17.45
N VAL B 2655 -51.10 -34.38 16.93
CA VAL B 2655 -50.91 -34.49 15.49
C VAL B 2655 -51.24 -35.88 14.96
N ALA B 2656 -51.26 -36.90 15.82
CA ALA B 2656 -51.69 -38.21 15.38
C ALA B 2656 -53.18 -38.23 15.11
N GLN B 2657 -53.98 -37.64 16.01
CA GLN B 2657 -55.41 -37.57 15.80
C GLN B 2657 -55.77 -36.65 14.63
N ARG B 2658 -54.85 -35.79 14.20
CA ARG B 2658 -55.12 -34.84 13.14
C ARG B 2658 -54.52 -35.26 11.79
N ASP B 2659 -53.62 -36.25 11.77
CA ASP B 2659 -53.00 -36.77 10.55
C ASP B 2659 -52.52 -38.21 10.76
N PRO B 2660 -53.34 -39.20 10.40
CA PRO B 2660 -53.04 -40.61 10.75
C PRO B 2660 -51.69 -41.13 10.27
N ILE B 2661 -50.97 -40.39 9.42
CA ILE B 2661 -49.68 -40.90 8.94
C ILE B 2661 -48.68 -41.01 10.09
N ILE B 2662 -48.48 -39.92 10.83
CA ILE B 2662 -47.58 -39.99 11.97
C ILE B 2662 -48.16 -40.89 13.06
N ALA B 2663 -49.48 -41.06 13.12
CA ALA B 2663 -50.05 -42.03 14.04
C ALA B 2663 -49.57 -43.43 13.69
N LYS B 2664 -49.63 -43.79 12.41
CA LYS B 2664 -49.09 -45.07 11.96
C LYS B 2664 -47.63 -45.21 12.34
N GLN B 2665 -46.85 -44.14 12.14
CA GLN B 2665 -45.43 -44.24 12.46
C GLN B 2665 -45.21 -44.39 13.96
N LEU B 2666 -45.95 -43.63 14.75
CA LEU B 2666 -45.87 -43.71 16.20
C LEU B 2666 -46.18 -45.12 16.68
N PHE B 2667 -47.20 -45.76 16.10
CA PHE B 2667 -47.50 -47.14 16.48
C PHE B 2667 -46.38 -48.07 16.04
N SER B 2668 -45.93 -47.94 14.79
CA SER B 2668 -44.89 -48.84 14.30
C SER B 2668 -43.63 -48.76 15.15
N SER B 2669 -43.41 -47.64 15.82
CA SER B 2669 -42.26 -47.56 16.71
C SER B 2669 -42.57 -48.03 18.14
N LEU B 2670 -43.74 -47.67 18.68
CA LEU B 2670 -44.06 -48.00 20.06
C LEU B 2670 -44.33 -49.49 20.24
N PHE B 2671 -45.03 -50.10 19.29
CA PHE B 2671 -45.21 -51.54 19.28
C PHE B 2671 -43.87 -52.24 19.42
N SER B 2672 -42.90 -51.85 18.58
CA SER B 2672 -41.58 -52.46 18.62
C SER B 2672 -40.88 -52.20 19.94
N GLY B 2673 -40.99 -50.98 20.48
CA GLY B 2673 -40.32 -50.67 21.72
C GLY B 2673 -40.82 -51.53 22.87
N ILE B 2674 -42.15 -51.64 23.01
CA ILE B 2674 -42.69 -52.40 24.12
C ILE B 2674 -42.44 -53.89 23.92
N LEU B 2675 -42.56 -54.37 22.68
CA LEU B 2675 -42.30 -55.79 22.43
C LEU B 2675 -40.85 -56.16 22.69
N LYS B 2676 -39.91 -55.24 22.40
CA LYS B 2676 -38.51 -55.54 22.67
C LYS B 2676 -38.17 -55.40 24.15
N GLU B 2677 -38.87 -54.51 24.86
CA GLU B 2677 -38.62 -54.34 26.28
C GLU B 2677 -39.24 -55.46 27.11
N MET B 2678 -40.25 -56.14 26.57
CA MET B 2678 -40.87 -57.23 27.31
C MET B 2678 -40.01 -58.48 27.39
N ASP B 2679 -38.81 -58.50 26.77
CA ASP B 2679 -38.00 -59.71 26.80
C ASP B 2679 -37.32 -59.94 28.14
N LYS B 2680 -37.59 -59.10 29.14
CA LYS B 2680 -37.10 -59.35 30.49
C LYS B 2680 -38.02 -60.31 31.23
N PHE B 2681 -39.27 -59.92 31.46
CA PHE B 2681 -40.25 -60.80 32.07
C PHE B 2681 -41.05 -61.51 30.97
N LYS B 2682 -42.12 -62.19 31.35
CA LYS B 2682 -43.02 -62.88 30.42
C LYS B 2682 -42.22 -63.77 29.48
N THR B 2683 -41.62 -64.80 30.09
CA THR B 2683 -40.61 -65.61 29.42
C THR B 2683 -41.24 -66.46 28.32
N LEU B 2684 -40.42 -67.34 27.73
CA LEU B 2684 -40.80 -68.04 26.51
C LEU B 2684 -42.19 -68.65 26.60
N SER B 2685 -42.53 -69.22 27.76
CA SER B 2685 -43.85 -69.81 27.95
C SER B 2685 -44.94 -68.74 27.92
N GLU B 2686 -44.64 -67.53 28.37
CA GLU B 2686 -45.57 -66.41 28.27
C GLU B 2686 -45.36 -65.60 27.00
N LYS B 2687 -44.12 -65.53 26.51
CA LYS B 2687 -43.84 -64.83 25.26
C LYS B 2687 -44.63 -65.43 24.10
N ASN B 2688 -44.66 -66.76 24.02
CA ASN B 2688 -45.35 -67.42 22.91
C ASN B 2688 -46.85 -67.14 22.95
N ASN B 2689 -47.46 -67.20 24.13
CA ASN B 2689 -48.89 -66.95 24.22
C ASN B 2689 -49.22 -65.48 23.95
N ILE B 2690 -48.37 -64.56 24.39
CA ILE B 2690 -48.57 -63.14 24.10
C ILE B 2690 -48.53 -62.90 22.59
N THR B 2691 -47.52 -63.47 21.93
CA THR B 2691 -47.38 -63.24 20.50
C THR B 2691 -48.48 -63.93 19.71
N GLN B 2692 -48.99 -65.08 20.18
CA GLN B 2692 -50.11 -65.73 19.50
C GLN B 2692 -51.41 -64.95 19.67
N LYS B 2693 -51.60 -64.33 20.83
CA LYS B 2693 -52.77 -63.46 21.02
C LYS B 2693 -52.70 -62.27 20.05
N LEU B 2694 -51.53 -61.65 19.96
CA LEU B 2694 -51.34 -60.58 18.97
C LEU B 2694 -51.59 -61.06 17.55
N LEU B 2695 -51.12 -62.27 17.23
CA LEU B 2695 -51.31 -62.84 15.91
C LEU B 2695 -52.80 -62.98 15.56
N GLN B 2696 -53.55 -63.63 16.45
CA GLN B 2696 -54.97 -63.82 16.16
C GLN B 2696 -55.73 -62.51 16.15
N ASP B 2697 -55.29 -61.54 16.96
CA ASP B 2697 -55.89 -60.20 16.91
C ASP B 2697 -55.69 -59.57 15.53
N PHE B 2698 -54.47 -59.64 14.99
CA PHE B 2698 -54.24 -59.09 13.66
C PHE B 2698 -55.02 -59.84 12.59
N ASN B 2699 -55.18 -61.16 12.75
CA ASN B 2699 -55.99 -61.93 11.82
C ASN B 2699 -57.43 -61.44 11.81
N ARG B 2700 -58.02 -61.27 12.99
CA ARG B 2700 -59.38 -60.75 13.07
C ARG B 2700 -59.46 -59.34 12.48
N PHE B 2701 -58.43 -58.52 12.73
CA PHE B 2701 -58.34 -57.22 12.08
C PHE B 2701 -58.51 -57.37 10.57
N LEU B 2702 -57.63 -58.15 9.95
CA LEU B 2702 -57.59 -58.25 8.49
C LEU B 2702 -58.89 -58.83 7.94
N ASN B 2703 -59.50 -59.78 8.64
CA ASN B 2703 -60.65 -60.45 8.07
C ASN B 2703 -61.95 -59.65 8.28
N THR B 2704 -62.08 -58.98 9.41
CA THR B 2704 -63.32 -58.28 9.77
C THR B 2704 -63.40 -56.87 9.19
N THR B 2705 -62.35 -56.38 8.54
CA THR B 2705 -62.30 -54.98 8.15
C THR B 2705 -63.27 -54.65 7.02
N PHE B 2706 -63.96 -53.54 7.16
CA PHE B 2706 -64.77 -52.97 6.09
C PHE B 2706 -63.99 -51.91 5.33
N SER B 2707 -63.59 -50.83 6.00
CA SER B 2707 -62.80 -49.78 5.36
C SER B 2707 -61.36 -50.23 5.31
N PHE B 2708 -60.86 -50.48 4.10
CA PHE B 2708 -59.45 -50.86 3.91
C PHE B 2708 -58.62 -49.58 3.90
N PHE B 2709 -58.17 -49.20 5.09
CA PHE B 2709 -57.46 -47.94 5.27
C PHE B 2709 -55.99 -48.14 4.92
N PRO B 2710 -55.43 -47.41 3.96
CA PRO B 2710 -54.05 -47.68 3.52
C PRO B 2710 -53.04 -47.49 4.65
N PRO B 2711 -53.10 -46.41 5.43
CA PRO B 2711 -52.14 -46.31 6.55
C PRO B 2711 -52.31 -47.43 7.55
N PHE B 2712 -53.56 -47.82 7.80
CA PHE B 2712 -53.88 -48.88 8.75
C PHE B 2712 -53.31 -50.22 8.31
N VAL B 2713 -53.59 -50.64 7.07
CA VAL B 2713 -53.08 -51.91 6.56
C VAL B 2713 -51.56 -51.87 6.46
N SER B 2714 -51.02 -50.77 5.93
CA SER B 2714 -49.58 -50.64 5.84
C SER B 2714 -48.93 -50.80 7.20
N CYS B 2715 -49.53 -50.17 8.22
CA CYS B 2715 -48.97 -50.24 9.57
C CYS B 2715 -49.02 -51.66 10.11
N ILE B 2716 -50.17 -52.34 9.95
CA ILE B 2716 -50.27 -53.67 10.55
C ILE B 2716 -49.31 -54.63 9.87
N GLN B 2717 -49.22 -54.57 8.53
CA GLN B 2717 -48.28 -55.46 7.85
C GLN B 2717 -46.83 -55.07 8.14
N ASP B 2718 -46.54 -53.78 8.33
CA ASP B 2718 -45.19 -53.33 8.66
C ASP B 2718 -44.76 -53.86 10.03
N ILE B 2719 -45.62 -53.69 11.05
CA ILE B 2719 -45.26 -54.11 12.38
C ILE B 2719 -45.22 -55.63 12.47
N SER B 2720 -46.02 -56.33 11.65
CA SER B 2720 -45.89 -57.78 11.62
C SER B 2720 -44.57 -58.20 10.97
N CYS B 2721 -44.12 -57.44 9.96
CA CYS B 2721 -42.87 -57.78 9.30
C CYS B 2721 -41.64 -57.42 10.14
N GLN B 2722 -41.74 -56.41 11.02
CA GLN B 2722 -40.56 -55.96 11.74
C GLN B 2722 -40.11 -56.95 12.80
N HIS B 2723 -41.04 -57.71 13.38
CA HIS B 2723 -40.72 -58.66 14.43
C HIS B 2723 -40.78 -60.09 13.93
N ALA B 2724 -39.84 -60.90 14.39
CA ALA B 2724 -39.80 -62.32 14.04
C ALA B 2724 -40.68 -63.15 14.98
N ALA B 2725 -41.92 -62.69 15.15
CA ALA B 2725 -42.96 -63.49 15.81
C ALA B 2725 -44.29 -63.44 15.10
N LEU B 2726 -44.56 -62.43 14.28
CA LEU B 2726 -45.82 -62.31 13.55
C LEU B 2726 -45.63 -62.50 12.05
N LEU B 2727 -44.45 -62.94 11.63
CA LEU B 2727 -44.15 -63.05 10.21
C LEU B 2727 -45.11 -64.00 9.47
N SER B 2728 -45.72 -64.94 10.17
CA SER B 2728 -46.63 -65.91 9.55
C SER B 2728 -48.09 -65.52 9.79
N LEU B 2729 -48.51 -64.41 9.19
CA LEU B 2729 -49.81 -63.84 9.56
C LEU B 2729 -51.00 -64.51 8.85
N ASP B 2730 -51.19 -64.20 7.56
CA ASP B 2730 -52.26 -64.81 6.76
C ASP B 2730 -52.03 -64.54 5.28
N PRO B 2731 -51.44 -65.47 4.52
CA PRO B 2731 -51.27 -65.23 3.07
C PRO B 2731 -52.54 -64.74 2.37
N ALA B 2732 -53.65 -65.44 2.52
CA ALA B 2732 -54.89 -65.04 1.84
C ALA B 2732 -55.38 -63.68 2.31
N ALA B 2733 -55.38 -63.44 3.61
CA ALA B 2733 -55.95 -62.20 4.14
C ALA B 2733 -55.03 -61.00 3.88
N VAL B 2734 -53.72 -61.19 4.01
CA VAL B 2734 -52.78 -60.11 3.67
C VAL B 2734 -52.86 -59.81 2.19
N SER B 2735 -52.96 -60.85 1.36
CA SER B 2735 -53.16 -60.65 -0.07
C SER B 2735 -54.40 -59.82 -0.34
N ALA B 2736 -55.54 -60.20 0.25
CA ALA B 2736 -56.78 -59.46 0.00
C ALA B 2736 -56.66 -58.02 0.49
N GLY B 2737 -56.15 -57.83 1.72
CA GLY B 2737 -56.06 -56.49 2.27
C GLY B 2737 -55.13 -55.59 1.48
N CYS B 2738 -54.00 -56.13 1.02
CA CYS B 2738 -53.06 -55.29 0.29
C CYS B 2738 -53.47 -55.09 -1.16
N LEU B 2739 -54.14 -56.08 -1.77
CA LEU B 2739 -54.62 -55.92 -3.14
C LEU B 2739 -55.82 -54.99 -3.20
N ALA B 2740 -56.58 -54.88 -2.11
CA ALA B 2740 -57.71 -53.96 -2.07
C ALA B 2740 -57.34 -52.59 -1.53
N SER B 2741 -56.29 -52.48 -0.72
CA SER B 2741 -55.86 -51.19 -0.21
C SER B 2741 -54.95 -50.44 -1.17
N LEU B 2742 -54.65 -51.04 -2.34
CA LEU B 2742 -53.69 -50.47 -3.30
C LEU B 2742 -52.36 -50.15 -2.63
N GLN B 2743 -52.08 -50.84 -1.53
CA GLN B 2743 -50.82 -50.76 -0.81
C GLN B 2743 -50.18 -52.15 -0.74
N GLN B 2744 -50.13 -52.83 -1.89
CA GLN B 2744 -49.57 -54.16 -2.07
C GLN B 2744 -48.13 -54.37 -1.58
N PRO B 2745 -47.25 -53.36 -1.63
CA PRO B 2745 -45.84 -53.64 -1.32
C PRO B 2745 -45.55 -53.95 0.14
N VAL B 2746 -46.30 -53.43 1.10
CA VAL B 2746 -46.05 -53.83 2.48
C VAL B 2746 -46.34 -55.32 2.65
N GLY B 2747 -47.40 -55.80 1.99
CA GLY B 2747 -47.68 -57.22 1.99
C GLY B 2747 -46.64 -58.02 1.25
N ILE B 2748 -46.12 -57.47 0.14
CA ILE B 2748 -45.09 -58.16 -0.62
C ILE B 2748 -43.81 -58.28 0.19
N ARG B 2749 -43.44 -57.22 0.92
CA ARG B 2749 -42.26 -57.28 1.80
C ARG B 2749 -42.46 -58.31 2.90
N LEU B 2750 -43.67 -58.36 3.48
CA LEU B 2750 -43.96 -59.34 4.53
C LEU B 2750 -43.89 -60.77 4.00
N LEU B 2751 -44.43 -61.00 2.80
CA LEU B 2751 -44.36 -62.33 2.20
C LEU B 2751 -42.94 -62.70 1.82
N GLU B 2752 -42.10 -61.72 1.46
CA GLU B 2752 -40.69 -62.04 1.26
C GLU B 2752 -40.05 -62.46 2.56
N GLU B 2753 -40.33 -61.75 3.65
CA GLU B 2753 -39.78 -62.20 4.92
C GLU B 2753 -40.53 -63.46 5.34
N ALA B 2754 -40.34 -64.53 4.55
CA ALA B 2754 -40.89 -65.86 4.75
C ALA B 2754 -39.97 -66.74 5.59
N LEU B 2755 -38.73 -66.32 5.77
CA LEU B 2755 -37.77 -67.07 6.57
C LEU B 2755 -38.05 -66.90 8.05
N ASP B 2777 -46.69 -73.77 3.19
CA ASP B 2777 -46.05 -72.71 2.42
C ASP B 2777 -46.25 -72.91 0.93
N VAL B 2778 -47.51 -73.10 0.55
CA VAL B 2778 -47.92 -73.13 -0.85
C VAL B 2778 -48.80 -71.94 -1.18
N LEU B 2779 -49.87 -71.74 -0.40
CA LEU B 2779 -50.76 -70.61 -0.62
C LEU B 2779 -50.04 -69.29 -0.40
N ARG B 2780 -48.97 -69.27 0.40
CA ARG B 2780 -48.23 -68.03 0.59
C ARG B 2780 -47.60 -67.56 -0.71
N TRP B 2781 -46.97 -68.47 -1.44
CA TRP B 2781 -46.42 -68.12 -2.74
C TRP B 2781 -47.52 -67.89 -3.76
N VAL B 2782 -48.65 -68.62 -3.64
CA VAL B 2782 -49.78 -68.34 -4.54
C VAL B 2782 -50.22 -66.89 -4.39
N GLU B 2783 -50.36 -66.43 -3.14
CA GLU B 2783 -50.83 -65.07 -2.91
C GLU B 2783 -49.74 -64.04 -3.23
N LEU B 2784 -48.47 -64.41 -3.05
CA LEU B 2784 -47.39 -63.50 -3.46
C LEU B 2784 -47.39 -63.31 -4.97
N ALA B 2785 -47.65 -64.38 -5.72
CA ALA B 2785 -47.75 -64.26 -7.18
C ALA B 2785 -48.97 -63.45 -7.58
N LYS B 2786 -50.12 -63.69 -6.93
CA LYS B 2786 -51.32 -62.91 -7.22
C LYS B 2786 -51.12 -61.43 -6.91
N LEU B 2787 -50.32 -61.12 -5.88
CA LEU B 2787 -50.00 -59.74 -5.57
C LEU B 2787 -49.06 -59.13 -6.61
N TYR B 2788 -48.03 -59.87 -6.99
CA TYR B 2788 -47.06 -59.34 -7.96
C TYR B 2788 -47.73 -59.08 -9.30
N ARG B 2789 -48.62 -59.97 -9.73
CA ARG B 2789 -49.28 -59.80 -11.02
C ARG B 2789 -50.08 -58.51 -11.10
N SER B 2790 -50.42 -57.90 -9.96
CA SER B 2790 -51.24 -56.70 -9.98
C SER B 2790 -50.45 -55.48 -10.44
N ILE B 2791 -49.16 -55.42 -10.15
CA ILE B 2791 -48.38 -54.21 -10.36
C ILE B 2791 -47.41 -54.42 -11.51
N GLY B 2792 -47.79 -55.27 -12.46
CA GLY B 2792 -46.90 -55.60 -13.56
C GLY B 2792 -45.87 -56.60 -13.09
N GLU B 2793 -44.60 -56.29 -13.35
CA GLU B 2793 -43.49 -57.17 -12.96
C GLU B 2793 -43.76 -58.62 -13.34
N TYR B 2794 -44.26 -58.82 -14.56
CA TYR B 2794 -44.52 -60.17 -15.05
C TYR B 2794 -43.28 -61.05 -14.91
N ASP B 2795 -42.10 -60.45 -14.96
CA ASP B 2795 -40.85 -61.19 -14.79
C ASP B 2795 -40.81 -61.88 -13.43
N VAL B 2796 -41.02 -61.10 -12.36
CA VAL B 2796 -41.00 -61.67 -11.01
C VAL B 2796 -42.13 -62.67 -10.83
N LEU B 2797 -43.22 -62.51 -11.58
CA LEU B 2797 -44.31 -63.49 -11.52
C LEU B 2797 -43.87 -64.83 -12.08
N ARG B 2798 -43.28 -64.80 -13.29
CA ARG B 2798 -42.76 -66.03 -13.87
C ARG B 2798 -41.66 -66.63 -13.01
N GLY B 2799 -40.90 -65.79 -12.31
CA GLY B 2799 -39.73 -66.29 -11.59
C GLY B 2799 -40.05 -67.30 -10.50
N ILE B 2800 -41.24 -67.25 -9.92
CA ILE B 2800 -41.59 -68.21 -8.89
C ILE B 2800 -42.30 -69.44 -9.44
N PHE B 2801 -42.95 -69.32 -10.59
CA PHE B 2801 -43.52 -70.46 -11.31
C PHE B 2801 -42.47 -71.36 -11.94
N THR B 2802 -41.20 -71.05 -11.69
CA THR B 2802 -40.09 -71.93 -12.05
C THR B 2802 -39.35 -72.45 -10.84
N SER B 2803 -39.35 -71.72 -9.72
CA SER B 2803 -38.61 -72.11 -8.52
C SER B 2803 -39.46 -72.85 -7.48
N GLU B 2804 -40.70 -72.42 -7.23
CA GLU B 2804 -41.46 -72.90 -6.09
C GLU B 2804 -42.62 -73.80 -6.48
N ILE B 2805 -43.54 -73.30 -7.30
CA ILE B 2805 -44.60 -74.16 -7.81
C ILE B 2805 -44.19 -74.61 -9.21
N GLY B 2806 -43.40 -75.68 -9.27
CA GLY B 2806 -42.90 -76.23 -10.50
C GLY B 2806 -43.56 -77.56 -10.76
N THR B 2807 -42.87 -78.63 -10.37
CA THR B 2807 -43.36 -80.00 -10.38
C THR B 2807 -43.73 -80.49 -11.77
N LYS B 2808 -43.43 -79.72 -12.81
CA LYS B 2808 -43.69 -80.13 -14.18
C LYS B 2808 -42.60 -79.58 -15.08
N GLN B 2809 -42.46 -80.22 -16.23
CA GLN B 2809 -41.50 -79.83 -17.25
C GLN B 2809 -42.16 -79.03 -18.35
N ILE B 2810 -43.49 -79.08 -18.43
CA ILE B 2810 -44.22 -78.28 -19.38
C ILE B 2810 -44.46 -76.87 -18.86
N THR B 2811 -44.48 -76.70 -17.54
CA THR B 2811 -44.52 -75.34 -16.98
C THR B 2811 -43.29 -74.55 -17.37
N GLN B 2812 -42.11 -75.15 -17.25
CA GLN B 2812 -40.87 -74.43 -17.53
C GLN B 2812 -40.78 -74.06 -19.00
N SER B 2813 -41.03 -75.03 -19.88
CA SER B 2813 -40.99 -74.74 -21.31
C SER B 2813 -42.09 -73.76 -21.71
N ALA B 2814 -43.26 -73.84 -21.08
CA ALA B 2814 -44.37 -72.96 -21.42
C ALA B 2814 -44.05 -71.51 -21.07
N LEU B 2815 -43.55 -71.27 -19.86
CA LEU B 2815 -43.14 -69.92 -19.50
C LEU B 2815 -41.93 -69.47 -20.31
N LEU B 2816 -41.05 -70.40 -20.70
CA LEU B 2816 -39.88 -70.04 -21.50
C LEU B 2816 -40.29 -69.61 -22.90
N ALA B 2817 -41.31 -70.25 -23.47
CA ALA B 2817 -41.82 -69.87 -24.78
C ALA B 2817 -42.77 -68.67 -24.71
N GLU B 2818 -43.37 -68.42 -23.56
CA GLU B 2818 -44.24 -67.26 -23.39
C GLU B 2818 -43.44 -66.00 -23.05
N ALA B 2819 -42.21 -66.14 -22.56
CA ALA B 2819 -41.34 -64.99 -22.39
C ALA B 2819 -41.05 -64.34 -23.74
N ARG B 2820 -40.55 -65.12 -24.69
CA ARG B 2820 -40.42 -64.65 -26.07
C ARG B 2820 -41.79 -64.61 -26.72
N SER B 2821 -41.92 -63.76 -27.74
CA SER B 2821 -43.17 -63.62 -28.47
C SER B 2821 -43.33 -64.83 -29.38
N ASP B 2822 -43.74 -65.94 -28.77
CA ASP B 2822 -43.99 -67.20 -29.47
C ASP B 2822 -45.27 -67.81 -28.93
N TYR B 2823 -46.31 -66.99 -28.82
CA TYR B 2823 -47.52 -67.40 -28.12
C TYR B 2823 -48.41 -68.32 -28.93
N SER B 2824 -47.97 -68.77 -30.11
CA SER B 2824 -48.68 -69.85 -30.78
C SER B 2824 -48.33 -71.18 -30.12
N GLU B 2825 -47.04 -71.52 -30.11
CA GLU B 2825 -46.60 -72.72 -29.40
C GLU B 2825 -46.78 -72.56 -27.89
N ALA B 2826 -46.70 -71.33 -27.39
CA ALA B 2826 -46.90 -71.11 -25.96
C ALA B 2826 -48.34 -71.41 -25.57
N ALA B 2827 -49.29 -70.92 -26.36
CA ALA B 2827 -50.69 -71.26 -26.10
C ALA B 2827 -50.96 -72.73 -26.37
N LYS B 2828 -50.20 -73.33 -27.30
CA LYS B 2828 -50.37 -74.75 -27.62
C LYS B 2828 -50.02 -75.64 -26.43
N GLN B 2829 -48.83 -75.46 -25.88
CA GLN B 2829 -48.36 -76.34 -24.80
C GLN B 2829 -48.94 -76.00 -23.43
N TYR B 2830 -49.86 -75.04 -23.35
CA TYR B 2830 -50.63 -74.91 -22.13
C TYR B 2830 -51.86 -75.81 -22.13
N ASP B 2831 -52.59 -75.86 -23.24
CA ASP B 2831 -53.70 -76.82 -23.33
C ASP B 2831 -53.21 -78.22 -23.60
N GLU B 2832 -51.96 -78.39 -24.06
CA GLU B 2832 -51.35 -79.71 -24.12
C GLU B 2832 -50.88 -80.17 -22.74
N ALA B 2833 -51.23 -79.44 -21.68
CA ALA B 2833 -50.89 -79.80 -20.31
C ALA B 2833 -52.15 -79.78 -19.47
N LEU B 2834 -53.11 -78.93 -19.86
CA LEU B 2834 -54.34 -78.77 -19.09
C LEU B 2834 -55.12 -80.07 -19.00
N ASN B 2835 -55.10 -80.89 -20.06
CA ASN B 2835 -55.99 -82.03 -20.21
C ASN B 2835 -55.29 -83.38 -20.10
N LYS B 2836 -54.35 -83.51 -19.17
CA LYS B 2836 -53.72 -84.81 -18.95
C LYS B 2836 -54.73 -85.81 -18.37
N GLN B 2837 -54.35 -87.09 -18.41
CA GLN B 2837 -55.16 -88.17 -17.87
C GLN B 2837 -54.61 -88.71 -16.55
N ASP B 2838 -53.36 -89.16 -16.54
CA ASP B 2838 -52.79 -89.84 -15.39
C ASP B 2838 -51.66 -89.05 -14.75
N TRP B 2839 -50.59 -88.76 -15.49
CA TRP B 2839 -49.41 -88.09 -14.96
C TRP B 2839 -48.97 -88.74 -13.64
N VAL B 2840 -48.45 -89.95 -13.76
CA VAL B 2840 -48.08 -90.73 -12.55
C VAL B 2840 -46.64 -90.34 -12.23
N ASP B 2841 -46.51 -89.16 -11.61
CA ASP B 2841 -45.35 -88.76 -10.83
C ASP B 2841 -45.82 -87.98 -9.62
N GLY B 2842 -47.13 -87.93 -9.38
CA GLY B 2842 -47.76 -87.00 -8.47
C GLY B 2842 -48.91 -86.31 -9.18
N GLU B 2843 -49.80 -85.71 -8.42
CA GLU B 2843 -50.92 -84.97 -8.99
C GLU B 2843 -50.63 -83.49 -8.93
N PRO B 2844 -50.87 -82.74 -10.01
CA PRO B 2844 -50.65 -81.29 -9.96
C PRO B 2844 -51.49 -80.67 -8.86
N THR B 2845 -50.82 -79.94 -7.96
CA THR B 2845 -51.50 -79.35 -6.82
C THR B 2845 -52.61 -78.42 -7.28
N GLU B 2846 -53.58 -78.20 -6.39
CA GLU B 2846 -54.65 -77.25 -6.68
C GLU B 2846 -54.14 -75.83 -6.82
N ALA B 2847 -52.84 -75.60 -6.67
CA ALA B 2847 -52.20 -74.30 -6.77
C ALA B 2847 -51.81 -73.98 -8.21
N GLU B 2848 -51.12 -74.89 -8.88
CA GLU B 2848 -50.80 -74.67 -10.28
C GLU B 2848 -51.86 -75.22 -11.22
N LYS B 2849 -52.74 -76.10 -10.73
CA LYS B 2849 -53.81 -76.64 -11.57
C LYS B 2849 -54.75 -75.56 -12.07
N ASP B 2850 -54.83 -74.42 -11.37
CA ASP B 2850 -55.60 -73.28 -11.87
C ASP B 2850 -54.73 -72.14 -12.38
N PHE B 2851 -53.46 -72.06 -11.96
CA PHE B 2851 -52.54 -71.12 -12.60
C PHE B 2851 -52.33 -71.47 -14.07
N TRP B 2852 -52.32 -72.76 -14.40
CA TRP B 2852 -52.21 -73.13 -15.80
C TRP B 2852 -53.38 -72.59 -16.60
N GLU B 2853 -54.59 -72.65 -16.03
CA GLU B 2853 -55.76 -72.07 -16.68
C GLU B 2853 -55.62 -70.56 -16.80
N LEU B 2854 -55.14 -69.91 -15.74
CA LEU B 2854 -54.91 -68.46 -15.75
C LEU B 2854 -53.98 -68.06 -16.89
N ALA B 2855 -52.85 -68.77 -17.01
CA ALA B 2855 -51.85 -68.42 -18.02
C ALA B 2855 -52.34 -68.78 -19.42
N SER B 2856 -53.11 -69.86 -19.55
CA SER B 2856 -53.70 -70.18 -20.85
C SER B 2856 -54.64 -69.08 -21.31
N LEU B 2857 -55.44 -68.53 -20.38
CA LEU B 2857 -56.30 -67.41 -20.75
C LEU B 2857 -55.49 -66.18 -21.13
N ASP B 2858 -54.42 -65.88 -20.37
CA ASP B 2858 -53.54 -64.77 -20.73
C ASP B 2858 -53.02 -64.90 -22.16
N CYS B 2859 -52.49 -66.08 -22.49
CA CYS B 2859 -51.88 -66.25 -23.81
C CYS B 2859 -52.95 -66.26 -24.91
N TYR B 2860 -54.13 -66.84 -24.64
CA TYR B 2860 -55.19 -66.79 -25.64
C TYR B 2860 -55.71 -65.38 -25.86
N ASN B 2861 -55.64 -64.51 -24.84
CA ASN B 2861 -56.04 -63.13 -25.05
C ASN B 2861 -54.98 -62.35 -25.82
N HIS B 2862 -53.69 -62.69 -25.63
CA HIS B 2862 -52.65 -61.95 -26.32
C HIS B 2862 -52.80 -61.99 -27.84
N LEU B 2863 -53.45 -63.02 -28.39
CA LEU B 2863 -53.83 -63.03 -29.78
C LEU B 2863 -55.35 -63.03 -29.90
N ALA B 2864 -55.85 -63.09 -31.13
CA ALA B 2864 -57.28 -62.95 -31.40
C ALA B 2864 -57.96 -64.32 -31.57
N GLU B 2865 -57.84 -65.18 -30.55
CA GLU B 2865 -58.62 -66.40 -30.51
C GLU B 2865 -59.83 -66.21 -29.61
N TRP B 2866 -60.72 -65.30 -30.05
CA TRP B 2866 -61.86 -64.91 -29.24
C TRP B 2866 -62.89 -66.02 -29.12
N LYS B 2867 -62.90 -66.97 -30.06
CA LYS B 2867 -63.89 -68.05 -30.01
C LYS B 2867 -63.48 -69.13 -29.03
N SER B 2868 -62.17 -69.37 -28.91
CA SER B 2868 -61.63 -70.33 -27.95
C SER B 2868 -61.13 -69.66 -26.68
N LEU B 2869 -61.45 -68.38 -26.48
CA LEU B 2869 -61.14 -67.72 -25.22
C LEU B 2869 -62.31 -67.78 -24.25
N GLU B 2870 -63.52 -67.46 -24.72
CA GLU B 2870 -64.70 -67.56 -23.86
C GLU B 2870 -64.92 -68.99 -23.39
N TYR B 2871 -64.79 -69.96 -24.30
CA TYR B 2871 -64.89 -71.36 -23.92
C TYR B 2871 -63.82 -71.73 -22.90
N CYS B 2872 -62.57 -71.38 -23.19
CA CYS B 2872 -61.48 -71.71 -22.28
C CYS B 2872 -61.68 -71.05 -20.92
N SER B 2873 -62.44 -69.96 -20.85
CA SER B 2873 -62.71 -69.30 -19.58
C SER B 2873 -63.86 -69.95 -18.82
N THR B 2874 -64.90 -70.39 -19.52
CA THR B 2874 -66.15 -70.84 -18.90
C THR B 2874 -66.16 -72.32 -18.54
N ALA B 2875 -65.01 -73.00 -18.55
CA ALA B 2875 -64.97 -74.45 -18.39
C ALA B 2875 -64.76 -74.88 -16.94
N SER B 2876 -65.31 -74.16 -15.98
CA SER B 2876 -65.13 -74.46 -14.56
C SER B 2876 -66.43 -74.76 -13.84
N ILE B 2877 -67.51 -75.09 -14.54
CA ILE B 2877 -68.78 -75.37 -13.89
C ILE B 2877 -69.31 -76.75 -14.27
N ASP B 2878 -69.58 -76.94 -15.56
CA ASP B 2878 -70.02 -78.22 -16.10
C ASP B 2878 -69.52 -78.32 -17.52
N SER B 2879 -69.17 -79.54 -17.96
CA SER B 2879 -68.66 -79.69 -19.32
C SER B 2879 -69.75 -80.06 -20.31
N GLU B 2880 -70.90 -79.38 -20.23
CA GLU B 2880 -71.95 -79.54 -21.24
C GLU B 2880 -72.81 -78.27 -21.24
N ASN B 2881 -72.38 -77.25 -21.99
CA ASN B 2881 -73.13 -75.99 -22.09
C ASN B 2881 -73.41 -75.47 -20.68
N PRO B 2882 -72.42 -74.95 -19.98
CA PRO B 2882 -72.60 -74.63 -18.56
C PRO B 2882 -73.52 -73.44 -18.37
N PRO B 2883 -74.07 -73.28 -17.15
CA PRO B 2883 -74.94 -72.13 -16.86
C PRO B 2883 -74.18 -70.87 -16.51
N ASP B 2884 -73.80 -70.07 -17.50
CA ASP B 2884 -73.02 -68.87 -17.23
C ASP B 2884 -73.91 -67.73 -16.74
N LEU B 2885 -74.74 -68.02 -15.73
CA LEU B 2885 -75.68 -67.03 -15.22
C LEU B 2885 -75.45 -66.69 -13.76
N ASN B 2886 -75.19 -67.68 -12.90
CA ASN B 2886 -74.96 -67.40 -11.48
C ASN B 2886 -73.77 -68.13 -10.86
N LYS B 2887 -73.30 -69.25 -11.42
CA LYS B 2887 -72.21 -70.00 -10.78
C LYS B 2887 -70.92 -69.21 -10.67
N ILE B 2888 -70.81 -68.08 -11.40
CA ILE B 2888 -69.67 -67.19 -11.19
C ILE B 2888 -69.86 -66.29 -9.99
N TRP B 2889 -71.08 -66.21 -9.43
CA TRP B 2889 -71.30 -65.46 -8.21
C TRP B 2889 -71.00 -66.27 -6.95
N SER B 2890 -71.06 -67.60 -7.05
CA SER B 2890 -70.66 -68.49 -5.97
C SER B 2890 -69.24 -68.99 -6.21
N GLU B 2891 -68.53 -69.28 -5.13
CA GLU B 2891 -67.11 -69.62 -5.16
C GLU B 2891 -66.33 -68.54 -5.91
N PRO B 2892 -66.09 -67.37 -5.28
CA PRO B 2892 -65.54 -66.23 -6.03
C PRO B 2892 -64.16 -66.45 -6.64
N PHE B 2893 -63.58 -67.65 -6.51
CA PHE B 2893 -62.39 -67.96 -7.29
C PHE B 2893 -62.72 -68.03 -8.78
N TYR B 2894 -63.95 -68.44 -9.11
CA TYR B 2894 -64.45 -68.29 -10.48
C TYR B 2894 -64.75 -66.84 -10.83
N GLN B 2895 -64.73 -65.94 -9.84
CA GLN B 2895 -65.15 -64.56 -10.02
C GLN B 2895 -63.98 -63.60 -10.18
N GLU B 2896 -62.86 -63.85 -9.50
CA GLU B 2896 -61.75 -62.92 -9.49
C GLU B 2896 -60.78 -63.13 -10.65
N THR B 2897 -60.62 -64.36 -11.12
CA THR B 2897 -59.64 -64.69 -12.15
C THR B 2897 -60.24 -65.00 -13.52
N TYR B 2898 -61.42 -65.64 -13.58
CA TYR B 2898 -61.97 -66.09 -14.87
C TYR B 2898 -62.91 -65.10 -15.54
N LEU B 2899 -63.48 -64.15 -14.80
CA LEU B 2899 -64.50 -63.25 -15.33
C LEU B 2899 -64.00 -62.14 -16.26
N PRO B 2900 -62.91 -61.44 -15.94
CA PRO B 2900 -62.49 -60.33 -16.82
C PRO B 2900 -62.15 -60.76 -18.24
N TYR B 2901 -61.39 -61.83 -18.40
CA TYR B 2901 -61.04 -62.28 -19.75
C TYR B 2901 -62.27 -62.79 -20.49
N MET B 2902 -63.21 -63.43 -19.79
CA MET B 2902 -64.44 -63.87 -20.44
C MET B 2902 -65.22 -62.67 -21.00
N ILE B 2903 -65.48 -61.67 -20.16
CA ILE B 2903 -66.28 -60.53 -20.62
C ILE B 2903 -65.53 -59.75 -21.68
N ARG B 2904 -64.21 -59.65 -21.56
CA ARG B 2904 -63.40 -58.95 -22.55
C ARG B 2904 -63.44 -59.65 -23.90
N SER B 2905 -63.31 -60.98 -23.91
CA SER B 2905 -63.37 -61.73 -25.16
C SER B 2905 -64.74 -61.65 -25.81
N LYS B 2906 -65.80 -61.77 -25.00
CA LYS B 2906 -67.14 -61.73 -25.58
C LYS B 2906 -67.45 -60.35 -26.14
N LEU B 2907 -66.98 -59.28 -25.49
CA LEU B 2907 -67.19 -57.95 -26.06
C LEU B 2907 -66.35 -57.74 -27.31
N LYS B 2908 -65.08 -58.18 -27.29
CA LYS B 2908 -64.22 -58.04 -28.46
C LYS B 2908 -64.73 -58.87 -29.64
N LEU B 2909 -65.55 -59.89 -29.37
CA LEU B 2909 -66.18 -60.64 -30.44
C LEU B 2909 -67.48 -59.98 -30.90
N LEU B 2910 -68.23 -59.38 -29.98
CA LEU B 2910 -69.43 -58.63 -30.35
C LEU B 2910 -69.10 -57.41 -31.20
N LEU B 2911 -67.93 -56.80 -30.98
CA LEU B 2911 -67.66 -55.52 -31.65
C LEU B 2911 -67.40 -55.69 -33.14
N GLN B 2912 -66.72 -56.77 -33.54
CA GLN B 2912 -66.48 -57.01 -34.96
C GLN B 2912 -67.74 -57.35 -35.75
N GLY B 2913 -68.85 -57.62 -35.08
CA GLY B 2913 -70.08 -57.98 -35.77
C GLY B 2913 -70.54 -59.40 -35.51
N GLU B 2914 -71.50 -59.52 -34.61
CA GLU B 2914 -72.13 -60.78 -34.22
C GLU B 2914 -73.46 -60.45 -33.56
N ALA B 2915 -74.11 -61.48 -33.01
CA ALA B 2915 -75.13 -61.29 -31.99
C ALA B 2915 -74.74 -61.91 -30.67
N ASP B 2916 -74.46 -63.23 -30.67
CA ASP B 2916 -73.86 -63.96 -29.56
C ASP B 2916 -74.78 -64.03 -28.34
N GLN B 2917 -75.77 -63.14 -28.30
CA GLN B 2917 -76.89 -63.13 -27.36
C GLN B 2917 -76.55 -63.70 -25.99
N SER B 2918 -75.35 -63.44 -25.51
CA SER B 2918 -74.98 -64.00 -24.21
C SER B 2918 -74.45 -62.96 -23.25
N LEU B 2919 -73.66 -62.00 -23.74
CA LEU B 2919 -73.24 -60.92 -22.86
C LEU B 2919 -74.41 -60.02 -22.51
N LEU B 2920 -75.29 -59.76 -23.50
CA LEU B 2920 -76.50 -58.98 -23.24
C LEU B 2920 -77.34 -59.64 -22.15
N THR B 2921 -77.61 -60.94 -22.29
CA THR B 2921 -78.44 -61.63 -21.32
C THR B 2921 -77.76 -61.71 -19.97
N PHE B 2922 -76.45 -61.98 -19.96
CA PHE B 2922 -75.73 -62.07 -18.68
C PHE B 2922 -75.71 -60.74 -17.96
N ILE B 2923 -75.59 -59.63 -18.70
CA ILE B 2923 -75.60 -58.33 -18.06
C ILE B 2923 -77.00 -57.99 -17.54
N ASP B 2924 -78.03 -58.37 -18.29
CA ASP B 2924 -79.39 -58.13 -17.81
C ASP B 2924 -79.70 -58.97 -16.57
N LYS B 2925 -79.13 -60.18 -16.49
CA LYS B 2925 -79.40 -61.06 -15.36
C LYS B 2925 -78.55 -60.71 -14.14
N ALA B 2926 -77.34 -60.20 -14.36
CA ALA B 2926 -76.42 -59.89 -13.28
C ALA B 2926 -76.46 -58.43 -12.88
N MET B 2927 -77.55 -57.73 -13.20
CA MET B 2927 -77.74 -56.36 -12.75
C MET B 2927 -78.97 -56.25 -11.85
N HIS B 2928 -79.28 -57.31 -11.11
CA HIS B 2928 -80.52 -57.40 -10.33
C HIS B 2928 -80.16 -57.93 -8.95
N GLY B 2929 -80.20 -57.04 -7.96
CA GLY B 2929 -79.85 -57.38 -6.60
C GLY B 2929 -78.62 -56.61 -6.18
N GLU B 2930 -78.43 -56.42 -4.87
CA GLU B 2930 -77.25 -55.72 -4.39
C GLU B 2930 -75.98 -56.52 -4.61
N LEU B 2931 -76.08 -57.84 -4.70
CA LEU B 2931 -74.94 -58.72 -4.87
C LEU B 2931 -74.60 -58.99 -6.32
N GLN B 2932 -75.16 -58.23 -7.26
CA GLN B 2932 -74.80 -58.34 -8.67
C GLN B 2932 -74.58 -57.00 -9.37
N LYS B 2933 -75.08 -55.90 -8.84
CA LYS B 2933 -75.02 -54.62 -9.51
C LYS B 2933 -73.85 -53.74 -9.07
N ALA B 2934 -73.35 -53.93 -7.85
CA ALA B 2934 -72.32 -53.06 -7.29
C ALA B 2934 -70.90 -53.43 -7.74
N ILE B 2935 -70.73 -54.39 -8.64
CA ILE B 2935 -69.42 -54.74 -9.16
C ILE B 2935 -69.33 -54.55 -10.67
N LEU B 2936 -70.40 -54.91 -11.39
CA LEU B 2936 -70.39 -54.85 -12.85
C LEU B 2936 -70.16 -53.42 -13.33
N GLU B 2937 -70.91 -52.47 -12.78
CA GLU B 2937 -70.74 -51.08 -13.18
C GLU B 2937 -69.57 -50.41 -12.47
N LEU B 2938 -68.99 -51.06 -11.47
CA LEU B 2938 -67.88 -50.50 -10.73
C LEU B 2938 -66.53 -50.78 -11.37
N HIS B 2939 -66.31 -52.00 -11.83
CA HIS B 2939 -64.96 -52.34 -12.28
C HIS B 2939 -64.73 -52.09 -13.76
N TYR B 2940 -65.69 -52.41 -14.63
CA TYR B 2940 -65.44 -52.20 -16.05
C TYR B 2940 -66.00 -50.86 -16.50
N SER B 2941 -67.33 -50.71 -16.48
CA SER B 2941 -68.01 -49.44 -16.70
C SER B 2941 -67.66 -48.83 -18.06
N GLN B 2942 -66.81 -49.50 -18.82
CA GLN B 2942 -66.37 -49.11 -20.15
C GLN B 2942 -66.75 -50.13 -21.20
N GLU B 2943 -66.57 -51.42 -20.89
CA GLU B 2943 -67.27 -52.46 -21.61
C GLU B 2943 -68.77 -52.21 -21.59
N LEU B 2944 -69.29 -51.71 -20.47
CA LEU B 2944 -70.70 -51.37 -20.39
C LEU B 2944 -71.06 -50.25 -21.35
N SER B 2945 -70.19 -49.24 -21.47
CA SER B 2945 -70.45 -48.17 -22.43
C SER B 2945 -70.40 -48.68 -23.85
N LEU B 2946 -69.45 -49.57 -24.17
CA LEU B 2946 -69.37 -50.12 -25.51
C LEU B 2946 -70.58 -51.00 -25.83
N LEU B 2947 -71.11 -51.71 -24.84
CA LEU B 2947 -72.31 -52.52 -25.06
C LEU B 2947 -73.54 -51.64 -25.23
N TYR B 2948 -73.65 -50.57 -24.44
CA TYR B 2948 -74.73 -49.61 -24.61
C TYR B 2948 -74.64 -48.87 -25.95
N LEU B 2949 -73.44 -48.81 -26.55
CA LEU B 2949 -73.32 -48.33 -27.92
C LEU B 2949 -73.68 -49.40 -28.94
N LEU B 2950 -73.39 -50.67 -28.64
CA LEU B 2950 -73.87 -51.75 -29.50
C LEU B 2950 -75.39 -51.76 -29.58
N GLN B 2951 -76.07 -51.45 -28.48
CA GLN B 2951 -77.52 -51.37 -28.47
C GLN B 2951 -78.06 -49.95 -28.68
N ASP B 2952 -77.16 -49.00 -28.98
CA ASP B 2952 -77.46 -47.71 -29.59
C ASP B 2952 -78.15 -46.68 -28.70
N ASP B 2953 -78.30 -46.91 -27.39
CA ASP B 2953 -78.78 -45.87 -26.50
C ASP B 2953 -77.59 -45.14 -25.89
N VAL B 2954 -77.59 -43.81 -26.00
CA VAL B 2954 -76.40 -43.02 -25.70
C VAL B 2954 -76.40 -42.40 -24.30
N ASP B 2955 -77.55 -42.33 -23.63
CA ASP B 2955 -77.57 -41.75 -22.29
C ASP B 2955 -76.73 -42.58 -21.33
N ARG B 2956 -76.96 -43.89 -21.34
CA ARG B 2956 -76.15 -44.80 -20.53
C ARG B 2956 -74.71 -44.79 -20.99
N ALA B 2957 -74.47 -44.61 -22.29
CA ALA B 2957 -73.09 -44.55 -22.78
C ALA B 2957 -72.34 -43.36 -22.18
N LYS B 2958 -72.97 -42.18 -22.19
CA LYS B 2958 -72.37 -41.01 -21.55
C LYS B 2958 -72.16 -41.24 -20.06
N TYR B 2959 -73.19 -41.76 -19.38
CA TYR B 2959 -73.10 -41.98 -17.95
C TYR B 2959 -71.93 -42.90 -17.61
N TYR B 2960 -71.81 -44.01 -18.33
CA TYR B 2960 -70.79 -45.00 -18.02
C TYR B 2960 -69.40 -44.57 -18.50
N ILE B 2961 -69.29 -43.77 -19.56
CA ILE B 2961 -67.96 -43.34 -19.97
C ILE B 2961 -67.43 -42.26 -19.01
N GLN B 2962 -68.31 -41.39 -18.51
CA GLN B 2962 -67.88 -40.47 -17.46
C GLN B 2962 -67.55 -41.23 -16.18
N ASN B 2963 -68.33 -42.27 -15.87
CA ASN B 2963 -68.03 -43.10 -14.70
C ASN B 2963 -66.69 -43.78 -14.85
N GLY B 2964 -66.36 -44.22 -16.07
CA GLY B 2964 -65.06 -44.84 -16.30
C GLY B 2964 -63.92 -43.84 -16.20
N ILE B 2965 -64.15 -42.61 -16.68
CA ILE B 2965 -63.15 -41.56 -16.50
C ILE B 2965 -62.85 -41.35 -15.03
N GLN B 2966 -63.91 -41.17 -14.22
CA GLN B 2966 -63.69 -40.94 -12.79
C GLN B 2966 -63.13 -42.17 -12.09
N SER B 2967 -63.46 -43.38 -12.56
CA SER B 2967 -62.93 -44.59 -11.94
C SER B 2967 -61.44 -44.75 -12.22
N PHE B 2968 -61.03 -44.56 -13.48
CA PHE B 2968 -59.60 -44.53 -13.79
C PHE B 2968 -58.92 -43.44 -12.98
N MET B 2969 -59.60 -42.31 -12.80
CA MET B 2969 -59.04 -41.22 -12.01
C MET B 2969 -58.72 -41.69 -10.60
N GLN B 2970 -59.69 -42.34 -9.94
CA GLN B 2970 -59.43 -42.81 -8.58
C GLN B 2970 -58.33 -43.86 -8.55
N ASN B 2971 -58.38 -44.82 -9.47
CA ASN B 2971 -57.35 -45.87 -9.51
C ASN B 2971 -55.96 -45.27 -9.63
N TYR B 2972 -55.79 -44.32 -10.55
CA TYR B 2972 -54.47 -43.72 -10.75
C TYR B 2972 -54.09 -42.86 -9.56
N SER B 2973 -55.05 -42.11 -9.00
CA SER B 2973 -54.75 -41.19 -7.90
C SER B 2973 -54.43 -41.92 -6.61
N SER B 2974 -54.88 -43.17 -6.46
CA SER B 2974 -54.55 -43.93 -5.27
C SER B 2974 -53.25 -44.71 -5.41
N ILE B 2975 -52.85 -45.04 -6.64
CA ILE B 2975 -51.60 -45.76 -6.85
C ILE B 2975 -50.42 -44.89 -6.44
N ASP B 2976 -49.45 -45.51 -5.75
CA ASP B 2976 -48.24 -44.80 -5.38
C ASP B 2976 -47.48 -44.39 -6.64
N VAL B 2977 -46.86 -43.20 -6.58
CA VAL B 2977 -46.28 -42.61 -7.80
C VAL B 2977 -45.07 -43.40 -8.28
N LEU B 2978 -44.40 -44.12 -7.39
CA LEU B 2978 -43.21 -44.87 -7.76
C LEU B 2978 -43.51 -46.32 -8.17
N LEU B 2979 -44.74 -46.79 -8.01
CA LEU B 2979 -45.12 -48.13 -8.46
C LEU B 2979 -45.32 -48.08 -9.98
N HIS B 2980 -44.18 -48.03 -10.67
CA HIS B 2980 -44.17 -47.85 -12.11
C HIS B 2980 -44.81 -49.03 -12.82
N GLN B 2981 -45.08 -48.80 -14.11
CA GLN B 2981 -45.63 -49.75 -15.07
C GLN B 2981 -47.10 -50.03 -14.79
N SER B 2982 -47.56 -49.69 -13.59
CA SER B 2982 -48.98 -49.79 -13.26
C SER B 2982 -49.69 -48.51 -13.65
N ARG B 2983 -49.09 -47.37 -13.29
CA ARG B 2983 -49.56 -46.10 -13.82
C ARG B 2983 -49.56 -46.13 -15.34
N LEU B 2984 -48.53 -46.73 -15.93
CA LEU B 2984 -48.43 -46.78 -17.39
C LEU B 2984 -49.53 -47.65 -17.98
N THR B 2985 -49.78 -48.83 -17.40
CA THR B 2985 -50.82 -49.71 -17.92
C THR B 2985 -52.20 -49.05 -17.82
N LYS B 2986 -52.48 -48.37 -16.72
CA LYS B 2986 -53.76 -47.67 -16.65
C LYS B 2986 -53.81 -46.50 -17.63
N LEU B 2987 -52.68 -45.82 -17.83
CA LEU B 2987 -52.66 -44.66 -18.71
C LEU B 2987 -52.86 -45.06 -20.17
N GLN B 2988 -52.48 -46.28 -20.54
CA GLN B 2988 -52.61 -46.62 -21.94
C GLN B 2988 -54.07 -46.83 -22.38
N SER B 2989 -55.02 -46.83 -21.45
CA SER B 2989 -56.42 -47.00 -21.79
C SER B 2989 -57.17 -45.67 -21.89
N VAL B 2990 -56.53 -44.56 -21.48
CA VAL B 2990 -57.18 -43.27 -21.56
C VAL B 2990 -57.44 -42.88 -23.00
N GLN B 2991 -56.61 -43.34 -23.94
CA GLN B 2991 -56.89 -43.03 -25.35
C GLN B 2991 -58.21 -43.65 -25.78
N ALA B 2992 -58.45 -44.92 -25.41
CA ALA B 2992 -59.71 -45.54 -25.77
C ALA B 2992 -60.88 -44.87 -25.05
N LEU B 2993 -60.73 -44.57 -23.76
CA LEU B 2993 -61.76 -43.85 -23.05
C LEU B 2993 -62.10 -42.54 -23.73
N THR B 2994 -61.07 -41.79 -24.17
CA THR B 2994 -61.29 -40.49 -24.78
C THR B 2994 -61.82 -40.61 -26.21
N GLU B 2995 -61.48 -41.69 -26.93
CA GLU B 2995 -62.09 -41.88 -28.23
C GLU B 2995 -63.57 -42.19 -28.08
N ILE B 2996 -63.94 -42.92 -27.04
CA ILE B 2996 -65.36 -43.12 -26.74
C ILE B 2996 -66.02 -41.77 -26.47
N GLN B 2997 -65.43 -40.98 -25.58
CA GLN B 2997 -66.00 -39.67 -25.24
C GLN B 2997 -66.11 -38.77 -26.47
N GLU B 2998 -65.10 -38.76 -27.32
CA GLU B 2998 -65.08 -37.87 -28.48
C GLU B 2998 -66.01 -38.36 -29.58
N PHE B 2999 -66.15 -39.67 -29.75
CA PHE B 2999 -67.13 -40.19 -30.68
C PHE B 2999 -68.55 -39.85 -30.21
N ILE B 3000 -68.81 -39.96 -28.92
CA ILE B 3000 -70.13 -39.61 -28.40
C ILE B 3000 -70.36 -38.12 -28.57
N SER B 3001 -69.31 -37.30 -28.38
CA SER B 3001 -69.42 -35.86 -28.59
C SER B 3001 -69.46 -35.48 -30.06
N PHE B 3002 -69.09 -36.41 -30.94
CA PHE B 3002 -69.16 -36.19 -32.38
C PHE B 3002 -70.51 -36.57 -32.96
N ILE B 3003 -71.19 -37.56 -32.37
CA ILE B 3003 -72.47 -38.01 -32.91
C ILE B 3003 -73.64 -37.22 -32.32
N SER B 3004 -73.40 -36.34 -31.36
CA SER B 3004 -74.49 -35.61 -30.72
C SER B 3004 -74.91 -34.36 -31.48
N LYS B 3005 -74.02 -33.76 -32.26
CA LYS B 3005 -74.37 -32.60 -33.08
C LYS B 3005 -74.92 -33.05 -34.43
N GLN B 3006 -75.82 -32.25 -34.99
CA GLN B 3006 -76.41 -32.56 -36.28
C GLN B 3006 -75.61 -31.97 -37.44
N GLY B 3007 -74.83 -30.92 -37.21
CA GLY B 3007 -73.99 -30.34 -38.24
C GLY B 3007 -72.91 -31.28 -38.73
N ASN B 3008 -72.84 -32.48 -38.15
CA ASN B 3008 -71.92 -33.52 -38.57
C ASN B 3008 -72.60 -34.63 -39.35
N LEU B 3009 -73.94 -34.70 -39.31
CA LEU B 3009 -74.67 -35.76 -40.00
C LEU B 3009 -74.54 -35.61 -41.52
N SER B 3010 -75.02 -34.48 -42.05
CA SER B 3010 -74.97 -34.27 -43.50
C SER B 3010 -73.61 -33.76 -43.94
N SER B 3011 -72.94 -32.98 -43.11
CA SER B 3011 -71.67 -32.37 -43.48
C SER B 3011 -70.52 -33.35 -43.33
N GLN B 3012 -69.52 -33.21 -44.21
CA GLN B 3012 -68.35 -34.08 -44.22
C GLN B 3012 -67.11 -33.40 -43.68
N VAL B 3013 -67.22 -32.17 -43.18
CA VAL B 3013 -66.07 -31.48 -42.62
C VAL B 3013 -65.77 -32.03 -41.24
N PRO B 3014 -66.75 -32.17 -40.33
CA PRO B 3014 -66.43 -32.72 -39.01
C PRO B 3014 -65.93 -34.16 -39.07
N LEU B 3015 -66.49 -34.99 -39.96
CA LEU B 3015 -65.99 -36.35 -40.09
C LEU B 3015 -64.61 -36.39 -40.74
N LYS B 3016 -64.33 -35.48 -41.67
CA LYS B 3016 -62.98 -35.40 -42.23
C LYS B 3016 -61.97 -35.01 -41.15
N ARG B 3017 -62.32 -34.03 -40.31
CA ARG B 3017 -61.45 -33.67 -39.20
C ARG B 3017 -61.27 -34.83 -38.23
N LEU B 3018 -62.35 -35.56 -37.93
CA LEU B 3018 -62.28 -36.71 -37.05
C LEU B 3018 -61.33 -37.76 -37.61
N LEU B 3019 -61.43 -38.02 -38.92
CA LEU B 3019 -60.54 -38.99 -39.54
C LEU B 3019 -59.10 -38.50 -39.51
N ASN B 3020 -58.90 -37.19 -39.71
CA ASN B 3020 -57.54 -36.65 -39.69
C ASN B 3020 -56.91 -36.75 -38.30
N THR B 3021 -57.67 -36.46 -37.25
CA THR B 3021 -57.12 -36.56 -35.91
C THR B 3021 -56.99 -37.99 -35.42
N TRP B 3022 -57.78 -38.93 -35.97
CA TRP B 3022 -57.58 -40.34 -35.63
C TRP B 3022 -56.37 -40.90 -36.35
N THR B 3023 -56.20 -40.57 -37.63
CA THR B 3023 -54.99 -40.94 -38.37
C THR B 3023 -53.79 -40.12 -37.96
N ASN B 3024 -53.98 -39.15 -37.06
CA ASN B 3024 -52.88 -38.39 -36.50
C ASN B 3024 -52.64 -38.65 -35.03
N ARG B 3025 -53.64 -39.15 -34.30
CA ARG B 3025 -53.47 -39.58 -32.91
C ARG B 3025 -53.57 -41.10 -32.89
N TYR B 3026 -52.45 -41.75 -33.16
CA TYR B 3026 -52.26 -43.19 -33.06
C TYR B 3026 -51.56 -43.53 -31.76
N PRO B 3027 -51.65 -44.78 -31.31
CA PRO B 3027 -50.71 -45.25 -30.28
C PRO B 3027 -49.32 -45.40 -30.89
N ASP B 3028 -48.31 -45.37 -30.02
CA ASP B 3028 -46.94 -45.50 -30.47
C ASP B 3028 -46.57 -46.97 -30.57
N ALA B 3029 -46.10 -47.38 -31.75
CA ALA B 3029 -45.55 -48.71 -31.92
C ALA B 3029 -44.28 -48.88 -31.10
N LYS B 3030 -43.92 -50.14 -30.87
CA LYS B 3030 -42.63 -50.53 -30.27
C LYS B 3030 -42.56 -50.19 -28.78
N MET B 3031 -43.56 -49.48 -28.27
CA MET B 3031 -43.56 -49.07 -26.87
C MET B 3031 -44.88 -49.40 -26.19
N ASP B 3032 -45.97 -49.37 -26.96
CA ASP B 3032 -47.29 -49.69 -26.43
C ASP B 3032 -47.59 -51.16 -26.65
N PRO B 3033 -47.96 -51.90 -25.61
CA PRO B 3033 -48.27 -53.32 -25.79
C PRO B 3033 -49.39 -53.53 -26.80
N MET B 3034 -49.48 -54.77 -27.29
CA MET B 3034 -50.35 -55.03 -28.45
C MET B 3034 -51.82 -55.05 -28.06
N ASN B 3035 -52.15 -55.40 -26.82
CA ASN B 3035 -53.53 -55.34 -26.39
C ASN B 3035 -54.06 -53.91 -26.35
N ILE B 3036 -53.18 -52.93 -26.13
CA ILE B 3036 -53.58 -51.53 -26.19
C ILE B 3036 -53.97 -51.16 -27.62
N TRP B 3037 -53.11 -51.51 -28.59
CA TRP B 3037 -53.43 -51.27 -29.99
C TRP B 3037 -54.72 -51.96 -30.37
N ASP B 3038 -54.93 -53.17 -29.85
CA ASP B 3038 -56.14 -53.92 -30.14
C ASP B 3038 -57.38 -53.19 -29.62
N ASP B 3039 -57.37 -52.82 -28.34
CA ASP B 3039 -58.48 -52.06 -27.77
C ASP B 3039 -58.81 -50.86 -28.63
N ILE B 3040 -57.78 -50.05 -28.95
CA ILE B 3040 -58.03 -48.77 -29.59
C ILE B 3040 -58.52 -48.96 -31.02
N ILE B 3041 -57.87 -49.84 -31.78
CA ILE B 3041 -58.23 -50.01 -33.19
C ILE B 3041 -59.55 -50.74 -33.34
N THR B 3042 -59.82 -51.74 -32.50
CA THR B 3042 -61.12 -52.40 -32.53
C THR B 3042 -62.23 -51.40 -32.23
N ASN B 3043 -62.04 -50.57 -31.19
CA ASN B 3043 -63.07 -49.59 -30.86
C ASN B 3043 -63.23 -48.55 -31.97
N ARG B 3044 -62.12 -48.19 -32.65
CA ARG B 3044 -62.21 -47.20 -33.71
C ARG B 3044 -62.94 -47.75 -34.93
N CYS B 3045 -62.63 -48.98 -35.33
CA CYS B 3045 -63.36 -49.56 -36.47
C CYS B 3045 -64.82 -49.82 -36.12
N PHE B 3046 -65.12 -50.14 -34.86
CA PHE B 3046 -66.52 -50.25 -34.45
C PHE B 3046 -67.22 -48.91 -34.55
N PHE B 3047 -66.55 -47.83 -34.15
CA PHE B 3047 -67.12 -46.49 -34.30
C PHE B 3047 -67.39 -46.19 -35.77
N LEU B 3048 -66.44 -46.55 -36.64
CA LEU B 3048 -66.63 -46.31 -38.08
C LEU B 3048 -67.83 -47.08 -38.62
N SER B 3049 -67.97 -48.34 -38.20
CA SER B 3049 -69.09 -49.14 -38.70
C SER B 3049 -70.43 -48.62 -38.17
N LYS B 3050 -70.46 -48.17 -36.91
CA LYS B 3050 -71.69 -47.60 -36.36
C LYS B 3050 -72.06 -46.29 -37.04
N ILE B 3051 -71.06 -45.50 -37.45
CA ILE B 3051 -71.33 -44.28 -38.20
C ILE B 3051 -71.89 -44.63 -39.59
N GLU B 3052 -71.30 -45.63 -40.26
CA GLU B 3052 -71.83 -46.03 -41.56
C GLU B 3052 -73.20 -46.72 -41.45
N GLU B 3053 -73.59 -47.20 -40.27
CA GLU B 3053 -74.95 -47.66 -40.05
C GLU B 3053 -75.91 -46.50 -39.86
N LYS B 3054 -75.54 -45.51 -39.03
CA LYS B 3054 -76.48 -44.43 -38.73
C LYS B 3054 -76.67 -43.51 -39.92
N LEU B 3055 -75.61 -43.26 -40.69
CA LEU B 3055 -75.69 -42.43 -41.87
C LEU B 3055 -76.00 -43.33 -43.06
N THR B 3056 -77.27 -43.40 -43.44
CA THR B 3056 -77.70 -44.26 -44.53
C THR B 3056 -77.25 -43.72 -45.89
N ASP B 3084 -68.18 -41.05 -54.76
CA ASP B 3084 -69.09 -40.76 -53.65
C ASP B 3084 -68.36 -40.80 -52.31
N ILE B 3085 -68.95 -41.45 -51.32
CA ILE B 3085 -68.48 -41.31 -49.94
C ILE B 3085 -68.18 -42.63 -49.24
N SER B 3086 -68.75 -43.77 -49.66
CA SER B 3086 -68.53 -45.00 -48.91
C SER B 3086 -67.13 -45.57 -49.10
N SER B 3087 -66.38 -45.07 -50.09
CA SER B 3087 -65.02 -45.56 -50.31
C SER B 3087 -64.05 -44.95 -49.31
N LEU B 3088 -64.31 -43.72 -48.88
CA LEU B 3088 -63.44 -43.05 -47.91
C LEU B 3088 -63.53 -43.67 -46.52
N ILE B 3089 -64.51 -44.54 -46.28
CA ILE B 3089 -64.59 -45.30 -45.05
C ILE B 3089 -63.77 -46.56 -45.12
N ARG B 3090 -63.92 -47.33 -46.21
CA ARG B 3090 -63.12 -48.54 -46.36
C ARG B 3090 -61.64 -48.21 -46.48
N SER B 3091 -61.31 -47.10 -47.14
CA SER B 3091 -59.90 -46.73 -47.25
C SER B 3091 -59.29 -46.50 -45.89
N CYS B 3092 -60.03 -45.83 -45.00
CA CYS B 3092 -59.55 -45.60 -43.64
C CYS B 3092 -59.44 -46.91 -42.86
N LYS B 3093 -60.44 -47.78 -42.97
CA LYS B 3093 -60.36 -49.06 -42.25
C LYS B 3093 -59.16 -49.87 -42.71
N PHE B 3094 -58.93 -49.92 -44.02
CA PHE B 3094 -57.80 -50.66 -44.57
C PHE B 3094 -56.48 -50.09 -44.10
N SER B 3095 -56.35 -48.75 -44.15
CA SER B 3095 -55.12 -48.12 -43.71
C SER B 3095 -54.86 -48.39 -42.22
N MET B 3096 -55.91 -48.29 -41.40
CA MET B 3096 -55.74 -48.52 -39.97
C MET B 3096 -55.33 -49.96 -39.68
N LYS B 3097 -56.00 -50.92 -40.33
CA LYS B 3097 -55.68 -52.32 -40.07
C LYS B 3097 -54.27 -52.66 -40.57
N MET B 3098 -53.85 -52.10 -41.70
CA MET B 3098 -52.50 -52.37 -42.18
C MET B 3098 -51.44 -51.71 -41.30
N LYS B 3099 -51.74 -50.54 -40.75
CA LYS B 3099 -50.82 -49.91 -39.81
C LYS B 3099 -50.70 -50.74 -38.53
N MET B 3100 -51.82 -51.31 -38.07
CA MET B 3100 -51.75 -52.21 -36.92
C MET B 3100 -50.91 -53.43 -37.23
N ILE B 3101 -51.00 -53.94 -38.47
CA ILE B 3101 -50.18 -55.08 -38.86
C ILE B 3101 -48.70 -54.72 -38.82
N ASP B 3102 -48.34 -53.56 -39.34
CA ASP B 3102 -46.96 -53.09 -39.26
C ASP B 3102 -46.48 -53.02 -37.81
N SER B 3103 -47.27 -52.37 -36.95
CA SER B 3103 -46.87 -52.22 -35.56
C SER B 3103 -46.81 -53.56 -34.84
N ALA B 3104 -47.66 -54.51 -35.22
CA ALA B 3104 -47.59 -55.84 -34.64
C ALA B 3104 -46.28 -56.52 -35.03
N ARG B 3105 -45.90 -56.44 -36.30
CA ARG B 3105 -44.62 -57.02 -36.69
C ARG B 3105 -43.47 -56.37 -35.94
N LYS B 3106 -43.57 -55.06 -35.69
CA LYS B 3106 -42.51 -54.37 -34.96
C LYS B 3106 -42.32 -54.91 -33.54
N GLN B 3107 -43.29 -55.64 -33.00
CA GLN B 3107 -43.18 -56.19 -31.66
C GLN B 3107 -43.16 -57.71 -31.67
N ASN B 3108 -42.77 -58.32 -32.79
CA ASN B 3108 -42.50 -59.76 -32.86
C ASN B 3108 -43.75 -60.61 -32.61
N ASN B 3109 -44.94 -60.05 -32.86
CA ASN B 3109 -46.17 -60.83 -32.77
C ASN B 3109 -46.54 -61.28 -34.18
N PHE B 3110 -45.90 -62.36 -34.61
CA PHE B 3110 -46.11 -62.87 -35.95
C PHE B 3110 -47.38 -63.71 -36.01
N SER B 3111 -47.67 -64.44 -34.93
CA SER B 3111 -48.91 -65.20 -34.86
C SER B 3111 -50.12 -64.28 -34.69
N LEU B 3112 -49.90 -63.05 -34.23
CA LEU B 3112 -50.96 -62.06 -34.20
C LEU B 3112 -51.03 -61.24 -35.47
N ALA B 3113 -49.93 -61.13 -36.22
CA ALA B 3113 -49.98 -60.42 -37.48
C ALA B 3113 -50.50 -61.28 -38.62
N MET B 3114 -50.21 -62.58 -38.61
CA MET B 3114 -50.61 -63.46 -39.72
C MET B 3114 -52.12 -63.58 -39.79
N LYS B 3115 -52.80 -63.59 -38.64
CA LYS B 3115 -54.26 -63.61 -38.64
C LYS B 3115 -54.81 -62.38 -39.36
N LEU B 3116 -54.20 -61.22 -39.12
CA LEU B 3116 -54.65 -59.99 -39.77
C LEU B 3116 -54.33 -59.99 -41.25
N LEU B 3117 -53.14 -60.47 -41.63
CA LEU B 3117 -52.81 -60.59 -43.05
C LEU B 3117 -53.79 -61.52 -43.76
N LYS B 3118 -54.19 -62.62 -43.11
CA LYS B 3118 -55.11 -63.55 -43.74
C LYS B 3118 -56.51 -62.95 -43.87
N GLU B 3119 -56.97 -62.23 -42.85
CA GLU B 3119 -58.31 -61.64 -42.95
C GLU B 3119 -58.35 -60.47 -43.92
N LEU B 3120 -57.22 -59.80 -44.13
CA LEU B 3120 -57.18 -58.68 -45.06
C LEU B 3120 -56.76 -59.08 -46.47
N HIS B 3121 -56.30 -60.32 -46.64
CA HIS B 3121 -56.00 -60.85 -47.96
C HIS B 3121 -57.20 -60.73 -48.89
N LYS B 3122 -58.41 -60.87 -48.36
CA LYS B 3122 -59.60 -60.83 -49.22
C LYS B 3122 -59.96 -59.42 -49.66
N GLU B 3123 -59.62 -58.40 -48.88
CA GLU B 3123 -59.90 -57.03 -49.30
C GLU B 3123 -58.76 -56.43 -50.10
N SER B 3124 -57.53 -56.83 -49.82
CA SER B 3124 -56.37 -56.26 -50.51
C SER B 3124 -56.20 -56.95 -51.86
N LYS B 3125 -57.27 -56.97 -52.65
CA LYS B 3125 -57.25 -57.50 -54.01
C LYS B 3125 -57.83 -56.54 -55.03
N THR B 3126 -58.71 -55.63 -54.61
CA THR B 3126 -59.33 -54.70 -55.55
C THR B 3126 -58.31 -53.76 -56.17
N ARG B 3127 -57.60 -53.00 -55.34
CA ARG B 3127 -56.61 -52.07 -55.85
C ARG B 3127 -55.22 -52.69 -55.86
N ASP B 3128 -54.36 -52.16 -56.74
CA ASP B 3128 -53.01 -52.70 -56.88
C ASP B 3128 -52.11 -52.26 -55.75
N ASP B 3129 -52.25 -51.00 -55.30
CA ASP B 3129 -51.45 -50.52 -54.19
C ASP B 3129 -51.81 -51.22 -52.89
N TRP B 3130 -53.09 -51.57 -52.72
CA TRP B 3130 -53.50 -52.33 -51.54
C TRP B 3130 -52.83 -53.70 -51.55
N LEU B 3131 -52.92 -54.39 -52.70
CA LEU B 3131 -52.30 -55.70 -52.83
C LEU B 3131 -50.77 -55.63 -52.70
N VAL B 3132 -50.15 -54.60 -53.26
CA VAL B 3132 -48.69 -54.48 -53.16
C VAL B 3132 -48.28 -54.24 -51.71
N SER B 3133 -49.03 -53.41 -50.99
CA SER B 3133 -48.70 -53.18 -49.58
C SER B 3133 -48.91 -54.44 -48.75
N TRP B 3134 -49.94 -55.22 -49.07
CA TRP B 3134 -50.17 -56.47 -48.34
C TRP B 3134 -49.03 -57.46 -48.58
N VAL B 3135 -48.54 -57.56 -49.82
CA VAL B 3135 -47.47 -58.50 -50.11
C VAL B 3135 -46.16 -58.03 -49.48
N GLN B 3136 -45.90 -56.72 -49.50
CA GLN B 3136 -44.74 -56.19 -48.81
C GLN B 3136 -44.81 -56.47 -47.31
N SER B 3137 -46.01 -56.37 -46.73
CA SER B 3137 -46.19 -56.69 -45.31
C SER B 3137 -45.87 -58.15 -45.05
N TYR B 3138 -46.33 -59.05 -45.92
CA TYR B 3138 -46.02 -60.47 -45.75
C TYR B 3138 -44.53 -60.73 -45.85
N CYS B 3139 -43.85 -60.12 -46.82
CA CYS B 3139 -42.42 -60.32 -46.97
C CYS B 3139 -41.65 -59.81 -45.75
N ARG B 3140 -42.02 -58.62 -45.25
CA ARG B 3140 -41.38 -58.10 -44.05
C ARG B 3140 -41.63 -59.00 -42.84
N LEU B 3141 -42.86 -59.53 -42.72
CA LEU B 3141 -43.17 -60.45 -41.63
C LEU B 3141 -42.28 -61.67 -41.69
N SER B 3142 -42.12 -62.25 -42.88
CA SER B 3142 -41.30 -63.45 -43.03
C SER B 3142 -39.83 -63.16 -42.71
N HIS B 3143 -39.31 -62.05 -43.23
CA HIS B 3143 -37.90 -61.75 -43.03
C HIS B 3143 -37.59 -61.36 -41.59
N CYS B 3144 -38.55 -60.74 -40.89
CA CYS B 3144 -38.35 -60.47 -39.47
C CYS B 3144 -38.52 -61.74 -38.64
N ARG B 3145 -39.30 -62.71 -39.13
CA ARG B 3145 -39.46 -63.97 -38.44
C ARG B 3145 -38.24 -64.87 -38.62
N SER B 3146 -37.53 -64.71 -39.72
CA SER B 3146 -36.39 -65.56 -40.05
C SER B 3146 -35.11 -65.19 -39.30
N ARG B 3147 -35.16 -64.27 -38.35
CA ARG B 3147 -33.95 -63.78 -37.69
C ARG B 3147 -33.63 -64.53 -36.39
N SER B 3148 -34.41 -65.54 -36.02
CA SER B 3148 -34.20 -66.22 -34.76
C SER B 3148 -34.08 -67.74 -34.90
N GLN B 3149 -34.72 -68.31 -35.92
CA GLN B 3149 -34.67 -69.76 -36.09
C GLN B 3149 -33.30 -70.20 -36.59
N GLY B 3150 -33.11 -71.52 -36.61
CA GLY B 3150 -31.93 -72.09 -37.20
C GLY B 3150 -31.99 -71.99 -38.72
N CYS B 3151 -30.94 -72.49 -39.37
CA CYS B 3151 -30.86 -72.45 -40.82
C CYS B 3151 -31.83 -73.39 -41.52
N SER B 3152 -32.47 -74.30 -40.79
CA SER B 3152 -33.35 -75.27 -41.43
C SER B 3152 -34.73 -74.70 -41.74
N GLU B 3153 -35.29 -73.89 -40.85
CA GLU B 3153 -36.60 -73.29 -41.09
C GLU B 3153 -36.48 -71.87 -41.63
N GLN B 3154 -35.29 -71.29 -41.59
CA GLN B 3154 -35.09 -69.95 -42.12
C GLN B 3154 -35.33 -69.93 -43.62
N VAL B 3155 -34.83 -70.95 -44.32
CA VAL B 3155 -35.06 -71.02 -45.76
C VAL B 3155 -36.48 -71.47 -46.03
N LEU B 3156 -37.06 -72.27 -45.15
CA LEU B 3156 -38.45 -72.69 -45.32
C LEU B 3156 -39.38 -71.49 -45.31
N THR B 3157 -39.15 -70.56 -44.39
CA THR B 3157 -40.04 -69.43 -44.26
C THR B 3157 -39.68 -68.30 -45.22
N VAL B 3158 -38.46 -68.28 -45.77
CA VAL B 3158 -38.18 -67.26 -46.78
C VAL B 3158 -38.43 -67.75 -48.20
N LEU B 3159 -38.64 -69.05 -48.40
CA LEU B 3159 -38.97 -69.56 -49.72
C LEU B 3159 -40.46 -69.51 -50.04
N LYS B 3160 -41.31 -69.34 -49.03
CA LYS B 3160 -42.72 -69.08 -49.33
C LYS B 3160 -42.96 -67.63 -49.73
N THR B 3161 -42.03 -66.74 -49.43
CA THR B 3161 -42.07 -65.34 -49.88
C THR B 3161 -41.13 -65.07 -51.04
N VAL B 3162 -41.07 -65.97 -52.02
CA VAL B 3162 -40.29 -65.75 -53.23
C VAL B 3162 -41.28 -65.70 -54.38
N SER B 3163 -42.01 -66.81 -54.57
CA SER B 3163 -43.06 -66.85 -55.57
C SER B 3163 -44.25 -65.98 -55.21
N LEU B 3164 -44.32 -65.49 -53.97
CA LEU B 3164 -45.39 -64.56 -53.64
C LEU B 3164 -45.20 -63.24 -54.37
N LEU B 3165 -43.97 -62.92 -54.73
CA LEU B 3165 -43.67 -61.81 -55.64
C LEU B 3165 -43.35 -62.34 -57.03
N ASP B 3166 -43.37 -61.43 -58.01
CA ASP B 3166 -43.02 -61.66 -59.41
C ASP B 3166 -44.06 -62.52 -60.12
N GLU B 3167 -45.23 -62.73 -59.51
CA GLU B 3167 -46.33 -63.46 -60.15
C GLU B 3167 -47.30 -62.51 -60.84
N ASN B 3168 -47.99 -61.67 -60.05
CA ASN B 3168 -48.99 -60.73 -60.56
C ASN B 3168 -48.68 -59.33 -60.04
N ASN B 3169 -47.42 -58.94 -60.18
CA ASN B 3169 -46.88 -57.68 -59.66
C ASN B 3169 -46.62 -56.64 -60.73
N VAL B 3170 -46.04 -57.03 -61.87
CA VAL B 3170 -45.71 -56.09 -62.94
C VAL B 3170 -46.88 -55.99 -63.92
N SER B 3171 -48.03 -56.52 -63.51
CA SER B 3171 -49.22 -56.44 -64.33
C SER B 3171 -49.59 -54.98 -64.58
N SER B 3172 -49.97 -54.26 -63.53
CA SER B 3172 -50.34 -52.86 -63.68
C SER B 3172 -49.90 -52.01 -62.48
N TYR B 3173 -48.79 -52.35 -61.84
CA TYR B 3173 -48.40 -51.64 -60.62
C TYR B 3173 -47.08 -50.88 -60.74
N LEU B 3174 -46.01 -51.52 -61.19
CA LEU B 3174 -44.68 -50.89 -61.14
C LEU B 3174 -44.40 -50.05 -62.38
N SER B 3175 -45.34 -49.16 -62.70
CA SER B 3175 -45.11 -48.08 -63.64
C SER B 3175 -45.72 -46.77 -63.16
N LYS B 3176 -46.44 -46.78 -62.04
CA LYS B 3176 -47.14 -45.62 -61.50
C LYS B 3176 -46.41 -45.03 -60.29
N ASN B 3177 -46.07 -45.85 -59.32
CA ASN B 3177 -45.48 -45.39 -58.07
C ASN B 3177 -43.96 -45.50 -58.15
N ILE B 3178 -43.27 -44.43 -57.79
CA ILE B 3178 -41.81 -44.42 -57.78
C ILE B 3178 -41.22 -44.48 -56.37
N LEU B 3179 -41.95 -44.02 -55.35
CA LEU B 3179 -41.43 -44.13 -53.98
C LEU B 3179 -41.52 -45.55 -53.44
N ALA B 3180 -42.43 -46.37 -53.96
CA ALA B 3180 -42.47 -47.79 -53.67
C ALA B 3180 -41.78 -48.63 -54.73
N PHE B 3181 -41.48 -48.05 -55.90
CA PHE B 3181 -40.76 -48.77 -56.93
C PHE B 3181 -39.35 -49.12 -56.48
N ARG B 3182 -38.75 -48.24 -55.66
CA ARG B 3182 -37.44 -48.54 -55.08
C ARG B 3182 -37.57 -49.58 -53.97
N ASP B 3183 -38.62 -49.47 -53.15
CA ASP B 3183 -38.78 -50.36 -52.00
C ASP B 3183 -39.08 -51.79 -52.42
N GLN B 3184 -39.81 -51.96 -53.53
CA GLN B 3184 -40.05 -53.30 -54.07
C GLN B 3184 -38.73 -53.98 -54.42
N ASN B 3185 -37.83 -53.23 -55.07
CA ASN B 3185 -36.52 -53.77 -55.43
C ASN B 3185 -35.71 -54.08 -54.18
N ILE B 3186 -35.79 -53.20 -53.17
CA ILE B 3186 -35.08 -53.45 -51.90
C ILE B 3186 -35.53 -54.79 -51.30
N LEU B 3187 -36.85 -55.02 -51.25
CA LEU B 3187 -37.35 -56.20 -50.56
C LEU B 3187 -37.06 -57.48 -51.33
N LEU B 3188 -37.18 -57.46 -52.67
CA LEU B 3188 -36.77 -58.62 -53.44
C LEU B 3188 -35.28 -58.92 -53.24
N GLY B 3189 -34.44 -57.87 -53.26
CA GLY B 3189 -33.02 -58.08 -53.04
C GLY B 3189 -32.72 -58.65 -51.68
N THR B 3190 -33.43 -58.20 -50.65
CA THR B 3190 -33.21 -58.73 -49.31
C THR B 3190 -33.67 -60.18 -49.19
N THR B 3191 -34.78 -60.52 -49.85
CA THR B 3191 -35.19 -61.94 -49.89
C THR B 3191 -34.11 -62.80 -50.50
N TYR B 3192 -33.62 -62.41 -51.68
CA TYR B 3192 -32.57 -63.20 -52.33
C TYR B 3192 -31.30 -63.23 -51.49
N ARG B 3193 -30.98 -62.14 -50.81
CA ARG B 3193 -29.80 -62.09 -49.96
C ARG B 3193 -29.94 -63.08 -48.79
N ILE B 3194 -31.09 -63.07 -48.13
CA ILE B 3194 -31.32 -63.99 -47.02
C ILE B 3194 -31.21 -65.42 -47.51
N ILE B 3195 -31.79 -65.72 -48.67
CA ILE B 3195 -31.77 -67.09 -49.16
C ILE B 3195 -30.35 -67.51 -49.54
N ALA B 3196 -29.63 -66.66 -50.26
CA ALA B 3196 -28.28 -66.98 -50.69
C ALA B 3196 -27.29 -67.03 -49.54
N ASN B 3197 -27.61 -66.37 -48.43
CA ASN B 3197 -26.76 -66.44 -47.25
C ASN B 3197 -27.12 -67.58 -46.32
N ALA B 3198 -28.35 -68.09 -46.40
CA ALA B 3198 -28.73 -69.22 -45.54
C ALA B 3198 -28.02 -70.51 -45.96
N LEU B 3199 -27.81 -70.72 -47.25
CA LEU B 3199 -26.99 -71.84 -47.69
C LEU B 3199 -25.54 -71.45 -47.89
N SER B 3200 -24.99 -70.69 -46.94
CA SER B 3200 -23.59 -70.31 -46.95
C SER B 3200 -22.85 -70.86 -45.74
N SER B 3201 -23.48 -70.81 -44.56
CA SER B 3201 -22.96 -71.49 -43.39
C SER B 3201 -23.34 -72.97 -43.39
N GLU B 3202 -24.48 -73.31 -43.98
CA GLU B 3202 -24.98 -74.68 -44.08
C GLU B 3202 -25.29 -74.98 -45.54
N PRO B 3203 -24.27 -75.26 -46.35
CA PRO B 3203 -24.46 -75.39 -47.80
C PRO B 3203 -24.82 -76.77 -48.32
N ALA B 3204 -25.06 -77.76 -47.46
CA ALA B 3204 -25.36 -79.06 -48.04
C ALA B 3204 -26.64 -79.70 -47.52
N CYS B 3205 -26.93 -79.57 -46.23
CA CYS B 3205 -28.08 -80.28 -45.67
C CYS B 3205 -29.40 -79.62 -46.02
N LEU B 3206 -29.37 -78.41 -46.56
CA LEU B 3206 -30.60 -77.71 -46.93
C LEU B 3206 -31.20 -78.29 -48.19
N ALA B 3207 -30.41 -78.36 -49.27
CA ALA B 3207 -30.90 -78.94 -50.52
C ALA B 3207 -30.82 -80.45 -50.50
N GLU B 3208 -31.32 -81.08 -49.42
CA GLU B 3208 -31.40 -82.53 -49.33
C GLU B 3208 -32.85 -82.98 -49.18
N ILE B 3209 -33.53 -82.50 -48.15
CA ILE B 3209 -34.93 -82.86 -47.89
C ILE B 3209 -35.78 -81.98 -48.79
N GLU B 3210 -37.08 -82.25 -48.86
CA GLU B 3210 -38.01 -81.34 -49.51
C GLU B 3210 -37.69 -81.12 -50.98
N GLU B 3211 -37.99 -82.13 -51.81
CA GLU B 3211 -37.62 -82.12 -53.22
C GLU B 3211 -38.07 -80.85 -53.94
N ASP B 3212 -39.38 -80.55 -53.88
CA ASP B 3212 -39.97 -79.59 -54.82
C ASP B 3212 -39.41 -78.16 -54.65
N LYS B 3213 -38.80 -77.84 -53.51
CA LYS B 3213 -38.26 -76.50 -53.27
C LYS B 3213 -36.82 -76.35 -53.78
N ALA B 3214 -36.03 -77.42 -53.74
CA ALA B 3214 -34.71 -77.39 -54.36
C ALA B 3214 -34.80 -77.00 -55.84
N ARG B 3215 -35.94 -77.30 -56.47
CA ARG B 3215 -36.15 -76.89 -57.86
C ARG B 3215 -36.23 -75.37 -57.97
N ARG B 3216 -36.99 -74.72 -57.08
CA ARG B 3216 -37.04 -73.27 -57.06
C ARG B 3216 -35.67 -72.68 -56.77
N ILE B 3217 -34.90 -73.32 -55.89
CA ILE B 3217 -33.55 -72.85 -55.58
C ILE B 3217 -32.70 -72.85 -56.85
N LEU B 3218 -32.53 -74.04 -57.45
CA LEU B 3218 -31.70 -74.15 -58.66
C LEU B 3218 -32.22 -73.28 -59.81
N GLU B 3219 -33.52 -73.03 -59.87
CA GLU B 3219 -34.06 -72.12 -60.87
C GLU B 3219 -33.59 -70.69 -60.61
N LEU B 3220 -33.61 -70.25 -59.36
CA LEU B 3220 -33.19 -68.90 -59.05
C LEU B 3220 -31.80 -68.88 -58.44
N ASP B 3227 -24.15 -77.71 -61.56
CA ASP B 3227 -25.03 -77.52 -60.41
C ASP B 3227 -24.31 -77.83 -59.09
N SER B 3228 -25.05 -77.62 -57.99
CA SER B 3228 -24.62 -77.79 -56.60
C SER B 3228 -23.66 -76.69 -56.16
N GLU B 3229 -23.19 -75.87 -57.11
CA GLU B 3229 -22.54 -74.60 -56.79
C GLU B 3229 -22.93 -73.45 -57.71
N LYS B 3230 -23.42 -73.71 -58.92
CA LYS B 3230 -23.79 -72.68 -59.90
C LYS B 3230 -25.11 -71.98 -59.57
N VAL B 3231 -25.62 -72.16 -58.36
CA VAL B 3231 -26.82 -71.48 -57.91
C VAL B 3231 -26.57 -70.55 -56.73
N ILE B 3232 -25.51 -70.77 -55.96
CA ILE B 3232 -25.19 -69.84 -54.88
C ILE B 3232 -24.83 -68.47 -55.44
N ALA B 3233 -23.95 -68.47 -56.45
CA ALA B 3233 -23.60 -67.22 -57.12
C ALA B 3233 -24.79 -66.60 -57.82
N GLY B 3234 -25.73 -67.41 -58.30
CA GLY B 3234 -26.89 -66.89 -59.00
C GLY B 3234 -27.92 -66.25 -58.10
N LEU B 3235 -28.14 -66.84 -56.92
CA LEU B 3235 -28.96 -66.20 -55.91
C LEU B 3235 -28.32 -64.90 -55.42
N TYR B 3236 -26.99 -64.92 -55.27
CA TYR B 3236 -26.28 -63.68 -54.94
C TYR B 3236 -26.48 -62.62 -56.02
N GLN B 3237 -26.46 -63.04 -57.29
CA GLN B 3237 -26.63 -62.10 -58.39
C GLN B 3237 -28.04 -61.53 -58.43
N ARG B 3238 -29.06 -62.35 -58.21
CA ARG B 3238 -30.42 -61.81 -58.16
C ARG B 3238 -30.58 -60.83 -57.01
N ALA B 3239 -29.98 -61.16 -55.86
CA ALA B 3239 -29.95 -60.22 -54.74
C ALA B 3239 -29.33 -58.89 -55.15
N PHE B 3240 -28.16 -58.95 -55.79
CA PHE B 3240 -27.47 -57.71 -56.15
C PHE B 3240 -28.25 -56.92 -57.19
N GLN B 3241 -28.87 -57.60 -58.16
CA GLN B 3241 -29.69 -56.90 -59.15
C GLN B 3241 -30.81 -56.14 -58.48
N HIS B 3242 -31.59 -56.83 -57.64
CA HIS B 3242 -32.74 -56.20 -57.03
C HIS B 3242 -32.33 -55.13 -56.03
N LEU B 3243 -31.13 -55.24 -55.43
CA LEU B 3243 -30.69 -54.19 -54.51
C LEU B 3243 -30.22 -52.95 -55.25
N SER B 3244 -29.38 -53.13 -56.28
CA SER B 3244 -28.85 -52.00 -57.02
C SER B 3244 -29.92 -51.30 -57.84
N GLU B 3245 -31.02 -51.99 -58.19
CA GLU B 3245 -32.09 -51.31 -58.90
C GLU B 3245 -32.79 -50.27 -58.03
N ALA B 3246 -32.63 -50.34 -56.72
CA ALA B 3246 -33.29 -49.40 -55.82
C ALA B 3246 -32.62 -48.03 -55.80
N VAL B 3247 -31.28 -48.01 -55.82
CA VAL B 3247 -30.53 -46.77 -55.63
C VAL B 3247 -30.83 -45.74 -56.71
N GLN B 3248 -31.24 -46.18 -57.89
CA GLN B 3248 -31.44 -45.31 -59.04
C GLN B 3248 -32.82 -44.67 -59.08
N ALA B 3249 -33.56 -44.69 -57.96
CA ALA B 3249 -34.85 -44.03 -57.93
C ALA B 3249 -34.72 -42.56 -57.53
N ALA B 3264 -35.84 -39.26 -47.97
CA ALA B 3264 -35.73 -39.37 -46.52
C ALA B 3264 -36.43 -40.63 -46.00
N ALA B 3265 -35.63 -41.61 -45.59
CA ALA B 3265 -36.05 -42.87 -45.00
C ALA B 3265 -36.91 -43.70 -45.94
N GLY B 3266 -36.94 -43.36 -47.23
CA GLY B 3266 -37.64 -44.16 -48.22
C GLY B 3266 -36.64 -44.68 -49.21
N VAL B 3267 -35.48 -44.03 -49.23
CA VAL B 3267 -34.38 -44.38 -50.12
C VAL B 3267 -33.11 -44.54 -49.31
N ILE B 3268 -33.12 -44.06 -48.06
CA ILE B 3268 -31.92 -44.29 -47.24
C ILE B 3268 -31.76 -45.77 -46.96
N ASP B 3269 -32.88 -46.50 -46.82
CA ASP B 3269 -32.79 -47.95 -46.64
C ASP B 3269 -32.36 -48.61 -47.94
N ALA B 3270 -32.82 -48.08 -49.08
CA ALA B 3270 -32.35 -48.57 -50.37
C ALA B 3270 -30.83 -48.49 -50.47
N TYR B 3271 -30.28 -47.34 -50.08
CA TYR B 3271 -28.83 -47.17 -50.11
C TYR B 3271 -28.14 -48.09 -49.12
N MET B 3272 -28.58 -48.08 -47.86
CA MET B 3272 -27.81 -48.74 -46.81
C MET B 3272 -27.97 -50.25 -46.79
N THR B 3273 -29.11 -50.81 -47.23
CA THR B 3273 -29.21 -52.26 -47.33
C THR B 3273 -28.21 -52.79 -48.34
N LEU B 3274 -28.15 -52.16 -49.52
CA LEU B 3274 -27.15 -52.55 -50.50
C LEU B 3274 -25.74 -52.30 -49.98
N ALA B 3275 -25.53 -51.19 -49.27
CA ALA B 3275 -24.20 -50.87 -48.76
C ALA B 3275 -23.71 -51.92 -47.77
N ASP B 3276 -24.57 -52.31 -46.83
CA ASP B 3276 -24.18 -53.32 -45.84
C ASP B 3276 -24.17 -54.73 -46.42
N PHE B 3277 -25.00 -55.01 -47.43
CA PHE B 3277 -24.89 -56.26 -48.16
C PHE B 3277 -23.53 -56.38 -48.81
N CYS B 3278 -23.08 -55.33 -49.48
CA CYS B 3278 -21.77 -55.35 -50.11
C CYS B 3278 -20.65 -55.32 -49.06
N ASP B 3279 -20.90 -54.70 -47.90
CA ASP B 3279 -19.92 -54.68 -46.82
C ASP B 3279 -19.70 -56.08 -46.24
N GLN B 3280 -20.80 -56.81 -45.99
CA GLN B 3280 -20.67 -58.18 -45.50
C GLN B 3280 -20.10 -59.10 -46.58
N GLN B 3281 -20.39 -58.83 -47.86
CA GLN B 3281 -19.78 -59.62 -48.92
C GLN B 3281 -18.28 -59.33 -49.06
N LEU B 3282 -17.84 -58.10 -48.79
CA LEU B 3282 -16.41 -57.81 -48.81
C LEU B 3282 -15.71 -58.38 -47.58
N ARG B 3283 -16.43 -58.50 -46.47
CA ARG B 3283 -15.87 -59.21 -45.32
C ARG B 3283 -15.84 -60.72 -45.57
N LYS B 3284 -16.75 -61.22 -46.40
CA LYS B 3284 -16.79 -62.65 -46.74
C LYS B 3284 -15.75 -63.06 -47.77
N GLU B 3285 -15.50 -62.24 -48.79
CA GLU B 3285 -14.63 -62.64 -49.90
C GLU B 3285 -13.14 -62.55 -49.57
N GLU B 3286 -12.78 -62.30 -48.31
CA GLU B 3286 -11.37 -62.28 -47.94
C GLU B 3286 -10.70 -63.64 -48.11
N GLU B 3287 -11.45 -64.65 -48.53
CA GLU B 3287 -10.87 -65.96 -48.87
C GLU B 3287 -10.22 -65.93 -50.25
N GLN B 3298 -14.56 -58.01 -58.90
CA GLN B 3298 -15.83 -57.36 -58.58
C GLN B 3298 -15.58 -55.92 -58.17
N ALA B 3299 -16.33 -54.98 -58.76
CA ALA B 3299 -16.21 -53.56 -58.43
C ALA B 3299 -17.19 -53.14 -57.34
N TYR B 3300 -17.20 -53.89 -56.23
CA TYR B 3300 -18.02 -53.58 -55.07
C TYR B 3300 -17.52 -52.37 -54.29
N PRO B 3301 -16.20 -52.14 -54.15
CA PRO B 3301 -15.74 -50.88 -53.58
C PRO B 3301 -16.28 -49.64 -54.28
N ALA B 3302 -16.73 -49.76 -55.55
CA ALA B 3302 -17.32 -48.65 -56.28
C ALA B 3302 -18.77 -48.36 -55.91
N LEU B 3303 -19.41 -49.25 -55.16
CA LEU B 3303 -20.80 -49.06 -54.77
C LEU B 3303 -21.02 -49.00 -53.27
N VAL B 3304 -20.00 -49.21 -52.45
CA VAL B 3304 -20.15 -49.03 -51.02
C VAL B 3304 -19.94 -47.59 -50.63
N VAL B 3305 -18.86 -46.98 -51.13
CA VAL B 3305 -18.51 -45.60 -50.76
C VAL B 3305 -19.64 -44.65 -51.13
N GLU B 3306 -20.07 -44.66 -52.39
CA GLU B 3306 -21.08 -43.71 -52.84
C GLU B 3306 -22.43 -43.96 -52.16
N LYS B 3307 -22.88 -45.21 -52.15
CA LYS B 3307 -24.19 -45.52 -51.62
C LYS B 3307 -24.25 -45.51 -50.11
N MET B 3308 -23.11 -45.41 -49.43
CA MET B 3308 -23.11 -45.15 -48.01
C MET B 3308 -22.96 -43.66 -47.70
N LEU B 3309 -22.23 -42.92 -48.53
CA LEU B 3309 -22.09 -41.49 -48.31
C LEU B 3309 -23.30 -40.71 -48.78
N LYS B 3310 -24.10 -41.25 -49.71
CA LYS B 3310 -25.37 -40.63 -50.07
C LYS B 3310 -26.47 -40.96 -49.08
N ALA B 3311 -26.29 -42.02 -48.28
CA ALA B 3311 -27.19 -42.27 -47.17
C ALA B 3311 -26.75 -41.49 -45.95
N LEU B 3312 -25.45 -41.24 -45.82
CA LEU B 3312 -24.93 -40.36 -44.79
C LEU B 3312 -25.14 -38.90 -45.15
N LYS B 3313 -25.15 -38.57 -46.45
CA LYS B 3313 -25.51 -37.23 -46.87
C LYS B 3313 -26.96 -36.91 -46.51
N LEU B 3314 -27.79 -37.94 -46.38
CA LEU B 3314 -29.10 -37.84 -45.76
C LEU B 3314 -28.94 -38.14 -44.28
N ASN B 3315 -29.85 -37.61 -43.47
CA ASN B 3315 -29.74 -37.81 -42.02
C ASN B 3315 -29.92 -39.28 -41.71
N SER B 3316 -28.83 -39.94 -41.32
CA SER B 3316 -28.84 -41.35 -40.99
C SER B 3316 -27.87 -41.59 -39.86
N ASN B 3317 -28.18 -42.57 -39.02
CA ASN B 3317 -27.28 -42.94 -37.92
C ASN B 3317 -26.55 -44.26 -38.18
N GLU B 3318 -27.11 -45.17 -38.98
CA GLU B 3318 -26.35 -46.36 -39.34
C GLU B 3318 -25.26 -46.01 -40.35
N ALA B 3319 -25.58 -45.12 -41.30
CA ALA B 3319 -24.55 -44.62 -42.21
C ALA B 3319 -23.54 -43.75 -41.48
N ARG B 3320 -23.97 -43.11 -40.38
CA ARG B 3320 -23.04 -42.32 -39.59
C ARG B 3320 -22.13 -43.21 -38.76
N LEU B 3321 -22.66 -44.33 -38.28
CA LEU B 3321 -21.89 -45.24 -37.44
C LEU B 3321 -21.00 -46.16 -38.27
N LYS B 3322 -21.36 -46.41 -39.52
CA LYS B 3322 -20.60 -47.30 -40.41
C LYS B 3322 -19.68 -46.52 -41.33
N PHE B 3323 -19.26 -45.31 -40.91
CA PHE B 3323 -18.38 -44.47 -41.71
C PHE B 3323 -16.93 -44.95 -41.69
N PRO B 3324 -16.33 -45.29 -40.54
CA PRO B 3324 -14.96 -45.83 -40.58
C PRO B 3324 -14.83 -47.10 -41.40
N ARG B 3325 -15.94 -47.78 -41.67
CA ARG B 3325 -15.93 -48.85 -42.66
C ARG B 3325 -15.51 -48.30 -44.02
N LEU B 3326 -15.92 -47.08 -44.34
CA LEU B 3326 -15.42 -46.43 -45.55
C LEU B 3326 -13.97 -46.02 -45.41
N LEU B 3327 -13.55 -45.62 -44.19
CA LEU B 3327 -12.14 -45.34 -43.95
C LEU B 3327 -11.27 -46.56 -44.22
N GLN B 3328 -11.83 -47.76 -44.04
CA GLN B 3328 -11.11 -48.98 -44.35
C GLN B 3328 -11.29 -49.42 -45.80
N ILE B 3329 -12.43 -49.12 -46.42
CA ILE B 3329 -12.64 -49.56 -47.81
C ILE B 3329 -11.80 -48.72 -48.77
N ILE B 3330 -11.57 -47.44 -48.46
CA ILE B 3330 -10.71 -46.64 -49.33
C ILE B 3330 -9.24 -46.96 -49.10
N GLU B 3331 -8.92 -47.57 -47.96
CA GLU B 3331 -7.55 -47.96 -47.65
C GLU B 3331 -7.20 -49.30 -48.29
N ARG B 3332 -8.06 -50.30 -48.13
CA ARG B 3332 -7.83 -51.61 -48.72
C ARG B 3332 -7.95 -51.59 -50.24
N TYR B 3333 -8.63 -50.59 -50.80
CA TYR B 3333 -8.83 -50.49 -52.25
C TYR B 3333 -8.56 -49.05 -52.69
N PRO B 3334 -7.29 -48.63 -52.71
CA PRO B 3334 -6.99 -47.27 -53.16
C PRO B 3334 -6.79 -47.16 -54.68
N GLU B 3335 -6.55 -48.29 -55.34
CA GLU B 3335 -6.35 -48.27 -56.79
C GLU B 3335 -7.59 -47.77 -57.51
N GLU B 3336 -8.76 -48.20 -57.06
CA GLU B 3336 -10.04 -47.74 -57.58
C GLU B 3336 -10.81 -47.02 -56.47
N THR B 3337 -11.53 -45.97 -56.86
CA THR B 3337 -12.45 -45.22 -55.99
C THR B 3337 -11.72 -44.63 -54.77
N LEU B 3338 -10.82 -43.69 -55.07
CA LEU B 3338 -10.17 -42.88 -54.04
C LEU B 3338 -10.52 -41.40 -54.19
N SER B 3339 -10.30 -40.83 -55.39
CA SER B 3339 -10.85 -39.52 -55.68
C SER B 3339 -12.36 -39.56 -55.63
N LEU B 3340 -12.97 -40.73 -55.84
CA LEU B 3340 -14.41 -40.90 -55.62
C LEU B 3340 -14.76 -40.64 -54.16
N MET B 3341 -13.95 -41.16 -53.24
CA MET B 3341 -14.14 -40.88 -51.82
C MET B 3341 -14.02 -39.38 -51.54
N THR B 3342 -12.96 -38.75 -52.05
CA THR B 3342 -12.76 -37.34 -51.78
C THR B 3342 -13.91 -36.50 -52.33
N LYS B 3343 -14.39 -36.81 -53.54
CA LYS B 3343 -15.45 -36.02 -54.15
C LYS B 3343 -16.81 -36.28 -53.52
N GLU B 3344 -17.05 -37.50 -53.05
CA GLU B 3344 -18.35 -37.78 -52.42
C GLU B 3344 -18.42 -37.22 -51.01
N ILE B 3345 -17.32 -37.27 -50.26
CA ILE B 3345 -17.32 -36.65 -48.92
C ILE B 3345 -17.13 -35.15 -49.00
N SER B 3346 -16.72 -34.62 -50.16
CA SER B 3346 -16.63 -33.17 -50.32
C SER B 3346 -18.00 -32.51 -50.25
N SER B 3347 -19.04 -33.24 -50.65
CA SER B 3347 -20.43 -32.78 -50.52
C SER B 3347 -21.09 -33.74 -49.54
N VAL B 3348 -20.88 -33.46 -48.25
CA VAL B 3348 -21.39 -34.20 -47.10
C VAL B 3348 -21.25 -33.27 -45.90
N PRO B 3349 -22.27 -33.16 -45.05
CA PRO B 3349 -22.14 -32.31 -43.85
C PRO B 3349 -21.09 -32.87 -42.91
N CYS B 3350 -20.19 -32.00 -42.46
CA CYS B 3350 -19.03 -32.42 -41.68
C CYS B 3350 -19.24 -32.25 -40.18
N TRP B 3351 -20.45 -32.50 -39.67
CA TRP B 3351 -20.66 -32.62 -38.24
C TRP B 3351 -21.15 -34.01 -37.85
N GLN B 3352 -21.25 -34.93 -38.79
CA GLN B 3352 -21.46 -36.34 -38.48
C GLN B 3352 -20.16 -37.11 -38.40
N PHE B 3353 -19.03 -36.41 -38.43
CA PHE B 3353 -17.72 -37.02 -38.28
C PHE B 3353 -17.18 -36.90 -36.87
N ILE B 3354 -17.88 -36.17 -36.00
CA ILE B 3354 -17.32 -35.83 -34.69
C ILE B 3354 -17.28 -37.06 -33.79
N SER B 3355 -18.20 -38.00 -33.98
CA SER B 3355 -18.09 -39.28 -33.29
C SER B 3355 -16.96 -40.12 -33.84
N TRP B 3356 -16.31 -39.67 -34.92
CA TRP B 3356 -15.12 -40.31 -35.48
C TRP B 3356 -13.98 -39.31 -35.64
N ILE B 3357 -14.02 -38.19 -34.92
CA ILE B 3357 -13.00 -37.16 -35.09
C ILE B 3357 -11.63 -37.73 -34.74
N SER B 3358 -11.54 -38.59 -33.73
CA SER B 3358 -10.28 -39.21 -33.36
C SER B 3358 -9.79 -40.22 -34.38
N HIS B 3359 -10.63 -40.62 -35.34
CA HIS B 3359 -10.22 -41.54 -36.39
C HIS B 3359 -9.77 -40.82 -37.66
N MET B 3360 -10.09 -39.54 -37.79
CA MET B 3360 -9.63 -38.75 -38.93
C MET B 3360 -8.48 -37.83 -38.58
N VAL B 3361 -8.41 -37.31 -37.35
CA VAL B 3361 -7.30 -36.42 -36.99
C VAL B 3361 -5.98 -37.17 -36.90
N ALA B 3362 -6.01 -38.47 -36.69
CA ALA B 3362 -4.80 -39.27 -36.68
C ALA B 3362 -4.46 -39.84 -38.05
N LEU B 3363 -5.24 -39.47 -39.08
CA LEU B 3363 -5.05 -39.99 -40.43
C LEU B 3363 -4.34 -39.01 -41.35
N LEU B 3364 -4.13 -37.76 -40.91
CA LEU B 3364 -3.39 -36.78 -41.71
C LEU B 3364 -1.91 -37.10 -41.80
N ASP B 3365 -1.40 -37.94 -40.90
CA ASP B 3365 0.02 -38.25 -40.83
C ASP B 3365 0.37 -39.48 -41.66
N LYS B 3366 -0.51 -40.49 -41.66
CA LYS B 3366 -0.22 -41.72 -42.37
C LYS B 3366 -0.32 -41.50 -43.88
N ASP B 3367 0.10 -42.51 -44.64
CA ASP B 3367 0.07 -42.45 -46.09
C ASP B 3367 -1.36 -42.27 -46.58
N GLN B 3368 -1.52 -41.55 -47.69
CA GLN B 3368 -2.81 -41.27 -48.30
C GLN B 3368 -3.73 -40.52 -47.31
N ALA B 3369 -3.32 -39.29 -47.00
CA ALA B 3369 -4.02 -38.47 -46.02
C ALA B 3369 -4.93 -37.42 -46.64
N VAL B 3370 -4.85 -37.18 -47.96
CA VAL B 3370 -5.67 -36.14 -48.58
C VAL B 3370 -7.09 -36.59 -48.87
N ALA B 3371 -7.44 -37.84 -48.56
CA ALA B 3371 -8.81 -38.28 -48.79
C ALA B 3371 -9.79 -37.46 -47.95
N VAL B 3372 -9.41 -37.13 -46.71
CA VAL B 3372 -10.18 -36.24 -45.87
C VAL B 3372 -9.21 -35.22 -45.28
N GLN B 3373 -9.08 -34.08 -45.95
CA GLN B 3373 -8.38 -32.93 -45.42
C GLN B 3373 -9.29 -31.72 -45.54
N HIS B 3374 -10.17 -31.75 -46.54
CA HIS B 3374 -11.13 -30.67 -46.72
C HIS B 3374 -12.19 -30.69 -45.63
N SER B 3375 -12.65 -31.87 -45.24
CA SER B 3375 -13.51 -31.97 -44.06
C SER B 3375 -12.79 -31.49 -42.81
N VAL B 3376 -11.49 -31.80 -42.69
CA VAL B 3376 -10.70 -31.33 -41.54
C VAL B 3376 -10.63 -29.82 -41.53
N GLU B 3377 -10.41 -29.19 -42.68
CA GLU B 3377 -10.32 -27.74 -42.74
C GLU B 3377 -11.68 -27.10 -42.49
N GLU B 3378 -12.76 -27.74 -42.95
CA GLU B 3378 -14.10 -27.24 -42.67
C GLU B 3378 -14.40 -27.29 -41.19
N ILE B 3379 -14.01 -28.37 -40.52
CA ILE B 3379 -14.25 -28.50 -39.08
C ILE B 3379 -13.37 -27.52 -38.30
N THR B 3380 -12.14 -27.30 -38.76
CA THR B 3380 -11.25 -26.38 -38.05
C THR B 3380 -11.72 -24.93 -38.19
N ASP B 3381 -12.21 -24.56 -39.38
CA ASP B 3381 -12.71 -23.20 -39.57
C ASP B 3381 -14.09 -22.99 -38.94
N ASN B 3382 -14.93 -24.02 -38.93
CA ASN B 3382 -16.31 -23.89 -38.46
C ASN B 3382 -16.43 -24.11 -36.95
N TYR B 3383 -15.96 -25.25 -36.45
CA TYR B 3383 -16.06 -25.62 -35.04
C TYR B 3383 -14.66 -25.87 -34.49
N PRO B 3384 -13.92 -24.80 -34.20
CA PRO B 3384 -12.53 -24.97 -33.72
C PRO B 3384 -12.48 -25.42 -32.27
N GLN B 3385 -13.59 -25.91 -31.73
CA GLN B 3385 -13.68 -26.31 -30.32
C GLN B 3385 -13.81 -27.81 -30.13
N ALA B 3386 -14.58 -28.50 -30.97
CA ALA B 3386 -14.80 -29.94 -30.85
C ALA B 3386 -13.63 -30.78 -31.34
N ILE B 3387 -12.50 -30.15 -31.67
CA ILE B 3387 -11.45 -30.84 -32.42
C ILE B 3387 -10.07 -30.72 -31.78
N VAL B 3388 -9.84 -29.76 -30.89
CA VAL B 3388 -8.47 -29.51 -30.41
C VAL B 3388 -7.89 -30.71 -29.68
N TYR B 3389 -8.73 -31.44 -28.94
CA TYR B 3389 -8.18 -32.51 -28.11
C TYR B 3389 -7.77 -33.74 -28.93
N PRO B 3390 -8.61 -34.28 -29.82
CA PRO B 3390 -8.11 -35.34 -30.71
C PRO B 3390 -6.94 -34.89 -31.54
N PHE B 3391 -6.83 -33.59 -31.84
CA PHE B 3391 -5.68 -33.15 -32.63
C PHE B 3391 -4.40 -33.14 -31.80
N ILE B 3392 -4.49 -32.75 -30.53
CA ILE B 3392 -3.29 -32.81 -29.70
C ILE B 3392 -2.84 -34.25 -29.51
N ILE B 3393 -3.79 -35.18 -29.35
CA ILE B 3393 -3.38 -36.57 -29.18
C ILE B 3393 -2.88 -37.17 -30.50
N SER B 3394 -3.34 -36.65 -31.64
CA SER B 3394 -2.88 -37.15 -32.93
C SER B 3394 -1.56 -36.52 -33.37
N SER B 3395 -1.30 -35.28 -32.98
CA SER B 3395 -0.05 -34.61 -33.30
C SER B 3395 1.06 -34.96 -32.33
N GLU B 3396 0.71 -35.44 -31.13
CA GLU B 3396 1.74 -35.94 -30.22
C GLU B 3396 2.56 -37.06 -30.85
N SER B 3397 2.06 -37.68 -31.92
CA SER B 3397 2.79 -38.75 -32.62
C SER B 3397 2.49 -38.63 -34.11
N TYR B 3398 3.44 -38.12 -34.89
CA TYR B 3398 3.23 -37.93 -36.32
C TYR B 3398 4.57 -37.92 -37.05
N SER B 3399 4.84 -38.97 -37.84
CA SER B 3399 6.07 -39.12 -38.63
C SER B 3399 5.70 -39.16 -40.11
N PHE B 3400 5.97 -38.07 -40.82
CA PHE B 3400 5.62 -37.93 -42.23
C PHE B 3400 6.59 -38.70 -43.13
N LYS B 3401 6.51 -38.43 -44.44
CA LYS B 3401 7.44 -38.92 -45.45
C LYS B 3401 8.18 -37.72 -46.04
N ASP B 3402 9.05 -38.00 -47.00
CA ASP B 3402 9.73 -36.95 -47.76
C ASP B 3402 9.41 -37.04 -49.25
N THR B 3403 8.35 -37.76 -49.62
CA THR B 3403 7.94 -37.81 -51.01
C THR B 3403 7.13 -36.57 -51.36
N SER B 3404 6.70 -36.49 -52.63
CA SER B 3404 5.88 -35.37 -53.06
C SER B 3404 4.56 -35.32 -52.32
N THR B 3405 3.91 -36.47 -52.14
CA THR B 3405 2.62 -36.52 -51.45
C THR B 3405 2.76 -36.30 -49.95
N GLY B 3406 3.96 -36.50 -49.41
CA GLY B 3406 4.21 -36.33 -48.00
C GLY B 3406 4.77 -34.98 -47.64
N HIS B 3407 4.79 -34.03 -48.58
CA HIS B 3407 5.25 -32.69 -48.32
C HIS B 3407 4.13 -31.67 -48.22
N LYS B 3408 2.96 -31.92 -48.80
CA LYS B 3408 1.79 -31.08 -48.56
C LYS B 3408 1.03 -31.48 -47.30
N ASN B 3409 1.16 -32.72 -46.84
CA ASN B 3409 0.51 -33.12 -45.59
C ASN B 3409 1.17 -32.44 -44.40
N LYS B 3410 2.51 -32.30 -44.44
CA LYS B 3410 3.21 -31.57 -43.39
C LYS B 3410 2.72 -30.13 -43.30
N GLU B 3411 2.63 -29.46 -44.45
CA GLU B 3411 2.14 -28.08 -44.50
C GLU B 3411 0.69 -27.98 -44.04
N PHE B 3412 -0.12 -28.99 -44.36
CA PHE B 3412 -1.52 -28.97 -43.94
C PHE B 3412 -1.64 -29.10 -42.42
N VAL B 3413 -0.89 -30.03 -41.83
CA VAL B 3413 -0.92 -30.20 -40.37
C VAL B 3413 -0.35 -28.96 -39.67
N ALA B 3414 0.66 -28.32 -40.27
CA ALA B 3414 1.19 -27.08 -39.71
C ALA B 3414 0.14 -25.98 -39.70
N ARG B 3415 -0.58 -25.83 -40.82
CA ARG B 3415 -1.66 -24.85 -40.89
C ARG B 3415 -2.73 -25.15 -39.85
N ILE B 3416 -3.03 -26.43 -39.63
CA ILE B 3416 -4.05 -26.79 -38.66
C ILE B 3416 -3.62 -26.46 -37.23
N LYS B 3417 -2.38 -26.79 -36.87
CA LYS B 3417 -1.93 -26.51 -35.50
C LYS B 3417 -1.75 -25.03 -35.24
N SER B 3418 -1.39 -24.25 -36.26
CA SER B 3418 -1.20 -22.82 -36.02
C SER B 3418 -2.53 -22.07 -35.98
N LYS B 3419 -3.46 -22.38 -36.88
CA LYS B 3419 -4.75 -21.69 -36.82
C LYS B 3419 -5.61 -22.21 -35.68
N LEU B 3420 -5.32 -23.41 -35.17
CA LEU B 3420 -6.08 -23.94 -34.05
C LEU B 3420 -5.59 -23.27 -32.77
N ASP B 3421 -6.55 -22.84 -31.95
CA ASP B 3421 -6.26 -22.07 -30.76
C ASP B 3421 -5.47 -20.81 -31.15
N GLN B 3422 -6.12 -19.99 -31.98
CA GLN B 3422 -5.49 -18.77 -32.48
C GLN B 3422 -5.06 -17.88 -31.32
N GLY B 3423 -5.94 -17.70 -30.33
CA GLY B 3423 -5.58 -16.93 -29.16
C GLY B 3423 -4.52 -17.61 -28.30
N GLY B 3424 -4.29 -18.90 -28.49
CA GLY B 3424 -3.32 -19.64 -27.72
C GLY B 3424 -3.78 -19.83 -26.29
N VAL B 3425 -5.02 -20.26 -26.12
CA VAL B 3425 -5.64 -20.36 -24.81
C VAL B 3425 -5.98 -21.80 -24.47
N ILE B 3426 -6.21 -22.63 -25.49
CA ILE B 3426 -6.54 -24.03 -25.24
C ILE B 3426 -5.32 -24.76 -24.67
N GLN B 3427 -4.14 -24.46 -25.20
CA GLN B 3427 -2.91 -25.06 -24.66
C GLN B 3427 -2.63 -24.55 -23.26
N ASP B 3428 -2.90 -23.27 -23.00
CA ASP B 3428 -2.81 -22.73 -21.64
C ASP B 3428 -3.70 -23.53 -20.69
N PHE B 3429 -4.92 -23.82 -21.12
CA PHE B 3429 -5.84 -24.60 -20.30
C PHE B 3429 -5.31 -26.00 -20.06
N ILE B 3430 -4.81 -26.65 -21.13
CA ILE B 3430 -4.28 -28.01 -21.01
C ILE B 3430 -3.13 -28.03 -20.01
N ASN B 3431 -2.26 -27.02 -20.06
CA ASN B 3431 -1.14 -26.97 -19.13
C ASN B 3431 -1.61 -26.70 -17.70
N ALA B 3432 -2.60 -25.82 -17.54
CA ALA B 3432 -3.16 -25.58 -16.21
C ALA B 3432 -3.78 -26.85 -15.63
N LEU B 3433 -4.38 -27.69 -16.48
CA LEU B 3433 -4.96 -28.93 -15.98
C LEU B 3433 -3.92 -30.00 -15.70
N ASP B 3434 -2.88 -30.08 -16.54
CA ASP B 3434 -1.80 -31.03 -16.28
C ASP B 3434 -1.03 -30.64 -15.03
N GLN B 3435 -1.02 -29.35 -14.69
CA GLN B 3435 -0.42 -28.83 -13.48
C GLN B 3435 -1.35 -28.92 -12.28
N LEU B 3436 -2.36 -29.79 -12.34
CA LEU B 3436 -3.34 -29.93 -11.27
C LEU B 3436 -3.27 -31.28 -10.57
N SER B 3437 -3.19 -32.38 -11.34
CA SER B 3437 -3.13 -33.70 -10.74
C SER B 3437 -1.88 -33.84 -9.86
N ASN B 3438 -1.99 -34.69 -8.84
CA ASN B 3438 -0.91 -34.90 -7.86
C ASN B 3438 0.32 -35.52 -8.52
N PRO B 3439 1.51 -34.90 -8.41
CA PRO B 3439 2.71 -35.49 -9.03
C PRO B 3439 3.30 -36.67 -8.27
N GLU B 3440 2.94 -36.86 -7.00
CA GLU B 3440 3.51 -37.95 -6.22
C GLU B 3440 3.23 -39.31 -6.88
N LEU B 3441 2.06 -39.45 -7.48
CA LEU B 3441 1.69 -40.68 -8.17
C LEU B 3441 1.95 -40.59 -9.67
N LEU B 3442 2.60 -39.52 -10.12
CA LEU B 3442 3.18 -39.51 -11.45
C LEU B 3442 4.64 -39.95 -11.42
N PHE B 3443 5.34 -39.70 -10.31
CA PHE B 3443 6.66 -40.29 -10.16
C PHE B 3443 6.55 -41.81 -10.12
N LYS B 3444 5.50 -42.34 -9.49
CA LYS B 3444 5.24 -43.78 -9.50
C LYS B 3444 5.08 -44.28 -10.93
N ASP B 3445 4.30 -43.55 -11.75
CA ASP B 3445 4.05 -43.98 -13.12
C ASP B 3445 5.31 -43.94 -13.96
N TRP B 3446 6.11 -42.88 -13.80
CA TRP B 3446 7.37 -42.80 -14.55
C TRP B 3446 8.38 -43.86 -14.11
N SER B 3447 8.40 -44.18 -12.80
CA SER B 3447 9.30 -45.22 -12.33
C SER B 3447 8.91 -46.59 -12.89
N ASN B 3448 7.62 -46.91 -12.89
CA ASN B 3448 7.17 -48.16 -13.49
C ASN B 3448 7.38 -48.17 -15.00
N ASP B 3449 7.31 -47.01 -15.65
CA ASP B 3449 7.57 -46.93 -17.08
C ASP B 3449 9.02 -47.22 -17.40
N VAL B 3450 9.95 -46.67 -16.62
CA VAL B 3450 11.36 -46.83 -16.95
C VAL B 3450 11.88 -48.20 -16.48
N ARG B 3451 11.29 -48.77 -15.42
CA ARG B 3451 11.82 -49.99 -14.86
C ARG B 3451 11.42 -51.24 -15.64
N ALA B 3452 10.34 -51.17 -16.43
CA ALA B 3452 9.99 -52.29 -17.29
C ALA B 3452 10.62 -52.20 -18.67
N GLU B 3453 11.26 -51.09 -18.99
CA GLU B 3453 11.93 -50.91 -20.27
C GLU B 3453 13.44 -51.06 -20.15
N LEU B 3454 14.04 -50.39 -19.18
CA LEU B 3454 15.48 -50.43 -19.03
C LEU B 3454 15.97 -51.75 -18.41
N ALA B 3455 15.11 -52.45 -17.67
CA ALA B 3455 15.52 -53.58 -16.85
C ALA B 3455 15.03 -54.93 -17.35
N LYS B 3456 14.99 -55.14 -18.67
CA LYS B 3456 14.74 -56.48 -19.20
C LYS B 3456 15.93 -57.02 -19.98
N THR B 3457 16.46 -56.25 -20.93
CA THR B 3457 17.63 -56.62 -21.72
C THR B 3457 18.24 -55.35 -22.30
N PRO B 3458 19.57 -55.18 -22.23
CA PRO B 3458 20.24 -53.97 -22.74
C PRO B 3458 20.36 -53.92 -24.26
N VAL B 3459 19.25 -54.20 -24.94
CA VAL B 3459 19.20 -54.17 -26.40
C VAL B 3459 18.28 -53.07 -26.93
N ASN B 3460 17.47 -52.46 -26.08
CA ASN B 3460 16.55 -51.40 -26.47
C ASN B 3460 17.25 -50.08 -26.16
N LYS B 3461 17.51 -49.28 -27.20
CA LYS B 3461 18.40 -48.15 -27.10
C LYS B 3461 17.63 -46.85 -27.03
N LYS B 3462 18.10 -45.92 -26.21
CA LYS B 3462 17.69 -44.52 -26.13
C LYS B 3462 16.19 -44.35 -25.88
N ASN B 3463 15.47 -45.44 -25.60
CA ASN B 3463 14.07 -45.30 -25.20
C ASN B 3463 13.94 -44.58 -23.87
N ILE B 3464 14.81 -44.92 -22.91
CA ILE B 3464 14.86 -44.18 -21.65
C ILE B 3464 15.29 -42.74 -21.92
N GLU B 3465 16.16 -42.54 -22.92
CA GLU B 3465 16.61 -41.19 -23.26
C GLU B 3465 15.44 -40.34 -23.75
N LYS B 3466 14.60 -40.90 -24.61
CA LYS B 3466 13.45 -40.15 -25.12
C LYS B 3466 12.36 -40.00 -24.08
N MET B 3467 12.25 -40.94 -23.14
CA MET B 3467 11.17 -40.90 -22.17
C MET B 3467 11.52 -40.17 -20.87
N TYR B 3468 12.78 -39.81 -20.67
CA TYR B 3468 13.13 -39.01 -19.50
C TYR B 3468 12.69 -37.56 -19.62
N GLU B 3469 12.46 -37.08 -20.85
CA GLU B 3469 12.14 -35.67 -21.01
C GLU B 3469 10.75 -35.34 -20.48
N ARG B 3470 9.81 -36.29 -20.53
CA ARG B 3470 8.51 -36.05 -19.92
C ARG B 3470 8.62 -35.90 -18.42
N MET B 3471 9.54 -36.65 -17.79
CA MET B 3471 9.78 -36.46 -16.36
C MET B 3471 10.50 -35.15 -16.10
N TYR B 3472 11.37 -34.73 -17.02
CA TYR B 3472 12.11 -33.49 -16.83
C TYR B 3472 11.21 -32.27 -16.96
N ALA B 3473 10.21 -32.36 -17.84
CA ALA B 3473 9.28 -31.26 -18.03
C ALA B 3473 8.31 -31.10 -16.87
N ALA B 3474 8.18 -32.11 -16.01
CA ALA B 3474 7.27 -32.06 -14.88
C ALA B 3474 7.94 -31.69 -13.57
N LEU B 3475 9.16 -32.17 -13.32
CA LEU B 3475 9.88 -31.80 -12.11
C LEU B 3475 11.17 -31.05 -12.42
N GLY B 3476 12.09 -31.66 -13.17
CA GLY B 3476 13.26 -30.99 -13.70
C GLY B 3476 13.98 -30.00 -12.80
N ASP B 3477 13.99 -28.77 -13.24
CA ASP B 3477 14.49 -27.58 -12.56
C ASP B 3477 13.32 -26.76 -12.04
N PRO B 3478 13.57 -25.75 -11.19
CA PRO B 3478 12.47 -24.89 -10.75
C PRO B 3478 11.96 -23.95 -11.83
N LYS B 3479 12.76 -23.64 -12.85
CA LYS B 3479 12.28 -22.83 -13.96
C LYS B 3479 11.54 -23.67 -15.00
N ALA B 3480 11.71 -24.99 -14.98
CA ALA B 3480 10.95 -25.84 -15.88
C ALA B 3480 9.44 -25.68 -15.71
N PRO B 3481 8.87 -25.80 -14.51
CA PRO B 3481 7.41 -25.57 -14.39
C PRO B 3481 7.01 -24.12 -14.56
N GLY B 3482 7.91 -23.19 -14.21
CA GLY B 3482 7.60 -21.78 -14.39
C GLY B 3482 7.43 -21.40 -15.85
N LEU B 3483 8.23 -22.01 -16.73
CA LEU B 3483 7.96 -21.89 -18.18
C LEU B 3483 6.84 -22.81 -18.60
N GLY B 3484 6.60 -23.89 -17.87
CA GLY B 3484 5.53 -24.81 -18.18
C GLY B 3484 4.14 -24.19 -18.12
N ALA B 3485 3.65 -23.86 -16.92
CA ALA B 3485 2.35 -23.19 -16.82
C ALA B 3485 2.43 -21.82 -16.18
N PHE B 3486 2.83 -21.75 -14.92
CA PHE B 3486 2.91 -20.52 -14.16
C PHE B 3486 3.62 -20.85 -12.86
N ARG B 3487 3.59 -19.93 -11.90
CA ARG B 3487 4.09 -20.27 -10.58
C ARG B 3487 3.10 -21.17 -9.86
N ARG B 3488 3.02 -22.42 -10.32
CA ARG B 3488 2.13 -23.42 -9.71
C ARG B 3488 2.45 -23.59 -8.23
N LYS B 3489 1.45 -23.38 -7.37
CA LYS B 3489 1.69 -23.49 -5.94
C LYS B 3489 2.19 -24.87 -5.50
N PHE B 3490 2.21 -25.85 -6.39
CA PHE B 3490 2.71 -27.17 -6.03
C PHE B 3490 4.20 -27.31 -6.29
N ILE B 3491 4.77 -26.48 -7.15
CA ILE B 3491 6.20 -26.62 -7.46
C ILE B 3491 7.09 -25.99 -6.40
N GLN B 3492 6.57 -25.07 -5.59
CA GLN B 3492 7.38 -24.48 -4.51
C GLN B 3492 7.77 -25.52 -3.46
N THR B 3493 7.01 -26.61 -3.32
CA THR B 3493 7.34 -27.67 -2.39
C THR B 3493 7.75 -28.96 -3.09
N PHE B 3494 7.78 -28.98 -4.42
CA PHE B 3494 8.19 -30.16 -5.17
C PHE B 3494 9.49 -29.93 -5.94
N GLY B 3495 9.56 -28.89 -6.77
CA GLY B 3495 10.81 -28.63 -7.48
C GLY B 3495 11.91 -28.12 -6.57
N LYS B 3496 11.57 -27.46 -5.47
CA LYS B 3496 12.57 -26.96 -4.53
C LYS B 3496 13.01 -28.05 -3.55
N GLU B 3497 12.08 -28.91 -3.11
CA GLU B 3497 12.43 -29.94 -2.16
C GLU B 3497 13.22 -31.07 -2.83
N PHE B 3498 12.79 -31.50 -4.00
CA PHE B 3498 13.47 -32.56 -4.74
C PHE B 3498 14.51 -31.96 -5.68
N ASP B 3499 15.50 -31.30 -5.08
CA ASP B 3499 16.69 -30.87 -5.81
C ASP B 3499 17.99 -31.41 -5.24
N LYS B 3500 18.14 -31.39 -3.91
CA LYS B 3500 19.36 -31.90 -3.30
C LYS B 3500 19.41 -33.43 -3.32
N HIS B 3501 18.26 -34.09 -3.42
CA HIS B 3501 18.21 -35.53 -3.68
C HIS B 3501 17.95 -35.83 -5.15
N PHE B 3502 17.54 -34.83 -5.94
CA PHE B 3502 17.35 -35.00 -7.36
C PHE B 3502 18.50 -34.41 -8.17
N GLY B 3503 19.47 -33.78 -7.51
CA GLY B 3503 20.74 -33.55 -8.16
C GLY B 3503 21.40 -34.87 -8.51
N LYS B 3504 21.37 -35.83 -7.58
CA LYS B 3504 21.84 -37.17 -7.87
C LYS B 3504 21.02 -37.83 -8.97
N GLY B 3505 19.72 -37.55 -9.01
CA GLY B 3505 18.88 -38.00 -10.10
C GLY B 3505 19.39 -37.44 -11.42
N GLY B 3506 19.25 -36.13 -11.61
CA GLY B 3506 19.67 -35.47 -12.82
C GLY B 3506 21.11 -35.72 -13.23
N SER B 3507 21.94 -36.19 -12.30
CA SER B 3507 23.34 -36.46 -12.62
C SER B 3507 23.59 -37.91 -13.01
N LYS B 3508 23.33 -38.86 -12.10
CA LYS B 3508 23.60 -40.26 -12.40
C LYS B 3508 22.48 -40.89 -13.20
N LEU B 3509 21.22 -40.60 -12.82
CA LEU B 3509 20.07 -41.20 -13.48
C LEU B 3509 19.96 -40.78 -14.94
N LEU B 3510 20.38 -39.55 -15.28
CA LEU B 3510 20.33 -39.12 -16.68
C LEU B 3510 21.19 -39.98 -17.60
N ARG B 3511 22.19 -40.68 -17.08
CA ARG B 3511 23.00 -41.59 -17.88
C ARG B 3511 23.32 -42.84 -17.09
N MET B 3512 22.32 -43.39 -16.39
CA MET B 3512 22.55 -44.51 -15.49
C MET B 3512 22.87 -45.79 -16.28
N LYS B 3513 21.90 -46.26 -17.07
CA LYS B 3513 22.04 -47.50 -17.85
C LYS B 3513 22.62 -48.62 -16.99
N LEU B 3514 22.01 -48.82 -15.82
CA LEU B 3514 22.44 -49.84 -14.87
C LEU B 3514 21.51 -51.05 -14.81
N SER B 3515 20.20 -50.82 -14.77
CA SER B 3515 19.20 -51.90 -14.80
C SER B 3515 19.34 -52.85 -13.62
N ASP B 3516 19.92 -52.36 -12.51
CA ASP B 3516 20.21 -53.20 -11.35
C ASP B 3516 19.52 -52.73 -10.08
N PHE B 3517 19.40 -51.43 -9.87
CA PHE B 3517 18.95 -50.89 -8.59
C PHE B 3517 17.80 -49.93 -8.82
N ASN B 3518 16.67 -50.22 -8.18
CA ASN B 3518 15.54 -49.31 -8.15
C ASN B 3518 15.14 -49.00 -6.72
N ASP B 3519 15.76 -49.65 -5.73
CA ASP B 3519 15.52 -49.32 -4.33
C ASP B 3519 15.95 -47.89 -3.99
N ILE B 3520 16.95 -47.35 -4.68
CA ILE B 3520 17.32 -45.96 -4.45
C ILE B 3520 16.18 -45.04 -4.86
N THR B 3521 15.37 -45.47 -5.84
CA THR B 3521 14.19 -44.70 -6.22
C THR B 3521 13.04 -44.95 -5.25
N ASN B 3522 12.93 -46.18 -4.75
CA ASN B 3522 11.87 -46.51 -3.81
C ASN B 3522 12.04 -45.74 -2.50
N MET B 3523 13.28 -45.57 -2.05
CA MET B 3523 13.53 -44.91 -0.78
C MET B 3523 13.09 -43.44 -0.79
N LEU B 3524 13.13 -42.80 -1.96
CA LEU B 3524 12.67 -41.43 -2.06
C LEU B 3524 11.22 -41.32 -2.51
N LEU B 3525 10.71 -42.33 -3.22
CA LEU B 3525 9.28 -42.38 -3.51
C LEU B 3525 8.47 -42.57 -2.24
N LEU B 3526 9.00 -43.30 -1.26
CA LEU B 3526 8.28 -43.52 -0.02
C LEU B 3526 8.35 -42.33 0.93
N LYS B 3527 9.39 -41.51 0.83
CA LYS B 3527 9.41 -40.26 1.58
C LYS B 3527 8.77 -39.11 0.80
N MET B 3528 8.51 -39.31 -0.50
CA MET B 3528 7.84 -38.30 -1.30
C MET B 3528 6.37 -38.19 -0.99
N ASN B 3529 5.80 -39.15 -0.28
CA ASN B 3529 4.38 -39.12 0.09
C ASN B 3529 4.18 -38.86 1.57
N LYS B 3530 5.25 -38.80 2.37
CA LYS B 3530 5.13 -38.51 3.78
C LYS B 3530 5.36 -37.05 4.11
N ASP B 3531 6.03 -36.32 3.21
CA ASP B 3531 6.24 -34.89 3.36
C ASP B 3531 5.42 -34.08 2.36
N SER B 3532 4.82 -34.75 1.38
CA SER B 3532 4.01 -34.09 0.37
C SER B 3532 2.63 -33.75 0.92
N LYS B 3533 2.14 -32.57 0.58
CA LYS B 3533 0.77 -32.17 0.87
C LYS B 3533 -0.16 -32.79 -0.16
N PRO B 3534 -0.93 -33.82 0.21
CA PRO B 3534 -1.79 -34.51 -0.78
C PRO B 3534 -2.73 -33.55 -1.49
N PRO B 3535 -3.48 -32.69 -0.79
CA PRO B 3535 -4.40 -31.78 -1.49
C PRO B 3535 -3.64 -30.59 -2.03
N GLY B 3536 -4.36 -29.75 -2.77
CA GLY B 3536 -3.89 -28.41 -3.06
C GLY B 3536 -4.44 -27.43 -2.05
N ASN B 3537 -5.51 -27.87 -1.37
CA ASN B 3537 -6.14 -27.19 -0.23
C ASN B 3537 -6.80 -25.88 -0.65
N LEU B 3538 -6.57 -25.46 -1.89
CA LEU B 3538 -7.20 -24.31 -2.51
C LEU B 3538 -7.18 -24.54 -4.01
N LYS B 3539 -8.10 -23.89 -4.72
CA LYS B 3539 -8.01 -23.90 -6.18
C LYS B 3539 -6.75 -23.20 -6.68
N GLU B 3540 -6.00 -22.55 -5.79
CA GLU B 3540 -4.73 -21.92 -6.10
C GLU B 3540 -3.65 -22.93 -6.50
N CYS B 3541 -3.98 -24.22 -6.47
CA CYS B 3541 -3.03 -25.24 -6.91
C CYS B 3541 -2.69 -25.08 -8.39
N SER B 3542 -3.64 -24.62 -9.19
CA SER B 3542 -3.40 -24.27 -10.59
C SER B 3542 -3.87 -22.83 -10.79
N PRO B 3543 -2.96 -21.85 -10.70
CA PRO B 3543 -3.41 -20.44 -10.70
C PRO B 3543 -4.12 -20.03 -11.97
N TRP B 3544 -3.75 -20.57 -13.13
CA TRP B 3544 -4.44 -20.16 -14.36
C TRP B 3544 -5.94 -20.45 -14.30
N MET B 3545 -6.36 -21.39 -13.46
CA MET B 3545 -7.78 -21.62 -13.20
C MET B 3545 -8.31 -20.79 -12.06
N SER B 3546 -7.43 -20.33 -11.16
CA SER B 3546 -7.90 -19.50 -10.05
C SER B 3546 -8.45 -18.17 -10.56
N ASP B 3547 -7.78 -17.56 -11.52
CA ASP B 3547 -8.11 -16.21 -11.99
C ASP B 3547 -8.28 -16.21 -13.51
N PHE B 3548 -9.23 -17.00 -14.00
CA PHE B 3548 -9.54 -16.98 -15.44
C PHE B 3548 -10.03 -15.60 -15.86
N LYS B 3549 -11.17 -15.16 -15.32
CA LYS B 3549 -11.73 -13.84 -15.58
C LYS B 3549 -11.82 -13.50 -17.07
N VAL B 3550 -12.69 -14.24 -17.77
CA VAL B 3550 -12.87 -14.04 -19.21
C VAL B 3550 -13.27 -12.58 -19.43
N GLU B 3551 -12.46 -11.85 -20.21
CA GLU B 3551 -12.66 -10.41 -20.38
C GLU B 3551 -13.67 -10.07 -21.48
N PHE B 3552 -13.41 -10.51 -22.71
CA PHE B 3552 -14.36 -10.31 -23.80
C PHE B 3552 -14.08 -11.35 -24.87
N LEU B 3553 -14.76 -11.23 -26.02
CA LEU B 3553 -14.77 -12.29 -27.03
C LEU B 3553 -13.42 -12.34 -27.72
N ARG B 3554 -12.42 -12.86 -27.01
CA ARG B 3554 -11.07 -13.05 -27.51
C ARG B 3554 -10.83 -14.56 -27.61
N ASN B 3555 -11.76 -15.25 -28.28
CA ASN B 3555 -11.82 -16.71 -28.34
C ASN B 3555 -12.16 -17.31 -26.98
N GLU B 3556 -13.42 -17.18 -26.58
CA GLU B 3556 -14.01 -17.76 -25.38
C GLU B 3556 -13.74 -19.26 -25.34
N LEU B 3557 -13.78 -19.87 -24.16
CA LEU B 3557 -13.23 -21.21 -24.03
C LEU B 3557 -14.23 -22.30 -24.38
N GLU B 3558 -15.48 -22.20 -23.93
CA GLU B 3558 -16.49 -23.20 -24.27
C GLU B 3558 -16.08 -24.60 -23.84
N ILE B 3559 -16.28 -24.91 -22.55
CA ILE B 3559 -16.04 -26.23 -21.95
C ILE B 3559 -16.32 -27.40 -22.87
N PRO B 3560 -15.36 -28.31 -23.05
CA PRO B 3560 -15.55 -29.46 -23.92
C PRO B 3560 -16.35 -30.54 -23.21
N GLY B 3561 -16.65 -31.60 -23.94
CA GLY B 3561 -17.52 -32.64 -23.47
C GLY B 3561 -18.84 -32.66 -24.20
N GLN B 3562 -18.91 -32.06 -25.38
CA GLN B 3562 -20.11 -31.95 -26.19
C GLN B 3562 -19.80 -32.47 -27.57
N TYR B 3563 -20.68 -32.21 -28.52
CA TYR B 3563 -20.44 -32.52 -29.94
C TYR B 3563 -20.34 -34.03 -30.17
N ASP B 3564 -21.34 -34.77 -29.69
CA ASP B 3564 -21.33 -36.22 -29.87
C ASP B 3564 -21.98 -36.60 -31.20
N GLY B 3565 -21.55 -35.95 -32.28
CA GLY B 3565 -22.24 -36.10 -33.54
C GLY B 3565 -23.70 -35.76 -33.38
N ARG B 3566 -24.57 -36.70 -33.76
CA ARG B 3566 -26.00 -36.63 -33.47
C ARG B 3566 -26.61 -35.33 -33.98
N GLY B 3567 -26.57 -35.18 -35.30
CA GLY B 3567 -27.18 -34.05 -35.96
C GLY B 3567 -26.29 -32.82 -35.94
N LYS B 3568 -26.94 -31.66 -36.06
CA LYS B 3568 -26.13 -30.45 -36.18
C LYS B 3568 -25.93 -29.80 -34.81
N PRO B 3569 -24.75 -29.24 -34.55
CA PRO B 3569 -24.51 -28.50 -33.31
C PRO B 3569 -24.91 -27.03 -33.40
N LEU B 3570 -25.15 -26.45 -32.22
CA LEU B 3570 -25.57 -25.05 -32.08
C LEU B 3570 -24.65 -24.36 -31.09
N PRO B 3571 -23.58 -23.70 -31.57
CA PRO B 3571 -22.54 -23.19 -30.65
C PRO B 3571 -22.95 -21.96 -29.84
N GLU B 3572 -23.78 -21.08 -30.42
CA GLU B 3572 -24.22 -19.91 -29.67
C GLU B 3572 -25.12 -20.31 -28.50
N TYR B 3573 -25.69 -21.51 -28.54
CA TYR B 3573 -26.42 -22.08 -27.42
C TYR B 3573 -25.55 -23.02 -26.59
N HIS B 3574 -24.29 -23.21 -26.96
CA HIS B 3574 -23.43 -24.16 -26.26
C HIS B 3574 -22.81 -23.52 -25.02
N VAL B 3575 -22.46 -24.39 -24.08
CA VAL B 3575 -22.01 -23.96 -22.75
C VAL B 3575 -20.58 -23.46 -22.86
N ARG B 3576 -20.36 -22.20 -22.46
CA ARG B 3576 -19.03 -21.63 -22.37
C ARG B 3576 -18.60 -21.64 -20.90
N ILE B 3577 -17.36 -22.05 -20.64
CA ILE B 3577 -16.85 -22.12 -19.28
C ILE B 3577 -16.39 -20.74 -18.83
N ALA B 3578 -16.94 -20.27 -17.72
CA ALA B 3578 -16.69 -18.91 -17.25
C ALA B 3578 -16.12 -18.84 -15.83
N GLY B 3579 -15.99 -19.95 -15.13
CA GLY B 3579 -15.34 -19.85 -13.83
C GLY B 3579 -14.96 -21.20 -13.27
N PHE B 3580 -14.20 -21.14 -12.18
CA PHE B 3580 -13.79 -22.30 -11.41
C PHE B 3580 -14.14 -22.05 -9.95
N ASP B 3581 -14.32 -23.12 -9.16
CA ASP B 3581 -14.60 -22.93 -7.75
C ASP B 3581 -13.34 -23.11 -6.91
N GLU B 3582 -13.29 -22.38 -5.79
CA GLU B 3582 -12.14 -22.36 -4.89
C GLU B 3582 -12.18 -23.55 -3.94
N ARG B 3583 -12.37 -24.76 -4.47
CA ARG B 3583 -12.41 -25.94 -3.63
C ARG B 3583 -11.97 -27.17 -4.42
N VAL B 3584 -11.05 -27.93 -3.84
CA VAL B 3584 -10.63 -29.20 -4.41
C VAL B 3584 -10.83 -30.29 -3.36
N THR B 3585 -11.15 -31.48 -3.83
CA THR B 3585 -11.37 -32.63 -2.95
C THR B 3585 -10.72 -33.85 -3.59
N VAL B 3586 -9.93 -34.57 -2.79
CA VAL B 3586 -9.26 -35.78 -3.26
C VAL B 3586 -10.19 -36.97 -3.03
N MET B 3587 -10.24 -37.86 -4.00
CA MET B 3587 -11.09 -39.04 -3.90
C MET B 3587 -10.27 -40.25 -3.43
N ALA B 3588 -10.99 -41.26 -2.94
CA ALA B 3588 -10.38 -42.50 -2.47
C ALA B 3588 -10.23 -43.48 -3.63
N SER B 3589 -9.07 -43.42 -4.28
CA SER B 3589 -8.70 -44.36 -5.34
C SER B 3589 -7.19 -44.56 -5.26
N LEU B 3590 -6.64 -45.20 -6.28
CA LEU B 3590 -5.18 -45.31 -6.39
C LEU B 3590 -4.58 -44.12 -7.14
N ARG B 3591 -5.36 -43.51 -8.02
CA ARG B 3591 -4.92 -42.35 -8.78
C ARG B 3591 -5.08 -41.05 -8.00
N ARG B 3592 -5.61 -41.10 -6.77
CA ARG B 3592 -6.08 -39.93 -6.02
C ARG B 3592 -6.68 -38.91 -6.98
N PRO B 3593 -7.68 -39.29 -7.79
CA PRO B 3593 -8.23 -38.32 -8.75
C PRO B 3593 -8.83 -37.15 -8.00
N LYS B 3594 -8.88 -36.01 -8.67
CA LYS B 3594 -9.28 -34.78 -7.99
C LYS B 3594 -10.62 -34.32 -8.53
N ARG B 3595 -11.49 -33.85 -7.64
CA ARG B 3595 -12.82 -33.44 -8.04
C ARG B 3595 -12.88 -31.93 -8.08
N ILE B 3596 -13.13 -31.38 -9.28
CA ILE B 3596 -13.11 -29.93 -9.47
C ILE B 3596 -14.50 -29.49 -9.91
N ILE B 3597 -14.82 -28.23 -9.62
CA ILE B 3597 -16.19 -27.72 -9.70
C ILE B 3597 -16.18 -26.46 -10.57
N ILE B 3598 -16.28 -26.63 -11.87
CA ILE B 3598 -16.27 -25.46 -12.72
C ILE B 3598 -17.67 -24.88 -12.78
N ARG B 3599 -17.76 -23.60 -13.14
CA ARG B 3599 -19.02 -22.86 -13.19
C ARG B 3599 -19.22 -22.43 -14.63
N GLY B 3600 -20.32 -22.87 -15.23
CA GLY B 3600 -20.64 -22.49 -16.59
C GLY B 3600 -21.53 -21.28 -16.65
N HIS B 3601 -21.49 -20.60 -17.78
CA HIS B 3601 -22.23 -19.35 -17.97
C HIS B 3601 -23.73 -19.64 -17.93
N ASP B 3602 -24.10 -20.90 -17.72
CA ASP B 3602 -25.49 -21.33 -17.68
C ASP B 3602 -26.09 -21.20 -16.29
N GLU B 3603 -25.58 -20.27 -15.47
CA GLU B 3603 -26.03 -20.12 -14.09
C GLU B 3603 -25.98 -21.46 -13.36
N ARG B 3604 -25.04 -22.31 -13.77
CA ARG B 3604 -25.01 -23.68 -13.31
C ARG B 3604 -23.57 -24.07 -13.01
N GLU B 3605 -23.44 -25.10 -12.17
CA GLU B 3605 -22.17 -25.61 -11.69
C GLU B 3605 -22.03 -27.06 -12.10
N HIS B 3606 -20.85 -27.42 -12.60
CA HIS B 3606 -20.63 -28.76 -13.13
C HIS B 3606 -19.39 -29.36 -12.48
N PRO B 3607 -19.50 -30.53 -11.85
CA PRO B 3607 -18.34 -31.20 -11.25
C PRO B 3607 -17.73 -32.21 -12.21
N PHE B 3608 -16.42 -32.41 -12.04
CA PHE B 3608 -15.69 -33.34 -12.89
C PHE B 3608 -14.54 -33.96 -12.11
N LEU B 3609 -13.94 -34.97 -12.73
CA LEU B 3609 -12.84 -35.74 -12.14
C LEU B 3609 -11.63 -35.57 -13.04
N VAL B 3610 -10.55 -35.04 -12.47
CA VAL B 3610 -9.25 -34.99 -13.12
C VAL B 3610 -8.50 -36.25 -12.71
N LYS B 3611 -8.43 -37.21 -13.64
CA LYS B 3611 -7.53 -38.35 -13.58
C LYS B 3611 -6.31 -37.96 -14.41
N GLY B 3612 -5.24 -37.57 -13.74
CA GLY B 3612 -3.99 -37.26 -14.42
C GLY B 3612 -3.13 -38.49 -14.56
N GLY B 3613 -2.59 -38.70 -15.76
CA GLY B 3613 -1.72 -39.84 -15.98
C GLY B 3613 -2.44 -41.06 -16.49
N GLU B 3614 -3.31 -40.90 -17.48
CA GLU B 3614 -4.04 -42.03 -18.03
C GLU B 3614 -4.41 -41.73 -19.47
N ASP B 3615 -4.09 -42.68 -20.35
CA ASP B 3615 -4.51 -42.59 -21.75
C ASP B 3615 -5.92 -43.17 -21.80
N LEU B 3616 -6.91 -42.27 -21.70
CA LEU B 3616 -8.31 -42.65 -21.56
C LEU B 3616 -9.01 -42.86 -22.89
N ARG B 3617 -8.26 -43.10 -23.97
CA ARG B 3617 -8.91 -43.31 -25.27
C ARG B 3617 -9.72 -44.59 -25.27
N GLN B 3618 -9.27 -45.63 -24.56
CA GLN B 3618 -10.04 -46.86 -24.44
C GLN B 3618 -11.33 -46.65 -23.65
N ASP B 3619 -11.26 -45.87 -22.57
CA ASP B 3619 -12.47 -45.59 -21.79
C ASP B 3619 -13.46 -44.75 -22.59
N GLN B 3620 -12.97 -43.80 -23.38
CA GLN B 3620 -13.88 -43.04 -24.25
C GLN B 3620 -14.48 -43.95 -25.32
N ARG B 3621 -13.68 -44.85 -25.88
CA ARG B 3621 -14.20 -45.78 -26.88
C ARG B 3621 -15.29 -46.67 -26.29
N VAL B 3622 -15.09 -47.17 -25.08
CA VAL B 3622 -16.10 -48.03 -24.45
C VAL B 3622 -17.29 -47.21 -23.99
N GLU B 3623 -17.12 -45.92 -23.72
CA GLU B 3623 -18.28 -45.08 -23.42
C GLU B 3623 -19.11 -44.83 -24.67
N GLN B 3624 -18.45 -44.64 -25.81
CA GLN B 3624 -19.19 -44.58 -27.07
C GLN B 3624 -19.86 -45.91 -27.36
N LEU B 3625 -19.21 -47.01 -27.00
CA LEU B 3625 -19.78 -48.34 -27.16
C LEU B 3625 -21.00 -48.55 -26.26
N PHE B 3626 -20.95 -48.04 -25.04
CA PHE B 3626 -22.12 -48.09 -24.17
C PHE B 3626 -23.24 -47.21 -24.69
N GLN B 3627 -22.90 -46.04 -25.23
CA GLN B 3627 -23.88 -45.14 -25.81
C GLN B 3627 -24.63 -45.82 -26.95
N VAL B 3628 -23.89 -46.43 -27.88
CA VAL B 3628 -24.55 -47.15 -28.98
C VAL B 3628 -25.23 -48.41 -28.47
N MET B 3629 -24.71 -49.01 -27.39
CA MET B 3629 -25.29 -50.24 -26.85
C MET B 3629 -26.67 -49.98 -26.29
N ASN B 3630 -26.81 -49.02 -25.36
CA ASN B 3630 -28.14 -48.74 -24.85
C ASN B 3630 -29.01 -47.99 -25.85
N GLY B 3631 -28.41 -47.35 -26.87
CA GLY B 3631 -29.22 -46.81 -27.95
C GLY B 3631 -29.89 -47.90 -28.77
N ILE B 3632 -29.16 -48.99 -29.03
CA ILE B 3632 -29.78 -50.14 -29.69
C ILE B 3632 -30.69 -50.89 -28.72
N LEU B 3633 -30.38 -50.83 -27.41
CA LEU B 3633 -31.20 -51.54 -26.44
C LEU B 3633 -32.58 -50.90 -26.29
N ALA B 3634 -32.65 -49.57 -26.36
CA ALA B 3634 -33.93 -48.88 -26.31
C ALA B 3634 -34.76 -49.08 -27.57
N GLN B 3635 -34.20 -49.73 -28.59
CA GLN B 3635 -34.91 -49.98 -29.83
C GLN B 3635 -35.72 -51.27 -29.80
N ASP B 3636 -35.64 -52.06 -28.73
CA ASP B 3636 -36.40 -53.29 -28.60
C ASP B 3636 -37.74 -53.01 -27.92
N SER B 3637 -38.75 -53.78 -28.28
CA SER B 3637 -40.08 -53.59 -27.70
C SER B 3637 -40.11 -54.08 -26.26
N ALA B 3638 -39.62 -55.30 -26.01
CA ALA B 3638 -39.63 -55.89 -24.68
C ALA B 3638 -38.60 -55.28 -23.75
N CYS B 3639 -37.80 -54.30 -24.19
CA CYS B 3639 -36.80 -53.67 -23.34
C CYS B 3639 -37.19 -52.27 -22.89
N SER B 3640 -37.55 -51.38 -23.81
CA SER B 3640 -37.96 -50.04 -23.43
C SER B 3640 -39.23 -50.06 -22.58
N GLN B 3641 -40.03 -51.12 -22.69
CA GLN B 3641 -41.22 -51.24 -21.84
C GLN B 3641 -40.84 -51.53 -20.40
N ARG B 3642 -39.76 -52.28 -20.17
CA ARG B 3642 -39.24 -52.52 -18.83
C ARG B 3642 -38.26 -51.46 -18.38
N ALA B 3643 -38.06 -50.41 -19.19
CA ALA B 3643 -37.16 -49.31 -18.86
C ALA B 3643 -35.70 -49.78 -18.73
N LEU B 3644 -35.24 -50.49 -19.76
CA LEU B 3644 -33.89 -51.04 -19.78
C LEU B 3644 -32.96 -50.08 -20.52
N GLN B 3645 -31.98 -49.53 -19.80
CA GLN B 3645 -31.02 -48.62 -20.39
C GLN B 3645 -29.76 -48.58 -19.54
N LEU B 3646 -28.60 -48.68 -20.17
CA LEU B 3646 -27.34 -48.46 -19.47
C LEU B 3646 -27.25 -47.02 -19.00
N ARG B 3647 -26.45 -46.79 -17.97
CA ARG B 3647 -26.16 -45.43 -17.51
C ARG B 3647 -24.84 -44.98 -18.11
N THR B 3648 -24.90 -44.03 -19.02
CA THR B 3648 -23.70 -43.51 -19.64
C THR B 3648 -23.21 -42.28 -18.89
N TYR B 3649 -22.04 -41.82 -19.30
CA TYR B 3649 -21.44 -40.57 -18.84
C TYR B 3649 -20.45 -40.13 -19.90
N SER B 3650 -19.61 -39.16 -19.55
CA SER B 3650 -18.70 -38.54 -20.51
C SER B 3650 -17.25 -38.78 -20.09
N VAL B 3651 -16.45 -39.25 -21.04
CA VAL B 3651 -15.02 -39.43 -20.87
C VAL B 3651 -14.35 -38.63 -21.98
N VAL B 3652 -13.57 -37.63 -21.60
CA VAL B 3652 -12.90 -36.81 -22.61
C VAL B 3652 -11.41 -36.77 -22.29
N PRO B 3653 -10.58 -37.45 -23.06
CA PRO B 3653 -9.13 -37.37 -22.81
C PRO B 3653 -8.55 -36.16 -23.54
N MET B 3654 -8.03 -35.18 -22.80
CA MET B 3654 -7.66 -33.93 -23.44
C MET B 3654 -6.36 -34.08 -24.22
N THR B 3655 -5.26 -34.39 -23.53
CA THR B 3655 -4.05 -34.87 -24.16
C THR B 3655 -3.85 -36.33 -23.75
N SER B 3656 -2.87 -36.99 -24.36
CA SER B 3656 -2.44 -38.27 -23.85
C SER B 3656 -2.00 -38.10 -22.40
N ARG B 3657 -2.30 -39.11 -21.57
CA ARG B 3657 -1.95 -39.13 -20.15
C ARG B 3657 -2.56 -37.96 -19.37
N LEU B 3658 -3.59 -37.30 -19.89
CA LEU B 3658 -4.38 -36.37 -19.10
C LEU B 3658 -5.82 -36.35 -19.62
N GLY B 3659 -6.75 -36.76 -18.77
CA GLY B 3659 -8.14 -36.84 -19.19
C GLY B 3659 -9.10 -36.22 -18.21
N LEU B 3660 -10.40 -36.37 -18.49
CA LEU B 3660 -11.45 -35.81 -17.64
C LEU B 3660 -12.64 -36.75 -17.68
N ILE B 3661 -13.18 -37.06 -16.49
CA ILE B 3661 -14.30 -37.98 -16.34
C ILE B 3661 -15.47 -37.23 -15.72
N GLU B 3662 -16.69 -37.56 -16.16
CA GLU B 3662 -17.87 -37.05 -15.48
C GLU B 3662 -17.92 -37.58 -14.04
N TRP B 3663 -18.73 -36.92 -13.22
CA TRP B 3663 -18.87 -37.30 -11.82
C TRP B 3663 -20.35 -37.18 -11.45
N LEU B 3664 -21.00 -38.32 -11.22
CA LEU B 3664 -22.39 -38.31 -10.81
C LEU B 3664 -22.48 -38.11 -9.29
N GLU B 3665 -23.44 -37.29 -8.88
CA GLU B 3665 -23.54 -36.90 -7.48
C GLU B 3665 -24.27 -37.95 -6.64
N ASN B 3666 -23.90 -38.00 -5.36
CA ASN B 3666 -24.52 -38.89 -4.37
C ASN B 3666 -24.34 -40.35 -4.75
N THR B 3667 -23.25 -40.66 -5.46
CA THR B 3667 -22.93 -42.01 -5.88
C THR B 3667 -21.72 -42.49 -5.10
N VAL B 3668 -21.89 -43.60 -4.40
CA VAL B 3668 -20.85 -44.14 -3.53
C VAL B 3668 -20.34 -45.43 -4.14
N THR B 3669 -19.06 -45.70 -3.93
CA THR B 3669 -18.52 -46.99 -4.35
C THR B 3669 -19.23 -48.09 -3.59
N LEU B 3670 -19.56 -49.17 -4.29
CA LEU B 3670 -20.32 -50.26 -3.67
C LEU B 3670 -19.64 -50.77 -2.42
N LYS B 3671 -18.31 -50.90 -2.46
CA LYS B 3671 -17.57 -51.36 -1.30
C LYS B 3671 -17.84 -50.48 -0.09
N ASP B 3672 -17.73 -49.16 -0.26
CA ASP B 3672 -18.01 -48.25 0.83
C ASP B 3672 -19.46 -48.35 1.30
N LEU B 3673 -20.38 -48.60 0.36
CA LEU B 3673 -21.79 -48.75 0.73
C LEU B 3673 -21.99 -49.94 1.67
N LEU B 3674 -21.51 -51.12 1.26
CA LEU B 3674 -21.63 -52.29 2.13
C LEU B 3674 -20.86 -52.11 3.43
N LEU B 3675 -19.75 -51.37 3.38
CA LEU B 3675 -18.95 -51.16 4.59
C LEU B 3675 -19.69 -50.32 5.62
N ASN B 3676 -20.33 -49.23 5.17
CA ASN B 3676 -21.05 -48.37 6.10
C ASN B 3676 -22.30 -49.04 6.65
N THR B 3677 -22.68 -50.19 6.09
CA THR B 3677 -23.80 -50.97 6.58
C THR B 3677 -23.45 -51.79 7.81
N MET B 3678 -22.20 -52.21 7.95
CA MET B 3678 -21.81 -53.07 9.05
C MET B 3678 -21.89 -52.31 10.37
N SER B 3679 -21.78 -53.07 11.47
CA SER B 3679 -21.71 -52.49 12.80
C SER B 3679 -20.26 -52.17 13.15
N GLN B 3680 -20.07 -51.61 14.36
CA GLN B 3680 -18.74 -51.17 14.77
C GLN B 3680 -17.80 -52.32 15.07
N GLU B 3681 -18.33 -53.53 15.26
CA GLU B 3681 -17.51 -54.67 15.67
C GLU B 3681 -17.19 -55.59 14.50
N GLU B 3682 -18.19 -55.94 13.69
CA GLU B 3682 -17.95 -56.84 12.57
C GLU B 3682 -17.09 -56.20 11.50
N LYS B 3683 -17.02 -54.86 11.46
CA LYS B 3683 -16.08 -54.19 10.57
C LYS B 3683 -14.64 -54.56 10.90
N ALA B 3684 -14.23 -54.29 12.15
CA ALA B 3684 -12.87 -54.65 12.55
C ALA B 3684 -12.67 -56.15 12.57
N ALA B 3685 -13.74 -56.93 12.74
CA ALA B 3685 -13.62 -58.38 12.64
C ALA B 3685 -13.36 -58.81 11.20
N TYR B 3686 -13.86 -58.07 10.22
CA TYR B 3686 -13.56 -58.43 8.83
C TYR B 3686 -12.20 -57.92 8.38
N LEU B 3687 -11.81 -56.71 8.82
CA LEU B 3687 -10.54 -56.17 8.34
C LEU B 3687 -9.36 -56.73 9.13
N SER B 3688 -9.45 -56.71 10.46
CA SER B 3688 -8.33 -57.08 11.33
C SER B 3688 -8.74 -58.33 12.09
N ASP B 3689 -8.52 -59.50 11.48
CA ASP B 3689 -8.80 -60.80 12.08
C ASP B 3689 -8.22 -61.89 11.20
N PRO B 3690 -7.74 -63.00 11.78
CA PRO B 3690 -7.24 -64.10 10.94
C PRO B 3690 -8.34 -64.86 10.21
N ARG B 3691 -9.45 -65.19 10.91
CA ARG B 3691 -10.54 -65.90 10.26
C ARG B 3691 -11.30 -65.04 9.28
N ALA B 3692 -10.82 -63.82 9.07
CA ALA B 3692 -11.43 -62.94 8.10
C ALA B 3692 -11.11 -63.43 6.69
N PRO B 3693 -12.05 -63.30 5.76
CA PRO B 3693 -11.87 -63.85 4.41
C PRO B 3693 -10.60 -63.38 3.72
N PRO B 3694 -10.13 -62.12 3.92
CA PRO B 3694 -8.83 -61.75 3.32
C PRO B 3694 -7.66 -62.61 3.80
N CYS B 3695 -7.43 -62.59 5.11
CA CYS B 3695 -6.31 -63.35 5.67
C CYS B 3695 -6.55 -64.85 5.52
N GLU B 3696 -7.81 -65.29 5.64
CA GLU B 3696 -8.12 -66.72 5.49
C GLU B 3696 -7.84 -67.20 4.07
N TYR B 3697 -8.20 -66.39 3.07
CA TYR B 3697 -7.94 -66.73 1.68
C TYR B 3697 -6.43 -66.75 1.38
N LYS B 3698 -5.69 -65.79 1.92
CA LYS B 3698 -4.25 -65.78 1.70
C LYS B 3698 -3.59 -67.00 2.35
N ASP B 3699 -3.97 -67.32 3.59
CA ASP B 3699 -3.43 -68.51 4.25
C ASP B 3699 -3.83 -69.78 3.53
N TRP B 3700 -5.04 -69.84 3.01
CA TRP B 3700 -5.47 -71.04 2.29
C TRP B 3700 -4.69 -71.23 1.00
N LEU B 3701 -4.44 -70.13 0.27
CA LEU B 3701 -3.65 -70.24 -0.95
C LEU B 3701 -2.19 -70.54 -0.65
N THR B 3702 -1.70 -70.14 0.53
CA THR B 3702 -0.35 -70.50 0.94
C THR B 3702 -0.27 -71.97 1.35
N LYS B 3703 -1.29 -72.46 2.05
CA LYS B 3703 -1.33 -73.85 2.47
C LYS B 3703 -1.49 -74.78 1.28
N MET B 3704 -2.15 -74.30 0.22
CA MET B 3704 -2.41 -75.14 -0.94
C MET B 3704 -1.26 -75.15 -1.94
N SER B 3705 -0.35 -74.18 -1.85
CA SER B 3705 0.81 -74.09 -2.73
C SER B 3705 2.12 -74.13 -1.96
N GLY B 3706 2.26 -73.33 -0.91
CA GLY B 3706 3.51 -73.16 -0.21
C GLY B 3706 4.07 -71.75 -0.35
N LYS B 3707 3.91 -71.17 -1.53
CA LYS B 3707 4.27 -69.78 -1.75
C LYS B 3707 3.18 -68.85 -1.22
N HIS B 3708 3.58 -67.65 -0.83
CA HIS B 3708 2.70 -66.68 -0.19
C HIS B 3708 2.62 -65.40 -1.00
N ASP B 3709 2.57 -65.51 -2.32
CA ASP B 3709 2.50 -64.34 -3.19
C ASP B 3709 1.85 -64.75 -4.51
N VAL B 3710 1.94 -63.87 -5.50
CA VAL B 3710 1.51 -64.20 -6.84
C VAL B 3710 2.34 -65.36 -7.37
N GLY B 3711 1.68 -66.27 -8.09
CA GLY B 3711 2.27 -67.51 -8.54
C GLY B 3711 1.78 -68.72 -7.79
N ALA B 3712 1.34 -68.53 -6.54
CA ALA B 3712 0.71 -69.61 -5.80
C ALA B 3712 -0.52 -70.16 -6.50
N TYR B 3713 -1.15 -69.39 -7.39
CA TYR B 3713 -2.31 -69.89 -8.12
C TYR B 3713 -1.92 -70.92 -9.17
N MET B 3714 -0.89 -70.62 -9.97
CA MET B 3714 -0.42 -71.52 -11.02
C MET B 3714 0.04 -72.87 -10.48
N LEU B 3715 0.14 -73.01 -9.17
CA LEU B 3715 0.44 -74.27 -8.51
C LEU B 3715 -0.72 -74.80 -7.67
N MET B 3716 -1.53 -73.92 -7.07
CA MET B 3716 -2.71 -74.33 -6.33
C MET B 3716 -3.74 -74.97 -7.23
N TYR B 3717 -3.74 -74.63 -8.53
CA TYR B 3717 -4.69 -75.27 -9.44
C TYR B 3717 -4.40 -76.75 -9.58
N LYS B 3718 -3.13 -77.14 -9.62
CA LYS B 3718 -2.77 -78.55 -9.68
C LYS B 3718 -2.59 -79.19 -8.32
N GLY B 3719 -2.41 -78.39 -7.27
CA GLY B 3719 -2.27 -78.88 -5.91
C GLY B 3719 -3.56 -78.91 -5.12
N ALA B 3720 -4.69 -78.66 -5.76
CA ALA B 3720 -5.99 -78.66 -5.09
C ALA B 3720 -7.04 -79.23 -6.04
N ASN B 3721 -8.07 -79.84 -5.44
CA ASN B 3721 -9.16 -80.49 -6.15
C ASN B 3721 -10.45 -79.70 -5.97
N ARG B 3722 -11.53 -80.20 -6.55
CA ARG B 3722 -12.78 -79.46 -6.56
C ARG B 3722 -13.40 -79.38 -5.16
N THR B 3723 -13.54 -80.54 -4.50
CA THR B 3723 -14.34 -80.59 -3.27
C THR B 3723 -13.66 -79.87 -2.11
N GLU B 3724 -12.33 -79.80 -2.10
CA GLU B 3724 -11.69 -79.07 -1.01
C GLU B 3724 -11.81 -77.57 -1.21
N THR B 3725 -11.65 -77.09 -2.45
CA THR B 3725 -11.83 -75.66 -2.71
C THR B 3725 -13.27 -75.26 -2.43
N VAL B 3726 -14.23 -76.15 -2.73
CA VAL B 3726 -15.63 -75.87 -2.41
C VAL B 3726 -15.82 -75.77 -0.90
N THR B 3727 -15.28 -76.74 -0.15
CA THR B 3727 -15.40 -76.70 1.30
C THR B 3727 -14.78 -75.45 1.88
N SER B 3728 -13.57 -75.09 1.42
CA SER B 3728 -12.89 -73.92 1.92
C SER B 3728 -13.63 -72.64 1.57
N PHE B 3729 -14.15 -72.53 0.35
CA PHE B 3729 -14.84 -71.31 -0.05
C PHE B 3729 -16.14 -71.13 0.72
N ARG B 3730 -16.89 -72.21 0.91
CA ARG B 3730 -18.10 -72.11 1.74
C ARG B 3730 -17.72 -71.72 3.18
N LYS B 3731 -16.64 -72.31 3.71
CA LYS B 3731 -16.22 -72.04 5.08
C LYS B 3731 -15.74 -70.60 5.25
N ARG B 3732 -15.22 -69.98 4.20
CA ARG B 3732 -14.78 -68.60 4.30
C ARG B 3732 -15.86 -67.59 3.92
N GLU B 3733 -16.88 -68.01 3.18
CA GLU B 3733 -17.95 -67.10 2.79
C GLU B 3733 -19.13 -67.12 3.75
N SER B 3734 -19.28 -68.16 4.55
CA SER B 3734 -20.35 -68.16 5.56
C SER B 3734 -19.98 -67.35 6.80
N LYS B 3735 -18.86 -66.64 6.78
CA LYS B 3735 -18.45 -65.77 7.88
C LYS B 3735 -18.82 -64.32 7.67
N VAL B 3736 -19.25 -63.95 6.47
CA VAL B 3736 -19.64 -62.57 6.15
C VAL B 3736 -21.14 -62.40 6.43
N PRO B 3737 -21.60 -61.19 6.77
CA PRO B 3737 -23.03 -60.99 7.02
C PRO B 3737 -23.86 -61.25 5.77
N ALA B 3738 -24.85 -62.13 5.90
CA ALA B 3738 -25.69 -62.49 4.76
C ALA B 3738 -26.61 -61.33 4.35
N ASP B 3739 -27.52 -60.94 5.25
CA ASP B 3739 -28.46 -59.84 4.95
C ASP B 3739 -27.78 -58.50 5.22
N LEU B 3740 -26.79 -58.20 4.37
CA LEU B 3740 -26.06 -56.93 4.47
C LEU B 3740 -26.63 -55.87 3.54
N LEU B 3741 -26.78 -56.21 2.25
CA LEU B 3741 -27.40 -55.27 1.33
C LEU B 3741 -28.84 -55.00 1.73
N LYS B 3742 -29.53 -56.02 2.24
CA LYS B 3742 -30.90 -55.87 2.71
C LYS B 3742 -30.96 -54.87 3.86
N ARG B 3743 -30.03 -54.98 4.82
CA ARG B 3743 -29.98 -54.04 5.93
C ARG B 3743 -29.63 -52.64 5.45
N ALA B 3744 -28.71 -52.55 4.48
CA ALA B 3744 -28.34 -51.25 3.93
C ALA B 3744 -29.55 -50.54 3.36
N PHE B 3745 -30.33 -51.26 2.54
CA PHE B 3745 -31.49 -50.64 1.92
C PHE B 3745 -32.57 -50.30 2.95
N VAL B 3746 -32.80 -51.18 3.93
CA VAL B 3746 -33.88 -50.93 4.87
C VAL B 3746 -33.49 -49.81 5.83
N ARG B 3747 -32.19 -49.60 6.04
CA ARG B 3747 -31.72 -48.45 6.80
C ARG B 3747 -32.08 -47.14 6.11
N MET B 3748 -32.29 -47.17 4.80
CA MET B 3748 -32.55 -45.97 4.01
C MET B 3748 -33.79 -46.15 3.15
N SER B 3749 -34.85 -46.72 3.72
CA SER B 3749 -36.09 -46.94 3.01
C SER B 3749 -37.16 -45.93 3.38
N THR B 3750 -37.36 -45.70 4.67
CA THR B 3750 -38.34 -44.74 5.20
C THR B 3750 -39.76 -45.23 4.92
N SER B 3751 -39.87 -46.32 4.16
CA SER B 3751 -41.14 -46.95 3.79
C SER B 3751 -40.83 -48.27 3.09
N PRO B 3752 -41.62 -49.31 3.33
CA PRO B 3752 -41.51 -50.51 2.48
C PRO B 3752 -41.84 -50.23 1.03
N GLU B 3753 -42.72 -49.26 0.77
CA GLU B 3753 -43.05 -48.86 -0.60
C GLU B 3753 -41.81 -48.47 -1.39
N ALA B 3754 -40.88 -47.76 -0.76
CA ALA B 3754 -39.69 -47.28 -1.45
C ALA B 3754 -38.64 -48.36 -1.62
N PHE B 3755 -38.61 -49.32 -0.69
CA PHE B 3755 -37.71 -50.46 -0.82
C PHE B 3755 -37.90 -51.15 -2.16
N LEU B 3756 -39.14 -51.19 -2.65
CA LEU B 3756 -39.41 -51.89 -3.91
C LEU B 3756 -38.72 -51.21 -5.08
N ALA B 3757 -38.85 -49.88 -5.20
CA ALA B 3757 -38.17 -49.19 -6.28
C ALA B 3757 -36.65 -49.27 -6.09
N LEU B 3758 -36.18 -49.09 -4.86
CA LEU B 3758 -34.75 -49.15 -4.59
C LEU B 3758 -34.15 -50.49 -5.00
N ARG B 3759 -34.91 -51.58 -4.85
CA ARG B 3759 -34.39 -52.90 -5.18
C ARG B 3759 -34.63 -53.27 -6.64
N SER B 3760 -35.80 -52.96 -7.18
CA SER B 3760 -36.11 -53.28 -8.57
C SER B 3760 -35.17 -52.56 -9.53
N HIS B 3761 -35.02 -51.25 -9.35
CA HIS B 3761 -34.11 -50.50 -10.21
C HIS B 3761 -32.69 -51.03 -10.09
N PHE B 3762 -32.30 -51.40 -8.87
CA PHE B 3762 -30.96 -51.93 -8.61
C PHE B 3762 -30.74 -53.24 -9.36
N ALA B 3763 -31.68 -54.18 -9.24
CA ALA B 3763 -31.55 -55.47 -9.91
C ALA B 3763 -31.51 -55.30 -11.43
N SER B 3764 -32.39 -54.46 -11.96
CA SER B 3764 -32.43 -54.26 -13.41
C SER B 3764 -31.10 -53.69 -13.90
N SER B 3765 -30.62 -52.63 -13.25
CA SER B 3765 -29.36 -52.01 -13.66
C SER B 3765 -28.20 -52.99 -13.57
N HIS B 3766 -28.15 -53.79 -12.50
CA HIS B 3766 -27.02 -54.72 -12.35
C HIS B 3766 -27.07 -55.81 -13.40
N ALA B 3767 -28.23 -56.43 -13.60
CA ALA B 3767 -28.33 -57.47 -14.60
C ALA B 3767 -27.95 -56.94 -15.97
N LEU B 3768 -28.35 -55.70 -16.28
CA LEU B 3768 -28.04 -55.14 -17.58
C LEU B 3768 -26.54 -54.88 -17.71
N ILE B 3769 -25.92 -54.27 -16.70
CA ILE B 3769 -24.50 -53.98 -16.82
C ILE B 3769 -23.68 -55.26 -16.87
N CYS B 3770 -24.15 -56.34 -16.24
CA CYS B 3770 -23.40 -57.60 -16.31
C CYS B 3770 -23.52 -58.25 -17.69
N ILE B 3771 -24.75 -58.39 -18.18
CA ILE B 3771 -24.95 -59.00 -19.48
C ILE B 3771 -24.27 -58.19 -20.57
N SER B 3772 -24.03 -56.90 -20.32
CA SER B 3772 -23.28 -56.09 -21.28
C SER B 3772 -21.77 -56.19 -21.05
N HIS B 3773 -21.33 -56.23 -19.78
CA HIS B 3773 -19.93 -56.38 -19.44
C HIS B 3773 -19.38 -57.74 -19.82
N TRP B 3774 -20.22 -58.64 -20.32
CA TRP B 3774 -19.65 -59.86 -20.90
C TRP B 3774 -19.62 -59.82 -22.42
N ILE B 3775 -20.53 -59.07 -23.05
CA ILE B 3775 -20.45 -58.84 -24.50
C ILE B 3775 -19.09 -58.28 -24.86
N LEU B 3776 -18.74 -57.15 -24.27
CA LEU B 3776 -17.35 -56.71 -24.21
C LEU B 3776 -16.78 -57.37 -22.97
N GLY B 3777 -16.09 -58.49 -23.14
CA GLY B 3777 -15.66 -59.27 -22.00
C GLY B 3777 -14.78 -58.47 -21.06
N ILE B 3778 -15.32 -58.06 -19.92
CA ILE B 3778 -14.58 -57.23 -18.97
C ILE B 3778 -14.43 -57.99 -17.67
N GLY B 3779 -13.18 -58.19 -17.25
CA GLY B 3779 -12.87 -58.70 -15.94
C GLY B 3779 -12.51 -57.57 -15.01
N ASP B 3780 -11.88 -57.92 -13.89
CA ASP B 3780 -11.55 -56.94 -12.86
C ASP B 3780 -12.80 -56.19 -12.42
N ARG B 3781 -13.92 -56.91 -12.36
CA ARG B 3781 -15.19 -56.35 -11.91
C ARG B 3781 -15.28 -56.41 -10.39
N HIS B 3782 -14.34 -55.73 -9.75
CA HIS B 3782 -14.25 -55.71 -8.30
C HIS B 3782 -15.10 -54.56 -7.74
N LEU B 3783 -15.13 -54.47 -6.41
CA LEU B 3783 -16.09 -53.62 -5.74
C LEU B 3783 -15.88 -52.13 -6.01
N ASN B 3784 -14.70 -51.72 -6.48
CA ASN B 3784 -14.44 -50.31 -6.76
C ASN B 3784 -14.72 -49.90 -8.19
N ASN B 3785 -15.04 -50.85 -9.07
CA ASN B 3785 -15.48 -50.52 -10.43
C ASN B 3785 -16.99 -50.52 -10.54
N PHE B 3786 -17.69 -50.55 -9.40
CA PHE B 3786 -19.15 -50.40 -9.35
C PHE B 3786 -19.48 -49.25 -8.41
N MET B 3787 -20.06 -48.19 -8.96
CA MET B 3787 -20.54 -47.06 -8.17
C MET B 3787 -22.07 -47.05 -8.22
N VAL B 3788 -22.70 -47.02 -7.05
CA VAL B 3788 -24.15 -47.10 -6.92
C VAL B 3788 -24.68 -45.76 -6.41
N ALA B 3789 -25.81 -45.33 -6.97
CA ALA B 3789 -26.43 -44.04 -6.63
C ALA B 3789 -27.31 -44.21 -5.41
N MET B 3790 -26.90 -43.61 -4.30
CA MET B 3790 -27.59 -43.77 -3.01
C MET B 3790 -28.99 -43.17 -2.97
N GLU B 3791 -29.51 -42.61 -4.07
CA GLU B 3791 -30.85 -42.05 -4.05
C GLU B 3791 -31.86 -42.86 -4.86
N THR B 3792 -31.40 -43.66 -5.82
CA THR B 3792 -32.30 -44.53 -6.58
C THR B 3792 -31.91 -46.00 -6.51
N GLY B 3793 -30.67 -46.32 -6.16
CA GLY B 3793 -30.23 -47.70 -6.26
C GLY B 3793 -29.89 -48.08 -7.68
N GLY B 3794 -28.94 -47.40 -8.29
CA GLY B 3794 -28.53 -47.71 -9.66
C GLY B 3794 -27.03 -47.85 -9.76
N VAL B 3795 -26.59 -48.87 -10.49
CA VAL B 3795 -25.19 -49.24 -10.56
C VAL B 3795 -24.63 -48.83 -11.91
N ILE B 3796 -23.41 -48.33 -11.91
CA ILE B 3796 -22.77 -47.85 -13.13
C ILE B 3796 -21.44 -48.59 -13.25
N GLY B 3797 -20.95 -48.71 -14.49
CA GLY B 3797 -19.68 -49.35 -14.76
C GLY B 3797 -18.61 -48.32 -15.10
N ILE B 3798 -17.47 -48.45 -14.44
CA ILE B 3798 -16.31 -47.60 -14.66
C ILE B 3798 -15.07 -48.46 -14.85
N ASP B 3799 -13.93 -47.78 -15.04
CA ASP B 3799 -12.60 -48.36 -14.95
C ASP B 3799 -12.42 -49.51 -15.95
N PHE B 3800 -12.50 -49.16 -17.23
CA PHE B 3800 -12.42 -50.13 -18.30
C PHE B 3800 -10.97 -50.25 -18.76
N GLY B 3801 -10.21 -51.09 -18.05
CA GLY B 3801 -8.85 -51.37 -18.43
C GLY B 3801 -8.79 -52.56 -19.38
N HIS B 3802 -9.51 -53.63 -19.02
CA HIS B 3802 -9.54 -54.85 -19.80
C HIS B 3802 -10.73 -54.77 -20.74
N ALA B 3803 -10.47 -54.49 -22.01
CA ALA B 3803 -11.54 -54.22 -22.97
C ALA B 3803 -12.25 -55.52 -23.35
N PHE B 3804 -11.52 -56.41 -24.03
CA PHE B 3804 -12.01 -57.76 -24.28
C PHE B 3804 -11.49 -58.65 -23.16
N GLY B 3805 -11.54 -59.97 -23.33
CA GLY B 3805 -11.16 -60.83 -22.22
C GLY B 3805 -9.69 -60.71 -21.89
N SER B 3806 -9.24 -59.47 -21.65
CA SER B 3806 -7.86 -59.20 -21.29
C SER B 3806 -7.57 -59.68 -19.88
N ALA B 3807 -8.52 -59.46 -18.96
CA ALA B 3807 -8.32 -59.86 -17.56
C ALA B 3807 -8.13 -61.36 -17.40
N THR B 3808 -8.45 -62.15 -18.43
CA THR B 3808 -8.17 -63.57 -18.41
C THR B 3808 -7.12 -63.99 -19.43
N GLN B 3809 -6.89 -63.22 -20.48
CA GLN B 3809 -5.82 -63.50 -21.43
C GLN B 3809 -4.46 -63.19 -20.82
N PHE B 3810 -4.27 -61.98 -20.29
CA PHE B 3810 -2.96 -61.48 -19.93
C PHE B 3810 -2.76 -61.27 -18.43
N LEU B 3811 -3.80 -61.32 -17.62
CA LEU B 3811 -3.62 -61.19 -16.18
C LEU B 3811 -3.05 -62.48 -15.61
N PRO B 3812 -2.02 -62.41 -14.76
CA PRO B 3812 -1.39 -63.63 -14.23
C PRO B 3812 -2.40 -64.57 -13.59
N VAL B 3813 -3.14 -64.07 -12.60
CA VAL B 3813 -4.32 -64.78 -12.11
C VAL B 3813 -5.49 -64.46 -13.03
N PRO B 3814 -5.97 -65.42 -13.81
CA PRO B 3814 -7.04 -65.13 -14.76
C PRO B 3814 -8.39 -64.96 -14.07
N GLU B 3815 -9.29 -64.29 -14.79
CA GLU B 3815 -10.66 -64.06 -14.34
C GLU B 3815 -11.56 -65.02 -15.10
N LEU B 3816 -12.13 -65.99 -14.38
CA LEU B 3816 -12.90 -67.05 -15.01
C LEU B 3816 -14.41 -66.85 -14.92
N MET B 3817 -14.87 -65.72 -14.37
CA MET B 3817 -16.30 -65.42 -14.39
C MET B 3817 -16.61 -64.35 -15.43
N PRO B 3818 -17.77 -64.45 -16.10
CA PRO B 3818 -18.13 -63.40 -17.07
C PRO B 3818 -18.41 -62.07 -16.40
N PHE B 3819 -18.94 -62.09 -15.19
CA PHE B 3819 -19.24 -60.90 -14.42
C PHE B 3819 -19.33 -61.32 -12.96
N ARG B 3820 -19.41 -60.33 -12.08
CA ARG B 3820 -19.37 -60.59 -10.65
C ARG B 3820 -20.79 -60.88 -10.17
N LEU B 3821 -20.99 -62.09 -9.62
CA LEU B 3821 -22.28 -62.51 -9.06
C LEU B 3821 -21.99 -63.32 -7.80
N THR B 3822 -22.00 -62.66 -6.66
CA THR B 3822 -21.55 -63.23 -5.39
C THR B 3822 -22.72 -63.43 -4.42
N ARG B 3823 -22.38 -63.79 -3.17
CA ARG B 3823 -23.37 -64.22 -2.20
C ARG B 3823 -24.37 -63.12 -1.88
N GLN B 3824 -23.86 -61.90 -1.66
CA GLN B 3824 -24.74 -60.78 -1.31
C GLN B 3824 -25.79 -60.52 -2.38
N PHE B 3825 -25.45 -60.79 -3.65
CA PHE B 3825 -26.43 -60.61 -4.72
C PHE B 3825 -27.61 -61.57 -4.55
N ILE B 3826 -27.32 -62.81 -4.14
CA ILE B 3826 -28.38 -63.80 -4.07
C ILE B 3826 -29.18 -63.67 -2.80
N ASN B 3827 -28.51 -63.36 -1.68
CA ASN B 3827 -29.22 -63.20 -0.42
C ASN B 3827 -30.06 -61.92 -0.40
N LEU B 3828 -29.75 -60.96 -1.27
CA LEU B 3828 -30.61 -59.78 -1.38
C LEU B 3828 -31.88 -60.11 -2.14
N MET B 3829 -31.77 -60.88 -3.23
CA MET B 3829 -32.96 -61.37 -3.91
C MET B 3829 -33.77 -62.32 -3.04
N LEU B 3830 -33.15 -62.94 -2.03
CA LEU B 3830 -33.82 -63.89 -1.18
C LEU B 3830 -35.06 -63.26 -0.54
N PRO B 3831 -36.17 -64.00 -0.40
CA PRO B 3831 -36.29 -65.44 -0.68
C PRO B 3831 -36.44 -65.75 -2.17
N MET B 3832 -36.80 -64.74 -2.94
CA MET B 3832 -36.91 -64.91 -4.39
C MET B 3832 -35.58 -65.37 -4.95
N LYS B 3833 -35.60 -66.47 -5.70
CA LYS B 3833 -34.39 -66.92 -6.37
C LYS B 3833 -34.03 -65.97 -7.50
N GLU B 3834 -32.78 -66.06 -7.96
CA GLU B 3834 -32.30 -65.18 -9.04
C GLU B 3834 -32.68 -65.72 -10.41
N THR B 3835 -33.97 -66.05 -10.58
CA THR B 3835 -34.47 -66.52 -11.85
C THR B 3835 -35.63 -65.68 -12.37
N GLY B 3836 -36.18 -64.78 -11.56
CA GLY B 3836 -37.28 -63.96 -11.99
C GLY B 3836 -36.91 -62.65 -12.65
N LEU B 3837 -36.18 -61.79 -11.95
CA LEU B 3837 -35.92 -60.44 -12.46
C LEU B 3837 -34.60 -60.36 -13.21
N MET B 3838 -33.49 -60.72 -12.55
CA MET B 3838 -32.19 -60.63 -13.22
C MET B 3838 -32.13 -61.58 -14.40
N TYR B 3839 -32.63 -62.80 -14.23
CA TYR B 3839 -32.65 -63.76 -15.34
C TYR B 3839 -33.41 -63.18 -16.53
N SER B 3840 -34.58 -62.61 -16.28
CA SER B 3840 -35.39 -62.08 -17.36
C SER B 3840 -34.71 -60.89 -18.02
N ILE B 3841 -34.05 -60.03 -17.23
CA ILE B 3841 -33.39 -58.86 -17.79
C ILE B 3841 -32.22 -59.29 -18.68
N MET B 3842 -31.40 -60.23 -18.20
CA MET B 3842 -30.31 -60.75 -19.02
C MET B 3842 -30.85 -61.39 -20.29
N VAL B 3843 -31.95 -62.15 -20.18
CA VAL B 3843 -32.53 -62.82 -21.33
C VAL B 3843 -32.98 -61.79 -22.37
N HIS B 3844 -33.73 -60.79 -21.93
CA HIS B 3844 -34.23 -59.76 -22.85
C HIS B 3844 -33.07 -59.00 -23.49
N ALA B 3845 -32.05 -58.64 -22.69
CA ALA B 3845 -30.93 -57.89 -23.23
C ALA B 3845 -30.17 -58.69 -24.28
N LEU B 3846 -29.90 -59.96 -23.98
CA LEU B 3846 -29.21 -60.81 -24.95
C LEU B 3846 -30.04 -60.99 -26.22
N ARG B 3847 -31.35 -61.23 -26.06
CA ARG B 3847 -32.21 -61.36 -27.22
C ARG B 3847 -32.18 -60.11 -28.09
N ALA B 3848 -32.18 -58.94 -27.46
CA ALA B 3848 -32.09 -57.69 -28.20
C ALA B 3848 -30.76 -57.59 -28.96
N PHE B 3849 -29.65 -57.85 -28.27
CA PHE B 3849 -28.34 -57.62 -28.84
C PHE B 3849 -28.12 -58.40 -30.13
N ARG B 3850 -28.26 -59.72 -30.09
CA ARG B 3850 -28.01 -60.54 -31.27
C ARG B 3850 -29.21 -60.57 -32.22
N SER B 3851 -29.76 -59.39 -32.54
CA SER B 3851 -30.79 -59.28 -33.56
C SER B 3851 -30.58 -58.04 -34.43
N ASP B 3852 -29.36 -57.49 -34.44
CA ASP B 3852 -29.00 -56.25 -35.12
C ASP B 3852 -28.28 -56.56 -36.42
N PRO B 3853 -28.26 -55.60 -37.36
CA PRO B 3853 -27.59 -55.84 -38.64
C PRO B 3853 -26.08 -55.99 -38.55
N GLY B 3854 -25.50 -55.84 -37.36
CA GLY B 3854 -24.07 -55.78 -37.19
C GLY B 3854 -23.51 -54.45 -36.73
N LEU B 3855 -24.35 -53.56 -36.19
CA LEU B 3855 -23.87 -52.26 -35.73
C LEU B 3855 -22.86 -52.40 -34.61
N LEU B 3856 -23.18 -53.21 -33.59
CA LEU B 3856 -22.23 -53.45 -32.50
C LEU B 3856 -20.95 -54.09 -33.02
N THR B 3857 -21.08 -55.00 -33.99
CA THR B 3857 -19.91 -55.68 -34.54
C THR B 3857 -18.97 -54.69 -35.21
N ASN B 3858 -19.52 -53.81 -36.07
CA ASN B 3858 -18.69 -52.84 -36.76
C ASN B 3858 -18.10 -51.80 -35.80
N THR B 3859 -18.85 -51.44 -34.75
CA THR B 3859 -18.30 -50.47 -33.80
C THR B 3859 -17.14 -51.06 -33.01
N MET B 3860 -17.27 -52.32 -32.57
CA MET B 3860 -16.14 -52.97 -31.91
C MET B 3860 -14.97 -53.19 -32.87
N ASP B 3861 -15.28 -53.52 -34.13
CA ASP B 3861 -14.23 -53.74 -35.12
C ASP B 3861 -13.46 -52.45 -35.41
N VAL B 3862 -14.15 -51.30 -35.34
CA VAL B 3862 -13.48 -50.02 -35.45
C VAL B 3862 -12.77 -49.67 -34.15
N PHE B 3863 -13.22 -50.20 -33.02
CA PHE B 3863 -12.52 -49.96 -31.76
C PHE B 3863 -11.15 -50.64 -31.77
N VAL B 3864 -11.12 -51.98 -31.88
CA VAL B 3864 -9.89 -52.73 -31.62
C VAL B 3864 -8.78 -52.29 -32.57
N LYS B 3865 -9.10 -52.05 -33.84
CA LYS B 3865 -8.11 -51.63 -34.81
C LYS B 3865 -7.82 -50.14 -34.76
N GLU B 3866 -8.44 -49.39 -33.85
CA GLU B 3866 -8.09 -47.99 -33.66
C GLU B 3866 -6.72 -47.91 -33.00
N PRO B 3867 -5.70 -47.42 -33.69
CA PRO B 3867 -4.33 -47.53 -33.16
C PRO B 3867 -4.13 -46.69 -31.91
N SER B 3868 -4.69 -47.18 -30.81
CA SER B 3868 -4.64 -46.49 -29.54
C SER B 3868 -4.28 -47.38 -28.36
N PHE B 3869 -4.30 -48.72 -28.51
CA PHE B 3869 -3.99 -49.58 -27.37
C PHE B 3869 -3.26 -50.86 -27.76
N ASP B 3870 -2.59 -50.90 -28.90
CA ASP B 3870 -2.11 -52.17 -29.44
C ASP B 3870 -0.92 -52.70 -28.66
N TRP B 3871 -1.18 -53.08 -27.41
CA TRP B 3871 -0.19 -53.71 -26.52
C TRP B 3871 0.91 -52.72 -26.14
N LYS B 3872 0.92 -51.54 -26.76
CA LYS B 3872 1.79 -50.46 -26.33
C LYS B 3872 1.12 -49.65 -25.23
N ASN B 3873 -0.06 -49.10 -25.53
CA ASN B 3873 -0.86 -48.47 -24.49
C ASN B 3873 -1.38 -49.48 -23.49
N PHE B 3874 -1.63 -50.72 -23.91
CA PHE B 3874 -2.05 -51.75 -22.97
C PHE B 3874 -0.98 -52.00 -21.92
N GLU B 3875 0.28 -52.11 -22.34
CA GLU B 3875 1.35 -52.35 -21.37
C GLU B 3875 1.64 -51.08 -20.57
N GLN B 3876 1.53 -49.90 -21.20
CA GLN B 3876 1.76 -48.65 -20.48
C GLN B 3876 0.68 -48.38 -19.44
N LYS B 3877 -0.53 -48.93 -19.63
CA LYS B 3877 -1.58 -48.81 -18.63
C LYS B 3877 -1.55 -49.94 -17.62
N MET B 3878 -1.00 -51.10 -17.99
CA MET B 3878 -0.80 -52.16 -17.01
C MET B 3878 0.37 -51.86 -16.07
N LEU B 3879 1.33 -51.07 -16.53
CA LEU B 3879 2.50 -50.79 -15.71
C LEU B 3879 2.20 -49.80 -14.58
N LYS B 3880 1.40 -48.77 -14.85
CA LYS B 3880 1.17 -47.71 -13.87
C LYS B 3880 0.30 -48.14 -12.69
N LYS B 3881 -0.35 -49.30 -12.77
CA LYS B 3881 -1.14 -49.86 -11.67
C LYS B 3881 -0.44 -51.14 -11.21
N GLY B 3882 0.52 -51.00 -10.30
CA GLY B 3882 1.29 -52.16 -9.90
C GLY B 3882 0.46 -53.17 -9.14
N GLY B 3883 0.09 -54.24 -9.83
CA GLY B 3883 -0.70 -55.31 -9.25
C GLY B 3883 -0.06 -56.67 -9.32
N SER B 3884 -0.62 -57.53 -10.18
CA SER B 3884 -0.12 -58.88 -10.39
C SER B 3884 0.80 -59.02 -11.59
N TRP B 3885 0.62 -58.22 -12.63
CA TRP B 3885 1.39 -58.36 -13.87
C TRP B 3885 2.69 -57.56 -13.82
N ILE B 3886 3.80 -58.21 -14.17
CA ILE B 3886 5.11 -57.57 -14.33
C ILE B 3886 5.98 -58.46 -15.20
N GLN B 3887 6.70 -57.84 -16.13
CA GLN B 3887 7.89 -58.42 -16.77
C GLN B 3887 7.56 -59.70 -17.57
N GLU B 3888 6.80 -59.52 -18.64
CA GLU B 3888 6.62 -60.63 -19.59
C GLU B 3888 6.48 -60.07 -21.01
N ILE B 3889 7.61 -60.00 -21.72
CA ILE B 3889 7.61 -59.69 -23.15
C ILE B 3889 8.53 -60.73 -23.83
N ASN B 3890 7.97 -61.87 -24.21
CA ASN B 3890 8.69 -62.80 -25.07
C ASN B 3890 7.86 -63.32 -26.24
N VAL B 3891 6.59 -63.67 -26.00
CA VAL B 3891 5.69 -64.10 -27.06
C VAL B 3891 4.35 -63.39 -27.01
N ALA B 3892 3.97 -62.77 -25.89
CA ALA B 3892 2.81 -61.89 -25.87
C ALA B 3892 3.03 -60.65 -26.71
N GLU B 3893 4.29 -60.33 -27.04
CA GLU B 3893 4.57 -59.31 -28.04
C GLU B 3893 4.10 -59.75 -29.42
N LYS B 3894 4.12 -61.06 -29.70
CA LYS B 3894 3.70 -61.61 -30.98
C LYS B 3894 2.34 -62.32 -30.91
N ASN B 3895 1.55 -62.07 -29.86
CA ASN B 3895 0.34 -62.85 -29.60
C ASN B 3895 -0.81 -61.97 -29.11
N TRP B 3896 -1.06 -60.85 -29.81
CA TRP B 3896 -2.19 -60.00 -29.49
C TRP B 3896 -3.37 -60.27 -30.44
N TYR B 3897 -3.16 -60.07 -31.75
CA TYR B 3897 -4.10 -60.45 -32.81
C TYR B 3897 -5.53 -60.00 -32.51
N PRO B 3898 -5.84 -58.71 -32.67
CA PRO B 3898 -7.19 -58.24 -32.30
C PRO B 3898 -8.32 -58.91 -33.07
N ARG B 3899 -8.07 -59.35 -34.31
CA ARG B 3899 -9.08 -60.09 -35.06
C ARG B 3899 -9.63 -61.25 -34.26
N GLN B 3900 -8.80 -61.85 -33.41
CA GLN B 3900 -9.28 -62.90 -32.51
C GLN B 3900 -10.27 -62.37 -31.48
N LYS B 3901 -10.00 -61.21 -30.89
CA LYS B 3901 -10.95 -60.64 -29.95
C LYS B 3901 -12.28 -60.32 -30.63
N ILE B 3902 -12.23 -59.76 -31.84
CA ILE B 3902 -13.46 -59.45 -32.56
C ILE B 3902 -14.22 -60.72 -32.90
N CYS B 3903 -13.52 -61.74 -33.42
CA CYS B 3903 -14.19 -62.98 -33.78
C CYS B 3903 -14.76 -63.68 -32.55
N TYR B 3904 -14.10 -63.55 -31.40
CA TYR B 3904 -14.66 -64.10 -30.17
C TYR B 3904 -15.95 -63.39 -29.82
N ALA B 3905 -15.97 -62.06 -29.92
CA ALA B 3905 -17.21 -61.32 -29.72
C ALA B 3905 -18.30 -61.78 -30.68
N LYS B 3906 -17.93 -61.94 -31.96
CA LYS B 3906 -18.91 -62.33 -32.98
C LYS B 3906 -19.46 -63.73 -32.69
N ARG B 3907 -18.61 -64.65 -32.22
CA ARG B 3907 -19.08 -66.00 -31.96
C ARG B 3907 -19.91 -66.06 -30.68
N LYS B 3908 -19.56 -65.25 -29.66
CA LYS B 3908 -20.40 -65.19 -28.48
C LYS B 3908 -21.70 -64.43 -28.74
N LEU B 3909 -21.81 -63.76 -29.89
CA LEU B 3909 -23.09 -63.18 -30.29
C LEU B 3909 -23.99 -64.19 -31.00
N ALA B 3910 -23.41 -65.05 -31.82
CA ALA B 3910 -24.19 -65.98 -32.63
C ALA B 3910 -24.66 -67.20 -31.85
N GLY B 3911 -24.42 -67.24 -30.54
CA GLY B 3911 -24.82 -68.37 -29.72
C GLY B 3911 -23.64 -69.28 -29.44
N ALA B 3912 -23.09 -69.18 -28.24
CA ALA B 3912 -21.94 -69.99 -27.90
C ALA B 3912 -21.93 -70.26 -26.40
N ASN B 3913 -21.27 -71.35 -26.04
CA ASN B 3913 -21.08 -71.70 -24.64
C ASN B 3913 -20.16 -70.67 -24.00
N PRO B 3914 -20.58 -70.00 -22.93
CA PRO B 3914 -19.68 -69.04 -22.26
C PRO B 3914 -18.43 -69.70 -21.75
N ALA B 3915 -18.51 -70.95 -21.30
CA ALA B 3915 -17.34 -71.69 -20.86
C ALA B 3915 -16.39 -72.02 -22.01
N VAL B 3916 -16.83 -71.85 -23.26
CA VAL B 3916 -15.94 -72.09 -24.39
C VAL B 3916 -15.04 -70.87 -24.61
N ILE B 3917 -15.63 -69.68 -24.58
CA ILE B 3917 -14.87 -68.46 -24.84
C ILE B 3917 -13.79 -68.29 -23.76
N THR B 3918 -14.12 -68.61 -22.50
CA THR B 3918 -13.17 -68.43 -21.42
C THR B 3918 -11.97 -69.37 -21.56
N CYS B 3919 -12.22 -70.63 -21.93
CA CYS B 3919 -11.13 -71.57 -22.11
C CYS B 3919 -10.32 -71.27 -23.36
N ASP B 3920 -10.96 -70.75 -24.42
CA ASP B 3920 -10.22 -70.32 -25.60
C ASP B 3920 -9.29 -69.15 -25.27
N GLU B 3921 -9.75 -68.21 -24.44
CA GLU B 3921 -8.88 -67.13 -23.99
C GLU B 3921 -7.77 -67.64 -23.10
N LEU B 3922 -8.08 -68.59 -22.20
CA LEU B 3922 -7.05 -69.22 -21.39
C LEU B 3922 -6.00 -69.89 -22.25
N LEU B 3923 -6.40 -70.45 -23.38
CA LEU B 3923 -5.43 -71.06 -24.30
C LEU B 3923 -4.62 -69.99 -25.01
N LEU B 3924 -5.28 -68.92 -25.47
CA LEU B 3924 -4.58 -67.88 -26.19
C LEU B 3924 -3.59 -67.12 -25.32
N GLY B 3925 -3.76 -67.19 -24.00
CA GLY B 3925 -2.83 -66.50 -23.13
C GLY B 3925 -2.02 -67.34 -22.16
N HIS B 3926 -2.24 -68.65 -22.10
CA HIS B 3926 -1.60 -69.43 -21.04
C HIS B 3926 -1.13 -70.82 -21.49
N GLU B 3927 -0.76 -70.99 -22.75
CA GLU B 3927 -0.04 -72.20 -23.07
C GLU B 3927 1.41 -72.07 -22.60
N LYS B 3928 2.04 -73.23 -22.37
CA LYS B 3928 3.37 -73.29 -21.73
C LYS B 3928 3.32 -72.67 -20.34
N ALA B 3929 2.29 -73.04 -19.58
CA ALA B 3929 2.04 -72.58 -18.24
C ALA B 3929 1.88 -73.79 -17.32
N PRO B 3930 2.25 -73.66 -16.04
CA PRO B 3930 2.31 -74.85 -15.17
C PRO B 3930 0.98 -75.60 -15.09
N ALA B 3931 -0.06 -74.91 -14.61
CA ALA B 3931 -1.41 -75.47 -14.54
C ALA B 3931 -2.24 -74.86 -15.67
N PHE B 3932 -2.30 -75.56 -16.80
CA PHE B 3932 -3.07 -75.10 -17.96
C PHE B 3932 -4.29 -75.97 -18.22
N ARG B 3933 -4.09 -77.30 -18.34
CA ARG B 3933 -5.22 -78.21 -18.38
C ARG B 3933 -6.12 -78.01 -17.16
N ASP B 3934 -5.54 -77.59 -16.03
CA ASP B 3934 -6.34 -77.35 -14.83
C ASP B 3934 -7.11 -76.05 -14.91
N TYR B 3935 -6.51 -75.00 -15.48
CA TYR B 3935 -7.28 -73.80 -15.81
C TYR B 3935 -8.51 -74.17 -16.62
N VAL B 3936 -8.31 -74.92 -17.71
CA VAL B 3936 -9.42 -75.26 -18.60
C VAL B 3936 -10.44 -76.13 -17.88
N ALA B 3937 -9.98 -77.12 -17.12
CA ALA B 3937 -10.90 -78.03 -16.44
C ALA B 3937 -11.75 -77.29 -15.41
N VAL B 3938 -11.13 -76.39 -14.64
CA VAL B 3938 -11.89 -75.59 -13.70
C VAL B 3938 -12.90 -74.73 -14.44
N ALA B 3939 -12.51 -74.18 -15.59
CA ALA B 3939 -13.40 -73.31 -16.33
C ALA B 3939 -14.36 -74.06 -17.25
N ARG B 3940 -14.39 -75.39 -17.21
CA ARG B 3940 -15.28 -76.15 -18.08
C ARG B 3940 -16.54 -76.66 -17.40
N GLY B 3941 -16.45 -77.08 -16.14
CA GLY B 3941 -17.59 -77.56 -15.40
C GLY B 3941 -17.33 -78.90 -14.77
N SER B 3942 -18.42 -79.58 -14.38
CA SER B 3942 -18.31 -80.87 -13.72
C SER B 3942 -19.24 -81.94 -14.28
N LYS B 3943 -20.21 -81.59 -15.13
CA LYS B 3943 -21.15 -82.50 -15.81
C LYS B 3943 -22.11 -83.17 -14.84
N ASP B 3944 -21.96 -82.94 -13.53
CA ASP B 3944 -22.86 -83.46 -12.51
C ASP B 3944 -23.70 -82.37 -11.88
N HIS B 3945 -23.07 -81.26 -11.48
CA HIS B 3945 -23.74 -80.13 -10.87
C HIS B 3945 -23.78 -78.91 -11.77
N ASN B 3946 -22.77 -78.71 -12.60
CA ASN B 3946 -22.71 -77.57 -13.52
C ASN B 3946 -23.42 -77.92 -14.82
N ILE B 3947 -24.42 -77.13 -15.19
CA ILE B 3947 -25.17 -77.37 -16.43
C ILE B 3947 -24.42 -76.88 -17.65
N ARG B 3948 -23.33 -76.11 -17.45
CA ARG B 3948 -22.53 -75.64 -18.57
C ARG B 3948 -21.70 -76.76 -19.20
N ALA B 3949 -21.40 -77.82 -18.45
CA ALA B 3949 -20.76 -79.00 -19.01
C ALA B 3949 -21.76 -79.98 -19.59
N GLN B 3950 -23.06 -79.70 -19.48
CA GLN B 3950 -24.09 -80.55 -20.07
C GLN B 3950 -24.68 -79.97 -21.34
N GLU B 3951 -24.27 -78.77 -21.75
CA GLU B 3951 -24.85 -78.14 -22.92
C GLU B 3951 -23.81 -77.99 -24.03
N PRO B 3952 -24.24 -78.01 -25.30
CA PRO B 3952 -23.29 -77.89 -26.41
C PRO B 3952 -22.52 -76.58 -26.38
N GLU B 3953 -21.52 -76.50 -27.25
CA GLU B 3953 -20.56 -75.40 -27.24
C GLU B 3953 -21.00 -74.19 -28.06
N SER B 3954 -21.65 -74.38 -29.21
CA SER B 3954 -22.11 -73.25 -30.01
C SER B 3954 -23.54 -73.53 -30.50
N GLY B 3955 -24.08 -72.62 -31.32
CA GLY B 3955 -25.44 -72.76 -31.80
C GLY B 3955 -26.48 -72.66 -30.71
N LEU B 3956 -26.22 -71.85 -29.68
CA LEU B 3956 -27.04 -71.83 -28.49
C LEU B 3956 -28.32 -71.02 -28.71
N SER B 3957 -29.16 -71.03 -27.69
CA SER B 3957 -30.32 -70.16 -27.58
C SER B 3957 -30.08 -69.17 -26.45
N GLU B 3958 -30.98 -68.19 -26.33
CA GLU B 3958 -30.72 -67.11 -25.39
C GLU B 3958 -30.92 -67.55 -23.94
N GLU B 3959 -32.04 -68.23 -23.66
CA GLU B 3959 -32.33 -68.63 -22.29
C GLU B 3959 -31.24 -69.55 -21.75
N THR B 3960 -30.84 -70.55 -22.53
CA THR B 3960 -29.77 -71.45 -22.11
C THR B 3960 -28.43 -70.72 -22.01
N GLN B 3961 -28.19 -69.72 -22.88
CA GLN B 3961 -26.97 -68.93 -22.76
C GLN B 3961 -26.90 -68.22 -21.42
N VAL B 3962 -28.02 -67.63 -20.98
CA VAL B 3962 -28.04 -66.95 -19.69
C VAL B 3962 -27.88 -67.94 -18.56
N LYS B 3963 -28.54 -69.10 -18.67
CA LYS B 3963 -28.39 -70.14 -17.64
C LYS B 3963 -26.93 -70.54 -17.47
N CYS B 3964 -26.22 -70.73 -18.59
CA CYS B 3964 -24.80 -71.09 -18.51
C CYS B 3964 -23.96 -69.94 -17.95
N LEU B 3965 -24.25 -68.70 -18.36
CA LEU B 3965 -23.51 -67.57 -17.83
C LEU B 3965 -23.65 -67.50 -16.31
N MET B 3966 -24.87 -67.68 -15.80
CA MET B 3966 -25.09 -67.62 -14.37
C MET B 3966 -24.47 -68.82 -13.65
N ASP B 3967 -24.47 -69.99 -14.27
CA ASP B 3967 -23.77 -71.14 -13.68
C ASP B 3967 -22.28 -70.86 -13.58
N GLN B 3968 -21.71 -70.15 -14.56
CA GLN B 3968 -20.28 -69.91 -14.56
C GLN B 3968 -19.88 -68.83 -13.56
N ALA B 3969 -20.67 -67.76 -13.46
CA ALA B 3969 -20.32 -66.68 -12.53
C ALA B 3969 -20.44 -67.14 -11.08
N THR B 3970 -21.46 -67.93 -10.76
CA THR B 3970 -21.63 -68.49 -9.42
C THR B 3970 -21.20 -69.95 -9.44
N ASP B 3971 -19.89 -70.17 -9.29
CA ASP B 3971 -19.35 -71.51 -9.19
C ASP B 3971 -18.23 -71.51 -8.14
N PRO B 3972 -18.48 -72.08 -6.96
CA PRO B 3972 -17.42 -72.15 -5.94
C PRO B 3972 -16.12 -72.71 -6.47
N ASN B 3973 -16.18 -73.62 -7.45
CA ASN B 3973 -14.98 -74.10 -8.11
C ASN B 3973 -14.21 -72.99 -8.80
N ILE B 3974 -14.86 -71.86 -9.07
CA ILE B 3974 -14.23 -70.73 -9.75
C ILE B 3974 -13.91 -69.60 -8.78
N LEU B 3975 -14.82 -69.32 -7.85
CA LEU B 3975 -14.60 -68.23 -6.90
C LEU B 3975 -13.59 -68.63 -5.83
N GLY B 3976 -13.62 -69.88 -5.37
CA GLY B 3976 -12.63 -70.35 -4.43
C GLY B 3976 -11.21 -70.26 -4.95
N ARG B 3977 -11.03 -70.14 -6.27
CA ARG B 3977 -9.73 -69.92 -6.90
C ARG B 3977 -9.83 -68.67 -7.77
N THR B 3978 -9.57 -67.51 -7.17
CA THR B 3978 -9.57 -66.28 -7.94
C THR B 3978 -8.70 -65.27 -7.21
N TRP B 3979 -8.47 -64.13 -7.85
CA TRP B 3979 -7.54 -63.12 -7.35
C TRP B 3979 -7.88 -62.71 -5.92
N GLU B 3980 -6.83 -62.49 -5.13
CA GLU B 3980 -6.97 -62.16 -3.73
C GLU B 3980 -7.62 -60.79 -3.51
N GLY B 3981 -7.52 -59.90 -4.49
CA GLY B 3981 -8.14 -58.59 -4.43
C GLY B 3981 -9.47 -58.47 -5.12
N TRP B 3982 -9.99 -59.56 -5.70
CA TRP B 3982 -11.32 -59.55 -6.30
C TRP B 3982 -12.42 -59.86 -5.31
N GLU B 3983 -12.11 -60.54 -4.19
CA GLU B 3983 -13.03 -60.82 -3.09
C GLU B 3983 -14.33 -61.49 -3.56
N PRO B 3984 -14.28 -62.77 -3.93
CA PRO B 3984 -15.48 -63.44 -4.46
C PRO B 3984 -16.48 -63.89 -3.41
N TRP B 3985 -16.09 -63.90 -2.14
CA TRP B 3985 -16.93 -64.47 -1.09
C TRP B 3985 -18.14 -63.59 -0.78
N MET B 3986 -18.02 -62.29 -0.97
CA MET B 3986 -19.07 -61.37 -0.55
C MET B 3986 -19.83 -60.79 -1.74
N ASP C 184 -76.03 34.71 57.45
CA ASP C 184 -74.89 33.83 57.20
C ASP C 184 -74.29 34.10 55.84
N VAL C 185 -75.18 34.20 54.84
CA VAL C 185 -74.73 34.33 53.45
C VAL C 185 -73.90 35.59 53.28
N ASP C 186 -74.37 36.71 53.81
CA ASP C 186 -73.65 37.98 53.64
C ASP C 186 -72.30 37.96 54.36
N ASP C 187 -72.26 37.40 55.57
CA ASP C 187 -70.99 37.31 56.29
C ASP C 187 -69.99 36.42 55.53
N LEU C 188 -70.48 35.31 54.94
CA LEU C 188 -69.60 34.50 54.10
C LEU C 188 -69.12 35.27 52.86
N LEU C 189 -70.01 36.08 52.29
CA LEU C 189 -69.60 36.94 51.18
C LEU C 189 -68.45 37.84 51.60
N ASP C 190 -68.55 38.42 52.79
CA ASP C 190 -67.43 39.18 53.34
C ASP C 190 -66.21 38.29 53.54
N MET C 191 -66.43 37.04 53.96
CA MET C 191 -65.34 36.07 54.11
C MET C 191 -64.50 35.98 52.84
N ILE C 192 -65.16 35.92 51.69
CA ILE C 192 -64.46 35.93 50.41
C ILE C 192 -63.46 37.10 50.33
N ASP D 184 117.70 4.63 -50.86
CA ASP D 184 117.20 5.76 -50.09
C ASP D 184 116.85 5.34 -48.68
N VAL D 185 116.13 4.22 -48.57
CA VAL D 185 115.64 3.76 -47.27
C VAL D 185 116.82 3.46 -46.34
N ASP D 186 117.86 2.81 -46.84
CA ASP D 186 119.00 2.47 -46.01
C ASP D 186 119.70 3.71 -45.48
N ASP D 187 119.86 4.71 -46.36
CA ASP D 187 120.50 5.95 -45.95
C ASP D 187 119.68 6.70 -44.92
N LEU D 188 118.36 6.72 -45.08
CA LEU D 188 117.51 7.33 -44.06
C LEU D 188 117.59 6.58 -42.74
N LEU D 189 117.62 5.25 -42.80
CA LEU D 189 117.78 4.45 -41.60
C LEU D 189 119.08 4.79 -40.88
N ASP D 190 120.17 4.95 -41.63
CA ASP D 190 121.41 5.39 -41.00
C ASP D 190 121.24 6.78 -40.39
N MET D 191 120.51 7.66 -41.09
CA MET D 191 120.18 8.98 -40.54
C MET D 191 119.54 8.88 -39.17
N ILE D 192 118.68 7.87 -38.97
CA ILE D 192 118.06 7.65 -37.66
C ILE D 192 119.06 7.76 -36.52
#